data_3LK4
#
_entry.id   3LK4
#
_cell.length_a   59.728
_cell.length_b   142.341
_cell.length_c   192.999
_cell.angle_alpha   90.00
_cell.angle_beta   89.99
_cell.angle_gamma   90.00
#
_symmetry.space_group_name_H-M   'P 1'
#
loop_
_entity.id
_entity.type
_entity.pdbx_description
1 polymer 'F-actin-capping protein subunit alpha-1'
2 polymer 'F-actin-capping protein subunit beta isoforms 1 and 2'
3 polymer 'CD2-associated protein'
4 water water
#
loop_
_entity_poly.entity_id
_entity_poly.type
_entity_poly.pdbx_seq_one_letter_code
_entity_poly.pdbx_strand_id
1 'polypeptide(L)'
;MADFEDRVSDEEKVRIAAKFITHAPPGEFNEVFNDVRLLLNNDNLLREGAAHAFAQYNMDQFTPVKIEGYDDQVLITEHG
DLGNGRFLDPRNKISFKFDHLRKEASDPQPEDTESALKQWRDACDSALRAYVKDHYPNGFCTVYGKSIDGQQTIIACIES
HQFQPKNFWNGRWRSEWKFTITPPTAQVAAVLKIQVHYYEDGNVQLVSHKDIQDSVQVSSDVQTAKEFIKIIENAENEYQ
TAISENYQTMSDTTFKALRRQLPVTRTKIDWNKILSYKIGKEMQNA
;
A,D,G,J,M,P,S,V,Y,1,4,7
2 'polypeptide(L)'
;MSDQQLDCALDLMRRLPPQQIEKNLSDLIDLVPSLCEDLLSSVDQPLKIARDKVVGKDYLLCDYNRDGDSYRSPWSNKYD
PPLEDGAMPSARLRKLEVEANNAFDQYRDLYFEGGVSSVYLWDLDHGFAGVILIKKAGDGSKKIKGCWDSIHVVEVQEKS
SGRTAHYKLTSTVMLWLQTNKTGSGTMNLGGSLTRQMEKDETVSDSSPHIANIGRLVEDMENKIRSTLNEIYFGKTKDIV
NGLRSIDAIPDNQKYKQLQRELSQVLTQRQIYIQPDN
;
B,E,H,K,N,Q,T,W,Z,2,5,8
3 'polypeptide(L)' VNFDDIASSENLLHLTANRPKMPGRRLPG C,F,I,L,O,R,U,X,0,3,6,9
#
# COMPACT_ATOMS: atom_id res chain seq x y z
N VAL A 8 9.64 78.23 -65.25
CA VAL A 8 10.22 76.94 -64.86
C VAL A 8 10.92 76.29 -66.04
N SER A 9 12.15 75.85 -65.82
CA SER A 9 12.97 75.31 -66.89
C SER A 9 12.64 73.85 -67.16
N ASP A 10 13.02 73.38 -68.34
CA ASP A 10 12.86 71.98 -68.67
C ASP A 10 13.61 71.09 -67.68
N GLU A 11 14.79 71.53 -67.25
CA GLU A 11 15.58 70.75 -66.30
C GLU A 11 14.86 70.62 -64.96
N GLU A 12 14.25 71.69 -64.51
CA GLU A 12 13.47 71.68 -63.27
C GLU A 12 12.18 70.87 -63.45
N LYS A 13 11.56 70.98 -64.62
CA LYS A 13 10.36 70.19 -64.89
C LYS A 13 10.67 68.69 -64.82
N VAL A 14 11.75 68.27 -65.46
CA VAL A 14 12.06 66.84 -65.44
C VAL A 14 12.54 66.36 -64.06
N ARG A 15 13.19 67.22 -63.29
CA ARG A 15 13.52 66.86 -61.91
C ARG A 15 12.24 66.58 -61.10
N ILE A 16 11.26 67.46 -61.25
CA ILE A 16 9.97 67.25 -60.62
C ILE A 16 9.30 65.97 -61.14
N ALA A 17 9.39 65.74 -62.45
CA ALA A 17 8.81 64.52 -63.01
C ALA A 17 9.44 63.26 -62.42
N ALA A 18 10.77 63.24 -62.33
CA ALA A 18 11.50 62.12 -61.73
C ALA A 18 11.12 61.91 -60.26
N LYS A 19 10.99 63.01 -59.54
CA LYS A 19 10.62 62.94 -58.14
C LYS A 19 9.23 62.30 -57.94
N PHE A 20 8.24 62.79 -58.69
CA PHE A 20 6.91 62.21 -58.68
C PHE A 20 6.96 60.72 -58.98
N ILE A 21 7.67 60.35 -60.05
CA ILE A 21 7.76 58.94 -60.44
C ILE A 21 8.30 58.13 -59.29
N THR A 22 9.31 58.65 -58.61
CA THR A 22 9.90 57.87 -57.53
C THR A 22 9.00 57.88 -56.31
N HIS A 23 7.97 58.72 -56.30
CA HIS A 23 7.07 58.73 -55.13
C HIS A 23 5.75 58.00 -55.35
N ALA A 24 5.68 57.24 -56.43
CA ALA A 24 4.51 56.41 -56.67
C ALA A 24 4.27 55.47 -55.49
N PRO A 25 3.01 55.37 -55.01
CA PRO A 25 2.66 54.39 -53.97
C PRO A 25 2.80 52.97 -54.52
N PRO A 26 2.81 51.95 -53.64
CA PRO A 26 3.03 50.57 -54.07
C PRO A 26 1.93 50.08 -55.00
N GLY A 27 2.30 49.39 -56.06
CA GLY A 27 1.34 48.88 -57.02
C GLY A 27 0.78 49.90 -57.99
N GLU A 28 1.20 51.16 -57.90
CA GLU A 28 0.66 52.19 -58.78
C GLU A 28 1.72 52.88 -59.64
N PHE A 29 2.87 52.25 -59.81
CA PHE A 29 3.93 52.85 -60.60
C PHE A 29 3.48 53.23 -62.02
N ASN A 30 2.73 52.34 -62.69
CA ASN A 30 2.31 52.64 -64.05
C ASN A 30 1.37 53.85 -64.18
N GLU A 31 0.44 53.97 -63.25
CA GLU A 31 -0.50 55.07 -63.27
C GLU A 31 0.26 56.38 -63.09
N VAL A 32 1.20 56.39 -62.15
CA VAL A 32 1.90 57.61 -61.82
C VAL A 32 2.82 57.98 -62.96
N PHE A 33 3.50 56.96 -63.49
CA PHE A 33 4.34 57.18 -64.64
C PHE A 33 3.58 57.79 -65.82
N ASN A 34 2.44 57.23 -66.16
CA ASN A 34 1.66 57.76 -67.26
C ASN A 34 1.18 59.19 -67.05
N ASP A 35 0.70 59.50 -65.85
CA ASP A 35 0.32 60.87 -65.53
C ASP A 35 1.49 61.81 -65.80
N VAL A 36 2.63 61.53 -65.19
CA VAL A 36 3.79 62.39 -65.32
C VAL A 36 4.23 62.49 -66.78
N ARG A 37 4.16 61.38 -67.49
CA ARG A 37 4.57 61.40 -68.89
C ARG A 37 3.70 62.36 -69.73
N LEU A 38 2.39 62.34 -69.48
CA LEU A 38 1.48 63.22 -70.22
C LEU A 38 1.61 64.68 -69.78
N LEU A 39 1.91 64.91 -68.50
CA LEU A 39 2.08 66.26 -68.03
C LEU A 39 3.35 66.91 -68.58
N LEU A 40 4.45 66.16 -68.59
CA LEU A 40 5.73 66.65 -69.11
C LEU A 40 5.63 66.87 -70.62
N ASN A 41 4.93 65.95 -71.28
CA ASN A 41 4.70 66.05 -72.73
C ASN A 41 5.97 66.23 -73.52
N ASN A 42 6.99 65.44 -73.17
CA ASN A 42 8.28 65.55 -73.83
C ASN A 42 9.07 64.28 -73.57
N ASP A 43 8.80 63.26 -74.39
CA ASP A 43 9.40 61.96 -74.16
C ASP A 43 10.94 61.97 -74.15
N ASN A 44 11.53 62.81 -75.00
CA ASN A 44 13.00 62.93 -75.01
C ASN A 44 13.53 63.45 -73.70
N LEU A 45 12.94 64.54 -73.22
CA LEU A 45 13.31 65.10 -71.94
C LEU A 45 13.14 64.06 -70.82
N LEU A 46 12.02 63.33 -70.83
CA LEU A 46 11.74 62.33 -69.82
C LEU A 46 12.79 61.22 -69.83
N ARG A 47 13.07 60.71 -71.03
CA ARG A 47 14.05 59.65 -71.19
C ARG A 47 15.41 60.03 -70.64
N GLU A 48 15.85 61.24 -70.95
CA GLU A 48 17.21 61.65 -70.63
C GLU A 48 17.37 62.19 -69.20
N GLY A 49 16.28 62.66 -68.62
CA GLY A 49 16.34 63.30 -67.31
C GLY A 49 15.67 62.51 -66.18
N ALA A 50 14.98 61.44 -66.53
CA ALA A 50 14.29 60.63 -65.53
C ALA A 50 14.58 59.15 -65.71
N ALA A 51 15.61 58.83 -66.47
CA ALA A 51 15.98 57.46 -66.75
C ALA A 51 16.26 56.71 -65.47
N HIS A 52 16.98 57.36 -64.56
CA HIS A 52 17.36 56.76 -63.29
C HIS A 52 16.14 56.40 -62.43
N ALA A 53 15.04 57.10 -62.66
CA ALA A 53 13.89 57.02 -61.76
C ALA A 53 13.26 55.63 -61.70
N PHE A 54 13.36 54.88 -62.80
CA PHE A 54 12.72 53.58 -62.86
C PHE A 54 13.47 52.59 -61.98
N ALA A 55 14.80 52.57 -62.14
CA ALA A 55 15.65 51.71 -61.33
C ALA A 55 15.55 52.11 -59.86
N GLN A 56 15.66 53.40 -59.61
CA GLN A 56 15.58 53.88 -58.24
C GLN A 56 14.33 53.39 -57.52
N TYR A 57 13.19 53.55 -58.17
CA TYR A 57 11.94 53.11 -57.59
C TYR A 57 11.93 51.61 -57.26
N ASN A 58 12.27 50.78 -58.24
CA ASN A 58 12.26 49.33 -58.07
C ASN A 58 13.15 48.87 -56.92
N MET A 59 14.36 49.40 -56.86
CA MET A 59 15.28 48.98 -55.81
C MET A 59 14.80 49.51 -54.47
N ASP A 60 14.15 50.67 -54.50
CA ASP A 60 13.66 51.30 -53.28
C ASP A 60 12.48 50.50 -52.71
N GLN A 61 11.75 49.87 -53.60
CA GLN A 61 10.53 49.16 -53.23
C GLN A 61 10.75 47.67 -52.99
N PHE A 62 11.99 47.20 -53.20
CA PHE A 62 12.30 45.77 -53.12
C PHE A 62 11.36 44.96 -54.03
N THR A 63 11.22 45.42 -55.26
CA THR A 63 10.33 44.77 -56.21
C THR A 63 10.66 43.30 -56.36
N PRO A 64 9.72 42.40 -56.02
CA PRO A 64 10.04 40.98 -56.24
C PRO A 64 9.82 40.61 -57.70
N VAL A 65 10.69 39.79 -58.26
CA VAL A 65 10.54 39.39 -59.65
C VAL A 65 10.67 37.88 -59.82
N LYS A 66 9.89 37.33 -60.74
CA LYS A 66 9.91 35.91 -61.00
C LYS A 66 10.88 35.60 -62.12
N ILE A 67 11.77 34.65 -61.89
CA ILE A 67 12.68 34.19 -62.93
C ILE A 67 12.22 32.84 -63.46
N GLU A 68 12.13 32.71 -64.78
CA GLU A 68 11.71 31.46 -65.37
C GLU A 68 12.68 30.35 -65.03
N GLY A 69 12.15 29.26 -64.47
CA GLY A 69 12.96 28.10 -64.18
C GLY A 69 13.43 28.03 -62.74
N TYR A 70 13.17 29.07 -61.96
CA TYR A 70 13.53 29.06 -60.55
C TYR A 70 12.31 29.36 -59.70
N ASP A 71 12.00 28.48 -58.76
CA ASP A 71 10.87 28.69 -57.86
C ASP A 71 11.18 29.81 -56.88
N ASP A 72 10.14 30.35 -56.28
CA ASP A 72 10.30 31.50 -55.41
C ASP A 72 10.95 32.64 -56.18
N GLN A 73 10.80 33.86 -55.68
CA GLN A 73 11.27 35.03 -56.43
C GLN A 73 12.47 35.67 -55.74
N VAL A 74 12.97 36.76 -56.32
CA VAL A 74 14.12 37.47 -55.79
C VAL A 74 13.82 38.96 -55.74
N LEU A 75 14.39 39.66 -54.76
CA LEU A 75 14.11 41.10 -54.62
C LEU A 75 15.11 41.92 -55.42
N ILE A 76 14.59 42.90 -56.15
CA ILE A 76 15.43 43.91 -56.79
C ILE A 76 15.83 44.93 -55.71
N THR A 77 17.11 44.97 -55.36
CA THR A 77 17.59 45.92 -54.37
C THR A 77 18.94 46.46 -54.79
N GLU A 78 19.40 47.49 -54.09
CA GLU A 78 20.67 48.12 -54.42
C GLU A 78 21.78 47.12 -54.22
N HIS A 79 21.56 46.17 -53.31
CA HIS A 79 22.58 45.21 -52.92
C HIS A 79 22.78 44.16 -54.00
N GLY A 80 21.85 44.08 -54.95
CA GLY A 80 21.93 43.09 -56.00
C GLY A 80 22.29 43.69 -57.34
N ASP A 81 22.45 45.01 -57.34
CA ASP A 81 22.69 45.72 -58.58
C ASP A 81 24.06 45.39 -59.11
N LEU A 82 24.11 44.71 -60.24
CA LEU A 82 25.37 44.31 -60.83
C LEU A 82 25.79 45.25 -61.95
N GLY A 83 25.02 46.32 -62.13
CA GLY A 83 25.24 47.26 -63.22
C GLY A 83 24.93 46.61 -64.55
N ASN A 84 24.98 47.39 -65.61
CA ASN A 84 24.69 46.89 -66.95
C ASN A 84 23.29 46.31 -67.06
N GLY A 85 22.42 46.68 -66.11
CA GLY A 85 21.04 46.25 -66.13
C GLY A 85 20.82 44.83 -65.62
N ARG A 86 21.84 44.26 -64.99
CA ARG A 86 21.74 42.92 -64.43
C ARG A 86 21.73 42.95 -62.90
N PHE A 87 21.06 41.97 -62.31
CA PHE A 87 20.94 41.90 -60.87
C PHE A 87 21.31 40.51 -60.38
N LEU A 88 21.75 40.43 -59.13
CA LEU A 88 22.23 39.20 -58.55
C LEU A 88 21.15 38.51 -57.74
N ASP A 89 21.02 37.19 -57.95
CA ASP A 89 20.19 36.35 -57.10
C ASP A 89 21.11 35.47 -56.30
N PRO A 90 21.39 35.85 -55.05
CA PRO A 90 22.40 35.16 -54.25
C PRO A 90 21.94 33.77 -53.82
N ARG A 91 20.63 33.54 -53.82
CA ARG A 91 20.11 32.24 -53.42
C ARG A 91 20.31 31.19 -54.53
N ASN A 92 20.00 31.58 -55.76
CA ASN A 92 20.08 30.65 -56.88
C ASN A 92 21.42 30.74 -57.58
N LYS A 93 22.28 31.63 -57.08
CA LYS A 93 23.63 31.77 -57.58
C LYS A 93 23.62 32.09 -59.06
N ILE A 94 22.89 33.14 -59.40
CA ILE A 94 22.61 33.50 -60.77
C ILE A 94 22.60 35.02 -60.91
N SER A 95 22.90 35.52 -62.10
CA SER A 95 22.61 36.91 -62.43
C SER A 95 21.51 36.90 -63.48
N PHE A 96 20.79 38.00 -63.60
CA PHE A 96 19.76 38.08 -64.60
C PHE A 96 19.63 39.51 -65.11
N LYS A 97 19.10 39.64 -66.33
CA LYS A 97 18.79 40.93 -66.88
C LYS A 97 17.45 41.38 -66.33
N PHE A 98 17.34 42.66 -65.98
CA PHE A 98 16.09 43.18 -65.46
C PHE A 98 15.68 44.45 -66.17
N ASP A 99 14.47 44.44 -66.73
CA ASP A 99 13.89 45.61 -67.39
C ASP A 99 13.03 46.36 -66.36
N HIS A 100 13.49 47.55 -65.97
CA HIS A 100 12.81 48.30 -64.92
C HIS A 100 11.40 48.76 -65.28
N LEU A 101 11.18 49.01 -66.57
CA LEU A 101 9.91 49.52 -67.03
C LEU A 101 8.89 48.40 -67.06
N ARG A 102 9.25 47.32 -67.74
CA ARG A 102 8.36 46.18 -67.92
C ARG A 102 8.38 45.26 -66.69
N LYS A 103 9.30 45.53 -65.75
CA LYS A 103 9.47 44.70 -64.55
C LYS A 103 9.55 43.22 -64.88
N GLU A 104 10.48 42.85 -65.76
CA GLU A 104 10.65 41.46 -66.15
C GLU A 104 12.11 41.04 -66.12
N ALA A 105 12.35 39.86 -65.57
CA ALA A 105 13.68 39.28 -65.57
C ALA A 105 13.88 38.45 -66.84
N SER A 106 15.13 38.33 -67.28
CA SER A 106 15.44 37.52 -68.45
C SER A 106 16.92 37.17 -68.46
N ASP A 107 17.26 36.11 -69.19
CA ASP A 107 18.65 35.74 -69.44
C ASP A 107 19.40 35.34 -68.17
N PRO A 108 18.84 34.39 -67.41
CA PRO A 108 19.54 33.92 -66.22
C PRO A 108 20.86 33.30 -66.60
N GLN A 109 21.92 33.60 -65.85
CA GLN A 109 23.21 32.98 -66.08
C GLN A 109 23.88 32.63 -64.77
N PRO A 110 24.47 31.43 -64.69
CA PRO A 110 25.28 31.08 -63.52
C PRO A 110 26.24 32.22 -63.19
N GLU A 111 26.30 32.62 -61.93
CA GLU A 111 27.21 33.68 -61.50
C GLU A 111 28.05 33.19 -60.34
N ASP A 112 29.35 33.41 -60.44
CA ASP A 112 30.26 32.98 -59.38
C ASP A 112 29.98 33.80 -58.11
N THR A 113 29.50 33.11 -57.08
CA THR A 113 29.05 33.76 -55.86
C THR A 113 30.01 33.45 -54.69
N GLU A 114 30.99 32.61 -54.96
CA GLU A 114 31.95 32.19 -53.94
C GLU A 114 32.45 33.34 -53.07
N SER A 115 32.72 33.03 -51.81
CA SER A 115 33.01 34.04 -50.82
C SER A 115 33.32 33.32 -49.50
N ALA A 116 33.95 34.02 -48.56
CA ALA A 116 34.18 33.47 -47.23
C ALA A 116 32.93 33.69 -46.37
N LEU A 117 31.95 34.37 -46.96
CA LEU A 117 30.68 34.65 -46.30
C LEU A 117 29.67 33.61 -46.75
N LYS A 118 29.99 32.94 -47.85
CA LYS A 118 29.11 31.98 -48.52
C LYS A 118 28.21 31.16 -47.59
N GLN A 119 28.81 30.45 -46.66
CA GLN A 119 28.08 29.51 -45.81
C GLN A 119 27.16 30.21 -44.80
N TRP A 120 27.52 31.43 -44.43
CA TRP A 120 26.71 32.19 -43.49
C TRP A 120 25.48 32.75 -44.17
N ARG A 121 25.71 33.34 -45.34
CA ARG A 121 24.62 33.84 -46.16
C ARG A 121 23.59 32.75 -46.37
N ASP A 122 24.08 31.53 -46.60
CA ASP A 122 23.23 30.38 -46.89
C ASP A 122 22.45 29.91 -45.66
N ALA A 123 23.11 29.87 -44.51
CA ALA A 123 22.44 29.50 -43.27
C ALA A 123 21.39 30.55 -42.89
N CYS A 124 21.74 31.82 -43.00
CA CYS A 124 20.78 32.91 -42.72
C CYS A 124 19.62 32.86 -43.69
N ASP A 125 19.93 32.64 -44.96
CA ASP A 125 18.91 32.64 -46.01
C ASP A 125 17.89 31.53 -45.79
N SER A 126 18.36 30.34 -45.46
CA SER A 126 17.42 29.21 -45.29
C SER A 126 16.55 29.45 -44.06
N ALA A 127 17.14 29.96 -42.99
CA ALA A 127 16.37 30.33 -41.80
C ALA A 127 15.39 31.46 -42.07
N LEU A 128 15.82 32.51 -42.77
CA LEU A 128 14.94 33.63 -43.04
C LEU A 128 13.79 33.22 -43.93
N ARG A 129 14.08 32.34 -44.88
CA ARG A 129 13.07 31.93 -45.84
C ARG A 129 11.94 31.25 -45.09
N ALA A 130 12.29 30.41 -44.12
CA ALA A 130 11.29 29.79 -43.28
C ALA A 130 10.54 30.80 -42.42
N TYR A 131 11.26 31.75 -41.83
CA TYR A 131 10.62 32.82 -41.08
C TYR A 131 9.63 33.58 -41.96
N VAL A 132 10.00 33.84 -43.21
CA VAL A 132 9.14 34.64 -44.09
C VAL A 132 7.89 33.86 -44.53
N LYS A 133 8.05 32.57 -44.80
CA LYS A 133 6.87 31.75 -45.13
C LYS A 133 5.88 31.70 -43.99
N ASP A 134 6.38 31.71 -42.76
CA ASP A 134 5.53 31.61 -41.58
C ASP A 134 4.84 32.93 -41.22
N HIS A 135 5.59 34.03 -41.35
CA HIS A 135 5.15 35.32 -40.84
C HIS A 135 4.46 36.25 -41.85
N TYR A 136 4.63 35.97 -43.13
CA TYR A 136 4.03 36.77 -44.20
C TYR A 136 3.19 35.92 -45.16
N PRO A 137 2.01 36.43 -45.54
CA PRO A 137 1.15 35.70 -46.49
C PRO A 137 1.80 35.64 -47.87
N ASN A 138 2.40 36.75 -48.29
CA ASN A 138 2.98 36.84 -49.62
C ASN A 138 4.42 37.32 -49.57
N GLY A 139 5.18 36.87 -48.57
CA GLY A 139 6.51 37.40 -48.38
C GLY A 139 7.54 36.87 -49.36
N PHE A 140 8.61 37.63 -49.56
CA PHE A 140 9.76 37.16 -50.31
C PHE A 140 10.98 37.74 -49.62
N CYS A 141 12.08 37.03 -49.63
CA CYS A 141 13.29 37.54 -49.01
C CYS A 141 14.53 37.23 -49.82
N THR A 142 15.52 38.10 -49.72
CA THR A 142 16.79 37.93 -50.41
C THR A 142 17.87 38.33 -49.43
N VAL A 143 18.86 37.46 -49.25
CA VAL A 143 19.93 37.71 -48.30
C VAL A 143 21.27 37.79 -49.01
N TYR A 144 21.97 38.89 -48.78
CA TYR A 144 23.23 39.15 -49.45
C TYR A 144 24.36 38.99 -48.47
N GLY A 145 25.49 38.50 -48.97
CA GLY A 145 26.66 38.36 -48.13
C GLY A 145 27.82 39.07 -48.80
N LYS A 146 28.25 40.18 -48.22
CA LYS A 146 29.33 40.96 -48.80
C LYS A 146 30.23 41.64 -47.75
N SER A 147 31.39 42.07 -48.20
CA SER A 147 32.32 42.78 -47.34
C SER A 147 32.26 44.27 -47.62
N ILE A 148 31.80 45.04 -46.62
CA ILE A 148 31.80 46.49 -46.76
C ILE A 148 32.75 47.11 -45.72
N ASP A 149 33.68 47.92 -46.21
CA ASP A 149 34.72 48.49 -45.37
C ASP A 149 35.51 47.38 -44.67
N GLY A 150 35.66 46.25 -45.36
CA GLY A 150 36.39 45.12 -44.82
C GLY A 150 35.56 44.31 -43.85
N GLN A 151 34.51 44.93 -43.31
CA GLN A 151 33.63 44.27 -42.36
C GLN A 151 32.71 43.27 -43.06
N GLN A 152 32.63 42.06 -42.50
CA GLN A 152 31.72 41.04 -43.06
C GLN A 152 30.29 41.32 -42.63
N THR A 153 29.40 41.54 -43.62
CA THR A 153 28.02 41.92 -43.37
C THR A 153 27.01 41.01 -44.06
N ILE A 154 25.97 40.62 -43.33
CA ILE A 154 24.85 39.90 -43.91
C ILE A 154 23.71 40.92 -44.05
N ILE A 155 23.14 41.02 -45.24
CA ILE A 155 22.05 41.96 -45.45
C ILE A 155 20.79 41.20 -45.82
N ALA A 156 19.82 41.23 -44.92
CA ALA A 156 18.58 40.50 -45.11
C ALA A 156 17.47 41.46 -45.52
N CYS A 157 16.83 41.16 -46.64
CA CYS A 157 15.78 42.03 -47.19
C CYS A 157 14.48 41.25 -47.29
N ILE A 158 13.42 41.85 -46.78
CA ILE A 158 12.11 41.21 -46.81
C ILE A 158 11.09 42.13 -47.47
N GLU A 159 10.27 41.60 -48.37
CA GLU A 159 9.19 42.35 -48.99
C GLU A 159 7.90 41.57 -48.89
N SER A 160 6.79 42.28 -48.70
CA SER A 160 5.47 41.67 -48.81
C SER A 160 4.47 42.72 -49.24
N HIS A 161 3.63 42.39 -50.22
CA HIS A 161 2.62 43.35 -50.67
C HIS A 161 1.30 42.68 -50.97
N GLN A 162 0.27 43.52 -51.09
CA GLN A 162 -1.05 43.10 -51.47
C GLN A 162 -1.60 44.21 -52.35
N PHE A 163 -1.74 43.96 -53.64
CA PHE A 163 -2.27 44.97 -54.55
C PHE A 163 -3.71 44.62 -54.89
N GLN A 164 -4.63 45.56 -54.66
CA GLN A 164 -6.00 45.37 -55.10
C GLN A 164 -6.56 46.64 -55.69
N PRO A 165 -6.03 47.04 -56.85
CA PRO A 165 -6.43 48.28 -57.53
C PRO A 165 -7.94 48.35 -57.78
N LYS A 166 -8.57 47.20 -58.03
CA LYS A 166 -10.02 47.15 -58.23
C LYS A 166 -10.80 47.51 -56.99
N ASN A 167 -10.22 47.36 -55.81
CA ASN A 167 -10.88 47.80 -54.59
C ASN A 167 -10.26 49.10 -54.10
N PHE A 168 -9.46 49.72 -54.98
CA PHE A 168 -8.80 50.99 -54.71
C PHE A 168 -7.89 50.96 -53.49
N TRP A 169 -7.08 49.93 -53.36
CA TRP A 169 -6.04 49.97 -52.32
C TRP A 169 -4.88 49.05 -52.60
N ASN A 170 -3.71 49.45 -52.07
CA ASN A 170 -2.48 48.68 -52.17
C ASN A 170 -1.71 48.87 -50.89
N GLY A 171 -0.92 47.87 -50.54
CA GLY A 171 -0.10 47.96 -49.34
C GLY A 171 1.18 47.20 -49.54
N ARG A 172 2.24 47.62 -48.83
CA ARG A 172 3.53 46.95 -48.91
C ARG A 172 4.30 47.10 -47.62
N TRP A 173 4.93 46.00 -47.23
CA TRP A 173 5.90 45.97 -46.14
C TRP A 173 7.27 45.76 -46.73
N ARG A 174 8.26 46.46 -46.17
CA ARG A 174 9.64 46.22 -46.51
C ARG A 174 10.44 46.23 -45.21
N SER A 175 11.37 45.29 -45.05
CA SER A 175 12.32 45.36 -43.95
C SER A 175 13.71 45.05 -44.45
N GLU A 176 14.68 45.78 -43.92
CA GLU A 176 16.07 45.55 -44.26
C GLU A 176 16.90 45.45 -42.99
N TRP A 177 17.55 44.30 -42.80
CA TRP A 177 18.33 44.02 -41.60
C TRP A 177 19.80 43.86 -41.98
N LYS A 178 20.67 44.56 -41.27
CA LYS A 178 22.10 44.49 -41.50
C LYS A 178 22.83 43.95 -40.28
N PHE A 179 23.51 42.82 -40.45
CA PHE A 179 24.30 42.22 -39.39
C PHE A 179 25.77 42.38 -39.73
N THR A 180 26.48 43.17 -38.93
CA THR A 180 27.89 43.41 -39.14
C THR A 180 28.68 42.52 -38.19
N ILE A 181 29.27 41.47 -38.73
CA ILE A 181 29.87 40.42 -37.90
C ILE A 181 31.24 40.79 -37.33
N THR A 182 31.33 40.76 -36.01
CA THR A 182 32.56 41.03 -35.29
C THR A 182 32.61 40.16 -34.04
N PRO A 183 32.95 38.87 -34.19
CA PRO A 183 32.93 37.93 -33.06
C PRO A 183 33.58 38.53 -31.81
N PRO A 184 32.99 38.30 -30.61
CA PRO A 184 31.88 37.39 -30.40
C PRO A 184 30.53 38.08 -30.56
N THR A 185 30.51 39.28 -31.16
CA THR A 185 29.29 40.09 -31.25
C THR A 185 29.01 40.62 -32.65
N ALA A 186 27.75 40.54 -33.07
CA ALA A 186 27.34 41.15 -34.33
C ALA A 186 26.56 42.43 -34.10
N GLN A 187 26.86 43.46 -34.88
CA GLN A 187 26.11 44.72 -34.83
C GLN A 187 24.87 44.64 -35.70
N VAL A 188 23.72 45.00 -35.13
CA VAL A 188 22.46 44.88 -35.85
C VAL A 188 21.85 46.25 -36.12
N ALA A 189 21.64 46.55 -37.39
CA ALA A 189 20.90 47.75 -37.81
C ALA A 189 19.76 47.33 -38.73
N ALA A 190 18.60 47.98 -38.60
CA ALA A 190 17.47 47.66 -39.44
C ALA A 190 16.54 48.84 -39.65
N VAL A 191 15.84 48.80 -40.77
CA VAL A 191 14.78 49.75 -41.05
C VAL A 191 13.53 48.95 -41.43
N LEU A 192 12.44 49.17 -40.71
CA LEU A 192 11.16 48.54 -41.05
C LEU A 192 10.26 49.59 -41.64
N LYS A 193 9.55 49.25 -42.73
CA LYS A 193 8.71 50.20 -43.43
C LYS A 193 7.36 49.63 -43.80
N ILE A 194 6.31 50.44 -43.64
CA ILE A 194 4.99 50.08 -44.12
C ILE A 194 4.38 51.26 -44.88
N GLN A 195 3.67 50.94 -45.96
CA GLN A 195 2.91 51.96 -46.66
C GLN A 195 1.60 51.35 -47.13
N VAL A 196 0.50 52.05 -46.85
CA VAL A 196 -0.79 51.60 -47.32
C VAL A 196 -1.50 52.77 -47.96
N HIS A 197 -2.18 52.50 -49.07
CA HIS A 197 -2.86 53.53 -49.84
C HIS A 197 -4.29 53.12 -50.12
N TYR A 198 -5.24 53.95 -49.70
CA TYR A 198 -6.65 53.72 -49.98
C TYR A 198 -7.17 54.90 -50.77
N TYR A 199 -7.83 54.64 -51.89
CA TYR A 199 -8.22 55.74 -52.78
C TYR A 199 -9.55 55.64 -53.47
N GLU A 200 -10.52 55.00 -52.83
CA GLU A 200 -11.89 55.11 -53.34
C GLU A 200 -12.46 56.49 -52.98
N ASP A 201 -12.66 57.34 -54.00
CA ASP A 201 -13.14 58.69 -53.77
C ASP A 201 -12.33 59.40 -52.67
N GLY A 202 -11.02 59.27 -52.76
CA GLY A 202 -10.14 59.98 -51.85
C GLY A 202 -8.71 59.52 -52.01
N ASN A 203 -7.87 59.94 -51.08
CA ASN A 203 -6.48 59.51 -51.06
C ASN A 203 -6.03 59.53 -49.63
N VAL A 204 -5.94 58.35 -49.04
CA VAL A 204 -5.59 58.22 -47.64
C VAL A 204 -4.40 57.28 -47.58
N GLN A 205 -3.36 57.66 -46.87
CA GLN A 205 -2.17 56.81 -46.80
C GLN A 205 -1.60 56.65 -45.39
N LEU A 206 -1.23 55.41 -45.06
CA LEU A 206 -0.42 55.12 -43.87
C LEU A 206 1.02 55.09 -44.34
N VAL A 207 1.87 55.87 -43.69
CA VAL A 207 3.30 55.83 -43.96
C VAL A 207 4.01 55.65 -42.63
N SER A 208 4.78 54.58 -42.48
CA SER A 208 5.46 54.38 -41.22
C SER A 208 6.82 53.73 -41.39
N HIS A 209 7.71 54.01 -40.47
CA HIS A 209 8.96 53.29 -40.44
C HIS A 209 9.59 53.38 -39.08
N LYS A 210 10.41 52.38 -38.79
CA LYS A 210 11.09 52.33 -37.51
C LYS A 210 12.51 51.86 -37.72
N ASP A 211 13.46 52.52 -37.05
CA ASP A 211 14.86 52.14 -37.13
C ASP A 211 15.16 51.24 -35.94
N ILE A 212 15.87 50.16 -36.20
CA ILE A 212 16.28 49.25 -35.14
C ILE A 212 17.80 49.27 -35.01
N GLN A 213 18.29 49.30 -33.78
CA GLN A 213 19.72 49.22 -33.51
C GLN A 213 19.93 48.20 -32.39
N ASP A 214 20.78 47.21 -32.63
CA ASP A 214 20.93 46.12 -31.68
C ASP A 214 22.23 45.37 -31.90
N SER A 215 22.41 44.29 -31.15
CA SER A 215 23.58 43.43 -31.24
C SER A 215 23.26 42.01 -30.80
N VAL A 216 23.95 41.04 -31.37
CA VAL A 216 23.73 39.65 -31.03
C VAL A 216 25.04 38.89 -30.84
N GLN A 217 24.99 37.85 -30.02
CA GLN A 217 26.10 36.92 -29.90
C GLN A 217 26.24 36.17 -31.21
N VAL A 218 27.48 36.02 -31.68
CA VAL A 218 27.73 35.25 -32.88
C VAL A 218 28.45 33.97 -32.47
N SER A 219 28.11 32.85 -33.11
CA SER A 219 28.70 31.56 -32.79
C SER A 219 28.92 30.75 -34.06
N SER A 220 28.22 29.62 -34.13
CA SER A 220 28.24 28.77 -35.32
C SER A 220 27.41 29.40 -36.43
N ASP A 221 27.69 29.04 -37.67
CA ASP A 221 26.91 29.55 -38.80
C ASP A 221 25.42 29.30 -38.55
N VAL A 222 25.08 28.06 -38.24
CA VAL A 222 23.69 27.66 -38.03
C VAL A 222 23.07 28.33 -36.80
N GLN A 223 23.79 28.38 -35.69
CA GLN A 223 23.23 28.93 -34.45
C GLN A 223 23.00 30.43 -34.56
N THR A 224 23.87 31.11 -35.28
CA THR A 224 23.78 32.54 -35.41
C THR A 224 22.54 32.88 -36.22
N ALA A 225 22.36 32.17 -37.33
CA ALA A 225 21.15 32.33 -38.14
C ALA A 225 19.92 32.26 -37.23
N LYS A 226 19.89 31.29 -36.33
CA LYS A 226 18.75 31.18 -35.41
C LYS A 226 18.64 32.44 -34.57
N GLU A 227 19.79 32.92 -34.08
CA GLU A 227 19.85 34.13 -33.28
C GLU A 227 19.33 35.35 -34.03
N PHE A 228 19.78 35.52 -35.28
CA PHE A 228 19.41 36.65 -36.13
C PHE A 228 17.90 36.67 -36.37
N ILE A 229 17.36 35.52 -36.79
CA ILE A 229 15.95 35.38 -37.07
C ILE A 229 15.12 35.65 -35.82
N LYS A 230 15.62 35.27 -34.65
CA LYS A 230 14.91 35.54 -33.40
C LYS A 230 14.84 37.04 -33.13
N ILE A 231 15.93 37.74 -33.41
CA ILE A 231 15.97 39.19 -33.27
C ILE A 231 14.97 39.81 -34.23
N ILE A 232 15.01 39.39 -35.49
CA ILE A 232 14.10 39.93 -36.50
C ILE A 232 12.64 39.70 -36.09
N GLU A 233 12.35 38.51 -35.58
CA GLU A 233 10.98 38.15 -35.22
C GLU A 233 10.45 39.02 -34.09
N ASN A 234 11.26 39.19 -33.05
CA ASN A 234 10.86 39.99 -31.89
C ASN A 234 10.63 41.45 -32.24
N ALA A 235 11.53 41.98 -33.07
CA ALA A 235 11.45 43.38 -33.49
C ALA A 235 10.23 43.60 -34.36
N GLU A 236 10.05 42.75 -35.38
CA GLU A 236 8.94 42.93 -36.31
C GLU A 236 7.57 42.74 -35.62
N ASN A 237 7.48 41.79 -34.70
CA ASN A 237 6.23 41.65 -33.95
C ASN A 237 5.98 42.85 -33.04
N GLU A 238 7.04 43.33 -32.40
CA GLU A 238 6.93 44.50 -31.55
C GLU A 238 6.40 45.70 -32.31
N TYR A 239 6.94 45.90 -33.51
CA TYR A 239 6.56 47.03 -34.37
C TYR A 239 5.10 46.90 -34.79
N GLN A 240 4.74 45.73 -35.29
CA GLN A 240 3.36 45.49 -35.69
C GLN A 240 2.43 45.71 -34.49
N THR A 241 2.84 45.22 -33.32
CA THR A 241 2.06 45.47 -32.11
C THR A 241 1.92 46.96 -31.76
N ALA A 242 3.01 47.70 -31.87
CA ALA A 242 2.97 49.14 -31.60
C ALA A 242 2.07 49.86 -32.61
N ILE A 243 2.07 49.38 -33.85
CA ILE A 243 1.22 49.97 -34.85
C ILE A 243 -0.24 49.76 -34.50
N SER A 244 -0.58 48.53 -34.12
CA SER A 244 -1.93 48.21 -33.67
C SER A 244 -2.34 49.07 -32.50
N GLU A 245 -1.41 49.27 -31.56
CA GLU A 245 -1.68 50.12 -30.41
C GLU A 245 -1.93 51.57 -30.81
N ASN A 246 -1.25 52.06 -31.85
CA ASN A 246 -1.43 53.45 -32.30
C ASN A 246 -2.79 53.64 -32.94
N TYR A 247 -3.20 52.65 -33.73
CA TYR A 247 -4.51 52.64 -34.35
C TYR A 247 -5.61 52.76 -33.30
N GLN A 248 -5.46 51.98 -32.23
CA GLN A 248 -6.50 51.93 -31.21
C GLN A 248 -6.59 53.26 -30.49
N THR A 249 -5.45 53.83 -30.17
CA THR A 249 -5.37 55.14 -29.54
C THR A 249 -5.85 56.28 -30.45
N MET A 250 -5.50 56.23 -31.73
CA MET A 250 -6.03 57.21 -32.69
C MET A 250 -7.55 57.12 -32.80
N SER A 251 -8.09 55.91 -32.72
CA SER A 251 -9.53 55.69 -32.82
C SER A 251 -10.30 56.08 -31.58
N ASP A 252 -9.78 55.70 -30.42
CA ASP A 252 -10.49 55.86 -29.13
C ASP A 252 -10.27 57.20 -28.46
N THR A 253 -9.25 57.92 -28.90
CA THR A 253 -8.86 59.17 -28.25
C THR A 253 -8.81 60.35 -29.22
N THR A 254 -7.86 60.33 -30.16
CA THR A 254 -7.66 61.48 -31.02
C THR A 254 -8.84 61.75 -31.96
N PHE A 255 -9.29 60.73 -32.68
CA PHE A 255 -10.38 60.92 -33.64
C PHE A 255 -11.65 61.37 -32.94
N LYS A 256 -12.00 60.70 -31.85
CA LYS A 256 -13.17 61.07 -31.07
C LYS A 256 -13.14 62.52 -30.61
N ALA A 257 -11.97 62.98 -30.19
CA ALA A 257 -11.85 64.33 -29.63
C ALA A 257 -11.94 65.42 -30.71
N LEU A 258 -11.65 65.06 -31.95
CA LEU A 258 -11.67 66.04 -33.02
C LEU A 258 -13.08 66.53 -33.36
N ARG A 259 -14.03 65.61 -33.40
CA ARG A 259 -15.42 65.98 -33.64
C ARG A 259 -16.37 65.00 -32.94
N ARG A 260 -17.41 65.56 -32.31
CA ARG A 260 -18.48 64.78 -31.71
C ARG A 260 -19.28 64.05 -32.78
N GLN A 261 -19.88 62.92 -32.42
CA GLN A 261 -20.83 62.28 -33.32
C GLN A 261 -22.12 63.12 -33.45
N LEU A 262 -22.62 63.62 -32.32
CA LEU A 262 -23.81 64.45 -32.26
C LEU A 262 -23.55 65.51 -31.21
N PRO A 263 -24.25 66.65 -31.31
CA PRO A 263 -24.19 67.66 -30.25
C PRO A 263 -24.68 67.05 -28.95
N VAL A 264 -24.51 67.75 -27.83
CA VAL A 264 -24.90 67.25 -26.53
C VAL A 264 -26.38 66.92 -26.42
N THR A 265 -27.21 67.58 -27.25
CA THR A 265 -28.63 67.28 -27.27
C THR A 265 -28.92 65.87 -27.75
N ARG A 266 -27.92 65.21 -28.34
CA ARG A 266 -28.11 63.88 -28.94
C ARG A 266 -29.17 63.89 -30.04
N THR A 267 -29.38 65.05 -30.64
CA THR A 267 -30.19 65.14 -31.84
C THR A 267 -29.45 66.03 -32.82
N LYS A 268 -29.73 65.87 -34.10
CA LYS A 268 -29.20 66.79 -35.08
C LYS A 268 -29.67 68.22 -34.78
N ILE A 269 -28.97 69.19 -35.34
CA ILE A 269 -29.24 70.59 -35.07
C ILE A 269 -30.62 70.97 -35.58
N ASP A 270 -31.35 71.75 -34.79
CA ASP A 270 -32.56 72.43 -35.24
C ASP A 270 -32.17 73.77 -35.84
N TRP A 271 -32.08 73.82 -37.17
CA TRP A 271 -31.50 74.96 -37.86
C TRP A 271 -32.31 76.27 -37.74
N ASN A 272 -33.63 76.18 -37.63
CA ASN A 272 -34.42 77.38 -37.41
C ASN A 272 -34.03 78.05 -36.10
N LYS A 273 -33.79 77.22 -35.08
CA LYS A 273 -33.35 77.67 -33.78
C LYS A 273 -32.01 78.39 -33.86
N ILE A 274 -31.07 77.79 -34.59
CA ILE A 274 -29.72 78.31 -34.71
C ILE A 274 -29.75 79.71 -35.33
N LEU A 275 -30.78 79.97 -36.12
CA LEU A 275 -30.87 81.22 -36.86
C LEU A 275 -31.51 82.34 -36.03
N SER A 276 -32.08 81.98 -34.89
CA SER A 276 -32.69 82.95 -33.98
C SER A 276 -31.67 83.97 -33.48
N ASP B 3 -6.87 67.22 -74.43
CA ASP B 3 -6.28 66.94 -73.13
C ASP B 3 -7.09 67.55 -71.97
N GLN B 4 -7.10 66.97 -70.74
CA GLN B 4 -6.47 65.68 -70.37
C GLN B 4 -5.29 65.81 -69.39
N GLN B 5 -4.56 66.92 -69.49
CA GLN B 5 -3.50 67.20 -68.54
C GLN B 5 -4.10 67.46 -67.15
N LEU B 6 -5.25 68.11 -67.12
CA LEU B 6 -5.95 68.36 -65.86
C LEU B 6 -6.37 67.02 -65.22
N ASP B 7 -6.77 66.07 -66.07
CA ASP B 7 -7.31 64.80 -65.59
C ASP B 7 -6.19 64.00 -64.95
N CYS B 8 -5.03 64.04 -65.60
CA CYS B 8 -3.83 63.38 -65.10
C CYS B 8 -3.27 64.02 -63.83
N ALA B 9 -3.31 65.35 -63.79
CA ALA B 9 -2.92 66.09 -62.59
C ALA B 9 -3.74 65.67 -61.38
N LEU B 10 -5.05 65.67 -61.53
CA LEU B 10 -5.92 65.22 -60.43
C LEU B 10 -5.65 63.75 -60.06
N ASP B 11 -5.44 62.91 -61.07
CA ASP B 11 -5.17 61.50 -60.84
C ASP B 11 -3.89 61.34 -60.01
N LEU B 12 -2.86 62.10 -60.38
CA LEU B 12 -1.61 62.16 -59.64
C LEU B 12 -1.77 62.61 -58.18
N MET B 13 -2.59 63.63 -57.93
CA MET B 13 -2.84 64.02 -56.54
C MET B 13 -3.61 62.94 -55.76
N ARG B 14 -4.23 62.00 -56.48
CA ARG B 14 -4.94 60.91 -55.78
C ARG B 14 -3.97 59.82 -55.33
N ARG B 15 -2.73 59.92 -55.78
CA ARG B 15 -1.77 58.81 -55.62
C ARG B 15 -0.49 59.21 -54.87
N LEU B 16 0.00 60.42 -55.12
CA LEU B 16 1.15 60.95 -54.37
C LEU B 16 0.77 61.03 -52.89
N PRO B 17 1.73 60.74 -51.98
CA PRO B 17 1.42 60.76 -50.56
C PRO B 17 0.78 62.07 -50.09
N PRO B 18 -0.33 61.97 -49.38
CA PRO B 18 -1.01 63.17 -48.89
C PRO B 18 -0.18 63.88 -47.83
N GLN B 19 0.78 63.20 -47.24
CA GLN B 19 1.65 63.84 -46.27
C GLN B 19 2.39 65.04 -46.90
N GLN B 20 2.60 65.00 -48.21
CA GLN B 20 3.29 66.10 -48.92
C GLN B 20 2.32 66.86 -49.81
N ILE B 21 1.08 66.90 -49.38
CA ILE B 21 0.01 67.48 -50.18
C ILE B 21 0.33 68.89 -50.67
N GLU B 22 0.88 69.74 -49.80
CA GLU B 22 1.22 71.10 -50.20
C GLU B 22 2.37 71.19 -51.22
N LYS B 23 3.44 70.46 -50.96
CA LYS B 23 4.56 70.43 -51.90
C LYS B 23 4.15 69.78 -53.22
N ASN B 24 3.36 68.70 -53.15
CA ASN B 24 2.85 68.06 -54.36
C ASN B 24 2.21 69.10 -55.30
N LEU B 25 1.30 69.90 -54.76
CA LEU B 25 0.56 70.90 -55.57
C LEU B 25 1.48 71.91 -56.24
N SER B 26 2.36 72.54 -55.49
CA SER B 26 3.28 73.51 -56.10
C SER B 26 4.26 72.87 -57.10
N ASP B 27 4.73 71.65 -56.83
CA ASP B 27 5.49 70.88 -57.82
C ASP B 27 4.65 70.72 -59.10
N LEU B 28 3.41 70.32 -58.94
CA LEU B 28 2.52 70.10 -60.07
C LEU B 28 2.31 71.41 -60.84
N ILE B 29 2.11 72.51 -60.11
CA ILE B 29 1.98 73.82 -60.77
C ILE B 29 3.23 74.12 -61.57
N ASP B 30 4.40 73.75 -61.03
CA ASP B 30 5.66 74.04 -61.72
C ASP B 30 5.79 73.17 -62.95
N LEU B 31 5.33 71.93 -62.83
CA LEU B 31 5.39 70.99 -63.94
C LEU B 31 4.50 71.46 -65.09
N VAL B 32 3.31 71.97 -64.76
CA VAL B 32 2.38 72.43 -65.80
C VAL B 32 1.81 73.83 -65.48
N PRO B 33 2.64 74.86 -65.63
CA PRO B 33 2.31 76.25 -65.31
C PRO B 33 0.94 76.70 -65.83
N SER B 34 0.53 76.18 -66.98
CA SER B 34 -0.71 76.63 -67.62
C SER B 34 -1.99 76.17 -66.90
N LEU B 35 -1.87 75.19 -66.01
CA LEU B 35 -3.04 74.68 -65.29
C LEU B 35 -3.19 75.34 -63.94
N CYS B 36 -2.41 76.39 -63.70
CA CYS B 36 -2.36 76.99 -62.37
C CYS B 36 -3.73 77.29 -61.78
N GLU B 37 -4.58 78.00 -62.51
CA GLU B 37 -5.86 78.40 -61.95
C GLU B 37 -6.74 77.17 -61.68
N ASP B 38 -6.78 76.27 -62.66
CA ASP B 38 -7.57 75.05 -62.54
C ASP B 38 -7.10 74.20 -61.35
N LEU B 39 -5.80 74.01 -61.23
CA LEU B 39 -5.27 73.21 -60.11
C LEU B 39 -5.54 73.87 -58.75
N LEU B 40 -5.31 75.17 -58.64
CA LEU B 40 -5.56 75.91 -57.41
C LEU B 40 -7.02 75.77 -56.98
N SER B 41 -7.95 75.60 -57.91
CA SER B 41 -9.36 75.57 -57.52
C SER B 41 -9.90 74.17 -57.29
N SER B 42 -9.26 73.18 -57.91
CA SER B 42 -9.75 71.79 -57.80
C SER B 42 -8.89 70.87 -56.93
N VAL B 43 -7.70 71.32 -56.56
CA VAL B 43 -6.87 70.52 -55.65
C VAL B 43 -7.03 71.07 -54.24
N ASP B 44 -7.70 70.30 -53.39
CA ASP B 44 -7.92 70.69 -52.00
C ASP B 44 -6.59 70.68 -51.25
N GLN B 45 -6.47 71.56 -50.26
CA GLN B 45 -5.25 71.78 -49.50
C GLN B 45 -5.68 71.99 -48.06
N PRO B 46 -4.82 71.58 -47.11
CA PRO B 46 -5.11 71.81 -45.70
C PRO B 46 -5.43 73.26 -45.47
N LEU B 47 -6.32 73.55 -44.55
CA LEU B 47 -6.76 74.91 -44.31
C LEU B 47 -5.76 75.65 -43.44
N LYS B 48 -5.52 76.93 -43.74
CA LYS B 48 -4.61 77.74 -42.93
C LYS B 48 -5.39 78.71 -42.07
N ILE B 49 -4.91 78.96 -40.86
CA ILE B 49 -5.56 79.95 -40.00
C ILE B 49 -4.86 81.30 -40.12
N ALA B 50 -5.65 82.35 -40.34
CA ALA B 50 -5.13 83.71 -40.27
C ALA B 50 -5.90 84.45 -39.19
N ARG B 51 -5.38 85.59 -38.76
CA ARG B 51 -6.03 86.37 -37.71
C ARG B 51 -6.60 87.69 -38.23
N ASP B 52 -7.89 87.92 -38.03
CA ASP B 52 -8.47 89.21 -38.39
C ASP B 52 -8.22 90.18 -37.25
N LYS B 53 -7.21 91.02 -37.41
CA LYS B 53 -6.78 91.94 -36.36
C LYS B 53 -7.86 92.93 -35.99
N VAL B 54 -8.66 93.34 -36.97
CA VAL B 54 -9.70 94.32 -36.74
C VAL B 54 -10.75 93.76 -35.78
N VAL B 55 -11.27 92.58 -36.09
CA VAL B 55 -12.39 92.05 -35.34
C VAL B 55 -11.91 91.19 -34.17
N GLY B 56 -10.63 90.86 -34.17
CA GLY B 56 -10.10 89.95 -33.17
C GLY B 56 -10.72 88.56 -33.27
N LYS B 57 -10.70 88.00 -34.46
CA LYS B 57 -11.22 86.65 -34.69
C LYS B 57 -10.35 85.92 -35.71
N ASP B 58 -10.25 84.60 -35.58
CA ASP B 58 -9.52 83.80 -36.56
C ASP B 58 -10.40 83.51 -37.78
N TYR B 59 -9.79 83.28 -38.94
CA TYR B 59 -10.55 82.90 -40.12
C TYR B 59 -9.68 81.98 -40.98
N LEU B 60 -10.31 81.29 -41.92
CA LEU B 60 -9.61 80.23 -42.66
C LEU B 60 -9.25 80.67 -44.07
N LEU B 61 -8.06 80.31 -44.50
CA LEU B 61 -7.60 80.64 -45.84
C LEU B 61 -7.71 79.43 -46.75
N CYS B 62 -8.27 79.64 -47.93
CA CYS B 62 -8.18 78.62 -48.98
C CYS B 62 -8.32 79.35 -50.30
N ASP B 63 -8.34 78.62 -51.42
CA ASP B 63 -8.37 79.31 -52.69
C ASP B 63 -9.64 80.13 -52.86
N TYR B 64 -10.73 79.70 -52.23
CA TYR B 64 -12.00 80.39 -52.48
C TYR B 64 -12.06 81.81 -51.91
N ASN B 65 -11.26 82.12 -50.89
CA ASN B 65 -11.26 83.50 -50.39
C ASN B 65 -10.01 84.26 -50.79
N ARG B 66 -9.32 83.76 -51.81
CA ARG B 66 -8.09 84.38 -52.28
C ARG B 66 -8.32 85.30 -53.47
N ASP B 67 -7.59 86.40 -53.50
CA ASP B 67 -7.50 87.22 -54.70
C ASP B 67 -6.08 87.71 -54.78
N GLY B 68 -5.36 87.30 -55.81
CA GLY B 68 -3.96 87.61 -55.93
C GLY B 68 -3.22 86.94 -54.79
N ASP B 69 -2.53 87.72 -53.98
CA ASP B 69 -1.82 87.15 -52.84
C ASP B 69 -2.48 87.52 -51.50
N SER B 70 -3.66 88.11 -51.57
CA SER B 70 -4.40 88.50 -50.36
C SER B 70 -5.63 87.61 -50.13
N TYR B 71 -6.14 87.64 -48.90
CA TYR B 71 -7.27 86.81 -48.49
C TYR B 71 -8.32 87.63 -47.76
N ARG B 72 -9.58 87.34 -48.04
CA ARG B 72 -10.70 88.10 -47.48
C ARG B 72 -11.16 87.51 -46.16
N SER B 73 -11.23 88.34 -45.12
CA SER B 73 -11.82 87.91 -43.85
C SER B 73 -13.35 87.89 -43.96
N PRO B 74 -13.99 86.84 -43.42
CA PRO B 74 -15.45 86.80 -43.44
C PRO B 74 -16.04 87.72 -42.38
N TRP B 75 -15.20 88.18 -41.45
CA TRP B 75 -15.69 88.99 -40.35
C TRP B 75 -15.67 90.47 -40.69
N SER B 76 -14.56 90.95 -41.24
CA SER B 76 -14.41 92.37 -41.56
C SER B 76 -14.67 92.64 -43.05
N ASN B 77 -14.80 91.57 -43.82
CA ASN B 77 -15.04 91.68 -45.25
C ASN B 77 -13.94 92.50 -45.94
N LYS B 78 -12.73 92.44 -45.40
CA LYS B 78 -11.59 93.15 -45.99
C LYS B 78 -10.48 92.19 -46.36
N TYR B 79 -9.71 92.52 -47.40
CA TYR B 79 -8.57 91.70 -47.78
C TYR B 79 -7.32 92.04 -46.98
N ASP B 80 -6.50 91.02 -46.74
CA ASP B 80 -5.20 91.18 -46.11
C ASP B 80 -4.21 90.29 -46.86
N PRO B 81 -3.17 90.91 -47.46
CA PRO B 81 -2.88 92.34 -47.55
C PRO B 81 -3.98 93.11 -48.27
N PRO B 82 -4.21 94.36 -47.86
CA PRO B 82 -5.29 95.18 -48.44
C PRO B 82 -5.24 95.18 -49.96
N LEU B 83 -6.37 95.46 -50.59
CA LEU B 83 -6.47 95.39 -52.04
C LEU B 83 -7.34 96.54 -52.54
N GLU B 84 -6.99 97.09 -53.71
CA GLU B 84 -7.72 98.24 -54.24
C GLU B 84 -9.07 97.83 -54.83
N ASP B 85 -9.11 96.65 -55.44
CA ASP B 85 -10.31 96.17 -56.11
C ASP B 85 -10.48 94.67 -55.93
N GLY B 86 -10.27 94.20 -54.70
CA GLY B 86 -10.42 92.79 -54.40
C GLY B 86 -11.84 92.35 -54.70
N ALA B 87 -12.01 91.11 -55.12
CA ALA B 87 -13.35 90.62 -55.43
C ALA B 87 -14.20 90.55 -54.16
N MET B 88 -15.35 91.23 -54.18
CA MET B 88 -16.25 91.26 -53.03
C MET B 88 -17.60 90.67 -53.41
N PRO B 89 -18.34 90.17 -52.43
CA PRO B 89 -19.73 89.75 -52.67
C PRO B 89 -20.67 90.94 -52.75
N SER B 90 -21.76 90.80 -53.48
CA SER B 90 -22.75 91.87 -53.58
C SER B 90 -23.26 92.12 -52.16
N ALA B 91 -24.01 93.20 -51.97
CA ALA B 91 -24.56 93.52 -50.66
C ALA B 91 -25.49 92.42 -50.19
N ARG B 92 -26.31 91.90 -51.11
CA ARG B 92 -27.28 90.88 -50.76
C ARG B 92 -26.55 89.66 -50.26
N LEU B 93 -25.61 89.20 -51.06
CA LEU B 93 -24.85 88.00 -50.77
C LEU B 93 -23.98 88.17 -49.54
N ARG B 94 -23.47 89.38 -49.31
CA ARG B 94 -22.68 89.64 -48.12
C ARG B 94 -23.54 89.49 -46.85
N LYS B 95 -24.76 90.01 -46.89
CA LYS B 95 -25.68 89.85 -45.76
C LYS B 95 -25.94 88.36 -45.47
N LEU B 96 -26.11 87.57 -46.52
CA LEU B 96 -26.33 86.14 -46.36
C LEU B 96 -25.05 85.49 -45.81
N GLU B 97 -23.91 85.98 -46.25
CA GLU B 97 -22.62 85.42 -45.86
C GLU B 97 -22.37 85.63 -44.37
N VAL B 98 -22.72 86.83 -43.87
CA VAL B 98 -22.60 87.10 -42.45
C VAL B 98 -23.52 86.18 -41.67
N GLU B 99 -24.74 86.00 -42.18
CA GLU B 99 -25.72 85.10 -41.59
C GLU B 99 -25.15 83.69 -41.49
N ALA B 100 -24.59 83.21 -42.61
CA ALA B 100 -24.07 81.85 -42.69
C ALA B 100 -22.88 81.70 -41.74
N ASN B 101 -22.03 82.70 -41.66
CA ASN B 101 -20.88 82.61 -40.76
C ASN B 101 -21.29 82.48 -39.30
N ASN B 102 -22.34 83.20 -38.92
CA ASN B 102 -22.89 83.15 -37.57
C ASN B 102 -23.48 81.80 -37.30
N ALA B 103 -24.22 81.28 -38.26
CA ALA B 103 -24.82 79.96 -38.11
C ALA B 103 -23.79 78.83 -38.05
N PHE B 104 -22.80 78.87 -38.94
CA PHE B 104 -21.82 77.80 -38.94
C PHE B 104 -20.80 77.91 -37.83
N ASP B 105 -20.69 79.09 -37.23
CA ASP B 105 -19.90 79.27 -36.02
C ASP B 105 -20.54 78.48 -34.89
N GLN B 106 -21.87 78.53 -34.79
CA GLN B 106 -22.56 77.75 -33.77
C GLN B 106 -22.53 76.26 -34.06
N TYR B 107 -22.67 75.92 -35.33
CA TYR B 107 -22.50 74.55 -35.78
C TYR B 107 -21.14 74.01 -35.37
N ARG B 108 -20.11 74.81 -35.61
CA ARG B 108 -18.74 74.48 -35.26
C ARG B 108 -18.66 74.21 -33.77
N ASP B 109 -19.14 75.15 -32.95
CA ASP B 109 -19.07 74.96 -31.50
C ASP B 109 -19.81 73.70 -31.06
N LEU B 110 -20.98 73.47 -31.65
CA LEU B 110 -21.79 72.32 -31.27
C LEU B 110 -21.15 70.96 -31.58
N TYR B 111 -20.52 70.85 -32.74
CA TYR B 111 -19.95 69.57 -33.16
C TYR B 111 -18.46 69.43 -32.82
N PHE B 112 -17.73 70.53 -32.83
CA PHE B 112 -16.27 70.46 -32.69
C PHE B 112 -15.77 71.02 -31.36
N GLU B 113 -16.60 71.81 -30.67
CA GLU B 113 -16.27 72.31 -29.33
C GLU B 113 -14.90 73.00 -29.34
N GLY B 114 -14.66 73.80 -30.37
CA GLY B 114 -13.37 74.43 -30.59
C GLY B 114 -13.10 74.64 -32.07
N GLY B 115 -11.82 74.76 -32.43
CA GLY B 115 -11.45 74.97 -33.82
C GLY B 115 -11.93 76.31 -34.36
N VAL B 116 -11.86 76.47 -35.68
CA VAL B 116 -12.24 77.71 -36.36
C VAL B 116 -13.13 77.38 -37.53
N SER B 117 -14.03 78.30 -37.87
CA SER B 117 -14.89 78.13 -39.03
C SER B 117 -14.88 79.40 -39.88
N SER B 118 -15.23 79.26 -41.16
CA SER B 118 -15.38 80.38 -42.08
C SER B 118 -16.28 79.97 -43.22
N VAL B 119 -17.10 80.91 -43.70
CA VAL B 119 -17.99 80.68 -44.83
C VAL B 119 -17.75 81.84 -45.80
N TYR B 120 -17.45 81.51 -47.06
CA TYR B 120 -17.36 82.48 -48.14
C TYR B 120 -18.35 82.15 -49.23
N LEU B 121 -19.12 83.16 -49.67
CA LEU B 121 -20.13 82.99 -50.72
C LEU B 121 -19.74 83.77 -51.96
N TRP B 122 -20.27 83.33 -53.10
CA TRP B 122 -20.08 84.10 -54.33
C TRP B 122 -21.21 83.87 -55.32
N ASP B 123 -21.45 84.87 -56.17
CA ASP B 123 -22.55 84.88 -57.11
C ASP B 123 -22.38 83.88 -58.24
N LEU B 124 -23.50 83.27 -58.66
CA LEU B 124 -23.51 82.46 -59.86
C LEU B 124 -24.56 83.02 -60.77
N ASP B 125 -24.62 82.50 -61.98
CA ASP B 125 -25.62 82.94 -62.94
C ASP B 125 -27.04 82.82 -62.38
N HIS B 126 -27.44 81.63 -61.96
CA HIS B 126 -28.83 81.39 -61.56
C HIS B 126 -28.97 81.08 -60.09
N GLY B 127 -28.07 81.66 -59.29
CA GLY B 127 -28.09 81.44 -57.85
C GLY B 127 -26.76 81.87 -57.26
N PHE B 128 -26.15 81.01 -56.46
CA PHE B 128 -24.91 81.38 -55.78
C PHE B 128 -24.27 80.11 -55.29
N ALA B 129 -22.98 80.21 -54.98
CA ALA B 129 -22.23 79.10 -54.39
C ALA B 129 -21.59 79.57 -53.11
N GLY B 130 -20.94 78.64 -52.41
CA GLY B 130 -20.18 79.01 -51.24
C GLY B 130 -19.41 77.82 -50.72
N VAL B 131 -18.49 78.09 -49.82
CA VAL B 131 -17.72 77.05 -49.20
C VAL B 131 -17.91 77.24 -47.71
N ILE B 132 -18.10 76.14 -47.00
CA ILE B 132 -18.14 76.17 -45.55
C ILE B 132 -16.88 75.41 -45.09
N LEU B 133 -15.99 76.10 -44.37
CA LEU B 133 -14.72 75.54 -43.92
C LEU B 133 -14.67 75.38 -42.40
N ILE B 134 -14.17 74.25 -41.94
CA ILE B 134 -13.97 74.05 -40.51
C ILE B 134 -12.59 73.44 -40.28
N LYS B 135 -11.87 73.99 -39.32
CA LYS B 135 -10.51 73.55 -39.03
C LYS B 135 -10.40 73.25 -37.54
N LYS B 136 -10.03 72.02 -37.19
CA LYS B 136 -9.90 71.65 -35.78
C LYS B 136 -8.62 70.85 -35.54
N ALA B 137 -7.79 71.34 -34.63
CA ALA B 137 -6.56 70.66 -34.25
C ALA B 137 -6.75 69.83 -33.00
N GLY B 138 -6.11 68.66 -32.96
CA GLY B 138 -6.17 67.79 -31.79
C GLY B 138 -5.37 68.40 -30.65
N ASP B 139 -5.69 68.02 -29.42
CA ASP B 139 -5.00 68.60 -28.26
C ASP B 139 -3.65 67.94 -28.01
N GLY B 140 -3.32 66.97 -28.84
CA GLY B 140 -2.01 66.33 -28.78
C GLY B 140 -1.87 65.22 -27.75
N SER B 141 -2.99 64.83 -27.13
CA SER B 141 -2.96 63.82 -26.07
C SER B 141 -2.27 62.54 -26.50
N LYS B 142 -1.72 61.80 -25.53
CA LYS B 142 -1.13 60.49 -25.80
C LYS B 142 -0.13 60.56 -26.95
N LYS B 143 0.50 61.73 -27.13
CA LYS B 143 1.58 61.88 -28.10
C LYS B 143 1.11 61.70 -29.55
N ILE B 144 -0.17 61.90 -29.80
CA ILE B 144 -0.70 61.84 -31.16
C ILE B 144 -1.07 63.25 -31.59
N LYS B 145 -0.50 63.71 -32.70
CA LYS B 145 -0.93 64.96 -33.31
C LYS B 145 -2.03 64.70 -34.34
N GLY B 146 -3.13 65.44 -34.23
CA GLY B 146 -4.25 65.25 -35.13
C GLY B 146 -4.81 66.55 -35.67
N CYS B 147 -5.34 66.50 -36.88
CA CYS B 147 -6.00 67.66 -37.45
C CYS B 147 -7.14 67.24 -38.35
N TRP B 148 -8.23 68.00 -38.30
CA TRP B 148 -9.43 67.77 -39.10
C TRP B 148 -9.75 69.01 -39.93
N ASP B 149 -9.79 68.87 -41.25
CA ASP B 149 -10.28 69.93 -42.15
C ASP B 149 -11.60 69.55 -42.83
N SER B 150 -12.60 70.42 -42.77
CA SER B 150 -13.82 70.31 -43.58
C SER B 150 -13.82 71.38 -44.67
N ILE B 151 -14.02 70.95 -45.91
CA ILE B 151 -14.24 71.84 -47.04
C ILE B 151 -15.55 71.42 -47.70
N HIS B 152 -16.62 72.15 -47.40
CA HIS B 152 -17.93 71.90 -48.00
C HIS B 152 -18.26 72.96 -49.03
N VAL B 153 -18.33 72.56 -50.30
CA VAL B 153 -18.57 73.51 -51.37
C VAL B 153 -19.98 73.27 -51.88
N VAL B 154 -20.82 74.30 -51.85
CA VAL B 154 -22.21 74.15 -52.23
C VAL B 154 -22.58 75.06 -53.39
N GLU B 155 -23.32 74.50 -54.34
CA GLU B 155 -23.87 75.24 -55.46
C GLU B 155 -25.38 75.28 -55.34
N VAL B 156 -25.94 76.49 -55.40
CA VAL B 156 -27.37 76.68 -55.23
C VAL B 156 -27.97 77.30 -56.49
N GLN B 157 -28.92 76.60 -57.11
CA GLN B 157 -29.62 77.12 -58.28
C GLN B 157 -31.02 77.55 -57.88
N GLU B 158 -31.27 78.86 -57.88
CA GLU B 158 -32.52 79.41 -57.36
C GLU B 158 -33.63 79.36 -58.39
N ARG B 163 -38.89 79.94 -54.32
CA ARG B 163 -39.91 78.90 -54.12
C ARG B 163 -39.28 77.57 -53.69
N THR B 164 -38.47 77.01 -54.58
CA THR B 164 -37.64 75.84 -54.23
C THR B 164 -36.28 76.09 -54.85
N ALA B 165 -35.27 75.33 -54.44
CA ALA B 165 -33.97 75.45 -55.06
C ALA B 165 -33.33 74.10 -55.17
N HIS B 166 -32.39 73.98 -56.10
CA HIS B 166 -31.59 72.77 -56.22
C HIS B 166 -30.25 73.00 -55.55
N TYR B 167 -29.84 72.09 -54.69
CA TYR B 167 -28.55 72.19 -54.00
C TYR B 167 -27.62 71.07 -54.43
N LYS B 168 -26.39 71.44 -54.73
CA LYS B 168 -25.38 70.44 -55.02
C LYS B 168 -24.22 70.66 -54.06
N LEU B 169 -23.88 69.62 -53.30
CA LEU B 169 -22.85 69.72 -52.27
C LEU B 169 -21.70 68.76 -52.53
N THR B 170 -20.49 69.28 -52.63
CA THR B 170 -19.29 68.47 -52.77
C THR B 170 -18.42 68.71 -51.53
N SER B 171 -18.26 67.68 -50.72
CA SER B 171 -17.58 67.83 -49.44
C SER B 171 -16.33 66.96 -49.37
N THR B 172 -15.23 67.58 -48.98
CA THR B 172 -13.99 66.90 -48.72
C THR B 172 -13.71 67.07 -47.25
N VAL B 173 -13.37 65.98 -46.57
CA VAL B 173 -12.85 66.09 -45.23
C VAL B 173 -11.44 65.52 -45.24
N MET B 174 -10.51 66.28 -44.68
CA MET B 174 -9.14 65.81 -44.53
C MET B 174 -8.87 65.45 -43.09
N LEU B 175 -8.14 64.35 -42.88
CA LEU B 175 -7.90 63.85 -41.54
C LEU B 175 -6.44 63.44 -41.45
N TRP B 176 -5.73 64.04 -40.52
CA TRP B 176 -4.28 63.81 -40.37
C TRP B 176 -4.00 63.32 -38.97
N LEU B 177 -3.33 62.17 -38.88
CA LEU B 177 -2.92 61.61 -37.60
C LEU B 177 -1.44 61.24 -37.65
N GLN B 178 -0.71 61.65 -36.62
CA GLN B 178 0.74 61.43 -36.62
C GLN B 178 1.29 61.25 -35.23
N THR B 179 2.22 60.32 -35.07
CA THR B 179 2.88 60.12 -33.79
C THR B 179 4.29 59.61 -34.00
N ASN B 180 5.16 59.94 -33.06
CA ASN B 180 6.57 59.57 -33.13
C ASN B 180 7.03 58.79 -31.90
N LYS B 181 6.19 57.87 -31.44
CA LYS B 181 6.55 56.99 -30.33
C LYS B 181 7.64 56.02 -30.77
N THR B 182 8.47 55.59 -29.81
CA THR B 182 9.57 54.67 -30.10
C THR B 182 9.02 53.31 -30.57
N GLY B 183 7.69 53.23 -30.64
CA GLY B 183 6.95 52.01 -30.92
C GLY B 183 7.48 51.06 -31.99
N SER B 184 7.16 51.25 -33.27
CA SER B 184 6.33 52.31 -33.86
C SER B 184 7.13 53.24 -34.76
N GLY B 185 8.23 53.78 -34.23
CA GLY B 185 8.96 54.82 -34.93
C GLY B 185 7.99 55.87 -35.45
N THR B 186 8.29 56.44 -36.62
CA THR B 186 7.42 57.44 -37.20
C THR B 186 6.16 56.79 -37.77
N MET B 187 4.99 57.28 -37.36
CA MET B 187 3.75 56.80 -37.97
C MET B 187 2.87 57.94 -38.42
N ASN B 188 2.55 57.96 -39.70
CA ASN B 188 1.66 58.98 -40.24
C ASN B 188 0.50 58.37 -41.02
N LEU B 189 -0.71 58.72 -40.62
CA LEU B 189 -1.95 58.22 -41.21
C LEU B 189 -2.76 59.44 -41.56
N GLY B 190 -2.85 59.74 -42.85
CA GLY B 190 -3.50 60.98 -43.26
C GLY B 190 -3.98 60.99 -44.69
N GLY B 191 -4.70 62.05 -45.04
CA GLY B 191 -5.29 62.17 -46.36
C GLY B 191 -6.70 62.71 -46.29
N SER B 192 -7.53 62.34 -47.25
CA SER B 192 -8.87 62.93 -47.33
C SER B 192 -9.83 62.01 -48.07
N LEU B 193 -11.12 62.26 -47.84
CA LEU B 193 -12.21 61.61 -48.57
C LEU B 193 -13.09 62.69 -49.15
N THR B 194 -13.63 62.43 -50.33
CA THR B 194 -14.57 63.38 -50.93
C THR B 194 -15.90 62.68 -51.22
N ARG B 195 -16.99 63.37 -50.95
CA ARG B 195 -18.31 62.85 -51.28
C ARG B 195 -19.19 63.96 -51.85
N GLN B 196 -20.24 63.56 -52.55
CA GLN B 196 -21.13 64.53 -53.21
C GLN B 196 -22.59 64.08 -53.07
N MET B 197 -23.48 65.04 -52.86
CA MET B 197 -24.92 64.83 -52.68
C MET B 197 -25.63 65.91 -53.49
N GLU B 198 -26.82 65.61 -54.00
CA GLU B 198 -27.68 66.62 -54.65
C GLU B 198 -29.10 66.48 -54.12
N LYS B 199 -29.87 67.57 -54.18
CA LYS B 199 -31.19 67.57 -53.59
C LYS B 199 -31.96 68.84 -53.93
N ASP B 200 -33.26 68.68 -54.16
CA ASP B 200 -34.14 69.82 -54.27
C ASP B 200 -34.78 70.00 -52.92
N GLU B 201 -34.91 71.25 -52.47
CA GLU B 201 -35.65 71.50 -51.23
C GLU B 201 -36.45 72.79 -51.31
N THR B 202 -37.53 72.85 -50.54
CA THR B 202 -38.34 74.05 -50.52
C THR B 202 -37.59 75.17 -49.81
N VAL B 203 -37.80 76.38 -50.28
CA VAL B 203 -37.23 77.57 -49.65
C VAL B 203 -38.37 78.40 -49.10
N SER B 204 -38.30 78.75 -47.82
CA SER B 204 -39.43 79.44 -47.20
C SER B 204 -39.02 80.12 -45.91
N ASP B 205 -39.95 80.80 -45.27
CA ASP B 205 -39.72 81.43 -43.98
C ASP B 205 -39.11 80.45 -42.99
N SER B 206 -39.78 79.30 -42.85
CA SER B 206 -39.33 78.26 -41.94
C SER B 206 -38.12 77.47 -42.48
N SER B 207 -37.91 77.51 -43.79
CA SER B 207 -36.81 76.75 -44.39
C SER B 207 -36.02 77.60 -45.40
N PRO B 208 -35.27 78.58 -44.90
CA PRO B 208 -34.41 79.44 -45.73
C PRO B 208 -33.16 78.74 -46.21
N HIS B 209 -32.49 79.36 -47.18
CA HIS B 209 -31.31 78.78 -47.76
C HIS B 209 -30.33 78.26 -46.72
N ILE B 210 -30.10 79.03 -45.66
CA ILE B 210 -29.06 78.69 -44.69
C ILE B 210 -29.47 77.42 -43.93
N ALA B 211 -30.75 77.29 -43.63
CA ALA B 211 -31.25 76.04 -43.03
C ALA B 211 -31.07 74.86 -44.00
N ASN B 212 -31.42 75.04 -45.26
CA ASN B 212 -31.27 73.97 -46.25
C ASN B 212 -29.82 73.51 -46.39
N ILE B 213 -28.91 74.45 -46.57
CA ILE B 213 -27.50 74.11 -46.67
C ILE B 213 -27.02 73.49 -45.36
N GLY B 214 -27.49 74.05 -44.25
CA GLY B 214 -27.10 73.57 -42.94
C GLY B 214 -27.34 72.09 -42.79
N ARG B 215 -28.57 71.66 -43.01
CA ARG B 215 -28.94 70.26 -42.87
C ARG B 215 -28.14 69.38 -43.82
N LEU B 216 -27.91 69.88 -45.03
CA LEU B 216 -27.09 69.17 -46.02
C LEU B 216 -25.67 68.94 -45.55
N VAL B 217 -25.05 70.01 -45.03
CA VAL B 217 -23.68 69.92 -44.54
C VAL B 217 -23.59 68.96 -43.33
N GLU B 218 -24.52 69.12 -42.40
CA GLU B 218 -24.62 68.26 -41.24
C GLU B 218 -24.77 66.78 -41.62
N ASP B 219 -25.77 66.46 -42.43
CA ASP B 219 -25.96 65.09 -42.91
C ASP B 219 -24.70 64.57 -43.55
N MET B 220 -24.15 65.36 -44.47
CA MET B 220 -22.92 64.93 -45.15
C MET B 220 -21.79 64.68 -44.18
N GLU B 221 -21.61 65.58 -43.22
CA GLU B 221 -20.43 65.52 -42.39
C GLU B 221 -20.55 64.36 -41.40
N ASN B 222 -21.75 64.16 -40.87
CA ASN B 222 -21.98 63.02 -40.00
C ASN B 222 -21.67 61.70 -40.72
N LYS B 223 -22.16 61.58 -41.96
CA LYS B 223 -21.84 60.43 -42.81
C LYS B 223 -20.31 60.22 -43.01
N ILE B 224 -19.63 61.27 -43.43
CA ILE B 224 -18.19 61.18 -43.67
C ILE B 224 -17.41 60.85 -42.39
N ARG B 225 -17.84 61.42 -41.25
CA ARG B 225 -17.17 61.10 -40.01
C ARG B 225 -17.16 59.57 -39.79
N SER B 226 -18.32 58.96 -40.03
CA SER B 226 -18.49 57.52 -39.85
C SER B 226 -17.63 56.77 -40.85
N THR B 227 -17.58 57.28 -42.08
CA THR B 227 -16.80 56.63 -43.14
C THR B 227 -15.27 56.72 -42.89
N LEU B 228 -14.83 57.87 -42.39
CA LEU B 228 -13.43 58.04 -41.99
C LEU B 228 -13.06 57.02 -40.92
N ASN B 229 -13.94 56.85 -39.94
CA ASN B 229 -13.73 55.87 -38.90
C ASN B 229 -13.52 54.49 -39.50
N GLU B 230 -14.39 54.12 -40.43
CA GLU B 230 -14.31 52.81 -41.07
C GLU B 230 -13.06 52.65 -41.93
N ILE B 231 -12.71 53.68 -42.69
CA ILE B 231 -11.59 53.59 -43.62
C ILE B 231 -10.24 53.68 -42.91
N TYR B 232 -10.11 54.63 -42.00
CA TYR B 232 -8.82 54.84 -41.34
C TYR B 232 -8.53 53.73 -40.37
N PHE B 233 -9.51 53.39 -39.55
CA PHE B 233 -9.25 52.48 -38.43
C PHE B 233 -9.74 51.07 -38.68
N GLY B 234 -10.56 50.90 -39.72
CA GLY B 234 -11.00 49.58 -40.14
C GLY B 234 -10.23 49.08 -41.35
N LYS B 235 -10.45 49.72 -42.50
CA LYS B 235 -9.87 49.28 -43.76
C LYS B 235 -8.31 49.31 -43.85
N THR B 236 -7.67 50.45 -43.56
CA THR B 236 -6.20 50.49 -43.66
C THR B 236 -5.55 49.56 -42.66
N LYS B 237 -6.11 49.44 -41.45
CA LYS B 237 -5.61 48.49 -40.45
C LYS B 237 -5.74 47.05 -40.92
N ASP B 238 -6.88 46.69 -41.52
CA ASP B 238 -7.06 45.35 -42.06
C ASP B 238 -5.99 45.06 -43.14
N ILE B 239 -5.67 46.07 -43.93
CA ILE B 239 -4.66 45.92 -44.96
C ILE B 239 -3.30 45.64 -44.33
N VAL B 240 -2.94 46.42 -43.32
CA VAL B 240 -1.70 46.20 -42.57
C VAL B 240 -1.63 44.78 -42.00
N ASN B 241 -2.70 44.37 -41.33
CA ASN B 241 -2.75 43.05 -40.73
C ASN B 241 -2.56 41.90 -41.71
N GLY B 242 -2.86 42.14 -42.98
CA GLY B 242 -2.70 41.11 -43.99
C GLY B 242 -1.42 41.21 -44.79
N LEU B 243 -0.61 42.19 -44.45
CA LEU B 243 0.64 42.37 -45.12
C LEU B 243 1.57 41.19 -45.02
N ARG B 244 1.88 40.72 -43.82
CA ARG B 244 1.28 41.11 -42.56
C ARG B 244 2.16 41.94 -41.68
N VAL C 1 14.04 51.49 -75.81
CA VAL C 1 12.98 51.35 -74.83
C VAL C 1 11.70 52.08 -75.28
N ASN C 2 10.56 51.45 -75.05
CA ASN C 2 9.27 52.01 -75.48
C ASN C 2 8.41 52.42 -74.29
N PHE C 3 7.76 53.57 -74.39
CA PHE C 3 6.93 54.07 -73.30
C PHE C 3 5.46 53.66 -73.45
N ASP C 4 4.99 53.54 -74.69
CA ASP C 4 3.61 53.10 -74.96
C ASP C 4 3.47 51.67 -74.43
N ASP C 5 4.62 51.09 -74.15
CA ASP C 5 4.73 49.79 -73.52
C ASP C 5 4.05 49.79 -72.15
N ILE C 6 4.35 50.81 -71.36
CA ILE C 6 3.83 50.93 -70.01
C ILE C 6 2.38 51.37 -69.98
N ALA C 7 1.49 50.44 -69.64
CA ALA C 7 0.09 50.74 -69.53
C ALA C 7 -0.36 50.35 -68.12
N SER C 8 -1.33 51.07 -67.54
CA SER C 8 -1.94 52.27 -68.11
C SER C 8 -2.93 52.81 -67.10
N SER C 9 -2.74 54.07 -66.73
CA SER C 9 -3.68 54.73 -65.84
C SER C 9 -4.97 55.07 -66.57
N GLU C 10 -5.99 54.23 -66.42
CA GLU C 10 -7.33 54.69 -66.76
C GLU C 10 -7.76 55.50 -65.56
N ASN C 11 -7.83 56.82 -65.73
CA ASN C 11 -7.94 57.72 -64.59
C ASN C 11 -9.13 57.46 -63.68
N LEU C 12 -8.93 57.76 -62.39
CA LEU C 12 -10.00 57.71 -61.42
C LEU C 12 -10.96 58.84 -61.70
N LEU C 13 -12.16 58.76 -61.12
CA LEU C 13 -13.13 59.84 -61.26
C LEU C 13 -12.82 60.94 -60.25
N HIS C 14 -12.94 62.21 -60.67
CA HIS C 14 -12.54 63.34 -59.85
C HIS C 14 -13.70 64.23 -59.43
N LEU C 15 -14.14 64.06 -58.18
CA LEU C 15 -15.32 64.78 -57.72
C LEU C 15 -15.10 66.28 -57.59
N THR C 16 -13.86 66.69 -57.36
CA THR C 16 -13.60 68.10 -57.16
C THR C 16 -13.58 68.87 -58.49
N ALA C 17 -13.48 68.15 -59.60
CA ALA C 17 -13.38 68.80 -60.90
C ALA C 17 -14.62 69.64 -61.28
N ASN C 18 -15.79 69.27 -60.75
CA ASN C 18 -17.04 69.89 -61.17
C ASN C 18 -17.69 70.86 -60.19
N ARG C 19 -17.00 71.21 -59.12
CA ARG C 19 -17.53 72.17 -58.15
C ARG C 19 -17.65 73.55 -58.77
N PRO C 20 -18.58 74.38 -58.25
CA PRO C 20 -18.77 75.74 -58.77
C PRO C 20 -17.45 76.49 -58.78
N LYS C 21 -17.16 77.17 -59.88
CA LYS C 21 -15.93 77.92 -59.99
C LYS C 21 -16.21 79.40 -59.77
N MET C 22 -15.23 80.08 -59.20
CA MET C 22 -15.32 81.52 -59.05
C MET C 22 -14.29 82.11 -60.00
N PRO C 23 -14.72 82.39 -61.23
CA PRO C 23 -13.82 82.86 -62.30
C PRO C 23 -13.32 84.27 -62.04
N GLY C 24 -12.25 84.64 -62.74
CA GLY C 24 -11.81 86.02 -62.76
C GLY C 24 -11.23 86.48 -61.44
N ARG C 25 -10.20 85.78 -60.98
CA ARG C 25 -9.45 86.23 -59.83
C ARG C 25 -7.97 86.23 -60.18
N ARG C 26 -7.23 87.19 -59.64
CA ARG C 26 -5.81 87.28 -59.92
C ARG C 26 -5.12 86.09 -59.32
N LEU C 27 -4.16 85.54 -60.06
CA LEU C 27 -3.33 84.45 -59.55
C LEU C 27 -2.37 85.01 -58.52
N PRO C 28 -1.78 84.13 -57.68
CA PRO C 28 -0.65 84.60 -56.87
C PRO C 28 0.56 84.87 -57.77
N GLY C 29 1.50 85.68 -57.33
CA GLY C 29 2.72 85.91 -58.11
C GLY C 29 3.59 84.66 -58.17
N VAL D 8 54.03 50.86 -27.62
CA VAL D 8 54.61 49.57 -27.24
C VAL D 8 55.30 48.92 -28.44
N SER D 9 56.52 48.46 -28.21
CA SER D 9 57.34 47.91 -29.29
C SER D 9 57.03 46.45 -29.55
N ASP D 10 57.43 45.98 -30.72
CA ASP D 10 57.22 44.60 -31.08
C ASP D 10 57.97 43.69 -30.10
N GLU D 11 59.13 44.14 -29.66
CA GLU D 11 59.92 43.35 -28.72
C GLU D 11 59.23 43.22 -27.37
N GLU D 12 58.67 44.33 -26.89
CA GLU D 12 57.88 44.29 -25.66
C GLU D 12 56.57 43.49 -25.85
N LYS D 13 55.96 43.57 -27.03
CA LYS D 13 54.73 42.82 -27.29
C LYS D 13 55.02 41.31 -27.21
N VAL D 14 56.10 40.89 -27.84
CA VAL D 14 56.39 39.46 -27.87
C VAL D 14 56.90 38.95 -26.51
N ARG D 15 57.54 39.81 -25.72
CA ARG D 15 57.90 39.43 -24.36
C ARG D 15 56.63 39.15 -23.55
N ILE D 16 55.66 40.03 -23.67
CA ILE D 16 54.36 39.84 -23.02
C ILE D 16 53.68 38.57 -23.54
N ALA D 17 53.75 38.33 -24.84
CA ALA D 17 53.16 37.13 -25.42
C ALA D 17 53.81 35.86 -24.83
N ALA D 18 55.14 35.85 -24.78
CA ALA D 18 55.87 34.73 -24.16
C ALA D 18 55.50 34.52 -22.68
N LYS D 19 55.43 35.62 -21.94
CA LYS D 19 55.01 35.54 -20.54
C LYS D 19 53.62 34.90 -20.35
N PHE D 20 52.64 35.36 -21.11
CA PHE D 20 51.30 34.82 -21.09
C PHE D 20 51.36 33.32 -21.37
N ILE D 21 52.05 32.95 -22.45
CA ILE D 21 52.13 31.55 -22.83
C ILE D 21 52.68 30.73 -21.69
N THR D 22 53.68 31.26 -21.01
CA THR D 22 54.27 30.48 -19.94
C THR D 22 53.39 30.47 -18.71
N HIS D 23 52.36 31.31 -18.69
CA HIS D 23 51.49 31.33 -17.52
C HIS D 23 50.16 30.62 -17.72
N ALA D 24 50.06 29.86 -18.80
CA ALA D 24 48.88 29.03 -19.06
C ALA D 24 48.67 28.08 -17.90
N PRO D 25 47.42 27.97 -17.40
CA PRO D 25 47.08 26.99 -16.36
C PRO D 25 47.21 25.58 -16.92
N PRO D 26 47.18 24.57 -16.03
CA PRO D 26 47.41 23.18 -16.48
C PRO D 26 46.29 22.70 -17.39
N GLY D 27 46.66 22.01 -18.47
CA GLY D 27 45.68 21.50 -19.40
C GLY D 27 45.14 22.54 -20.38
N GLU D 28 45.56 23.80 -20.28
CA GLU D 28 45.01 24.83 -21.15
C GLU D 28 46.06 25.53 -22.02
N PHE D 29 47.17 24.87 -22.24
CA PHE D 29 48.23 25.49 -23.02
C PHE D 29 47.76 25.90 -24.41
N ASN D 30 47.01 25.03 -25.08
CA ASN D 30 46.59 25.33 -26.45
C ASN D 30 45.66 26.54 -26.54
N GLU D 31 44.73 26.64 -25.59
CA GLU D 31 43.80 27.75 -25.59
C GLU D 31 44.55 29.06 -25.41
N VAL D 32 45.48 29.07 -24.47
CA VAL D 32 46.23 30.28 -24.17
C VAL D 32 47.17 30.62 -25.34
N PHE D 33 47.87 29.61 -25.84
CA PHE D 33 48.69 29.84 -27.01
C PHE D 33 47.89 30.48 -28.17
N ASN D 34 46.72 29.94 -28.48
CA ASN D 34 45.94 30.45 -29.61
C ASN D 34 45.48 31.87 -29.39
N ASP D 35 45.03 32.17 -28.17
CA ASP D 35 44.65 33.54 -27.84
C ASP D 35 45.80 34.51 -28.14
N VAL D 36 46.97 34.20 -27.57
CA VAL D 36 48.12 35.05 -27.71
C VAL D 36 48.54 35.15 -29.17
N ARG D 37 48.50 34.03 -29.87
CA ARG D 37 48.88 34.06 -31.29
C ARG D 37 48.00 35.02 -32.10
N LEU D 38 46.69 35.02 -31.85
CA LEU D 38 45.76 35.92 -32.55
C LEU D 38 45.91 37.37 -32.11
N LEU D 39 46.21 37.59 -30.83
CA LEU D 39 46.40 38.94 -30.31
C LEU D 39 47.67 39.58 -30.89
N LEU D 40 48.75 38.80 -30.96
CA LEU D 40 50.03 39.31 -31.47
C LEU D 40 49.93 39.54 -32.97
N ASN D 41 49.19 38.67 -33.64
CA ASN D 41 48.96 38.75 -35.07
C ASN D 41 50.23 38.92 -35.87
N ASN D 42 51.24 38.13 -35.55
CA ASN D 42 52.53 38.21 -36.21
C ASN D 42 53.30 36.93 -35.95
N ASP D 43 53.03 35.93 -36.78
CA ASP D 43 53.63 34.62 -36.59
C ASP D 43 55.15 34.65 -36.58
N ASN D 44 55.75 35.47 -37.44
CA ASN D 44 57.20 35.57 -37.48
C ASN D 44 57.77 36.08 -36.17
N LEU D 45 57.17 37.16 -35.65
CA LEU D 45 57.58 37.73 -34.37
C LEU D 45 57.41 36.69 -33.26
N LEU D 46 56.28 35.99 -33.26
CA LEU D 46 56.02 34.96 -32.25
C LEU D 46 57.06 33.85 -32.30
N ARG D 47 57.33 33.36 -33.50
CA ARG D 47 58.29 32.28 -33.68
C ARG D 47 59.67 32.65 -33.14
N GLU D 48 60.12 33.85 -33.47
CA GLU D 48 61.48 34.26 -33.15
C GLU D 48 61.65 34.78 -31.71
N GLY D 49 60.56 35.25 -31.11
CA GLY D 49 60.65 35.88 -29.80
C GLY D 49 60.00 35.11 -28.68
N ALA D 50 59.31 34.02 -29.01
CA ALA D 50 58.62 33.25 -28.00
C ALA D 50 58.88 31.77 -28.19
N ALA D 51 59.88 31.45 -29.00
CA ALA D 51 60.26 30.08 -29.27
C ALA D 51 60.55 29.33 -27.97
N HIS D 52 61.29 29.98 -27.08
CA HIS D 52 61.69 29.37 -25.81
C HIS D 52 60.50 29.00 -24.95
N ALA D 53 59.39 29.71 -25.14
CA ALA D 53 58.24 29.62 -24.24
C ALA D 53 57.60 28.24 -24.19
N PHE D 54 57.67 27.49 -25.29
CA PHE D 54 57.01 26.19 -25.34
C PHE D 54 57.78 25.20 -24.49
N ALA D 55 59.09 25.14 -24.69
CA ALA D 55 59.95 24.29 -23.87
C ALA D 55 59.85 24.68 -22.40
N GLN D 56 59.95 25.97 -22.13
CA GLN D 56 59.94 26.44 -20.76
C GLN D 56 58.69 25.96 -20.04
N TYR D 57 57.55 26.10 -20.69
CA TYR D 57 56.30 25.69 -20.08
C TYR D 57 56.29 24.20 -19.75
N ASN D 58 56.64 23.38 -20.75
CA ASN D 58 56.62 21.93 -20.59
C ASN D 58 57.51 21.44 -19.45
N MET D 59 58.73 21.96 -19.39
CA MET D 59 59.66 21.55 -18.34
C MET D 59 59.19 22.10 -17.00
N ASP D 60 58.55 23.26 -17.03
CA ASP D 60 58.06 23.88 -15.80
C ASP D 60 56.90 23.07 -15.23
N GLN D 61 56.16 22.42 -16.11
CA GLN D 61 54.93 21.73 -15.73
C GLN D 61 55.15 20.23 -15.53
N PHE D 62 56.38 19.78 -15.72
CA PHE D 62 56.68 18.34 -15.64
C PHE D 62 55.70 17.56 -16.52
N THR D 63 55.55 18.00 -17.76
CA THR D 63 54.65 17.36 -18.70
C THR D 63 54.98 15.89 -18.87
N PRO D 64 54.03 14.99 -18.54
CA PRO D 64 54.36 13.58 -18.75
C PRO D 64 54.11 13.22 -20.19
N VAL D 65 55.00 12.40 -20.77
CA VAL D 65 54.84 12.01 -22.15
C VAL D 65 54.95 10.48 -22.31
N LYS D 66 54.16 9.93 -23.22
CA LYS D 66 54.19 8.52 -23.49
C LYS D 66 55.15 8.22 -24.64
N ILE D 67 56.04 7.25 -24.42
CA ILE D 67 56.94 6.82 -25.48
C ILE D 67 56.49 5.45 -26.01
N GLU D 68 56.38 5.34 -27.33
CA GLU D 68 55.94 4.09 -27.93
C GLU D 68 56.91 2.97 -27.59
N GLY D 69 56.37 1.88 -27.03
CA GLY D 69 57.18 0.72 -26.74
C GLY D 69 57.67 0.64 -25.31
N TYR D 70 57.42 1.69 -24.53
CA TYR D 70 57.78 1.67 -23.13
C TYR D 70 56.56 1.98 -22.26
N ASP D 71 56.26 1.08 -21.32
CA ASP D 71 55.15 1.30 -20.41
C ASP D 71 55.47 2.41 -19.43
N ASP D 72 54.44 2.96 -18.81
CA ASP D 72 54.60 4.11 -17.93
C ASP D 72 55.26 5.24 -18.72
N GLN D 73 55.13 6.46 -18.21
CA GLN D 73 55.58 7.62 -18.96
C GLN D 73 56.77 8.28 -18.25
N VAL D 74 57.27 9.35 -18.85
CA VAL D 74 58.44 10.05 -18.33
C VAL D 74 58.13 11.54 -18.27
N LEU D 75 58.72 12.23 -17.30
CA LEU D 75 58.46 13.67 -17.16
C LEU D 75 59.44 14.50 -17.97
N ILE D 76 58.90 15.50 -18.69
CA ILE D 76 59.75 16.50 -19.32
C ILE D 76 60.17 17.52 -18.27
N THR D 77 61.45 17.56 -17.94
CA THR D 77 61.95 18.51 -16.94
C THR D 77 63.30 19.03 -17.37
N GLU D 78 63.75 20.07 -16.70
CA GLU D 78 65.03 20.68 -17.02
C GLU D 78 66.16 19.66 -16.83
N HIS D 79 65.93 18.73 -15.93
CA HIS D 79 66.94 17.77 -15.55
C HIS D 79 67.16 16.71 -16.63
N GLY D 80 66.19 16.61 -17.55
CA GLY D 80 66.28 15.63 -18.61
C GLY D 80 66.62 16.25 -19.95
N ASP D 81 66.76 17.57 -19.96
CA ASP D 81 67.01 18.30 -21.18
C ASP D 81 68.39 17.96 -21.72
N LEU D 82 68.43 17.28 -22.86
CA LEU D 82 69.69 16.88 -23.46
C LEU D 82 70.09 17.83 -24.60
N GLY D 83 69.31 18.90 -24.76
CA GLY D 83 69.53 19.84 -25.85
C GLY D 83 69.19 19.21 -27.18
N ASN D 84 69.24 19.99 -28.24
CA ASN D 84 68.94 19.50 -29.58
C ASN D 84 67.54 18.92 -29.67
N GLY D 85 66.69 19.27 -28.71
CA GLY D 85 65.29 18.85 -28.71
C GLY D 85 65.07 17.44 -28.21
N ARG D 86 66.09 16.87 -27.58
CA ARG D 86 65.99 15.52 -27.04
C ARG D 86 66.00 15.54 -25.51
N PHE D 87 65.28 14.59 -24.91
CA PHE D 87 65.21 14.49 -23.46
C PHE D 87 65.60 13.08 -23.01
N LEU D 88 66.05 12.99 -21.77
CA LEU D 88 66.54 11.77 -21.18
C LEU D 88 65.45 11.07 -20.37
N ASP D 89 65.28 9.78 -20.61
CA ASP D 89 64.48 8.94 -19.74
C ASP D 89 65.42 8.04 -18.94
N PRO D 90 65.71 8.43 -17.68
CA PRO D 90 66.73 7.73 -16.90
C PRO D 90 66.28 6.33 -16.49
N ARG D 91 64.98 6.09 -16.45
CA ARG D 91 64.48 4.78 -16.04
C ARG D 91 64.64 3.76 -17.15
N ASN D 92 64.30 4.14 -18.38
CA ASN D 92 64.37 3.22 -19.51
C ASN D 92 65.70 3.31 -20.22
N LYS D 93 66.58 4.15 -19.71
CA LYS D 93 67.93 4.31 -20.26
C LYS D 93 67.90 4.65 -21.73
N ILE D 94 67.16 5.70 -22.05
CA ILE D 94 66.89 6.07 -23.43
C ILE D 94 66.91 7.60 -23.55
N SER D 95 67.14 8.10 -24.76
CA SER D 95 66.85 9.49 -25.06
C SER D 95 65.76 9.49 -26.11
N PHE D 96 65.06 10.60 -26.23
CA PHE D 96 64.00 10.69 -27.22
C PHE D 96 63.85 12.11 -27.71
N LYS D 97 63.33 12.25 -28.92
CA LYS D 97 63.02 13.56 -29.47
C LYS D 97 61.69 14.01 -28.89
N PHE D 98 61.59 15.28 -28.56
CA PHE D 98 60.33 15.82 -28.03
C PHE D 98 59.94 17.09 -28.73
N ASP D 99 58.72 17.09 -29.27
CA ASP D 99 58.13 18.26 -29.91
C ASP D 99 57.29 19.00 -28.87
N HIS D 100 57.74 20.18 -28.47
CA HIS D 100 57.08 20.93 -27.42
C HIS D 100 55.67 21.41 -27.76
N LEU D 101 55.44 21.65 -29.04
CA LEU D 101 54.16 22.17 -29.49
C LEU D 101 53.13 21.04 -29.52
N ARG D 102 53.48 19.97 -30.22
CA ARG D 102 52.60 18.82 -30.38
C ARG D 102 52.63 17.89 -29.16
N LYS D 103 53.55 18.16 -28.24
CA LYS D 103 53.73 17.33 -27.03
C LYS D 103 53.82 15.84 -27.36
N GLU D 104 54.72 15.48 -28.26
CA GLU D 104 54.90 14.10 -28.66
C GLU D 104 56.36 13.67 -28.63
N ALA D 105 56.61 12.48 -28.09
CA ALA D 105 57.94 11.90 -28.11
C ALA D 105 58.11 11.07 -29.38
N SER D 106 59.34 10.98 -29.85
CA SER D 106 59.65 10.15 -31.01
C SER D 106 61.12 9.79 -31.03
N ASP D 107 61.44 8.75 -31.81
CA ASP D 107 62.83 8.37 -32.04
C ASP D 107 63.59 7.97 -30.77
N PRO D 108 63.03 7.01 -30.00
CA PRO D 108 63.74 6.54 -28.81
C PRO D 108 65.06 5.91 -29.21
N GLN D 109 66.13 6.21 -28.48
CA GLN D 109 67.41 5.58 -28.74
C GLN D 109 68.11 5.24 -27.44
N PRO D 110 68.70 4.04 -27.37
CA PRO D 110 69.50 3.67 -26.20
C PRO D 110 70.47 4.79 -25.87
N GLU D 111 70.54 5.17 -24.61
CA GLU D 111 71.45 6.23 -24.18
C GLU D 111 72.31 5.74 -23.03
N ASP D 112 73.61 5.94 -23.15
CA ASP D 112 74.53 5.54 -22.10
C ASP D 112 74.29 6.35 -20.83
N THR D 113 73.80 5.67 -19.80
CA THR D 113 73.37 6.32 -18.56
C THR D 113 74.33 6.01 -17.41
N GLU D 114 75.31 5.15 -17.68
CA GLU D 114 76.25 4.72 -16.66
C GLU D 114 76.76 5.88 -15.81
N SER D 115 77.05 5.56 -14.56
CA SER D 115 77.37 6.56 -13.56
C SER D 115 77.68 5.85 -12.26
N ALA D 116 78.32 6.54 -11.32
CA ALA D 116 78.57 6.00 -10.00
C ALA D 116 77.35 6.22 -9.12
N LEU D 117 76.35 6.89 -9.70
CA LEU D 117 75.09 7.14 -9.02
C LEU D 117 74.08 6.09 -9.45
N LYS D 118 74.38 5.45 -10.56
CA LYS D 118 73.48 4.50 -11.24
C LYS D 118 72.59 3.69 -10.32
N GLN D 119 73.21 2.95 -9.39
CA GLN D 119 72.48 2.02 -8.53
C GLN D 119 71.58 2.70 -7.50
N TRP D 120 71.97 3.90 -7.08
CA TRP D 120 71.15 4.68 -6.16
C TRP D 120 69.90 5.24 -6.85
N ARG D 121 70.11 5.85 -8.01
CA ARG D 121 69.03 6.37 -8.83
C ARG D 121 68.00 5.27 -9.02
N ASP D 122 68.48 4.07 -9.32
CA ASP D 122 67.63 2.91 -9.58
C ASP D 122 66.85 2.45 -8.35
N ALA D 123 67.51 2.39 -7.21
CA ALA D 123 66.84 2.02 -5.96
C ALA D 123 65.78 3.08 -5.58
N CYS D 124 66.16 4.35 -5.70
CA CYS D 124 65.22 5.42 -5.39
C CYS D 124 64.04 5.41 -6.34
N ASP D 125 64.32 5.17 -7.60
CA ASP D 125 63.31 5.19 -8.65
C ASP D 125 62.28 4.10 -8.44
N SER D 126 62.73 2.88 -8.14
CA SER D 126 61.79 1.78 -7.93
C SER D 126 60.94 2.00 -6.67
N ALA D 127 61.54 2.54 -5.61
CA ALA D 127 60.81 2.89 -4.40
C ALA D 127 59.81 4.03 -4.66
N LEU D 128 60.25 5.07 -5.36
CA LEU D 128 59.38 6.21 -5.61
C LEU D 128 58.21 5.79 -6.51
N ARG D 129 58.49 4.95 -7.49
CA ARG D 129 57.45 4.51 -8.42
C ARG D 129 56.34 3.83 -7.63
N ALA D 130 56.69 2.97 -6.69
CA ALA D 130 55.68 2.34 -5.85
C ALA D 130 54.96 3.37 -4.97
N TYR D 131 55.71 4.30 -4.38
CA TYR D 131 55.10 5.39 -3.62
C TYR D 131 54.10 6.17 -4.47
N VAL D 132 54.46 6.46 -5.71
CA VAL D 132 53.57 7.24 -6.58
C VAL D 132 52.32 6.46 -7.00
N LYS D 133 52.46 5.17 -7.31
CA LYS D 133 51.29 4.35 -7.63
C LYS D 133 50.30 4.31 -6.46
N ASP D 134 50.82 4.31 -5.23
CA ASP D 134 49.97 4.22 -4.04
C ASP D 134 49.33 5.52 -3.67
N HIS D 135 50.06 6.62 -3.85
CA HIS D 135 49.63 7.92 -3.32
C HIS D 135 48.93 8.86 -4.29
N TYR D 136 49.05 8.57 -5.59
CA TYR D 136 48.42 9.38 -6.63
C TYR D 136 47.59 8.52 -7.57
N PRO D 137 46.41 9.02 -7.94
CA PRO D 137 45.56 8.32 -8.89
C PRO D 137 46.20 8.27 -10.28
N ASN D 138 46.81 9.38 -10.70
CA ASN D 138 47.37 9.49 -12.05
C ASN D 138 48.82 9.95 -12.00
N GLY D 139 49.58 9.49 -11.01
CA GLY D 139 50.93 9.99 -10.81
C GLY D 139 51.93 9.45 -11.82
N PHE D 140 52.99 10.22 -12.06
CA PHE D 140 54.14 9.75 -12.82
C PHE D 140 55.36 10.33 -12.13
N CYS D 141 56.47 9.60 -12.15
CA CYS D 141 57.69 10.10 -11.54
C CYS D 141 58.91 9.79 -12.38
N THR D 142 59.91 10.66 -12.27
CA THR D 142 61.17 10.50 -12.98
C THR D 142 62.26 10.89 -12.00
N VAL D 143 63.24 10.01 -11.83
CA VAL D 143 64.33 10.25 -10.90
C VAL D 143 65.65 10.33 -11.65
N TYR D 144 66.38 11.42 -11.42
CA TYR D 144 67.63 11.67 -12.11
C TYR D 144 68.76 11.50 -11.13
N GLY D 145 69.90 11.04 -11.63
CA GLY D 145 71.09 10.89 -10.80
C GLY D 145 72.23 11.61 -11.49
N LYS D 146 72.69 12.69 -10.89
CA LYS D 146 73.75 13.47 -11.50
C LYS D 146 74.64 14.16 -10.47
N SER D 147 75.81 14.60 -10.91
CA SER D 147 76.75 15.29 -10.06
C SER D 147 76.68 16.79 -10.32
N ILE D 148 76.24 17.55 -9.34
CA ILE D 148 76.24 19.01 -9.46
C ILE D 148 77.20 19.61 -8.43
N ASP D 149 78.14 20.42 -8.93
CA ASP D 149 79.19 20.99 -8.09
C ASP D 149 79.98 19.88 -7.41
N GLY D 150 80.14 18.75 -8.10
CA GLY D 150 80.85 17.61 -7.56
C GLY D 150 80.02 16.79 -6.60
N GLN D 151 78.98 17.42 -6.05
CA GLN D 151 78.09 16.77 -5.09
C GLN D 151 77.16 15.77 -5.79
N GLN D 152 77.08 14.56 -5.26
CA GLN D 152 76.17 13.55 -5.79
C GLN D 152 74.75 13.85 -5.36
N THR D 153 73.85 14.04 -6.34
CA THR D 153 72.47 14.43 -6.08
C THR D 153 71.45 13.53 -6.77
N ILE D 154 70.44 13.11 -6.01
CA ILE D 154 69.28 12.43 -6.57
C ILE D 154 68.16 13.47 -6.69
N ILE D 155 67.56 13.54 -7.87
CA ILE D 155 66.48 14.50 -8.08
C ILE D 155 65.23 13.73 -8.43
N ALA D 156 64.26 13.76 -7.53
CA ALA D 156 63.01 13.05 -7.70
C ALA D 156 61.89 14.00 -8.09
N CYS D 157 61.27 13.73 -9.23
CA CYS D 157 60.20 14.58 -9.74
C CYS D 157 58.91 13.80 -9.84
N ILE D 158 57.84 14.39 -9.31
CA ILE D 158 56.53 13.76 -9.35
C ILE D 158 55.51 14.71 -9.98
N GLU D 159 54.68 14.17 -10.87
CA GLU D 159 53.59 14.94 -11.48
C GLU D 159 52.30 14.15 -11.36
N SER D 160 51.19 14.86 -11.16
CA SER D 160 49.88 14.25 -11.27
C SER D 160 48.88 15.31 -11.69
N HIS D 161 48.02 14.99 -12.64
CA HIS D 161 47.03 15.96 -13.06
C HIS D 161 45.71 15.31 -13.38
N GLN D 162 44.68 16.14 -13.47
CA GLN D 162 43.35 15.71 -13.86
C GLN D 162 42.80 16.85 -14.72
N PHE D 163 42.64 16.60 -16.01
CA PHE D 163 42.10 17.60 -16.93
C PHE D 163 40.66 17.26 -17.25
N GLN D 164 39.75 18.19 -17.00
CA GLN D 164 38.36 18.02 -17.43
C GLN D 164 37.79 19.30 -18.01
N PRO D 165 38.30 19.69 -19.18
CA PRO D 165 37.92 20.95 -19.84
C PRO D 165 36.41 21.03 -20.08
N LYS D 166 35.76 19.88 -20.32
CA LYS D 166 34.33 19.83 -20.51
C LYS D 166 33.54 20.20 -19.26
N ASN D 167 34.14 20.02 -18.08
CA ASN D 167 33.49 20.49 -16.86
C ASN D 167 34.13 21.78 -16.38
N PHE D 168 34.93 22.39 -17.25
CA PHE D 168 35.59 23.66 -16.99
C PHE D 168 36.51 23.65 -15.76
N TRP D 169 37.30 22.60 -15.63
CA TRP D 169 38.35 22.63 -14.61
C TRP D 169 39.51 21.69 -14.95
N ASN D 170 40.67 22.06 -14.42
CA ASN D 170 41.91 21.31 -14.53
C ASN D 170 42.66 21.50 -13.24
N GLY D 171 43.50 20.52 -12.90
CA GLY D 171 44.34 20.59 -11.72
C GLY D 171 45.61 19.81 -11.95
N ARG D 172 46.66 20.21 -11.26
CA ARG D 172 47.94 19.54 -11.37
C ARG D 172 48.73 19.67 -10.08
N TRP D 173 49.34 18.56 -9.67
CA TRP D 173 50.32 18.55 -8.57
C TRP D 173 51.69 18.35 -9.19
N ARG D 174 52.68 19.01 -8.64
CA ARG D 174 54.07 18.78 -9.00
C ARG D 174 54.88 18.79 -7.72
N SER D 175 55.81 17.85 -7.58
CA SER D 175 56.77 17.92 -6.48
C SER D 175 58.15 17.61 -7.00
N GLU D 176 59.13 18.32 -6.48
CA GLU D 176 60.52 18.10 -6.85
C GLU D 176 61.37 18.00 -5.59
N TRP D 177 62.04 16.87 -5.42
CA TRP D 177 62.82 16.60 -4.21
C TRP D 177 64.28 16.42 -4.59
N LYS D 178 65.17 17.13 -3.91
CA LYS D 178 66.61 17.03 -4.16
C LYS D 178 67.35 16.50 -2.94
N PHE D 179 67.99 15.36 -3.12
CA PHE D 179 68.80 14.76 -2.07
C PHE D 179 70.28 14.91 -2.44
N THR D 180 71.00 15.70 -1.62
CA THR D 180 72.41 15.93 -1.86
C THR D 180 73.21 15.04 -0.91
N ILE D 181 73.79 13.99 -1.46
CA ILE D 181 74.39 12.92 -0.65
C ILE D 181 75.76 13.29 -0.09
N THR D 182 75.85 13.27 1.24
CA THR D 182 77.11 13.50 1.95
C THR D 182 77.19 12.64 3.21
N PRO D 183 77.49 11.33 3.06
CA PRO D 183 77.50 10.38 4.18
C PRO D 183 78.17 10.97 5.43
N PRO D 184 77.58 10.74 6.61
CA PRO D 184 76.44 9.83 6.83
C PRO D 184 75.10 10.55 6.69
N THR D 185 75.08 11.75 6.11
CA THR D 185 73.87 12.57 6.05
C THR D 185 73.57 13.10 4.66
N ALA D 186 72.32 13.00 4.22
CA ALA D 186 71.88 13.62 2.97
C ALA D 186 71.11 14.91 3.22
N GLN D 187 71.41 15.95 2.43
CA GLN D 187 70.68 17.21 2.51
C GLN D 187 69.43 17.14 1.65
N VAL D 188 68.30 17.53 2.22
CA VAL D 188 67.02 17.41 1.53
C VAL D 188 66.42 18.78 1.25
N ALA D 189 66.18 19.06 -0.03
CA ALA D 189 65.45 20.26 -0.42
C ALA D 189 64.29 19.86 -1.34
N ALA D 190 63.14 20.51 -1.17
CA ALA D 190 61.98 20.19 -2.00
C ALA D 190 61.06 21.37 -2.20
N VAL D 191 60.34 21.33 -3.30
CA VAL D 191 59.30 22.31 -3.56
C VAL D 191 58.04 21.51 -3.94
N LEU D 192 56.95 21.71 -3.21
CA LEU D 192 55.69 21.08 -3.56
C LEU D 192 54.77 22.13 -4.16
N LYS D 193 54.05 21.78 -5.23
CA LYS D 193 53.20 22.77 -5.91
C LYS D 193 51.84 22.21 -6.28
N ILE D 194 50.79 23.01 -6.09
CA ILE D 194 49.47 22.66 -6.55
C ILE D 194 48.84 23.84 -7.28
N GLN D 195 48.13 23.56 -8.37
CA GLN D 195 47.37 24.56 -9.05
C GLN D 195 46.06 23.96 -9.49
N VAL D 196 44.96 24.65 -9.17
CA VAL D 196 43.66 24.23 -9.66
C VAL D 196 42.96 25.40 -10.31
N HIS D 197 42.29 25.14 -11.41
CA HIS D 197 41.60 26.19 -12.14
C HIS D 197 40.16 25.75 -12.41
N TYR D 198 39.21 26.57 -11.95
CA TYR D 198 37.79 26.35 -12.27
C TYR D 198 37.25 27.56 -13.05
N TYR D 199 36.57 27.31 -14.16
CA TYR D 199 36.19 28.41 -15.05
C TYR D 199 34.83 28.34 -15.70
N GLU D 200 33.87 27.69 -15.07
CA GLU D 200 32.51 27.80 -15.55
C GLU D 200 31.93 29.17 -15.20
N ASP D 201 31.77 30.03 -16.21
CA ASP D 201 31.28 31.37 -15.97
C ASP D 201 32.09 32.09 -14.91
N GLY D 202 33.41 31.94 -14.99
CA GLY D 202 34.31 32.67 -14.11
C GLY D 202 35.72 32.18 -14.27
N ASN D 203 36.57 32.59 -13.33
CA ASN D 203 37.97 32.17 -13.33
C ASN D 203 38.44 32.16 -11.89
N VAL D 204 38.50 30.97 -11.31
CA VAL D 204 38.88 30.83 -9.90
C VAL D 204 40.06 29.90 -9.86
N GLN D 205 41.13 30.30 -9.19
CA GLN D 205 42.31 29.44 -9.12
C GLN D 205 42.88 29.27 -7.69
N LEU D 206 43.22 28.03 -7.36
CA LEU D 206 44.06 27.74 -6.20
C LEU D 206 45.50 27.71 -6.71
N VAL D 207 46.38 28.49 -6.08
CA VAL D 207 47.80 28.42 -6.37
C VAL D 207 48.51 28.26 -5.04
N SER D 208 49.31 27.19 -4.90
CA SER D 208 50.00 26.96 -3.64
C SER D 208 51.35 26.32 -3.83
N HIS D 209 52.24 26.58 -2.91
CA HIS D 209 53.48 25.85 -2.92
C HIS D 209 54.12 25.93 -1.56
N LYS D 210 54.94 24.92 -1.28
CA LYS D 210 55.64 24.83 -0.01
C LYS D 210 57.05 24.36 -0.24
N ASP D 211 57.99 25.02 0.42
CA ASP D 211 59.41 24.66 0.35
C ASP D 211 59.74 23.77 1.54
N ILE D 212 60.46 22.70 1.27
CA ILE D 212 60.87 21.77 2.31
C ILE D 212 62.39 21.79 2.42
N GLN D 213 62.88 21.86 3.66
CA GLN D 213 64.30 21.74 3.92
C GLN D 213 64.54 20.72 5.03
N ASP D 214 65.37 19.72 4.76
CA ASP D 214 65.53 18.62 5.69
C ASP D 214 66.85 17.87 5.48
N SER D 215 67.01 16.77 6.22
CA SER D 215 68.19 15.92 6.12
C SER D 215 67.87 14.51 6.57
N VAL D 216 68.54 13.53 5.97
CA VAL D 216 68.32 12.13 6.31
C VAL D 216 69.62 11.36 6.48
N GLN D 217 69.58 10.32 7.31
CA GLN D 217 70.69 9.39 7.42
C GLN D 217 70.81 8.66 6.10
N VAL D 218 72.04 8.51 5.62
CA VAL D 218 72.29 7.75 4.41
C VAL D 218 73.01 6.45 4.81
N SER D 219 72.65 5.35 4.16
CA SER D 219 73.22 4.04 4.48
C SER D 219 73.40 3.24 3.20
N SER D 220 72.70 2.11 3.12
CA SER D 220 72.73 1.27 1.93
C SER D 220 71.88 1.89 0.84
N ASP D 221 72.16 1.54 -0.41
CA ASP D 221 71.39 2.04 -1.52
C ASP D 221 69.90 1.80 -1.25
N VAL D 222 69.56 0.56 -0.94
CA VAL D 222 68.17 0.15 -0.71
C VAL D 222 67.56 0.83 0.51
N GLN D 223 68.29 0.87 1.62
CA GLN D 223 67.75 1.43 2.86
C GLN D 223 67.52 2.94 2.75
N THR D 224 68.38 3.60 1.99
CA THR D 224 68.30 5.04 1.88
C THR D 224 67.05 5.40 1.09
N ALA D 225 66.84 4.69 -0.03
CA ALA D 225 65.62 4.85 -0.80
C ALA D 225 64.42 4.79 0.12
N LYS D 226 64.39 3.82 1.04
CA LYS D 226 63.27 3.71 1.97
C LYS D 226 63.19 4.98 2.82
N GLU D 227 64.34 5.44 3.28
CA GLU D 227 64.42 6.65 4.10
C GLU D 227 63.89 7.89 3.33
N PHE D 228 64.32 8.03 2.08
CA PHE D 228 63.93 9.15 1.21
C PHE D 228 62.42 9.19 0.97
N ILE D 229 61.88 8.07 0.53
CA ILE D 229 60.46 7.92 0.33
C ILE D 229 59.67 8.20 1.61
N LYS D 230 60.21 7.83 2.77
CA LYS D 230 59.49 8.07 4.02
C LYS D 230 59.41 9.57 4.28
N ILE D 231 60.53 10.27 4.03
CA ILE D 231 60.55 11.72 4.15
C ILE D 231 59.53 12.35 3.21
N ILE D 232 59.55 11.92 1.95
CA ILE D 232 58.64 12.47 0.95
C ILE D 232 57.18 12.26 1.36
N GLU D 233 56.88 11.05 1.81
CA GLU D 233 55.53 10.71 2.24
C GLU D 233 55.04 11.57 3.39
N ASN D 234 55.86 11.72 4.43
CA ASN D 234 55.45 12.53 5.58
C ASN D 234 55.23 13.99 5.24
N ALA D 235 56.10 14.53 4.39
CA ALA D 235 56.03 15.92 4.00
C ALA D 235 54.80 16.15 3.12
N GLU D 236 54.61 15.31 2.11
CA GLU D 236 53.48 15.51 1.20
C GLU D 236 52.13 15.31 1.89
N ASN D 237 52.03 14.32 2.79
CA ASN D 237 50.80 14.19 3.56
C ASN D 237 50.55 15.40 4.47
N GLU D 238 51.60 15.89 5.11
CA GLU D 238 51.51 17.05 5.99
C GLU D 238 50.99 18.26 5.22
N TYR D 239 51.50 18.45 4.02
CA TYR D 239 51.14 19.59 3.18
C TYR D 239 49.67 19.47 2.76
N GLN D 240 49.30 18.30 2.25
CA GLN D 240 47.91 18.05 1.89
C GLN D 240 47.00 18.28 3.09
N THR D 241 47.39 17.77 4.25
CA THR D 241 46.63 18.02 5.48
C THR D 241 46.51 19.50 5.83
N ALA D 242 47.60 20.26 5.70
CA ALA D 242 47.55 21.70 5.98
C ALA D 242 46.62 22.40 4.99
N ILE D 243 46.64 21.94 3.75
CA ILE D 243 45.80 22.53 2.75
C ILE D 243 44.34 22.32 3.13
N SER D 244 44.01 21.10 3.52
CA SER D 244 42.67 20.79 3.97
C SER D 244 42.26 21.63 5.15
N GLU D 245 43.20 21.86 6.07
CA GLU D 245 42.92 22.68 7.23
C GLU D 245 42.68 24.15 6.83
N ASN D 246 43.37 24.63 5.79
CA ASN D 246 43.17 26.00 5.34
C ASN D 246 41.81 26.19 4.71
N TYR D 247 41.39 25.21 3.92
CA TYR D 247 40.06 25.22 3.32
C TYR D 247 38.98 25.32 4.38
N GLN D 248 39.14 24.55 5.44
CA GLN D 248 38.10 24.51 6.46
C GLN D 248 38.02 25.85 7.18
N THR D 249 39.18 26.42 7.46
CA THR D 249 39.26 27.71 8.15
C THR D 249 38.75 28.85 7.24
N MET D 250 39.12 28.81 5.97
CA MET D 250 38.59 29.81 5.02
C MET D 250 37.06 29.72 4.92
N SER D 251 36.52 28.51 5.04
CA SER D 251 35.08 28.27 4.91
C SER D 251 34.32 28.68 6.16
N ASP D 252 34.83 28.29 7.32
CA ASP D 252 34.14 28.44 8.60
C ASP D 252 34.37 29.79 9.26
N THR D 253 35.41 30.49 8.82
CA THR D 253 35.80 31.73 9.47
C THR D 253 35.83 32.91 8.50
N THR D 254 36.78 32.89 7.57
CA THR D 254 36.99 34.05 6.70
C THR D 254 35.78 34.32 5.80
N PHE D 255 35.32 33.30 5.08
CA PHE D 255 34.24 33.49 4.11
C PHE D 255 32.97 33.95 4.81
N LYS D 256 32.62 33.27 5.90
CA LYS D 256 31.46 33.67 6.70
C LYS D 256 31.51 35.12 7.15
N ALA D 257 32.69 35.57 7.59
CA ALA D 257 32.80 36.91 8.16
C ALA D 257 32.70 38.01 7.09
N LEU D 258 32.98 37.65 5.84
CA LEU D 258 32.98 38.64 4.79
C LEU D 258 31.54 39.12 4.49
N ARG D 259 30.59 38.20 4.47
CA ARG D 259 29.21 38.58 4.20
C ARG D 259 28.25 37.62 4.87
N ARG D 260 27.24 38.17 5.52
CA ARG D 260 26.16 37.40 6.12
C ARG D 260 25.34 36.67 5.05
N GLN D 261 24.72 35.56 5.43
CA GLN D 261 23.77 34.91 4.52
C GLN D 261 22.49 35.75 4.41
N LEU D 262 22.03 36.25 5.56
CA LEU D 262 20.84 37.10 5.64
C LEU D 262 21.09 38.15 6.71
N PRO D 263 20.39 39.29 6.62
CA PRO D 263 20.48 40.32 7.67
C PRO D 263 20.00 39.70 8.96
N VAL D 264 20.17 40.40 10.08
CA VAL D 264 19.83 39.89 11.38
C VAL D 264 18.35 39.56 11.50
N THR D 265 17.51 40.23 10.70
CA THR D 265 16.08 39.94 10.72
C THR D 265 15.75 38.54 10.22
N ARG D 266 16.73 37.88 9.63
CA ARG D 266 16.54 36.56 9.02
C ARG D 266 15.47 36.55 7.94
N THR D 267 15.28 37.71 7.31
CA THR D 267 14.47 37.81 6.13
C THR D 267 15.20 38.70 5.14
N LYS D 268 14.86 38.55 3.86
CA LYS D 268 15.42 39.48 2.89
C LYS D 268 14.96 40.90 3.19
N ILE D 269 15.69 41.87 2.65
CA ILE D 269 15.40 43.27 2.89
C ILE D 269 14.02 43.67 2.40
N ASP D 270 13.32 44.47 3.20
CA ASP D 270 12.09 45.13 2.77
C ASP D 270 12.48 46.47 2.16
N TRP D 271 12.52 46.53 0.83
CA TRP D 271 13.11 47.65 0.15
C TRP D 271 12.33 48.96 0.28
N ASN D 272 11.01 48.89 0.40
CA ASN D 272 10.23 50.10 0.63
C ASN D 272 10.63 50.77 1.95
N LYS D 273 10.88 49.93 2.95
CA LYS D 273 11.32 50.38 4.27
C LYS D 273 12.67 51.10 4.18
N ILE D 274 13.60 50.47 3.46
CA ILE D 274 14.95 50.99 3.30
C ILE D 274 14.92 52.40 2.69
N LEU D 275 13.88 52.67 1.91
CA LEU D 275 13.78 53.91 1.16
C LEU D 275 13.13 55.03 2.00
N SER D 276 12.57 54.68 3.14
CA SER D 276 11.99 55.66 4.06
C SER D 276 13.04 56.65 4.55
N ASP E 3 34.55 41.64 -32.57
CA ASP E 3 35.97 41.80 -32.31
C ASP E 3 36.61 40.47 -31.87
N GLN E 4 37.27 39.78 -32.81
CA GLN E 4 37.87 38.48 -32.54
C GLN E 4 39.07 38.60 -31.59
N GLN E 5 39.80 39.71 -31.69
CA GLN E 5 40.88 39.98 -30.76
C GLN E 5 40.30 40.24 -29.37
N LEU E 6 39.17 40.91 -29.32
CA LEU E 6 38.47 41.13 -28.06
C LEU E 6 38.03 39.81 -27.43
N ASP E 7 37.60 38.86 -28.28
CA ASP E 7 37.07 37.58 -27.81
C ASP E 7 38.20 36.79 -27.17
N CYS E 8 39.36 36.87 -27.80
CA CYS E 8 40.55 36.14 -27.34
C CYS E 8 41.11 36.77 -26.06
N ALA E 9 41.03 38.10 -25.99
CA ALA E 9 41.47 38.84 -24.82
C ALA E 9 40.68 38.44 -23.58
N LEU E 10 39.36 38.43 -23.71
CA LEU E 10 38.50 37.95 -22.63
C LEU E 10 38.77 36.49 -22.29
N ASP E 11 39.00 35.65 -23.30
CA ASP E 11 39.24 34.24 -23.08
C ASP E 11 40.51 34.09 -22.27
N LEU E 12 41.52 34.86 -22.62
CA LEU E 12 42.78 34.90 -21.89
C LEU E 12 42.64 35.33 -20.44
N MET E 13 41.84 36.36 -20.18
CA MET E 13 41.59 36.74 -18.78
C MET E 13 40.82 35.66 -17.99
N ARG E 14 40.16 34.73 -18.69
CA ARG E 14 39.48 33.62 -18.01
C ARG E 14 40.46 32.53 -17.54
N ARG E 15 41.71 32.62 -17.99
CA ARG E 15 42.63 31.49 -17.90
C ARG E 15 43.93 31.85 -17.16
N LEU E 16 44.46 33.05 -17.41
CA LEU E 16 45.58 33.58 -16.66
C LEU E 16 45.20 33.63 -15.18
N PRO E 17 46.15 33.31 -14.28
CA PRO E 17 45.86 33.35 -12.85
C PRO E 17 45.24 34.66 -12.37
N PRO E 18 44.09 34.59 -11.69
CA PRO E 18 43.46 35.80 -11.16
C PRO E 18 44.31 36.49 -10.11
N GLN E 19 45.29 35.79 -9.57
CA GLN E 19 46.15 36.43 -8.57
C GLN E 19 46.86 37.64 -9.19
N GLN E 20 47.08 37.60 -10.51
CA GLN E 20 47.76 38.69 -11.21
C GLN E 20 46.78 39.46 -12.10
N ILE E 21 45.53 39.48 -11.66
CA ILE E 21 44.48 40.10 -12.44
C ILE E 21 44.81 41.52 -12.93
N GLU E 22 45.36 42.36 -12.06
CA GLU E 22 45.72 43.73 -12.44
C GLU E 22 46.85 43.82 -13.47
N LYS E 23 47.92 43.06 -13.26
CA LYS E 23 49.04 43.03 -14.18
C LYS E 23 48.64 42.39 -15.50
N ASN E 24 47.86 41.31 -15.44
CA ASN E 24 47.32 40.69 -16.63
C ASN E 24 46.68 41.76 -17.55
N LEU E 25 45.79 42.57 -16.99
CA LEU E 25 45.04 43.54 -17.80
C LEU E 25 45.97 44.54 -18.49
N SER E 26 46.88 45.16 -17.73
CA SER E 26 47.79 46.12 -18.35
C SER E 26 48.75 45.48 -19.36
N ASP E 27 49.21 44.26 -19.08
CA ASP E 27 49.96 43.50 -20.08
C ASP E 27 49.13 43.33 -21.35
N LEU E 28 47.86 42.98 -21.19
CA LEU E 28 46.94 42.80 -22.32
C LEU E 28 46.77 44.10 -23.08
N ILE E 29 46.58 45.21 -22.36
CA ILE E 29 46.48 46.51 -23.00
C ILE E 29 47.74 46.79 -23.80
N ASP E 30 48.91 46.43 -23.26
CA ASP E 30 50.14 46.71 -23.95
C ASP E 30 50.25 45.86 -25.20
N LEU E 31 49.78 44.62 -25.09
CA LEU E 31 49.84 43.68 -26.20
C LEU E 31 48.95 44.16 -27.34
N VAL E 32 47.78 44.68 -27.02
CA VAL E 32 46.84 45.15 -28.04
C VAL E 32 46.27 46.55 -27.72
N PRO E 33 47.11 47.58 -27.87
CA PRO E 33 46.80 48.97 -27.53
C PRO E 33 45.44 49.45 -28.03
N SER E 34 45.00 48.93 -29.17
CA SER E 34 43.77 49.39 -29.81
C SER E 34 42.49 48.93 -29.09
N LEU E 35 42.60 47.93 -28.23
CA LEU E 35 41.44 47.42 -27.50
C LEU E 35 41.30 48.08 -26.13
N CYS E 36 42.08 49.11 -25.89
CA CYS E 36 42.14 49.71 -24.57
C CYS E 36 40.77 50.02 -23.95
N GLU E 37 39.93 50.76 -24.68
CA GLU E 37 38.66 51.15 -24.10
C GLU E 37 37.74 49.94 -23.84
N ASP E 38 37.71 49.04 -24.80
CA ASP E 38 36.91 47.83 -24.70
C ASP E 38 37.37 46.96 -23.52
N LEU E 39 38.68 46.74 -23.41
CA LEU E 39 39.22 45.95 -22.30
C LEU E 39 38.96 46.61 -20.94
N LEU E 40 39.19 47.91 -20.87
CA LEU E 40 38.94 48.64 -19.62
C LEU E 40 37.48 48.51 -19.16
N SER E 41 36.56 48.34 -20.08
CA SER E 41 35.15 48.32 -19.68
C SER E 41 34.59 46.92 -19.47
N SER E 42 35.20 45.93 -20.11
CA SER E 42 34.71 44.57 -19.99
C SER E 42 35.56 43.65 -19.10
N VAL E 43 36.78 44.06 -18.77
CA VAL E 43 37.60 43.27 -17.86
C VAL E 43 37.45 43.79 -16.46
N ASP E 44 36.79 43.02 -15.60
CA ASP E 44 36.58 43.39 -14.22
C ASP E 44 37.92 43.38 -13.46
N GLN E 45 38.05 44.27 -12.47
CA GLN E 45 39.27 44.47 -11.71
C GLN E 45 38.84 44.65 -10.27
N PRO E 46 39.69 44.23 -9.33
CA PRO E 46 39.40 44.45 -7.91
C PRO E 46 39.12 45.91 -7.68
N LEU E 47 38.24 46.21 -6.73
CA LEU E 47 37.81 47.58 -6.50
C LEU E 47 38.82 48.30 -5.63
N LYS E 48 39.07 49.57 -5.92
CA LYS E 48 39.99 50.35 -5.09
C LYS E 48 39.21 51.32 -4.23
N ILE E 49 39.69 51.58 -3.03
CA ILE E 49 39.05 52.56 -2.15
C ILE E 49 39.76 53.91 -2.25
N ALA E 50 38.99 54.96 -2.51
CA ALA E 50 39.50 56.32 -2.43
C ALA E 50 38.75 57.07 -1.33
N ARG E 51 39.27 58.20 -0.90
CA ARG E 51 38.62 58.95 0.18
C ARG E 51 38.08 60.28 -0.33
N ASP E 52 36.79 60.53 -0.12
CA ASP E 52 36.21 61.83 -0.48
C ASP E 52 36.48 62.81 0.65
N LYS E 53 37.51 63.63 0.48
CA LYS E 53 37.95 64.54 1.53
C LYS E 53 36.88 65.55 1.93
N VAL E 54 36.08 65.96 0.96
CA VAL E 54 35.03 66.94 1.20
C VAL E 54 33.97 66.40 2.15
N VAL E 55 33.43 65.24 1.84
CA VAL E 55 32.32 64.71 2.61
C VAL E 55 32.81 63.84 3.77
N GLY E 56 34.08 63.47 3.74
CA GLY E 56 34.61 62.56 4.75
C GLY E 56 33.96 61.18 4.65
N LYS E 57 33.96 60.63 3.44
CA LYS E 57 33.45 59.28 3.19
C LYS E 57 34.33 58.55 2.17
N ASP E 58 34.42 57.23 2.30
CA ASP E 58 35.14 56.43 1.32
C ASP E 58 34.25 56.17 0.09
N TYR E 59 34.86 55.94 -1.06
CA TYR E 59 34.08 55.55 -2.25
C TYR E 59 34.93 54.64 -3.11
N LEU E 60 34.31 53.96 -4.07
CA LEU E 60 34.99 52.89 -4.79
C LEU E 60 35.36 53.31 -6.20
N LEU E 61 36.55 52.91 -6.64
CA LEU E 61 37.00 53.27 -7.97
C LEU E 61 36.87 52.09 -8.91
N CYS E 62 36.33 52.33 -10.09
CA CYS E 62 36.37 51.32 -11.14
C CYS E 62 36.25 52.05 -12.45
N ASP E 63 36.19 51.32 -13.56
CA ASP E 63 36.17 52.00 -14.84
C ASP E 63 34.92 52.84 -14.99
N TYR E 64 33.83 52.44 -14.34
CA TYR E 64 32.58 53.14 -14.59
C TYR E 64 32.52 54.55 -14.01
N ASN E 65 33.33 54.85 -13.01
CA ASN E 65 33.33 56.24 -12.51
C ASN E 65 34.58 57.00 -12.93
N ARG E 66 35.25 56.50 -13.96
CA ARG E 66 36.51 57.08 -14.40
C ARG E 66 36.30 57.99 -15.60
N ASP E 67 37.01 59.11 -15.61
CA ASP E 67 37.09 59.93 -16.80
C ASP E 67 38.53 60.42 -16.90
N GLY E 68 39.23 60.02 -17.96
CA GLY E 68 40.64 60.34 -18.07
C GLY E 68 41.37 59.64 -16.94
N ASP E 69 42.10 60.39 -16.12
CA ASP E 69 42.79 59.81 -14.99
C ASP E 69 42.15 60.17 -13.65
N SER E 70 40.96 60.76 -13.69
CA SER E 70 40.25 61.14 -12.47
C SER E 70 39.03 60.26 -12.23
N TYR E 71 38.54 60.28 -11.00
CA TYR E 71 37.38 59.48 -10.61
C TYR E 71 36.34 60.31 -9.88
N ARG E 72 35.06 60.03 -10.16
CA ARG E 72 33.95 60.80 -9.59
C ARG E 72 33.49 60.20 -8.27
N SER E 73 33.43 61.03 -7.23
CA SER E 73 32.84 60.61 -5.96
C SER E 73 31.33 60.58 -6.05
N PRO E 74 30.69 59.53 -5.51
CA PRO E 74 29.22 59.50 -5.53
C PRO E 74 28.64 60.41 -4.46
N TRP E 75 29.49 60.91 -3.57
CA TRP E 75 28.98 61.68 -2.44
C TRP E 75 29.02 63.16 -2.77
N SER E 76 30.15 63.63 -3.28
CA SER E 76 30.31 65.05 -3.62
C SER E 76 30.04 65.32 -5.09
N ASN E 77 29.89 64.26 -5.87
CA ASN E 77 29.64 64.40 -7.30
C ASN E 77 30.73 65.21 -7.98
N LYS E 78 31.95 65.14 -7.45
CA LYS E 78 33.09 65.84 -8.05
C LYS E 78 34.21 64.87 -8.43
N TYR E 79 34.95 65.20 -9.47
CA TYR E 79 36.10 64.38 -9.86
C TYR E 79 37.36 64.70 -9.05
N ASP E 80 38.14 63.66 -8.82
CA ASP E 80 39.47 63.81 -8.21
C ASP E 80 40.45 62.94 -8.98
N PRO E 81 41.48 63.55 -9.57
CA PRO E 81 41.80 64.98 -9.66
C PRO E 81 40.70 65.76 -10.36
N PRO E 82 40.47 67.02 -9.94
CA PRO E 82 39.40 67.85 -10.51
C PRO E 82 39.45 67.87 -12.04
N LEU E 83 38.31 68.15 -12.67
CA LEU E 83 38.21 68.09 -14.10
C LEU E 83 37.34 69.25 -14.60
N GLU E 84 37.68 69.79 -15.76
CA GLU E 84 36.96 70.95 -16.28
C GLU E 84 35.62 70.54 -16.87
N ASP E 85 35.57 69.37 -17.50
CA ASP E 85 34.37 68.91 -18.17
C ASP E 85 34.19 67.41 -17.99
N GLY E 86 34.41 66.92 -16.78
CA GLY E 86 34.22 65.52 -16.48
C GLY E 86 32.81 65.11 -16.79
N ALA E 87 32.62 63.85 -17.18
CA ALA E 87 31.27 63.36 -17.49
C ALA E 87 30.42 63.30 -16.22
N MET E 88 29.28 63.98 -16.24
CA MET E 88 28.38 64.04 -15.09
C MET E 88 27.03 63.46 -15.47
N PRO E 89 26.30 62.92 -14.48
CA PRO E 89 24.91 62.52 -14.73
C PRO E 89 24.01 63.74 -14.81
N SER E 90 22.90 63.63 -15.54
CA SER E 90 21.89 64.69 -15.59
C SER E 90 21.37 64.94 -14.18
N ALA E 91 20.63 66.04 -13.99
CA ALA E 91 20.10 66.37 -12.68
C ALA E 91 19.15 65.27 -12.19
N ARG E 92 18.34 64.73 -13.10
CA ARG E 92 17.37 63.71 -12.75
C ARG E 92 18.10 62.47 -12.27
N LEU E 93 19.05 62.02 -13.09
CA LEU E 93 19.80 60.81 -12.80
C LEU E 93 20.68 60.96 -11.57
N ARG E 94 21.20 62.17 -11.35
CA ARG E 94 21.98 62.41 -10.15
C ARG E 94 21.11 62.29 -8.88
N LYS E 95 19.90 62.82 -8.92
CA LYS E 95 18.99 62.62 -7.79
C LYS E 95 18.72 61.13 -7.52
N LEU E 96 18.50 60.36 -8.58
CA LEU E 96 18.30 58.93 -8.42
C LEU E 96 19.57 58.27 -7.86
N GLU E 97 20.72 58.75 -8.31
CA GLU E 97 22.01 58.18 -7.91
C GLU E 97 22.25 58.39 -6.42
N VAL E 98 21.88 59.57 -5.92
CA VAL E 98 22.02 59.85 -4.50
C VAL E 98 21.11 58.92 -3.70
N GLU E 99 19.89 58.75 -4.21
CA GLU E 99 18.92 57.86 -3.61
C GLU E 99 19.48 56.44 -3.54
N ALA E 100 20.04 55.97 -4.65
CA ALA E 100 20.55 54.62 -4.75
C ALA E 100 21.72 54.43 -3.81
N ASN E 101 22.59 55.43 -3.72
CA ASN E 101 23.74 55.31 -2.83
C ASN E 101 23.34 55.18 -1.37
N ASN E 102 22.30 55.92 -0.98
CA ASN E 102 21.76 55.86 0.37
C ASN E 102 21.17 54.48 0.62
N ALA E 103 20.44 53.96 -0.36
CA ALA E 103 19.80 52.67 -0.18
C ALA E 103 20.83 51.56 -0.12
N PHE E 104 21.82 51.58 -1.01
CA PHE E 104 22.79 50.51 -1.02
C PHE E 104 23.84 50.62 0.08
N ASP E 105 23.94 51.79 0.67
CA ASP E 105 24.74 51.96 1.88
C ASP E 105 24.10 51.16 3.03
N GLN E 106 22.78 51.22 3.13
CA GLN E 106 22.08 50.45 4.14
C GLN E 106 22.11 48.96 3.83
N TYR E 107 21.97 48.63 2.56
CA TYR E 107 22.09 47.25 2.11
C TYR E 107 23.45 46.71 2.52
N ARG E 108 24.49 47.49 2.26
CA ARG E 108 25.86 47.14 2.59
C ARG E 108 25.94 46.84 4.09
N ASP E 109 25.47 47.77 4.92
CA ASP E 109 25.56 47.58 6.36
C ASP E 109 24.82 46.33 6.81
N LEU E 110 23.64 46.10 6.24
CA LEU E 110 22.82 44.97 6.63
C LEU E 110 23.44 43.62 6.29
N TYR E 111 24.07 43.51 5.12
CA TYR E 111 24.64 42.23 4.69
C TYR E 111 26.12 42.06 5.01
N PHE E 112 26.86 43.16 5.00
CA PHE E 112 28.30 43.10 5.15
C PHE E 112 28.83 43.64 6.48
N GLU E 113 28.02 44.44 7.16
CA GLU E 113 28.37 44.92 8.50
C GLU E 113 29.73 45.59 8.50
N GLY E 114 29.98 46.37 7.45
CA GLY E 114 31.27 47.00 7.26
C GLY E 114 31.51 47.24 5.78
N GLY E 115 32.77 47.37 5.40
CA GLY E 115 33.14 47.60 4.00
C GLY E 115 32.67 48.95 3.49
N VAL E 116 32.73 49.11 2.17
CA VAL E 116 32.39 50.36 1.50
C VAL E 116 31.49 50.04 0.32
N SER E 117 30.56 50.95 0.01
CA SER E 117 29.70 50.81 -1.16
C SER E 117 29.74 52.08 -2.01
N SER E 118 29.41 51.95 -3.28
CA SER E 118 29.24 53.07 -4.20
C SER E 118 28.33 52.67 -5.34
N VAL E 119 27.50 53.62 -5.78
CA VAL E 119 26.61 53.42 -6.92
C VAL E 119 26.85 54.57 -7.88
N TYR E 120 27.12 54.23 -9.15
CA TYR E 120 27.23 55.23 -10.21
C TYR E 120 26.21 54.90 -11.30
N LEU E 121 25.48 55.93 -11.76
CA LEU E 121 24.45 55.75 -12.79
C LEU E 121 24.84 56.54 -14.03
N TRP E 122 24.32 56.13 -15.18
CA TRP E 122 24.52 56.89 -16.41
C TRP E 122 23.37 56.69 -17.39
N ASP E 123 23.14 57.69 -18.22
CA ASP E 123 22.02 57.70 -19.16
C ASP E 123 22.19 56.70 -20.29
N LEU E 124 21.08 56.11 -20.68
CA LEU E 124 21.04 55.31 -21.91
C LEU E 124 19.97 55.89 -22.81
N ASP E 125 19.90 55.38 -24.02
CA ASP E 125 18.90 55.82 -24.99
C ASP E 125 17.49 55.72 -24.42
N HIS E 126 17.09 54.52 -24.02
CA HIS E 126 15.70 54.29 -23.60
C HIS E 126 15.55 53.98 -22.12
N GLY E 127 16.44 54.55 -21.33
CA GLY E 127 16.44 54.32 -19.89
C GLY E 127 17.76 54.76 -19.28
N PHE E 128 18.37 53.88 -18.50
CA PHE E 128 19.62 54.22 -17.84
C PHE E 128 20.27 52.95 -17.37
N ALA E 129 21.56 53.04 -17.04
CA ALA E 129 22.31 51.92 -16.48
C ALA E 129 22.97 52.37 -15.19
N GLY E 130 23.56 51.42 -14.48
CA GLY E 130 24.32 51.78 -13.30
C GLY E 130 25.14 50.60 -12.84
N VAL E 131 26.08 50.87 -11.96
CA VAL E 131 26.83 49.80 -11.33
C VAL E 131 26.65 49.99 -9.84
N ILE E 132 26.46 48.88 -9.13
CA ILE E 132 26.43 48.88 -7.69
C ILE E 132 27.69 48.12 -7.24
N LEU E 133 28.57 48.79 -6.52
CA LEU E 133 29.85 48.25 -6.07
C LEU E 133 29.91 48.07 -4.55
N ILE E 134 30.42 46.93 -4.12
CA ILE E 134 30.60 46.70 -2.69
C ILE E 134 31.99 46.08 -2.45
N LYS E 135 32.72 46.65 -1.51
CA LYS E 135 34.07 46.19 -1.20
C LYS E 135 34.16 45.87 0.28
N LYS E 136 34.54 44.65 0.62
CA LYS E 136 34.67 44.26 2.03
C LYS E 136 35.94 43.45 2.27
N ALA E 137 36.77 43.96 3.17
CA ALA E 137 38.01 43.28 3.55
C ALA E 137 37.81 42.42 4.80
N GLY E 138 38.46 41.26 4.83
CA GLY E 138 38.38 40.38 5.99
C GLY E 138 39.19 40.96 7.12
N ASP E 139 38.88 40.59 8.37
CA ASP E 139 39.59 41.15 9.51
C ASP E 139 40.93 40.47 9.74
N GLY E 140 41.24 39.50 8.91
CA GLY E 140 42.55 38.84 8.94
C GLY E 140 42.68 37.73 9.96
N SER E 141 41.56 37.34 10.59
CA SER E 141 41.60 36.33 11.65
C SER E 141 42.28 35.03 11.22
N LYS E 142 42.82 34.29 12.17
CA LYS E 142 43.41 32.99 11.90
C LYS E 142 44.41 33.05 10.75
N LYS E 143 45.05 34.20 10.57
CA LYS E 143 46.13 34.37 9.59
C LYS E 143 45.65 34.20 8.15
N ILE E 144 44.37 34.40 7.91
CA ILE E 144 43.82 34.35 6.56
C ILE E 144 43.47 35.77 6.15
N LYS E 145 44.06 36.24 5.05
CA LYS E 145 43.62 37.50 4.43
C LYS E 145 42.51 37.26 3.41
N GLY E 146 41.43 38.01 3.52
CA GLY E 146 40.28 37.80 2.64
C GLY E 146 39.74 39.11 2.10
N CYS E 147 39.18 39.05 0.90
CA CYS E 147 38.55 40.23 0.32
C CYS E 147 37.42 39.83 -0.59
N TRP E 148 36.33 40.58 -0.50
CA TRP E 148 35.11 40.38 -1.32
C TRP E 148 34.80 41.62 -2.13
N ASP E 149 34.72 41.48 -3.47
CA ASP E 149 34.25 42.56 -4.35
C ASP E 149 32.93 42.18 -5.04
N SER E 150 31.93 43.04 -4.91
CA SER E 150 30.72 42.97 -5.73
C SER E 150 30.71 44.05 -6.82
N ILE E 151 30.50 43.62 -8.06
CA ILE E 151 30.29 44.52 -9.17
C ILE E 151 28.97 44.13 -9.82
N HIS E 152 27.91 44.89 -9.53
CA HIS E 152 26.60 44.65 -10.12
C HIS E 152 26.27 45.71 -11.16
N VAL E 153 26.17 45.32 -12.43
CA VAL E 153 25.93 46.28 -13.49
C VAL E 153 24.53 46.05 -14.00
N VAL E 154 23.70 47.09 -13.95
CA VAL E 154 22.31 46.94 -14.33
C VAL E 154 21.93 47.86 -15.49
N GLU E 155 21.17 47.31 -16.43
CA GLU E 155 20.63 48.08 -17.55
C GLU E 155 19.12 48.13 -17.43
N VAL E 156 18.59 49.35 -17.46
CA VAL E 156 17.17 49.56 -17.30
C VAL E 156 16.55 50.19 -18.55
N GLN E 157 15.60 49.49 -19.16
CA GLN E 157 14.90 50.00 -20.33
C GLN E 157 13.50 50.44 -19.91
N GLU E 158 13.26 51.75 -19.91
CA GLU E 158 12.02 52.31 -19.38
C GLU E 158 10.88 52.28 -20.40
N ARG E 163 5.62 52.90 -16.31
CA ARG E 163 4.60 51.84 -16.12
C ARG E 163 5.23 50.50 -15.70
N THR E 164 6.05 49.93 -16.59
CA THR E 164 6.87 48.77 -16.26
C THR E 164 8.24 49.00 -16.87
N ALA E 165 9.23 48.23 -16.47
CA ALA E 165 10.53 48.34 -17.10
C ALA E 165 11.16 46.98 -17.25
N HIS E 166 12.12 46.88 -18.16
CA HIS E 166 12.91 45.65 -18.28
C HIS E 166 14.25 45.89 -17.63
N TYR E 167 14.67 44.95 -16.77
CA TYR E 167 15.96 45.05 -16.08
C TYR E 167 16.87 43.93 -16.51
N LYS E 168 18.10 44.29 -16.85
CA LYS E 168 19.11 43.28 -17.14
C LYS E 168 20.26 43.49 -16.19
N LEU E 169 20.61 42.44 -15.42
CA LEU E 169 21.64 42.54 -14.41
C LEU E 169 22.78 41.55 -14.67
N THR E 170 23.99 42.09 -14.80
CA THR E 170 25.18 41.26 -14.94
C THR E 170 26.05 41.49 -13.70
N SER E 171 26.21 40.45 -12.89
CA SER E 171 26.92 40.59 -11.62
C SER E 171 28.17 39.72 -11.55
N THR E 172 29.26 40.36 -11.12
CA THR E 172 30.51 39.67 -10.90
C THR E 172 30.80 39.80 -9.43
N VAL E 173 31.14 38.68 -8.80
CA VAL E 173 31.68 38.74 -7.45
C VAL E 173 33.09 38.20 -7.46
N MET E 174 34.01 38.95 -6.87
CA MET E 174 35.38 38.48 -6.76
C MET E 174 35.64 38.11 -5.32
N LEU E 175 36.35 37.00 -5.12
CA LEU E 175 36.60 36.50 -3.77
C LEU E 175 38.05 36.06 -3.67
N TRP E 176 38.76 36.64 -2.72
CA TRP E 176 40.19 36.43 -2.61
C TRP E 176 40.50 35.90 -1.21
N LEU E 177 41.16 34.76 -1.14
CA LEU E 177 41.57 34.19 0.14
C LEU E 177 43.03 33.81 0.06
N GLN E 178 43.80 34.21 1.07
CA GLN E 178 45.24 33.98 1.06
C GLN E 178 45.78 33.79 2.45
N THR E 179 46.71 32.85 2.60
CA THR E 179 47.39 32.64 3.87
C THR E 179 48.79 32.14 3.65
N ASN E 180 49.67 32.47 4.60
CA ASN E 180 51.07 32.07 4.54
C ASN E 180 51.54 31.27 5.75
N LYS E 181 50.69 30.35 6.21
CA LYS E 181 51.06 29.46 7.32
C LYS E 181 52.14 28.49 6.87
N THR E 182 52.97 28.06 7.80
CA THR E 182 54.05 27.12 7.51
C THR E 182 53.50 25.77 7.05
N GLY E 183 52.17 25.71 6.98
CA GLY E 183 51.43 24.49 6.71
C GLY E 183 51.95 23.54 5.63
N SER E 184 51.62 23.74 4.35
CA SER E 184 50.78 24.80 3.77
C SER E 184 51.56 25.75 2.87
N GLY E 185 52.67 26.27 3.39
CA GLY E 185 53.43 27.30 2.69
C GLY E 185 52.48 28.38 2.19
N THR E 186 52.80 28.97 1.05
CA THR E 186 51.91 29.96 0.45
C THR E 186 50.66 29.31 -0.13
N MET E 187 49.50 29.82 0.26
CA MET E 187 48.23 29.35 -0.33
C MET E 187 47.32 30.51 -0.76
N ASN E 188 47.01 30.53 -2.05
CA ASN E 188 46.13 31.56 -2.57
C ASN E 188 44.97 30.95 -3.36
N LEU E 189 43.76 31.27 -2.92
CA LEU E 189 42.53 30.81 -3.51
C LEU E 189 41.74 32.05 -3.85
N GLY E 190 41.63 32.36 -5.13
CA GLY E 190 40.95 33.60 -5.51
C GLY E 190 40.47 33.60 -6.94
N GLY E 191 39.76 34.66 -7.31
CA GLY E 191 39.19 34.79 -8.64
C GLY E 191 37.80 35.37 -8.54
N SER E 192 36.95 35.01 -9.49
CA SER E 192 35.62 35.61 -9.53
C SER E 192 34.64 34.71 -10.28
N LEU E 193 33.35 34.96 -10.04
CA LEU E 193 32.27 34.33 -10.78
C LEU E 193 31.35 35.43 -11.35
N THR E 194 30.80 35.18 -12.53
CA THR E 194 29.86 36.14 -13.11
C THR E 194 28.55 35.47 -13.45
N ARG E 195 27.46 36.16 -13.17
CA ARG E 195 26.14 35.63 -13.49
C ARG E 195 25.27 36.75 -14.05
N GLN E 196 24.20 36.36 -14.74
CA GLN E 196 23.31 37.31 -15.38
C GLN E 196 21.85 36.88 -15.24
N MET E 197 20.97 37.87 -15.01
CA MET E 197 19.53 37.66 -14.83
C MET E 197 18.82 38.75 -15.63
N GLU E 198 17.63 38.46 -16.16
CA GLU E 198 16.78 39.48 -16.79
C GLU E 198 15.37 39.36 -16.25
N LYS E 199 14.62 40.46 -16.28
CA LYS E 199 13.28 40.46 -15.70
C LYS E 199 12.52 41.72 -16.05
N ASP E 200 11.22 41.58 -16.29
CA ASP E 200 10.33 42.72 -16.37
C ASP E 200 9.68 42.90 -15.00
N GLU E 201 9.58 44.14 -14.54
CA GLU E 201 8.84 44.38 -13.31
C GLU E 201 8.07 45.68 -13.36
N THR E 202 6.99 45.75 -12.59
CA THR E 202 6.19 46.95 -12.55
C THR E 202 6.95 48.06 -11.84
N VAL E 203 6.76 49.28 -12.32
CA VAL E 203 7.32 50.46 -11.68
C VAL E 203 6.18 51.30 -11.11
N SER E 204 6.27 51.65 -9.85
CA SER E 204 5.15 52.33 -9.20
C SER E 204 5.57 52.99 -7.91
N ASP E 205 4.64 53.65 -7.25
CA ASP E 205 4.90 54.28 -5.96
C ASP E 205 5.51 53.29 -4.99
N SER E 206 4.85 52.14 -4.88
CA SER E 206 5.28 51.10 -3.95
C SER E 206 6.47 50.31 -4.49
N SER E 207 6.69 50.35 -5.80
CA SER E 207 7.77 49.60 -6.41
C SER E 207 8.55 50.46 -7.43
N PRO E 208 9.30 51.45 -6.93
CA PRO E 208 10.17 52.30 -7.74
C PRO E 208 11.42 51.59 -8.26
N HIS E 209 12.08 52.23 -9.21
CA HIS E 209 13.27 51.63 -9.80
C HIS E 209 14.24 51.09 -8.78
N ILE E 210 14.52 51.88 -7.73
CA ILE E 210 15.53 51.49 -6.74
C ILE E 210 15.12 50.20 -6.01
N ALA E 211 13.84 50.07 -5.69
CA ALA E 211 13.33 48.83 -5.09
C ALA E 211 13.47 47.66 -6.05
N ASN E 212 13.13 47.86 -7.32
CA ASN E 212 13.27 46.80 -8.31
C ASN E 212 14.71 46.33 -8.45
N ILE E 213 15.63 47.27 -8.63
CA ILE E 213 17.03 46.94 -8.75
C ILE E 213 17.52 46.29 -7.46
N GLY E 214 17.08 46.82 -6.32
CA GLY E 214 17.51 46.32 -5.04
C GLY E 214 17.21 44.84 -4.88
N ARG E 215 15.97 44.45 -5.10
CA ARG E 215 15.60 43.05 -4.98
C ARG E 215 16.39 42.17 -5.94
N LEU E 216 16.60 42.66 -7.15
CA LEU E 216 17.43 41.95 -8.14
C LEU E 216 18.87 41.73 -7.66
N VAL E 217 19.50 42.79 -7.18
CA VAL E 217 20.85 42.68 -6.67
C VAL E 217 20.93 41.74 -5.47
N GLU E 218 20.01 41.89 -4.54
CA GLU E 218 19.92 41.02 -3.38
C GLU E 218 19.78 39.55 -3.77
N ASP E 219 18.79 39.23 -4.58
CA ASP E 219 18.56 37.86 -5.05
C ASP E 219 19.81 37.33 -5.71
N MET E 220 20.35 38.11 -6.63
CA MET E 220 21.58 37.70 -7.31
C MET E 220 22.73 37.41 -6.34
N GLU E 221 22.92 38.30 -5.37
CA GLU E 221 24.10 38.23 -4.54
C GLU E 221 23.96 37.07 -3.57
N ASN E 222 22.75 36.88 -3.05
CA ASN E 222 22.52 35.73 -2.19
C ASN E 222 22.82 34.41 -2.92
N LYS E 223 22.37 34.32 -4.16
CA LYS E 223 22.65 33.16 -5.00
C LYS E 223 24.16 32.95 -5.20
N ILE E 224 24.86 34.01 -5.60
CA ILE E 224 26.28 33.91 -5.86
C ILE E 224 27.06 33.55 -4.60
N ARG E 225 26.66 34.11 -3.45
CA ARG E 225 27.32 33.78 -2.19
C ARG E 225 27.30 32.26 -1.97
N SER E 226 26.14 31.66 -2.21
CA SER E 226 25.95 30.24 -2.07
C SER E 226 26.80 29.48 -3.07
N THR E 227 26.86 29.99 -4.31
CA THR E 227 27.65 29.33 -5.36
C THR E 227 29.17 29.43 -5.09
N LEU E 228 29.62 30.57 -4.58
CA LEU E 228 31.02 30.73 -4.20
C LEU E 228 31.39 29.68 -3.16
N ASN E 229 30.50 29.50 -2.20
CA ASN E 229 30.73 28.51 -1.15
C ASN E 229 30.92 27.12 -1.75
N GLU E 230 30.05 26.77 -2.68
CA GLU E 230 30.10 25.48 -3.35
C GLU E 230 31.36 25.33 -4.21
N ILE E 231 31.69 26.36 -4.98
CA ILE E 231 32.83 26.28 -5.90
C ILE E 231 34.17 26.33 -5.18
N TYR E 232 34.34 27.28 -4.26
CA TYR E 232 35.63 27.49 -3.62
C TYR E 232 35.91 26.36 -2.67
N PHE E 233 34.92 26.04 -1.84
CA PHE E 233 35.17 25.12 -0.73
C PHE E 233 34.66 23.69 -1.00
N GLY E 234 33.84 23.54 -2.03
CA GLY E 234 33.40 22.22 -2.44
C GLY E 234 34.16 21.72 -3.65
N LYS E 235 33.95 22.37 -4.79
CA LYS E 235 34.53 21.93 -6.06
C LYS E 235 36.08 21.97 -6.16
N THR E 236 36.72 23.10 -5.84
CA THR E 236 38.18 23.15 -5.97
C THR E 236 38.86 22.20 -4.98
N LYS E 237 38.29 22.09 -3.77
CA LYS E 237 38.76 21.12 -2.78
C LYS E 237 38.63 19.66 -3.26
N ASP E 238 37.49 19.33 -3.85
CA ASP E 238 37.31 17.97 -4.41
C ASP E 238 38.38 17.70 -5.48
N ILE E 239 38.69 18.72 -6.28
CA ILE E 239 39.71 18.56 -7.31
C ILE E 239 41.07 18.26 -6.69
N VAL E 240 41.45 19.05 -5.69
CA VAL E 240 42.69 18.80 -4.94
C VAL E 240 42.74 17.38 -4.37
N ASN E 241 41.67 16.98 -3.70
CA ASN E 241 41.62 15.65 -3.10
C ASN E 241 41.81 14.51 -4.08
N GLY E 242 41.50 14.77 -5.36
CA GLY E 242 41.63 13.73 -6.37
C GLY E 242 42.90 13.82 -7.20
N LEU E 243 43.76 14.77 -6.84
CA LEU E 243 44.98 14.99 -7.56
C LEU E 243 45.94 13.86 -7.44
N ARG E 244 46.22 13.35 -6.24
CA ARG E 244 45.67 13.79 -4.97
C ARG E 244 46.67 14.61 -4.17
N VAL F 1 58.18 24.13 -38.22
CA VAL F 1 57.13 24.01 -37.22
C VAL F 1 55.86 24.74 -37.66
N ASN F 2 54.70 24.12 -37.42
CA ASN F 2 53.43 24.69 -37.85
C ASN F 2 52.57 25.11 -36.65
N PHE F 3 51.91 26.26 -36.75
CA PHE F 3 51.10 26.77 -35.65
C PHE F 3 49.63 26.37 -35.79
N ASP F 4 49.14 26.28 -37.02
CA ASP F 4 47.76 25.85 -37.26
C ASP F 4 47.61 24.43 -36.75
N ASP F 5 48.76 23.83 -36.47
CA ASP F 5 48.88 22.52 -35.86
C ASP F 5 48.21 22.53 -34.49
N ILE F 6 48.53 23.54 -33.69
CA ILE F 6 48.02 23.65 -32.33
C ILE F 6 46.57 24.10 -32.30
N ALA F 7 45.68 23.18 -31.95
CA ALA F 7 44.27 23.49 -31.82
C ALA F 7 43.82 23.11 -30.41
N SER F 8 42.87 23.83 -29.82
CA SER F 8 42.27 25.03 -30.38
C SER F 8 41.30 25.58 -29.36
N SER F 9 41.49 26.84 -29.00
CA SER F 9 40.58 27.51 -28.09
C SER F 9 39.29 27.87 -28.83
N GLU F 10 38.26 27.04 -28.67
CA GLU F 10 36.91 27.50 -28.99
C GLU F 10 36.50 28.31 -27.78
N ASN F 11 36.44 29.63 -27.94
CA ASN F 11 36.35 30.53 -26.80
C ASN F 11 35.16 30.28 -25.86
N LEU F 12 35.38 30.54 -24.58
CA LEU F 12 34.32 30.51 -23.59
C LEU F 12 33.39 31.66 -23.89
N LEU F 13 32.20 31.61 -23.30
CA LEU F 13 31.24 32.69 -23.41
C LEU F 13 31.55 33.78 -22.39
N HIS F 14 31.44 35.04 -22.81
CA HIS F 14 31.86 36.18 -22.00
C HIS F 14 30.73 37.08 -21.56
N LEU F 15 30.29 36.90 -20.32
CA LEU F 15 29.09 37.64 -19.85
C LEU F 15 29.33 39.14 -19.74
N THR F 16 30.58 39.53 -19.51
CA THR F 16 30.85 40.95 -19.28
C THR F 16 30.86 41.70 -20.62
N ALA F 17 30.93 40.98 -21.73
CA ALA F 17 31.05 41.65 -23.02
C ALA F 17 29.82 42.51 -23.39
N ASN F 18 28.65 42.16 -22.87
CA ASN F 18 27.40 42.78 -23.29
C ASN F 18 26.76 43.75 -22.28
N ARG F 19 27.46 44.08 -21.20
CA ARG F 19 26.94 45.04 -20.23
C ARG F 19 26.83 46.44 -20.84
N PRO F 20 25.91 47.27 -20.31
CA PRO F 20 25.75 48.64 -20.82
C PRO F 20 27.07 49.39 -20.84
N LYS F 21 27.36 50.04 -21.95
CA LYS F 21 28.60 50.79 -22.06
C LYS F 21 28.32 52.26 -21.85
N MET F 22 29.31 52.96 -21.29
CA MET F 22 29.24 54.39 -21.13
C MET F 22 30.26 54.97 -22.08
N PRO F 23 29.82 55.27 -23.31
CA PRO F 23 30.72 55.72 -24.36
C PRO F 23 31.23 57.14 -24.12
N GLY F 24 32.30 57.50 -24.82
CA GLY F 24 32.76 58.86 -24.84
C GLY F 24 33.35 59.32 -23.53
N ARG F 25 34.35 58.59 -23.07
CA ARG F 25 35.13 59.02 -21.92
C ARG F 25 36.60 59.03 -22.29
N ARG F 26 37.34 59.98 -21.74
CA ARG F 26 38.75 60.07 -22.04
C ARG F 26 39.45 58.85 -21.46
N LEU F 27 40.41 58.30 -22.19
CA LEU F 27 41.24 57.20 -21.70
C LEU F 27 42.21 57.74 -20.68
N PRO F 28 42.80 56.85 -19.86
CA PRO F 28 43.94 57.31 -19.04
C PRO F 28 45.14 57.59 -19.97
N GLY F 29 46.10 58.39 -19.52
CA GLY F 29 47.32 58.60 -20.29
C GLY F 29 48.18 57.35 -20.37
N VAL G 8 -35.15 106.04 -101.85
CA VAL G 8 -34.56 104.76 -101.44
C VAL G 8 -33.85 104.12 -102.61
N SER G 9 -32.61 103.68 -102.39
CA SER G 9 -31.81 103.12 -103.48
C SER G 9 -32.17 101.66 -103.75
N ASP G 10 -31.77 101.17 -104.93
CA ASP G 10 -31.95 99.78 -105.26
C ASP G 10 -31.23 98.87 -104.28
N GLU G 11 -30.06 99.31 -103.82
CA GLU G 11 -29.27 98.51 -102.89
C GLU G 11 -29.99 98.38 -101.55
N GLU G 12 -30.60 99.48 -101.11
CA GLU G 12 -31.35 99.47 -99.87
C GLU G 12 -32.64 98.66 -100.03
N LYS G 13 -33.27 98.76 -101.19
CA LYS G 13 -34.46 97.98 -101.45
C LYS G 13 -34.16 96.49 -101.40
N VAL G 14 -33.08 96.07 -102.04
CA VAL G 14 -32.76 94.63 -102.02
C VAL G 14 -32.26 94.15 -100.65
N ARG G 15 -31.62 95.02 -99.87
CA ARG G 15 -31.26 94.64 -98.49
C ARG G 15 -32.53 94.35 -97.71
N ILE G 16 -33.54 95.22 -97.87
CA ILE G 16 -34.82 95.03 -97.18
C ILE G 16 -35.48 93.75 -97.69
N ALA G 17 -35.41 93.52 -99.00
CA ALA G 17 -36.01 92.31 -99.57
C ALA G 17 -35.37 91.06 -98.98
N ALA G 18 -34.03 91.07 -98.85
CA ALA G 18 -33.30 89.95 -98.28
C ALA G 18 -33.69 89.71 -96.83
N LYS G 19 -33.75 90.78 -96.06
CA LYS G 19 -34.19 90.75 -94.67
C LYS G 19 -35.55 90.10 -94.49
N PHE G 20 -36.53 90.56 -95.27
CA PHE G 20 -37.88 90.02 -95.24
C PHE G 20 -37.85 88.52 -95.52
N ILE G 21 -37.20 88.14 -96.63
CA ILE G 21 -37.11 86.73 -97.00
C ILE G 21 -36.51 85.89 -95.87
N THR G 22 -35.51 86.43 -95.18
CA THR G 22 -34.90 85.67 -94.09
C THR G 22 -35.81 85.67 -92.87
N HIS G 23 -36.86 86.48 -92.88
CA HIS G 23 -37.71 86.51 -91.69
C HIS G 23 -39.05 85.85 -91.92
N ALA G 24 -39.12 85.03 -92.97
CA ALA G 24 -40.31 84.24 -93.21
C ALA G 24 -40.53 83.31 -92.02
N PRO G 25 -41.78 83.23 -91.54
CA PRO G 25 -42.11 82.25 -90.49
C PRO G 25 -42.00 80.82 -91.04
N PRO G 26 -41.99 79.80 -90.15
CA PRO G 26 -41.77 78.41 -90.58
C PRO G 26 -42.89 77.93 -91.51
N GLY G 27 -42.52 77.24 -92.60
CA GLY G 27 -43.51 76.71 -93.51
C GLY G 27 -44.05 77.74 -94.49
N GLU G 28 -43.62 78.99 -94.39
CA GLU G 28 -44.18 80.03 -95.26
C GLU G 28 -43.14 80.74 -96.12
N PHE G 29 -41.98 80.11 -96.29
CA PHE G 29 -40.92 80.71 -97.09
C PHE G 29 -41.37 81.13 -98.50
N ASN G 30 -42.08 80.25 -99.19
CA ASN G 30 -42.53 80.53 -100.57
C ASN G 30 -43.46 81.73 -100.70
N GLU G 31 -44.41 81.84 -99.77
CA GLU G 31 -45.37 82.93 -99.78
C GLU G 31 -44.64 84.25 -99.56
N VAL G 32 -43.72 84.26 -98.60
CA VAL G 32 -42.97 85.46 -98.30
C VAL G 32 -42.07 85.80 -99.48
N PHE G 33 -41.43 84.78 -100.04
CA PHE G 33 -40.54 85.00 -101.17
C PHE G 33 -41.29 85.65 -102.34
N ASN G 34 -42.45 85.10 -102.67
CA ASN G 34 -43.23 85.62 -103.78
C ASN G 34 -43.71 87.05 -103.56
N ASP G 35 -44.20 87.35 -102.36
CA ASP G 35 -44.53 88.74 -102.01
C ASP G 35 -43.37 89.69 -102.27
N VAL G 36 -42.22 89.37 -101.70
CA VAL G 36 -41.02 90.19 -101.85
C VAL G 36 -40.62 90.32 -103.33
N ARG G 37 -40.65 89.20 -104.05
CA ARG G 37 -40.26 89.24 -105.43
C ARG G 37 -41.16 90.18 -106.26
N LEU G 38 -42.46 90.17 -105.98
CA LEU G 38 -43.36 91.05 -106.72
C LEU G 38 -43.20 92.51 -106.29
N LEU G 39 -42.93 92.74 -105.01
CA LEU G 39 -42.74 94.10 -104.52
C LEU G 39 -41.47 94.74 -105.08
N LEU G 40 -40.37 93.99 -105.12
CA LEU G 40 -39.10 94.49 -105.65
C LEU G 40 -39.22 94.69 -107.15
N ASN G 41 -39.94 93.78 -107.81
CA ASN G 41 -40.18 93.88 -109.24
C ASN G 41 -38.89 94.04 -110.06
N ASN G 42 -37.88 93.26 -109.74
CA ASN G 42 -36.59 93.34 -110.41
C ASN G 42 -35.80 92.08 -110.11
N ASP G 43 -36.04 91.06 -110.94
CA ASP G 43 -35.45 89.75 -110.71
C ASP G 43 -33.93 89.76 -110.70
N ASN G 44 -33.34 90.60 -111.56
CA ASN G 44 -31.87 90.69 -111.59
C ASN G 44 -31.31 91.21 -110.27
N LEU G 45 -31.89 92.31 -109.79
CA LEU G 45 -31.51 92.87 -108.50
C LEU G 45 -31.69 91.82 -107.40
N LEU G 46 -32.80 91.11 -107.43
CA LEU G 46 -33.09 90.13 -106.39
C LEU G 46 -32.07 89.01 -106.40
N ARG G 47 -31.77 88.52 -107.59
CA ARG G 47 -30.80 87.44 -107.77
C ARG G 47 -29.44 87.81 -107.21
N GLU G 48 -28.98 89.02 -107.54
CA GLU G 48 -27.63 89.43 -107.21
C GLU G 48 -27.47 89.95 -105.77
N GLY G 49 -28.56 90.43 -105.18
CA GLY G 49 -28.49 91.06 -103.88
C GLY G 49 -29.16 90.29 -102.75
N ALA G 50 -29.88 89.23 -103.11
CA ALA G 50 -30.56 88.42 -102.11
C ALA G 50 -30.26 86.93 -102.26
N ALA G 51 -29.24 86.63 -103.06
CA ALA G 51 -28.86 85.24 -103.33
C ALA G 51 -28.57 84.49 -102.03
N HIS G 52 -27.86 85.14 -101.13
CA HIS G 52 -27.46 84.55 -99.86
C HIS G 52 -28.65 84.18 -98.98
N ALA G 53 -29.77 84.88 -99.20
CA ALA G 53 -30.94 84.80 -98.32
C ALA G 53 -31.57 83.41 -98.28
N PHE G 54 -31.51 82.69 -99.39
CA PHE G 54 -32.13 81.37 -99.42
C PHE G 54 -31.36 80.40 -98.52
N ALA G 55 -30.05 80.38 -98.67
CA ALA G 55 -29.19 79.50 -97.90
C ALA G 55 -29.28 79.88 -96.44
N GLN G 56 -29.16 81.17 -96.16
CA GLN G 56 -29.21 81.66 -94.79
C GLN G 56 -30.48 81.16 -94.10
N TYR G 57 -31.62 81.33 -94.75
CA TYR G 57 -32.89 80.89 -94.17
C TYR G 57 -32.88 79.39 -93.82
N ASN G 58 -32.55 78.57 -94.82
CA ASN G 58 -32.56 77.12 -94.63
C ASN G 58 -31.65 76.66 -93.49
N MET G 59 -30.45 77.22 -93.42
CA MET G 59 -29.53 76.79 -92.38
C MET G 59 -30.01 77.32 -91.04
N ASP G 60 -30.64 78.48 -91.06
CA ASP G 60 -31.12 79.09 -89.84
C ASP G 60 -32.27 78.27 -89.25
N GLN G 61 -33.02 77.63 -90.13
CA GLN G 61 -34.28 76.97 -89.72
C GLN G 61 -34.07 75.49 -89.50
N PHE G 62 -32.85 75.02 -89.71
CA PHE G 62 -32.53 73.59 -89.62
C PHE G 62 -33.47 72.79 -90.53
N THR G 63 -33.65 73.27 -91.76
CA THR G 63 -34.52 72.59 -92.71
C THR G 63 -34.16 71.11 -92.82
N PRO G 64 -35.10 70.21 -92.49
CA PRO G 64 -34.81 68.79 -92.73
C PRO G 64 -35.04 68.45 -94.19
N VAL G 65 -34.17 67.62 -94.75
CA VAL G 65 -34.30 67.22 -96.14
C VAL G 65 -34.20 65.70 -96.30
N LYS G 66 -34.99 65.15 -97.21
CA LYS G 66 -34.96 63.72 -97.49
C LYS G 66 -33.98 63.39 -98.62
N ILE G 67 -33.10 62.44 -98.39
CA ILE G 67 -32.20 61.99 -99.43
C ILE G 67 -32.64 60.63 -99.95
N GLU G 68 -32.74 60.51 -101.27
CA GLU G 68 -33.16 59.25 -101.87
C GLU G 68 -32.20 58.12 -101.54
N GLY G 69 -32.74 57.06 -100.96
CA GLY G 69 -31.94 55.88 -100.67
C GLY G 69 -31.47 55.81 -99.23
N TYR G 70 -31.73 56.86 -98.45
CA TYR G 70 -31.36 56.85 -97.05
C TYR G 70 -32.58 57.17 -96.20
N ASP G 71 -32.89 56.28 -95.27
CA ASP G 71 -34.01 56.49 -94.36
C ASP G 71 -33.69 57.61 -93.38
N ASP G 72 -34.73 58.17 -92.78
CA ASP G 72 -34.56 59.31 -91.91
C ASP G 72 -33.92 60.45 -92.71
N GLN G 73 -34.04 61.67 -92.19
CA GLN G 73 -33.57 62.82 -92.93
C GLN G 73 -32.38 63.48 -92.24
N VAL G 74 -31.88 64.56 -92.83
CA VAL G 74 -30.72 65.26 -92.29
C VAL G 74 -31.03 66.76 -92.23
N LEU G 75 -30.44 67.45 -91.26
CA LEU G 75 -30.71 68.88 -91.13
C LEU G 75 -29.72 69.71 -91.92
N ILE G 76 -30.24 70.70 -92.66
CA ILE G 76 -29.39 71.70 -93.31
C ILE G 76 -28.98 72.73 -92.27
N THR G 77 -27.70 72.74 -91.93
CA THR G 77 -27.20 73.69 -90.94
C THR G 77 -25.84 74.24 -91.36
N GLU G 78 -25.42 75.31 -90.69
CA GLU G 78 -24.13 75.92 -90.99
C GLU G 78 -23.03 74.89 -90.77
N HIS G 79 -23.26 73.96 -89.84
CA HIS G 79 -22.25 72.99 -89.47
C HIS G 79 -22.03 71.94 -90.55
N GLY G 80 -22.96 71.84 -91.49
CA GLY G 80 -22.84 70.83 -92.52
C GLY G 80 -22.51 71.44 -93.86
N ASP G 81 -22.37 72.77 -93.88
CA ASP G 81 -22.14 73.50 -95.11
C ASP G 81 -20.76 73.16 -95.64
N LEU G 82 -20.73 72.46 -96.78
CA LEU G 82 -19.47 72.06 -97.40
C LEU G 82 -19.07 73.01 -98.52
N GLY G 83 -19.82 74.08 -98.70
CA GLY G 83 -19.57 75.01 -99.79
C GLY G 83 -19.91 74.36 -101.12
N ASN G 84 -19.87 75.15 -102.18
CA ASN G 84 -20.17 74.65 -103.52
C ASN G 84 -21.58 74.07 -103.62
N GLY G 85 -22.42 74.43 -102.65
CA GLY G 85 -23.82 74.02 -102.67
C GLY G 85 -24.04 72.61 -102.14
N ARG G 86 -23.02 72.05 -101.49
CA ARG G 86 -23.12 70.70 -100.94
C ARG G 86 -23.09 70.71 -99.42
N PHE G 87 -23.81 69.77 -98.83
CA PHE G 87 -23.90 69.68 -97.38
C PHE G 87 -23.52 68.28 -96.93
N LEU G 88 -23.09 68.20 -95.67
CA LEU G 88 -22.60 66.97 -95.09
C LEU G 88 -23.69 66.28 -94.28
N ASP G 89 -23.84 64.98 -94.51
CA ASP G 89 -24.66 64.13 -93.64
C ASP G 89 -23.72 63.26 -92.84
N PRO G 90 -23.44 63.65 -91.59
CA PRO G 90 -22.43 62.94 -90.78
C PRO G 90 -22.90 61.55 -90.35
N ARG G 91 -24.20 61.31 -90.37
CA ARG G 91 -24.72 60.01 -89.95
C ARG G 91 -24.55 58.96 -91.04
N ASN G 92 -24.86 59.35 -92.28
CA ASN G 92 -24.79 58.43 -93.41
C ASN G 92 -23.46 58.52 -94.12
N LYS G 93 -22.59 59.39 -93.61
CA LYS G 93 -21.24 59.52 -94.12
C LYS G 93 -21.27 59.84 -95.60
N ILE G 94 -22.00 60.91 -95.93
CA ILE G 94 -22.27 61.26 -97.30
C ILE G 94 -22.28 62.79 -97.44
N SER G 95 -21.96 63.29 -98.63
CA SER G 95 -22.26 64.68 -98.94
C SER G 95 -23.36 64.67 -99.99
N PHE G 96 -24.07 65.79 -100.11
CA PHE G 96 -25.11 65.85 -101.13
C PHE G 96 -25.25 67.27 -101.64
N LYS G 97 -25.77 67.40 -102.87
CA LYS G 97 -26.09 68.70 -103.43
C LYS G 97 -27.42 69.16 -102.84
N PHE G 98 -27.53 70.44 -102.52
CA PHE G 98 -28.78 70.98 -102.01
C PHE G 98 -29.18 72.26 -102.70
N ASP G 99 -30.39 72.26 -103.24
CA ASP G 99 -30.97 73.41 -103.92
C ASP G 99 -31.82 74.16 -102.90
N HIS G 100 -31.37 75.35 -102.51
CA HIS G 100 -32.05 76.11 -101.45
C HIS G 100 -33.45 76.58 -101.81
N LEU G 101 -33.68 76.81 -103.09
CA LEU G 101 -34.95 77.31 -103.57
C LEU G 101 -35.97 76.20 -103.60
N ARG G 102 -35.61 75.12 -104.29
CA ARG G 102 -36.49 73.97 -104.44
C ARG G 102 -36.46 73.04 -103.22
N LYS G 103 -35.55 73.32 -102.29
CA LYS G 103 -35.39 72.51 -101.09
C LYS G 103 -35.31 71.02 -101.40
N GLU G 104 -34.40 70.66 -102.30
CA GLU G 104 -34.23 69.27 -102.69
C GLU G 104 -32.78 68.83 -102.64
N ALA G 105 -32.54 67.65 -102.08
CA ALA G 105 -31.20 67.07 -102.09
C ALA G 105 -31.00 66.23 -103.36
N SER G 106 -29.76 66.14 -103.82
CA SER G 106 -29.45 65.30 -104.98
C SER G 106 -27.98 64.95 -104.97
N ASP G 107 -27.64 63.90 -105.72
CA ASP G 107 -26.24 63.52 -105.96
C ASP G 107 -25.49 63.11 -104.69
N PRO G 108 -26.05 62.15 -103.94
CA PRO G 108 -25.35 61.68 -102.75
C PRO G 108 -24.03 61.06 -103.13
N GLN G 109 -22.97 61.37 -102.37
CA GLN G 109 -21.68 60.74 -102.62
C GLN G 109 -21.00 60.39 -101.30
N PRO G 110 -20.42 59.20 -101.23
CA PRO G 110 -19.62 58.84 -100.06
C PRO G 110 -18.64 59.97 -99.74
N GLU G 111 -18.58 60.37 -98.48
CA GLU G 111 -17.67 61.43 -98.04
C GLU G 111 -16.82 60.96 -96.88
N ASP G 112 -15.52 61.17 -96.98
CA ASP G 112 -14.60 60.74 -95.94
C ASP G 112 -14.86 61.55 -94.67
N THR G 113 -15.36 60.87 -93.64
CA THR G 113 -15.80 61.52 -92.42
C THR G 113 -14.84 61.22 -91.26
N GLU G 114 -13.86 60.37 -91.53
CA GLU G 114 -12.90 59.95 -90.50
C GLU G 114 -12.41 61.11 -89.64
N SER G 115 -12.14 60.79 -88.38
CA SER G 115 -11.83 61.80 -87.39
C SER G 115 -11.52 61.09 -86.08
N ALA G 116 -10.90 61.80 -85.15
CA ALA G 116 -10.66 61.25 -83.82
C ALA G 116 -11.90 61.46 -82.97
N LEU G 117 -12.87 62.15 -83.55
CA LEU G 117 -14.13 62.42 -82.89
C LEU G 117 -15.15 61.37 -83.32
N LYS G 118 -14.83 60.69 -84.42
CA LYS G 118 -15.72 59.76 -85.09
C LYS G 118 -16.64 58.94 -84.16
N GLN G 119 -16.03 58.22 -83.23
CA GLN G 119 -16.77 57.29 -82.36
C GLN G 119 -17.65 57.99 -81.33
N TRP G 120 -17.27 59.18 -80.94
CA TRP G 120 -18.09 59.97 -80.02
C TRP G 120 -19.33 60.51 -80.73
N ARG G 121 -19.11 61.13 -81.88
CA ARG G 121 -20.20 61.64 -82.71
C ARG G 121 -21.23 60.52 -82.88
N ASP G 122 -20.74 59.31 -83.14
CA ASP G 122 -21.60 58.17 -83.43
C ASP G 122 -22.38 57.72 -82.19
N ALA G 123 -21.72 57.71 -81.04
CA ALA G 123 -22.40 57.31 -79.82
C ALA G 123 -23.44 58.36 -79.43
N CYS G 124 -23.09 59.63 -79.53
CA CYS G 124 -24.02 60.72 -79.24
C CYS G 124 -25.19 60.67 -80.20
N ASP G 125 -24.90 60.42 -81.47
CA ASP G 125 -25.90 60.43 -82.53
C ASP G 125 -26.93 59.34 -82.29
N SER G 126 -26.47 58.13 -81.97
CA SER G 126 -27.41 57.03 -81.79
C SER G 126 -28.28 57.29 -80.57
N ALA G 127 -27.65 57.75 -79.49
CA ALA G 127 -28.40 58.14 -78.30
C ALA G 127 -29.40 59.28 -78.57
N LEU G 128 -28.96 60.32 -79.29
CA LEU G 128 -29.86 61.45 -79.57
C LEU G 128 -31.03 61.06 -80.46
N ARG G 129 -30.75 60.23 -81.45
CA ARG G 129 -31.77 59.78 -82.38
C ARG G 129 -32.89 59.09 -81.60
N ALA G 130 -32.54 58.24 -80.64
CA ALA G 130 -33.56 57.62 -79.80
C ALA G 130 -34.29 58.64 -78.92
N TYR G 131 -33.55 59.59 -78.36
CA TYR G 131 -34.20 60.66 -77.60
C TYR G 131 -35.23 61.42 -78.46
N VAL G 132 -34.86 61.70 -79.70
CA VAL G 132 -35.73 62.50 -80.56
C VAL G 132 -36.96 61.72 -81.02
N LYS G 133 -36.80 60.42 -81.31
CA LYS G 133 -37.97 59.60 -81.64
C LYS G 133 -38.97 59.56 -80.48
N ASP G 134 -38.46 59.56 -79.24
CA ASP G 134 -39.32 59.47 -78.05
C ASP G 134 -39.98 60.80 -77.71
N HIS G 135 -39.24 61.89 -77.86
CA HIS G 135 -39.66 63.20 -77.34
C HIS G 135 -40.35 64.11 -78.32
N TYR G 136 -40.19 63.83 -79.62
CA TYR G 136 -40.79 64.62 -80.67
C TYR G 136 -41.64 63.77 -81.63
N PRO G 137 -42.83 64.28 -82.00
CA PRO G 137 -43.68 63.57 -82.96
C PRO G 137 -43.02 63.51 -84.34
N ASN G 138 -42.42 64.60 -84.77
CA ASN G 138 -41.84 64.70 -86.12
C ASN G 138 -40.40 65.16 -86.08
N GLY G 139 -39.64 64.72 -85.08
CA GLY G 139 -38.31 65.24 -84.88
C GLY G 139 -37.28 64.69 -85.85
N PHE G 140 -36.23 65.46 -86.10
CA PHE G 140 -35.06 64.99 -86.82
C PHE G 140 -33.85 65.56 -86.11
N CYS G 141 -32.74 64.83 -86.14
CA CYS G 141 -31.53 65.35 -85.53
C CYS G 141 -30.31 65.05 -86.38
N THR G 142 -29.33 65.93 -86.28
CA THR G 142 -28.05 65.77 -86.94
C THR G 142 -26.96 66.16 -85.95
N VAL G 143 -25.98 65.28 -85.77
CA VAL G 143 -24.90 65.51 -84.84
C VAL G 143 -23.55 65.60 -85.55
N TYR G 144 -22.85 66.71 -85.33
CA TYR G 144 -21.58 66.95 -85.98
C TYR G 144 -20.44 66.78 -85.00
N GLY G 145 -19.31 66.28 -85.49
CA GLY G 145 -18.13 66.15 -84.66
C GLY G 145 -16.98 66.84 -85.34
N LYS G 146 -16.53 67.94 -84.77
CA LYS G 146 -15.47 68.72 -85.37
C LYS G 146 -14.58 69.41 -84.34
N SER G 147 -13.40 69.84 -84.78
CA SER G 147 -12.47 70.55 -83.93
C SER G 147 -12.54 72.05 -84.21
N ILE G 148 -12.98 72.82 -83.22
CA ILE G 148 -13.00 74.27 -83.35
C ILE G 148 -12.04 74.89 -82.33
N ASP G 149 -11.10 75.69 -82.82
CA ASP G 149 -10.06 76.27 -81.99
C ASP G 149 -9.28 75.15 -81.30
N GLY G 150 -9.12 74.03 -82.00
CA GLY G 150 -8.41 72.89 -81.45
C GLY G 150 -9.24 72.07 -80.46
N GLN G 151 -10.27 72.70 -79.91
CA GLN G 151 -11.16 72.05 -78.96
C GLN G 151 -12.08 71.05 -79.66
N GLN G 152 -12.16 69.84 -79.12
CA GLN G 152 -13.07 68.82 -79.65
C GLN G 152 -14.52 69.10 -79.23
N THR G 153 -15.40 69.29 -80.21
CA THR G 153 -16.77 69.69 -79.94
C THR G 153 -17.78 68.75 -80.62
N ILE G 154 -18.80 68.35 -79.88
CA ILE G 154 -19.95 67.69 -80.45
C ILE G 154 -21.05 68.74 -80.58
N ILE G 155 -21.66 68.83 -81.76
CA ILE G 155 -22.76 69.79 -81.98
C ILE G 155 -24.00 69.01 -82.35
N ALA G 156 -24.97 69.03 -81.44
CA ALA G 156 -26.21 68.30 -81.64
C ALA G 156 -27.29 69.28 -82.04
N CYS G 157 -27.94 69.02 -83.17
CA CYS G 157 -29.01 69.86 -83.71
C CYS G 157 -30.31 69.08 -83.82
N ILE G 158 -31.40 69.66 -83.32
CA ILE G 158 -32.70 69.01 -83.32
C ILE G 158 -33.74 69.95 -83.96
N GLU G 159 -34.51 69.44 -84.93
CA GLU G 159 -35.62 70.19 -85.49
C GLU G 159 -36.90 69.39 -85.38
N SER G 160 -38.01 70.08 -85.21
CA SER G 160 -39.32 69.46 -85.32
C SER G 160 -40.32 70.54 -85.76
N HIS G 161 -41.18 70.20 -86.71
CA HIS G 161 -42.19 71.17 -87.15
C HIS G 161 -43.50 70.51 -87.48
N GLN G 162 -44.53 71.34 -87.56
CA GLN G 162 -45.86 70.94 -87.96
C GLN G 162 -46.38 72.07 -88.84
N PHE G 163 -46.54 71.80 -90.13
CA PHE G 163 -47.09 72.80 -91.05
C PHE G 163 -48.53 72.46 -91.38
N GLN G 164 -49.44 73.40 -91.14
CA GLN G 164 -50.83 73.20 -91.56
C GLN G 164 -51.41 74.48 -92.16
N PRO G 165 -50.89 74.86 -93.33
CA PRO G 165 -51.26 76.12 -93.99
C PRO G 165 -52.77 76.20 -94.24
N LYS G 166 -53.41 75.06 -94.48
CA LYS G 166 -54.85 75.02 -94.68
C LYS G 166 -55.61 75.39 -93.43
N ASN G 167 -55.01 75.20 -92.25
CA ASN G 167 -55.68 75.66 -91.03
C ASN G 167 -55.05 76.97 -90.53
N PHE G 168 -54.27 77.57 -91.41
CA PHE G 168 -53.62 78.86 -91.13
C PHE G 168 -52.72 78.83 -89.91
N TRP G 169 -51.91 77.80 -89.79
CA TRP G 169 -50.88 77.82 -88.78
C TRP G 169 -49.70 76.92 -89.08
N ASN G 170 -48.56 77.29 -88.50
CA ASN G 170 -47.30 76.55 -88.61
C ASN G 170 -46.52 76.73 -87.35
N GLY G 171 -45.74 75.70 -87.00
CA GLY G 171 -44.88 75.81 -85.83
C GLY G 171 -43.58 75.06 -86.07
N ARG G 172 -42.55 75.47 -85.36
CA ARG G 172 -41.26 74.79 -85.43
C ARG G 172 -40.50 74.93 -84.12
N TRP G 173 -39.88 73.83 -83.72
CA TRP G 173 -38.91 73.80 -82.64
C TRP G 173 -37.52 73.60 -83.26
N ARG G 174 -36.53 74.28 -82.69
CA ARG G 174 -35.12 74.05 -83.02
C ARG G 174 -34.34 74.09 -81.74
N SER G 175 -33.44 73.13 -81.56
CA SER G 175 -32.49 73.23 -80.47
C SER G 175 -31.11 72.91 -80.99
N GLU G 176 -30.11 73.63 -80.47
CA GLU G 176 -28.71 73.38 -80.81
C GLU G 176 -27.87 73.30 -79.54
N TRP G 177 -27.24 72.15 -79.33
CA TRP G 177 -26.44 71.84 -78.15
C TRP G 177 -24.97 71.69 -78.54
N LYS G 178 -24.09 72.40 -77.83
CA LYS G 178 -22.66 72.30 -78.08
C LYS G 178 -21.91 71.79 -76.85
N PHE G 179 -21.27 70.64 -77.00
CA PHE G 179 -20.48 70.03 -75.96
C PHE G 179 -19.00 70.18 -76.30
N THR G 180 -18.30 71.00 -75.53
CA THR G 180 -16.88 71.23 -75.76
C THR G 180 -16.11 70.34 -74.80
N ILE G 181 -15.51 69.28 -75.34
CA ILE G 181 -14.89 68.23 -74.52
C ILE G 181 -13.53 68.58 -73.95
N THR G 182 -13.44 68.58 -72.62
CA THR G 182 -12.20 68.83 -71.90
C THR G 182 -12.13 67.96 -70.63
N PRO G 183 -11.80 66.67 -70.78
CA PRO G 183 -11.80 65.73 -69.64
C PRO G 183 -11.14 66.34 -68.41
N PRO G 184 -11.71 66.10 -67.22
CA PRO G 184 -12.85 65.20 -67.01
C PRO G 184 -14.19 65.91 -67.16
N THR G 185 -14.22 67.11 -67.74
CA THR G 185 -15.44 67.91 -67.83
C THR G 185 -15.75 68.45 -69.23
N ALA G 186 -17.01 68.36 -69.65
CA ALA G 186 -17.44 68.95 -70.92
C ALA G 186 -18.21 70.23 -70.67
N GLN G 187 -17.91 71.26 -71.46
CA GLN G 187 -18.64 72.52 -71.39
C GLN G 187 -19.88 72.44 -72.24
N VAL G 188 -21.02 72.79 -71.66
CA VAL G 188 -22.28 72.68 -72.39
C VAL G 188 -22.88 74.05 -72.68
N ALA G 189 -23.12 74.35 -73.96
CA ALA G 189 -23.84 75.56 -74.38
C ALA G 189 -24.98 75.17 -75.31
N ALA G 190 -26.14 75.79 -75.12
CA ALA G 190 -27.29 75.48 -75.97
C ALA G 190 -28.19 76.68 -76.20
N VAL G 191 -28.90 76.65 -77.32
CA VAL G 191 -29.99 77.59 -77.59
C VAL G 191 -31.22 76.81 -77.99
N LEU G 192 -32.31 76.98 -77.25
CA LEU G 192 -33.58 76.35 -77.60
C LEU G 192 -34.49 77.42 -78.20
N LYS G 193 -35.23 77.07 -79.25
CA LYS G 193 -36.05 78.05 -79.95
C LYS G 193 -37.39 77.50 -80.35
N ILE G 194 -38.45 78.30 -80.17
CA ILE G 194 -39.78 77.95 -80.63
C ILE G 194 -40.39 79.14 -81.38
N GLN G 195 -41.12 78.83 -82.44
CA GLN G 195 -41.88 79.82 -83.18
C GLN G 195 -43.18 79.22 -83.65
N VAL G 196 -44.28 79.90 -83.35
CA VAL G 196 -45.57 79.45 -83.82
C VAL G 196 -46.25 80.64 -84.45
N HIS G 197 -46.94 80.38 -85.56
CA HIS G 197 -47.64 81.43 -86.30
C HIS G 197 -49.06 81.00 -86.60
N TYR G 198 -50.03 81.81 -86.17
CA TYR G 198 -51.43 81.57 -86.46
C TYR G 198 -52.01 82.76 -87.21
N TYR G 199 -52.69 82.50 -88.33
CA TYR G 199 -53.02 83.62 -89.21
C TYR G 199 -54.36 83.55 -89.91
N GLU G 200 -55.34 82.88 -89.30
CA GLU G 200 -56.70 83.00 -89.80
C GLU G 200 -57.26 84.38 -89.44
N ASP G 201 -57.38 85.24 -90.43
CA ASP G 201 -57.91 86.58 -90.21
C ASP G 201 -57.10 87.30 -89.14
N GLY G 202 -55.78 87.15 -89.21
CA GLY G 202 -54.90 87.88 -88.33
C GLY G 202 -53.46 87.39 -88.45
N ASN G 203 -52.63 87.79 -87.50
CA ASN G 203 -51.23 87.38 -87.46
C ASN G 203 -50.79 87.38 -86.03
N VAL G 204 -50.72 86.18 -85.44
CA VAL G 204 -50.35 86.03 -84.04
C VAL G 204 -49.16 85.11 -83.99
N GLN G 205 -48.12 85.50 -83.26
CA GLN G 205 -46.93 84.64 -83.21
C GLN G 205 -46.36 84.51 -81.83
N LEU G 206 -46.01 83.28 -81.48
CA LEU G 206 -45.17 83.00 -80.34
C LEU G 206 -43.72 82.96 -80.83
N VAL G 207 -42.86 83.75 -80.21
CA VAL G 207 -41.44 83.69 -80.49
C VAL G 207 -40.75 83.54 -79.14
N SER G 208 -39.95 82.49 -79.00
CA SER G 208 -39.29 82.27 -77.75
C SER G 208 -37.93 81.60 -77.91
N HIS G 209 -37.04 81.86 -76.99
CA HIS G 209 -35.80 81.13 -76.98
C HIS G 209 -35.16 81.22 -75.63
N LYS G 210 -34.32 80.24 -75.36
CA LYS G 210 -33.65 80.17 -74.08
C LYS G 210 -32.22 79.71 -74.27
N ASP G 211 -31.29 80.38 -73.60
CA ASP G 211 -29.89 79.99 -73.69
C ASP G 211 -29.58 79.09 -72.50
N ILE G 212 -28.87 78.00 -72.77
CA ILE G 212 -28.45 77.08 -71.70
C ILE G 212 -26.93 77.07 -71.56
N GLN G 213 -26.47 77.10 -70.32
CA GLN G 213 -25.03 77.03 -70.06
C GLN G 213 -24.81 76.02 -68.96
N ASP G 214 -23.96 75.03 -69.21
CA ASP G 214 -23.80 73.93 -68.26
C ASP G 214 -22.49 73.18 -68.46
N SER G 215 -22.34 72.10 -67.70
CA SER G 215 -21.16 71.25 -67.79
C SER G 215 -21.48 69.83 -67.34
N VAL G 216 -20.82 68.86 -67.94
CA VAL G 216 -21.04 67.47 -67.58
C VAL G 216 -19.73 66.71 -67.40
N GLN G 217 -19.77 65.67 -66.59
CA GLN G 217 -18.65 64.74 -66.48
C GLN G 217 -18.53 63.99 -67.80
N VAL G 218 -17.30 63.85 -68.28
CA VAL G 218 -17.05 63.07 -69.47
C VAL G 218 -16.32 61.78 -69.06
N SER G 219 -16.67 60.67 -69.69
CA SER G 219 -16.09 59.37 -69.37
C SER G 219 -15.86 58.56 -70.63
N SER G 220 -16.54 57.41 -70.70
CA SER G 220 -16.54 56.58 -71.88
C SER G 220 -17.38 57.21 -72.99
N ASP G 221 -17.10 56.85 -74.24
CA ASP G 221 -17.90 57.34 -75.35
C ASP G 221 -19.39 57.10 -75.10
N VAL G 222 -19.73 55.86 -74.80
CA VAL G 222 -21.11 55.47 -74.57
C VAL G 222 -21.74 56.14 -73.34
N GLN G 223 -21.02 56.15 -72.21
CA GLN G 223 -21.57 56.73 -70.98
C GLN G 223 -21.79 58.25 -71.08
N THR G 224 -20.93 58.92 -71.84
CA THR G 224 -21.00 60.36 -71.96
C THR G 224 -22.24 60.69 -72.76
N ALA G 225 -22.42 60.01 -73.89
CA ALA G 225 -23.63 60.14 -74.68
C ALA G 225 -24.86 60.08 -73.76
N LYS G 226 -24.93 59.09 -72.88
CA LYS G 226 -26.04 59.01 -71.95
C LYS G 226 -26.15 60.27 -71.10
N GLU G 227 -25.00 60.74 -70.61
CA GLU G 227 -24.94 61.95 -69.81
C GLU G 227 -25.46 63.17 -70.58
N PHE G 228 -25.00 63.32 -71.82
CA PHE G 228 -25.36 64.45 -72.68
C PHE G 228 -26.88 64.48 -72.90
N ILE G 229 -27.43 63.32 -73.27
CA ILE G 229 -28.83 63.20 -73.57
C ILE G 229 -29.65 63.46 -72.33
N LYS G 230 -29.15 63.04 -71.17
CA LYS G 230 -29.86 63.36 -69.91
C LYS G 230 -29.95 64.88 -69.66
N ILE G 231 -28.85 65.59 -69.89
CA ILE G 231 -28.82 67.06 -69.78
C ILE G 231 -29.80 67.67 -70.77
N ILE G 232 -29.74 67.21 -72.01
CA ILE G 232 -30.68 67.72 -73.04
C ILE G 232 -32.13 67.51 -72.59
N GLU G 233 -32.43 66.31 -72.11
CA GLU G 233 -33.80 65.99 -71.77
C GLU G 233 -34.31 66.85 -70.62
N ASN G 234 -33.51 66.98 -69.56
CA ASN G 234 -33.91 67.80 -68.42
C ASN G 234 -34.14 69.27 -68.79
N ALA G 235 -33.25 69.82 -69.62
CA ALA G 235 -33.32 71.23 -70.01
C ALA G 235 -34.54 71.47 -70.88
N GLU G 236 -34.72 70.62 -71.89
CA GLU G 236 -35.83 70.79 -72.83
C GLU G 236 -37.19 70.61 -72.15
N ASN G 237 -37.31 69.62 -71.28
CA ASN G 237 -38.54 69.50 -70.49
C ASN G 237 -38.78 70.69 -69.57
N GLU G 238 -37.74 71.18 -68.91
CA GLU G 238 -37.83 72.35 -68.06
C GLU G 238 -38.36 73.55 -68.85
N TYR G 239 -37.83 73.74 -70.05
CA TYR G 239 -38.19 74.88 -70.89
C TYR G 239 -39.65 74.75 -71.29
N GLN G 240 -40.04 73.57 -71.77
CA GLN G 240 -41.42 73.36 -72.19
C GLN G 240 -42.35 73.55 -71.01
N THR G 241 -41.95 73.08 -69.84
CA THR G 241 -42.72 73.33 -68.61
C THR G 241 -42.85 74.83 -68.25
N ALA G 242 -41.76 75.57 -68.35
CA ALA G 242 -41.81 77.01 -68.10
C ALA G 242 -42.70 77.71 -69.12
N ILE G 243 -42.65 77.27 -70.37
CA ILE G 243 -43.53 77.85 -71.37
C ILE G 243 -44.98 77.61 -70.98
N SER G 244 -45.29 76.38 -70.59
CA SER G 244 -46.65 76.05 -70.16
C SER G 244 -47.07 76.91 -68.99
N GLU G 245 -46.15 77.14 -68.05
CA GLU G 245 -46.44 77.99 -66.90
C GLU G 245 -46.70 79.44 -67.29
N ASN G 246 -45.99 79.95 -68.31
CA ASN G 246 -46.17 81.31 -68.78
C ASN G 246 -47.54 81.50 -69.42
N TYR G 247 -47.94 80.52 -70.23
CA TYR G 247 -49.25 80.50 -70.84
C TYR G 247 -50.36 80.61 -69.80
N GLN G 248 -50.22 79.85 -68.73
CA GLN G 248 -51.25 79.81 -67.69
C GLN G 248 -51.35 81.15 -66.99
N THR G 249 -50.19 81.70 -66.65
CA THR G 249 -50.11 83.03 -66.02
C THR G 249 -50.60 84.16 -66.93
N MET G 250 -50.22 84.13 -68.21
CA MET G 250 -50.74 85.10 -69.17
C MET G 250 -52.27 85.03 -69.26
N SER G 251 -52.82 83.81 -69.18
CA SER G 251 -54.25 83.58 -69.30
C SER G 251 -55.03 83.97 -68.04
N ASP G 252 -54.52 83.60 -66.87
CA ASP G 252 -55.23 83.76 -65.61
C ASP G 252 -55.00 85.11 -64.96
N THR G 253 -53.96 85.81 -65.40
CA THR G 253 -53.57 87.05 -64.74
C THR G 253 -53.53 88.21 -65.72
N THR G 254 -52.57 88.20 -66.63
CA THR G 254 -52.38 89.36 -67.51
C THR G 254 -53.60 89.63 -68.42
N PHE G 255 -54.05 88.61 -69.12
CA PHE G 255 -55.12 88.82 -70.10
C PHE G 255 -56.39 89.28 -69.38
N LYS G 256 -56.74 88.59 -68.30
CA LYS G 256 -57.90 88.96 -67.52
C LYS G 256 -57.86 90.41 -67.07
N ALA G 257 -56.70 90.88 -66.64
CA ALA G 257 -56.56 92.21 -66.09
C ALA G 257 -56.65 93.30 -67.16
N LEU G 258 -56.35 92.94 -68.41
CA LEU G 258 -56.37 93.92 -69.50
C LEU G 258 -57.78 94.44 -69.80
N ARG G 259 -58.75 93.52 -69.82
CA ARG G 259 -60.14 93.92 -70.07
C ARG G 259 -61.12 92.96 -69.41
N ARG G 260 -62.14 93.52 -68.78
CA ARG G 260 -63.20 92.72 -68.16
C ARG G 260 -64.02 92.00 -69.23
N GLN G 261 -64.62 90.88 -68.86
CA GLN G 261 -65.58 90.23 -69.76
C GLN G 261 -66.85 91.06 -69.89
N LEU G 262 -67.31 91.59 -68.75
CA LEU G 262 -68.52 92.42 -68.67
C LEU G 262 -68.29 93.47 -67.62
N PRO G 263 -68.97 94.61 -67.74
CA PRO G 263 -68.91 95.63 -66.69
C PRO G 263 -69.41 95.02 -65.39
N VAL G 264 -69.18 95.72 -64.27
CA VAL G 264 -69.56 95.20 -62.96
C VAL G 264 -71.06 94.88 -62.84
N THR G 265 -71.89 95.54 -63.62
CA THR G 265 -73.33 95.25 -63.65
C THR G 265 -73.63 93.85 -64.16
N ARG G 266 -72.64 93.20 -64.78
CA ARG G 266 -72.81 91.86 -65.35
C ARG G 266 -73.89 91.88 -66.42
N THR G 267 -74.07 93.02 -67.05
CA THR G 267 -74.88 93.10 -68.25
C THR G 267 -74.15 94.01 -69.23
N LYS G 268 -74.45 93.85 -70.51
CA LYS G 268 -73.89 94.77 -71.50
C LYS G 268 -74.35 96.18 -71.20
N ILE G 269 -73.66 97.15 -71.77
CA ILE G 269 -73.94 98.55 -71.51
C ILE G 269 -75.32 98.96 -72.03
N ASP G 270 -76.02 99.77 -71.25
CA ASP G 270 -77.26 100.40 -71.68
C ASP G 270 -76.86 101.73 -72.30
N TRP G 271 -76.79 101.76 -73.62
CA TRP G 271 -76.21 102.91 -74.33
C TRP G 271 -77.01 104.22 -74.19
N ASN G 272 -78.32 104.14 -74.07
CA ASN G 272 -79.12 105.34 -73.83
C ASN G 272 -78.73 106.02 -72.52
N LYS G 273 -78.49 105.20 -71.51
CA LYS G 273 -78.04 105.65 -70.19
C LYS G 273 -76.69 106.36 -70.30
N ILE G 274 -75.76 105.75 -71.02
CA ILE G 274 -74.40 106.26 -71.14
C ILE G 274 -74.41 107.65 -71.76
N LEU G 275 -75.45 107.93 -72.54
CA LEU G 275 -75.55 109.17 -73.29
C LEU G 275 -76.19 110.30 -72.47
N SER G 276 -76.77 109.94 -71.32
CA SER G 276 -77.35 110.93 -70.41
C SER G 276 -76.32 111.93 -69.92
N SER H 2 -50.43 100.36 -107.01
CA SER H 2 -50.79 99.02 -107.51
C SER H 2 -51.57 98.20 -106.49
N ASP H 3 -52.71 97.68 -106.93
CA ASP H 3 -53.42 96.75 -106.08
C ASP H 3 -52.65 95.43 -105.86
N GLN H 4 -51.87 94.95 -106.86
CA GLN H 4 -51.14 93.69 -106.68
C GLN H 4 -49.97 93.83 -105.72
N GLN H 5 -49.26 94.94 -105.82
CA GLN H 5 -48.17 95.23 -104.89
C GLN H 5 -48.76 95.49 -103.50
N LEU H 6 -49.88 96.18 -103.46
CA LEU H 6 -50.60 96.36 -102.20
C LEU H 6 -51.06 95.04 -101.55
N ASP H 7 -51.52 94.10 -102.39
CA ASP H 7 -51.98 92.80 -101.93
C ASP H 7 -50.84 92.02 -101.28
N CYS H 8 -49.67 92.08 -101.90
CA CYS H 8 -48.48 91.40 -101.41
C CYS H 8 -47.94 92.07 -100.16
N ALA H 9 -48.05 93.38 -100.10
CA ALA H 9 -47.60 94.11 -98.92
C ALA H 9 -48.36 93.68 -97.66
N LEU H 10 -49.69 93.66 -97.77
CA LEU H 10 -50.56 93.18 -96.70
C LEU H 10 -50.29 91.71 -96.38
N ASP H 11 -50.13 90.88 -97.40
CA ASP H 11 -49.84 89.47 -97.18
C ASP H 11 -48.57 89.34 -96.35
N LEU H 12 -47.57 90.16 -96.68
CA LEU H 12 -46.30 90.15 -95.97
C LEU H 12 -46.47 90.56 -94.51
N MET H 13 -47.32 91.54 -94.25
CA MET H 13 -47.56 91.97 -92.87
C MET H 13 -48.33 90.89 -92.07
N ARG H 14 -48.91 89.94 -92.76
CA ARG H 14 -49.63 88.85 -92.11
C ARG H 14 -48.67 87.77 -91.63
N ARG H 15 -47.42 87.85 -92.07
CA ARG H 15 -46.49 86.73 -91.97
C ARG H 15 -45.21 87.09 -91.20
N LEU H 16 -44.70 88.30 -91.40
CA LEU H 16 -43.54 88.80 -90.68
C LEU H 16 -43.93 88.90 -89.21
N PRO H 17 -42.97 88.64 -88.33
CA PRO H 17 -43.31 88.65 -86.90
C PRO H 17 -43.94 89.98 -86.43
N PRO H 18 -45.08 89.88 -85.74
CA PRO H 18 -45.73 91.09 -85.24
C PRO H 18 -44.88 91.77 -84.16
N GLN H 19 -43.92 91.06 -83.59
CA GLN H 19 -43.02 91.69 -82.63
C GLN H 19 -42.27 92.85 -83.25
N GLN H 20 -42.07 92.80 -84.57
CA GLN H 20 -41.39 93.93 -85.25
C GLN H 20 -42.38 94.70 -86.13
N ILE H 21 -43.63 94.72 -85.70
CA ILE H 21 -44.69 95.34 -86.50
C ILE H 21 -44.36 96.75 -86.99
N GLU H 22 -43.77 97.58 -86.13
CA GLU H 22 -43.44 98.95 -86.55
C GLU H 22 -42.30 99.03 -87.58
N LYS H 23 -41.23 98.29 -87.33
CA LYS H 23 -40.10 98.25 -88.26
C LYS H 23 -40.50 97.58 -89.59
N ASN H 24 -41.32 96.55 -89.51
CA ASN H 24 -41.85 95.92 -90.73
C ASN H 24 -42.49 96.97 -91.66
N LEU H 25 -43.38 97.77 -91.10
CA LEU H 25 -44.09 98.78 -91.88
C LEU H 25 -43.13 99.77 -92.56
N SER H 26 -42.23 100.38 -91.79
CA SER H 26 -41.32 101.36 -92.40
C SER H 26 -40.37 100.74 -93.41
N ASP H 27 -39.95 99.49 -93.17
CA ASP H 27 -39.18 98.74 -94.15
C ASP H 27 -39.98 98.59 -95.44
N LEU H 28 -41.25 98.23 -95.26
CA LEU H 28 -42.17 98.07 -96.39
C LEU H 28 -42.36 99.36 -97.17
N ILE H 29 -42.54 100.45 -96.44
CA ILE H 29 -42.62 101.75 -97.09
C ILE H 29 -41.35 102.06 -97.88
N ASP H 30 -40.18 101.73 -97.33
CA ASP H 30 -38.92 101.97 -98.01
C ASP H 30 -38.79 101.08 -99.24
N LEU H 31 -39.30 99.86 -99.13
CA LEU H 31 -39.22 98.92 -100.24
C LEU H 31 -40.09 99.37 -101.41
N VAL H 32 -41.27 99.92 -101.10
CA VAL H 32 -42.21 100.40 -102.14
C VAL H 32 -42.76 101.80 -101.83
N PRO H 33 -41.92 102.82 -101.98
CA PRO H 33 -42.22 104.20 -101.62
C PRO H 33 -43.58 104.67 -102.16
N SER H 34 -43.98 104.17 -103.32
CA SER H 34 -45.24 104.61 -103.94
C SER H 34 -46.53 104.17 -103.22
N LEU H 35 -46.44 103.17 -102.34
CA LEU H 35 -47.63 102.68 -101.65
C LEU H 35 -47.74 103.33 -100.29
N CYS H 36 -46.95 104.36 -100.04
CA CYS H 36 -46.92 104.96 -98.70
C CYS H 36 -48.28 105.28 -98.11
N GLU H 37 -49.12 106.00 -98.85
CA GLU H 37 -50.41 106.40 -98.30
C GLU H 37 -51.31 105.19 -98.02
N ASP H 38 -51.36 104.27 -98.98
CA ASP H 38 -52.14 103.06 -98.88
C ASP H 38 -51.68 102.21 -97.69
N LEU H 39 -50.37 101.99 -97.58
CA LEU H 39 -49.84 101.20 -96.47
C LEU H 39 -50.13 101.88 -95.13
N LEU H 40 -49.87 103.18 -95.03
CA LEU H 40 -50.16 103.90 -93.79
C LEU H 40 -51.62 103.77 -93.34
N SER H 41 -52.54 103.62 -94.28
CA SER H 41 -53.95 103.60 -93.90
C SER H 41 -54.53 102.19 -93.69
N SER H 42 -53.90 101.19 -94.29
CA SER H 42 -54.41 99.83 -94.18
C SER H 42 -53.59 98.91 -93.29
N VAL H 43 -52.36 99.31 -92.95
CA VAL H 43 -51.53 98.51 -92.04
C VAL H 43 -51.70 99.04 -90.61
N ASP H 44 -52.38 98.25 -89.77
CA ASP H 44 -52.56 98.64 -88.37
C ASP H 44 -51.22 98.65 -87.63
N GLN H 45 -51.09 99.55 -86.66
CA GLN H 45 -49.88 99.72 -85.87
C GLN H 45 -50.34 99.91 -84.42
N PRO H 46 -49.51 99.49 -83.46
CA PRO H 46 -49.81 99.74 -82.05
C PRO H 46 -50.09 101.21 -81.82
N LEU H 47 -51.02 101.50 -80.92
CA LEU H 47 -51.44 102.88 -80.69
C LEU H 47 -50.44 103.60 -79.82
N LYS H 48 -50.15 104.86 -80.13
CA LYS H 48 -49.26 105.65 -79.28
C LYS H 48 -50.05 106.62 -78.43
N ILE H 49 -49.59 106.87 -77.21
CA ILE H 49 -50.21 107.85 -76.34
C ILE H 49 -49.53 109.21 -76.44
N ALA H 50 -50.32 110.26 -76.66
CA ALA H 50 -49.79 111.61 -76.58
C ALA H 50 -50.55 112.38 -75.51
N ARG H 51 -50.01 113.50 -75.08
CA ARG H 51 -50.68 114.26 -74.03
C ARG H 51 -51.23 115.58 -74.56
N ASP H 52 -52.53 115.81 -74.38
CA ASP H 52 -53.11 117.10 -74.72
C ASP H 52 -52.87 118.10 -73.59
N LYS H 53 -51.85 118.93 -73.75
CA LYS H 53 -51.40 119.83 -72.70
C LYS H 53 -52.46 120.84 -72.31
N VAL H 54 -53.28 121.23 -73.28
CA VAL H 54 -54.32 122.23 -73.06
C VAL H 54 -55.40 121.70 -72.12
N VAL H 55 -55.92 120.51 -72.42
CA VAL H 55 -57.04 119.99 -71.66
C VAL H 55 -56.57 119.13 -70.48
N GLY H 56 -55.30 118.76 -70.49
CA GLY H 56 -54.77 117.85 -69.48
C GLY H 56 -55.38 116.47 -69.60
N LYS H 57 -55.38 115.91 -70.82
CA LYS H 57 -55.88 114.57 -71.07
C LYS H 57 -55.01 113.84 -72.09
N ASP H 58 -54.91 112.53 -71.95
CA ASP H 58 -54.19 111.71 -72.92
C ASP H 58 -55.07 111.44 -74.13
N TYR H 59 -54.45 111.16 -75.27
CA TYR H 59 -55.20 110.79 -76.47
C TYR H 59 -54.33 109.90 -77.34
N LEU H 60 -54.95 109.21 -78.28
CA LEU H 60 -54.27 108.14 -78.99
C LEU H 60 -53.91 108.57 -80.39
N LEU H 61 -52.70 108.20 -80.83
CA LEU H 61 -52.23 108.55 -82.16
C LEU H 61 -52.33 107.35 -83.10
N CYS H 62 -52.84 107.57 -84.29
CA CYS H 62 -52.78 106.56 -85.33
C CYS H 62 -52.86 107.28 -86.66
N ASP H 63 -52.92 106.55 -87.76
CA ASP H 63 -52.97 107.23 -89.03
C ASP H 63 -54.23 108.08 -89.20
N TYR H 64 -55.32 107.68 -88.58
CA TYR H 64 -56.58 108.38 -88.84
C TYR H 64 -56.67 109.79 -88.28
N ASN H 65 -55.87 110.12 -87.26
CA ASN H 65 -55.88 111.51 -86.75
C ASN H 65 -54.62 112.27 -87.14
N ARG H 66 -53.95 111.78 -88.17
CA ARG H 66 -52.69 112.37 -88.60
C ARG H 66 -52.89 113.27 -89.80
N ASP H 67 -52.14 114.35 -89.84
CA ASP H 67 -52.06 115.18 -91.03
C ASP H 67 -50.62 115.66 -91.11
N GLY H 68 -49.92 115.26 -92.16
CA GLY H 68 -48.50 115.53 -92.25
C GLY H 68 -47.78 114.87 -91.10
N ASP H 69 -47.08 115.65 -90.29
CA ASP H 69 -46.40 115.07 -89.14
C ASP H 69 -47.05 115.45 -87.80
N SER H 70 -48.25 116.04 -87.88
CA SER H 70 -48.98 116.42 -86.69
C SER H 70 -50.19 115.51 -86.44
N TYR H 71 -50.67 115.51 -85.20
CA TYR H 71 -51.85 114.74 -84.82
C TYR H 71 -52.90 115.59 -84.10
N ARG H 72 -54.16 115.29 -84.38
CA ARG H 72 -55.27 116.05 -83.84
C ARG H 72 -55.76 115.45 -82.52
N SER H 73 -55.85 116.28 -81.47
CA SER H 73 -56.44 115.87 -80.20
C SER H 73 -57.97 115.84 -80.32
N PRO H 74 -58.61 114.80 -79.77
CA PRO H 74 -60.08 114.76 -79.81
C PRO H 74 -60.68 115.66 -78.75
N TRP H 75 -59.85 116.12 -77.82
CA TRP H 75 -60.32 116.94 -76.72
C TRP H 75 -60.30 118.42 -77.08
N SER H 76 -59.15 118.90 -77.59
CA SER H 76 -59.00 120.32 -77.92
C SER H 76 -59.27 120.60 -79.40
N ASN H 77 -59.42 119.54 -80.19
CA ASN H 77 -59.64 119.65 -81.62
C ASN H 77 -58.53 120.46 -82.29
N LYS H 78 -57.33 120.41 -81.73
CA LYS H 78 -56.18 121.11 -82.30
C LYS H 78 -55.05 120.13 -82.68
N TYR H 79 -54.27 120.48 -83.70
CA TYR H 79 -53.13 119.66 -84.09
C TYR H 79 -51.89 119.98 -83.28
N ASP H 80 -51.10 118.93 -83.02
CA ASP H 80 -49.80 119.08 -82.40
C ASP H 80 -48.80 118.20 -83.15
N PRO H 81 -47.75 118.81 -83.74
CA PRO H 81 -47.46 120.24 -83.83
C PRO H 81 -48.54 121.02 -84.56
N PRO H 82 -48.75 122.28 -84.16
CA PRO H 82 -49.82 123.11 -84.73
C PRO H 82 -49.77 123.11 -86.25
N LEU H 83 -50.90 123.40 -86.89
CA LEU H 83 -50.99 123.34 -88.34
C LEU H 83 -51.87 124.49 -88.84
N GLU H 84 -51.53 125.03 -90.01
CA GLU H 84 -52.23 126.18 -90.55
C GLU H 84 -53.58 125.78 -91.15
N ASP H 85 -53.61 124.61 -91.76
CA ASP H 85 -54.81 124.14 -92.43
C ASP H 85 -54.98 122.64 -92.26
N GLY H 86 -54.78 122.17 -91.02
CA GLY H 86 -54.97 120.77 -90.70
C GLY H 86 -56.39 120.35 -91.04
N ALA H 87 -56.56 119.09 -91.46
CA ALA H 87 -57.90 118.60 -91.77
C ALA H 87 -58.76 118.53 -90.51
N MET H 88 -59.90 119.22 -90.56
CA MET H 88 -60.81 119.27 -89.41
C MET H 88 -62.16 118.67 -89.80
N PRO H 89 -62.89 118.14 -88.81
CA PRO H 89 -64.27 117.72 -89.07
C PRO H 89 -65.20 118.93 -89.16
N SER H 90 -66.31 118.80 -89.90
CA SER H 90 -67.30 119.87 -89.99
C SER H 90 -67.85 120.13 -88.60
N ALA H 91 -68.60 121.22 -88.44
CA ALA H 91 -69.14 121.55 -87.12
C ALA H 91 -70.06 120.45 -86.63
N ARG H 92 -70.88 119.92 -87.54
CA ARG H 92 -71.85 118.89 -87.18
C ARG H 92 -71.12 117.64 -86.69
N LEU H 93 -70.17 117.18 -87.47
CA LEU H 93 -69.42 115.98 -87.17
C LEU H 93 -68.54 116.15 -85.93
N ARG H 94 -68.01 117.36 -85.73
CA ARG H 94 -67.23 117.62 -84.51
C ARG H 94 -68.11 117.47 -83.28
N LYS H 95 -69.34 117.97 -83.36
CA LYS H 95 -70.25 117.82 -82.22
C LYS H 95 -70.50 116.35 -81.92
N LEU H 96 -70.69 115.56 -82.97
CA LEU H 96 -70.90 114.13 -82.81
C LEU H 96 -69.63 113.46 -82.26
N GLU H 97 -68.49 113.94 -82.71
CA GLU H 97 -67.20 113.40 -82.25
C GLU H 97 -67.01 113.61 -80.75
N VAL H 98 -67.33 114.80 -80.27
CA VAL H 98 -67.23 115.08 -78.83
C VAL H 98 -68.17 114.15 -78.04
N GLU H 99 -69.39 114.01 -78.53
CA GLU H 99 -70.37 113.09 -77.97
C GLU H 99 -69.81 111.66 -77.91
N ALA H 100 -69.27 111.18 -79.03
CA ALA H 100 -68.71 109.84 -79.09
C ALA H 100 -67.54 109.66 -78.14
N ASN H 101 -66.67 110.66 -78.06
CA ASN H 101 -65.54 110.56 -77.15
C ASN H 101 -65.95 110.46 -75.69
N ASN H 102 -67.02 111.16 -75.33
CA ASN H 102 -67.56 111.12 -73.99
C ASN H 102 -68.16 109.75 -73.71
N ALA H 103 -68.92 109.24 -74.67
CA ALA H 103 -69.53 107.93 -74.54
C ALA H 103 -68.49 106.82 -74.48
N PHE H 104 -67.46 106.85 -75.33
CA PHE H 104 -66.47 105.76 -75.34
C PHE H 104 -65.45 105.85 -74.22
N ASP H 105 -65.33 107.04 -73.64
CA ASP H 105 -64.56 107.25 -72.43
C ASP H 105 -65.20 106.47 -71.26
N GLN H 106 -66.52 106.52 -71.18
CA GLN H 106 -67.25 105.74 -70.18
C GLN H 106 -67.21 104.25 -70.47
N TYR H 107 -67.33 103.92 -71.75
CA TYR H 107 -67.20 102.53 -72.20
C TYR H 107 -65.86 101.99 -71.74
N ARG H 108 -64.81 102.78 -71.99
CA ARG H 108 -63.45 102.43 -71.63
C ARG H 108 -63.38 102.12 -70.15
N ASP H 109 -63.84 103.05 -69.33
CA ASP H 109 -63.76 102.90 -67.88
C ASP H 109 -64.54 101.64 -67.44
N LEU H 110 -65.73 101.43 -68.00
CA LEU H 110 -66.54 100.27 -67.67
C LEU H 110 -65.90 98.93 -67.99
N TYR H 111 -65.23 98.83 -69.15
CA TYR H 111 -64.68 97.54 -69.56
C TYR H 111 -63.20 97.38 -69.20
N PHE H 112 -62.45 98.49 -69.25
CA PHE H 112 -60.99 98.40 -69.08
C PHE H 112 -60.47 98.95 -67.75
N GLU H 113 -61.30 99.73 -67.08
CA GLU H 113 -60.99 100.23 -65.73
C GLU H 113 -59.64 100.93 -65.72
N GLY H 114 -59.39 101.73 -66.75
CA GLY H 114 -58.09 102.36 -66.94
C GLY H 114 -57.84 102.55 -68.42
N GLY H 115 -56.57 102.68 -68.80
CA GLY H 115 -56.21 102.87 -70.21
C GLY H 115 -56.63 104.23 -70.74
N VAL H 116 -56.57 104.40 -72.06
CA VAL H 116 -56.92 105.65 -72.71
C VAL H 116 -57.81 105.32 -73.91
N SER H 117 -58.73 106.22 -74.24
CA SER H 117 -59.58 106.08 -75.43
C SER H 117 -59.53 107.35 -76.28
N SER H 118 -59.88 107.21 -77.55
CA SER H 118 -60.04 108.36 -78.46
C SER H 118 -60.94 107.93 -79.59
N VAL H 119 -61.72 108.87 -80.10
CA VAL H 119 -62.61 108.66 -81.23
C VAL H 119 -62.36 109.82 -82.19
N TYR H 120 -62.11 109.49 -83.45
CA TYR H 120 -61.99 110.48 -84.52
C TYR H 120 -62.99 110.14 -85.61
N LEU H 121 -63.74 111.15 -86.04
CA LEU H 121 -64.74 110.98 -87.11
C LEU H 121 -64.34 111.75 -88.36
N TRP H 122 -64.87 111.36 -89.50
CA TRP H 122 -64.65 112.11 -90.73
C TRP H 122 -65.76 111.88 -91.74
N ASP H 123 -65.97 112.89 -92.59
CA ASP H 123 -67.08 112.90 -93.54
C ASP H 123 -66.90 111.88 -94.66
N LEU H 124 -68.02 111.30 -95.07
CA LEU H 124 -68.05 110.48 -96.28
C LEU H 124 -69.12 111.06 -97.18
N ASP H 125 -69.17 110.54 -98.40
CA ASP H 125 -70.16 110.98 -99.36
C ASP H 125 -71.58 110.88 -98.79
N HIS H 126 -71.99 109.68 -98.40
CA HIS H 126 -73.37 109.45 -98.01
C HIS H 126 -73.54 109.16 -96.53
N GLY H 127 -72.65 109.72 -95.72
CA GLY H 127 -72.67 109.48 -94.29
C GLY H 127 -71.38 109.92 -93.66
N PHE H 128 -70.79 109.05 -92.85
CA PHE H 128 -69.55 109.40 -92.20
C PHE H 128 -68.85 108.12 -91.72
N ALA H 129 -67.58 108.24 -91.38
CA ALA H 129 -66.83 107.12 -90.81
C ALA H 129 -66.19 107.58 -89.52
N GLY H 130 -65.62 106.63 -88.77
CA GLY H 130 -64.87 106.98 -87.60
C GLY H 130 -64.04 105.82 -87.13
N VAL H 131 -63.12 106.12 -86.23
CA VAL H 131 -62.35 105.06 -85.61
C VAL H 131 -62.51 105.25 -84.11
N ILE H 132 -62.76 104.15 -83.42
CA ILE H 132 -62.79 104.14 -81.97
C ILE H 132 -61.53 103.40 -81.51
N LEU H 133 -60.68 104.06 -80.71
CA LEU H 133 -59.38 103.51 -80.27
C LEU H 133 -59.34 103.33 -78.77
N ILE H 134 -58.85 102.19 -78.32
CA ILE H 134 -58.65 101.99 -76.89
C ILE H 134 -57.26 101.38 -76.67
N LYS H 135 -56.55 101.92 -75.70
CA LYS H 135 -55.20 101.47 -75.40
C LYS H 135 -55.13 101.16 -73.92
N LYS H 136 -54.73 99.94 -73.57
CA LYS H 136 -54.63 99.58 -72.16
C LYS H 136 -53.36 98.78 -71.91
N ALA H 137 -52.53 99.27 -70.98
CA ALA H 137 -51.30 98.57 -70.60
C ALA H 137 -51.53 97.70 -69.37
N GLY H 138 -50.88 96.55 -69.32
CA GLY H 138 -50.95 95.68 -68.15
C GLY H 138 -50.16 96.28 -67.00
N ASP H 139 -50.47 95.90 -65.76
CA ASP H 139 -49.77 96.46 -64.61
C ASP H 139 -48.42 95.80 -64.37
N GLY H 140 -48.09 94.81 -65.20
CA GLY H 140 -46.78 94.17 -65.15
C GLY H 140 -46.67 93.07 -64.10
N SER H 141 -47.79 92.66 -63.54
CA SER H 141 -47.78 91.66 -62.46
C SER H 141 -47.11 90.35 -62.90
N LYS H 142 -46.57 89.61 -61.93
CA LYS H 142 -45.98 88.31 -62.18
C LYS H 142 -44.96 88.36 -63.32
N LYS H 143 -44.33 89.52 -63.50
CA LYS H 143 -43.23 89.68 -64.45
C LYS H 143 -43.68 89.50 -65.89
N ILE H 144 -44.97 89.73 -66.16
CA ILE H 144 -45.50 89.67 -67.52
C ILE H 144 -45.88 91.08 -67.94
N LYS H 145 -45.31 91.55 -69.06
CA LYS H 145 -45.71 92.81 -69.66
C LYS H 145 -46.80 92.56 -70.69
N GLY H 146 -47.90 93.30 -70.58
CA GLY H 146 -49.01 93.10 -71.48
C GLY H 146 -49.54 94.42 -72.02
N CYS H 147 -50.08 94.37 -73.23
CA CYS H 147 -50.73 95.54 -73.81
C CYS H 147 -51.86 95.15 -74.74
N TRP H 148 -52.94 95.91 -74.70
CA TRP H 148 -54.14 95.66 -75.50
C TRP H 148 -54.43 96.92 -76.31
N ASP H 149 -54.53 96.80 -77.64
CA ASP H 149 -54.99 97.86 -78.54
C ASP H 149 -56.30 97.48 -79.24
N SER H 150 -57.30 98.36 -79.18
CA SER H 150 -58.51 98.25 -79.99
C SER H 150 -58.49 99.33 -81.05
N ILE H 151 -58.70 98.91 -82.29
CA ILE H 151 -58.89 99.78 -83.43
C ILE H 151 -60.20 99.37 -84.14
N HIS H 152 -61.26 100.11 -83.87
CA HIS H 152 -62.58 99.86 -84.44
C HIS H 152 -62.88 100.94 -85.47
N VAL H 153 -62.96 100.54 -86.74
CA VAL H 153 -63.21 101.50 -87.81
C VAL H 153 -64.60 101.27 -88.34
N VAL H 154 -65.45 102.30 -88.26
CA VAL H 154 -66.84 102.15 -88.65
C VAL H 154 -67.20 103.06 -89.84
N GLU H 155 -67.94 102.49 -90.78
CA GLU H 155 -68.46 103.25 -91.89
C GLU H 155 -69.98 103.30 -91.78
N VAL H 156 -70.53 104.51 -91.81
CA VAL H 156 -71.95 104.72 -91.67
C VAL H 156 -72.55 105.35 -92.94
N GLN H 157 -73.47 104.64 -93.57
CA GLN H 157 -74.20 105.17 -94.74
C GLN H 157 -75.61 105.61 -94.35
N GLU H 158 -75.85 106.92 -94.34
CA GLU H 158 -77.10 107.48 -93.81
C GLU H 158 -78.22 107.44 -94.84
N ARG H 163 -83.51 108.04 -90.86
CA ARG H 163 -84.53 107.00 -90.63
C ARG H 163 -83.90 105.67 -90.21
N THR H 164 -83.08 105.11 -91.08
CA THR H 164 -82.27 103.94 -90.73
C THR H 164 -80.90 104.18 -91.34
N ALA H 165 -79.92 103.40 -90.92
CA ALA H 165 -78.62 103.51 -91.55
C ALA H 165 -77.98 102.14 -91.68
N HIS H 166 -77.04 102.04 -92.62
CA HIS H 166 -76.22 100.84 -92.72
C HIS H 166 -74.87 101.07 -92.04
N TYR H 167 -74.48 100.15 -91.15
CA TYR H 167 -73.19 100.24 -90.48
C TYR H 167 -72.27 99.14 -90.90
N LYS H 168 -71.03 99.50 -91.19
CA LYS H 168 -70.00 98.50 -91.46
C LYS H 168 -68.85 98.72 -90.48
N LEU H 169 -68.53 97.66 -89.73
CA LEU H 169 -67.51 97.73 -88.69
C LEU H 169 -66.35 96.76 -88.94
N THR H 170 -65.14 97.30 -89.03
CA THR H 170 -63.92 96.48 -89.17
C THR H 170 -63.06 96.71 -87.95
N SER H 171 -62.92 95.67 -87.13
CA SER H 171 -62.24 95.81 -85.86
C SER H 171 -60.98 94.95 -85.79
N THR H 172 -59.92 95.58 -85.35
CA THR H 172 -58.66 94.89 -85.09
C THR H 172 -58.39 95.02 -83.62
N VAL H 173 -58.04 93.91 -82.97
CA VAL H 173 -57.52 94.01 -81.62
C VAL H 173 -56.11 93.45 -81.63
N MET H 174 -55.19 94.21 -81.04
CA MET H 174 -53.81 93.73 -80.88
C MET H 174 -53.58 93.36 -79.44
N LEU H 175 -52.91 92.25 -79.24
CA LEU H 175 -52.67 91.76 -77.90
C LEU H 175 -51.20 91.34 -77.82
N TRP H 176 -50.49 91.90 -76.85
CA TRP H 176 -49.04 91.70 -76.72
C TRP H 176 -48.72 91.20 -75.32
N LEU H 177 -48.04 90.06 -75.25
CA LEU H 177 -47.65 89.49 -73.97
C LEU H 177 -46.17 89.11 -74.03
N GLN H 178 -45.42 89.48 -72.99
CA GLN H 178 -43.98 89.27 -72.98
C GLN H 178 -43.47 89.10 -71.58
N THR H 179 -42.56 88.15 -71.42
CA THR H 179 -41.90 87.94 -70.15
C THR H 179 -40.48 87.45 -70.37
N ASN H 180 -39.62 87.77 -69.41
CA ASN H 180 -38.21 87.40 -69.46
C ASN H 180 -37.77 86.59 -68.24
N LYS H 181 -38.61 85.67 -67.79
CA LYS H 181 -38.27 84.80 -66.68
C LYS H 181 -37.18 83.83 -67.11
N THR H 182 -36.35 83.40 -66.16
CA THR H 182 -35.27 82.48 -66.45
C THR H 182 -35.81 81.13 -66.92
N GLY H 183 -37.14 81.04 -66.99
CA GLY H 183 -37.88 79.83 -67.27
C GLY H 183 -37.35 78.87 -68.34
N SER H 184 -37.65 79.08 -69.63
CA SER H 184 -38.49 80.14 -70.24
C SER H 184 -37.67 81.07 -71.13
N GLY H 185 -36.57 81.59 -70.61
CA GLY H 185 -35.82 82.61 -71.32
C GLY H 185 -36.79 83.68 -71.81
N THR H 186 -36.49 84.26 -72.96
CA THR H 186 -37.36 85.27 -73.54
C THR H 186 -38.63 84.65 -74.13
N MET H 187 -39.79 85.14 -73.73
CA MET H 187 -41.03 84.65 -74.34
C MET H 187 -41.91 85.79 -74.76
N ASN H 188 -42.23 85.82 -76.05
CA ASN H 188 -43.10 86.85 -76.60
C ASN H 188 -44.27 86.28 -77.41
N LEU H 189 -45.48 86.58 -76.97
CA LEU H 189 -46.70 86.09 -77.60
C LEU H 189 -47.48 87.33 -77.91
N GLY H 190 -47.54 87.68 -79.19
CA GLY H 190 -48.22 88.91 -79.60
C GLY H 190 -48.72 88.89 -81.02
N GLY H 191 -49.48 89.93 -81.37
CA GLY H 191 -50.01 90.06 -82.72
C GLY H 191 -51.40 90.66 -82.69
N SER H 192 -52.23 90.29 -83.66
CA SER H 192 -53.56 90.87 -83.72
C SER H 192 -54.54 89.98 -84.49
N LEU H 193 -55.83 90.24 -84.28
CA LEU H 193 -56.91 89.57 -84.97
C LEU H 193 -57.77 90.67 -85.56
N THR H 194 -58.33 90.42 -86.73
CA THR H 194 -59.28 91.38 -87.33
C THR H 194 -60.58 90.72 -87.70
N ARG H 195 -61.70 91.38 -87.42
CA ARG H 195 -63.01 90.85 -87.77
C ARG H 195 -63.87 91.97 -88.31
N GLN H 196 -64.93 91.60 -89.01
CA GLN H 196 -65.82 92.55 -89.66
C GLN H 196 -67.28 92.11 -89.54
N MET H 197 -68.17 93.08 -89.31
CA MET H 197 -69.60 92.84 -89.14
C MET H 197 -70.30 93.94 -89.95
N GLU H 198 -71.48 93.64 -90.51
CA GLU H 198 -72.33 94.67 -91.12
C GLU H 198 -73.75 94.54 -90.60
N LYS H 199 -74.51 95.63 -90.64
CA LYS H 199 -75.86 95.62 -90.08
C LYS H 199 -76.61 96.88 -90.45
N ASP H 200 -77.91 96.75 -90.69
CA ASP H 200 -78.80 97.90 -90.78
C ASP H 200 -79.46 98.08 -89.44
N GLU H 201 -79.60 99.32 -88.99
CA GLU H 201 -80.32 99.57 -87.76
C GLU H 201 -81.11 100.86 -87.84
N THR H 202 -82.18 100.95 -87.07
CA THR H 202 -82.99 102.15 -87.05
C THR H 202 -82.24 103.26 -86.33
N VAL H 203 -82.43 104.48 -86.80
CA VAL H 203 -81.86 105.66 -86.15
C VAL H 203 -83.02 106.47 -85.59
N SER H 204 -82.95 106.81 -84.31
CA SER H 204 -84.07 107.49 -83.68
C SER H 204 -83.63 108.13 -82.39
N ASP H 205 -84.56 108.85 -81.76
CA ASP H 205 -84.34 109.48 -80.47
C ASP H 205 -83.74 108.49 -79.49
N SER H 206 -84.39 107.33 -79.37
CA SER H 206 -83.98 106.29 -78.44
C SER H 206 -82.77 105.49 -78.97
N SER H 207 -82.56 105.53 -80.29
CA SER H 207 -81.45 104.79 -80.87
C SER H 207 -80.60 105.61 -81.87
N PRO H 208 -79.88 106.61 -81.35
CA PRO H 208 -79.07 107.49 -82.19
C PRO H 208 -77.81 106.80 -82.69
N HIS H 209 -77.13 107.41 -83.65
CA HIS H 209 -75.93 106.83 -84.22
C HIS H 209 -74.95 106.31 -83.18
N ILE H 210 -74.69 107.10 -82.14
CA ILE H 210 -73.69 106.73 -81.15
C ILE H 210 -74.11 105.45 -80.40
N ALA H 211 -75.39 105.31 -80.12
CA ALA H 211 -75.89 104.07 -79.51
C ALA H 211 -75.74 102.88 -80.47
N ASN H 212 -76.06 103.08 -81.75
CA ASN H 212 -75.92 102.01 -82.72
C ASN H 212 -74.49 101.55 -82.87
N ILE H 213 -73.57 102.50 -83.05
CA ILE H 213 -72.16 102.16 -83.12
C ILE H 213 -71.69 101.51 -81.82
N GLY H 214 -72.11 102.08 -80.69
CA GLY H 214 -71.73 101.57 -79.37
C GLY H 214 -72.01 100.09 -79.24
N ARG H 215 -73.26 99.70 -79.47
CA ARG H 215 -73.64 98.29 -79.37
C ARG H 215 -72.83 97.40 -80.31
N LEU H 216 -72.63 97.88 -81.53
CA LEU H 216 -71.79 97.18 -82.51
C LEU H 216 -70.37 96.96 -82.02
N VAL H 217 -69.74 98.01 -81.53
CA VAL H 217 -68.38 97.90 -81.02
C VAL H 217 -68.33 96.97 -79.81
N GLU H 218 -69.30 97.10 -78.93
CA GLU H 218 -69.35 96.27 -77.72
C GLU H 218 -69.49 94.80 -78.07
N ASP H 219 -70.47 94.49 -78.93
CA ASP H 219 -70.67 93.12 -79.41
C ASP H 219 -69.41 92.58 -80.06
N MET H 220 -68.84 93.37 -80.96
CA MET H 220 -67.63 92.95 -81.64
C MET H 220 -66.48 92.68 -80.65
N GLU H 221 -66.31 93.56 -79.68
CA GLU H 221 -65.12 93.50 -78.83
C GLU H 221 -65.29 92.37 -77.83
N ASN H 222 -66.51 92.17 -77.35
CA ASN H 222 -66.77 91.01 -76.49
C ASN H 222 -66.44 89.68 -77.20
N LYS H 223 -66.88 89.57 -78.44
CA LYS H 223 -66.56 88.41 -79.28
C LYS H 223 -65.06 88.23 -79.46
N ILE H 224 -64.35 89.29 -79.82
CA ILE H 224 -62.93 89.16 -80.10
C ILE H 224 -62.16 88.79 -78.81
N ARG H 225 -62.60 89.33 -77.67
CA ARG H 225 -61.94 89.02 -76.41
C ARG H 225 -61.96 87.51 -76.18
N SER H 226 -63.13 86.92 -76.40
CA SER H 226 -63.30 85.49 -76.30
C SER H 226 -62.43 84.73 -77.30
N THR H 227 -62.37 85.23 -78.54
CA THR H 227 -61.58 84.58 -79.59
C THR H 227 -60.08 84.69 -79.30
N LEU H 228 -59.65 85.83 -78.76
CA LEU H 228 -58.23 86.00 -78.42
C LEU H 228 -57.86 84.96 -77.37
N ASN H 229 -58.74 84.78 -76.40
CA ASN H 229 -58.50 83.80 -75.34
C ASN H 229 -58.33 82.40 -75.91
N GLU H 230 -59.18 82.06 -76.88
CA GLU H 230 -59.13 80.76 -77.55
C GLU H 230 -57.86 80.59 -78.40
N ILE H 231 -57.55 81.59 -79.20
CA ILE H 231 -56.37 81.53 -80.08
C ILE H 231 -55.02 81.60 -79.33
N TYR H 232 -54.87 82.59 -78.48
CA TYR H 232 -53.60 82.78 -77.78
C TYR H 232 -53.33 81.63 -76.82
N PHE H 233 -54.31 81.30 -75.99
CA PHE H 233 -54.06 80.40 -74.88
C PHE H 233 -54.57 78.99 -75.12
N GLY H 234 -55.38 78.82 -76.16
CA GLY H 234 -55.82 77.50 -76.58
C GLY H 234 -55.04 76.98 -77.77
N LYS H 235 -55.24 77.62 -78.92
CA LYS H 235 -54.65 77.19 -80.18
C LYS H 235 -53.10 77.21 -80.24
N THR H 236 -52.46 78.35 -79.95
CA THR H 236 -51.00 78.40 -80.07
C THR H 236 -50.34 77.46 -79.05
N LYS H 237 -50.95 77.31 -77.88
CA LYS H 237 -50.46 76.38 -76.87
C LYS H 237 -50.57 74.93 -77.32
N ASP H 238 -51.71 74.59 -77.93
CA ASP H 238 -51.88 73.25 -78.51
C ASP H 238 -50.81 72.97 -79.56
N ILE H 239 -50.47 73.99 -80.35
CA ILE H 239 -49.45 73.83 -81.37
C ILE H 239 -48.10 73.54 -80.74
N VAL H 240 -47.72 74.34 -79.73
CA VAL H 240 -46.50 74.11 -78.97
C VAL H 240 -46.45 72.69 -78.38
N ASN H 241 -47.52 72.27 -77.73
CA ASN H 241 -47.59 70.95 -77.14
C ASN H 241 -47.40 69.79 -78.13
N GLY H 242 -47.69 70.05 -79.39
CA GLY H 242 -47.54 69.03 -80.43
C GLY H 242 -46.27 69.12 -81.23
N LEU H 243 -45.44 70.09 -80.89
CA LEU H 243 -44.23 70.31 -81.62
C LEU H 243 -43.32 69.12 -81.66
N ARG H 244 -42.92 68.58 -80.51
CA ARG H 244 -43.49 68.87 -79.20
C ARG H 244 -42.64 69.76 -78.30
N VAL I 1 -30.86 79.33 -112.35
CA VAL I 1 -31.92 79.21 -111.36
C VAL I 1 -33.19 79.95 -111.81
N ASN I 2 -34.34 79.33 -111.58
CA ASN I 2 -35.61 79.91 -112.00
C ASN I 2 -36.48 80.33 -110.81
N PHE I 3 -37.12 81.49 -110.91
CA PHE I 3 -37.95 81.99 -109.81
C PHE I 3 -39.42 81.60 -109.96
N ASP I 4 -39.90 81.50 -111.20
CA ASP I 4 -41.28 81.07 -111.46
C ASP I 4 -41.44 79.66 -110.94
N ASP I 5 -40.29 79.05 -110.66
CA ASP I 5 -40.18 77.73 -110.05
C ASP I 5 -40.85 77.74 -108.68
N ILE I 6 -40.55 78.75 -107.88
CA ILE I 6 -41.07 78.87 -106.53
C ILE I 6 -42.52 79.32 -106.50
N ALA I 7 -43.42 78.40 -106.15
CA ALA I 7 -44.83 78.72 -106.05
C ALA I 7 -45.29 78.33 -104.64
N SER I 8 -46.24 79.05 -104.08
CA SER I 8 -46.83 80.26 -104.64
C SER I 8 -47.80 80.81 -103.63
N SER I 9 -47.62 82.07 -103.26
CA SER I 9 -48.54 82.75 -102.36
C SER I 9 -49.84 83.11 -103.10
N GLU I 10 -50.87 82.28 -102.97
CA GLU I 10 -52.20 82.75 -103.29
C GLU I 10 -52.64 83.55 -102.08
N ASN I 11 -52.69 84.87 -102.25
CA ASN I 11 -52.78 85.76 -101.10
C ASN I 11 -53.97 85.51 -100.17
N LEU I 12 -53.75 85.74 -98.88
CA LEU I 12 -54.81 85.75 -97.89
C LEU I 12 -55.76 86.90 -98.18
N LEU I 13 -56.94 86.85 -97.58
CA LEU I 13 -57.91 87.94 -97.75
C LEU I 13 -57.61 89.02 -96.73
N HIS I 14 -57.71 90.29 -97.13
CA HIS I 14 -57.28 91.40 -96.31
C HIS I 14 -58.43 92.32 -95.90
N LEU I 15 -58.92 92.14 -94.69
CA LEU I 15 -60.07 92.89 -94.20
C LEU I 15 -59.82 94.39 -94.06
N THR I 16 -58.57 94.79 -93.84
CA THR I 16 -58.30 96.22 -93.63
C THR I 16 -58.25 96.97 -94.96
N ALA I 17 -58.18 96.23 -96.06
CA ALA I 17 -58.06 96.88 -97.37
C ALA I 17 -59.29 97.73 -97.76
N ASN I 18 -60.47 97.39 -97.24
CA ASN I 18 -61.72 98.04 -97.66
C ASN I 18 -62.36 99.02 -96.67
N ARG I 19 -61.66 99.34 -95.58
CA ARG I 19 -62.19 100.30 -94.61
C ARG I 19 -62.30 101.70 -95.21
N PRO I 20 -63.22 102.52 -94.69
CA PRO I 20 -63.38 103.90 -95.19
C PRO I 20 -62.05 104.64 -95.20
N LYS I 21 -61.75 105.30 -96.31
CA LYS I 21 -60.51 106.05 -96.40
C LYS I 21 -60.80 107.53 -96.19
N MET I 22 -59.82 108.21 -95.64
CA MET I 22 -59.88 109.65 -95.47
C MET I 22 -58.85 110.22 -96.42
N PRO I 23 -59.27 110.51 -97.65
CA PRO I 23 -58.37 110.98 -98.71
C PRO I 23 -57.86 112.39 -98.46
N GLY I 24 -56.79 112.75 -99.15
CA GLY I 24 -56.32 114.12 -99.16
C GLY I 24 -55.73 114.57 -97.83
N ARG I 25 -54.73 113.85 -97.37
CA ARG I 25 -53.97 114.29 -96.21
C ARG I 25 -52.49 114.28 -96.56
N ARG I 26 -51.74 115.22 -96.01
CA ARG I 26 -50.32 115.31 -96.29
C ARG I 26 -49.65 114.08 -95.70
N LEU I 27 -48.70 113.53 -96.44
CA LEU I 27 -47.86 112.43 -95.95
C LEU I 27 -46.92 112.99 -94.90
N PRO I 28 -46.31 112.11 -94.08
CA PRO I 28 -45.19 112.57 -93.26
C PRO I 28 -43.97 112.84 -94.17
N GLY I 29 -43.00 113.63 -93.72
CA GLY I 29 -41.79 113.83 -94.48
C GLY I 29 -40.93 112.57 -94.55
N VAL J 8 -31.22 15.96 -5.65
CA VAL J 8 -31.41 16.68 -6.91
C VAL J 8 -31.02 15.81 -8.09
N SER J 9 -31.89 15.77 -9.10
CA SER J 9 -31.70 14.88 -10.23
C SER J 9 -30.79 15.48 -11.28
N ASP J 10 -30.26 14.64 -12.15
CA ASP J 10 -29.41 15.10 -13.22
C ASP J 10 -30.20 16.05 -14.14
N GLU J 11 -31.48 15.75 -14.34
CA GLU J 11 -32.31 16.61 -15.18
C GLU J 11 -32.49 17.99 -14.58
N GLU J 12 -32.74 18.04 -13.28
CA GLU J 12 -32.82 19.31 -12.57
C GLU J 12 -31.44 20.03 -12.53
N LYS J 13 -30.37 19.27 -12.41
CA LYS J 13 -29.03 19.87 -12.38
C LYS J 13 -28.74 20.56 -13.71
N VAL J 14 -29.04 19.88 -14.80
CA VAL J 14 -28.73 20.45 -16.10
C VAL J 14 -29.69 21.59 -16.48
N ARG J 15 -30.93 21.56 -15.98
CA ARG J 15 -31.82 22.71 -16.16
C ARG J 15 -31.23 23.96 -15.49
N ILE J 16 -30.72 23.79 -14.28
CA ILE J 16 -30.06 24.86 -13.54
C ILE J 16 -28.80 25.33 -14.29
N ALA J 17 -28.03 24.38 -14.81
CA ALA J 17 -26.84 24.72 -15.58
C ALA J 17 -27.22 25.57 -16.81
N ALA J 18 -28.23 25.13 -17.56
CA ALA J 18 -28.71 25.88 -18.72
C ALA J 18 -29.18 27.29 -18.34
N LYS J 19 -29.93 27.39 -17.25
CA LYS J 19 -30.37 28.68 -16.75
C LYS J 19 -29.21 29.65 -16.45
N PHE J 20 -28.22 29.15 -15.72
CA PHE J 20 -27.04 29.94 -15.39
C PHE J 20 -26.38 30.43 -16.68
N ILE J 21 -26.13 29.49 -17.59
CA ILE J 21 -25.49 29.84 -18.83
C ILE J 21 -26.25 30.94 -19.54
N THR J 22 -27.58 30.88 -19.51
CA THR J 22 -28.35 31.87 -20.23
C THR J 22 -28.37 33.18 -19.47
N HIS J 23 -27.90 33.18 -18.22
CA HIS J 23 -27.92 34.43 -17.45
C HIS J 23 -26.55 35.08 -17.29
N ALA J 24 -25.59 34.63 -18.09
CA ALA J 24 -24.28 35.24 -18.17
C ALA J 24 -24.41 36.72 -18.54
N PRO J 25 -23.71 37.60 -17.80
CA PRO J 25 -23.68 39.03 -18.15
C PRO J 25 -22.98 39.23 -19.48
N PRO J 26 -23.09 40.43 -20.08
CA PRO J 26 -22.52 40.65 -21.42
C PRO J 26 -21.01 40.57 -21.38
N GLY J 27 -20.44 39.88 -22.37
CA GLY J 27 -19.01 39.73 -22.47
C GLY J 27 -18.41 38.67 -21.56
N GLU J 28 -19.23 38.02 -20.75
CA GLU J 28 -18.70 37.02 -19.81
C GLU J 28 -19.26 35.61 -20.06
N PHE J 29 -19.73 35.35 -21.27
CA PHE J 29 -20.31 34.04 -21.57
C PHE J 29 -19.34 32.90 -21.29
N ASN J 30 -18.10 33.05 -21.74
CA ASN J 30 -17.11 31.97 -21.57
C ASN J 30 -16.79 31.64 -20.13
N GLU J 31 -16.69 32.67 -19.29
CA GLU J 31 -16.37 32.47 -17.89
C GLU J 31 -17.51 31.71 -17.22
N VAL J 32 -18.73 32.14 -17.50
CA VAL J 32 -19.88 31.52 -16.88
C VAL J 32 -20.07 30.09 -17.41
N PHE J 33 -19.92 29.93 -18.71
CA PHE J 33 -20.00 28.59 -19.27
C PHE J 33 -18.99 27.63 -18.60
N ASN J 34 -17.75 28.07 -18.45
CA ASN J 34 -16.70 27.20 -17.86
C ASN J 34 -17.00 26.86 -16.41
N ASP J 35 -17.45 27.85 -15.64
CA ASP J 35 -17.84 27.58 -14.26
C ASP J 35 -18.89 26.48 -14.21
N VAL J 36 -19.96 26.66 -14.97
CA VAL J 36 -21.06 25.72 -14.97
C VAL J 36 -20.59 24.35 -15.45
N ARG J 37 -19.74 24.33 -16.46
CA ARG J 37 -19.28 23.07 -17.00
C ARG J 37 -18.50 22.27 -15.94
N LEU J 38 -17.68 22.94 -15.13
CA LEU J 38 -16.91 22.28 -14.08
C LEU J 38 -17.80 21.87 -12.89
N LEU J 39 -18.80 22.67 -12.58
CA LEU J 39 -19.72 22.35 -11.50
C LEU J 39 -20.59 21.13 -11.84
N LEU J 40 -21.07 21.07 -13.08
CA LEU J 40 -21.93 19.95 -13.51
C LEU J 40 -21.10 18.67 -13.63
N ASN J 41 -19.84 18.84 -14.07
CA ASN J 41 -18.91 17.74 -14.19
C ASN J 41 -19.46 16.55 -14.96
N ASN J 42 -20.10 16.84 -16.09
CA ASN J 42 -20.73 15.81 -16.90
C ASN J 42 -20.99 16.34 -18.29
N ASP J 43 -19.97 16.29 -19.12
CA ASP J 43 -20.06 16.86 -20.45
C ASP J 43 -21.21 16.30 -21.29
N ASN J 44 -21.47 15.00 -21.17
CA ASN J 44 -22.57 14.39 -21.90
C ASN J 44 -23.91 14.99 -21.50
N LEU J 45 -24.14 15.08 -20.20
CA LEU J 45 -25.36 15.68 -19.67
C LEU J 45 -25.49 17.13 -20.14
N LEU J 46 -24.40 17.89 -20.05
CA LEU J 46 -24.40 19.28 -20.49
C LEU J 46 -24.74 19.42 -21.97
N ARG J 47 -24.11 18.60 -22.80
CA ARG J 47 -24.33 18.63 -24.24
C ARG J 47 -25.78 18.38 -24.58
N GLU J 48 -26.38 17.38 -23.96
CA GLU J 48 -27.73 16.94 -24.32
C GLU J 48 -28.83 17.77 -23.66
N GLY J 49 -28.52 18.40 -22.53
CA GLY J 49 -29.54 19.11 -21.77
C GLY J 49 -29.40 20.62 -21.76
N ALA J 50 -28.32 21.12 -22.33
CA ALA J 50 -28.07 22.57 -22.33
C ALA J 50 -27.64 23.04 -23.70
N ALA J 51 -27.86 22.18 -24.70
CA ALA J 51 -27.47 22.50 -26.06
C ALA J 51 -28.14 23.78 -26.53
N HIS J 52 -29.42 23.92 -26.23
CA HIS J 52 -30.21 25.08 -26.64
C HIS J 52 -29.66 26.38 -26.04
N ALA J 53 -28.98 26.27 -24.90
CA ALA J 53 -28.59 27.44 -24.12
C ALA J 53 -27.65 28.39 -24.86
N PHE J 54 -26.82 27.84 -25.75
CA PHE J 54 -25.83 28.66 -26.44
C PHE J 54 -26.51 29.56 -27.46
N ALA J 55 -27.39 28.96 -28.26
CA ALA J 55 -28.17 29.71 -29.24
C ALA J 55 -29.06 30.72 -28.54
N GLN J 56 -29.77 30.27 -27.51
CA GLN J 56 -30.68 31.15 -26.80
C GLN J 56 -29.97 32.41 -26.34
N TYR J 57 -28.80 32.24 -25.72
CA TYR J 57 -28.05 33.37 -25.20
C TYR J 57 -27.68 34.36 -26.30
N ASN J 58 -27.09 33.85 -27.39
CA ASN J 58 -26.65 34.69 -28.49
C ASN J 58 -27.77 35.50 -29.11
N MET J 59 -28.90 34.87 -29.35
CA MET J 59 -30.03 35.57 -29.96
C MET J 59 -30.62 36.55 -28.96
N ASP J 60 -30.57 36.19 -27.68
CA ASP J 60 -31.11 37.03 -26.64
C ASP J 60 -30.26 38.30 -26.49
N GLN J 61 -28.97 38.17 -26.75
CA GLN J 61 -28.03 39.27 -26.56
C GLN J 61 -27.77 40.07 -27.84
N PHE J 62 -28.44 39.71 -28.93
CA PHE J 62 -28.17 40.35 -30.23
C PHE J 62 -26.66 40.38 -30.51
N THR J 63 -26.02 39.22 -30.37
CA THR J 63 -24.59 39.11 -30.60
C THR J 63 -24.23 39.58 -32.00
N PRO J 64 -23.39 40.62 -32.11
CA PRO J 64 -23.00 41.02 -33.46
C PRO J 64 -21.88 40.11 -33.96
N VAL J 65 -21.92 39.74 -35.23
CA VAL J 65 -20.87 38.90 -35.78
C VAL J 65 -20.32 39.47 -37.08
N LYS J 66 -19.03 39.29 -37.29
CA LYS J 66 -18.38 39.76 -38.50
C LYS J 66 -18.36 38.65 -39.55
N ILE J 67 -18.80 38.97 -40.76
CA ILE J 67 -18.71 38.01 -41.84
C ILE J 67 -17.59 38.42 -42.80
N GLU J 68 -16.73 37.47 -43.14
CA GLU J 68 -15.61 37.76 -44.03
C GLU J 68 -16.10 38.22 -45.38
N GLY J 69 -15.63 39.37 -45.82
CA GLY J 69 -15.98 39.88 -47.13
C GLY J 69 -17.12 40.88 -47.14
N TYR J 70 -17.75 41.08 -45.99
CA TYR J 70 -18.81 42.09 -45.88
C TYR J 70 -18.49 43.06 -44.75
N ASP J 71 -18.47 44.35 -45.07
CA ASP J 71 -18.22 45.38 -44.07
C ASP J 71 -19.41 45.50 -43.13
N ASP J 72 -19.18 46.10 -41.98
CA ASP J 72 -20.21 46.17 -40.95
C ASP J 72 -20.66 44.76 -40.60
N GLN J 73 -21.28 44.61 -39.45
CA GLN J 73 -21.63 43.29 -38.94
C GLN J 73 -23.13 43.10 -38.93
N VAL J 74 -23.57 41.91 -38.50
CA VAL J 74 -24.99 41.57 -38.46
C VAL J 74 -25.32 41.02 -37.09
N LEU J 75 -26.55 41.23 -36.63
CA LEU J 75 -26.95 40.76 -35.31
C LEU J 75 -27.52 39.36 -35.38
N ILE J 76 -27.10 38.50 -34.45
CA ILE J 76 -27.74 37.20 -34.28
C ILE J 76 -29.01 37.40 -33.46
N THR J 77 -30.16 37.16 -34.08
CA THR J 77 -31.43 37.33 -33.37
C THR J 77 -32.40 36.23 -33.80
N GLU J 78 -33.49 36.11 -33.06
CA GLU J 78 -34.49 35.08 -33.37
C GLU J 78 -35.06 35.31 -34.76
N HIS J 79 -35.08 36.58 -35.16
CA HIS J 79 -35.69 36.98 -36.41
C HIS J 79 -34.85 36.56 -37.61
N GLY J 80 -33.60 36.22 -37.37
CA GLY J 80 -32.71 35.84 -38.44
C GLY J 80 -32.42 34.35 -38.44
N ASP J 81 -33.00 33.65 -37.49
CA ASP J 81 -32.77 32.21 -37.33
C ASP J 81 -33.38 31.47 -38.51
N LEU J 82 -32.53 30.89 -39.34
CA LEU J 82 -32.98 30.13 -40.49
C LEU J 82 -33.00 28.63 -40.22
N GLY J 83 -32.72 28.25 -38.97
CA GLY J 83 -32.62 26.85 -38.60
C GLY J 83 -31.39 26.22 -39.23
N ASN J 84 -31.11 24.96 -38.87
CA ASN J 84 -29.97 24.26 -39.42
C ASN J 84 -28.65 24.98 -39.11
N GLY J 85 -28.68 25.89 -38.14
CA GLY J 85 -27.48 26.58 -37.70
C GLY J 85 -27.09 27.75 -38.58
N ARG J 86 -27.99 28.15 -39.46
CA ARG J 86 -27.75 29.28 -40.35
C ARG J 86 -28.62 30.48 -39.97
N PHE J 87 -28.07 31.67 -40.18
CA PHE J 87 -28.80 32.89 -39.89
C PHE J 87 -28.84 33.79 -41.12
N LEU J 88 -29.84 34.68 -41.15
CA LEU J 88 -30.08 35.57 -42.27
C LEU J 88 -29.48 36.94 -42.02
N ASP J 89 -28.75 37.44 -43.01
CA ASP J 89 -28.32 38.84 -43.02
C ASP J 89 -29.14 39.56 -44.08
N PRO J 90 -30.20 40.25 -43.65
CA PRO J 90 -31.16 40.86 -44.59
C PRO J 90 -30.54 42.03 -45.35
N ARG J 91 -29.49 42.65 -44.83
CA ARG J 91 -28.88 43.80 -45.49
C ARG J 91 -28.02 43.35 -46.65
N ASN J 92 -27.21 42.31 -46.43
CA ASN J 92 -26.30 41.82 -47.46
C ASN J 92 -26.93 40.73 -48.30
N LYS J 93 -28.18 40.38 -47.98
CA LYS J 93 -28.93 39.41 -48.75
C LYS J 93 -28.21 38.09 -48.82
N ILE J 94 -27.87 37.58 -47.64
CA ILE J 94 -27.03 36.42 -47.51
C ILE J 94 -27.51 35.57 -46.33
N SER J 95 -27.21 34.28 -46.35
CA SER J 95 -27.33 33.46 -45.15
C SER J 95 -25.93 33.03 -44.80
N PHE J 96 -25.72 32.65 -43.55
CA PHE J 96 -24.41 32.20 -43.12
C PHE J 96 -24.53 31.17 -42.01
N LYS J 97 -23.52 30.32 -41.89
CA LYS J 97 -23.46 29.36 -40.80
C LYS J 97 -22.95 30.09 -39.57
N PHE J 98 -23.53 29.78 -38.42
CA PHE J 98 -23.07 30.39 -37.17
C PHE J 98 -22.84 29.35 -36.10
N ASP J 99 -21.62 29.35 -35.57
CA ASP J 99 -21.25 28.50 -34.44
C ASP J 99 -21.48 29.27 -33.14
N HIS J 100 -22.45 28.83 -32.35
CA HIS J 100 -22.82 29.55 -31.13
C HIS J 100 -21.75 29.56 -30.05
N LEU J 101 -20.94 28.50 -30.03
CA LEU J 101 -19.92 28.35 -29.00
C LEU J 101 -18.74 29.24 -29.34
N ARG J 102 -18.23 29.09 -30.56
CA ARG J 102 -17.07 29.84 -31.02
C ARG J 102 -17.44 31.25 -31.48
N LYS J 103 -18.73 31.53 -31.56
CA LYS J 103 -19.24 32.82 -32.05
C LYS J 103 -18.58 33.25 -33.36
N GLU J 104 -18.64 32.39 -34.36
CA GLU J 104 -18.03 32.68 -35.64
C GLU J 104 -18.98 32.37 -36.80
N ALA J 105 -19.03 33.29 -37.75
CA ALA J 105 -19.81 33.08 -38.96
C ALA J 105 -18.94 32.40 -40.02
N SER J 106 -19.56 31.64 -40.89
CA SER J 106 -18.85 31.00 -41.99
C SER J 106 -19.81 30.65 -43.11
N ASP J 107 -19.25 30.42 -44.29
CA ASP J 107 -20.01 29.91 -45.42
C ASP J 107 -21.14 30.84 -45.85
N PRO J 108 -20.82 32.10 -46.14
CA PRO J 108 -21.84 33.03 -46.64
C PRO J 108 -22.37 32.54 -47.97
N GLN J 109 -23.69 32.61 -48.16
CA GLN J 109 -24.28 32.24 -49.44
C GLN J 109 -25.40 33.20 -49.80
N PRO J 110 -25.45 33.61 -51.07
CA PRO J 110 -26.57 34.44 -51.53
C PRO J 110 -27.88 33.80 -51.10
N GLU J 111 -28.77 34.59 -50.53
CA GLU J 111 -30.06 34.09 -50.11
C GLU J 111 -31.17 34.94 -50.71
N ASP J 112 -32.16 34.28 -51.30
CA ASP J 112 -33.28 34.98 -51.90
C ASP J 112 -34.11 35.69 -50.82
N THR J 113 -34.07 37.02 -50.85
CA THR J 113 -34.67 37.84 -49.80
C THR J 113 -35.92 38.56 -50.32
N GLU J 114 -36.19 38.40 -51.62
CA GLU J 114 -37.31 39.08 -52.26
C GLU J 114 -38.58 39.02 -51.42
N SER J 115 -39.38 40.07 -51.53
CA SER J 115 -40.53 40.26 -50.68
C SER J 115 -41.24 41.53 -51.11
N ALA J 116 -42.49 41.70 -50.70
CA ALA J 116 -43.22 42.93 -50.97
C ALA J 116 -42.87 43.96 -49.91
N LEU J 117 -42.05 43.54 -48.95
CA LEU J 117 -41.58 44.41 -47.89
C LEU J 117 -40.21 44.94 -48.26
N LYS J 118 -39.58 44.26 -49.21
CA LYS J 118 -38.19 44.50 -49.61
C LYS J 118 -37.74 45.96 -49.55
N GLN J 119 -38.46 46.83 -50.25
CA GLN J 119 -38.06 48.23 -50.39
C GLN J 119 -38.20 49.04 -49.09
N TRP J 120 -39.18 48.66 -48.27
CA TRP J 120 -39.35 49.31 -46.98
C TRP J 120 -38.24 48.93 -46.01
N ARG J 121 -37.97 47.63 -45.92
CA ARG J 121 -36.87 47.13 -45.10
C ARG J 121 -35.60 47.88 -45.42
N ASP J 122 -35.38 48.08 -46.71
CA ASP J 122 -34.17 48.72 -47.22
C ASP J 122 -34.10 50.19 -46.87
N ALA J 123 -35.22 50.90 -47.01
CA ALA J 123 -35.28 52.30 -46.64
C ALA J 123 -35.11 52.48 -45.12
N CYS J 124 -35.76 51.61 -44.35
CA CYS J 124 -35.62 51.68 -42.89
C CYS J 124 -34.20 51.36 -42.46
N ASP J 125 -33.62 50.36 -43.11
CA ASP J 125 -32.28 49.91 -42.79
C ASP J 125 -31.23 50.98 -43.02
N SER J 126 -31.31 51.67 -44.15
CA SER J 126 -30.33 52.69 -44.46
C SER J 126 -30.46 53.87 -43.50
N ALA J 127 -31.70 54.24 -43.19
CA ALA J 127 -31.95 55.30 -42.22
C ALA J 127 -31.49 54.89 -40.83
N LEU J 128 -31.77 53.67 -40.42
CA LEU J 128 -31.38 53.23 -39.08
C LEU J 128 -29.87 53.15 -38.97
N ARG J 129 -29.22 52.68 -40.03
CA ARG J 129 -27.78 52.54 -40.01
C ARG J 129 -27.15 53.89 -39.73
N ALA J 130 -27.66 54.94 -40.36
CA ALA J 130 -27.13 56.27 -40.11
C ALA J 130 -27.46 56.73 -38.69
N TYR J 131 -28.67 56.43 -38.23
CA TYR J 131 -29.03 56.78 -36.87
C TYR J 131 -28.08 56.09 -35.88
N VAL J 132 -27.74 54.83 -36.15
CA VAL J 132 -26.88 54.09 -35.23
C VAL J 132 -25.44 54.59 -35.26
N LYS J 133 -24.94 54.93 -36.44
CA LYS J 133 -23.58 55.46 -36.52
C LYS J 133 -23.48 56.77 -35.72
N ASP J 134 -24.56 57.55 -35.71
CA ASP J 134 -24.54 58.86 -35.03
C ASP J 134 -24.75 58.75 -33.54
N HIS J 135 -25.59 57.81 -33.13
CA HIS J 135 -26.02 57.77 -31.72
C HIS J 135 -25.29 56.78 -30.82
N TYR J 136 -24.55 55.85 -31.43
CA TYR J 136 -23.79 54.85 -30.67
C TYR J 136 -22.34 54.82 -31.10
N PRO J 137 -21.43 54.69 -30.13
CA PRO J 137 -20.01 54.57 -30.44
C PRO J 137 -19.69 53.27 -31.16
N ASN J 138 -20.32 52.18 -30.75
CA ASN J 138 -20.01 50.85 -31.27
C ASN J 138 -21.28 50.13 -31.70
N GLY J 139 -22.23 50.86 -32.28
CA GLY J 139 -23.53 50.29 -32.57
C GLY J 139 -23.54 49.39 -33.79
N PHE J 140 -24.47 48.44 -33.81
CA PHE J 140 -24.76 47.65 -35.00
C PHE J 140 -26.27 47.49 -35.06
N CYS J 141 -26.82 47.45 -36.26
CA CYS J 141 -28.25 47.24 -36.39
C CYS J 141 -28.57 46.27 -37.52
N THR J 142 -29.69 45.58 -37.36
CA THR J 142 -30.18 44.64 -38.37
C THR J 142 -31.68 44.86 -38.45
N VAL J 143 -32.18 45.05 -39.65
CA VAL J 143 -33.62 45.29 -39.86
C VAL J 143 -34.22 44.17 -40.69
N TYR J 144 -35.29 43.58 -40.18
CA TYR J 144 -35.92 42.44 -40.83
C TYR J 144 -37.25 42.91 -41.38
N GLY J 145 -37.66 42.32 -42.50
CA GLY J 145 -38.95 42.61 -43.08
C GLY J 145 -39.67 41.31 -43.30
N LYS J 146 -40.74 41.09 -42.55
CA LYS J 146 -41.47 39.84 -42.68
C LYS J 146 -42.96 40.01 -42.38
N SER J 147 -43.74 39.01 -42.79
CA SER J 147 -45.18 39.02 -42.56
C SER J 147 -45.51 38.11 -41.40
N ILE J 148 -46.01 38.68 -40.32
CA ILE J 148 -46.47 37.88 -39.19
C ILE J 148 -47.98 38.05 -39.00
N ASP J 149 -48.69 36.93 -39.00
CA ASP J 149 -50.15 36.94 -38.94
C ASP J 149 -50.72 37.73 -40.11
N GLY J 150 -50.04 37.68 -41.25
CA GLY J 150 -50.47 38.40 -42.44
C GLY J 150 -50.10 39.87 -42.40
N GLN J 151 -49.86 40.38 -41.18
CA GLN J 151 -49.49 41.78 -40.99
C GLN J 151 -48.04 42.04 -41.43
N GLN J 152 -47.85 43.07 -42.24
CA GLN J 152 -46.51 43.46 -42.66
C GLN J 152 -45.79 44.18 -41.51
N THR J 153 -44.65 43.63 -41.10
CA THR J 153 -43.90 44.15 -39.95
C THR J 153 -42.42 44.42 -40.25
N ILE J 154 -41.94 45.58 -39.83
CA ILE J 154 -40.52 45.87 -39.89
C ILE J 154 -39.98 45.69 -38.47
N ILE J 155 -38.91 44.93 -38.34
CA ILE J 155 -38.33 44.69 -37.02
C ILE J 155 -36.92 45.23 -37.00
N ALA J 156 -36.71 46.29 -36.23
CA ALA J 156 -35.43 46.95 -36.15
C ALA J 156 -34.72 46.58 -34.85
N CYS J 157 -33.51 46.05 -34.99
CA CYS J 157 -32.74 45.60 -33.84
C CYS J 157 -31.44 46.38 -33.76
N ILE J 158 -31.13 46.88 -32.56
CA ILE J 158 -29.90 47.63 -32.35
C ILE J 158 -29.13 47.04 -31.17
N GLU J 159 -27.82 46.87 -31.31
CA GLU J 159 -26.95 46.42 -30.23
C GLU J 159 -25.78 47.36 -30.13
N SER J 160 -25.29 47.55 -28.91
CA SER J 160 -24.04 48.26 -28.68
C SER J 160 -23.44 47.80 -27.36
N HIS J 161 -22.15 47.49 -27.38
CA HIS J 161 -21.53 47.04 -26.15
C HIS J 161 -20.13 47.59 -26.00
N GLN J 162 -19.61 47.48 -24.79
CA GLN J 162 -18.25 47.85 -24.47
C GLN J 162 -17.80 46.80 -23.48
N PHE J 163 -16.84 45.97 -23.88
CA PHE J 163 -16.28 44.94 -22.99
C PHE J 163 -14.89 45.37 -22.52
N GLN J 164 -14.69 45.44 -21.22
CA GLN J 164 -13.35 45.69 -20.68
C GLN J 164 -13.07 44.80 -19.48
N PRO J 165 -12.95 43.49 -19.72
CA PRO J 165 -12.75 42.49 -18.67
C PRO J 165 -11.52 42.82 -17.82
N LYS J 166 -10.49 43.40 -18.43
CA LYS J 166 -9.28 43.80 -17.72
C LYS J 166 -9.51 44.90 -16.68
N ASN J 167 -10.55 45.70 -16.87
CA ASN J 167 -10.92 46.69 -15.86
C ASN J 167 -12.15 46.21 -15.07
N PHE J 168 -12.46 44.92 -15.24
CA PHE J 168 -13.56 44.28 -14.53
C PHE J 168 -14.92 44.93 -14.78
N TRP J 169 -15.20 45.28 -16.01
CA TRP J 169 -16.56 45.70 -16.35
C TRP J 169 -16.93 45.45 -17.80
N ASN J 170 -18.22 45.27 -18.03
CA ASN J 170 -18.80 45.11 -19.36
C ASN J 170 -20.15 45.76 -19.34
N GLY J 171 -20.61 46.22 -20.51
CA GLY J 171 -21.93 46.82 -20.62
C GLY J 171 -22.47 46.57 -22.01
N ARG J 172 -23.79 46.55 -22.13
CA ARG J 172 -24.44 46.32 -23.41
C ARG J 172 -25.81 47.01 -23.43
N TRP J 173 -26.09 47.61 -24.56
CA TRP J 173 -27.43 48.15 -24.87
C TRP J 173 -28.04 47.27 -25.93
N ARG J 174 -29.34 47.03 -25.80
CA ARG J 174 -30.11 46.35 -26.84
C ARG J 174 -31.43 47.09 -27.00
N SER J 175 -31.87 47.29 -28.23
CA SER J 175 -33.21 47.82 -28.45
C SER J 175 -33.83 47.06 -29.62
N GLU J 176 -35.11 46.78 -29.50
CA GLU J 176 -35.85 46.08 -30.53
C GLU J 176 -37.17 46.80 -30.78
N TRP J 177 -37.35 47.27 -32.02
CA TRP J 177 -38.51 48.07 -32.40
C TRP J 177 -39.32 47.32 -33.44
N LYS J 178 -40.62 47.24 -33.22
CA LYS J 178 -41.53 46.55 -34.14
C LYS J 178 -42.57 47.52 -34.70
N PHE J 179 -42.53 47.68 -36.01
CA PHE J 179 -43.50 48.51 -36.70
C PHE J 179 -44.45 47.60 -37.47
N THR J 180 -45.73 47.61 -37.07
CA THR J 180 -46.75 46.81 -37.73
C THR J 180 -47.55 47.72 -38.66
N ILE J 181 -47.31 47.58 -39.95
CA ILE J 181 -47.83 48.53 -40.95
C ILE J 181 -49.29 48.31 -41.29
N THR J 182 -50.09 49.34 -41.07
CA THR J 182 -51.53 49.32 -41.41
C THR J 182 -51.98 50.72 -41.85
N PRO J 183 -51.65 51.11 -43.09
CA PRO J 183 -51.93 52.47 -43.58
C PRO J 183 -53.33 52.94 -43.20
N PRO J 184 -53.47 54.23 -42.78
CA PRO J 184 -52.41 55.24 -42.80
C PRO J 184 -51.59 55.27 -41.52
N THR J 185 -51.68 54.23 -40.70
CA THR J 185 -51.04 54.21 -39.38
C THR J 185 -50.24 52.96 -39.11
N ALA J 186 -49.02 53.12 -38.58
CA ALA J 186 -48.22 51.97 -38.14
C ALA J 186 -48.24 51.81 -36.62
N GLN J 187 -48.42 50.58 -36.16
CA GLN J 187 -48.35 50.28 -34.73
C GLN J 187 -46.92 50.08 -34.27
N VAL J 188 -46.53 50.78 -33.21
CA VAL J 188 -45.15 50.73 -32.75
C VAL J 188 -45.03 50.06 -31.39
N ALA J 189 -44.26 48.99 -31.33
CA ALA J 189 -43.92 48.36 -30.05
C ALA J 189 -42.41 48.25 -29.93
N ALA J 190 -41.86 48.48 -28.74
CA ALA J 190 -40.42 48.39 -28.54
C ALA J 190 -40.05 47.97 -27.13
N VAL J 191 -38.87 47.39 -27.02
CA VAL J 191 -38.29 47.09 -25.73
C VAL J 191 -36.87 47.64 -25.76
N LEU J 192 -36.53 48.50 -24.80
CA LEU J 192 -35.16 48.99 -24.68
C LEU J 192 -34.52 48.34 -23.47
N LYS J 193 -33.26 47.90 -23.59
CA LYS J 193 -32.59 47.19 -22.49
C LYS J 193 -31.15 47.66 -22.26
N ILE J 194 -30.77 47.78 -21.00
CA ILE J 194 -29.39 48.08 -20.63
C ILE J 194 -28.96 47.14 -19.53
N GLN J 195 -27.71 46.68 -19.63
CA GLN J 195 -27.13 45.92 -18.55
C GLN J 195 -25.68 46.32 -18.41
N VAL J 196 -25.29 46.63 -17.18
CA VAL J 196 -23.90 46.93 -16.88
C VAL J 196 -23.43 46.11 -15.69
N HIS J 197 -22.23 45.58 -15.79
CA HIS J 197 -21.67 44.75 -14.75
C HIS J 197 -20.30 45.27 -14.36
N TYR J 198 -20.13 45.60 -13.08
CA TYR J 198 -18.82 45.95 -12.53
C TYR J 198 -18.42 44.94 -11.45
N TYR J 199 -17.19 44.41 -11.53
CA TYR J 199 -16.82 43.31 -10.64
C TYR J 199 -15.42 43.32 -10.09
N GLU J 200 -14.81 44.49 -9.95
CA GLU J 200 -13.57 44.54 -9.21
C GLU J 200 -13.83 44.37 -7.71
N ASP J 201 -13.45 43.21 -7.18
CA ASP J 201 -13.69 42.91 -5.77
C ASP J 201 -15.15 43.12 -5.39
N GLY J 202 -16.04 42.64 -6.26
CA GLY J 202 -17.46 42.70 -6.00
C GLY J 202 -18.26 42.28 -7.19
N ASN J 203 -19.57 42.52 -7.14
CA ASN J 203 -20.47 42.21 -8.23
C ASN J 203 -21.62 43.20 -8.17
N VAL J 204 -21.56 44.22 -9.02
CA VAL J 204 -22.57 45.27 -9.04
C VAL J 204 -23.15 45.32 -10.44
N GLN J 205 -24.46 45.27 -10.54
CA GLN J 205 -25.08 45.32 -11.86
C GLN J 205 -26.22 46.34 -11.98
N LEU J 206 -26.22 47.09 -13.08
CA LEU J 206 -27.38 47.84 -13.51
C LEU J 206 -28.18 46.94 -14.45
N VAL J 207 -29.46 46.75 -14.17
CA VAL J 207 -30.35 46.03 -15.07
C VAL J 207 -31.56 46.92 -15.31
N SER J 208 -31.84 47.24 -16.56
CA SER J 208 -32.98 48.12 -16.84
C SER J 208 -33.65 47.79 -18.15
N HIS J 209 -34.94 48.05 -18.22
CA HIS J 209 -35.60 47.98 -19.50
C HIS J 209 -36.87 48.79 -19.50
N LYS J 210 -37.24 49.23 -20.69
CA LYS J 210 -38.45 50.01 -20.83
C LYS J 210 -39.23 49.55 -22.05
N ASP J 211 -40.54 49.43 -21.89
CA ASP J 211 -41.42 49.02 -22.97
C ASP J 211 -41.99 50.27 -23.60
N ILE J 212 -41.97 50.33 -24.92
CA ILE J 212 -42.54 51.45 -25.65
C ILE J 212 -43.75 50.99 -26.46
N GLN J 213 -44.80 51.78 -26.45
CA GLN J 213 -46.00 51.52 -27.26
C GLN J 213 -46.44 52.81 -27.93
N ASP J 214 -46.54 52.79 -29.24
CA ASP J 214 -46.79 54.01 -29.98
C ASP J 214 -47.39 53.73 -31.36
N SER J 215 -47.51 54.78 -32.16
CA SER J 215 -48.04 54.69 -33.51
C SER J 215 -47.53 55.86 -34.37
N VAL J 216 -47.37 55.60 -35.66
CA VAL J 216 -46.90 56.63 -36.58
C VAL J 216 -47.68 56.68 -37.88
N GLN J 217 -47.73 57.86 -38.48
CA GLN J 217 -48.28 57.99 -39.82
C GLN J 217 -47.37 57.25 -40.77
N VAL J 218 -47.96 56.49 -41.67
CA VAL J 218 -47.20 55.82 -42.71
C VAL J 218 -47.49 56.51 -44.05
N SER J 219 -46.46 56.66 -44.90
CA SER J 219 -46.60 57.34 -46.17
C SER J 219 -45.74 56.65 -47.22
N SER J 220 -44.78 57.39 -47.75
CA SER J 220 -43.81 56.85 -48.70
C SER J 220 -42.79 55.97 -47.98
N ASP J 221 -42.19 55.05 -48.72
CA ASP J 221 -41.16 54.20 -48.14
C ASP J 221 -40.11 55.07 -47.43
N VAL J 222 -39.60 56.05 -48.17
CA VAL J 222 -38.54 56.92 -47.66
C VAL J 222 -39.00 57.80 -46.50
N GLN J 223 -40.18 58.38 -46.61
CA GLN J 223 -40.67 59.30 -45.58
C GLN J 223 -40.99 58.56 -44.28
N THR J 224 -41.44 57.32 -44.42
CA THR J 224 -41.84 56.57 -43.25
C THR J 224 -40.60 56.21 -42.46
N ALA J 225 -39.58 55.73 -43.17
CA ALA J 225 -38.29 55.48 -42.53
C ALA J 225 -37.87 56.68 -41.69
N LYS J 226 -38.01 57.89 -42.23
CA LYS J 226 -37.65 59.10 -41.47
C LYS J 226 -38.51 59.19 -40.22
N GLU J 227 -39.80 58.93 -40.37
CA GLU J 227 -40.75 58.94 -39.25
C GLU J 227 -40.36 57.92 -38.17
N PHE J 228 -40.08 56.69 -38.58
CA PHE J 228 -39.69 55.60 -37.68
C PHE J 228 -38.44 55.93 -36.86
N ILE J 229 -37.40 56.37 -37.57
CA ILE J 229 -36.16 56.77 -36.95
C ILE J 229 -36.37 57.94 -35.97
N LYS J 230 -37.31 58.83 -36.29
CA LYS J 230 -37.55 59.97 -35.39
C LYS J 230 -38.17 59.48 -34.10
N ILE J 231 -39.09 58.52 -34.22
CA ILE J 231 -39.71 57.91 -33.07
C ILE J 231 -38.66 57.23 -32.22
N ILE J 232 -37.82 56.42 -32.86
CA ILE J 232 -36.76 55.69 -32.14
C ILE J 232 -35.84 56.65 -31.41
N GLU J 233 -35.43 57.72 -32.10
CA GLU J 233 -34.53 58.71 -31.53
C GLU J 233 -35.11 59.39 -30.29
N ASN J 234 -36.36 59.85 -30.39
CA ASN J 234 -37.00 60.52 -29.24
C ASN J 234 -37.16 59.60 -28.03
N ALA J 235 -37.53 58.35 -28.29
CA ALA J 235 -37.76 57.39 -27.22
C ALA J 235 -36.45 57.03 -26.56
N GLU J 236 -35.45 56.70 -27.36
CA GLU J 236 -34.16 56.29 -26.81
C GLU J 236 -33.47 57.42 -26.05
N ASN J 237 -33.54 58.64 -26.57
CA ASN J 237 -33.00 59.75 -25.79
C ASN J 237 -33.75 59.97 -24.47
N GLU J 238 -35.06 59.85 -24.52
CA GLU J 238 -35.91 60.03 -23.35
C GLU J 238 -35.55 59.03 -22.27
N TYR J 239 -35.29 57.80 -22.69
CA TYR J 239 -34.98 56.71 -21.77
C TYR J 239 -33.61 56.98 -21.15
N GLN J 240 -32.62 57.26 -22.00
CA GLN J 240 -31.30 57.59 -21.51
C GLN J 240 -31.36 58.76 -20.54
N THR J 241 -32.14 59.78 -20.87
CA THR J 241 -32.33 60.93 -19.98
C THR J 241 -32.96 60.53 -18.63
N ALA J 242 -33.98 59.69 -18.68
CA ALA J 242 -34.62 59.21 -17.45
C ALA J 242 -33.63 58.43 -16.61
N ILE J 243 -32.78 57.66 -17.27
CA ILE J 243 -31.81 56.87 -16.55
C ILE J 243 -30.86 57.78 -15.82
N SER J 244 -30.39 58.82 -16.50
CA SER J 244 -29.52 59.82 -15.91
C SER J 244 -30.18 60.49 -14.73
N GLU J 245 -31.47 60.76 -14.86
CA GLU J 245 -32.21 61.39 -13.77
C GLU J 245 -32.34 60.47 -12.55
N ASN J 246 -32.47 59.16 -12.79
CA ASN J 246 -32.56 58.19 -11.69
C ASN J 246 -31.25 58.11 -10.94
N TYR J 247 -30.15 58.12 -11.69
CA TYR J 247 -28.82 58.08 -11.07
C TYR J 247 -28.64 59.28 -10.14
N GLN J 248 -29.07 60.45 -10.60
CA GLN J 248 -28.85 61.65 -9.81
C GLN J 248 -29.66 61.60 -8.53
N THR J 249 -30.90 61.12 -8.64
CA THR J 249 -31.81 61.01 -7.50
C THR J 249 -31.35 59.93 -6.53
N MET J 250 -30.87 58.80 -7.05
CA MET J 250 -30.31 57.76 -6.19
C MET J 250 -29.08 58.26 -5.44
N SER J 251 -28.31 59.14 -6.08
CA SER J 251 -27.09 59.67 -5.48
C SER J 251 -27.36 60.75 -4.44
N ASP J 252 -28.26 61.67 -4.78
CA ASP J 252 -28.50 62.87 -3.97
C ASP J 252 -29.52 62.65 -2.88
N THR J 253 -30.32 61.60 -3.00
CA THR J 253 -31.42 61.37 -2.08
C THR J 253 -31.32 60.01 -1.39
N THR J 254 -31.49 58.93 -2.15
CA THR J 254 -31.58 57.62 -1.53
C THR J 254 -30.28 57.18 -0.86
N PHE J 255 -29.17 57.27 -1.58
CA PHE J 255 -27.89 56.79 -1.04
C PHE J 255 -27.50 57.60 0.19
N LYS J 256 -27.65 58.92 0.10
CA LYS J 256 -27.33 59.78 1.24
C LYS J 256 -28.15 59.43 2.47
N ALA J 257 -29.43 59.17 2.29
CA ALA J 257 -30.31 58.90 3.43
C ALA J 257 -30.03 57.56 4.11
N LEU J 258 -29.40 56.62 3.38
CA LEU J 258 -29.15 55.29 3.93
C LEU J 258 -28.11 55.31 5.05
N ARG J 259 -27.04 56.07 4.85
CA ARG J 259 -26.01 56.20 5.88
C ARG J 259 -25.34 57.56 5.76
N ARG J 260 -25.15 58.19 6.90
CA ARG J 260 -24.38 59.42 7.03
C ARG J 260 -22.91 59.21 6.66
N GLN J 261 -22.26 60.25 6.15
CA GLN J 261 -20.80 60.23 6.02
C GLN J 261 -20.10 60.20 7.38
N LEU J 262 -20.56 61.04 8.30
CA LEU J 262 -20.02 61.12 9.65
C LEU J 262 -21.17 61.37 10.59
N PRO J 263 -21.03 61.00 11.87
CA PRO J 263 -22.05 61.27 12.89
C PRO J 263 -22.20 62.77 12.98
N VAL J 264 -23.20 63.26 13.69
CA VAL J 264 -23.48 64.68 13.78
C VAL J 264 -22.32 65.46 14.38
N THR J 265 -21.49 64.81 15.18
CA THR J 265 -20.33 65.48 15.77
C THR J 265 -19.30 65.88 14.71
N ARG J 266 -19.46 65.35 13.51
CA ARG J 266 -18.51 65.61 12.42
C ARG J 266 -17.10 65.13 12.77
N THR J 267 -17.04 64.12 13.62
CA THR J 267 -15.80 63.44 13.89
C THR J 267 -16.12 61.96 13.95
N LYS J 268 -15.10 61.13 13.74
CA LYS J 268 -15.29 59.71 13.94
C LYS J 268 -15.64 59.40 15.39
N ILE J 269 -16.20 58.23 15.63
CA ILE J 269 -16.65 57.86 16.96
C ILE J 269 -15.50 57.77 17.95
N ASP J 270 -15.72 58.28 19.16
CA ASP J 270 -14.79 58.07 20.26
C ASP J 270 -15.21 56.80 20.98
N TRP J 271 -14.53 55.70 20.68
CA TRP J 271 -14.99 54.39 21.10
C TRP J 271 -14.94 54.15 22.63
N ASN J 272 -14.00 54.76 23.32
CA ASN J 272 -13.99 54.63 24.78
C ASN J 272 -15.26 55.21 25.40
N LYS J 273 -15.71 56.31 24.82
CA LYS J 273 -16.94 56.99 25.24
C LYS J 273 -18.16 56.08 25.04
N ILE J 274 -18.21 55.46 23.86
CA ILE J 274 -19.33 54.62 23.47
C ILE J 274 -19.46 53.45 24.46
N LEU J 275 -18.35 53.07 25.07
CA LEU J 275 -18.30 51.91 25.95
C LEU J 275 -18.70 52.27 27.39
N SER J 276 -18.78 53.56 27.69
CA SER J 276 -19.22 54.02 29.00
C SER J 276 -20.64 53.56 29.33
N ASP K 3 -11.09 23.91 -2.89
CA ASP K 3 -11.89 23.13 -3.82
C ASP K 3 -12.12 23.90 -5.15
N GLN K 4 -11.83 23.25 -6.29
CA GLN K 4 -11.97 23.87 -7.62
C GLN K 4 -13.43 24.13 -7.98
N GLN K 5 -14.32 23.25 -7.53
CA GLN K 5 -15.74 23.49 -7.69
C GLN K 5 -16.16 24.68 -6.83
N LEU K 6 -15.57 24.79 -5.66
CA LEU K 6 -15.84 25.94 -4.80
C LEU K 6 -15.41 27.24 -5.48
N ASP K 7 -14.27 27.19 -6.17
CA ASP K 7 -13.68 28.38 -6.79
C ASP K 7 -14.61 28.86 -7.90
N CYS K 8 -15.16 27.90 -8.64
CA CYS K 8 -16.03 28.19 -9.77
C CYS K 8 -17.40 28.69 -9.29
N ALA K 9 -17.85 28.13 -8.18
CA ALA K 9 -19.09 28.56 -7.56
C ALA K 9 -19.03 30.03 -7.17
N LEU K 10 -17.97 30.41 -6.47
CA LEU K 10 -17.78 31.80 -6.10
C LEU K 10 -17.64 32.68 -7.35
N ASP K 11 -16.92 32.20 -8.35
CA ASP K 11 -16.72 32.97 -9.56
C ASP K 11 -18.08 33.24 -10.21
N LEU K 12 -18.92 32.22 -10.23
CA LEU K 12 -20.27 32.34 -10.75
C LEU K 12 -21.13 33.36 -9.99
N MET K 13 -21.07 33.34 -8.66
CA MET K 13 -21.79 34.35 -7.88
C MET K 13 -21.25 35.78 -8.13
N ARG K 14 -20.04 35.91 -8.65
CA ARG K 14 -19.51 37.23 -9.00
C ARG K 14 -20.10 37.77 -10.31
N ARG K 15 -20.79 36.91 -11.05
CA ARG K 15 -21.15 37.21 -12.44
C ARG K 15 -22.66 37.15 -12.70
N LEU K 16 -23.35 36.18 -12.07
CA LEU K 16 -24.81 36.12 -12.13
C LEU K 16 -25.38 37.41 -11.51
N PRO K 17 -26.49 37.91 -12.07
CA PRO K 17 -27.09 39.16 -11.57
C PRO K 17 -27.36 39.13 -10.07
N PRO K 18 -26.86 40.13 -9.34
CA PRO K 18 -27.09 40.19 -7.89
C PRO K 18 -28.56 40.40 -7.58
N GLN K 19 -29.35 40.83 -8.56
CA GLN K 19 -30.77 40.99 -8.31
C GLN K 19 -31.40 39.66 -7.87
N GLN K 20 -30.83 38.55 -8.33
CA GLN K 20 -31.33 37.21 -8.00
C GLN K 20 -30.38 36.48 -7.05
N ILE K 21 -29.70 37.26 -6.23
CA ILE K 21 -28.68 36.72 -5.34
C ILE K 21 -29.17 35.53 -4.50
N GLU K 22 -30.38 35.61 -3.94
CA GLU K 22 -30.94 34.50 -3.15
C GLU K 22 -31.24 33.22 -3.95
N LYS K 23 -31.86 33.39 -5.11
CA LYS K 23 -32.20 32.25 -5.97
C LYS K 23 -30.93 31.66 -6.60
N ASN K 24 -29.99 32.53 -6.98
CA ASN K 24 -28.69 32.07 -7.46
C ASN K 24 -28.09 31.04 -6.46
N LEU K 25 -28.04 31.41 -5.19
CA LEU K 25 -27.39 30.57 -4.18
C LEU K 25 -28.05 29.20 -4.06
N SER K 26 -29.37 29.18 -3.90
CA SER K 26 -30.07 27.89 -3.77
C SER K 26 -29.98 27.05 -5.04
N ASP K 27 -30.01 27.70 -6.20
CA ASP K 27 -29.75 27.01 -7.47
C ASP K 27 -28.36 26.36 -7.44
N LEU K 28 -27.37 27.13 -7.01
CA LEU K 28 -25.99 26.65 -6.89
C LEU K 28 -25.90 25.47 -5.93
N ILE K 29 -26.57 25.59 -4.77
CA ILE K 29 -26.60 24.48 -3.83
C ILE K 29 -27.22 23.24 -4.49
N ASP K 30 -28.27 23.44 -5.28
CA ASP K 30 -28.90 22.30 -5.92
C ASP K 30 -27.96 21.69 -6.95
N LEU K 31 -27.23 22.56 -7.65
CA LEU K 31 -26.33 22.11 -8.70
C LEU K 31 -25.19 21.27 -8.10
N VAL K 32 -24.68 21.69 -6.94
CA VAL K 32 -23.58 20.98 -6.29
C VAL K 32 -23.83 20.78 -4.78
N PRO K 33 -24.76 19.86 -4.46
CA PRO K 33 -25.22 19.56 -3.10
C PRO K 33 -24.08 19.43 -2.07
N SER K 34 -22.93 18.91 -2.50
CA SER K 34 -21.82 18.63 -1.59
C SER K 34 -21.11 19.89 -1.08
N LEU K 35 -21.32 21.02 -1.74
CA LEU K 35 -20.68 22.27 -1.33
C LEU K 35 -21.56 23.09 -0.42
N CYS K 36 -22.67 22.50 0.03
CA CYS K 36 -23.66 23.26 0.79
C CYS K 36 -23.08 24.08 1.95
N GLU K 37 -22.32 23.43 2.82
CA GLU K 37 -21.82 24.15 3.99
C GLU K 37 -20.85 25.27 3.59
N ASP K 38 -19.96 24.96 2.65
CA ASP K 38 -18.98 25.93 2.16
C ASP K 38 -19.68 27.11 1.49
N LEU K 39 -20.64 26.83 0.61
CA LEU K 39 -21.39 27.90 -0.06
C LEU K 39 -22.18 28.76 0.94
N LEU K 40 -22.89 28.12 1.86
CA LEU K 40 -23.65 28.86 2.85
C LEU K 40 -22.77 29.82 3.67
N SER K 41 -21.50 29.48 3.87
CA SER K 41 -20.67 30.31 4.72
C SER K 41 -19.86 31.36 3.96
N SER K 42 -19.59 31.11 2.69
CA SER K 42 -18.80 32.06 1.91
C SER K 42 -19.60 32.90 0.90
N VAL K 43 -20.84 32.52 0.63
CA VAL K 43 -21.68 33.34 -0.25
C VAL K 43 -22.54 34.27 0.58
N ASP K 44 -22.20 35.55 0.58
CA ASP K 44 -22.99 36.56 1.28
C ASP K 44 -24.43 36.67 0.71
N GLN K 45 -25.38 36.98 1.57
CA GLN K 45 -26.80 37.06 1.21
C GLN K 45 -27.34 38.25 1.93
N PRO K 46 -28.34 38.91 1.33
CA PRO K 46 -28.99 40.05 2.00
C PRO K 46 -29.43 39.63 3.38
N LEU K 47 -29.38 40.55 4.32
CA LEU K 47 -29.72 40.22 5.69
C LEU K 47 -31.23 40.20 5.90
N LYS K 48 -31.72 39.27 6.72
CA LYS K 48 -33.15 39.22 7.02
C LYS K 48 -33.39 39.70 8.44
N ILE K 49 -34.51 40.38 8.66
CA ILE K 49 -34.87 40.83 10.00
C ILE K 49 -35.83 39.85 10.66
N ALA K 50 -35.50 39.41 11.87
CA ALA K 50 -36.43 38.62 12.67
C ALA K 50 -36.74 39.40 13.94
N ARG K 51 -37.78 39.02 14.65
CA ARG K 51 -38.17 39.73 15.86
C ARG K 51 -37.95 38.86 17.11
N ASP K 52 -37.19 39.37 18.08
CA ASP K 52 -37.02 38.67 19.34
C ASP K 52 -38.21 39.01 20.25
N LYS K 53 -39.19 38.11 20.29
CA LYS K 53 -40.43 38.34 21.01
C LYS K 53 -40.21 38.56 22.50
N VAL K 54 -39.22 37.87 23.05
CA VAL K 54 -38.93 37.96 24.47
C VAL K 54 -38.47 39.36 24.86
N VAL K 55 -37.48 39.87 24.15
CA VAL K 55 -36.89 41.14 24.53
C VAL K 55 -37.58 42.31 23.85
N GLY K 56 -38.39 42.02 22.84
CA GLY K 56 -39.01 43.06 22.05
C GLY K 56 -37.98 43.88 21.28
N LYS K 57 -37.09 43.19 20.56
CA LYS K 57 -36.10 43.84 19.71
C LYS K 57 -35.93 43.06 18.41
N ASP K 58 -35.61 43.77 17.34
CA ASP K 58 -35.28 43.12 16.07
C ASP K 58 -33.83 42.61 16.08
N TYR K 59 -33.56 41.57 15.30
CA TYR K 59 -32.19 41.10 15.15
C TYR K 59 -32.01 40.54 13.74
N LEU K 60 -30.77 40.35 13.32
CA LEU K 60 -30.50 40.03 11.93
C LEU K 60 -30.15 38.56 11.72
N LEU K 61 -30.62 37.99 10.62
CA LEU K 61 -30.36 36.57 10.35
C LEU K 61 -29.30 36.44 9.27
N CYS K 62 -28.31 35.58 9.48
CA CYS K 62 -27.41 35.23 8.40
C CYS K 62 -26.86 33.87 8.75
N ASP K 63 -25.94 33.36 7.95
CA ASP K 63 -25.45 32.03 8.21
C ASP K 63 -24.73 31.96 9.55
N TYR K 64 -24.12 33.06 9.99
CA TYR K 64 -23.28 32.96 11.19
C TYR K 64 -24.07 32.76 12.48
N ASN K 65 -25.35 33.13 12.51
CA ASN K 65 -26.14 32.85 13.73
C ASN K 65 -27.12 31.70 13.53
N ARG K 66 -26.87 30.88 12.53
CA ARG K 66 -27.79 29.79 12.19
C ARG K 66 -27.28 28.48 12.75
N ASP K 67 -28.20 27.65 13.20
CA ASP K 67 -27.89 26.27 13.53
C ASP K 67 -29.09 25.44 13.12
N GLY K 68 -28.87 24.54 12.17
CA GLY K 68 -29.98 23.79 11.61
C GLY K 68 -30.91 24.76 10.88
N ASP K 69 -32.17 24.78 11.28
CA ASP K 69 -33.12 25.72 10.71
C ASP K 69 -33.53 26.84 11.66
N SER K 70 -32.83 26.96 12.79
CA SER K 70 -33.12 28.00 13.77
C SER K 70 -32.02 29.06 13.79
N TYR K 71 -32.35 30.23 14.36
CA TYR K 71 -31.39 31.33 14.47
C TYR K 71 -31.34 31.86 15.89
N ARG K 72 -30.14 32.25 16.32
CA ARG K 72 -29.89 32.73 17.68
C ARG K 72 -30.05 34.25 17.77
N SER K 73 -30.87 34.69 18.72
CA SER K 73 -31.01 36.13 18.99
C SER K 73 -29.82 36.60 19.78
N PRO K 74 -29.25 37.77 19.43
CA PRO K 74 -28.15 38.30 20.22
C PRO K 74 -28.63 38.91 21.52
N TRP K 75 -29.94 39.10 21.65
CA TRP K 75 -30.48 39.79 22.81
C TRP K 75 -30.85 38.79 23.89
N SER K 76 -31.57 37.74 23.52
CA SER K 76 -32.02 36.74 24.48
C SER K 76 -31.11 35.52 24.51
N ASN K 77 -30.18 35.47 23.56
CA ASN K 77 -29.24 34.36 23.48
C ASN K 77 -29.97 33.03 23.36
N LYS K 78 -31.15 33.05 22.74
CA LYS K 78 -31.92 31.82 22.53
C LYS K 78 -32.20 31.59 21.05
N TYR K 79 -32.31 30.32 20.65
CA TYR K 79 -32.63 29.99 19.26
C TYR K 79 -34.14 30.03 19.00
N ASP K 80 -34.49 30.45 17.79
CA ASP K 80 -35.86 30.39 17.31
C ASP K 80 -35.87 29.84 15.90
N PRO K 81 -36.53 28.70 15.67
CA PRO K 81 -37.23 27.83 16.61
C PRO K 81 -36.29 27.29 17.69
N PRO K 82 -36.81 27.08 18.90
CA PRO K 82 -35.99 26.62 20.02
C PRO K 82 -35.17 25.38 19.65
N LEU K 83 -34.09 25.15 20.37
CA LEU K 83 -33.18 24.06 20.05
C LEU K 83 -32.68 23.41 21.34
N GLU K 84 -32.46 22.11 21.31
CA GLU K 84 -32.06 21.38 22.51
C GLU K 84 -30.58 21.59 22.80
N ASP K 85 -29.78 21.71 21.75
CA ASP K 85 -28.34 21.83 21.91
C ASP K 85 -27.76 22.74 20.84
N GLY K 86 -28.43 23.87 20.61
CA GLY K 86 -27.95 24.85 19.66
C GLY K 86 -26.57 25.31 20.06
N ALA K 87 -25.74 25.65 19.08
CA ALA K 87 -24.40 26.15 19.37
C ALA K 87 -24.47 27.50 20.09
N MET K 88 -23.87 27.56 21.27
CA MET K 88 -23.84 28.78 22.09
C MET K 88 -22.40 29.25 22.29
N PRO K 89 -22.20 30.55 22.49
CA PRO K 89 -20.89 31.06 22.89
C PRO K 89 -20.60 30.73 24.35
N SER K 90 -19.33 30.63 24.71
CA SER K 90 -18.93 30.42 26.10
C SER K 90 -19.42 31.61 26.93
N ALA K 91 -19.38 31.47 28.25
CA ALA K 91 -19.82 32.55 29.12
C ALA K 91 -18.97 33.82 28.88
N ARG K 92 -17.67 33.63 28.68
CA ARG K 92 -16.77 34.76 28.50
C ARG K 92 -17.15 35.48 27.23
N LEU K 93 -17.24 34.71 26.14
CA LEU K 93 -17.51 35.27 24.83
C LEU K 93 -18.92 35.86 24.77
N ARG K 94 -19.86 35.26 25.49
CA ARG K 94 -21.22 35.81 25.52
C ARG K 94 -21.23 37.18 26.19
N LYS K 95 -20.50 37.32 27.29
CA LYS K 95 -20.36 38.65 27.90
C LYS K 95 -19.79 39.68 26.91
N LEU K 96 -18.75 39.29 26.19
CA LEU K 96 -18.17 40.20 25.20
C LEU K 96 -19.18 40.51 24.09
N GLU K 97 -19.98 39.51 23.73
CA GLU K 97 -20.96 39.63 22.64
C GLU K 97 -22.04 40.63 23.03
N VAL K 98 -22.48 40.58 24.29
CA VAL K 98 -23.48 41.54 24.76
C VAL K 98 -22.90 42.95 24.72
N GLU K 99 -21.64 43.07 25.13
CA GLU K 99 -20.93 44.33 25.12
C GLU K 99 -20.89 44.86 23.69
N ALA K 100 -20.54 44.00 22.75
CA ALA K 100 -20.35 44.40 21.37
C ALA K 100 -21.68 44.80 20.76
N ASN K 101 -22.74 44.07 21.09
CA ASN K 101 -24.05 44.44 20.58
C ASN K 101 -24.51 45.83 21.05
N ASN K 102 -24.22 46.15 22.31
CA ASN K 102 -24.55 47.45 22.86
C ASN K 102 -23.76 48.53 22.15
N ALA K 103 -22.48 48.28 21.95
CA ALA K 103 -21.63 49.28 21.32
C ALA K 103 -22.02 49.50 19.86
N PHE K 104 -22.25 48.41 19.12
CA PHE K 104 -22.61 48.56 17.71
C PHE K 104 -24.04 49.02 17.48
N ASP K 105 -24.89 48.88 18.50
CA ASP K 105 -26.22 49.48 18.45
C ASP K 105 -26.08 51.00 18.44
N GLN K 106 -25.17 51.53 19.25
CA GLN K 106 -24.94 52.96 19.28
C GLN K 106 -24.25 53.44 17.99
N TYR K 107 -23.31 52.65 17.51
CA TYR K 107 -22.67 52.92 16.23
C TYR K 107 -23.71 53.02 15.13
N ARG K 108 -24.63 52.05 15.12
CA ARG K 108 -25.71 52.00 14.15
C ARG K 108 -26.50 53.30 14.21
N ASP K 109 -26.91 53.68 15.42
CA ASP K 109 -27.75 54.87 15.56
C ASP K 109 -26.99 56.11 15.09
N LEU K 110 -25.70 56.17 15.40
CA LEU K 110 -24.89 57.33 15.05
C LEU K 110 -24.68 57.48 13.56
N TYR K 111 -24.47 56.38 12.85
CA TYR K 111 -24.19 56.46 11.42
C TYR K 111 -25.42 56.27 10.54
N PHE K 112 -26.36 55.46 11.01
CA PHE K 112 -27.49 55.09 10.18
C PHE K 112 -28.82 55.72 10.63
N GLU K 113 -28.87 56.19 11.87
CA GLU K 113 -30.07 56.88 12.36
C GLU K 113 -31.32 56.04 12.14
N GLY K 114 -31.22 54.74 12.39
CA GLY K 114 -32.30 53.81 12.12
C GLY K 114 -31.74 52.43 11.81
N GLY K 115 -32.52 51.61 11.13
CA GLY K 115 -32.11 50.26 10.78
C GLY K 115 -31.95 49.37 11.99
N VAL K 116 -31.31 48.22 11.77
CA VAL K 116 -31.13 47.22 12.82
C VAL K 116 -29.69 46.76 12.80
N SER K 117 -29.16 46.41 13.96
CA SER K 117 -27.82 45.84 14.05
C SER K 117 -27.84 44.52 14.83
N SER K 118 -26.82 43.69 14.61
CA SER K 118 -26.61 42.48 15.41
C SER K 118 -25.12 42.12 15.34
N VAL K 119 -24.60 41.59 16.44
CA VAL K 119 -23.23 41.08 16.51
C VAL K 119 -23.27 39.67 17.07
N TYR K 120 -22.65 38.72 16.36
CA TYR K 120 -22.50 37.35 16.84
C TYR K 120 -21.02 37.00 16.89
N LEU K 121 -20.59 36.42 18.02
CA LEU K 121 -19.19 36.05 18.22
C LEU K 121 -19.06 34.54 18.32
N TRP K 122 -17.88 34.01 18.01
CA TRP K 122 -17.61 32.60 18.23
C TRP K 122 -16.14 32.34 18.48
N ASP K 123 -15.86 31.26 19.23
CA ASP K 123 -14.51 30.90 19.64
C ASP K 123 -13.63 30.44 18.49
N LEU K 124 -12.36 30.81 18.55
CA LEU K 124 -11.37 30.25 17.65
C LEU K 124 -10.29 29.63 18.49
N ASP K 125 -9.36 28.95 17.83
CA ASP K 125 -8.25 28.31 18.52
C ASP K 125 -7.48 29.32 19.36
N HIS K 126 -6.97 30.37 18.72
CA HIS K 126 -6.08 31.30 19.41
C HIS K 126 -6.69 32.68 19.60
N GLY K 127 -8.00 32.72 19.74
CA GLY K 127 -8.72 33.96 19.89
C GLY K 127 -10.18 33.76 19.61
N PHE K 128 -10.76 34.61 18.78
CA PHE K 128 -12.19 34.53 18.51
C PHE K 128 -12.49 35.27 17.23
N ALA K 129 -13.66 35.01 16.66
CA ALA K 129 -14.14 35.73 15.48
C ALA K 129 -15.50 36.31 15.78
N GLY K 130 -16.00 37.14 14.89
CA GLY K 130 -17.37 37.62 15.00
C GLY K 130 -17.82 38.27 13.72
N VAL K 131 -19.11 38.52 13.63
CA VAL K 131 -19.63 39.26 12.49
C VAL K 131 -20.40 40.42 13.09
N ILE K 132 -20.21 41.58 12.50
CA ILE K 132 -21.03 42.72 12.83
C ILE K 132 -21.93 42.99 11.62
N LEU K 133 -23.24 42.94 11.85
CA LEU K 133 -24.25 43.11 10.81
C LEU K 133 -25.07 44.37 10.98
N ILE K 134 -25.29 45.10 9.88
CA ILE K 134 -26.15 46.27 9.94
C ILE K 134 -27.09 46.26 8.73
N LYS K 135 -28.37 46.50 8.99
CA LYS K 135 -29.38 46.45 7.94
C LYS K 135 -30.17 47.75 7.98
N LYS K 136 -30.17 48.51 6.88
CA LYS K 136 -30.92 49.75 6.82
C LYS K 136 -31.71 49.88 5.52
N ALA K 137 -33.03 50.05 5.66
CA ALA K 137 -33.91 50.25 4.51
C ALA K 137 -34.14 51.73 4.22
N GLY K 138 -34.25 52.07 2.94
CA GLY K 138 -34.50 53.46 2.57
C GLY K 138 -35.96 53.80 2.83
N ASP K 139 -36.28 55.07 3.02
CA ASP K 139 -37.66 55.45 3.33
C ASP K 139 -38.56 55.49 2.10
N GLY K 140 -37.98 55.18 0.95
CA GLY K 140 -38.73 55.06 -0.30
C GLY K 140 -39.00 56.36 -1.02
N SER K 141 -38.37 57.45 -0.57
CA SER K 141 -38.62 58.78 -1.13
C SER K 141 -38.40 58.82 -2.64
N LYS K 142 -39.10 59.73 -3.32
CA LYS K 142 -38.89 59.94 -4.75
C LYS K 142 -39.03 58.64 -5.53
N LYS K 143 -39.82 57.70 -5.00
CA LYS K 143 -40.15 56.46 -5.70
C LYS K 143 -38.93 55.56 -5.92
N ILE K 144 -37.90 55.74 -5.11
CA ILE K 144 -36.73 54.87 -5.15
C ILE K 144 -36.73 53.97 -3.91
N LYS K 145 -36.71 52.66 -4.12
CA LYS K 145 -36.52 51.72 -3.00
C LYS K 145 -35.04 51.42 -2.82
N GLY K 146 -34.56 51.53 -1.61
CA GLY K 146 -33.15 51.32 -1.35
C GLY K 146 -32.92 50.46 -0.13
N CYS K 147 -31.80 49.74 -0.13
CA CYS K 147 -31.45 48.95 1.04
C CYS K 147 -29.94 48.84 1.14
N TRP K 148 -29.44 48.92 2.37
CA TRP K 148 -28.01 48.82 2.68
C TRP K 148 -27.75 47.69 3.67
N ASP K 149 -26.91 46.71 3.28
CA ASP K 149 -26.45 45.65 4.20
C ASP K 149 -24.95 45.76 4.49
N SER K 150 -24.59 45.78 5.76
CA SER K 150 -23.19 45.60 6.20
C SER K 150 -22.98 44.22 6.80
N ILE K 151 -21.95 43.54 6.31
CA ILE K 151 -21.51 42.28 6.87
C ILE K 151 -20.01 42.43 7.16
N HIS K 152 -19.67 42.68 8.41
CA HIS K 152 -18.27 42.80 8.80
C HIS K 152 -17.83 41.56 9.58
N VAL K 153 -16.92 40.78 9.03
CA VAL K 153 -16.48 39.56 9.70
C VAL K 153 -15.07 39.78 10.18
N VAL K 154 -14.85 39.60 11.47
CA VAL K 154 -13.54 39.88 12.03
C VAL K 154 -12.95 38.63 12.70
N GLU K 155 -11.67 38.42 12.47
CA GLU K 155 -10.92 37.35 13.12
C GLU K 155 -9.87 37.97 14.03
N VAL K 156 -9.88 37.54 15.29
CA VAL K 156 -8.98 38.09 16.29
C VAL K 156 -8.06 37.01 16.85
N GLN K 157 -6.76 37.20 16.65
CA GLN K 157 -5.76 36.28 17.20
C GLN K 157 -5.10 36.90 18.44
N GLU K 158 -5.40 36.35 19.61
CA GLU K 158 -4.97 36.95 20.87
C GLU K 158 -3.54 36.54 21.24
N ARG K 163 -2.09 41.40 25.66
CA ARG K 163 -1.07 42.44 25.41
C ARG K 163 -1.31 43.19 24.09
N THR K 164 -1.21 42.48 22.97
CA THR K 164 -1.59 43.01 21.67
C THR K 164 -2.35 41.91 20.95
N ALA K 165 -3.03 42.26 19.86
CA ALA K 165 -3.68 41.23 19.08
C ALA K 165 -3.59 41.55 17.61
N HIS K 166 -3.77 40.52 16.78
CA HIS K 166 -3.85 40.74 15.34
C HIS K 166 -5.30 40.66 14.93
N TYR K 167 -5.76 41.64 14.16
CA TYR K 167 -7.14 41.68 13.69
C TYR K 167 -7.19 41.55 12.18
N LYS K 168 -8.03 40.66 11.70
CA LYS K 168 -8.27 40.56 10.27
C LYS K 168 -9.74 40.80 10.02
N LEU K 169 -10.04 41.79 9.16
CA LEU K 169 -11.42 42.20 8.89
C LEU K 169 -11.78 42.07 7.41
N THR K 170 -12.81 41.29 7.11
CA THR K 170 -13.31 41.13 5.76
C THR K 170 -14.73 41.68 5.73
N SER K 171 -14.92 42.77 5.00
CA SER K 171 -16.21 43.46 5.02
C SER K 171 -16.86 43.48 3.65
N THR K 172 -18.14 43.12 3.64
CA THR K 172 -18.94 43.19 2.45
C THR K 172 -20.04 44.20 2.74
N VAL K 173 -20.25 45.11 1.81
CA VAL K 173 -21.43 45.96 1.89
C VAL K 173 -22.27 45.72 0.64
N MET K 174 -23.56 45.49 0.86
CA MET K 174 -24.49 45.30 -0.24
C MET K 174 -25.35 46.55 -0.33
N LEU K 175 -25.59 46.99 -1.56
CA LEU K 175 -26.35 48.22 -1.80
C LEU K 175 -27.32 47.98 -2.92
N TRP K 176 -28.60 48.18 -2.64
CA TRP K 176 -29.66 47.87 -3.59
C TRP K 176 -30.47 49.12 -3.86
N LEU K 177 -30.59 49.48 -5.14
CA LEU K 177 -31.40 50.63 -5.52
C LEU K 177 -32.33 50.24 -6.66
N GLN K 178 -33.61 50.58 -6.53
CA GLN K 178 -34.60 50.17 -7.51
C GLN K 178 -35.71 51.18 -7.63
N THR K 179 -36.14 51.44 -8.86
CA THR K 179 -37.28 52.31 -9.09
C THR K 179 -38.03 51.86 -10.31
N ASN K 180 -39.34 52.14 -10.33
CA ASN K 180 -40.21 51.78 -11.43
C ASN K 180 -40.93 52.97 -12.06
N LYS K 181 -40.23 54.07 -12.24
CA LYS K 181 -40.79 55.25 -12.89
C LYS K 181 -41.00 54.98 -14.37
N THR K 182 -41.98 55.65 -14.96
CA THR K 182 -42.30 55.47 -16.37
C THR K 182 -41.14 55.95 -17.25
N GLY K 183 -40.08 56.41 -16.58
CA GLY K 183 -38.93 57.05 -17.21
C GLY K 183 -38.38 56.46 -18.49
N SER K 184 -37.49 55.47 -18.45
CA SER K 184 -36.93 54.79 -17.27
C SER K 184 -37.36 53.34 -17.15
N GLY K 185 -38.66 53.10 -17.24
CA GLY K 185 -39.20 51.76 -17.03
C GLY K 185 -38.61 51.19 -15.76
N THR K 186 -38.43 49.87 -15.72
CA THR K 186 -37.79 49.23 -14.58
C THR K 186 -36.29 49.55 -14.52
N MET K 187 -35.82 50.05 -13.38
CA MET K 187 -34.37 50.24 -13.17
C MET K 187 -33.87 49.67 -11.85
N ASN K 188 -32.94 48.73 -11.96
CA ASN K 188 -32.36 48.12 -10.78
C ASN K 188 -30.84 48.22 -10.79
N LEU K 189 -30.30 48.87 -9.75
CA LEU K 189 -28.87 49.07 -9.58
C LEU K 189 -28.53 48.46 -8.23
N GLY K 190 -27.86 47.32 -8.25
CA GLY K 190 -27.59 46.63 -6.98
C GLY K 190 -26.42 45.69 -7.03
N GLY K 191 -26.05 45.17 -5.85
CA GLY K 191 -24.92 44.27 -5.74
C GLY K 191 -24.16 44.55 -4.46
N SER K 192 -22.87 44.23 -4.47
CA SER K 192 -22.05 44.40 -3.27
C SER K 192 -20.59 44.59 -3.65
N LEU K 193 -19.85 45.16 -2.69
CA LEU K 193 -18.40 45.26 -2.75
C LEU K 193 -17.81 44.57 -1.52
N THR K 194 -16.65 43.96 -1.67
CA THR K 194 -15.98 43.37 -0.49
C THR K 194 -14.56 43.90 -0.37
N ARG K 195 -14.13 44.18 0.86
CA ARG K 195 -12.78 44.64 1.07
C ARG K 195 -12.22 43.97 2.31
N GLN K 196 -10.90 44.00 2.43
CA GLN K 196 -10.23 43.35 3.56
C GLN K 196 -9.06 44.19 4.07
N MET K 197 -8.89 44.23 5.39
CA MET K 197 -7.82 44.98 6.09
C MET K 197 -7.26 44.06 7.16
N GLU K 198 -5.98 44.25 7.50
CA GLU K 198 -5.35 43.53 8.63
C GLU K 198 -4.55 44.53 9.44
N LYS K 199 -4.36 44.23 10.73
CA LYS K 199 -3.68 45.18 11.60
C LYS K 199 -3.38 44.56 12.94
N ASP K 200 -2.22 44.91 13.49
CA ASP K 200 -1.92 44.62 14.90
C ASP K 200 -2.26 45.85 15.70
N GLU K 201 -2.90 45.66 16.84
CA GLU K 201 -3.13 46.79 17.74
C GLU K 201 -2.97 46.39 19.19
N THR K 202 -2.64 47.36 20.05
CA THR K 202 -2.49 47.09 21.46
C THR K 202 -3.84 46.85 22.09
N VAL K 203 -3.88 45.94 23.05
CA VAL K 203 -5.08 45.67 23.82
C VAL K 203 -4.85 46.12 25.25
N SER K 204 -5.76 46.92 25.79
CA SER K 204 -5.52 47.52 27.11
C SER K 204 -6.80 48.07 27.68
N ASP K 205 -6.69 48.61 28.90
CA ASP K 205 -7.84 49.24 29.56
C ASP K 205 -8.46 50.27 28.65
N SER K 206 -7.63 51.17 28.13
CA SER K 206 -8.10 52.26 27.27
C SER K 206 -8.41 51.77 25.85
N SER K 207 -7.87 50.63 25.46
CA SER K 207 -8.05 50.12 24.10
C SER K 207 -8.40 48.62 24.09
N PRO K 208 -9.60 48.30 24.58
CA PRO K 208 -10.08 46.90 24.60
C PRO K 208 -10.46 46.39 23.22
N HIS K 209 -10.65 45.09 23.13
CA HIS K 209 -10.99 44.47 21.86
C HIS K 209 -12.11 45.21 21.13
N ILE K 210 -13.17 45.56 21.85
CA ILE K 210 -14.34 46.15 21.22
C ILE K 210 -13.98 47.50 20.60
N ALA K 211 -13.13 48.27 21.27
CA ALA K 211 -12.65 49.55 20.72
C ALA K 211 -11.80 49.29 19.47
N ASN K 212 -10.90 48.31 19.55
CA ASN K 212 -10.08 47.99 18.38
C ASN K 212 -10.92 47.58 17.15
N ILE K 213 -11.85 46.65 17.36
CA ILE K 213 -12.72 46.22 16.29
C ILE K 213 -13.58 47.39 15.79
N GLY K 214 -14.09 48.18 16.73
CA GLY K 214 -14.92 49.32 16.39
C GLY K 214 -14.25 50.25 15.41
N ARG K 215 -13.03 50.70 15.72
CA ARG K 215 -12.32 51.62 14.85
C ARG K 215 -12.05 51.01 13.49
N LEU K 216 -11.71 49.73 13.48
CA LEU K 216 -11.53 48.99 12.22
C LEU K 216 -12.80 48.98 11.37
N VAL K 217 -13.91 48.62 11.98
CA VAL K 217 -15.18 48.57 11.26
C VAL K 217 -15.57 49.94 10.71
N GLU K 218 -15.48 50.95 11.55
CA GLU K 218 -15.73 52.33 11.17
C GLU K 218 -14.88 52.78 9.99
N ASP K 219 -13.55 52.63 10.12
CA ASP K 219 -12.63 53.02 9.06
C ASP K 219 -12.99 52.30 7.78
N MET K 220 -13.17 50.99 7.87
CA MET K 220 -13.58 50.20 6.71
C MET K 220 -14.87 50.71 6.09
N GLU K 221 -15.87 50.99 6.92
CA GLU K 221 -17.20 51.25 6.39
C GLU K 221 -17.21 52.63 5.77
N ASN K 222 -16.55 53.60 6.42
CA ASN K 222 -16.43 54.93 5.82
C ASN K 222 -15.76 54.89 4.45
N LYS K 223 -14.68 54.11 4.35
CA LYS K 223 -14.01 53.89 3.06
C LYS K 223 -14.96 53.28 1.99
N ILE K 224 -15.64 52.20 2.35
CA ILE K 224 -16.52 51.52 1.42
C ILE K 224 -17.69 52.41 0.98
N ARG K 225 -18.21 53.22 1.91
CA ARG K 225 -19.30 54.13 1.58
C ARG K 225 -18.85 55.05 0.44
N SER K 226 -17.65 55.59 0.58
CA SER K 226 -17.08 56.45 -0.45
C SER K 226 -16.87 55.70 -1.76
N THR K 227 -16.39 54.47 -1.68
CA THR K 227 -16.18 53.64 -2.89
C THR K 227 -17.50 53.25 -3.59
N LEU K 228 -18.53 52.96 -2.81
CA LEU K 228 -19.85 52.67 -3.38
C LEU K 228 -20.33 53.87 -4.18
N ASN K 229 -20.17 55.05 -3.60
CA ASN K 229 -20.55 56.28 -4.26
C ASN K 229 -19.84 56.42 -5.61
N GLU K 230 -18.53 56.19 -5.61
CA GLU K 230 -17.73 56.25 -6.83
C GLU K 230 -18.14 55.21 -7.85
N ILE K 231 -18.35 53.97 -7.41
CA ILE K 231 -18.66 52.86 -8.33
C ILE K 231 -20.09 52.92 -8.87
N TYR K 232 -21.05 53.11 -7.99
CA TYR K 232 -22.44 53.05 -8.39
C TYR K 232 -22.78 54.26 -9.22
N PHE K 233 -22.38 55.43 -8.74
CA PHE K 233 -22.84 56.68 -9.34
C PHE K 233 -21.81 57.33 -10.25
N GLY K 234 -20.56 56.88 -10.16
CA GLY K 234 -19.54 57.36 -11.06
C GLY K 234 -19.25 56.36 -12.17
N LYS K 235 -18.69 55.22 -11.80
CA LYS K 235 -18.27 54.21 -12.77
C LYS K 235 -19.39 53.57 -13.64
N THR K 236 -20.44 53.03 -13.02
CA THR K 236 -21.48 52.37 -13.83
C THR K 236 -22.19 53.36 -14.74
N LYS K 237 -22.40 54.59 -14.24
CA LYS K 237 -22.97 55.68 -15.05
C LYS K 237 -22.08 56.07 -16.23
N ASP K 238 -20.78 56.19 -16.01
CA ASP K 238 -19.84 56.45 -17.12
C ASP K 238 -19.92 55.34 -18.16
N ILE K 239 -20.09 54.10 -17.70
CA ILE K 239 -20.21 52.98 -18.64
C ILE K 239 -21.47 53.14 -19.49
N VAL K 240 -22.60 53.40 -18.85
CA VAL K 240 -23.86 53.68 -19.55
C VAL K 240 -23.72 54.80 -20.58
N ASN K 241 -23.15 55.93 -20.16
CA ASN K 241 -22.95 57.06 -21.04
C ASN K 241 -22.13 56.75 -22.29
N GLY K 242 -21.29 55.73 -22.20
CA GLY K 242 -20.44 55.36 -23.32
C GLY K 242 -20.98 54.21 -24.16
N LEU K 243 -22.15 53.72 -23.81
CA LEU K 243 -22.68 52.58 -24.52
C LEU K 243 -23.06 52.91 -25.92
N ARG K 244 -23.80 53.97 -26.18
CA ARG K 244 -24.14 55.02 -25.26
C ARG K 244 -25.56 54.88 -24.77
N VAL L 1 -18.72 18.98 -31.75
CA VAL L 1 -18.44 20.23 -31.03
C VAL L 1 -17.52 19.98 -29.83
N ASN L 2 -16.57 20.89 -29.62
CA ASN L 2 -15.59 20.73 -28.56
C ASN L 2 -15.76 21.78 -27.47
N PHE L 3 -15.63 21.38 -26.20
CA PHE L 3 -15.83 22.31 -25.09
C PHE L 3 -14.52 22.92 -24.62
N ASP L 4 -13.43 22.17 -24.71
CA ASP L 4 -12.11 22.68 -24.34
C ASP L 4 -11.76 23.83 -25.27
N ASP L 5 -12.55 23.92 -26.32
CA ASP L 5 -12.52 25.01 -27.29
C ASP L 5 -12.78 26.34 -26.58
N ILE L 6 -13.84 26.36 -25.77
CA ILE L 6 -14.25 27.57 -25.08
C ILE L 6 -13.35 27.91 -23.90
N ALA L 7 -12.56 28.95 -24.06
CA ALA L 7 -11.69 29.41 -22.99
C ALA L 7 -12.00 30.87 -22.73
N SER L 8 -11.89 31.34 -21.48
CA SER L 8 -11.56 30.52 -20.32
C SER L 8 -11.60 31.42 -19.10
N SER L 9 -12.40 31.03 -18.12
CA SER L 9 -12.46 31.76 -16.87
C SER L 9 -11.22 31.47 -16.03
N GLU L 10 -10.24 32.37 -16.08
CA GLU L 10 -9.22 32.37 -15.04
C GLU L 10 -9.88 33.10 -13.88
N ASN L 11 -10.21 32.35 -12.83
CA ASN L 11 -11.11 32.86 -11.80
C ASN L 11 -10.66 34.15 -11.13
N LEU L 12 -11.64 34.96 -10.75
CA LEU L 12 -11.40 36.14 -9.93
C LEU L 12 -10.96 35.69 -8.57
N LEU L 13 -10.36 36.62 -7.81
CA LEU L 13 -9.97 36.35 -6.44
C LEU L 13 -11.17 36.52 -5.50
N HIS L 14 -11.32 35.60 -4.56
CA HIS L 14 -12.51 35.54 -3.70
C HIS L 14 -12.21 35.87 -2.24
N LEU L 15 -12.51 37.10 -1.84
CA LEU L 15 -12.15 37.55 -0.49
C LEU L 15 -12.93 36.82 0.61
N THR L 16 -14.14 36.38 0.28
CA THR L 16 -14.98 35.76 1.31
C THR L 16 -14.53 34.34 1.59
N ALA L 17 -13.68 33.78 0.73
CA ALA L 17 -13.29 32.39 0.88
C ALA L 17 -12.49 32.11 2.16
N ASN L 18 -11.78 33.13 2.67
CA ASN L 18 -10.83 32.93 3.77
C ASN L 18 -11.25 33.49 5.13
N ARG L 19 -12.51 33.92 5.25
CA ARG L 19 -13.00 34.43 6.53
C ARG L 19 -13.09 33.31 7.55
N PRO L 20 -13.01 33.66 8.86
CA PRO L 20 -13.08 32.66 9.92
C PRO L 20 -14.34 31.80 9.77
N LYS L 21 -14.18 30.49 9.88
CA LYS L 21 -15.31 29.59 9.76
C LYS L 21 -15.75 29.15 11.14
N MET L 22 -17.05 28.91 11.27
CA MET L 22 -17.58 28.36 12.49
C MET L 22 -18.02 26.96 12.16
N PRO L 23 -17.13 25.99 12.35
CA PRO L 23 -17.37 24.58 11.97
C PRO L 23 -18.40 23.91 12.86
N GLY L 24 -18.94 22.79 12.39
CA GLY L 24 -19.78 21.94 13.22
C GLY L 24 -21.12 22.56 13.55
N ARG L 25 -21.87 22.91 12.52
CA ARG L 25 -23.24 23.34 12.71
C ARG L 25 -24.11 22.52 11.80
N ARG L 26 -25.32 22.21 12.26
CA ARG L 26 -26.25 21.43 11.47
C ARG L 26 -26.66 22.25 10.25
N LEU L 27 -26.75 21.58 9.11
CA LEU L 27 -27.24 22.20 7.88
C LEU L 27 -28.75 22.39 8.00
N PRO L 28 -29.33 23.26 7.15
CA PRO L 28 -30.79 23.28 7.08
C PRO L 28 -31.27 21.98 6.43
N GLY L 29 -32.54 21.60 6.61
CA GLY L 29 -33.09 20.45 5.92
C GLY L 29 -33.23 20.67 4.43
N VAL M 8 -76.29 44.04 -42.34
CA VAL M 8 -76.49 44.77 -43.59
C VAL M 8 -76.14 43.89 -44.78
N SER M 9 -77.02 43.83 -45.77
CA SER M 9 -76.83 42.95 -46.91
C SER M 9 -75.89 43.56 -47.95
N ASP M 10 -75.33 42.72 -48.81
CA ASP M 10 -74.52 43.21 -49.91
C ASP M 10 -75.29 44.16 -50.81
N GLU M 11 -76.56 43.87 -51.02
CA GLU M 11 -77.39 44.73 -51.86
C GLU M 11 -77.55 46.10 -51.25
N GLU M 12 -77.75 46.14 -49.92
CA GLU M 12 -77.88 47.42 -49.23
C GLU M 12 -76.53 48.15 -49.20
N LYS M 13 -75.44 47.40 -49.05
CA LYS M 13 -74.12 48.01 -49.05
C LYS M 13 -73.83 48.66 -50.40
N VAL M 14 -74.11 47.95 -51.49
CA VAL M 14 -73.86 48.55 -52.80
C VAL M 14 -74.82 49.72 -53.14
N ARG M 15 -76.04 49.69 -52.64
CA ARG M 15 -76.94 50.84 -52.82
C ARG M 15 -76.35 52.08 -52.14
N ILE M 16 -75.83 51.89 -50.93
CA ILE M 16 -75.18 52.98 -50.21
C ILE M 16 -73.94 53.43 -50.97
N ALA M 17 -73.17 52.49 -51.50
CA ALA M 17 -71.97 52.82 -52.27
C ALA M 17 -72.33 53.68 -53.48
N ALA M 18 -73.37 53.28 -54.22
CA ALA M 18 -73.84 54.03 -55.39
C ALA M 18 -74.28 55.44 -54.99
N LYS M 19 -75.07 55.53 -53.93
CA LYS M 19 -75.49 56.82 -53.37
C LYS M 19 -74.32 57.77 -53.10
N PHE M 20 -73.33 57.26 -52.38
CA PHE M 20 -72.15 58.05 -52.05
C PHE M 20 -71.47 58.55 -53.33
N ILE M 21 -71.21 57.63 -54.25
CA ILE M 21 -70.55 57.96 -55.50
C ILE M 21 -71.33 59.05 -56.26
N THR M 22 -72.65 58.99 -56.23
CA THR M 22 -73.45 59.99 -56.92
C THR M 22 -73.47 61.29 -56.14
N HIS M 23 -72.97 61.28 -54.90
CA HIS M 23 -73.01 62.52 -54.11
C HIS M 23 -71.64 63.15 -53.95
N ALA M 24 -70.70 62.71 -54.78
CA ALA M 24 -69.39 63.32 -54.82
C ALA M 24 -69.56 64.80 -55.15
N PRO M 25 -68.84 65.68 -54.44
CA PRO M 25 -68.85 67.12 -54.79
C PRO M 25 -68.12 67.34 -56.11
N PRO M 26 -68.24 68.54 -56.70
CA PRO M 26 -67.66 68.78 -58.03
C PRO M 26 -66.13 68.67 -58.01
N GLY M 27 -65.57 67.99 -59.01
CA GLY M 27 -64.14 67.87 -59.14
C GLY M 27 -63.55 66.82 -58.22
N GLU M 28 -64.37 66.15 -57.42
CA GLU M 28 -63.84 65.17 -56.49
C GLU M 28 -64.39 63.76 -56.70
N PHE M 29 -64.94 63.50 -57.89
CA PHE M 29 -65.49 62.18 -58.19
C PHE M 29 -64.51 61.03 -57.91
N ASN M 30 -63.27 61.15 -58.39
CA ASN M 30 -62.29 60.07 -58.25
C ASN M 30 -61.92 59.73 -56.81
N GLU M 31 -61.79 60.77 -55.98
CA GLU M 31 -61.47 60.57 -54.57
C GLU M 31 -62.60 59.85 -53.86
N VAL M 32 -63.83 60.28 -54.14
CA VAL M 32 -64.99 59.64 -53.55
C VAL M 32 -65.14 58.21 -54.05
N PHE M 33 -64.95 58.05 -55.37
CA PHE M 33 -65.05 56.72 -55.95
C PHE M 33 -64.08 55.75 -55.28
N ASN M 34 -62.82 56.18 -55.13
CA ASN M 34 -61.81 55.32 -54.55
C ASN M 34 -62.09 54.95 -53.10
N ASP M 35 -62.51 55.94 -52.30
CA ASP M 35 -62.94 55.67 -50.92
C ASP M 35 -64.00 54.58 -50.87
N VAL M 36 -65.07 54.78 -51.62
CA VAL M 36 -66.18 53.83 -51.67
C VAL M 36 -65.72 52.46 -52.15
N ARG M 37 -64.92 52.43 -53.20
CA ARG M 37 -64.42 51.16 -53.71
C ARG M 37 -63.63 50.37 -52.64
N LEU M 38 -62.81 51.07 -51.88
CA LEU M 38 -62.02 50.39 -50.82
C LEU M 38 -62.90 49.97 -49.64
N LEU M 39 -63.92 50.77 -49.33
CA LEU M 39 -64.83 50.44 -48.25
C LEU M 39 -65.68 49.20 -48.58
N LEU M 40 -66.21 49.16 -49.80
CA LEU M 40 -67.05 48.04 -50.24
C LEU M 40 -66.20 46.78 -50.37
N ASN M 41 -64.97 46.96 -50.82
CA ASN M 41 -64.04 45.86 -50.95
C ASN M 41 -64.59 44.66 -51.72
N ASN M 42 -65.22 44.92 -52.85
CA ASN M 42 -65.85 43.88 -53.64
C ASN M 42 -66.15 44.43 -55.01
N ASP M 43 -65.15 44.36 -55.89
CA ASP M 43 -65.25 44.98 -57.21
C ASP M 43 -66.39 44.43 -58.05
N ASN M 44 -66.64 43.12 -57.94
CA ASN M 44 -67.77 42.53 -58.67
C ASN M 44 -69.11 43.14 -58.26
N LEU M 45 -69.35 43.17 -56.95
CA LEU M 45 -70.56 43.79 -56.41
C LEU M 45 -70.66 45.25 -56.88
N LEU M 46 -69.55 45.98 -56.84
CA LEU M 46 -69.56 47.39 -57.22
C LEU M 46 -69.91 47.56 -58.69
N ARG M 47 -69.31 46.74 -59.54
CA ARG M 47 -69.54 46.77 -60.98
C ARG M 47 -71.00 46.54 -61.32
N GLU M 48 -71.59 45.52 -60.69
CA GLU M 48 -72.94 45.11 -61.05
C GLU M 48 -74.04 45.93 -60.37
N GLY M 49 -73.71 46.57 -59.25
CA GLY M 49 -74.72 47.27 -58.47
C GLY M 49 -74.58 48.79 -58.45
N ALA M 50 -73.45 49.28 -58.96
CA ALA M 50 -73.22 50.73 -59.00
C ALA M 50 -72.82 51.20 -60.39
N ALA M 51 -73.03 50.35 -61.39
CA ALA M 51 -72.66 50.67 -62.77
C ALA M 51 -73.33 51.96 -63.23
N HIS M 52 -74.60 52.12 -62.87
CA HIS M 52 -75.39 53.26 -63.28
C HIS M 52 -74.84 54.57 -62.71
N ALA M 53 -74.14 54.46 -61.58
CA ALA M 53 -73.74 55.64 -60.80
C ALA M 53 -72.81 56.56 -61.55
N PHE M 54 -71.98 56.01 -62.42
CA PHE M 54 -71.01 56.83 -63.12
C PHE M 54 -71.74 57.74 -64.12
N ALA M 55 -72.62 57.15 -64.90
CA ALA M 55 -73.39 57.90 -65.90
C ALA M 55 -74.28 58.92 -65.20
N GLN M 56 -74.98 58.46 -64.17
CA GLN M 56 -75.88 59.33 -63.44
C GLN M 56 -75.15 60.59 -62.96
N TYR M 57 -73.97 60.40 -62.37
CA TYR M 57 -73.20 61.53 -61.86
C TYR M 57 -72.86 62.53 -62.96
N ASN M 58 -72.26 62.02 -64.05
CA ASN M 58 -71.84 62.85 -65.15
C ASN M 58 -72.96 63.67 -65.75
N MET M 59 -74.10 63.02 -65.98
CA MET M 59 -75.21 63.75 -66.59
C MET M 59 -75.79 64.71 -65.56
N ASP M 60 -75.71 64.34 -64.29
CA ASP M 60 -76.27 65.21 -63.25
C ASP M 60 -75.45 66.49 -63.15
N GLN M 61 -74.16 66.38 -63.43
CA GLN M 61 -73.23 67.47 -63.15
C GLN M 61 -72.97 68.29 -64.39
N PHE M 62 -73.61 67.92 -65.51
CA PHE M 62 -73.36 68.57 -66.80
C PHE M 62 -71.86 68.57 -67.11
N THR M 63 -71.21 67.42 -66.92
CA THR M 63 -69.80 67.30 -67.22
C THR M 63 -69.47 67.80 -68.64
N PRO M 64 -68.61 68.83 -68.74
CA PRO M 64 -68.20 69.24 -70.09
C PRO M 64 -67.09 68.32 -70.59
N VAL M 65 -67.14 67.95 -71.86
CA VAL M 65 -66.09 67.09 -72.41
C VAL M 65 -65.55 67.66 -73.73
N LYS M 66 -64.25 67.49 -73.93
CA LYS M 66 -63.61 67.96 -75.16
C LYS M 66 -63.60 66.85 -76.21
N ILE M 67 -64.04 67.20 -77.42
CA ILE M 67 -63.96 66.25 -78.52
C ILE M 67 -62.86 66.66 -79.49
N GLU M 68 -61.99 65.70 -79.83
CA GLU M 68 -60.88 65.98 -80.73
C GLU M 68 -61.39 66.45 -82.08
N GLY M 69 -60.91 67.62 -82.52
CA GLY M 69 -61.26 68.13 -83.82
C GLY M 69 -62.38 69.15 -83.81
N TYR M 70 -62.99 69.34 -82.64
CA TYR M 70 -64.05 70.34 -82.52
C TYR M 70 -63.73 71.31 -81.39
N ASP M 71 -63.70 72.59 -81.72
CA ASP M 71 -63.45 73.61 -80.71
C ASP M 71 -64.63 73.73 -79.77
N ASP M 72 -64.40 74.32 -78.60
CA ASP M 72 -65.41 74.40 -77.57
C ASP M 72 -65.86 72.99 -77.22
N GLN M 73 -66.48 72.84 -76.06
CA GLN M 73 -66.84 71.53 -75.58
C GLN M 73 -68.36 71.32 -75.54
N VAL M 74 -68.79 70.15 -75.10
CA VAL M 74 -70.22 69.81 -75.06
C VAL M 74 -70.56 69.25 -73.70
N LEU M 75 -71.78 69.46 -73.25
CA LEU M 75 -72.18 68.97 -71.94
C LEU M 75 -72.78 67.58 -72.02
N ILE M 76 -72.35 66.71 -71.11
CA ILE M 76 -72.97 65.41 -70.93
C ILE M 76 -74.23 65.59 -70.10
N THR M 77 -75.38 65.40 -70.71
CA THR M 77 -76.65 65.55 -70.01
C THR M 77 -77.64 64.46 -70.41
N GLU M 78 -78.70 64.33 -69.64
CA GLU M 78 -79.70 63.32 -69.95
C GLU M 78 -80.29 63.59 -71.33
N HIS M 79 -80.29 64.86 -71.75
CA HIS M 79 -80.92 65.26 -73.00
C HIS M 79 -80.09 64.85 -74.21
N GLY M 80 -78.84 64.48 -73.99
CA GLY M 80 -78.01 64.09 -75.11
C GLY M 80 -77.72 62.60 -75.11
N ASP M 81 -78.32 61.89 -74.16
CA ASP M 81 -78.03 60.49 -73.98
C ASP M 81 -78.65 59.72 -75.14
N LEU M 82 -77.79 59.15 -75.97
CA LEU M 82 -78.24 58.40 -77.12
C LEU M 82 -78.26 56.90 -76.86
N GLY M 83 -77.98 56.51 -75.62
CA GLY M 83 -77.90 55.10 -75.29
C GLY M 83 -76.65 54.49 -75.90
N ASN M 84 -76.38 53.23 -75.56
CA ASN M 84 -75.23 52.52 -76.11
C ASN M 84 -73.92 53.23 -75.79
N GLY M 85 -73.95 54.13 -74.81
CA GLY M 85 -72.75 54.83 -74.37
C GLY M 85 -72.37 56.01 -75.24
N ARG M 86 -73.27 56.40 -76.12
CA ARG M 86 -73.02 57.54 -77.01
C ARG M 86 -73.89 58.74 -76.65
N PHE M 87 -73.35 59.94 -76.84
CA PHE M 87 -74.07 61.15 -76.53
C PHE M 87 -74.10 62.07 -77.75
N LEU M 88 -75.09 62.95 -77.76
CA LEU M 88 -75.35 63.84 -78.90
C LEU M 88 -74.74 65.20 -78.65
N ASP M 89 -74.04 65.71 -79.66
CA ASP M 89 -73.60 67.10 -79.67
C ASP M 89 -74.42 67.83 -80.71
N PRO M 90 -75.48 68.53 -80.27
CA PRO M 90 -76.42 69.16 -81.20
C PRO M 90 -75.82 70.35 -81.95
N ARG M 91 -74.76 70.94 -81.41
CA ARG M 91 -74.13 72.09 -82.06
C ARG M 91 -73.27 71.65 -83.25
N ASN M 92 -72.48 70.60 -83.06
CA ASN M 92 -71.57 70.11 -84.08
C ASN M 92 -72.21 69.02 -84.92
N LYS M 93 -73.45 68.70 -84.60
CA LYS M 93 -74.23 67.72 -85.36
C LYS M 93 -73.48 66.40 -85.43
N ILE M 94 -73.14 65.88 -84.26
CA ILE M 94 -72.30 64.71 -84.14
C ILE M 94 -72.78 63.88 -82.96
N SER M 95 -72.53 62.58 -83.01
CA SER M 95 -72.62 61.75 -81.80
C SER M 95 -71.22 61.31 -81.45
N PHE M 96 -71.01 60.94 -80.19
CA PHE M 96 -69.70 60.48 -79.79
C PHE M 96 -69.82 59.43 -78.69
N LYS M 97 -68.80 58.58 -78.59
CA LYS M 97 -68.73 57.60 -77.51
C LYS M 97 -68.21 58.33 -76.28
N PHE M 98 -68.78 58.01 -75.11
CA PHE M 98 -68.32 58.61 -73.86
C PHE M 98 -68.08 57.57 -72.79
N ASP M 99 -66.87 57.59 -72.24
CA ASP M 99 -66.49 56.70 -71.15
C ASP M 99 -66.70 57.47 -69.84
N HIS M 100 -67.69 57.04 -69.06
CA HIS M 100 -68.04 57.74 -67.83
C HIS M 100 -66.95 57.72 -66.76
N LEU M 101 -66.15 56.67 -66.74
CA LEU M 101 -65.10 56.54 -65.73
C LEU M 101 -63.93 57.43 -66.07
N ARG M 102 -63.42 57.26 -67.28
CA ARG M 102 -62.26 58.00 -67.74
C ARG M 102 -62.64 59.42 -68.20
N LYS M 103 -63.94 59.69 -68.29
CA LYS M 103 -64.44 60.99 -68.75
C LYS M 103 -63.78 61.42 -70.06
N GLU M 104 -63.83 60.55 -71.06
CA GLU M 104 -63.24 60.87 -72.36
C GLU M 104 -64.21 60.59 -73.50
N ALA M 105 -64.27 61.52 -74.44
CA ALA M 105 -65.05 61.32 -75.66
C ALA M 105 -64.19 60.64 -76.71
N SER M 106 -64.82 59.87 -77.60
CA SER M 106 -64.11 59.24 -78.71
C SER M 106 -65.09 58.89 -79.82
N ASP M 107 -64.54 58.66 -81.01
CA ASP M 107 -65.31 58.15 -82.14
C ASP M 107 -66.44 59.09 -82.57
N PRO M 108 -66.10 60.36 -82.84
CA PRO M 108 -67.12 61.29 -83.35
C PRO M 108 -67.68 60.81 -84.67
N GLN M 109 -68.99 60.87 -84.84
CA GLN M 109 -69.59 60.53 -86.12
C GLN M 109 -70.70 61.50 -86.46
N PRO M 110 -70.75 61.93 -87.73
CA PRO M 110 -71.88 62.75 -88.19
C PRO M 110 -73.19 62.10 -87.76
N GLU M 111 -74.10 62.89 -87.19
CA GLU M 111 -75.39 62.39 -86.75
C GLU M 111 -76.50 63.23 -87.33
N ASP M 112 -77.50 62.59 -87.92
CA ASP M 112 -78.61 63.30 -88.52
C ASP M 112 -79.42 64.02 -87.46
N THR M 113 -79.38 65.34 -87.48
CA THR M 113 -79.96 66.15 -86.41
C THR M 113 -81.21 66.87 -86.92
N GLU M 114 -81.49 66.71 -88.21
CA GLU M 114 -82.62 67.40 -88.84
C GLU M 114 -83.89 67.34 -88.00
N SER M 115 -84.69 68.39 -88.11
CA SER M 115 -85.84 68.59 -87.24
C SER M 115 -86.53 69.87 -87.68
N ALA M 116 -87.78 70.04 -87.26
CA ALA M 116 -88.49 71.28 -87.51
C ALA M 116 -88.13 72.31 -86.45
N LEU M 117 -87.31 71.87 -85.49
CA LEU M 117 -86.84 72.72 -84.41
C LEU M 117 -85.46 73.25 -84.78
N LYS M 118 -84.85 72.58 -85.76
CA LYS M 118 -83.47 72.83 -86.17
C LYS M 118 -83.02 74.28 -86.09
N GLN M 119 -83.73 75.16 -86.78
CA GLN M 119 -83.32 76.56 -86.92
C GLN M 119 -83.48 77.36 -85.62
N TRP M 120 -84.43 76.97 -84.79
CA TRP M 120 -84.60 77.61 -83.50
C TRP M 120 -83.49 77.23 -82.52
N ARG M 121 -83.21 75.93 -82.44
CA ARG M 121 -82.12 75.42 -81.61
C ARG M 121 -80.85 76.18 -81.96
N ASP M 122 -80.64 76.38 -83.27
CA ASP M 122 -79.44 77.03 -83.77
C ASP M 122 -79.37 78.51 -83.41
N ALA M 123 -80.50 79.20 -83.51
CA ALA M 123 -80.54 80.62 -83.15
C ALA M 123 -80.36 80.78 -81.65
N CYS M 124 -81.01 79.93 -80.86
CA CYS M 124 -80.88 79.99 -79.42
C CYS M 124 -79.45 79.68 -79.01
N ASP M 125 -78.87 78.66 -79.64
CA ASP M 125 -77.53 78.20 -79.35
C ASP M 125 -76.50 79.30 -79.60
N SER M 126 -76.59 79.96 -80.75
CA SER M 126 -75.59 80.97 -81.05
C SER M 126 -75.71 82.15 -80.07
N ALA M 127 -76.94 82.59 -79.81
CA ALA M 127 -77.19 83.59 -78.77
C ALA M 127 -76.71 83.17 -77.38
N LEU M 128 -77.00 81.94 -76.98
CA LEU M 128 -76.59 81.49 -75.64
C LEU M 128 -75.08 81.42 -75.52
N ARG M 129 -74.44 80.93 -76.58
CA ARG M 129 -72.99 80.77 -76.58
C ARG M 129 -72.33 82.13 -76.31
N ALA M 130 -72.82 83.17 -76.96
CA ALA M 130 -72.32 84.52 -76.68
C ALA M 130 -72.63 84.96 -75.24
N TYR M 131 -73.83 84.69 -74.77
CA TYR M 131 -74.16 85.01 -73.38
C TYR M 131 -73.19 84.34 -72.41
N VAL M 132 -72.86 83.07 -72.67
CA VAL M 132 -72.03 82.30 -71.74
C VAL M 132 -70.57 82.78 -71.79
N LYS M 133 -70.07 83.13 -72.98
CA LYS M 133 -68.72 83.68 -73.07
C LYS M 133 -68.63 84.97 -72.25
N ASP M 134 -69.67 85.79 -72.27
CA ASP M 134 -69.65 87.07 -71.58
C ASP M 134 -69.82 86.94 -70.08
N HIS M 135 -70.69 86.03 -69.64
CA HIS M 135 -71.14 85.99 -68.25
C HIS M 135 -70.40 84.99 -67.38
N TYR M 136 -69.68 84.06 -67.99
CA TYR M 136 -68.94 83.03 -67.27
C TYR M 136 -67.49 83.00 -67.69
N PRO M 137 -66.56 82.85 -66.72
CA PRO M 137 -65.14 82.74 -67.01
C PRO M 137 -64.82 81.44 -67.76
N ASN M 138 -65.44 80.34 -67.35
CA ASN M 138 -65.14 79.03 -67.90
C ASN M 138 -66.41 78.31 -68.32
N GLY M 139 -67.37 79.04 -68.88
CA GLY M 139 -68.67 78.47 -69.14
C GLY M 139 -68.70 77.59 -70.37
N PHE M 140 -69.64 76.66 -70.40
CA PHE M 140 -69.93 75.88 -71.59
C PHE M 140 -71.43 75.71 -71.66
N CYS M 141 -71.98 75.64 -72.85
CA CYS M 141 -73.42 75.45 -72.99
C CYS M 141 -73.76 74.49 -74.11
N THR M 142 -74.86 73.78 -73.94
CA THR M 142 -75.39 72.88 -74.94
C THR M 142 -76.89 73.09 -75.00
N VAL M 143 -77.41 73.29 -76.20
CA VAL M 143 -78.84 73.54 -76.40
C VAL M 143 -79.48 72.45 -77.26
N TYR M 144 -80.53 71.85 -76.71
CA TYR M 144 -81.19 70.73 -77.37
C TYR M 144 -82.52 71.19 -77.92
N GLY M 145 -82.91 70.61 -79.04
CA GLY M 145 -84.20 70.91 -79.62
C GLY M 145 -84.94 69.62 -79.86
N LYS M 146 -85.98 69.40 -79.08
CA LYS M 146 -86.73 68.15 -79.21
C LYS M 146 -88.22 68.33 -78.93
N SER M 147 -89.00 67.34 -79.33
CA SER M 147 -90.44 67.34 -79.09
C SER M 147 -90.77 66.42 -77.94
N ILE M 148 -91.26 66.99 -76.85
CA ILE M 148 -91.70 66.18 -75.72
C ILE M 148 -93.21 66.35 -75.52
N ASP M 149 -93.93 65.24 -75.52
CA ASP M 149 -95.38 65.25 -75.44
C ASP M 149 -95.95 66.04 -76.61
N GLY M 150 -95.28 65.98 -77.76
CA GLY M 150 -95.70 66.72 -78.94
C GLY M 150 -95.34 68.19 -78.89
N GLN M 151 -95.10 68.71 -77.69
CA GLN M 151 -94.73 70.10 -77.49
C GLN M 151 -93.29 70.35 -77.95
N GLN M 152 -93.09 71.41 -78.73
CA GLN M 152 -91.75 71.80 -79.15
C GLN M 152 -91.01 72.53 -78.03
N THR M 153 -89.88 71.97 -77.61
CA THR M 153 -89.13 72.48 -76.47
C THR M 153 -87.66 72.75 -76.80
N ILE M 154 -87.17 73.90 -76.37
CA ILE M 154 -85.75 74.19 -76.41
C ILE M 154 -85.23 73.97 -74.99
N ILE M 155 -84.15 73.22 -74.85
CA ILE M 155 -83.56 72.98 -73.54
C ILE M 155 -82.14 73.50 -73.54
N ALA M 156 -81.93 74.57 -72.80
CA ALA M 156 -80.62 75.21 -72.71
C ALA M 156 -79.94 74.81 -71.40
N CYS M 157 -78.72 74.27 -71.52
CA CYS M 157 -77.94 73.82 -70.38
C CYS M 157 -76.64 74.57 -70.30
N ILE M 158 -76.33 75.11 -69.11
CA ILE M 158 -75.11 75.86 -68.89
C ILE M 158 -74.30 75.24 -67.73
N GLU M 159 -73.01 75.06 -67.91
CA GLU M 159 -72.11 74.61 -66.84
C GLU M 159 -70.93 75.56 -66.75
N SER M 160 -70.46 75.79 -65.52
CA SER M 160 -69.21 76.46 -65.31
C SER M 160 -68.59 75.95 -63.99
N HIS M 161 -67.30 75.66 -64.01
CA HIS M 161 -66.66 75.19 -62.78
C HIS M 161 -65.24 75.72 -62.65
N GLN M 162 -64.72 75.63 -61.43
CA GLN M 162 -63.37 75.97 -61.11
C GLN M 162 -62.91 74.92 -60.12
N PHE M 163 -61.98 74.08 -60.54
CA PHE M 163 -61.41 73.06 -59.65
C PHE M 163 -60.01 73.48 -59.19
N GLN M 164 -59.80 73.55 -57.89
CA GLN M 164 -58.45 73.80 -57.36
C GLN M 164 -58.15 72.91 -56.16
N PRO M 165 -58.06 71.60 -56.41
CA PRO M 165 -57.86 70.61 -55.36
C PRO M 165 -56.61 70.90 -54.53
N LYS M 166 -55.59 71.48 -55.14
CA LYS M 166 -54.38 71.89 -54.42
C LYS M 166 -54.63 72.98 -53.39
N ASN M 167 -55.65 73.80 -53.60
CA ASN M 167 -56.02 74.77 -52.60
C ASN M 167 -57.24 74.32 -51.80
N PHE M 168 -57.54 73.04 -51.91
CA PHE M 168 -58.65 72.41 -51.19
C PHE M 168 -60.00 73.08 -51.44
N TRP M 169 -60.27 73.41 -52.69
CA TRP M 169 -61.63 73.81 -53.01
C TRP M 169 -62.03 73.56 -54.47
N ASN M 170 -63.34 73.43 -54.67
CA ASN M 170 -63.93 73.27 -56.00
C ASN M 170 -65.28 73.93 -55.99
N GLY M 171 -65.71 74.41 -57.14
CA GLY M 171 -67.04 74.95 -57.25
C GLY M 171 -67.59 74.69 -58.63
N ARG M 172 -68.91 74.66 -58.73
CA ARG M 172 -69.61 74.47 -60.00
C ARG M 172 -70.95 75.16 -60.02
N TRP M 173 -71.24 75.80 -61.15
CA TRP M 173 -72.56 76.33 -61.47
C TRP M 173 -73.17 75.43 -62.53
N ARG M 174 -74.46 75.16 -62.40
CA ARG M 174 -75.26 74.51 -63.45
C ARG M 174 -76.58 75.24 -63.56
N SER M 175 -77.02 75.49 -64.80
CA SER M 175 -78.36 75.98 -65.01
C SER M 175 -78.99 75.24 -66.17
N GLU M 176 -80.28 74.99 -66.06
CA GLU M 176 -81.05 74.31 -67.09
C GLU M 176 -82.37 75.05 -67.31
N TRP M 177 -82.55 75.53 -68.53
CA TRP M 177 -83.70 76.35 -68.91
C TRP M 177 -84.51 75.59 -69.95
N LYS M 178 -85.82 75.49 -69.73
CA LYS M 178 -86.73 74.82 -70.66
C LYS M 178 -87.77 75.79 -71.20
N PHE M 179 -87.74 75.99 -72.51
CA PHE M 179 -88.71 76.84 -73.20
C PHE M 179 -89.68 75.94 -73.99
N THR M 180 -90.92 75.93 -73.56
CA THR M 180 -91.94 75.12 -74.21
C THR M 180 -92.73 76.04 -75.13
N ILE M 181 -92.52 75.90 -76.43
CA ILE M 181 -93.04 76.84 -77.42
C ILE M 181 -94.51 76.64 -77.77
N THR M 182 -95.30 77.67 -77.51
CA THR M 182 -96.73 77.66 -77.83
C THR M 182 -97.18 79.06 -78.25
N PRO M 183 -96.87 79.45 -79.50
CA PRO M 183 -97.17 80.81 -79.98
C PRO M 183 -98.57 81.27 -79.57
N PRO M 184 -98.72 82.54 -79.17
CA PRO M 184 -97.66 83.56 -79.21
C PRO M 184 -96.82 83.58 -77.93
N THR M 185 -96.91 82.54 -77.11
CA THR M 185 -96.24 82.52 -75.79
C THR M 185 -95.43 81.25 -75.54
N ALA M 186 -94.23 81.41 -74.99
CA ALA M 186 -93.41 80.28 -74.58
C ALA M 186 -93.42 80.12 -73.07
N GLN M 187 -93.60 78.88 -72.60
CA GLN M 187 -93.53 78.58 -71.17
C GLN M 187 -92.09 78.39 -70.75
N VAL M 188 -91.68 79.11 -69.71
CA VAL M 188 -90.29 79.03 -69.27
C VAL M 188 -90.21 78.37 -67.90
N ALA M 189 -89.44 77.28 -67.82
CA ALA M 189 -89.08 76.62 -66.55
C ALA M 189 -87.56 76.48 -66.44
N ALA M 190 -87.01 76.75 -65.26
CA ALA M 190 -85.57 76.61 -65.08
C ALA M 190 -85.21 76.20 -63.67
N VAL M 191 -84.04 75.57 -63.54
CA VAL M 191 -83.44 75.28 -62.24
C VAL M 191 -82.02 75.80 -62.27
N LEU M 192 -81.68 76.68 -61.33
CA LEU M 192 -80.30 77.17 -61.23
C LEU M 192 -79.67 76.50 -60.02
N LYS M 193 -78.41 76.09 -60.13
CA LYS M 193 -77.74 75.37 -59.05
C LYS M 193 -76.31 75.81 -58.83
N ILE M 194 -75.92 75.92 -57.56
CA ILE M 194 -74.52 76.22 -57.21
C ILE M 194 -74.07 75.28 -56.09
N GLN M 195 -72.82 74.84 -56.19
CA GLN M 195 -72.22 74.04 -55.13
C GLN M 195 -70.77 74.42 -55.00
N VAL M 196 -70.36 74.76 -53.78
CA VAL M 196 -68.98 75.07 -53.51
C VAL M 196 -68.53 74.20 -52.34
N HIS M 197 -67.32 73.68 -52.43
CA HIS M 197 -66.74 72.85 -51.37
C HIS M 197 -65.38 73.36 -50.98
N TYR M 198 -65.20 73.65 -49.70
CA TYR M 198 -63.89 74.04 -49.17
C TYR M 198 -63.47 73.06 -48.09
N TYR M 199 -62.25 72.51 -48.19
CA TYR M 199 -61.89 71.40 -47.31
C TYR M 199 -60.47 71.37 -46.80
N GLU M 200 -59.85 72.53 -46.64
CA GLU M 200 -58.60 72.57 -45.90
C GLU M 200 -58.89 72.39 -44.41
N ASP M 201 -58.52 71.23 -43.86
CA ASP M 201 -58.75 70.96 -42.45
C ASP M 201 -60.21 71.18 -42.08
N GLY M 202 -61.10 70.68 -42.92
CA GLY M 202 -62.52 70.72 -42.63
C GLY M 202 -63.33 70.33 -43.86
N ASN M 203 -64.63 70.62 -43.80
CA ASN M 203 -65.56 70.32 -44.90
C ASN M 203 -66.70 71.32 -44.82
N VAL M 204 -66.66 72.32 -45.70
CA VAL M 204 -67.65 73.39 -45.67
C VAL M 204 -68.24 73.45 -47.06
N GLN M 205 -69.55 73.45 -47.17
CA GLN M 205 -70.17 73.48 -48.49
C GLN M 205 -71.32 74.48 -48.58
N LEU M 206 -71.33 75.20 -49.68
CA LEU M 206 -72.49 75.97 -50.12
C LEU M 206 -73.29 75.07 -51.07
N VAL M 207 -74.56 74.87 -50.76
CA VAL M 207 -75.46 74.17 -51.67
C VAL M 207 -76.67 75.05 -51.86
N SER M 208 -76.95 75.39 -53.10
CA SER M 208 -78.08 76.27 -53.35
C SER M 208 -78.74 75.95 -54.68
N HIS M 209 -80.01 76.23 -54.76
CA HIS M 209 -80.69 76.16 -56.06
C HIS M 209 -81.96 76.95 -56.01
N LYS M 210 -82.39 77.37 -57.18
CA LYS M 210 -83.59 78.17 -57.30
C LYS M 210 -84.39 77.73 -58.53
N ASP M 211 -85.69 77.58 -58.36
CA ASP M 211 -86.54 77.20 -59.48
C ASP M 211 -87.08 78.46 -60.11
N ILE M 212 -87.08 78.52 -61.43
CA ILE M 212 -87.65 79.67 -62.13
C ILE M 212 -88.88 79.25 -62.95
N GLN M 213 -89.93 80.05 -62.91
CA GLN M 213 -91.13 79.77 -63.71
C GLN M 213 -91.54 81.07 -64.37
N ASP M 214 -91.68 81.05 -65.70
CA ASP M 214 -91.93 82.28 -66.43
C ASP M 214 -92.52 82.00 -67.81
N SER M 215 -92.67 83.07 -68.58
CA SER M 215 -93.20 82.99 -69.94
C SER M 215 -92.70 84.15 -70.79
N VAL M 216 -92.50 83.91 -72.08
CA VAL M 216 -92.04 84.95 -72.98
C VAL M 216 -92.84 84.99 -74.27
N GLN M 217 -92.90 86.16 -74.88
CA GLN M 217 -93.45 86.28 -76.22
C GLN M 217 -92.54 85.56 -77.20
N VAL M 218 -93.14 84.80 -78.12
CA VAL M 218 -92.38 84.13 -79.15
C VAL M 218 -92.69 84.82 -80.48
N SER M 219 -91.67 84.98 -81.32
CA SER M 219 -91.83 85.67 -82.62
C SER M 219 -91.00 84.97 -83.69
N SER M 220 -90.06 85.73 -84.24
CA SER M 220 -89.07 85.19 -85.16
C SER M 220 -88.06 84.30 -84.44
N ASP M 221 -87.45 83.37 -85.17
CA ASP M 221 -86.41 82.53 -84.60
C ASP M 221 -85.36 83.40 -83.90
N VAL M 222 -84.82 84.37 -84.63
CA VAL M 222 -83.77 85.23 -84.12
C VAL M 222 -84.24 86.11 -82.95
N GLN M 223 -85.40 86.74 -83.08
CA GLN M 223 -85.88 87.63 -82.03
C GLN M 223 -86.20 86.90 -80.73
N THR M 224 -86.68 85.67 -80.86
CA THR M 224 -87.06 84.89 -79.69
C THR M 224 -85.81 84.55 -78.91
N ALA M 225 -84.79 84.09 -79.63
CA ALA M 225 -83.50 83.80 -79.02
C ALA M 225 -83.07 84.99 -78.17
N LYS M 226 -83.15 86.20 -78.71
CA LYS M 226 -82.81 87.39 -77.94
C LYS M 226 -83.68 87.48 -76.68
N GLU M 227 -84.96 87.22 -76.83
CA GLU M 227 -85.90 87.25 -75.70
C GLU M 227 -85.51 86.23 -74.63
N PHE M 228 -85.21 85.00 -75.05
CA PHE M 228 -84.87 83.91 -74.15
C PHE M 228 -83.62 84.26 -73.34
N ILE M 229 -82.61 84.76 -74.04
CA ILE M 229 -81.34 85.07 -73.44
C ILE M 229 -81.52 86.22 -72.46
N LYS M 230 -82.40 87.14 -72.79
CA LYS M 230 -82.67 88.25 -71.87
C LYS M 230 -83.29 87.76 -70.56
N ILE M 231 -84.23 86.81 -70.65
CA ILE M 231 -84.84 86.20 -69.48
C ILE M 231 -83.77 85.47 -68.66
N ILE M 232 -82.95 84.70 -69.36
CA ILE M 232 -81.89 83.97 -68.66
C ILE M 232 -80.98 84.95 -67.92
N GLU M 233 -80.59 86.01 -68.60
CA GLU M 233 -79.64 86.94 -68.03
C GLU M 233 -80.21 87.62 -66.78
N ASN M 234 -81.45 88.11 -66.87
CA ASN M 234 -82.08 88.77 -65.73
C ASN M 234 -82.23 87.85 -64.53
N ALA M 235 -82.66 86.61 -64.78
CA ALA M 235 -82.87 85.63 -63.71
C ALA M 235 -81.56 85.25 -63.04
N GLU M 236 -80.54 84.93 -63.83
CA GLU M 236 -79.26 84.49 -63.30
C GLU M 236 -78.56 85.62 -62.52
N ASN M 237 -78.59 86.84 -63.05
CA ASN M 237 -78.07 87.96 -62.27
C ASN M 237 -78.82 88.21 -60.95
N GLU M 238 -80.15 88.08 -60.98
CA GLU M 238 -80.98 88.26 -59.80
C GLU M 238 -80.60 87.24 -58.72
N TYR M 239 -80.38 86.01 -59.16
CA TYR M 239 -80.05 84.91 -58.27
C TYR M 239 -78.68 85.16 -57.66
N GLN M 240 -77.71 85.51 -58.49
CA GLN M 240 -76.37 85.77 -57.98
C GLN M 240 -76.41 86.95 -57.02
N THR M 241 -77.20 87.96 -57.36
CA THR M 241 -77.39 89.10 -56.46
C THR M 241 -78.01 88.71 -55.11
N ALA M 242 -79.05 87.87 -55.13
CA ALA M 242 -79.68 87.40 -53.91
C ALA M 242 -78.69 86.57 -53.07
N ILE M 243 -77.86 85.80 -53.75
CA ILE M 243 -76.85 85.02 -53.06
C ILE M 243 -75.90 85.96 -52.33
N SER M 244 -75.43 86.98 -53.03
CA SER M 244 -74.55 87.96 -52.43
C SER M 244 -75.21 88.63 -51.23
N GLU M 245 -76.50 88.95 -51.36
CA GLU M 245 -77.23 89.56 -50.27
C GLU M 245 -77.35 88.64 -49.05
N ASN M 246 -77.50 87.32 -49.28
CA ASN M 246 -77.59 86.35 -48.20
C ASN M 246 -76.28 86.24 -47.45
N TYR M 247 -75.18 86.24 -48.20
CA TYR M 247 -73.84 86.20 -47.61
C TYR M 247 -73.64 87.39 -46.67
N GLN M 248 -74.05 88.56 -47.12
CA GLN M 248 -73.85 89.77 -46.32
C GLN M 248 -74.66 89.73 -45.02
N THR M 249 -75.91 89.28 -45.13
CA THR M 249 -76.81 89.12 -43.98
C THR M 249 -76.36 88.03 -43.01
N MET M 250 -75.90 86.89 -43.55
CA MET M 250 -75.32 85.85 -42.71
C MET M 250 -74.09 86.36 -41.95
N SER M 251 -73.29 87.20 -42.61
CA SER M 251 -72.06 87.74 -42.01
C SER M 251 -72.34 88.82 -40.97
N ASP M 252 -73.24 89.75 -41.29
CA ASP M 252 -73.47 90.93 -40.47
C ASP M 252 -74.49 90.72 -39.37
N THR M 253 -75.28 89.66 -39.49
CA THR M 253 -76.38 89.44 -38.55
C THR M 253 -76.26 88.09 -37.87
N THR M 254 -76.46 87.01 -38.63
CA THR M 254 -76.54 85.68 -38.02
C THR M 254 -75.24 85.27 -37.35
N PHE M 255 -74.13 85.39 -38.08
CA PHE M 255 -72.86 84.89 -37.56
C PHE M 255 -72.46 85.68 -36.31
N LYS M 256 -72.58 86.99 -36.40
CA LYS M 256 -72.26 87.85 -35.27
C LYS M 256 -73.07 87.48 -34.03
N ALA M 257 -74.36 87.20 -34.22
CA ALA M 257 -75.25 86.93 -33.10
C ALA M 257 -74.99 85.58 -32.44
N LEU M 258 -74.38 84.64 -33.16
CA LEU M 258 -74.11 83.32 -32.62
C LEU M 258 -73.07 83.34 -31.49
N ARG M 259 -72.01 84.11 -31.67
CA ARG M 259 -70.96 84.22 -30.66
C ARG M 259 -70.28 85.59 -30.74
N ARG M 260 -70.05 86.18 -29.57
CA ARG M 260 -69.31 87.45 -29.47
C ARG M 260 -67.85 87.22 -29.83
N GLN M 261 -67.18 88.27 -30.31
CA GLN M 261 -65.74 88.22 -30.50
C GLN M 261 -65.04 88.19 -29.16
N LEU M 262 -65.50 89.01 -28.22
CA LEU M 262 -64.95 89.10 -26.86
C LEU M 262 -66.09 89.36 -25.92
N PRO M 263 -65.92 88.95 -24.66
CA PRO M 263 -66.94 89.25 -23.65
C PRO M 263 -67.06 90.75 -23.52
N VAL M 264 -68.09 91.23 -22.84
CA VAL M 264 -68.36 92.67 -22.73
C VAL M 264 -67.18 93.46 -22.14
N THR M 265 -66.36 92.80 -21.33
CA THR M 265 -65.18 93.43 -20.75
C THR M 265 -64.15 93.83 -21.82
N ARG M 266 -64.33 93.31 -23.04
CA ARG M 266 -63.39 93.56 -24.12
C ARG M 266 -61.99 93.09 -23.78
N THR M 267 -61.91 92.10 -22.92
CA THR M 267 -60.68 91.39 -22.68
C THR M 267 -61.00 89.91 -22.60
N LYS M 268 -60.02 89.08 -22.86
CA LYS M 268 -60.20 87.64 -22.65
C LYS M 268 -60.52 87.35 -21.19
N ILE M 269 -61.07 86.17 -20.95
CA ILE M 269 -61.51 85.79 -19.62
C ILE M 269 -60.34 85.70 -18.64
N ASP M 270 -60.55 86.19 -17.43
CA ASP M 270 -59.61 85.99 -16.33
C ASP M 270 -60.05 84.70 -15.64
N TRP M 271 -59.35 83.61 -15.93
CA TRP M 271 -59.82 82.29 -15.53
C TRP M 271 -59.77 82.04 -14.01
N ASN M 272 -58.83 82.66 -13.31
CA ASN M 272 -58.81 82.53 -11.86
C ASN M 272 -60.07 83.12 -11.23
N LYS M 273 -60.51 84.23 -11.79
CA LYS M 273 -61.74 84.90 -11.36
C LYS M 273 -62.96 83.99 -11.57
N ILE M 274 -63.03 83.37 -12.74
CA ILE M 274 -64.16 82.55 -13.13
C ILE M 274 -64.31 81.38 -12.16
N LEU M 275 -63.20 81.00 -11.54
CA LEU M 275 -63.16 79.83 -10.67
C LEU M 275 -63.54 80.17 -9.22
N SER M 276 -63.61 81.47 -8.91
CA SER M 276 -64.04 81.92 -7.59
C SER M 276 -65.46 81.45 -7.25
N SER N 2 -58.25 47.88 -41.76
CA SER N 2 -59.26 48.49 -40.92
C SER N 2 -58.89 49.95 -40.71
N ASP N 3 -57.60 50.20 -40.60
CA ASP N 3 -57.15 51.58 -40.57
C ASP N 3 -57.17 52.22 -41.97
N GLN N 4 -57.03 51.40 -43.04
CA GLN N 4 -57.18 51.93 -44.41
C GLN N 4 -58.65 52.19 -44.71
N GLN N 5 -59.52 51.31 -44.24
CA GLN N 5 -60.96 51.53 -44.42
C GLN N 5 -61.40 52.72 -43.55
N LEU N 6 -60.83 52.81 -42.36
CA LEU N 6 -61.06 54.00 -41.53
C LEU N 6 -60.59 55.32 -42.18
N ASP N 7 -59.44 55.27 -42.86
CA ASP N 7 -58.89 56.44 -43.54
C ASP N 7 -59.83 56.92 -44.65
N CYS N 8 -60.38 55.96 -45.37
CA CYS N 8 -61.30 56.25 -46.50
C CYS N 8 -62.63 56.76 -45.99
N ALA N 9 -63.05 56.21 -44.85
CA ALA N 9 -64.31 56.63 -44.26
C ALA N 9 -64.26 58.11 -43.87
N LEU N 10 -63.18 58.51 -43.22
CA LEU N 10 -63.01 59.89 -42.83
C LEU N 10 -62.87 60.78 -44.06
N ASP N 11 -62.14 60.29 -45.07
CA ASP N 11 -61.96 61.06 -46.29
C ASP N 11 -63.33 61.35 -46.90
N LEU N 12 -64.20 60.32 -46.90
CA LEU N 12 -65.52 60.42 -47.47
C LEU N 12 -66.36 61.44 -46.68
N MET N 13 -66.23 61.45 -45.37
CA MET N 13 -66.95 62.44 -44.57
C MET N 13 -66.42 63.88 -44.82
N ARG N 14 -65.25 63.99 -45.43
CA ARG N 14 -64.70 65.31 -45.71
C ARG N 14 -65.28 65.88 -47.01
N ARG N 15 -66.01 65.04 -47.74
CA ARG N 15 -66.36 65.34 -49.12
C ARG N 15 -67.87 65.30 -49.37
N LEU N 16 -68.56 64.33 -48.77
CA LEU N 16 -70.02 64.28 -48.82
C LEU N 16 -70.59 65.55 -48.19
N PRO N 17 -71.70 66.05 -48.73
CA PRO N 17 -72.27 67.31 -48.21
C PRO N 17 -72.52 67.26 -46.70
N PRO N 18 -72.01 68.25 -45.97
CA PRO N 18 -72.24 68.31 -44.52
C PRO N 18 -73.74 68.53 -44.21
N GLN N 19 -74.51 68.99 -45.17
CA GLN N 19 -75.95 69.12 -44.96
C GLN N 19 -76.58 67.78 -44.58
N GLN N 20 -75.97 66.68 -45.02
CA GLN N 20 -76.50 65.35 -44.68
C GLN N 20 -75.55 64.62 -43.73
N ILE N 21 -74.86 65.40 -42.92
CA ILE N 21 -73.87 64.84 -42.01
C ILE N 21 -74.36 63.65 -41.17
N GLU N 22 -75.57 63.72 -40.65
CA GLU N 22 -76.11 62.62 -39.83
C GLU N 22 -76.40 61.34 -40.65
N LYS N 23 -77.07 61.52 -41.78
CA LYS N 23 -77.38 60.39 -42.65
C LYS N 23 -76.10 59.81 -43.26
N ASN N 24 -75.14 60.66 -43.58
CA ASN N 24 -73.84 60.19 -44.08
C ASN N 24 -73.21 59.17 -43.12
N LEU N 25 -73.14 59.54 -41.85
CA LEU N 25 -72.54 58.68 -40.84
C LEU N 25 -73.26 57.33 -40.75
N SER N 26 -74.59 57.33 -40.61
CA SER N 26 -75.27 56.04 -40.45
C SER N 26 -75.19 55.19 -41.71
N ASP N 27 -75.20 55.84 -42.89
CA ASP N 27 -74.95 55.13 -44.15
C ASP N 27 -73.58 54.47 -44.13
N LEU N 28 -72.58 55.25 -43.70
CA LEU N 28 -71.21 54.75 -43.58
C LEU N 28 -71.10 53.59 -42.61
N ILE N 29 -71.76 53.71 -41.46
CA ILE N 29 -71.82 52.58 -40.52
C ILE N 29 -72.45 51.33 -41.16
N ASP N 30 -73.51 51.52 -41.95
CA ASP N 30 -74.15 50.40 -42.63
C ASP N 30 -73.23 49.80 -43.67
N LEU N 31 -72.50 50.67 -44.37
CA LEU N 31 -71.58 50.22 -45.40
C LEU N 31 -70.45 49.38 -44.82
N VAL N 32 -69.94 49.79 -43.66
CA VAL N 32 -68.83 49.06 -43.00
C VAL N 32 -69.08 48.82 -41.50
N PRO N 33 -69.99 47.89 -41.20
CA PRO N 33 -70.47 47.62 -39.83
C PRO N 33 -69.35 47.45 -38.82
N SER N 34 -68.20 46.92 -39.26
CA SER N 34 -67.08 46.67 -38.36
C SER N 34 -66.35 47.92 -37.83
N LEU N 35 -66.56 49.06 -38.47
CA LEU N 35 -65.89 50.29 -38.06
C LEU N 35 -66.79 51.09 -37.14
N CYS N 36 -67.90 50.49 -36.72
CA CYS N 36 -68.89 51.27 -35.95
C CYS N 36 -68.29 52.09 -34.79
N GLU N 37 -67.52 51.45 -33.92
CA GLU N 37 -67.00 52.16 -32.76
C GLU N 37 -66.02 53.28 -33.15
N ASP N 38 -65.12 52.97 -34.05
CA ASP N 38 -64.17 53.93 -34.57
C ASP N 38 -64.89 55.14 -35.22
N LEU N 39 -65.86 54.85 -36.10
CA LEU N 39 -66.58 55.94 -36.77
C LEU N 39 -67.37 56.78 -35.76
N LEU N 40 -68.08 56.12 -34.86
CA LEU N 40 -68.80 56.87 -33.83
C LEU N 40 -67.91 57.82 -33.01
N SER N 41 -66.64 57.48 -32.83
CA SER N 41 -65.80 58.31 -31.97
C SER N 41 -64.99 59.36 -32.73
N SER N 42 -64.75 59.12 -34.01
CA SER N 42 -63.94 60.06 -34.79
C SER N 42 -64.73 60.93 -35.77
N VAL N 43 -65.98 60.56 -36.07
CA VAL N 43 -66.81 61.39 -36.95
C VAL N 43 -67.67 62.32 -36.11
N ASP N 44 -67.33 63.61 -36.13
CA ASP N 44 -68.13 64.60 -35.40
C ASP N 44 -69.54 64.70 -35.98
N GLN N 45 -70.51 65.00 -35.12
CA GLN N 45 -71.92 65.12 -35.47
C GLN N 45 -72.47 66.33 -34.72
N PRO N 46 -73.45 67.01 -35.30
CA PRO N 46 -74.11 68.12 -34.63
C PRO N 46 -74.56 67.68 -33.24
N LEU N 47 -74.48 68.58 -32.27
CA LEU N 47 -74.80 68.27 -30.89
C LEU N 47 -76.30 68.26 -30.67
N LYS N 48 -76.80 67.31 -29.87
CA LYS N 48 -78.22 67.28 -29.58
C LYS N 48 -78.45 67.75 -28.16
N ILE N 49 -79.56 68.45 -27.93
CA ILE N 49 -79.92 68.89 -26.58
C ILE N 49 -80.88 67.92 -25.90
N ALA N 50 -80.52 67.47 -24.70
CA ALA N 50 -81.45 66.70 -23.89
C ALA N 50 -81.76 67.48 -22.62
N ARG N 51 -82.81 67.10 -21.92
CA ARG N 51 -83.17 67.80 -20.70
C ARG N 51 -82.93 66.93 -19.47
N ASP N 52 -82.15 67.42 -18.51
CA ASP N 52 -82.00 66.73 -17.24
C ASP N 52 -83.18 67.07 -16.32
N LYS N 53 -84.16 66.17 -16.28
CA LYS N 53 -85.40 66.41 -15.54
C LYS N 53 -85.19 66.61 -14.05
N VAL N 54 -84.18 65.93 -13.51
CA VAL N 54 -83.89 66.00 -12.10
C VAL N 54 -83.41 67.39 -11.68
N VAL N 55 -82.41 67.91 -12.40
CA VAL N 55 -81.82 69.18 -12.03
C VAL N 55 -82.50 70.36 -12.71
N GLY N 56 -83.33 70.08 -13.71
CA GLY N 56 -83.95 71.12 -14.49
C GLY N 56 -82.93 71.92 -15.28
N LYS N 57 -82.05 71.22 -16.00
CA LYS N 57 -81.05 71.86 -16.85
C LYS N 57 -80.87 71.07 -18.14
N ASP N 58 -80.56 71.78 -19.22
CA ASP N 58 -80.27 71.15 -20.51
C ASP N 58 -78.82 70.67 -20.52
N TYR N 59 -78.55 69.66 -21.34
CA TYR N 59 -77.19 69.14 -21.50
C TYR N 59 -77.05 68.57 -22.90
N LEU N 60 -75.80 68.38 -23.33
CA LEU N 60 -75.54 68.07 -24.72
C LEU N 60 -75.19 66.62 -24.91
N LEU N 61 -75.71 66.03 -25.97
CA LEU N 61 -75.44 64.61 -26.27
C LEU N 61 -74.41 64.47 -27.39
N CYS N 62 -73.43 63.62 -27.20
CA CYS N 62 -72.53 63.26 -28.28
C CYS N 62 -72.00 61.88 -27.97
N ASP N 63 -71.07 61.38 -28.78
CA ASP N 63 -70.58 60.05 -28.50
C ASP N 63 -69.84 59.97 -27.16
N TYR N 64 -69.21 61.06 -26.74
CA TYR N 64 -68.38 60.97 -25.53
C TYR N 64 -69.15 60.75 -24.22
N ASN N 65 -70.42 61.12 -24.16
CA ASN N 65 -71.21 60.84 -22.94
C ASN N 65 -72.20 59.71 -23.13
N ARG N 66 -71.95 58.88 -24.14
CA ARG N 66 -72.88 57.81 -24.46
C ARG N 66 -72.38 56.49 -23.89
N ASP N 67 -73.30 55.66 -23.45
CA ASP N 67 -73.01 54.29 -23.13
C ASP N 67 -74.21 53.47 -23.58
N GLY N 68 -74.00 52.58 -24.54
CA GLY N 68 -75.11 51.84 -25.11
C GLY N 68 -76.03 52.84 -25.78
N ASP N 69 -77.29 52.86 -25.37
CA ASP N 69 -78.24 53.80 -25.95
C ASP N 69 -78.63 54.91 -24.97
N SER N 70 -77.91 54.99 -23.85
CA SER N 70 -78.17 56.02 -22.87
C SER N 70 -77.08 57.11 -22.86
N TYR N 71 -77.42 58.27 -22.30
CA TYR N 71 -76.47 59.38 -22.16
C TYR N 71 -76.39 59.90 -20.73
N ARG N 72 -75.19 60.27 -20.32
CA ARG N 72 -74.93 60.74 -18.98
C ARG N 72 -75.08 62.26 -18.87
N SER N 73 -75.88 62.72 -17.91
CA SER N 73 -76.01 64.15 -17.64
C SER N 73 -74.79 64.63 -16.84
N PRO N 74 -74.22 65.78 -17.20
CA PRO N 74 -73.11 66.32 -16.41
C PRO N 74 -73.59 66.92 -15.11
N TRP N 75 -74.90 67.14 -15.00
CA TRP N 75 -75.45 67.79 -13.81
C TRP N 75 -75.81 66.78 -12.71
N SER N 76 -76.54 65.74 -13.08
CA SER N 76 -76.99 64.73 -12.11
C SER N 76 -76.06 63.52 -12.09
N ASN N 77 -75.12 63.47 -13.04
CA ASN N 77 -74.21 62.34 -13.16
C ASN N 77 -74.95 61.02 -13.29
N LYS N 78 -76.14 61.07 -13.88
CA LYS N 78 -76.93 59.84 -14.11
C LYS N 78 -77.20 59.60 -15.59
N TYR N 79 -77.34 58.33 -15.98
CA TYR N 79 -77.69 58.02 -17.37
C TYR N 79 -79.19 58.06 -17.62
N ASP N 80 -79.55 58.50 -18.82
CA ASP N 80 -80.91 58.45 -19.30
C ASP N 80 -80.93 57.92 -20.73
N PRO N 81 -81.59 56.78 -20.97
CA PRO N 81 -82.28 55.89 -20.01
C PRO N 81 -81.36 55.33 -18.95
N PRO N 82 -81.87 55.12 -17.73
CA PRO N 82 -81.05 54.65 -16.61
C PRO N 82 -80.24 53.42 -16.99
N LEU N 83 -79.14 53.17 -16.28
CA LEU N 83 -78.24 52.08 -16.61
C LEU N 83 -77.74 51.44 -15.33
N GLU N 84 -77.53 50.12 -15.37
CA GLU N 84 -77.13 49.40 -14.17
C GLU N 84 -75.64 49.59 -13.88
N ASP N 85 -74.85 49.70 -14.94
CA ASP N 85 -73.41 49.81 -14.80
C ASP N 85 -72.83 50.75 -15.85
N GLY N 86 -73.49 51.88 -16.05
CA GLY N 86 -73.02 52.87 -16.99
C GLY N 86 -71.62 53.32 -16.62
N ALA N 87 -70.81 53.67 -17.61
CA ALA N 87 -69.45 54.12 -17.33
C ALA N 87 -69.50 55.48 -16.62
N MET N 88 -68.90 55.52 -15.42
CA MET N 88 -68.86 56.74 -14.62
C MET N 88 -67.42 57.21 -14.44
N PRO N 89 -67.22 58.52 -14.22
CA PRO N 89 -65.89 58.99 -13.85
C PRO N 89 -65.57 58.66 -12.39
N SER N 90 -64.29 58.54 -12.05
CA SER N 90 -63.90 58.32 -10.67
C SER N 90 -64.36 59.51 -9.83
N ALA N 91 -64.30 59.37 -8.52
CA ALA N 91 -64.73 60.46 -7.63
C ALA N 91 -63.91 61.72 -7.87
N ARG N 92 -62.60 61.55 -8.04
CA ARG N 92 -61.71 62.68 -8.23
C ARG N 92 -62.07 63.41 -9.52
N LEU N 93 -62.16 62.66 -10.60
CA LEU N 93 -62.46 63.22 -11.91
C LEU N 93 -63.88 63.80 -11.97
N ARG N 94 -64.81 63.19 -11.26
CA ARG N 94 -66.16 63.75 -11.21
C ARG N 94 -66.16 65.13 -10.54
N LYS N 95 -65.40 65.27 -9.48
CA LYS N 95 -65.29 66.57 -8.82
C LYS N 95 -64.75 67.62 -9.78
N LEU N 96 -63.74 67.23 -10.55
CA LEU N 96 -63.14 68.12 -11.54
C LEU N 96 -64.14 68.44 -12.66
N GLU N 97 -64.93 67.44 -13.03
CA GLU N 97 -65.95 67.60 -14.07
C GLU N 97 -67.01 68.61 -13.67
N VAL N 98 -67.47 68.53 -12.43
CA VAL N 98 -68.45 69.50 -11.92
C VAL N 98 -67.85 70.92 -11.96
N GLU N 99 -66.59 71.03 -11.54
CA GLU N 99 -65.85 72.27 -11.56
C GLU N 99 -65.79 72.82 -12.99
N ALA N 100 -65.41 71.97 -13.94
CA ALA N 100 -65.27 72.38 -15.33
C ALA N 100 -66.61 72.80 -15.89
N ASN N 101 -67.67 72.07 -15.57
CA ASN N 101 -69.00 72.43 -16.06
C ASN N 101 -69.47 73.80 -15.56
N ASN N 102 -69.15 74.12 -14.31
CA ASN N 102 -69.47 75.43 -13.75
C ASN N 102 -68.68 76.50 -14.45
N ALA N 103 -67.40 76.24 -14.69
CA ALA N 103 -66.52 77.21 -15.34
C ALA N 103 -66.92 77.44 -16.79
N PHE N 104 -67.20 76.37 -17.53
CA PHE N 104 -67.58 76.53 -18.95
C PHE N 104 -69.01 77.01 -19.17
N ASP N 105 -69.85 76.84 -18.15
CA ASP N 105 -71.16 77.46 -18.14
C ASP N 105 -71.04 78.99 -18.15
N GLN N 106 -70.11 79.51 -17.35
CA GLN N 106 -69.86 80.95 -17.33
C GLN N 106 -69.20 81.42 -18.61
N TYR N 107 -68.27 80.62 -19.12
CA TYR N 107 -67.63 80.88 -20.40
C TYR N 107 -68.70 81.00 -21.48
N ARG N 108 -69.62 80.06 -21.48
CA ARG N 108 -70.70 80.03 -22.45
C ARG N 108 -71.47 81.32 -22.38
N ASP N 109 -71.94 81.68 -21.19
CA ASP N 109 -72.73 82.89 -21.01
C ASP N 109 -71.94 84.13 -21.47
N LEU N 110 -70.67 84.20 -21.11
CA LEU N 110 -69.83 85.35 -21.48
C LEU N 110 -69.66 85.51 -23.00
N TYR N 111 -69.43 84.41 -23.71
CA TYR N 111 -69.17 84.49 -25.15
C TYR N 111 -70.43 84.32 -26.01
N PHE N 112 -71.36 83.48 -25.55
CA PHE N 112 -72.50 83.14 -26.41
C PHE N 112 -73.82 83.74 -25.96
N GLU N 113 -73.86 84.21 -24.72
CA GLU N 113 -75.04 84.91 -24.18
C GLU N 113 -76.30 84.08 -24.39
N GLY N 114 -76.20 82.78 -24.14
CA GLY N 114 -77.28 81.86 -24.41
C GLY N 114 -76.72 80.49 -24.73
N GLY N 115 -77.52 79.67 -25.40
CA GLY N 115 -77.10 78.32 -25.78
C GLY N 115 -76.94 77.40 -24.58
N VAL N 116 -76.25 76.28 -24.78
CA VAL N 116 -76.11 75.24 -23.75
C VAL N 116 -74.69 74.76 -23.80
N SER N 117 -74.14 74.39 -22.64
CA SER N 117 -72.81 73.83 -22.55
C SER N 117 -72.83 72.51 -21.80
N SER N 118 -71.78 71.71 -21.99
CA SER N 118 -71.59 70.47 -21.22
C SER N 118 -70.12 70.09 -21.31
N VAL N 119 -69.60 69.53 -20.22
CA VAL N 119 -68.22 69.05 -20.14
C VAL N 119 -68.28 67.63 -19.59
N TYR N 120 -67.63 66.70 -20.29
CA TYR N 120 -67.50 65.33 -19.83
C TYR N 120 -66.05 64.95 -19.81
N LEU N 121 -65.59 64.39 -18.68
CA LEU N 121 -64.19 64.02 -18.51
C LEU N 121 -64.08 62.51 -18.39
N TRP N 122 -62.91 61.96 -18.71
CA TRP N 122 -62.66 60.54 -18.49
C TRP N 122 -61.18 60.25 -18.29
N ASP N 123 -60.91 59.16 -17.57
CA ASP N 123 -59.55 58.79 -17.15
C ASP N 123 -58.68 58.31 -18.32
N LEU N 124 -57.41 58.66 -18.26
CA LEU N 124 -56.43 58.13 -19.18
C LEU N 124 -55.33 57.51 -18.34
N ASP N 125 -54.42 56.83 -19.01
CA ASP N 125 -53.30 56.20 -18.31
C ASP N 125 -52.53 57.21 -17.47
N HIS N 126 -52.01 58.25 -18.11
CA HIS N 126 -51.11 59.17 -17.42
C HIS N 126 -51.71 60.55 -17.22
N GLY N 127 -53.03 60.61 -17.09
CA GLY N 127 -53.72 61.86 -16.92
C GLY N 127 -55.19 61.69 -17.16
N PHE N 128 -55.78 62.56 -17.99
CA PHE N 128 -57.20 62.46 -18.26
C PHE N 128 -57.52 63.19 -19.56
N ALA N 129 -58.71 62.97 -20.08
CA ALA N 129 -59.19 63.68 -21.26
C ALA N 129 -60.54 64.27 -20.95
N GLY N 130 -61.05 65.10 -21.85
CA GLY N 130 -62.39 65.60 -21.70
C GLY N 130 -62.85 66.23 -22.99
N VAL N 131 -64.14 66.48 -23.08
CA VAL N 131 -64.68 67.22 -24.21
C VAL N 131 -65.46 68.36 -23.63
N ILE N 132 -65.26 69.54 -24.22
CA ILE N 132 -66.05 70.71 -23.87
C ILE N 132 -66.99 70.99 -25.06
N LEU N 133 -68.31 70.98 -24.81
CA LEU N 133 -69.33 71.15 -25.86
C LEU N 133 -70.11 72.41 -25.66
N ILE N 134 -70.34 73.16 -26.73
CA ILE N 134 -71.21 74.31 -26.65
C ILE N 134 -72.16 74.29 -27.86
N LYS N 135 -73.43 74.53 -27.63
CA LYS N 135 -74.43 74.52 -28.66
C LYS N 135 -75.19 75.83 -28.59
N LYS N 136 -75.23 76.55 -29.70
CA LYS N 136 -75.96 77.82 -29.75
C LYS N 136 -76.76 77.92 -31.04
N ALA N 137 -78.06 78.12 -30.91
CA ALA N 137 -78.95 78.33 -32.05
C ALA N 137 -79.17 79.81 -32.32
N GLY N 138 -79.26 80.19 -33.58
CA GLY N 138 -79.55 81.57 -33.96
C GLY N 138 -81.00 81.91 -33.67
N ASP N 139 -81.33 83.19 -33.51
CA ASP N 139 -82.69 83.58 -33.19
C ASP N 139 -83.59 83.62 -34.42
N GLY N 140 -83.01 83.33 -35.58
CA GLY N 140 -83.79 83.21 -36.80
C GLY N 140 -84.07 84.52 -37.51
N SER N 141 -83.40 85.58 -37.08
CA SER N 141 -83.64 86.91 -37.63
C SER N 141 -83.43 86.97 -39.14
N LYS N 142 -84.11 87.91 -39.80
CA LYS N 142 -83.94 88.12 -41.21
C LYS N 142 -84.06 86.82 -42.01
N LYS N 143 -84.87 85.89 -41.50
CA LYS N 143 -85.20 84.65 -42.20
C LYS N 143 -84.00 83.74 -42.41
N ILE N 144 -82.97 83.90 -41.59
CA ILE N 144 -81.79 83.03 -41.64
C ILE N 144 -81.76 82.14 -40.40
N LYS N 145 -81.77 80.82 -40.61
CA LYS N 145 -81.59 79.87 -39.52
C LYS N 145 -80.11 79.55 -39.36
N GLY N 146 -79.62 79.66 -38.13
CA GLY N 146 -78.21 79.45 -37.87
C GLY N 146 -77.99 78.59 -36.65
N CYS N 147 -76.89 77.85 -36.66
CA CYS N 147 -76.51 77.06 -35.51
C CYS N 147 -75.00 76.93 -35.42
N TRP N 148 -74.50 76.95 -34.19
CA TRP N 148 -73.07 76.87 -33.91
C TRP N 148 -72.84 75.72 -32.93
N ASP N 149 -71.95 74.78 -33.28
CA ASP N 149 -71.50 73.70 -32.39
C ASP N 149 -70.00 73.80 -32.11
N SER N 150 -69.63 73.75 -30.83
CA SER N 150 -68.23 73.62 -30.44
C SER N 150 -68.03 72.24 -29.84
N ILE N 151 -67.03 71.53 -30.36
CA ILE N 151 -66.56 70.27 -29.81
C ILE N 151 -65.05 70.38 -29.57
N HIS N 152 -64.67 70.60 -28.32
CA HIS N 152 -63.27 70.74 -27.93
C HIS N 152 -62.86 69.51 -27.15
N VAL N 153 -61.94 68.73 -27.72
CA VAL N 153 -61.52 67.51 -27.08
C VAL N 153 -60.10 67.70 -26.60
N VAL N 154 -59.90 67.57 -25.28
CA VAL N 154 -58.58 67.83 -24.71
C VAL N 154 -57.99 66.56 -24.07
N GLU N 155 -56.71 66.34 -24.33
CA GLU N 155 -55.96 65.28 -23.67
C GLU N 155 -54.90 65.90 -22.76
N VAL N 156 -54.89 65.47 -21.49
CA VAL N 156 -53.99 66.00 -20.49
C VAL N 156 -53.06 64.91 -19.96
N GLN N 157 -51.77 65.08 -20.15
CA GLN N 157 -50.78 64.13 -19.61
C GLN N 157 -50.10 64.74 -18.39
N GLU N 158 -50.39 64.20 -17.21
CA GLU N 158 -49.95 64.81 -15.94
C GLU N 158 -48.53 64.39 -15.59
N ARG N 163 -47.00 69.20 -11.21
CA ARG N 163 -46.01 70.26 -11.43
C ARG N 163 -46.23 71.01 -12.75
N THR N 164 -46.16 70.28 -13.85
CA THR N 164 -46.53 70.84 -15.15
C THR N 164 -47.31 69.75 -15.85
N ALA N 165 -48.01 70.11 -16.94
CA ALA N 165 -48.66 69.08 -17.71
C ALA N 165 -48.58 69.41 -19.19
N HIS N 166 -48.71 68.39 -20.01
CA HIS N 166 -48.83 68.58 -21.46
C HIS N 166 -50.30 68.53 -21.88
N TYR N 167 -50.75 69.54 -22.63
CA TYR N 167 -52.13 69.57 -23.09
C TYR N 167 -52.19 69.44 -24.60
N LYS N 168 -53.06 68.56 -25.07
CA LYS N 168 -53.32 68.48 -26.49
C LYS N 168 -54.79 68.76 -26.74
N LEU N 169 -55.08 69.75 -27.59
CA LEU N 169 -56.45 70.18 -27.86
C LEU N 169 -56.82 70.04 -29.34
N THR N 170 -57.86 69.27 -29.62
CA THR N 170 -58.40 69.10 -30.98
C THR N 170 -59.82 69.67 -30.98
N SER N 171 -59.99 70.79 -31.68
CA SER N 171 -61.26 71.48 -31.67
C SER N 171 -61.94 71.47 -33.05
N THR N 172 -63.21 71.13 -33.04
CA THR N 172 -64.04 71.22 -34.23
C THR N 172 -65.12 72.23 -33.93
N VAL N 173 -65.37 73.16 -34.85
CA VAL N 173 -66.53 74.01 -34.75
C VAL N 173 -67.37 73.76 -35.99
N MET N 174 -68.67 73.57 -35.78
CA MET N 174 -69.61 73.41 -36.90
C MET N 174 -70.45 74.66 -36.97
N LEU N 175 -70.67 75.12 -38.19
CA LEU N 175 -71.43 76.33 -38.37
C LEU N 175 -72.41 76.09 -39.51
N TRP N 176 -73.70 76.29 -39.24
CA TRP N 176 -74.76 75.98 -40.19
C TRP N 176 -75.58 77.22 -40.44
N LEU N 177 -75.71 77.58 -41.71
CA LEU N 177 -76.51 78.73 -42.10
C LEU N 177 -77.46 78.35 -43.23
N GLN N 178 -78.74 78.76 -43.13
CA GLN N 178 -79.74 78.34 -44.10
C GLN N 178 -80.83 79.35 -44.20
N THR N 179 -81.28 79.61 -45.42
CA THR N 179 -82.41 80.49 -45.64
C THR N 179 -83.17 80.03 -46.89
N ASN N 180 -84.46 80.33 -46.89
CA ASN N 180 -85.35 79.97 -47.98
C ASN N 180 -86.07 81.17 -48.57
N LYS N 181 -85.36 82.28 -48.72
CA LYS N 181 -85.91 83.47 -49.36
C LYS N 181 -86.13 83.20 -50.85
N THR N 182 -87.12 83.88 -51.43
CA THR N 182 -87.45 83.69 -52.85
C THR N 182 -86.29 84.17 -53.73
N GLY N 183 -85.22 84.63 -53.07
CA GLY N 183 -84.07 85.26 -53.70
C GLY N 183 -83.53 84.67 -54.99
N SER N 184 -82.65 83.66 -54.97
CA SER N 184 -82.07 82.98 -53.80
C SER N 184 -82.51 81.52 -53.73
N GLY N 185 -83.82 81.29 -53.81
CA GLY N 185 -84.36 79.97 -53.55
C GLY N 185 -83.73 79.41 -52.28
N THR N 186 -83.53 78.09 -52.26
CA THR N 186 -82.91 77.44 -51.11
C THR N 186 -81.41 77.72 -51.04
N MET N 187 -80.95 78.22 -49.89
CA MET N 187 -79.52 78.42 -49.72
C MET N 187 -79.03 77.86 -48.40
N ASN N 188 -78.08 76.94 -48.49
CA ASN N 188 -77.50 76.29 -47.32
C ASN N 188 -75.97 76.34 -47.34
N LEU N 189 -75.43 76.98 -46.30
CA LEU N 189 -73.98 77.18 -46.17
C LEU N 189 -73.67 76.59 -44.84
N GLY N 190 -73.01 75.44 -44.84
CA GLY N 190 -72.76 74.75 -43.58
C GLY N 190 -71.57 73.82 -43.61
N GLY N 191 -71.19 73.31 -42.45
CA GLY N 191 -70.08 72.38 -42.37
C GLY N 191 -69.28 72.59 -41.11
N SER N 192 -68.00 72.28 -41.15
CA SER N 192 -67.17 72.44 -39.96
C SER N 192 -65.70 72.62 -40.32
N LEU N 193 -64.95 73.13 -39.34
CA LEU N 193 -63.50 73.28 -39.40
C LEU N 193 -62.92 72.61 -38.16
N THR N 194 -61.77 72.00 -38.32
CA THR N 194 -61.07 71.38 -37.18
C THR N 194 -59.65 71.88 -37.08
N ARG N 195 -59.20 72.14 -35.87
CA ARG N 195 -57.85 72.61 -35.66
C ARG N 195 -57.31 71.96 -34.39
N GLN N 196 -55.99 71.95 -34.28
CA GLN N 196 -55.30 71.29 -33.18
C GLN N 196 -54.11 72.13 -32.68
N MET N 197 -53.94 72.16 -31.36
CA MET N 197 -52.87 72.93 -30.69
C MET N 197 -52.30 72.01 -29.62
N GLU N 198 -51.02 72.14 -29.32
CA GLU N 198 -50.40 71.45 -28.17
C GLU N 198 -49.58 72.45 -27.36
N LYS N 199 -49.38 72.15 -26.07
CA LYS N 199 -48.68 73.09 -25.20
C LYS N 199 -48.36 72.45 -23.85
N ASP N 200 -47.21 72.78 -23.29
CA ASP N 200 -46.91 72.49 -21.90
C ASP N 200 -47.25 73.72 -21.09
N GLU N 201 -47.83 73.53 -19.92
CA GLU N 201 -48.08 74.65 -19.02
C GLU N 201 -47.89 74.24 -17.57
N THR N 202 -47.56 75.20 -16.74
CA THR N 202 -47.41 74.93 -15.32
C THR N 202 -48.77 74.69 -14.70
N VAL N 203 -48.81 73.78 -13.72
CA VAL N 203 -50.01 73.53 -12.94
C VAL N 203 -49.76 73.99 -11.52
N SER N 204 -50.65 74.81 -10.99
CA SER N 204 -50.41 75.39 -9.68
C SER N 204 -51.68 75.96 -9.12
N ASP N 205 -51.60 76.44 -7.88
CA ASP N 205 -52.71 77.09 -7.19
C ASP N 205 -53.34 78.15 -8.09
N SER N 206 -52.50 78.99 -8.65
CA SER N 206 -52.96 80.10 -9.48
C SER N 206 -53.27 79.64 -10.91
N SER N 207 -52.73 78.51 -11.32
CA SER N 207 -52.96 78.01 -12.66
C SER N 207 -53.35 76.52 -12.73
N PRO N 208 -54.53 76.19 -12.22
CA PRO N 208 -54.97 74.79 -12.15
C PRO N 208 -55.39 74.27 -13.51
N HIS N 209 -55.57 72.95 -13.62
CA HIS N 209 -55.95 72.35 -14.89
C HIS N 209 -57.08 73.08 -15.60
N ILE N 210 -58.14 73.43 -14.88
CA ILE N 210 -59.29 74.04 -15.49
C ILE N 210 -58.93 75.41 -16.11
N ALA N 211 -58.09 76.19 -15.43
CA ALA N 211 -57.60 77.45 -16.01
C ALA N 211 -56.75 77.20 -17.26
N ASN N 212 -55.87 76.19 -17.22
CA ASN N 212 -55.04 75.89 -18.37
C ASN N 212 -55.88 75.48 -19.56
N ILE N 213 -56.81 74.56 -19.35
CA ILE N 213 -57.70 74.14 -20.43
C ILE N 213 -58.55 75.31 -20.91
N GLY N 214 -59.05 76.11 -19.97
CA GLY N 214 -59.89 77.24 -20.29
C GLY N 214 -59.21 78.17 -21.27
N ARG N 215 -58.00 78.60 -20.95
CA ARG N 215 -57.29 79.53 -21.83
C ARG N 215 -57.04 78.93 -23.19
N LEU N 216 -56.68 77.65 -23.21
CA LEU N 216 -56.51 76.90 -24.46
C LEU N 216 -57.77 76.90 -25.32
N VAL N 217 -58.89 76.58 -24.72
CA VAL N 217 -60.15 76.50 -25.46
C VAL N 217 -60.56 77.90 -25.96
N GLU N 218 -60.36 78.91 -25.12
CA GLU N 218 -60.68 80.28 -25.46
C GLU N 218 -59.83 80.78 -26.62
N ASP N 219 -58.51 80.63 -26.53
CA ASP N 219 -57.60 80.97 -27.63
C ASP N 219 -57.99 80.26 -28.91
N MET N 220 -58.19 78.95 -28.81
CA MET N 220 -58.59 78.17 -29.98
C MET N 220 -59.89 78.67 -30.60
N GLU N 221 -60.88 78.93 -29.76
CA GLU N 221 -62.21 79.22 -30.27
C GLU N 221 -62.24 80.61 -30.85
N ASN N 222 -61.51 81.54 -30.23
CA ASN N 222 -61.39 82.88 -30.80
C ASN N 222 -60.75 82.87 -32.20
N LYS N 223 -59.67 82.10 -32.33
CA LYS N 223 -59.04 81.87 -33.62
C LYS N 223 -59.99 81.29 -34.66
N ILE N 224 -60.67 80.20 -34.30
CA ILE N 224 -61.56 79.54 -35.24
C ILE N 224 -62.72 80.46 -35.66
N ARG N 225 -63.21 81.26 -34.72
CA ARG N 225 -64.31 82.18 -35.03
C ARG N 225 -63.87 83.08 -36.19
N SER N 226 -62.68 83.64 -36.05
CA SER N 226 -62.09 84.49 -37.10
C SER N 226 -61.92 83.72 -38.42
N THR N 227 -61.45 82.48 -38.34
CA THR N 227 -61.22 81.67 -39.53
C THR N 227 -62.54 81.30 -40.22
N LEU N 228 -63.58 81.01 -39.44
CA LEU N 228 -64.90 80.71 -40.01
C LEU N 228 -65.39 81.91 -40.80
N ASN N 229 -65.24 83.09 -40.22
CA ASN N 229 -65.61 84.33 -40.90
C ASN N 229 -64.90 84.48 -42.23
N GLU N 230 -63.60 84.19 -42.25
CA GLU N 230 -62.79 84.28 -43.47
C GLU N 230 -63.20 83.22 -44.52
N ILE N 231 -63.38 81.99 -44.07
CA ILE N 231 -63.73 80.91 -44.98
C ILE N 231 -65.17 80.96 -45.51
N TYR N 232 -66.13 81.13 -44.62
CA TYR N 232 -67.53 81.12 -45.00
C TYR N 232 -67.86 82.35 -45.82
N PHE N 233 -67.44 83.52 -45.35
CA PHE N 233 -67.93 84.76 -45.95
C PHE N 233 -66.92 85.43 -46.86
N GLY N 234 -65.67 84.98 -46.79
CA GLY N 234 -64.64 85.45 -47.70
C GLY N 234 -64.37 84.46 -48.83
N LYS N 235 -63.82 83.31 -48.47
CA LYS N 235 -63.39 82.29 -49.42
C LYS N 235 -64.52 81.67 -50.28
N THR N 236 -65.57 81.12 -49.67
CA THR N 236 -66.62 80.49 -50.47
C THR N 236 -67.34 81.51 -51.36
N LYS N 237 -67.50 82.73 -50.85
CA LYS N 237 -68.09 83.81 -51.64
C LYS N 237 -67.21 84.19 -52.84
N ASP N 238 -65.91 84.29 -52.62
CA ASP N 238 -64.97 84.54 -53.72
C ASP N 238 -65.07 83.44 -54.78
N ILE N 239 -65.27 82.21 -54.33
CA ILE N 239 -65.40 81.11 -55.26
C ILE N 239 -66.66 81.27 -56.12
N VAL N 240 -67.79 81.51 -55.46
CA VAL N 240 -69.04 81.80 -56.15
C VAL N 240 -68.89 82.94 -57.19
N ASN N 241 -68.32 84.07 -56.77
CA ASN N 241 -68.12 85.21 -57.64
C ASN N 241 -67.29 84.91 -58.88
N GLY N 242 -66.44 83.89 -58.82
CA GLY N 242 -65.62 83.50 -59.94
C GLY N 242 -66.16 82.35 -60.78
N LEU N 243 -67.33 81.84 -60.42
CA LEU N 243 -67.86 80.72 -61.14
C LEU N 243 -68.23 81.05 -62.58
N ARG N 244 -68.96 82.12 -62.87
CA ARG N 244 -69.26 83.25 -61.98
C ARG N 244 -70.74 83.34 -61.57
N VAL O 1 -64.00 47.08 -68.51
CA VAL O 1 -63.72 48.31 -67.79
C VAL O 1 -62.79 48.05 -66.60
N ASN O 2 -61.83 48.94 -66.39
CA ASN O 2 -60.85 48.76 -65.32
C ASN O 2 -61.02 49.82 -64.22
N PHE O 3 -60.90 49.40 -62.96
CA PHE O 3 -61.07 50.34 -61.85
C PHE O 3 -59.75 50.95 -61.38
N ASP O 4 -58.65 50.19 -61.48
CA ASP O 4 -57.34 50.69 -61.10
C ASP O 4 -57.00 51.85 -62.03
N ASP O 5 -57.80 51.95 -63.08
CA ASP O 5 -57.75 53.04 -64.04
C ASP O 5 -58.00 54.36 -63.33
N ILE O 6 -59.04 54.39 -62.51
CA ILE O 6 -59.45 55.60 -61.82
C ILE O 6 -58.54 55.93 -60.64
N ALA O 7 -57.74 56.97 -60.79
CA ALA O 7 -56.86 57.41 -59.73
C ALA O 7 -57.15 58.89 -59.46
N SER O 8 -57.02 59.33 -58.21
CA SER O 8 -56.70 58.50 -57.06
C SER O 8 -56.73 59.40 -55.84
N SER O 9 -57.53 59.01 -54.86
CA SER O 9 -57.59 59.73 -53.59
C SER O 9 -56.34 59.43 -52.75
N GLU O 10 -55.35 60.32 -52.80
CA GLU O 10 -54.33 60.31 -51.77
C GLU O 10 -54.97 61.04 -50.61
N ASN O 11 -55.32 60.29 -49.57
CA ASN O 11 -56.21 60.79 -48.53
C ASN O 11 -55.75 62.09 -47.85
N LEU O 12 -56.72 62.92 -47.49
CA LEU O 12 -56.47 64.10 -46.65
C LEU O 12 -56.01 63.65 -45.28
N LEU O 13 -55.43 64.57 -44.51
CA LEU O 13 -55.03 64.27 -43.14
C LEU O 13 -56.23 64.43 -42.21
N HIS O 14 -56.36 63.53 -41.24
CA HIS O 14 -57.55 63.48 -40.40
C HIS O 14 -57.24 63.78 -38.93
N LEU O 15 -57.51 65.01 -38.52
CA LEU O 15 -57.16 65.45 -37.17
C LEU O 15 -57.96 64.74 -36.09
N THR O 16 -59.17 64.27 -36.41
CA THR O 16 -60.02 63.66 -35.39
C THR O 16 -59.59 62.22 -35.13
N ALA O 17 -58.75 61.67 -36.00
CA ALA O 17 -58.36 60.29 -35.86
C ALA O 17 -57.52 59.99 -34.61
N ASN O 18 -56.81 61.01 -34.09
CA ASN O 18 -55.88 60.80 -32.97
C ASN O 18 -56.30 61.34 -31.60
N ARG O 19 -57.54 61.79 -31.47
CA ARG O 19 -58.03 62.29 -30.18
C ARG O 19 -58.13 61.17 -29.16
N PRO O 20 -58.01 61.52 -27.86
CA PRO O 20 -58.10 60.51 -26.80
C PRO O 20 -59.37 59.66 -26.94
N LYS O 21 -59.21 58.36 -26.85
CA LYS O 21 -60.35 57.46 -26.97
C LYS O 21 -60.79 57.03 -25.58
N MET O 22 -62.08 56.78 -25.45
CA MET O 22 -62.64 56.24 -24.24
C MET O 22 -63.09 54.83 -24.59
N PRO O 23 -62.20 53.86 -24.40
CA PRO O 23 -62.45 52.47 -24.77
C PRO O 23 -63.49 51.80 -23.88
N GLY O 24 -64.03 50.69 -24.35
CA GLY O 24 -64.86 49.85 -23.52
C GLY O 24 -66.20 50.47 -23.18
N ARG O 25 -66.95 50.82 -24.21
CA ARG O 25 -68.33 51.26 -24.02
C ARG O 25 -69.22 50.44 -24.93
N ARG O 26 -70.44 50.17 -24.46
CA ARG O 26 -71.38 49.40 -25.26
C ARG O 26 -71.78 50.22 -26.48
N LEU O 27 -71.85 49.56 -27.63
CA LEU O 27 -72.36 50.18 -28.84
C LEU O 27 -73.87 50.40 -28.69
N PRO O 28 -74.45 51.27 -29.54
CA PRO O 28 -75.92 51.28 -29.59
C PRO O 28 -76.41 50.00 -30.27
N GLY O 29 -77.67 49.63 -30.07
CA GLY O 29 -78.23 48.47 -30.77
C GLY O 29 -78.39 48.71 -32.27
N VAL P 8 13.08 -11.28 32.17
CA VAL P 8 12.90 -10.56 30.91
C VAL P 8 13.28 -11.43 29.72
N SER P 9 12.38 -11.47 28.73
CA SER P 9 12.57 -12.37 27.60
C SER P 9 13.48 -11.76 26.55
N ASP P 10 14.05 -12.61 25.70
CA ASP P 10 14.85 -12.14 24.59
C ASP P 10 14.04 -11.19 23.68
N GLU P 11 12.75 -11.48 23.50
CA GLU P 11 11.93 -10.62 22.65
C GLU P 11 11.78 -9.23 23.27
N GLU P 12 11.58 -9.19 24.58
CA GLU P 12 11.49 -7.92 25.28
C GLU P 12 12.84 -7.20 25.33
N LYS P 13 13.92 -7.96 25.45
CA LYS P 13 15.24 -7.35 25.44
C LYS P 13 15.50 -6.68 24.10
N VAL P 14 15.21 -7.38 23.01
CA VAL P 14 15.48 -6.79 21.70
C VAL P 14 14.53 -5.62 21.37
N ARG P 15 13.31 -5.65 21.89
CA ARG P 15 12.42 -4.50 21.73
C ARG P 15 13.04 -3.27 22.40
N ILE P 16 13.57 -3.48 23.59
CA ILE P 16 14.23 -2.40 24.32
C ILE P 16 15.45 -1.94 23.56
N ALA P 17 16.23 -2.89 23.05
CA ALA P 17 17.40 -2.54 22.25
C ALA P 17 17.02 -1.68 21.03
N ALA P 18 15.97 -2.08 20.32
CA ALA P 18 15.53 -1.35 19.13
C ALA P 18 15.08 0.04 19.50
N LYS P 19 14.38 0.14 20.62
CA LYS P 19 13.91 1.43 21.09
C LYS P 19 15.07 2.40 21.39
N PHE P 20 16.07 1.91 22.13
CA PHE P 20 17.24 2.71 22.47
C PHE P 20 17.90 3.19 21.18
N ILE P 21 18.16 2.26 20.25
CA ILE P 21 18.79 2.61 18.98
C ILE P 21 18.02 3.69 18.26
N THR P 22 16.70 3.60 18.27
CA THR P 22 15.91 4.63 17.59
C THR P 22 15.91 5.94 18.39
N HIS P 23 16.39 5.91 19.64
CA HIS P 23 16.39 7.15 20.42
C HIS P 23 17.74 7.83 20.56
N ALA P 24 18.68 7.39 19.74
CA ALA P 24 20.00 8.00 19.68
C ALA P 24 19.87 9.47 19.33
N PRO P 25 20.57 10.35 20.06
CA PRO P 25 20.61 11.78 19.70
C PRO P 25 21.32 11.99 18.37
N PRO P 26 21.20 13.19 17.78
CA PRO P 26 21.75 13.44 16.43
C PRO P 26 23.26 13.33 16.43
N GLY P 27 23.80 12.64 15.42
CA GLY P 27 25.24 12.47 15.29
C GLY P 27 25.85 11.42 16.21
N GLU P 28 25.04 10.74 17.01
CA GLU P 28 25.56 9.75 17.96
C GLU P 28 25.00 8.35 17.71
N PHE P 29 24.43 8.12 16.55
CA PHE P 29 23.88 6.80 16.24
C PHE P 29 24.87 5.65 16.47
N ASN P 30 26.11 5.79 16.00
CA ASN P 30 27.10 4.71 16.17
C ASN P 30 27.46 4.38 17.61
N GLU P 31 27.57 5.41 18.44
CA GLU P 31 27.90 5.18 19.84
C GLU P 31 26.76 4.44 20.51
N VAL P 32 25.53 4.86 20.23
CA VAL P 32 24.38 4.25 20.87
C VAL P 32 24.20 2.83 20.37
N PHE P 33 24.34 2.67 19.06
CA PHE P 33 24.27 1.33 18.50
C PHE P 33 25.28 0.36 19.12
N ASN P 34 26.52 0.79 19.26
CA ASN P 34 27.55 -0.08 19.83
C ASN P 34 27.28 -0.44 21.29
N ASP P 35 26.87 0.53 22.09
CA ASP P 35 26.47 0.26 23.47
C ASP P 35 25.42 -0.83 23.52
N VAL P 36 24.31 -0.62 22.79
CA VAL P 36 23.21 -1.55 22.81
C VAL P 36 23.66 -2.92 22.31
N ARG P 37 24.52 -2.94 21.31
CA ARG P 37 24.98 -4.21 20.75
C ARG P 37 25.74 -5.02 21.80
N LEU P 38 26.59 -4.34 22.58
CA LEU P 38 27.36 -5.03 23.62
C LEU P 38 26.49 -5.44 24.79
N LEU P 39 25.50 -4.62 25.13
CA LEU P 39 24.58 -4.96 26.22
C LEU P 39 23.71 -6.18 25.87
N LEU P 40 23.17 -6.21 24.66
CA LEU P 40 22.33 -7.33 24.23
C LEU P 40 23.16 -8.60 24.11
N ASN P 41 24.38 -8.44 23.60
CA ASN P 41 25.34 -9.54 23.47
C ASN P 41 24.75 -10.73 22.72
N ASN P 42 24.11 -10.44 21.61
CA ASN P 42 23.46 -11.48 20.83
C ASN P 42 23.18 -10.96 19.43
N ASP P 43 24.20 -11.00 18.60
CA ASP P 43 24.09 -10.39 17.27
C ASP P 43 22.93 -10.95 16.44
N ASN P 44 22.66 -12.24 16.57
CA ASN P 44 21.55 -12.84 15.83
C ASN P 44 20.22 -12.24 16.25
N LEU P 45 20.02 -12.15 17.56
CA LEU P 45 18.82 -11.55 18.10
C LEU P 45 18.70 -10.10 17.62
N LEU P 46 19.80 -9.37 17.63
CA LEU P 46 19.78 -7.96 17.26
C LEU P 46 19.41 -7.82 15.80
N ARG P 47 20.04 -8.62 14.95
CA ARG P 47 19.80 -8.59 13.52
C ARG P 47 18.32 -8.82 13.20
N GLU P 48 17.74 -9.82 13.85
CA GLU P 48 16.39 -10.25 13.49
C GLU P 48 15.29 -9.43 14.15
N GLY P 49 15.61 -8.80 15.27
CA GLY P 49 14.61 -8.08 16.05
C GLY P 49 14.76 -6.57 16.06
N ALA P 50 15.87 -6.08 15.50
CA ALA P 50 16.11 -4.64 15.49
C ALA P 50 16.51 -4.16 14.10
N ALA P 51 16.27 -5.01 13.10
CA ALA P 51 16.66 -4.69 11.73
C ALA P 51 15.99 -3.40 11.27
N HIS P 52 14.72 -3.26 11.60
CA HIS P 52 13.93 -2.08 11.22
C HIS P 52 14.51 -0.79 11.81
N ALA P 53 15.20 -0.91 12.94
CA ALA P 53 15.60 0.26 13.71
C ALA P 53 16.54 1.21 12.98
N PHE P 54 17.37 0.66 12.09
CA PHE P 54 18.33 1.48 11.37
C PHE P 54 17.61 2.38 10.38
N ALA P 55 16.73 1.79 9.58
CA ALA P 55 15.96 2.54 8.61
C ALA P 55 15.08 3.55 9.33
N GLN P 56 14.39 3.10 10.36
CA GLN P 56 13.49 3.98 11.10
C GLN P 56 14.20 5.24 11.57
N TYR P 57 15.38 5.07 12.15
CA TYR P 57 16.14 6.20 12.63
C TYR P 57 16.50 7.18 11.53
N ASN P 58 17.10 6.67 10.46
CA ASN P 58 17.53 7.51 9.34
C ASN P 58 16.41 8.34 8.75
N MET P 59 15.26 7.72 8.51
CA MET P 59 14.14 8.42 7.92
C MET P 59 13.57 9.40 8.93
N ASP P 60 13.61 9.02 10.20
CA ASP P 60 13.10 9.87 11.27
C ASP P 60 13.95 11.14 11.42
N GLN P 61 15.24 11.00 11.14
CA GLN P 61 16.17 12.09 11.34
C GLN P 61 16.42 12.91 10.08
N PHE P 62 15.76 12.55 8.98
CA PHE P 62 16.00 13.20 7.69
C PHE P 62 17.52 13.20 7.38
N THR P 63 18.15 12.04 7.51
CA THR P 63 19.57 11.93 7.25
C THR P 63 19.92 12.40 5.85
N PRO P 64 20.76 13.45 5.74
CA PRO P 64 21.16 13.85 4.38
C PRO P 64 22.27 12.94 3.88
N VAL P 65 22.23 12.58 2.60
CA VAL P 65 23.25 11.72 2.03
C VAL P 65 23.81 12.27 0.72
N LYS P 66 25.10 12.09 0.52
CA LYS P 66 25.74 12.58 -0.70
C LYS P 66 25.76 11.48 -1.75
N ILE P 67 25.30 11.81 -2.96
CA ILE P 67 25.37 10.86 -4.05
C ILE P 67 26.49 11.27 -5.01
N GLU P 68 27.34 10.31 -5.35
CA GLU P 68 28.44 10.59 -6.27
C GLU P 68 27.93 11.05 -7.63
N GLY P 69 28.40 12.21 -8.05
CA GLY P 69 28.05 12.73 -9.37
C GLY P 69 26.92 13.74 -9.35
N TYR P 70 26.31 13.94 -8.19
CA TYR P 70 25.26 14.94 -8.08
C TYR P 70 25.59 15.91 -6.95
N ASP P 71 25.62 17.20 -7.26
CA ASP P 71 25.88 18.22 -6.26
C ASP P 71 24.70 18.35 -5.30
N ASP P 72 24.94 18.94 -4.14
CA ASP P 72 23.93 19.01 -3.11
C ASP P 72 23.47 17.60 -2.75
N GLN P 73 22.85 17.47 -1.58
CA GLN P 73 22.51 16.15 -1.09
C GLN P 73 21.00 15.95 -1.08
N VAL P 74 20.56 14.77 -0.63
CA VAL P 74 19.13 14.42 -0.58
C VAL P 74 18.79 13.86 0.78
N LEU P 75 17.56 14.08 1.24
CA LEU P 75 17.18 13.61 2.58
C LEU P 75 16.60 12.21 2.51
N ILE P 76 17.03 11.34 3.42
CA ILE P 76 16.40 10.05 3.59
C ILE P 76 15.13 10.26 4.42
N THR P 77 13.97 10.05 3.80
CA THR P 77 12.72 10.20 4.52
C THR P 77 11.73 9.12 4.11
N GLU P 78 10.63 9.01 4.85
CA GLU P 78 9.64 7.99 4.55
C GLU P 78 9.05 8.24 3.17
N HIS P 79 9.04 9.51 2.77
CA HIS P 79 8.42 9.91 1.53
C HIS P 79 9.25 9.48 0.32
N GLY P 80 10.51 9.12 0.56
CA GLY P 80 11.40 8.72 -0.51
C GLY P 80 11.66 7.24 -0.54
N ASP P 81 11.04 6.52 0.39
CA ASP P 81 11.30 5.11 0.55
C ASP P 81 10.68 4.36 -0.61
N LEU P 82 11.53 3.77 -1.43
CA LEU P 82 11.07 3.04 -2.60
C LEU P 82 11.05 1.55 -2.34
N GLY P 83 11.33 1.16 -1.09
CA GLY P 83 11.42 -0.25 -0.74
C GLY P 83 12.65 -0.88 -1.39
N ASN P 84 12.92 -2.13 -1.04
CA ASN P 84 14.06 -2.85 -1.59
C ASN P 84 15.38 -2.13 -1.29
N GLY P 85 15.36 -1.24 -0.29
CA GLY P 85 16.55 -0.54 0.15
C GLY P 85 16.95 0.63 -0.74
N ARG P 86 16.04 1.04 -1.61
CA ARG P 86 16.29 2.16 -2.50
C ARG P 86 15.43 3.37 -2.13
N PHE P 87 15.98 4.55 -2.35
CA PHE P 87 15.27 5.78 -2.03
C PHE P 87 15.23 6.70 -3.25
N LEU P 88 14.24 7.59 -3.27
CA LEU P 88 13.99 8.47 -4.40
C LEU P 88 14.59 9.84 -4.15
N ASP P 89 15.29 10.36 -5.16
CA ASP P 89 15.74 11.74 -5.15
C ASP P 89 14.91 12.48 -6.19
N PRO P 90 13.87 13.18 -5.75
CA PRO P 90 12.91 13.79 -6.69
C PRO P 90 13.53 14.97 -7.44
N ARG P 91 14.58 15.56 -6.90
CA ARG P 91 15.21 16.70 -7.56
C ARG P 91 16.06 16.26 -8.75
N ASN P 92 16.83 15.20 -8.55
CA ASN P 92 17.74 14.72 -9.58
C ASN P 92 17.10 13.63 -10.43
N LYS P 93 15.86 13.29 -10.09
CA LYS P 93 15.06 12.34 -10.85
C LYS P 93 15.80 11.01 -10.93
N ILE P 94 16.15 10.50 -9.76
CA ILE P 94 16.99 9.32 -9.65
C ILE P 94 16.53 8.50 -8.46
N SER P 95 16.78 7.19 -8.51
CA SER P 95 16.68 6.37 -7.30
C SER P 95 18.09 5.92 -6.96
N PHE P 96 18.31 5.56 -5.71
CA PHE P 96 19.62 5.09 -5.30
C PHE P 96 19.48 4.04 -4.21
N LYS P 97 20.50 3.18 -4.10
CA LYS P 97 20.58 2.22 -3.02
C LYS P 97 21.11 2.94 -1.79
N PHE P 98 20.54 2.64 -0.62
CA PHE P 98 21.00 3.24 0.62
C PHE P 98 21.24 2.20 1.70
N ASP P 99 22.46 2.21 2.23
CA ASP P 99 22.84 1.33 3.33
C ASP P 99 22.64 2.09 4.64
N HIS P 100 21.66 1.65 5.43
CA HIS P 100 21.31 2.36 6.65
C HIS P 100 22.40 2.35 7.73
N LEU P 101 23.19 1.29 7.75
CA LEU P 101 24.24 1.16 8.76
C LEU P 101 25.41 2.05 8.40
N ARG P 102 25.89 1.89 7.17
CA ARG P 102 27.06 2.62 6.72
C ARG P 102 26.69 4.03 6.26
N LYS P 103 25.39 4.31 6.18
CA LYS P 103 24.88 5.61 5.71
C LYS P 103 25.54 6.06 4.41
N GLU P 104 25.48 5.18 3.40
CA GLU P 104 26.08 5.49 2.12
C GLU P 104 25.11 5.18 0.97
N ALA P 105 25.05 6.11 0.02
CA ALA P 105 24.26 5.91 -1.18
C ALA P 105 25.13 5.23 -2.24
N SER P 106 24.48 4.48 -3.13
CA SER P 106 25.19 3.84 -4.23
C SER P 106 24.21 3.49 -5.33
N ASP P 107 24.76 3.28 -6.53
CA ASP P 107 23.97 2.77 -7.65
C ASP P 107 22.85 3.70 -8.09
N PRO P 108 23.18 4.97 -8.37
CA PRO P 108 22.18 5.90 -8.87
C PRO P 108 21.62 5.43 -10.19
N GLN P 109 20.30 5.50 -10.36
CA GLN P 109 19.69 5.15 -11.62
C GLN P 109 18.58 6.11 -11.97
N PRO P 110 18.53 6.55 -13.23
CA PRO P 110 17.41 7.37 -13.69
C PRO P 110 16.09 6.72 -13.25
N GLU P 111 15.20 7.52 -12.67
CA GLU P 111 13.91 7.01 -12.23
C GLU P 111 12.79 7.86 -12.81
N ASP P 112 11.80 7.21 -13.40
CA ASP P 112 10.68 7.93 -13.99
C ASP P 112 9.89 8.64 -12.90
N THR P 113 9.92 9.98 -12.94
CA THR P 113 9.33 10.80 -11.88
C THR P 113 8.08 11.53 -12.39
N GLU P 114 7.81 11.37 -13.68
CA GLU P 114 6.67 12.06 -14.31
C GLU P 114 5.40 12.00 -13.46
N SER P 115 4.60 13.06 -13.57
CA SER P 115 3.46 13.26 -12.69
C SER P 115 2.77 14.54 -13.12
N ALA P 116 1.51 14.71 -12.70
CA ALA P 116 0.80 15.96 -12.96
C ALA P 116 1.17 16.98 -11.88
N LEU P 117 1.99 16.54 -10.94
CA LEU P 117 2.48 17.38 -9.87
C LEU P 117 3.85 17.90 -10.23
N LYS P 118 4.45 17.25 -11.21
CA LYS P 118 5.84 17.48 -11.62
C LYS P 118 6.30 18.94 -11.55
N GLN P 119 5.57 19.82 -12.23
CA GLN P 119 6.00 21.21 -12.37
C GLN P 119 5.86 22.00 -11.07
N TRP P 120 4.93 21.60 -10.22
CA TRP P 120 4.75 22.26 -8.93
C TRP P 120 5.86 21.88 -7.97
N ARG P 121 6.13 20.59 -7.90
CA ARG P 121 7.22 20.07 -7.07
C ARG P 121 8.50 20.81 -7.40
N ASP P 122 8.70 21.05 -8.70
CA ASP P 122 9.91 21.68 -9.22
C ASP P 122 9.98 23.15 -8.87
N ALA P 123 8.85 23.84 -8.98
CA ALA P 123 8.82 25.26 -8.64
C ALA P 123 8.99 25.44 -7.12
N CYS P 124 8.34 24.59 -6.34
CA CYS P 124 8.49 24.65 -4.89
C CYS P 124 9.91 24.31 -4.47
N ASP P 125 10.47 23.28 -5.11
CA ASP P 125 11.83 22.84 -4.82
C ASP P 125 12.87 23.92 -5.08
N SER P 126 12.77 24.59 -6.24
CA SER P 126 13.78 25.61 -6.55
C SER P 126 13.65 26.79 -5.59
N ALA P 127 12.42 27.17 -5.24
CA ALA P 127 12.20 28.22 -4.25
C ALA P 127 12.69 27.81 -2.86
N LEU P 128 12.36 26.61 -2.44
CA LEU P 128 12.78 26.17 -1.11
C LEU P 128 14.29 26.06 -1.01
N ARG P 129 14.91 25.59 -2.09
CA ARG P 129 16.36 25.41 -2.10
C ARG P 129 17.03 26.75 -1.84
N ALA P 130 16.53 27.81 -2.47
CA ALA P 130 17.06 29.14 -2.20
C ALA P 130 16.75 29.61 -0.77
N TYR P 131 15.54 29.34 -0.29
CA TYR P 131 15.22 29.65 1.10
C TYR P 131 16.20 28.95 2.05
N VAL P 132 16.49 27.70 1.79
CA VAL P 132 17.35 26.93 2.68
C VAL P 132 18.80 27.42 2.64
N LYS P 133 19.30 27.76 1.46
CA LYS P 133 20.67 28.31 1.39
C LYS P 133 20.80 29.60 2.17
N ASP P 134 19.74 30.41 2.16
CA ASP P 134 19.74 31.71 2.87
C ASP P 134 19.56 31.57 4.37
N HIS P 135 18.70 30.66 4.80
CA HIS P 135 18.26 30.59 6.20
C HIS P 135 19.01 29.61 7.08
N TYR P 136 19.75 28.69 6.47
CA TYR P 136 20.47 27.65 7.18
C TYR P 136 21.94 27.59 6.76
N PRO P 137 22.85 27.47 7.73
CA PRO P 137 24.28 27.36 7.43
C PRO P 137 24.59 26.06 6.69
N ASN P 138 23.98 24.98 7.11
CA ASN P 138 24.25 23.66 6.56
C ASN P 138 22.98 22.94 6.14
N GLY P 139 22.04 23.67 5.55
CA GLY P 139 20.72 23.10 5.32
C GLY P 139 20.68 22.21 4.09
N PHE P 140 19.72 21.28 4.07
CA PHE P 140 19.43 20.50 2.88
C PHE P 140 17.93 20.33 2.84
N CYS P 141 17.37 20.25 1.65
CA CYS P 141 15.93 20.08 1.53
C CYS P 141 15.59 19.15 0.39
N THR P 142 14.47 18.45 0.55
CA THR P 142 13.96 17.52 -0.44
C THR P 142 12.47 17.73 -0.50
N VAL P 143 11.93 17.91 -1.71
CA VAL P 143 10.52 18.18 -1.87
C VAL P 143 9.87 17.09 -2.72
N TYR P 144 8.81 16.51 -2.20
CA TYR P 144 8.17 15.38 -2.86
C TYR P 144 6.83 15.84 -3.38
N GLY P 145 6.44 15.27 -4.51
CA GLY P 145 5.15 15.58 -5.09
C GLY P 145 4.41 14.29 -5.32
N LYS P 146 3.36 14.06 -4.53
CA LYS P 146 2.61 12.82 -4.65
C LYS P 146 1.11 13.00 -4.35
N SER P 147 0.33 12.01 -4.77
CA SER P 147 -1.10 12.02 -4.53
C SER P 147 -1.43 11.10 -3.36
N ILE P 148 -1.92 11.68 -2.28
CA ILE P 148 -2.37 10.87 -1.15
C ILE P 148 -3.88 11.04 -0.94
N ASP P 149 -4.60 9.93 -0.93
CA ASP P 149 -6.05 9.95 -0.86
C ASP P 149 -6.63 10.75 -2.03
N GLY P 150 -5.97 10.67 -3.18
CA GLY P 150 -6.39 11.42 -4.36
C GLY P 150 -6.02 12.89 -4.32
N GLN P 151 -5.76 13.40 -3.11
CA GLN P 151 -5.39 14.80 -2.92
C GLN P 151 -3.96 15.05 -3.36
N GLN P 152 -3.76 16.10 -4.16
CA GLN P 152 -2.42 16.48 -4.58
C GLN P 152 -1.68 17.21 -3.46
N THR P 153 -0.56 16.64 -3.03
CA THR P 153 0.21 17.16 -1.90
C THR P 153 1.68 17.42 -2.22
N ILE P 154 2.17 18.57 -1.80
CA ILE P 154 3.61 18.85 -1.87
C ILE P 154 4.15 18.66 -0.46
N ILE P 155 5.22 17.88 -0.34
CA ILE P 155 5.81 17.63 0.96
C ILE P 155 7.24 18.16 0.99
N ALA P 156 7.44 19.23 1.75
CA ALA P 156 8.74 19.87 1.85
C ALA P 156 9.46 19.48 3.14
N CYS P 157 10.66 18.94 3.00
CA CYS P 157 11.44 18.48 4.14
C CYS P 157 12.74 19.25 4.21
N ILE P 158 13.07 19.74 5.40
CA ILE P 158 14.30 20.49 5.61
C ILE P 158 15.08 19.88 6.76
N GLU P 159 16.38 19.70 6.59
CA GLU P 159 17.27 19.24 7.65
C GLU P 159 18.46 20.19 7.76
N SER P 160 18.94 20.40 8.98
CA SER P 160 20.20 21.07 9.20
C SER P 160 20.82 20.58 10.50
N HIS P 161 22.11 20.28 10.48
CA HIS P 161 22.76 19.82 11.70
C HIS P 161 24.17 20.36 11.84
N GLN P 162 24.68 20.26 13.06
CA GLN P 162 26.04 20.60 13.37
C GLN P 162 26.51 19.54 14.36
N PHE P 163 27.45 18.70 13.94
CA PHE P 163 28.00 17.68 14.82
C PHE P 163 29.39 18.11 15.26
N GLN P 164 29.61 18.17 16.57
CA GLN P 164 30.96 18.40 17.08
C GLN P 164 31.25 17.50 18.28
N PRO P 165 31.38 16.20 18.02
CA PRO P 165 31.58 15.20 19.08
C PRO P 165 32.82 15.51 19.92
N LYS P 166 33.85 16.09 19.30
CA LYS P 166 35.06 16.48 20.02
C LYS P 166 34.82 17.57 21.04
N ASN P 167 33.79 18.39 20.86
CA ASN P 167 33.44 19.37 21.88
C ASN P 167 32.23 18.91 22.68
N PHE P 168 31.90 17.62 22.51
CA PHE P 168 30.80 16.98 23.23
C PHE P 168 29.44 17.63 22.99
N TRP P 169 29.13 17.95 21.74
CA TRP P 169 27.77 18.39 21.44
C TRP P 169 27.39 18.17 19.98
N ASN P 170 26.08 18.01 19.77
CA ASN P 170 25.50 17.85 18.46
C ASN P 170 24.16 18.51 18.49
N GLY P 171 23.71 18.99 17.34
CA GLY P 171 22.38 19.58 17.23
C GLY P 171 21.81 19.32 15.86
N ARG P 172 20.49 19.33 15.75
CA ARG P 172 19.81 19.12 14.48
C ARG P 172 18.46 19.80 14.47
N TRP P 173 18.16 20.41 13.34
CA TRP P 173 16.84 20.96 13.04
C TRP P 173 16.22 20.09 11.98
N ARG P 174 14.93 19.83 12.11
CA ARG P 174 14.15 19.18 11.07
C ARG P 174 12.84 19.93 10.93
N SER P 175 12.40 20.17 9.70
CA SER P 175 11.05 20.68 9.47
C SER P 175 10.38 19.94 8.33
N GLU P 176 9.10 19.67 8.48
CA GLU P 176 8.35 19.00 7.45
C GLU P 176 7.04 19.75 7.21
N TRP P 177 6.86 20.23 5.98
CA TRP P 177 5.70 21.02 5.60
C TRP P 177 4.88 20.27 4.57
N LYS P 178 3.58 20.19 4.81
CA LYS P 178 2.66 19.52 3.89
C LYS P 178 1.63 20.50 3.34
N PHE P 179 1.63 20.66 2.03
CA PHE P 179 0.67 21.52 1.35
C PHE P 179 -0.30 20.62 0.58
N THR P 180 -1.57 20.65 0.98
CA THR P 180 -2.59 19.83 0.34
C THR P 180 -3.38 20.75 -0.55
N ILE P 181 -3.16 20.62 -1.86
CA ILE P 181 -3.69 21.56 -2.85
C ILE P 181 -5.16 21.34 -3.18
N THR P 182 -5.96 22.38 -2.94
CA THR P 182 -7.38 22.36 -3.26
C THR P 182 -7.81 23.77 -3.67
N PRO P 183 -7.50 24.17 -4.92
CA PRO P 183 -7.79 25.53 -5.41
C PRO P 183 -9.18 26.00 -4.98
N PRO P 184 -9.32 27.26 -4.55
CA PRO P 184 -8.28 28.28 -4.61
C PRO P 184 -7.44 28.31 -3.34
N THR P 185 -7.51 27.27 -2.52
CA THR P 185 -6.85 27.24 -1.22
C THR P 185 -6.05 25.97 -0.97
N ALA P 186 -4.84 26.12 -0.44
CA ALA P 186 -4.05 24.97 -0.01
C ALA P 186 -4.05 24.81 1.50
N GLN P 187 -4.22 23.58 1.97
CA GLN P 187 -4.13 23.28 3.38
C GLN P 187 -2.70 23.07 3.81
N VAL P 188 -2.29 23.76 4.87
CA VAL P 188 -0.91 23.70 5.32
C VAL P 188 -0.80 23.05 6.69
N ALA P 189 -0.04 21.96 6.75
CA ALA P 189 0.32 21.32 8.02
C ALA P 189 1.83 21.18 8.11
N ALA P 190 2.39 21.39 9.30
CA ALA P 190 3.83 21.30 9.46
C ALA P 190 4.20 20.89 10.88
N VAL P 191 5.37 20.28 10.99
CA VAL P 191 5.97 19.97 12.27
C VAL P 191 7.41 20.51 12.23
N LEU P 192 7.76 21.36 13.19
CA LEU P 192 9.13 21.85 13.31
C LEU P 192 9.77 21.20 14.52
N LYS P 193 11.02 20.77 14.39
CA LYS P 193 11.70 20.03 15.47
C LYS P 193 13.12 20.50 15.67
N ILE P 194 13.51 20.62 16.93
CA ILE P 194 14.90 20.88 17.27
C ILE P 194 15.36 19.93 18.37
N GLN P 195 16.59 19.47 18.27
CA GLN P 195 17.19 18.70 19.35
C GLN P 195 18.64 19.09 19.49
N VAL P 196 19.06 19.37 20.72
CA VAL P 196 20.44 19.69 20.99
C VAL P 196 20.90 18.84 22.16
N HIS P 197 22.11 18.32 22.06
CA HIS P 197 22.69 17.48 23.09
C HIS P 197 24.08 17.99 23.46
N TYR P 198 24.26 18.27 24.75
CA TYR P 198 25.56 18.64 25.29
C TYR P 198 25.96 17.62 26.37
N TYR P 199 27.17 17.09 26.26
CA TYR P 199 27.56 15.99 27.15
C TYR P 199 28.99 15.98 27.66
N GLU P 200 29.60 17.15 27.82
CA GLU P 200 30.85 17.19 28.55
C GLU P 200 30.59 17.01 30.04
N ASP P 201 30.99 15.86 30.58
CA ASP P 201 30.73 15.55 31.98
C ASP P 201 29.27 15.80 32.35
N GLY P 202 28.39 15.33 31.49
CA GLY P 202 26.97 15.36 31.80
C GLY P 202 26.15 14.98 30.60
N ASN P 203 24.85 15.20 30.70
CA ASN P 203 23.95 14.91 29.59
C ASN P 203 22.80 15.88 29.66
N VAL P 204 22.86 16.90 28.81
CA VAL P 204 21.85 17.95 28.83
C VAL P 204 21.26 18.00 27.42
N GLN P 205 19.93 18.01 27.32
CA GLN P 205 19.31 18.07 26.00
C GLN P 205 18.17 19.07 25.90
N LEU P 206 18.15 19.79 24.77
CA LEU P 206 16.99 20.59 24.37
C LEU P 206 16.20 19.72 23.43
N VAL P 207 14.92 19.52 23.73
CA VAL P 207 14.02 18.81 22.83
C VAL P 207 12.81 19.71 22.62
N SER P 208 12.54 20.07 21.38
CA SER P 208 11.40 20.92 21.12
C SER P 208 10.70 20.62 19.81
N HIS P 209 9.43 20.91 19.74
CA HIS P 209 8.73 20.82 18.48
C HIS P 209 7.46 21.62 18.52
N LYS P 210 7.05 22.06 17.34
CA LYS P 210 5.86 22.85 17.20
C LYS P 210 5.07 22.42 15.98
N ASP P 211 3.77 22.31 16.13
CA ASP P 211 2.90 21.91 15.03
C ASP P 211 2.33 23.17 14.44
N ILE P 212 2.34 23.24 13.12
CA ILE P 212 1.77 24.38 12.41
C ILE P 212 0.56 23.92 11.61
N GLN P 213 -0.51 24.72 11.64
CA GLN P 213 -1.71 24.46 10.85
C GLN P 213 -2.14 25.76 10.18
N ASP P 214 -2.27 25.74 8.86
CA ASP P 214 -2.52 26.97 8.13
C ASP P 214 -3.11 26.70 6.75
N SER P 215 -3.26 27.76 5.97
CA SER P 215 -3.79 27.67 4.61
C SER P 215 -3.29 28.83 3.76
N VAL P 216 -3.13 28.59 2.47
CA VAL P 216 -2.66 29.63 1.55
C VAL P 216 -3.46 29.67 0.27
N GLN P 217 -3.52 30.84 -0.33
CA GLN P 217 -4.08 30.99 -1.66
C GLN P 217 -3.18 30.27 -2.65
N VAL P 218 -3.78 29.52 -3.55
CA VAL P 218 -3.03 28.84 -4.59
C VAL P 218 -3.33 29.53 -5.91
N SER P 219 -2.32 29.68 -6.76
CA SER P 219 -2.47 30.36 -8.05
C SER P 219 -1.62 29.67 -9.12
N SER P 220 -0.66 30.41 -9.65
CA SER P 220 0.29 29.86 -10.61
C SER P 220 1.31 28.98 -9.90
N ASP P 221 1.90 28.05 -10.64
CA ASP P 221 2.94 27.20 -10.06
C ASP P 221 3.99 28.05 -9.37
N VAL P 222 4.51 29.03 -10.09
CA VAL P 222 5.59 29.89 -9.59
C VAL P 222 5.13 30.77 -8.42
N GLN P 223 3.95 31.36 -8.51
CA GLN P 223 3.49 32.29 -7.48
C GLN P 223 3.17 31.56 -6.19
N THR P 224 2.68 30.33 -6.32
CA THR P 224 2.31 29.57 -5.15
C THR P 224 3.57 29.22 -4.37
N ALA P 225 4.58 28.74 -5.07
CA ALA P 225 5.87 28.46 -4.48
C ALA P 225 6.32 29.64 -3.64
N LYS P 226 6.19 30.86 -4.18
CA LYS P 226 6.55 32.05 -3.42
C LYS P 226 5.71 32.15 -2.17
N GLU P 227 4.42 31.90 -2.31
CA GLU P 227 3.49 31.91 -1.18
C GLU P 227 3.87 30.89 -0.10
N PHE P 228 4.16 29.65 -0.52
CA PHE P 228 4.52 28.57 0.40
C PHE P 228 5.77 28.92 1.21
N ILE P 229 6.81 29.34 0.49
CA ILE P 229 8.08 29.69 1.09
C ILE P 229 7.92 30.87 2.07
N LYS P 230 7.01 31.78 1.77
CA LYS P 230 6.74 32.90 2.67
C LYS P 230 6.12 32.42 3.97
N ILE P 231 5.18 31.48 3.85
CA ILE P 231 4.56 30.87 5.01
C ILE P 231 5.63 30.17 5.84
N ILE P 232 6.46 29.37 5.19
CA ILE P 232 7.51 28.62 5.88
C ILE P 232 8.46 29.58 6.61
N GLU P 233 8.83 30.66 5.94
CA GLU P 233 9.77 31.61 6.51
C GLU P 233 9.21 32.29 7.76
N ASN P 234 7.97 32.75 7.68
CA ASN P 234 7.34 33.41 8.83
C ASN P 234 7.18 32.49 10.02
N ALA P 235 6.76 31.26 9.76
CA ALA P 235 6.55 30.28 10.82
C ALA P 235 7.87 29.92 11.46
N GLU P 236 8.87 29.60 10.65
CA GLU P 236 10.16 29.17 11.20
C GLU P 236 10.87 30.29 11.97
N ASN P 237 10.81 31.52 11.46
CA ASN P 237 11.36 32.64 12.24
C ASN P 237 10.61 32.87 13.55
N GLU P 238 9.28 32.76 13.50
CA GLU P 238 8.47 32.92 14.69
C GLU P 238 8.84 31.91 15.77
N TYR P 239 9.05 30.66 15.36
CA TYR P 239 9.39 29.58 16.25
C TYR P 239 10.77 29.82 16.86
N GLN P 240 11.73 30.13 16.02
CA GLN P 240 13.07 30.43 16.49
C GLN P 240 13.01 31.59 17.47
N THR P 241 12.22 32.61 17.13
CA THR P 241 12.06 33.74 18.04
C THR P 241 11.45 33.35 19.39
N ALA P 242 10.40 32.55 19.34
CA ALA P 242 9.77 32.06 20.57
C ALA P 242 10.75 31.25 21.40
N ILE P 243 11.62 30.50 20.73
CA ILE P 243 12.59 29.69 21.44
C ILE P 243 13.58 30.58 22.17
N SER P 244 14.05 31.62 21.48
CA SER P 244 14.92 32.60 22.08
C SER P 244 14.26 33.27 23.28
N GLU P 245 12.97 33.58 23.14
CA GLU P 245 12.24 34.19 24.25
C GLU P 245 12.10 33.27 25.46
N ASN P 246 11.98 31.96 25.21
CA ASN P 246 11.88 30.99 26.29
C ASN P 246 13.19 30.88 27.06
N TYR P 247 14.30 30.88 26.31
CA TYR P 247 15.63 30.84 26.90
C TYR P 247 15.84 32.02 27.83
N GLN P 248 15.41 33.19 27.40
CA GLN P 248 15.63 34.41 28.16
C GLN P 248 14.83 34.36 29.44
N THR P 249 13.58 33.90 29.34
CA THR P 249 12.70 33.77 30.48
C THR P 249 13.14 32.67 31.46
N MET P 250 13.62 31.56 30.93
CA MET P 250 14.19 30.51 31.76
C MET P 250 15.43 31.00 32.52
N SER P 251 16.23 31.85 31.87
CA SER P 251 17.45 32.39 32.47
C SER P 251 17.18 33.48 33.51
N ASP P 252 16.29 34.40 33.18
CA ASP P 252 16.05 35.59 34.00
C ASP P 252 15.03 35.39 35.12
N THR P 253 14.25 34.33 35.02
CA THR P 253 13.14 34.10 35.94
C THR P 253 13.23 32.74 36.63
N THR P 254 13.04 31.66 35.86
CA THR P 254 12.96 30.33 36.45
C THR P 254 14.26 29.88 37.11
N PHE P 255 15.38 29.99 36.40
CA PHE P 255 16.65 29.50 36.92
C PHE P 255 17.04 30.30 38.16
N LYS P 256 16.91 31.61 38.06
CA LYS P 256 17.24 32.49 39.19
C LYS P 256 16.44 32.13 40.44
N ALA P 257 15.14 31.85 40.26
CA ALA P 257 14.27 31.58 41.40
C ALA P 257 14.55 30.23 42.07
N LEU P 258 15.17 29.30 41.33
CA LEU P 258 15.43 27.98 41.87
C LEU P 258 16.49 27.97 42.99
N ARG P 259 17.55 28.73 42.79
CA ARG P 259 18.59 28.86 43.79
C ARG P 259 19.26 30.22 43.69
N ARG P 260 19.50 30.83 44.85
CA ARG P 260 20.24 32.07 44.96
C ARG P 260 21.71 31.87 44.57
N GLN P 261 22.35 32.92 44.09
CA GLN P 261 23.80 32.88 43.91
C GLN P 261 24.53 32.84 45.25
N LEU P 262 24.12 33.70 46.17
CA LEU P 262 24.65 33.75 47.53
C LEU P 262 23.50 33.99 48.49
N PRO P 263 23.66 33.59 49.77
CA PRO P 263 22.65 33.90 50.78
C PRO P 263 22.51 35.41 50.87
N VAL P 264 21.53 35.89 51.62
CA VAL P 264 21.25 37.31 51.74
C VAL P 264 22.43 38.10 52.31
N THR P 265 23.26 37.43 53.10
CA THR P 265 24.44 38.08 53.67
C THR P 265 25.44 38.49 52.61
N ARG P 266 25.26 37.99 51.40
CA ARG P 266 26.21 38.21 50.30
C ARG P 266 27.62 37.71 50.61
N THR P 267 27.70 36.74 51.52
CA THR P 267 28.93 36.03 51.74
C THR P 267 28.59 34.55 51.80
N LYS P 268 29.58 33.69 51.54
CA LYS P 268 29.38 32.28 51.78
C LYS P 268 29.06 32.00 53.24
N ILE P 269 28.51 30.81 53.48
CA ILE P 269 28.07 30.45 54.81
C ILE P 269 29.25 30.36 55.78
N ASP P 270 29.05 30.87 56.98
CA ASP P 270 29.97 30.63 58.09
C ASP P 270 29.54 29.36 58.81
N TRP P 271 30.20 28.25 58.50
CA TRP P 271 29.73 26.94 58.91
C TRP P 271 29.80 26.69 60.43
N ASN P 272 30.76 27.29 61.13
CA ASN P 272 30.79 27.16 62.58
C ASN P 272 29.53 27.74 63.20
N LYS P 273 29.08 28.85 62.63
CA LYS P 273 27.87 29.53 63.07
C LYS P 273 26.65 28.63 62.88
N ILE P 274 26.58 28.02 61.70
CA ILE P 274 25.45 27.19 61.32
C ILE P 274 25.31 26.02 62.29
N LEU P 275 26.42 25.62 62.89
CA LEU P 275 26.45 24.46 63.77
C LEU P 275 26.07 24.81 65.22
N SER P 276 25.98 26.10 65.52
CA SER P 276 25.58 26.57 66.84
C SER P 276 24.17 26.10 67.19
N ASP Q 3 33.67 -6.94 32.70
CA ASP Q 3 33.88 -6.45 31.36
C ASP Q 3 33.88 -4.91 31.16
N GLN Q 4 32.71 -4.25 31.15
CA GLN Q 4 32.48 -3.42 29.99
C GLN Q 4 31.01 -3.17 29.66
N GLN Q 5 30.13 -4.04 30.12
CA GLN Q 5 28.72 -3.82 29.97
C GLN Q 5 28.29 -2.63 30.83
N LEU Q 6 28.89 -2.53 32.02
CA LEU Q 6 28.63 -1.37 32.87
C LEU Q 6 29.06 -0.07 32.17
N ASP Q 7 30.19 -0.14 31.47
CA ASP Q 7 30.77 1.06 30.86
C ASP Q 7 29.86 1.56 29.74
N CYS Q 8 29.32 0.59 29.01
CA CYS Q 8 28.40 0.88 27.90
C CYS Q 8 27.05 1.38 28.39
N ALA Q 9 26.57 0.79 29.47
CA ALA Q 9 25.35 1.24 30.13
C ALA Q 9 25.44 2.72 30.53
N LEU Q 10 26.49 3.08 31.25
CA LEU Q 10 26.69 4.48 31.63
C LEU Q 10 26.80 5.39 30.38
N ASP Q 11 27.54 4.94 29.37
CA ASP Q 11 27.71 5.72 28.16
C ASP Q 11 26.34 5.98 27.52
N LEU Q 12 25.51 4.95 27.50
CA LEU Q 12 24.14 5.05 26.98
C LEU Q 12 23.28 6.05 27.76
N MET Q 13 23.39 6.04 29.08
CA MET Q 13 22.65 7.04 29.86
C MET Q 13 23.19 8.48 29.62
N ARG Q 14 24.40 8.60 29.07
CA ARG Q 14 24.92 9.93 28.73
C ARG Q 14 24.33 10.47 27.44
N ARG Q 15 23.65 9.60 26.69
CA ARG Q 15 23.23 9.92 25.33
C ARG Q 15 21.70 9.87 25.11
N LEU Q 16 21.05 8.91 25.75
CA LEU Q 16 19.59 8.83 25.69
C LEU Q 16 19.02 10.11 26.31
N PRO Q 17 17.89 10.63 25.76
CA PRO Q 17 17.30 11.86 26.29
C PRO Q 17 17.05 11.83 27.79
N PRO Q 18 17.54 12.84 28.51
CA PRO Q 18 17.32 12.88 29.96
C PRO Q 18 15.86 13.09 30.29
N GLN Q 19 15.08 13.56 29.34
CA GLN Q 19 13.65 13.70 29.59
C GLN Q 19 13.01 12.36 30.01
N GLN Q 20 13.61 11.25 29.57
CA GLN Q 20 13.08 9.91 29.88
C GLN Q 20 14.02 9.17 30.81
N ILE Q 21 14.70 9.93 31.65
CA ILE Q 21 15.74 9.41 32.50
C ILE Q 21 15.28 8.23 33.36
N GLU Q 22 14.08 8.31 33.92
CA GLU Q 22 13.54 7.20 34.72
C GLU Q 22 13.22 5.93 33.90
N LYS Q 23 12.56 6.09 32.77
CA LYS Q 23 12.25 4.96 31.91
C LYS Q 23 13.52 4.36 31.28
N ASN Q 24 14.46 5.22 30.88
CA ASN Q 24 15.75 4.75 30.38
C ASN Q 24 16.36 3.73 31.35
N LEU Q 25 16.43 4.11 32.63
CA LEU Q 25 17.10 3.25 33.63
C LEU Q 25 16.43 1.89 33.76
N SER Q 26 15.12 1.87 33.96
CA SER Q 26 14.42 0.59 34.08
C SER Q 26 14.49 -0.25 32.81
N ASP Q 27 14.43 0.39 31.64
CA ASP Q 27 14.68 -0.31 30.36
C ASP Q 27 16.06 -0.95 30.38
N LEU Q 28 17.06 -0.17 30.80
CA LEU Q 28 18.44 -0.63 30.89
C LEU Q 28 18.56 -1.81 31.86
N ILE Q 29 17.91 -1.70 33.02
CA ILE Q 29 17.90 -2.83 33.96
C ILE Q 29 17.29 -4.06 33.31
N ASP Q 30 16.23 -3.88 32.52
CA ASP Q 30 15.58 -5.02 31.89
C ASP Q 30 16.49 -5.62 30.84
N LEU Q 31 17.21 -4.75 30.13
CA LEU Q 31 18.12 -5.19 29.09
C LEU Q 31 19.27 -6.02 29.68
N VAL Q 32 19.78 -5.59 30.84
CA VAL Q 32 20.89 -6.30 31.48
C VAL Q 32 20.64 -6.51 32.98
N PRO Q 33 19.73 -7.43 33.31
CA PRO Q 33 19.30 -7.73 34.68
C PRO Q 33 20.44 -7.87 35.68
N SER Q 34 21.60 -8.38 35.23
CA SER Q 34 22.71 -8.65 36.13
C SER Q 34 23.43 -7.41 36.64
N LEU Q 35 23.21 -6.27 35.98
CA LEU Q 35 23.84 -5.02 36.40
C LEU Q 35 22.94 -4.21 37.32
N CYS Q 36 21.85 -4.80 37.77
CA CYS Q 36 20.87 -4.06 38.54
C CYS Q 36 21.46 -3.23 39.70
N GLU Q 37 22.27 -3.85 40.56
CA GLU Q 37 22.76 -3.15 41.73
C GLU Q 37 23.73 -2.03 41.33
N ASP Q 38 24.62 -2.35 40.39
CA ASP Q 38 25.59 -1.38 39.88
C ASP Q 38 24.87 -0.19 39.23
N LEU Q 39 23.89 -0.48 38.37
CA LEU Q 39 23.16 0.61 37.71
C LEU Q 39 22.36 1.48 38.69
N LEU Q 40 21.67 0.84 39.62
CA LEU Q 40 20.90 1.57 40.63
C LEU Q 40 21.80 2.51 41.45
N SER Q 41 23.08 2.18 41.59
CA SER Q 41 23.91 3.00 42.45
C SER Q 41 24.70 4.07 41.69
N SER Q 42 24.94 3.82 40.41
CA SER Q 42 25.74 4.76 39.62
C SER Q 42 24.93 5.60 38.62
N VAL Q 43 23.68 5.22 38.37
CA VAL Q 43 22.85 6.05 37.50
C VAL Q 43 21.98 6.97 38.35
N ASP Q 44 22.30 8.25 38.32
CA ASP Q 44 21.53 9.24 39.05
C ASP Q 44 20.11 9.36 38.47
N GLN Q 45 19.15 9.66 39.35
CA GLN Q 45 17.74 9.75 39.02
C GLN Q 45 17.18 10.95 39.76
N PRO Q 46 16.16 11.59 39.18
CA PRO Q 46 15.52 12.72 39.85
C PRO Q 46 15.10 12.29 41.24
N LEU Q 47 15.14 13.21 42.18
CA LEU Q 47 14.84 12.87 43.56
C LEU Q 47 13.33 12.85 43.77
N LYS Q 48 12.85 11.91 44.58
CA LYS Q 48 11.44 11.86 44.92
C LYS Q 48 11.21 12.35 46.35
N ILE Q 49 10.09 13.03 46.57
CA ILE Q 49 9.74 13.46 47.91
C ILE Q 49 8.80 12.47 48.58
N ALA Q 50 9.13 12.06 49.80
CA ALA Q 50 8.21 11.27 50.61
C ALA Q 50 7.90 12.05 51.88
N ARG Q 51 6.86 11.65 52.60
CA ARG Q 51 6.50 12.35 53.83
C ARG Q 51 6.73 11.49 55.08
N ASP Q 52 7.51 12.00 56.03
CA ASP Q 52 7.67 11.31 57.31
C ASP Q 52 6.50 11.65 58.21
N LYS Q 53 5.53 10.75 58.25
CA LYS Q 53 4.30 10.98 58.99
C LYS Q 53 4.54 11.19 60.46
N VAL Q 54 5.53 10.49 61.01
CA VAL Q 54 5.83 10.58 62.42
C VAL Q 54 6.28 11.98 62.80
N VAL Q 55 7.26 12.49 62.07
CA VAL Q 55 7.87 13.75 62.46
C VAL Q 55 7.18 14.92 61.77
N GLY Q 56 6.36 14.62 60.76
CA GLY Q 56 5.71 15.67 60.00
C GLY Q 56 6.72 16.50 59.22
N LYS Q 57 7.58 15.82 58.48
CA LYS Q 57 8.58 16.47 57.65
C LYS Q 57 8.76 15.69 56.35
N ASP Q 58 9.09 16.40 55.27
CA ASP Q 58 9.39 15.76 53.99
C ASP Q 58 10.83 15.25 53.98
N TYR Q 59 11.11 14.23 53.17
CA TYR Q 59 12.47 13.74 53.02
C TYR Q 59 12.64 13.18 51.61
N LEU Q 60 13.88 12.97 51.20
CA LEU Q 60 14.14 12.65 49.79
C LEU Q 60 14.49 11.18 49.61
N LEU Q 61 13.99 10.60 48.54
CA LEU Q 61 14.26 9.21 48.23
C LEU Q 61 15.28 9.09 47.12
N CYS Q 62 16.29 8.25 47.32
CA CYS Q 62 17.16 7.89 46.20
C CYS Q 62 17.72 6.52 46.55
N ASP Q 63 18.62 6.00 45.73
CA ASP Q 63 19.14 4.67 46.00
C ASP Q 63 19.89 4.62 47.33
N TYR Q 64 20.53 5.71 47.74
CA TYR Q 64 21.35 5.65 48.95
C TYR Q 64 20.57 5.44 50.24
N ASN Q 65 19.29 5.81 50.29
CA ASN Q 65 18.52 5.52 51.50
C ASN Q 65 17.53 4.38 51.33
N ARG Q 66 17.76 3.57 50.29
CA ARG Q 66 16.86 2.45 50.00
C ARG Q 66 17.38 1.12 50.56
N ASP Q 67 16.46 0.30 51.03
CA ASP Q 67 16.78 -1.08 51.36
C ASP Q 67 15.57 -1.88 50.95
N GLY Q 68 15.77 -2.77 49.99
CA GLY Q 68 14.67 -3.51 49.43
C GLY Q 68 13.73 -2.54 48.72
N ASP Q 69 12.47 -2.54 49.13
CA ASP Q 69 11.51 -1.60 48.56
C ASP Q 69 11.12 -0.48 49.53
N SER Q 70 11.83 -0.41 50.66
CA SER Q 70 11.57 0.64 51.65
C SER Q 70 12.68 1.70 51.68
N TYR Q 71 12.36 2.85 52.26
CA TYR Q 71 13.29 3.97 52.34
C TYR Q 71 13.36 4.52 53.77
N ARG Q 72 14.56 4.92 54.19
CA ARG Q 72 14.81 5.39 55.54
C ARG Q 72 14.64 6.90 55.62
N SER Q 73 13.82 7.34 56.57
CA SER Q 73 13.68 8.77 56.84
C SER Q 73 14.89 9.26 57.66
N PRO Q 74 15.44 10.43 57.31
CA PRO Q 74 16.56 10.94 58.08
C PRO Q 74 16.08 11.56 59.39
N TRP Q 75 14.77 11.76 59.51
CA TRP Q 75 14.24 12.43 60.70
C TRP Q 75 13.89 11.43 61.78
N SER Q 76 13.18 10.37 61.42
CA SER Q 76 12.75 9.36 62.39
C SER Q 76 13.67 8.15 62.39
N ASN Q 77 14.59 8.11 61.43
CA ASN Q 77 15.52 6.99 61.32
C ASN Q 77 14.79 5.65 61.19
N LYS Q 78 13.60 5.68 60.60
CA LYS Q 78 12.82 4.45 60.39
C LYS Q 78 12.54 4.22 58.91
N TYR Q 79 12.43 2.96 58.50
CA TYR Q 79 12.10 2.64 57.13
C TYR Q 79 10.59 2.68 56.91
N ASP Q 80 10.21 3.08 55.71
CA ASP Q 80 8.83 3.02 55.25
C ASP Q 80 8.82 2.50 53.81
N PRO Q 81 8.16 1.34 53.57
CA PRO Q 81 7.48 0.46 54.52
C PRO Q 81 8.42 -0.09 55.58
N PRO Q 82 7.91 -0.29 56.81
CA PRO Q 82 8.74 -0.75 57.92
C PRO Q 82 9.56 -1.99 57.54
N LEU Q 83 10.65 -2.22 58.25
CA LEU Q 83 11.57 -3.31 57.91
C LEU Q 83 12.08 -3.95 59.20
N GLU Q 84 12.29 -5.26 59.17
CA GLU Q 84 12.71 -5.98 60.37
C GLU Q 84 14.18 -5.76 60.65
N ASP Q 85 14.98 -5.66 59.59
CA ASP Q 85 16.43 -5.53 59.73
C ASP Q 85 16.99 -4.60 58.66
N GLY Q 86 16.31 -3.48 58.43
CA GLY Q 86 16.78 -2.49 57.48
C GLY Q 86 18.17 -2.02 57.86
N ALA Q 87 18.98 -1.68 56.87
CA ALA Q 87 20.33 -1.19 57.16
C ALA Q 87 20.28 0.15 57.87
N MET Q 88 20.89 0.22 59.06
CA MET Q 88 20.91 1.44 59.86
C MET Q 88 22.35 1.91 60.06
N PRO Q 89 22.53 3.22 60.29
CA PRO Q 89 23.86 3.71 60.67
C PRO Q 89 24.17 3.41 62.14
N SER Q 90 25.46 3.30 62.48
CA SER Q 90 25.85 3.05 63.86
C SER Q 90 25.37 4.24 64.67
N ALA Q 91 25.42 4.12 65.98
CA ALA Q 91 24.99 5.21 66.85
C ALA Q 91 25.82 6.46 66.60
N ARG Q 92 27.13 6.28 66.45
CA ARG Q 92 28.04 7.41 66.24
C ARG Q 92 27.65 8.13 64.98
N LEU Q 93 27.56 7.37 63.89
CA LEU Q 93 27.28 7.94 62.58
C LEU Q 93 25.87 8.52 62.51
N ARG Q 94 24.92 7.90 63.22
CA ARG Q 94 23.57 8.45 63.26
C ARG Q 94 23.56 9.85 63.94
N LYS Q 95 24.30 9.98 65.02
CA LYS Q 95 24.42 11.29 65.67
C LYS Q 95 24.99 12.35 64.70
N LEU Q 96 25.98 11.96 63.93
CA LEU Q 96 26.57 12.87 62.94
C LEU Q 96 25.56 13.16 61.84
N GLU Q 97 24.76 12.16 61.48
CA GLU Q 97 23.78 12.28 60.41
C GLU Q 97 22.68 13.27 60.79
N VAL Q 98 22.24 13.21 62.06
CA VAL Q 98 21.28 14.18 62.56
C VAL Q 98 21.84 15.59 62.53
N GLU Q 99 23.11 15.70 62.92
CA GLU Q 99 23.84 16.96 62.89
C GLU Q 99 23.86 17.50 61.48
N ALA Q 100 24.23 16.64 60.53
CA ALA Q 100 24.37 17.05 59.15
C ALA Q 100 23.04 17.45 58.56
N ASN Q 101 21.98 16.72 58.90
CA ASN Q 101 20.66 17.07 58.40
C ASN Q 101 20.21 18.45 58.87
N ASN Q 102 20.48 18.75 60.15
CA ASN Q 102 20.17 20.07 60.70
C ASN Q 102 20.95 21.16 59.99
N ALA Q 103 22.24 20.91 59.80
CA ALA Q 103 23.08 21.91 59.14
C ALA Q 103 22.69 22.14 57.68
N PHE Q 104 22.41 21.06 56.95
CA PHE Q 104 22.07 21.22 55.53
C PHE Q 104 20.64 21.68 55.30
N ASP Q 105 19.80 21.52 56.32
CA ASP Q 105 18.47 22.11 56.31
C ASP Q 105 18.61 23.65 56.29
N GLN Q 106 19.54 24.17 57.08
CA GLN Q 106 19.76 25.62 57.11
C GLN Q 106 20.42 26.09 55.83
N TYR Q 107 21.37 25.31 55.34
CA TYR Q 107 21.97 25.57 54.04
C TYR Q 107 20.90 25.66 52.97
N ARG Q 108 19.98 24.71 52.99
CA ARG Q 108 18.90 24.63 52.01
C ARG Q 108 18.11 25.93 52.10
N ASP Q 109 17.68 26.28 53.31
CA ASP Q 109 16.88 27.51 53.46
C ASP Q 109 17.64 28.74 52.98
N LEU Q 110 18.93 28.81 53.31
CA LEU Q 110 19.74 29.97 52.94
C LEU Q 110 19.91 30.15 51.44
N TYR Q 111 20.13 29.04 50.72
CA TYR Q 111 20.39 29.13 49.29
C TYR Q 111 19.15 28.93 48.43
N PHE Q 112 18.22 28.11 48.89
CA PHE Q 112 17.09 27.74 48.06
C PHE Q 112 15.77 28.36 48.54
N GLU Q 113 15.75 28.86 49.77
CA GLU Q 113 14.55 29.53 50.29
C GLU Q 113 13.28 28.69 50.06
N GLY Q 114 13.40 27.39 50.32
CA GLY Q 114 12.31 26.46 50.05
C GLY Q 114 12.86 25.08 49.72
N GLY Q 115 12.06 24.26 49.05
CA GLY Q 115 12.47 22.90 48.68
C GLY Q 115 12.66 22.01 49.88
N VAL Q 116 13.28 20.85 49.65
CA VAL Q 116 13.48 19.86 50.70
C VAL Q 116 14.92 19.39 50.65
N SER Q 117 15.46 19.01 51.80
CA SER Q 117 16.82 18.48 51.90
C SER Q 117 16.84 17.18 52.72
N SER Q 118 17.86 16.37 52.51
CA SER Q 118 18.07 15.14 53.27
C SER Q 118 19.53 14.77 53.18
N VAL Q 119 20.06 14.21 54.26
CA VAL Q 119 21.45 13.74 54.31
C VAL Q 119 21.41 12.33 54.86
N TYR Q 120 22.01 11.39 54.14
CA TYR Q 120 22.19 10.01 54.62
C TYR Q 120 23.66 9.66 54.65
N LEU Q 121 24.11 9.09 55.77
CA LEU Q 121 25.51 8.71 55.95
C LEU Q 121 25.64 7.19 56.07
N TRP Q 122 26.82 6.67 55.75
CA TRP Q 122 27.09 5.26 55.98
C TRP Q 122 28.57 5.00 56.19
N ASP Q 123 28.86 3.92 56.90
CA ASP Q 123 30.22 3.57 57.31
C ASP Q 123 31.07 3.10 56.16
N LEU Q 124 32.36 3.45 56.22
CA LEU Q 124 33.33 2.90 55.30
C LEU Q 124 34.42 2.27 56.11
N ASP Q 125 35.34 1.60 55.44
CA ASP Q 125 36.46 0.97 56.12
C ASP Q 125 37.23 1.99 56.97
N HIS Q 126 37.73 3.04 56.34
CA HIS Q 126 38.64 3.96 57.01
C HIS Q 126 38.03 5.35 57.18
N GLY Q 127 36.71 5.38 57.33
CA GLY Q 127 36.01 6.63 57.49
C GLY Q 127 34.53 6.43 57.24
N PHE Q 128 33.94 7.29 56.42
CA PHE Q 128 32.51 7.19 56.18
C PHE Q 128 32.19 7.93 54.90
N ALA Q 129 31.03 7.65 54.34
CA ALA Q 129 30.53 8.39 53.17
C ALA Q 129 29.17 8.97 53.50
N GLY Q 130 28.64 9.75 52.58
CA GLY Q 130 27.29 10.26 52.73
C GLY Q 130 26.85 10.93 51.46
N VAL Q 131 25.55 11.18 51.36
CA VAL Q 131 25.00 11.92 50.23
C VAL Q 131 24.23 13.06 50.85
N ILE Q 132 24.40 14.25 50.28
CA ILE Q 132 23.59 15.39 50.63
C ILE Q 132 22.68 15.67 49.42
N LEU Q 133 21.36 15.62 49.64
CA LEU Q 133 20.33 15.77 48.59
C LEU Q 133 19.51 17.05 48.79
N ILE Q 134 19.32 17.79 47.71
CA ILE Q 134 18.44 18.95 47.78
C ILE Q 134 17.49 18.92 46.58
N LYS Q 135 16.21 19.16 46.85
CA LYS Q 135 15.18 19.12 45.81
C LYS Q 135 14.39 20.40 45.87
N LYS Q 136 14.35 21.15 44.76
CA LYS Q 136 13.62 22.41 44.73
C LYS Q 136 12.82 22.53 43.44
N ALA Q 137 11.51 22.71 43.58
CA ALA Q 137 10.61 22.91 42.44
C ALA Q 137 10.37 24.39 42.16
N GLY Q 138 10.29 24.75 40.88
CA GLY Q 138 10.00 26.13 40.51
C GLY Q 138 8.54 26.44 40.81
N ASP Q 139 8.21 27.72 40.98
CA ASP Q 139 6.84 28.11 41.32
C ASP Q 139 5.93 28.16 40.08
N GLY Q 140 6.50 27.84 38.93
CA GLY Q 140 5.72 27.73 37.70
C GLY Q 140 5.44 29.04 36.99
N SER Q 141 6.09 30.11 37.42
CA SER Q 141 5.83 31.45 36.86
C SER Q 141 6.02 31.49 35.36
N LYS Q 142 5.32 32.42 34.70
CA LYS Q 142 5.50 32.62 33.26
C LYS Q 142 5.37 31.31 32.48
N LYS Q 143 4.59 30.38 33.02
CA LYS Q 143 4.26 29.14 32.32
C LYS Q 143 5.49 28.25 32.09
N ILE Q 144 6.51 28.42 32.92
CA ILE Q 144 7.69 27.55 32.85
C ILE Q 144 7.70 26.65 34.09
N LYS Q 145 7.70 25.34 33.88
CA LYS Q 145 7.93 24.39 34.97
C LYS Q 145 9.42 24.09 35.12
N GLY Q 146 9.91 24.21 36.34
CA GLY Q 146 11.32 23.99 36.61
C GLY Q 146 11.56 23.13 37.83
N CYS Q 147 12.66 22.39 37.82
CA CYS Q 147 13.04 21.61 38.96
C CYS Q 147 14.56 21.51 39.05
N TRP Q 148 15.06 21.56 40.28
CA TRP Q 148 16.50 21.47 40.56
C TRP Q 148 16.77 20.34 41.55
N ASP Q 149 17.58 19.35 41.15
CA ASP Q 149 18.07 18.31 42.06
C ASP Q 149 19.58 18.42 42.34
N SER Q 150 19.97 18.42 43.62
CA SER Q 150 21.37 18.28 44.02
C SER Q 150 21.60 16.90 44.62
N ILE Q 151 22.61 16.21 44.11
CA ILE Q 151 23.07 14.93 44.66
C ILE Q 151 24.57 15.07 44.91
N HIS Q 152 24.94 15.35 46.16
CA HIS Q 152 26.34 15.46 46.54
C HIS Q 152 26.77 14.22 47.32
N VAL Q 153 27.66 13.43 46.74
CA VAL Q 153 28.12 12.22 47.40
C VAL Q 153 29.53 12.44 47.86
N VAL Q 154 29.77 12.26 49.15
CA VAL Q 154 31.09 12.54 49.72
C VAL Q 154 31.68 11.31 50.41
N GLU Q 155 32.96 11.09 50.15
CA GLU Q 155 33.72 10.02 50.79
C GLU Q 155 34.78 10.65 51.68
N VAL Q 156 34.80 10.23 52.95
CA VAL Q 156 35.71 10.77 53.93
C VAL Q 156 36.64 9.68 54.47
N GLN Q 157 37.93 9.88 54.29
CA GLN Q 157 38.93 8.95 54.82
C GLN Q 157 39.61 9.56 56.03
N GLU Q 158 39.31 9.03 57.22
CA GLU Q 158 39.76 9.63 58.47
C GLU Q 158 41.19 9.23 58.82
N ARG Q 163 42.67 14.08 63.21
CA ARG Q 163 43.69 15.12 62.96
C ARG Q 163 43.44 15.87 61.64
N THR Q 164 43.51 15.15 60.54
CA THR Q 164 43.13 15.68 59.23
C THR Q 164 42.37 14.57 58.52
N ALA Q 165 41.67 14.90 57.44
CA ALA Q 165 41.00 13.89 56.66
C ALA Q 165 41.08 14.22 55.19
N HIS Q 166 40.93 13.20 54.36
CA HIS Q 166 40.82 13.41 52.93
C HIS Q 166 39.36 13.33 52.52
N TYR Q 167 38.90 14.33 51.78
CA TYR Q 167 37.52 14.36 51.30
C TYR Q 167 37.47 14.23 49.79
N LYS Q 168 36.60 13.36 49.32
CA LYS Q 168 36.34 13.25 47.90
C LYS Q 168 34.86 13.51 47.65
N LEU Q 169 34.56 14.48 46.81
CA LEU Q 169 33.18 14.89 46.54
C LEU Q 169 32.82 14.74 45.06
N THR Q 170 31.78 13.98 44.79
CA THR Q 170 31.25 13.83 43.44
C THR Q 170 29.83 14.37 43.44
N SER Q 171 29.62 15.47 42.71
CA SER Q 171 28.34 16.15 42.75
C SER Q 171 27.68 16.19 41.37
N THR Q 172 26.42 15.79 41.36
CA THR Q 172 25.59 15.88 40.18
C THR Q 172 24.51 16.89 40.51
N VAL Q 173 24.26 17.81 39.59
CA VAL Q 173 23.07 18.65 39.70
C VAL Q 173 22.23 18.40 38.46
N MET Q 174 20.95 18.17 38.68
CA MET Q 174 20.02 17.99 37.57
C MET Q 174 19.13 19.23 37.49
N LEU Q 175 18.89 19.68 36.27
CA LEU Q 175 18.14 20.91 36.06
C LEU Q 175 17.15 20.66 34.93
N TRP Q 176 15.88 20.87 35.23
CA TRP Q 176 14.80 20.56 34.26
C TRP Q 176 13.96 21.79 34.03
N LEU Q 177 13.81 22.19 32.76
CA LEU Q 177 13.01 23.34 32.39
C LEU Q 177 12.07 22.95 31.25
N GLN Q 178 10.79 23.28 31.39
CA GLN Q 178 9.80 22.86 30.42
C GLN Q 178 8.70 23.88 30.31
N THR Q 179 8.26 24.13 29.08
CA THR Q 179 7.12 25.00 28.87
C THR Q 179 6.35 24.56 27.63
N ASN Q 180 5.05 24.85 27.63
CA ASN Q 180 4.16 24.46 26.54
C ASN Q 180 3.42 25.66 25.94
N LYS Q 181 4.11 26.78 25.77
CA LYS Q 181 3.54 27.95 25.13
C LYS Q 181 3.33 27.69 23.64
N THR Q 182 2.33 28.36 23.07
CA THR Q 182 2.01 28.17 21.65
C THR Q 182 3.15 28.65 20.78
N GLY Q 183 4.22 29.12 21.43
CA GLY Q 183 5.37 29.75 20.80
C GLY Q 183 5.92 29.18 19.51
N SER Q 184 6.80 28.18 19.54
CA SER Q 184 7.38 27.50 20.70
C SER Q 184 6.95 26.04 20.77
N GLY Q 185 5.64 25.79 20.71
CA GLY Q 185 5.11 24.46 20.95
C GLY Q 185 5.72 23.90 22.22
N THR Q 186 5.93 22.59 22.26
CA THR Q 186 6.57 21.96 23.41
C THR Q 186 8.07 22.27 23.45
N MET Q 187 8.54 22.78 24.58
CA MET Q 187 9.98 22.97 24.76
C MET Q 187 10.49 22.38 26.07
N ASN Q 188 11.42 21.45 25.94
CA ASN Q 188 12.01 20.84 27.12
C ASN Q 188 13.54 20.94 27.12
N LEU Q 189 14.09 21.56 28.16
CA LEU Q 189 15.52 21.74 28.33
C LEU Q 189 15.88 21.15 29.67
N GLY Q 190 16.57 20.02 29.66
CA GLY Q 190 16.84 19.32 30.89
C GLY Q 190 18.01 18.36 30.83
N GLY Q 191 18.37 17.83 32.01
CA GLY Q 191 19.49 16.94 32.13
C GLY Q 191 20.30 17.24 33.37
N SER Q 192 21.59 16.95 33.33
CA SER Q 192 22.42 17.10 34.52
C SER Q 192 23.89 17.30 34.14
N LEU Q 193 24.64 17.81 35.11
CA LEU Q 193 26.09 17.94 35.02
C LEU Q 193 26.68 17.28 36.24
N THR Q 194 27.83 16.65 36.07
CA THR Q 194 28.52 16.06 37.22
C THR Q 194 29.94 16.63 37.33
N ARG Q 195 30.37 16.90 38.55
CA ARG Q 195 31.72 17.36 38.79
C ARG Q 195 32.30 16.70 40.03
N GLN Q 196 33.62 16.71 40.12
CA GLN Q 196 34.29 16.05 41.23
C GLN Q 196 35.47 16.90 41.71
N MET Q 197 35.65 16.94 43.04
CA MET Q 197 36.72 17.68 43.72
C MET Q 197 37.32 16.75 44.77
N GLU Q 198 38.60 16.94 45.09
CA GLU Q 198 39.24 16.25 46.21
C GLU Q 198 40.05 17.25 47.03
N LYS Q 199 40.25 16.94 48.32
CA LYS Q 199 40.93 17.89 49.19
C LYS Q 199 41.25 17.28 50.54
N ASP Q 200 42.40 17.64 51.08
CA ASP Q 200 42.72 17.32 52.47
C ASP Q 200 42.37 18.55 53.27
N GLU Q 201 41.76 18.35 54.44
CA GLU Q 201 41.55 19.46 55.34
C GLU Q 201 41.73 19.06 56.80
N THR Q 202 42.07 20.03 57.63
CA THR Q 202 42.23 19.77 59.05
C THR Q 202 40.87 19.52 59.69
N VAL Q 203 40.84 18.60 60.65
CA VAL Q 203 39.64 18.34 61.43
C VAL Q 203 39.89 18.80 62.86
N SER Q 204 39.00 19.61 63.41
CA SER Q 204 39.25 20.17 64.73
C SER Q 204 37.97 20.73 65.32
N ASP Q 205 38.07 21.25 66.54
CA ASP Q 205 36.95 21.88 67.22
C ASP Q 205 36.31 22.93 66.35
N SER Q 206 37.13 23.83 65.83
CA SER Q 206 36.66 24.90 64.95
C SER Q 206 36.35 24.43 63.53
N SER Q 207 36.90 23.29 63.13
CA SER Q 207 36.70 22.78 61.78
C SER Q 207 36.35 21.28 61.78
N PRO Q 208 35.17 20.93 62.26
CA PRO Q 208 34.69 19.53 62.28
C PRO Q 208 34.27 19.04 60.90
N HIS Q 209 34.08 17.73 60.78
CA HIS Q 209 33.74 17.13 59.52
C HIS Q 209 32.61 17.85 58.80
N ILE Q 210 31.58 18.25 59.55
CA ILE Q 210 30.38 18.81 58.93
C ILE Q 210 30.71 20.15 58.31
N ALA Q 211 31.57 20.93 58.98
CA ALA Q 211 32.04 22.20 58.42
C ALA Q 211 32.87 21.94 57.17
N ASN Q 212 33.79 20.98 57.23
CA ASN Q 212 34.59 20.65 56.05
C ASN Q 212 33.74 20.24 54.84
N ILE Q 213 32.82 19.31 55.05
CA ILE Q 213 31.94 18.89 53.97
C ILE Q 213 31.07 20.04 53.50
N GLY Q 214 30.58 20.84 54.46
CA GLY Q 214 29.76 21.98 54.14
C GLY Q 214 30.41 22.91 53.15
N ARG Q 215 31.60 23.39 53.47
CA ARG Q 215 32.30 24.30 52.57
C ARG Q 215 32.56 23.68 51.21
N LEU Q 216 32.88 22.39 51.18
CA LEU Q 216 33.08 21.66 49.93
C LEU Q 216 31.81 21.64 49.07
N VAL Q 217 30.70 21.28 49.68
CA VAL Q 217 29.42 21.25 48.98
C VAL Q 217 29.03 22.63 48.44
N GLU Q 218 29.15 23.63 49.30
CA GLU Q 218 28.87 25.01 48.93
C GLU Q 218 29.73 25.49 47.75
N ASP Q 219 31.05 25.34 47.86
CA ASP Q 219 31.95 25.71 46.78
C ASP Q 219 31.56 24.99 45.51
N MET Q 220 31.38 23.68 45.63
CA MET Q 220 30.99 22.90 44.45
C MET Q 220 29.69 23.39 43.83
N GLU Q 221 28.70 23.66 44.67
CA GLU Q 221 27.37 23.94 44.16
C GLU Q 221 27.34 25.32 43.53
N ASN Q 222 28.00 26.28 44.17
CA ASN Q 222 28.11 27.62 43.59
C ASN Q 222 28.76 27.58 42.18
N LYS Q 223 29.87 26.85 42.07
CA LYS Q 223 30.50 26.59 40.78
C LYS Q 223 29.55 25.97 39.73
N ILE Q 224 28.89 24.87 40.08
CA ILE Q 224 27.97 24.20 39.16
C ILE Q 224 26.80 25.11 38.77
N ARG Q 225 26.32 25.92 39.71
CA ARG Q 225 25.20 26.81 39.38
C ARG Q 225 25.63 27.71 38.21
N SER Q 226 26.84 28.25 38.32
CA SER Q 226 27.37 29.14 37.29
C SER Q 226 27.57 28.40 35.99
N THR Q 227 28.06 27.16 36.08
CA THR Q 227 28.27 26.34 34.89
C THR Q 227 26.95 25.94 34.19
N LEU Q 228 25.93 25.64 34.98
CA LEU Q 228 24.60 25.34 34.42
C LEU Q 228 24.10 26.56 33.62
N ASN Q 229 24.26 27.73 34.19
CA ASN Q 229 23.88 28.97 33.54
C ASN Q 229 24.58 29.11 32.18
N GLU Q 230 25.88 28.85 32.17
CA GLU Q 230 26.66 28.94 30.93
C GLU Q 230 26.25 27.90 29.91
N ILE Q 231 26.05 26.66 30.36
CA ILE Q 231 25.75 25.55 29.45
C ILE Q 231 24.31 25.60 28.92
N TYR Q 232 23.35 25.79 29.83
CA TYR Q 232 21.96 25.76 29.44
C TYR Q 232 21.61 26.97 28.63
N PHE Q 233 22.00 28.15 29.12
CA PHE Q 233 21.53 29.39 28.50
C PHE Q 233 22.54 30.05 27.56
N GLY Q 234 23.79 29.61 27.63
CA GLY Q 234 24.81 30.07 26.71
C GLY Q 234 25.10 29.07 25.61
N LYS Q 235 25.66 27.92 25.98
CA LYS Q 235 26.10 26.92 25.01
C LYS Q 235 24.97 26.28 24.16
N THR Q 236 23.92 25.74 24.78
CA THR Q 236 22.87 25.09 23.97
C THR Q 236 22.14 26.09 23.07
N LYS Q 237 21.95 27.32 23.57
CA LYS Q 237 21.35 28.40 22.79
C LYS Q 237 22.22 28.79 21.58
N ASP Q 238 23.52 28.90 21.80
CA ASP Q 238 24.45 29.17 20.70
C ASP Q 238 24.35 28.08 19.63
N ILE Q 239 24.21 26.84 20.08
CA ILE Q 239 24.09 25.72 19.15
C ILE Q 239 22.83 25.87 18.30
N VAL Q 240 21.69 26.13 18.96
CA VAL Q 240 20.43 26.41 18.26
C VAL Q 240 20.58 27.52 17.23
N ASN Q 241 21.15 28.64 17.67
CA ASN Q 241 21.33 29.79 16.79
C ASN Q 241 22.15 29.51 15.54
N GLY Q 242 23.00 28.49 15.61
CA GLY Q 242 23.82 28.11 14.48
C GLY Q 242 23.26 26.97 13.65
N LEU Q 243 22.10 26.48 14.04
CA LEU Q 243 21.54 25.38 13.32
C LEU Q 243 21.20 25.74 11.88
N ARG Q 244 20.43 26.78 11.65
CA ARG Q 244 20.15 27.84 12.59
C ARG Q 244 18.73 27.84 13.10
N VAL R 1 25.36 -8.30 5.97
CA VAL R 1 25.66 -7.06 6.68
C VAL R 1 26.59 -7.31 7.87
N ASN R 2 27.55 -6.41 8.07
CA ASN R 2 28.55 -6.57 9.13
C ASN R 2 28.39 -5.52 10.22
N PHE R 3 28.51 -5.94 11.48
CA PHE R 3 28.34 -5.00 12.59
C PHE R 3 29.66 -4.39 13.05
N ASP R 4 30.76 -5.14 12.94
CA ASP R 4 32.09 -4.64 13.29
C ASP R 4 32.41 -3.48 12.36
N ASP R 5 31.61 -3.39 11.31
CA ASP R 5 31.64 -2.30 10.35
C ASP R 5 31.38 -0.96 11.06
N ILE R 6 30.35 -0.94 11.88
CA ILE R 6 29.93 0.27 12.58
C ILE R 6 30.86 0.61 13.75
N ALA R 7 31.65 1.65 13.59
CA ALA R 7 32.54 2.10 14.64
C ALA R 7 32.22 3.56 14.91
N SER R 8 32.35 4.02 16.15
CA SER R 8 32.69 3.22 17.32
C SER R 8 32.67 4.12 18.53
N SER R 9 31.88 3.73 19.52
CA SER R 9 31.84 4.46 20.78
C SER R 9 33.10 4.16 21.59
N GLU R 10 34.08 5.06 21.53
CA GLU R 10 35.11 5.06 22.57
C GLU R 10 34.46 5.78 23.74
N ASN R 11 34.13 5.03 24.77
CA ASN R 11 33.24 5.53 25.82
C ASN R 11 33.71 6.82 26.50
N LEU R 12 32.75 7.63 26.91
CA LEU R 12 33.00 8.82 27.70
C LEU R 12 33.47 8.39 29.07
N LEU R 13 34.07 9.31 29.81
CA LEU R 13 34.48 9.03 31.18
C LEU R 13 33.29 9.19 32.13
N HIS R 14 33.16 8.27 33.09
CA HIS R 14 31.99 8.22 33.97
C HIS R 14 32.30 8.56 35.42
N LEU R 15 32.00 9.78 35.83
CA LEU R 15 32.37 10.24 37.17
C LEU R 15 31.60 9.53 38.27
N THR R 16 30.39 9.08 37.96
CA THR R 16 29.57 8.46 38.98
C THR R 16 30.00 7.02 39.27
N ALA R 17 30.83 6.46 38.39
CA ALA R 17 31.23 5.06 38.54
C ALA R 17 32.07 4.79 39.82
N ASN R 18 32.79 5.81 40.28
CA ASN R 18 33.74 5.63 41.39
C ASN R 18 33.31 6.19 42.76
N ARG R 19 32.07 6.62 42.89
CA ARG R 19 31.58 7.11 44.18
C ARG R 19 31.52 5.99 45.21
N PRO R 20 31.64 6.33 46.51
CA PRO R 20 31.56 5.33 47.58
C PRO R 20 30.30 4.47 47.45
N LYS R 21 30.46 3.17 47.55
CA LYS R 21 29.32 2.27 47.44
C LYS R 21 28.88 1.83 48.81
N MET R 22 27.58 1.60 48.95
CA MET R 22 27.05 1.06 50.18
C MET R 22 26.61 -0.35 49.84
N PRO R 23 27.52 -1.32 50.04
CA PRO R 23 27.27 -2.71 49.67
C PRO R 23 26.23 -3.39 50.56
N GLY R 24 25.71 -4.53 50.11
CA GLY R 24 24.88 -5.36 50.94
C GLY R 24 23.53 -4.74 51.30
N ARG R 25 22.77 -4.41 50.27
CA ARG R 25 21.40 -3.99 50.47
C ARG R 25 20.51 -4.81 49.56
N ARG R 26 19.31 -5.12 50.05
CA ARG R 26 18.36 -5.88 49.25
C ARG R 26 17.95 -5.06 48.05
N LEU R 27 17.84 -5.72 46.91
CA LEU R 27 17.34 -5.08 45.71
C LEU R 27 15.84 -4.86 45.84
N PRO R 28 15.25 -4.01 44.98
CA PRO R 28 13.78 -4.00 44.95
C PRO R 28 13.28 -5.29 44.28
N GLY R 29 12.02 -5.65 44.49
CA GLY R 29 11.47 -6.82 43.81
C GLY R 29 11.29 -6.59 42.32
N VAL S 8 54.15 -30.04 25.15
CA VAL S 8 52.72 -29.77 25.05
C VAL S 8 52.26 -28.84 26.16
N SER S 9 51.52 -27.81 25.78
CA SER S 9 51.09 -26.79 26.73
C SER S 9 49.85 -27.19 27.50
N ASP S 10 49.63 -26.55 28.63
CA ASP S 10 48.45 -26.79 29.42
C ASP S 10 47.19 -26.48 28.60
N GLU S 11 47.27 -25.46 27.77
CA GLU S 11 46.12 -25.09 26.93
C GLU S 11 45.79 -26.17 25.90
N GLU S 12 46.84 -26.72 25.28
CA GLU S 12 46.66 -27.83 24.36
C GLU S 12 46.22 -29.11 25.11
N LYS S 13 46.73 -29.32 26.31
CA LYS S 13 46.33 -30.50 27.09
C LYS S 13 44.83 -30.44 27.39
N VAL S 14 44.36 -29.29 27.85
CA VAL S 14 42.95 -29.20 28.20
C VAL S 14 42.04 -29.18 26.97
N ARG S 15 42.52 -28.69 25.83
CA ARG S 15 41.73 -28.80 24.60
C ARG S 15 41.50 -30.26 24.24
N ILE S 16 42.56 -31.05 24.35
CA ILE S 16 42.48 -32.49 24.13
C ILE S 16 41.57 -33.16 25.16
N ALA S 17 41.65 -32.74 26.42
CA ALA S 17 40.79 -33.28 27.46
C ALA S 17 39.31 -32.98 27.11
N ALA S 18 39.02 -31.75 26.72
CA ALA S 18 37.66 -31.38 26.33
C ALA S 18 37.16 -32.21 25.14
N LYS S 19 38.02 -32.37 24.14
CA LYS S 19 37.68 -33.18 22.97
C LYS S 19 37.32 -34.63 23.33
N PHE S 20 38.16 -35.27 24.14
CA PHE S 20 37.90 -36.63 24.62
C PHE S 20 36.55 -36.67 25.32
N ILE S 21 36.33 -35.75 26.25
CA ILE S 21 35.09 -35.74 27.02
C ILE S 21 33.91 -35.64 26.07
N THR S 22 34.02 -34.82 25.06
CA THR S 22 32.89 -34.66 24.13
C THR S 22 32.74 -35.87 23.22
N HIS S 23 33.74 -36.75 23.21
CA HIS S 23 33.66 -37.94 22.36
C HIS S 23 33.33 -39.23 23.10
N ALA S 24 32.85 -39.10 24.32
CA ALA S 24 32.41 -40.23 25.10
C ALA S 24 31.27 -40.93 24.36
N PRO S 25 31.32 -42.26 24.27
CA PRO S 25 30.20 -43.02 23.69
C PRO S 25 28.97 -42.92 24.58
N PRO S 26 27.80 -43.31 24.08
CA PRO S 26 26.55 -43.15 24.84
C PRO S 26 26.55 -43.99 26.11
N GLY S 27 26.10 -43.38 27.20
CA GLY S 27 26.05 -44.06 28.49
C GLY S 27 27.39 -44.19 29.21
N GLU S 28 28.47 -43.70 28.61
CA GLU S 28 29.78 -43.83 29.26
C GLU S 28 30.43 -42.48 29.58
N PHE S 29 29.62 -41.44 29.72
CA PHE S 29 30.19 -40.11 29.99
C PHE S 29 31.04 -40.09 31.24
N ASN S 30 30.53 -40.67 32.32
CA ASN S 30 31.25 -40.65 33.60
C ASN S 30 32.60 -41.36 33.56
N GLU S 31 32.65 -42.50 32.89
CA GLU S 31 33.91 -43.24 32.80
C GLU S 31 34.95 -42.41 32.05
N VAL S 32 34.53 -41.85 30.93
CA VAL S 32 35.46 -41.06 30.11
C VAL S 32 35.87 -39.79 30.85
N PHE S 33 34.91 -39.10 31.45
CA PHE S 33 35.23 -37.94 32.23
C PHE S 33 36.30 -38.25 33.31
N ASN S 34 36.09 -39.33 34.07
CA ASN S 34 37.02 -39.68 35.13
C ASN S 34 38.40 -40.00 34.62
N ASP S 35 38.48 -40.75 33.52
CA ASP S 35 39.77 -41.05 32.91
C ASP S 35 40.50 -39.75 32.59
N VAL S 36 39.82 -38.87 31.85
CA VAL S 36 40.42 -37.61 31.44
C VAL S 36 40.83 -36.77 32.65
N ARG S 37 39.97 -36.73 33.66
CA ARG S 37 40.27 -35.96 34.86
C ARG S 37 41.55 -36.43 35.53
N LEU S 38 41.73 -37.74 35.64
CA LEU S 38 42.96 -38.28 36.25
C LEU S 38 44.19 -38.08 35.36
N LEU S 39 44.02 -38.15 34.05
CA LEU S 39 45.13 -37.95 33.12
C LEU S 39 45.63 -36.49 33.13
N LEU S 40 44.69 -35.55 33.15
CA LEU S 40 45.03 -34.12 33.16
C LEU S 40 45.63 -33.74 34.51
N ASN S 41 45.11 -34.34 35.57
CA ASN S 41 45.61 -34.13 36.92
C ASN S 41 45.71 -32.67 37.30
N ASN S 42 44.67 -31.91 36.99
CA ASN S 42 44.64 -30.48 37.23
C ASN S 42 43.21 -29.99 37.18
N ASP S 43 42.53 -30.14 38.30
CA ASP S 43 41.11 -29.80 38.35
C ASP S 43 40.83 -28.35 37.97
N ASN S 44 41.71 -27.42 38.38
CA ASN S 44 41.51 -26.02 38.02
C ASN S 44 41.56 -25.82 36.51
N LEU S 45 42.57 -26.40 35.87
CA LEU S 45 42.70 -26.33 34.42
C LEU S 45 41.47 -26.95 33.75
N LEU S 46 41.04 -28.11 34.24
CA LEU S 46 39.87 -28.78 33.67
C LEU S 46 38.60 -27.94 33.78
N ARG S 47 38.38 -27.39 34.97
CA ARG S 47 37.22 -26.56 35.22
C ARG S 47 37.15 -25.37 34.27
N GLU S 48 38.28 -24.69 34.09
CA GLU S 48 38.30 -23.44 33.33
C GLU S 48 38.40 -23.65 31.82
N GLY S 49 38.93 -24.80 31.39
CA GLY S 49 39.17 -25.03 29.98
C GLY S 49 38.28 -26.08 29.33
N ALA S 50 37.47 -26.76 30.14
CA ALA S 50 36.64 -27.83 29.63
C ALA S 50 35.23 -27.71 30.17
N ALA S 51 34.94 -26.55 30.74
CA ALA S 51 33.63 -26.29 31.32
C ALA S 51 32.54 -26.51 30.28
N HIS S 52 32.76 -25.98 29.08
CA HIS S 52 31.80 -26.06 28.00
C HIS S 52 31.47 -27.50 27.61
N ALA S 53 32.41 -28.41 27.86
CA ALA S 53 32.35 -29.77 27.34
C ALA S 53 31.15 -30.56 27.87
N PHE S 54 30.72 -30.26 29.09
CA PHE S 54 29.64 -31.01 29.70
C PHE S 54 28.33 -30.68 29.02
N ALA S 55 28.07 -29.39 28.87
CA ALA S 55 26.87 -28.94 28.17
C ALA S 55 26.89 -29.41 26.73
N GLN S 56 28.01 -29.22 26.06
CA GLN S 56 28.12 -29.59 24.65
C GLN S 56 27.73 -31.03 24.45
N TYR S 57 28.26 -31.90 25.29
CA TYR S 57 27.98 -33.32 25.18
C TYR S 57 26.49 -33.63 25.32
N ASN S 58 25.90 -33.11 26.39
CA ASN S 58 24.49 -33.37 26.68
C ASN S 58 23.55 -32.92 25.57
N MET S 59 23.81 -31.73 25.02
CA MET S 59 22.95 -31.23 23.96
C MET S 59 23.22 -32.00 22.69
N ASP S 60 24.46 -32.43 22.51
CA ASP S 60 24.84 -33.19 21.33
C ASP S 60 24.17 -34.57 21.34
N GLN S 61 23.94 -35.09 22.54
CA GLN S 61 23.46 -36.45 22.70
C GLN S 61 21.95 -36.50 22.90
N PHE S 62 21.30 -35.34 22.90
CA PHE S 62 19.85 -35.27 23.18
C PHE S 62 19.53 -36.03 24.48
N THR S 63 20.30 -35.73 25.53
CA THR S 63 20.11 -36.37 26.82
C THR S 63 18.68 -36.18 27.33
N PRO S 64 17.94 -37.29 27.51
CA PRO S 64 16.60 -37.11 28.03
C PRO S 64 16.66 -36.94 29.54
N VAL S 65 15.86 -36.05 30.11
CA VAL S 65 15.87 -35.84 31.54
C VAL S 65 14.46 -35.87 32.11
N LYS S 66 14.33 -36.43 33.31
CA LYS S 66 13.05 -36.49 33.98
C LYS S 66 12.84 -35.27 34.87
N ILE S 67 11.69 -34.62 34.73
CA ILE S 67 11.36 -33.51 35.63
C ILE S 67 10.30 -33.95 36.64
N GLU S 68 10.54 -33.67 37.90
CA GLU S 68 9.60 -34.07 38.94
C GLU S 68 8.26 -33.40 38.74
N GLY S 69 7.20 -34.20 38.69
CA GLY S 69 5.86 -33.67 38.57
C GLY S 69 5.33 -33.65 37.15
N TYR S 70 6.17 -33.99 36.18
CA TYR S 70 5.73 -34.07 34.78
C TYR S 70 6.05 -35.44 34.21
N ASP S 71 5.03 -36.11 33.68
CA ASP S 71 5.23 -37.42 33.05
C ASP S 71 5.96 -37.27 31.74
N ASP S 72 6.55 -38.37 31.27
CA ASP S 72 7.39 -38.32 30.08
C ASP S 72 8.52 -37.32 30.31
N GLN S 73 9.57 -37.44 29.52
CA GLN S 73 10.77 -36.64 29.74
C GLN S 73 10.96 -35.63 28.62
N VAL S 74 12.03 -34.86 28.71
CA VAL S 74 12.31 -33.81 27.72
C VAL S 74 13.77 -33.96 27.30
N LEU S 75 14.07 -33.61 26.05
CA LEU S 75 15.45 -33.70 25.55
C LEU S 75 16.23 -32.42 25.82
N ILE S 76 17.45 -32.57 26.29
CA ILE S 76 18.38 -31.47 26.38
C ILE S 76 18.99 -31.25 24.99
N THR S 77 18.67 -30.13 24.35
CA THR S 77 19.22 -29.84 23.03
C THR S 77 19.55 -28.36 22.91
N GLU S 78 20.27 -28.01 21.86
CA GLU S 78 20.68 -26.63 21.66
C GLU S 78 19.44 -25.75 21.51
N HIS S 79 18.38 -26.36 21.02
CA HIS S 79 17.16 -25.63 20.69
C HIS S 79 16.40 -25.25 21.96
N GLY S 80 16.75 -25.88 23.08
CA GLY S 80 16.05 -25.63 24.32
C GLY S 80 16.91 -24.85 25.28
N ASP S 81 18.12 -24.52 24.86
CA ASP S 81 19.07 -23.82 25.72
C ASP S 81 18.60 -22.40 25.97
N LEU S 82 18.23 -22.11 27.21
CA LEU S 82 17.74 -20.79 27.56
C LEU S 82 18.85 -19.95 28.21
N GLY S 83 20.06 -20.49 28.24
CA GLY S 83 21.17 -19.83 28.90
C GLY S 83 20.98 -19.84 30.40
N ASN S 84 21.98 -19.38 31.14
CA ASN S 84 21.91 -19.32 32.59
C ASN S 84 21.68 -20.71 33.21
N GLY S 85 21.95 -21.76 32.43
CA GLY S 85 21.84 -23.12 32.91
C GLY S 85 20.41 -23.67 32.92
N ARG S 86 19.51 -22.95 32.28
CA ARG S 86 18.11 -23.37 32.19
C ARG S 86 17.75 -23.82 30.77
N PHE S 87 16.87 -24.80 30.69
CA PHE S 87 16.41 -25.31 29.39
C PHE S 87 14.89 -25.24 29.30
N LEU S 88 14.40 -25.23 28.06
CA LEU S 88 12.99 -25.10 27.77
C LEU S 88 12.35 -26.45 27.50
N ASP S 89 11.23 -26.71 28.15
CA ASP S 89 10.39 -27.84 27.82
C ASP S 89 9.14 -27.30 27.12
N PRO S 90 9.12 -27.33 25.78
CA PRO S 90 8.06 -26.69 25.01
C PRO S 90 6.72 -27.42 25.16
N ARG S 91 6.75 -28.69 25.53
CA ARG S 91 5.52 -29.47 25.67
C ARG S 91 4.79 -29.11 26.95
N ASN S 92 5.52 -29.04 28.05
CA ASN S 92 4.93 -28.74 29.35
C ASN S 92 4.92 -27.24 29.64
N LYS S 93 5.43 -26.46 28.70
CA LYS S 93 5.42 -25.00 28.81
C LYS S 93 6.11 -24.54 30.08
N ILE S 94 7.34 -25.01 30.25
CA ILE S 94 8.10 -24.82 31.46
C ILE S 94 9.57 -24.58 31.13
N SER S 95 10.30 -23.92 32.02
CA SER S 95 11.75 -23.91 31.96
C SER S 95 12.22 -24.65 33.20
N PHE S 96 13.45 -25.14 33.15
CA PHE S 96 14.00 -25.84 34.30
C PHE S 96 15.50 -25.65 34.37
N LYS S 97 16.04 -25.76 35.57
CA LYS S 97 17.48 -25.71 35.77
C LYS S 97 18.03 -27.08 35.43
N PHE S 98 19.18 -27.13 34.75
CA PHE S 98 19.80 -28.40 34.44
C PHE S 98 21.27 -28.40 34.79
N ASP S 99 21.66 -29.38 35.60
CA ASP S 99 23.05 -29.60 35.99
C ASP S 99 23.67 -30.61 35.02
N HIS S 100 24.61 -30.16 34.20
CA HIS S 100 25.19 -31.00 33.17
C HIS S 100 26.02 -32.17 33.71
N LEU S 101 26.64 -31.99 34.86
CA LEU S 101 27.47 -33.02 35.45
C LEU S 101 26.60 -34.11 36.05
N ARG S 102 25.69 -33.70 36.93
CA ARG S 102 24.84 -34.63 37.64
C ARG S 102 23.65 -35.08 36.79
N LYS S 103 23.48 -34.45 35.63
CA LYS S 103 22.36 -34.74 34.73
C LYS S 103 21.01 -34.75 35.45
N GLU S 104 20.72 -33.67 36.16
CA GLU S 104 19.47 -33.57 36.91
C GLU S 104 18.75 -32.25 36.64
N ALA S 105 17.45 -32.33 36.43
CA ALA S 105 16.63 -31.14 36.29
C ALA S 105 16.13 -30.70 37.66
N SER S 106 15.91 -29.41 37.81
CA SER S 106 15.36 -28.86 39.04
C SER S 106 14.70 -27.52 38.80
N ASP S 107 13.85 -27.12 39.73
CA ASP S 107 13.26 -25.77 39.72
C ASP S 107 12.43 -25.49 38.48
N PRO S 108 11.44 -26.37 38.19
CA PRO S 108 10.53 -26.12 37.07
C PRO S 108 9.76 -24.83 37.29
N GLN S 109 9.65 -23.99 36.26
CA GLN S 109 8.86 -22.78 36.36
C GLN S 109 8.05 -22.56 35.09
N PRO S 110 6.78 -22.17 35.25
CA PRO S 110 5.98 -21.83 34.07
C PRO S 110 6.77 -20.86 33.20
N GLU S 111 6.79 -21.12 31.89
CA GLU S 111 7.49 -20.25 30.96
C GLU S 111 6.58 -19.84 29.83
N ASP S 112 6.53 -18.55 29.54
CA ASP S 112 5.68 -18.05 28.47
C ASP S 112 6.17 -18.56 27.12
N THR S 113 5.38 -19.42 26.50
CA THR S 113 5.77 -20.11 25.28
C THR S 113 4.99 -19.58 24.07
N GLU S 114 4.04 -18.69 24.33
CA GLU S 114 3.18 -18.15 23.28
C GLU S 114 3.95 -17.78 22.03
N SER S 115 3.28 -17.93 20.89
CA SER S 115 3.92 -17.80 19.60
C SER S 115 2.84 -17.99 18.53
N ALA S 116 3.14 -17.57 17.30
CA ALA S 116 2.24 -17.80 16.19
C ALA S 116 2.47 -19.20 15.63
N LEU S 117 3.47 -19.87 16.19
CA LEU S 117 3.80 -21.24 15.82
C LEU S 117 3.13 -22.20 16.78
N LYS S 118 2.73 -21.66 17.92
CA LYS S 118 2.19 -22.42 19.05
C LYS S 118 1.37 -23.64 18.67
N GLN S 119 0.31 -23.43 17.89
CA GLN S 119 -0.63 -24.50 17.56
C GLN S 119 -0.05 -25.57 16.63
N TRP S 120 0.90 -25.18 15.77
CA TRP S 120 1.56 -26.14 14.91
C TRP S 120 2.53 -27.03 15.69
N ARG S 121 3.34 -26.40 16.53
CA ARG S 121 4.26 -27.12 17.40
C ARG S 121 3.49 -28.18 18.17
N ASP S 122 2.31 -27.80 18.65
CA ASP S 122 1.47 -28.66 19.47
C ASP S 122 0.89 -29.83 18.68
N ALA S 123 0.44 -29.56 17.46
CA ALA S 123 -0.10 -30.60 16.62
C ALA S 123 1.00 -31.57 16.20
N CYS S 124 2.16 -31.03 15.84
CA CYS S 124 3.30 -31.87 15.46
C CYS S 124 3.78 -32.71 16.64
N ASP S 125 3.80 -32.08 17.81
CA ASP S 125 4.28 -32.73 19.02
C ASP S 125 3.40 -33.91 19.41
N SER S 126 2.09 -33.73 19.40
CA SER S 126 1.19 -34.82 19.77
C SER S 126 1.29 -35.97 18.77
N ALA S 127 1.41 -35.64 17.47
CA ALA S 127 1.58 -36.66 16.44
C ALA S 127 2.91 -37.38 16.58
N LEU S 128 3.97 -36.62 16.84
CA LEU S 128 5.28 -37.24 16.92
C LEU S 128 5.36 -38.12 18.15
N ARG S 129 4.75 -37.67 19.24
CA ARG S 129 4.79 -38.42 20.48
C ARG S 129 4.18 -39.80 20.24
N ALA S 130 3.06 -39.86 19.53
CA ALA S 130 2.46 -41.15 19.20
C ALA S 130 3.38 -41.96 18.27
N TYR S 131 3.97 -41.29 17.29
CA TYR S 131 4.91 -41.98 16.40
C TYR S 131 6.06 -42.59 17.23
N VAL S 132 6.57 -41.84 18.19
CA VAL S 132 7.72 -42.32 18.95
C VAL S 132 7.32 -43.47 19.87
N LYS S 133 6.14 -43.41 20.47
CA LYS S 133 5.71 -44.51 21.34
C LYS S 133 5.58 -45.81 20.55
N ASP S 134 5.17 -45.68 19.29
CA ASP S 134 4.93 -46.86 18.43
C ASP S 134 6.22 -47.41 17.84
N HIS S 135 7.15 -46.52 17.50
CA HIS S 135 8.34 -46.93 16.74
C HIS S 135 9.61 -47.17 17.54
N TYR S 136 9.63 -46.69 18.78
CA TYR S 136 10.79 -46.88 19.65
C TYR S 136 10.40 -47.50 20.98
N PRO S 137 11.21 -48.44 21.47
CA PRO S 137 10.97 -49.05 22.79
C PRO S 137 11.13 -48.05 23.92
N ASN S 138 12.16 -47.20 23.82
CA ASN S 138 12.48 -46.25 24.89
C ASN S 138 12.60 -44.83 24.36
N GLY S 139 11.73 -44.46 23.41
CA GLY S 139 11.90 -43.19 22.72
C GLY S 139 11.46 -42.00 23.55
N PHE S 140 12.05 -40.83 23.28
CA PHE S 140 11.57 -39.57 23.81
C PHE S 140 11.68 -38.54 22.69
N CYS S 141 10.75 -37.60 22.66
CA CYS S 141 10.83 -36.55 21.64
C CYS S 141 10.50 -35.19 22.20
N THR S 142 11.09 -34.17 21.59
CA THR S 142 10.84 -32.80 21.96
C THR S 142 10.73 -32.01 20.66
N VAL S 143 9.66 -31.23 20.54
CA VAL S 143 9.43 -30.44 19.34
C VAL S 143 9.42 -28.96 19.65
N TYR S 144 10.23 -28.22 18.92
CA TYR S 144 10.39 -26.79 19.17
C TYR S 144 9.75 -26.03 18.04
N GLY S 145 9.19 -24.87 18.36
CA GLY S 145 8.61 -24.01 17.35
C GLY S 145 9.23 -22.63 17.47
N LYS S 146 10.02 -22.25 16.48
CA LYS S 146 10.68 -20.95 16.55
C LYS S 146 10.90 -20.34 15.17
N SER S 147 11.18 -19.05 15.16
CA SER S 147 11.43 -18.32 13.92
C SER S 147 12.93 -18.12 13.74
N ILE S 148 13.48 -18.74 12.71
CA ILE S 148 14.89 -18.52 12.38
C ILE S 148 15.01 -17.83 11.02
N ASP S 149 15.71 -16.70 11.00
CA ASP S 149 15.81 -15.89 9.79
C ASP S 149 14.42 -15.48 9.30
N GLY S 150 13.50 -15.27 10.23
CA GLY S 150 12.15 -14.90 9.89
C GLY S 150 11.29 -16.07 9.45
N GLN S 151 11.97 -17.14 9.01
CA GLN S 151 11.29 -18.36 8.56
C GLN S 151 10.71 -19.14 9.74
N GLN S 152 9.46 -19.52 9.63
CA GLN S 152 8.82 -20.36 10.66
C GLN S 152 9.30 -21.80 10.54
N THR S 153 9.91 -22.32 11.60
CA THR S 153 10.49 -23.66 11.58
C THR S 153 10.03 -24.53 12.74
N ILE S 154 9.65 -25.77 12.43
CA ILE S 154 9.38 -26.77 13.44
C ILE S 154 10.61 -27.65 13.53
N ILE S 155 11.11 -27.86 14.74
CA ILE S 155 12.29 -28.71 14.92
C ILE S 155 11.91 -29.89 15.78
N ALA S 156 11.91 -31.07 15.16
CA ALA S 156 11.53 -32.29 15.86
C ALA S 156 12.77 -33.12 16.22
N CYS S 157 12.93 -33.41 17.51
CA CYS S 157 14.09 -34.15 17.99
C CYS S 157 13.63 -35.45 18.63
N ILE S 158 14.28 -36.54 18.27
CA ILE S 158 13.96 -37.86 18.81
C ILE S 158 15.22 -38.51 19.36
N GLU S 159 15.13 -39.08 20.56
CA GLU S 159 16.23 -39.84 21.16
C GLU S 159 15.72 -41.20 21.60
N SER S 160 16.56 -42.21 21.50
CA SER S 160 16.27 -43.50 22.10
C SER S 160 17.59 -44.19 22.41
N HIS S 161 17.70 -44.75 23.60
CA HIS S 161 18.93 -45.44 23.97
C HIS S 161 18.65 -46.69 24.79
N GLN S 162 19.68 -47.53 24.86
CA GLN S 162 19.66 -48.72 25.69
C GLN S 162 21.06 -48.81 26.27
N PHE S 163 21.18 -48.62 27.58
CA PHE S 163 22.47 -48.75 28.26
C PHE S 163 22.52 -50.05 29.03
N GLN S 164 23.53 -50.88 28.74
CA GLN S 164 23.76 -52.07 29.54
C GLN S 164 25.24 -52.28 29.85
N PRO S 165 25.80 -51.39 30.68
CA PRO S 165 27.22 -51.39 31.00
C PRO S 165 27.66 -52.75 31.57
N LYS S 166 26.76 -53.43 32.27
CA LYS S 166 27.07 -54.73 32.85
C LYS S 166 27.27 -55.81 31.79
N ASN S 167 26.69 -55.64 30.62
CA ASN S 167 26.97 -56.54 29.51
C ASN S 167 27.94 -55.92 28.51
N PHE S 168 28.59 -54.85 28.94
CA PHE S 168 29.58 -54.13 28.15
C PHE S 168 29.06 -53.64 26.80
N TRP S 169 27.86 -53.06 26.79
CA TRP S 169 27.42 -52.37 25.58
C TRP S 169 26.39 -51.28 25.86
N ASN S 170 26.36 -50.30 24.96
CA ASN S 170 25.43 -49.19 25.00
C ASN S 170 25.12 -48.81 23.58
N GLY S 171 23.93 -48.26 23.35
CA GLY S 171 23.54 -47.82 22.03
C GLY S 171 22.59 -46.65 22.14
N ARG S 172 22.57 -45.81 21.12
CA ARG S 172 21.70 -44.65 21.11
C ARG S 172 21.34 -44.27 19.67
N TRP S 173 20.07 -43.93 19.48
CA TRP S 173 19.58 -43.35 18.23
C TRP S 173 19.25 -41.90 18.51
N ARG S 174 19.51 -41.04 17.55
CA ARG S 174 19.12 -39.64 17.60
C ARG S 174 18.65 -39.27 16.21
N SER S 175 17.55 -38.53 16.12
CA SER S 175 17.14 -37.95 14.85
C SER S 175 16.66 -36.53 15.09
N GLU S 176 16.97 -35.67 14.14
CA GLU S 176 16.60 -34.26 14.22
C GLU S 176 16.04 -33.85 12.87
N TRP S 177 14.77 -33.43 12.88
CA TRP S 177 14.06 -33.06 11.66
C TRP S 177 13.69 -31.58 11.69
N LYS S 178 13.96 -30.89 10.59
CA LYS S 178 13.67 -29.46 10.50
C LYS S 178 12.71 -29.20 9.36
N PHE S 179 11.54 -28.69 9.70
CA PHE S 179 10.54 -28.30 8.72
C PHE S 179 10.50 -26.77 8.64
N THR S 180 10.88 -26.24 7.49
CA THR S 180 10.87 -24.80 7.26
C THR S 180 9.64 -24.43 6.45
N ILE S 181 8.64 -23.85 7.12
CA ILE S 181 7.31 -23.67 6.55
C ILE S 181 7.23 -22.50 5.58
N THR S 182 6.85 -22.81 4.34
CA THR S 182 6.64 -21.80 3.30
C THR S 182 5.50 -22.22 2.38
N PRO S 183 4.24 -22.04 2.84
CA PRO S 183 3.05 -22.50 2.08
C PRO S 183 3.16 -22.18 0.60
N PRO S 184 2.76 -23.11 -0.28
CA PRO S 184 2.08 -24.36 0.06
C PRO S 184 3.06 -25.51 0.33
N THR S 185 4.34 -25.20 0.52
CA THR S 185 5.39 -26.22 0.62
C THR S 185 6.32 -26.01 1.83
N ALA S 186 6.59 -27.09 2.57
CA ALA S 186 7.58 -27.04 3.65
C ALA S 186 8.91 -27.68 3.22
N GLN S 187 10.01 -27.01 3.54
CA GLN S 187 11.32 -27.58 3.30
C GLN S 187 11.74 -28.51 4.42
N VAL S 188 12.18 -29.71 4.06
CA VAL S 188 12.52 -30.72 5.06
C VAL S 188 14.02 -31.02 5.06
N ALA S 189 14.64 -30.83 6.22
CA ALA S 189 16.04 -31.26 6.40
C ALA S 189 16.14 -32.13 7.65
N ALA S 190 16.96 -33.17 7.62
CA ALA S 190 17.08 -34.07 8.75
C ALA S 190 18.44 -34.72 8.81
N VAL S 191 18.84 -35.11 10.02
CA VAL S 191 20.03 -35.89 10.24
C VAL S 191 19.62 -37.06 11.13
N LEU S 192 19.88 -38.28 10.67
CA LEU S 192 19.62 -39.45 11.50
C LEU S 192 20.95 -40.02 11.96
N LYS S 193 21.05 -40.42 13.22
CA LYS S 193 22.32 -40.89 13.77
C LYS S 193 22.15 -42.14 14.64
N ILE S 194 23.10 -43.07 14.50
CA ILE S 194 23.14 -44.24 15.36
C ILE S 194 24.56 -44.46 15.83
N GLN S 195 24.70 -44.86 17.09
CA GLN S 195 25.99 -45.24 17.61
C GLN S 195 25.80 -46.42 18.53
N VAL S 196 26.59 -47.46 18.32
CA VAL S 196 26.58 -48.61 19.21
C VAL S 196 28.01 -48.95 19.61
N HIS S 197 28.19 -49.27 20.89
CA HIS S 197 29.51 -49.57 21.43
C HIS S 197 29.44 -50.90 22.16
N TYR S 198 30.31 -51.83 21.75
CA TYR S 198 30.47 -53.10 22.44
C TYR S 198 31.91 -53.22 22.93
N TYR S 199 32.10 -53.56 24.21
CA TYR S 199 33.45 -53.51 24.78
C TYR S 199 33.82 -54.61 25.75
N GLU S 200 33.23 -55.79 25.61
CA GLU S 200 33.73 -56.92 26.35
C GLU S 200 35.09 -57.39 25.75
N ASP S 201 36.17 -57.13 26.47
CA ASP S 201 37.49 -57.51 25.99
C ASP S 201 37.74 -56.97 24.58
N GLY S 202 37.36 -55.72 24.37
CA GLY S 202 37.63 -55.04 23.13
C GLY S 202 36.90 -53.72 23.06
N ASN S 203 36.86 -53.15 21.86
CA ASN S 203 36.20 -51.88 21.63
C ASN S 203 35.75 -51.88 20.19
N VAL S 204 34.46 -52.13 19.98
CA VAL S 204 33.89 -52.22 18.66
C VAL S 204 32.74 -51.23 18.60
N GLN S 205 32.74 -50.38 17.59
CA GLN S 205 31.67 -49.39 17.49
C GLN S 205 31.04 -49.34 16.09
N LEU S 206 29.72 -49.23 16.07
CA LEU S 206 28.98 -48.81 14.88
C LEU S 206 28.78 -47.31 14.98
N VAL S 207 29.17 -46.57 13.94
CA VAL S 207 28.89 -45.14 13.87
C VAL S 207 28.26 -44.89 12.52
N SER S 208 27.05 -44.31 12.50
CA SER S 208 26.38 -44.08 11.24
C SER S 208 25.54 -42.83 11.27
N HIS S 209 25.39 -42.20 10.13
CA HIS S 209 24.43 -41.13 10.04
C HIS S 209 24.01 -40.92 8.60
N LYS S 210 22.81 -40.37 8.45
CA LYS S 210 22.30 -40.09 7.13
C LYS S 210 21.60 -38.75 7.12
N ASP S 211 21.88 -37.96 6.07
CA ASP S 211 21.26 -36.65 5.89
C ASP S 211 20.04 -36.80 4.99
N ILE S 212 18.94 -36.20 5.38
CA ILE S 212 17.71 -36.23 4.59
C ILE S 212 17.39 -34.82 4.11
N GLN S 213 17.02 -34.71 2.83
CA GLN S 213 16.56 -33.45 2.27
C GLN S 213 15.28 -33.70 1.48
N ASP S 214 14.22 -32.95 1.80
CA ASP S 214 12.92 -33.22 1.22
C ASP S 214 12.00 -32.02 1.33
N SER S 215 10.74 -32.22 0.94
CA SER S 215 9.72 -31.20 0.99
C SER S 215 8.33 -31.81 1.08
N VAL S 216 7.42 -31.10 1.75
CA VAL S 216 6.06 -31.59 1.91
C VAL S 216 5.02 -30.52 1.66
N GLN S 217 3.84 -30.94 1.22
CA GLN S 217 2.71 -30.04 1.12
C GLN S 217 2.32 -29.62 2.52
N VAL S 218 2.05 -28.34 2.69
CA VAL S 218 1.56 -27.84 3.98
C VAL S 218 0.10 -27.44 3.81
N SER S 219 -0.71 -27.70 4.84
CA SER S 219 -2.14 -27.43 4.80
C SER S 219 -2.63 -26.98 6.16
N SER S 220 -3.53 -27.75 6.74
CA SER S 220 -4.03 -27.49 8.08
C SER S 220 -2.98 -27.89 9.12
N ASP S 221 -3.07 -27.30 10.30
CA ASP S 221 -2.15 -27.64 11.37
C ASP S 221 -2.14 -29.16 11.56
N VAL S 222 -3.32 -29.73 11.73
CA VAL S 222 -3.47 -31.16 12.00
C VAL S 222 -3.03 -32.02 10.83
N GLN S 223 -3.41 -31.65 9.60
CA GLN S 223 -3.08 -32.46 8.44
C GLN S 223 -1.58 -32.45 8.15
N THR S 224 -0.95 -31.32 8.43
CA THR S 224 0.46 -31.18 8.13
C THR S 224 1.26 -32.08 9.07
N ALA S 225 0.90 -32.04 10.34
CA ALA S 225 1.50 -32.93 11.32
C ALA S 225 1.47 -34.36 10.79
N LYS S 226 0.34 -34.79 10.26
CA LYS S 226 0.24 -36.14 9.72
C LYS S 226 1.24 -36.33 8.58
N GLU S 227 1.33 -35.32 7.72
CA GLU S 227 2.25 -35.33 6.57
C GLU S 227 3.72 -35.42 7.03
N PHE S 228 4.08 -34.61 8.02
CA PHE S 228 5.43 -34.59 8.60
C PHE S 228 5.84 -35.94 9.19
N ILE S 229 4.96 -36.48 10.03
CA ILE S 229 5.18 -37.77 10.64
C ILE S 229 5.30 -38.87 9.60
N LYS S 230 4.53 -38.78 8.51
CA LYS S 230 4.62 -39.78 7.44
C LYS S 230 6.00 -39.74 6.79
N ILE S 231 6.49 -38.53 6.54
CA ILE S 231 7.82 -38.35 5.99
C ILE S 231 8.86 -38.94 6.92
N ILE S 232 8.78 -38.61 8.21
CA ILE S 232 9.71 -39.11 9.21
C ILE S 232 9.70 -40.63 9.23
N GLU S 233 8.50 -41.21 9.23
CA GLU S 233 8.35 -42.67 9.30
C GLU S 233 8.99 -43.37 8.12
N ASN S 234 8.71 -42.88 6.91
CA ASN S 234 9.26 -43.51 5.71
C ASN S 234 10.78 -43.43 5.65
N ALA S 235 11.32 -42.28 6.03
CA ALA S 235 12.75 -42.07 6.00
C ALA S 235 13.47 -42.92 7.05
N GLU S 236 12.96 -42.89 8.29
CA GLU S 236 13.59 -43.67 9.37
C GLU S 236 13.52 -45.17 9.12
N ASN S 237 12.38 -45.67 8.62
CA ASN S 237 12.32 -47.08 8.24
C ASN S 237 13.29 -47.43 7.11
N GLU S 238 13.36 -46.56 6.10
CA GLU S 238 14.27 -46.78 4.98
C GLU S 238 15.71 -46.88 5.44
N TYR S 239 16.09 -46.00 6.36
CA TYR S 239 17.44 -45.96 6.88
C TYR S 239 17.72 -47.24 7.67
N GLN S 240 16.83 -47.58 8.60
CA GLN S 240 16.97 -48.82 9.36
C GLN S 240 17.07 -50.02 8.42
N THR S 241 16.24 -50.04 7.39
CA THR S 241 16.31 -51.11 6.38
C THR S 241 17.66 -51.16 5.66
N ALA S 242 18.17 -50.00 5.25
CA ALA S 242 19.46 -49.93 4.58
C ALA S 242 20.57 -50.43 5.52
N ILE S 243 20.43 -50.10 6.80
CA ILE S 243 21.43 -50.51 7.75
C ILE S 243 21.44 -52.04 7.84
N SER S 244 20.25 -52.63 7.93
CA SER S 244 20.12 -54.07 7.95
C SER S 244 20.70 -54.71 6.70
N GLU S 245 20.50 -54.05 5.56
CA GLU S 245 21.05 -54.55 4.31
C GLU S 245 22.58 -54.50 4.29
N ASN S 246 23.17 -53.48 4.94
CA ASN S 246 24.63 -53.34 4.97
C ASN S 246 25.22 -54.43 5.84
N TYR S 247 24.56 -54.71 6.96
CA TYR S 247 25.02 -55.75 7.87
C TYR S 247 25.07 -57.09 7.15
N GLN S 248 24.03 -57.39 6.37
CA GLN S 248 23.95 -58.66 5.68
C GLN S 248 25.06 -58.79 4.65
N THR S 249 25.29 -57.71 3.92
CA THR S 249 26.33 -57.67 2.88
C THR S 249 27.73 -57.71 3.50
N MET S 250 27.95 -57.00 4.60
CA MET S 250 29.22 -57.08 5.30
C MET S 250 29.49 -58.52 5.81
N SER S 251 28.42 -59.20 6.22
CA SER S 251 28.54 -60.57 6.74
C SER S 251 28.76 -61.60 5.65
N ASP S 252 27.99 -61.52 4.58
CA ASP S 252 27.96 -62.55 3.54
C ASP S 252 29.02 -62.35 2.46
N THR S 253 29.56 -61.14 2.38
CA THR S 253 30.50 -60.82 1.32
C THR S 253 31.86 -60.34 1.87
N THR S 254 31.88 -59.15 2.46
CA THR S 254 33.16 -58.58 2.89
C THR S 254 33.89 -59.41 3.94
N PHE S 255 33.20 -59.74 5.02
CA PHE S 255 33.85 -60.46 6.11
C PHE S 255 34.37 -61.81 5.65
N LYS S 256 33.54 -62.54 4.92
CA LYS S 256 33.94 -63.84 4.38
C LYS S 256 35.18 -63.75 3.50
N ALA S 257 35.25 -62.72 2.66
CA ALA S 257 36.36 -62.60 1.72
C ALA S 257 37.68 -62.24 2.42
N LEU S 258 37.60 -61.65 3.60
CA LEU S 258 38.79 -61.23 4.31
C LEU S 258 39.64 -62.42 4.78
N ARG S 259 38.98 -63.43 5.32
CA ARG S 259 39.68 -64.62 5.79
C ARG S 259 38.79 -65.85 5.70
N ARG S 260 39.37 -66.94 5.21
CA ARG S 260 38.69 -68.22 5.13
C ARG S 260 38.47 -68.76 6.54
N GLN S 261 37.45 -69.60 6.70
CA GLN S 261 37.24 -70.32 7.96
C GLN S 261 38.30 -71.39 8.13
N LEU S 262 38.59 -72.09 7.04
CA LEU S 262 39.62 -73.14 7.01
C LEU S 262 40.29 -73.09 5.65
N PRO S 263 41.55 -73.56 5.57
CA PRO S 263 42.24 -73.67 4.29
C PRO S 263 41.42 -74.58 3.40
N VAL S 264 41.76 -74.66 2.11
CA VAL S 264 41.03 -75.47 1.15
C VAL S 264 41.00 -76.94 1.52
N THR S 265 42.00 -77.40 2.27
CA THR S 265 42.04 -78.81 2.69
C THR S 265 40.90 -79.15 3.64
N ARG S 266 40.23 -78.11 4.16
CA ARG S 266 39.17 -78.29 5.14
C ARG S 266 39.66 -78.98 6.41
N THR S 267 40.94 -78.81 6.69
CA THR S 267 41.50 -79.21 7.95
C THR S 267 42.43 -78.11 8.41
N LYS S 268 42.71 -78.08 9.71
CA LYS S 268 43.69 -77.14 10.20
C LYS S 268 45.07 -77.46 9.61
N ILE S 269 45.98 -76.50 9.66
CA ILE S 269 47.29 -76.67 9.06
C ILE S 269 48.07 -77.78 9.75
N ASP S 270 48.75 -78.58 8.95
CA ASP S 270 49.74 -79.54 9.45
C ASP S 270 51.09 -78.82 9.52
N TRP S 271 51.44 -78.36 10.70
CA TRP S 271 52.57 -77.46 10.85
C TRP S 271 53.95 -78.08 10.54
N ASN S 272 54.11 -79.39 10.77
CA ASN S 272 55.37 -80.04 10.40
C ASN S 272 55.59 -79.97 8.90
N LYS S 273 54.51 -80.13 8.16
CA LYS S 273 54.50 -80.05 6.70
C LYS S 273 54.93 -78.65 6.25
N ILE S 274 54.33 -77.64 6.86
CA ILE S 274 54.58 -76.25 6.50
C ILE S 274 56.06 -75.92 6.65
N LEU S 275 56.73 -76.63 7.54
CA LEU S 275 58.12 -76.35 7.89
C LEU S 275 59.10 -77.06 6.94
N SER S 276 58.58 -77.98 6.13
CA SER S 276 59.39 -78.68 5.14
C SER S 276 60.00 -77.72 4.12
N GLN T 4 48.44 -45.75 37.47
CA GLN T 4 47.02 -45.41 37.44
C GLN T 4 46.66 -44.55 36.24
N GLN T 5 47.59 -43.70 35.81
CA GLN T 5 47.39 -42.93 34.59
C GLN T 5 47.40 -43.87 33.39
N LEU T 6 48.25 -44.87 33.43
CA LEU T 6 48.28 -45.87 32.37
C LEU T 6 46.95 -46.63 32.29
N ASP T 7 46.38 -46.91 33.46
CA ASP T 7 45.17 -47.71 33.54
C ASP T 7 44.02 -46.93 32.92
N CYS T 8 44.01 -45.63 33.18
CA CYS T 8 42.98 -44.74 32.66
C CYS T 8 43.12 -44.50 31.17
N ALA T 9 44.37 -44.44 30.73
CA ALA T 9 44.68 -44.29 29.31
C ALA T 9 44.14 -45.47 28.51
N LEU T 10 44.43 -46.67 28.97
CA LEU T 10 43.91 -47.86 28.32
C LEU T 10 42.37 -47.89 28.37
N ASP T 11 41.80 -47.50 29.50
CA ASP T 11 40.36 -47.51 29.65
C ASP T 11 39.75 -46.56 28.63
N LEU T 12 40.36 -45.40 28.47
CA LEU T 12 39.93 -44.43 27.48
C LEU T 12 40.01 -44.95 26.05
N MET T 13 41.10 -45.62 25.69
CA MET T 13 41.16 -46.24 24.36
C MET T 13 40.09 -47.36 24.16
N ARG T 14 39.51 -47.87 25.25
CA ARG T 14 38.43 -48.87 25.14
C ARG T 14 37.09 -48.21 24.81
N ARG T 15 37.03 -46.89 24.91
CA ARG T 15 35.75 -46.19 24.88
C ARG T 15 35.66 -45.14 23.77
N LEU T 16 36.77 -44.45 23.50
CA LEU T 16 36.81 -43.52 22.37
C LEU T 16 36.58 -44.32 21.07
N PRO T 17 35.88 -43.71 20.09
CA PRO T 17 35.58 -44.41 18.84
C PRO T 17 36.84 -44.98 18.16
N PRO T 18 36.84 -46.28 17.85
CA PRO T 18 37.97 -46.90 17.16
C PRO T 18 38.18 -46.32 15.77
N GLN T 19 37.18 -45.65 15.22
CA GLN T 19 37.35 -45.03 13.90
C GLN T 19 38.50 -44.01 13.93
N GLN T 20 38.78 -43.45 15.11
CA GLN T 20 39.82 -42.42 15.24
C GLN T 20 40.96 -42.97 16.08
N ILE T 21 41.14 -44.29 16.00
CA ILE T 21 42.14 -44.98 16.80
C ILE T 21 43.54 -44.33 16.74
N GLU T 22 43.99 -43.95 15.55
CA GLU T 22 45.31 -43.34 15.40
C GLU T 22 45.43 -41.94 16.04
N LYS T 23 44.44 -41.10 15.80
CA LYS T 23 44.40 -39.77 16.39
C LYS T 23 44.19 -39.84 17.89
N ASN T 24 43.30 -40.73 18.34
CA ASN T 24 43.16 -40.96 19.77
C ASN T 24 44.53 -41.16 20.45
N LEU T 25 45.34 -42.07 19.92
CA LEU T 25 46.62 -42.40 20.55
C LEU T 25 47.55 -41.19 20.64
N SER T 26 47.73 -40.47 19.55
CA SER T 26 48.63 -39.31 19.58
C SER T 26 48.09 -38.19 20.46
N ASP T 27 46.77 -38.00 20.48
CA ASP T 27 46.15 -37.08 21.43
C ASP T 27 46.50 -37.50 22.87
N LEU T 28 46.34 -38.79 23.14
CA LEU T 28 46.65 -39.34 24.46
C LEU T 28 48.12 -39.13 24.82
N ILE T 29 49.03 -39.40 23.87
CA ILE T 29 50.45 -39.13 24.10
C ILE T 29 50.66 -37.65 24.43
N ASP T 30 49.94 -36.76 23.73
CA ASP T 30 50.12 -35.35 23.97
C ASP T 30 49.60 -35.00 25.35
N LEU T 31 48.50 -35.64 25.74
CA LEU T 31 47.88 -35.36 27.03
C LEU T 31 48.80 -35.78 28.17
N VAL T 32 49.46 -36.92 28.01
CA VAL T 32 50.36 -37.44 29.05
C VAL T 32 51.71 -37.90 28.48
N PRO T 33 52.55 -36.94 28.10
CA PRO T 33 53.84 -37.15 27.45
C PRO T 33 54.69 -38.24 28.10
N SER T 34 54.60 -38.36 29.42
CA SER T 34 55.45 -39.28 30.17
C SER T 34 55.10 -40.76 29.96
N LEU T 35 53.91 -41.04 29.44
CA LEU T 35 53.48 -42.42 29.20
C LEU T 35 53.77 -42.87 27.79
N CYS T 36 54.53 -42.07 27.06
CA CYS T 36 54.75 -42.35 25.65
C CYS T 36 55.18 -43.79 25.34
N GLU T 37 56.23 -44.27 26.00
CA GLU T 37 56.72 -45.60 25.68
C GLU T 37 55.71 -46.70 26.03
N ASP T 38 55.10 -46.57 27.21
CA ASP T 38 54.09 -47.51 27.67
C ASP T 38 52.88 -47.51 26.72
N LEU T 39 52.38 -46.34 26.36
CA LEU T 39 51.24 -46.25 25.43
C LEU T 39 51.58 -46.83 24.06
N LEU T 40 52.72 -46.46 23.51
CA LEU T 40 53.15 -46.98 22.22
C LEU T 40 53.20 -48.52 22.21
N SER T 41 53.50 -49.13 23.34
CA SER T 41 53.67 -50.59 23.33
C SER T 41 52.39 -51.36 23.70
N SER T 42 51.49 -50.71 24.43
CA SER T 42 50.27 -51.39 24.85
C SER T 42 49.01 -50.95 24.11
N VAL T 43 49.06 -49.85 23.38
CA VAL T 43 47.91 -49.46 22.55
C VAL T 43 48.09 -49.96 21.13
N ASP T 44 47.31 -50.96 20.76
CA ASP T 44 47.33 -51.52 19.41
C ASP T 44 46.86 -50.48 18.38
N GLN T 45 47.44 -50.53 17.19
CA GLN T 45 47.16 -49.58 16.12
C GLN T 45 47.07 -50.40 14.84
N PRO T 46 46.25 -49.93 13.89
CA PRO T 46 46.15 -50.60 12.59
C PRO T 46 47.54 -50.75 12.01
N LEU T 47 47.76 -51.82 11.27
CA LEU T 47 49.09 -52.12 10.76
C LEU T 47 49.34 -51.33 9.48
N LYS T 48 50.55 -50.84 9.31
CA LYS T 48 50.91 -50.13 8.08
C LYS T 48 51.78 -51.00 7.19
N ILE T 49 51.62 -50.89 5.89
CA ILE T 49 52.45 -51.63 4.95
C ILE T 49 53.61 -50.77 4.47
N ALA T 50 54.82 -51.28 4.57
CA ALA T 50 55.99 -50.64 3.96
C ALA T 50 56.57 -51.59 2.93
N ARG T 51 57.43 -51.08 2.05
CA ARG T 51 58.00 -51.92 1.01
C ARG T 51 59.50 -52.11 1.22
N ASP T 52 59.94 -53.36 1.28
CA ASP T 52 61.38 -53.64 1.36
C ASP T 52 61.96 -53.61 -0.05
N LYS T 53 62.57 -52.48 -0.41
CA LYS T 53 63.07 -52.26 -1.76
C LYS T 53 64.15 -53.26 -2.15
N VAL T 54 64.94 -53.68 -1.18
CA VAL T 54 66.02 -54.61 -1.43
C VAL T 54 65.50 -55.96 -1.88
N VAL T 55 64.58 -56.53 -1.10
CA VAL T 55 64.12 -57.88 -1.38
C VAL T 55 62.91 -57.88 -2.30
N GLY T 56 62.31 -56.72 -2.48
CA GLY T 56 61.09 -56.63 -3.27
C GLY T 56 59.94 -57.37 -2.60
N LYS T 57 59.73 -57.10 -1.32
CA LYS T 57 58.62 -57.67 -0.57
C LYS T 57 58.01 -56.63 0.37
N ASP T 58 56.71 -56.74 0.61
CA ASP T 58 56.04 -55.88 1.59
C ASP T 58 56.28 -56.40 3.01
N TYR T 59 56.27 -55.50 3.99
CA TYR T 59 56.34 -55.92 5.39
C TYR T 59 55.51 -54.97 6.25
N LEU T 60 55.23 -55.37 7.47
CA LEU T 60 54.27 -54.64 8.29
C LEU T 60 54.95 -53.81 9.37
N LEU T 61 54.44 -52.61 9.60
CA LEU T 61 55.01 -51.71 10.61
C LEU T 61 54.15 -51.71 11.87
N CYS T 62 54.78 -51.84 13.02
CA CYS T 62 54.07 -51.61 14.26
C CYS T 62 55.13 -51.24 15.28
N ASP T 63 54.74 -51.08 16.53
CA ASP T 63 55.70 -50.62 17.51
C ASP T 63 56.80 -51.66 17.72
N TYR T 64 56.50 -52.94 17.52
CA TYR T 64 57.47 -53.96 17.87
C TYR T 64 58.68 -54.01 16.93
N ASN T 65 58.53 -53.51 15.70
CA ASN T 65 59.71 -53.48 14.83
C ASN T 65 60.28 -52.08 14.66
N ARG T 66 59.96 -51.20 15.59
CA ARG T 66 60.35 -49.80 15.49
C ARG T 66 61.56 -49.53 16.38
N ASP T 67 62.47 -48.70 15.87
CA ASP T 67 63.52 -48.15 16.71
C ASP T 67 63.71 -46.69 16.29
N GLY T 68 63.46 -45.78 17.21
CA GLY T 68 63.48 -44.37 16.88
C GLY T 68 62.37 -44.08 15.86
N ASP T 69 62.75 -43.56 14.70
CA ASP T 69 61.77 -43.33 13.65
C ASP T 69 61.91 -44.29 12.47
N SER T 70 62.73 -45.33 12.64
CA SER T 70 62.92 -46.31 11.58
C SER T 70 62.27 -47.66 11.91
N TYR T 71 62.04 -48.47 10.88
CA TYR T 71 61.46 -49.80 11.08
C TYR T 71 62.30 -50.90 10.41
N ARG T 72 62.35 -52.06 11.07
CA ARG T 72 63.16 -53.17 10.60
C ARG T 72 62.36 -54.09 9.69
N SER T 73 62.90 -54.36 8.50
CA SER T 73 62.30 -55.36 7.59
C SER T 73 62.60 -56.76 8.07
N PRO T 74 61.59 -57.65 8.05
CA PRO T 74 61.88 -59.03 8.44
C PRO T 74 62.62 -59.78 7.34
N TRP T 75 62.69 -59.19 6.16
CA TRP T 75 63.23 -59.90 5.01
C TRP T 75 64.70 -59.58 4.85
N SER T 76 65.05 -58.30 4.90
CA SER T 76 66.43 -57.86 4.74
C SER T 76 67.13 -57.64 6.08
N ASN T 77 66.35 -57.70 7.15
CA ASN T 77 66.88 -57.49 8.51
C ASN T 77 67.58 -56.15 8.62
N LYS T 78 67.11 -55.17 7.85
CA LYS T 78 67.70 -53.81 7.89
C LYS T 78 66.66 -52.76 8.27
N TYR T 79 67.10 -51.69 8.92
CA TYR T 79 66.19 -50.60 9.25
C TYR T 79 66.02 -49.60 8.09
N ASP T 80 64.82 -49.08 7.97
CA ASP T 80 64.53 -48.00 7.04
C ASP T 80 63.71 -46.93 7.78
N PRO T 81 64.21 -45.70 7.87
CA PRO T 81 65.53 -45.21 7.45
C PRO T 81 66.67 -45.94 8.13
N PRO T 82 67.79 -46.11 7.43
CA PRO T 82 68.93 -46.84 7.97
C PRO T 82 69.32 -46.36 9.36
N LEU T 83 69.96 -47.21 10.14
CA LEU T 83 70.31 -46.89 11.52
C LEU T 83 71.72 -47.41 11.84
N GLU T 84 72.45 -46.66 12.66
CA GLU T 84 73.82 -47.04 12.97
C GLU T 84 73.87 -48.18 13.98
N ASP T 85 72.91 -48.20 14.89
CA ASP T 85 72.90 -49.19 15.96
C ASP T 85 71.48 -49.60 16.30
N GLY T 86 70.67 -49.82 15.27
CA GLY T 86 69.31 -50.27 15.45
C GLY T 86 69.28 -51.57 16.23
N ALA T 87 68.25 -51.78 17.03
CA ALA T 87 68.13 -53.02 17.79
C ALA T 87 67.93 -54.21 16.84
N MET T 88 68.83 -55.19 16.92
CA MET T 88 68.78 -56.38 16.08
C MET T 88 68.58 -57.61 16.96
N PRO T 89 67.98 -58.67 16.40
CA PRO T 89 67.93 -59.97 17.11
C PRO T 89 69.30 -60.65 17.05
N SER T 90 69.60 -61.51 18.02
CA SER T 90 70.84 -62.29 18.01
C SER T 90 70.83 -63.19 16.78
N ALA T 91 71.97 -63.79 16.46
CA ALA T 91 72.06 -64.65 15.28
C ALA T 91 71.09 -65.83 15.39
N ARG T 92 70.98 -66.39 16.58
CA ARG T 92 70.13 -67.55 16.80
C ARG T 92 68.69 -67.16 16.55
N LEU T 93 68.28 -66.06 17.19
CA LEU T 93 66.90 -65.61 17.11
C LEU T 93 66.56 -65.13 15.70
N ARG T 94 67.55 -64.54 15.02
CA ARG T 94 67.31 -64.13 13.64
C ARG T 94 67.06 -65.34 12.72
N LYS T 95 67.82 -66.41 12.92
CA LYS T 95 67.52 -67.64 12.17
C LYS T 95 66.10 -68.16 12.42
N LEU T 96 65.68 -68.14 13.68
CA LEU T 96 64.33 -68.57 14.02
C LEU T 96 63.31 -67.62 13.40
N GLU T 97 63.64 -66.33 13.38
CA GLU T 97 62.74 -65.31 12.86
C GLU T 97 62.52 -65.50 11.37
N VAL T 98 63.59 -65.83 10.64
CA VAL T 98 63.45 -66.10 9.20
C VAL T 98 62.57 -67.32 8.98
N GLU T 99 62.79 -68.35 9.80
CA GLU T 99 61.99 -69.56 9.78
C GLU T 99 60.53 -69.22 9.99
N ALA T 100 60.24 -68.40 11.00
CA ALA T 100 58.88 -68.08 11.36
C ALA T 100 58.23 -67.27 10.28
N ASN T 101 58.97 -66.34 9.68
CA ASN T 101 58.39 -65.54 8.60
C ASN T 101 57.99 -66.39 7.40
N ASN T 102 58.79 -67.40 7.09
CA ASN T 102 58.50 -68.32 6.00
C ASN T 102 57.25 -69.13 6.33
N ALA T 103 57.16 -69.58 7.57
CA ALA T 103 56.03 -70.41 7.94
C ALA T 103 54.73 -69.61 7.96
N PHE T 104 54.76 -68.40 8.52
CA PHE T 104 53.57 -67.60 8.61
C PHE T 104 53.19 -66.93 7.30
N ASP T 105 54.13 -66.86 6.37
CA ASP T 105 53.82 -66.44 5.02
C ASP T 105 52.91 -67.49 4.36
N GLN T 106 53.22 -68.76 4.56
CA GLN T 106 52.38 -69.83 4.04
C GLN T 106 51.03 -69.91 4.77
N TYR T 107 51.07 -69.68 6.08
CA TYR T 107 49.86 -69.62 6.88
C TYR T 107 48.96 -68.52 6.32
N ARG T 108 49.56 -67.36 6.05
CA ARG T 108 48.86 -66.22 5.51
C ARG T 108 48.17 -66.62 4.20
N ASP T 109 48.94 -67.20 3.28
CA ASP T 109 48.39 -67.57 1.98
C ASP T 109 47.24 -68.56 2.14
N LEU T 110 47.41 -69.52 3.04
CA LEU T 110 46.41 -70.57 3.23
C LEU T 110 45.10 -70.05 3.80
N TYR T 111 45.16 -69.12 4.75
CA TYR T 111 43.94 -68.61 5.38
C TYR T 111 43.40 -67.32 4.76
N PHE T 112 44.30 -66.48 4.26
CA PHE T 112 43.89 -65.17 3.77
C PHE T 112 43.95 -65.01 2.26
N GLU T 113 44.69 -65.89 1.58
CA GLU T 113 44.72 -65.88 0.12
C GLU T 113 45.09 -64.51 -0.41
N GLY T 114 46.04 -63.85 0.26
CA GLY T 114 46.44 -62.50 -0.09
C GLY T 114 46.98 -61.80 1.14
N GLY T 115 46.97 -60.47 1.13
CA GLY T 115 47.44 -59.68 2.26
C GLY T 115 48.93 -59.80 2.46
N VAL T 116 49.39 -59.32 3.61
CA VAL T 116 50.81 -59.30 3.93
C VAL T 116 50.99 -59.84 5.34
N SER T 117 52.12 -60.51 5.58
CA SER T 117 52.47 -60.97 6.91
C SER T 117 53.88 -60.52 7.30
N SER T 118 54.15 -60.47 8.60
CA SER T 118 55.49 -60.22 9.14
C SER T 118 55.56 -60.80 10.54
N VAL T 119 56.73 -61.32 10.89
CA VAL T 119 57.04 -61.85 12.21
C VAL T 119 58.32 -61.19 12.71
N TYR T 120 58.26 -60.61 13.91
CA TYR T 120 59.45 -60.04 14.54
C TYR T 120 59.63 -60.70 15.90
N LEU T 121 60.86 -61.16 16.18
CA LEU T 121 61.16 -61.83 17.44
C LEU T 121 62.12 -61.00 18.26
N TRP T 122 62.13 -61.20 19.57
CA TRP T 122 63.13 -60.55 20.41
C TRP T 122 63.41 -61.37 21.67
N ASP T 123 64.63 -61.23 22.19
CA ASP T 123 65.11 -61.99 23.34
C ASP T 123 64.41 -61.63 24.64
N LEU T 124 64.16 -62.64 25.46
CA LEU T 124 63.73 -62.41 26.84
C LEU T 124 64.73 -63.07 27.77
N ASP T 125 64.56 -62.84 29.05
CA ASP T 125 65.43 -63.42 30.06
C ASP T 125 65.48 -64.94 29.92
N HIS T 126 64.33 -65.60 30.01
CA HIS T 126 64.30 -67.06 30.05
C HIS T 126 63.68 -67.68 28.80
N GLY T 127 63.83 -67.00 27.68
CA GLY T 127 63.26 -67.46 26.44
C GLY T 127 63.22 -66.33 25.43
N PHE T 128 62.07 -66.12 24.80
CA PHE T 128 61.97 -65.10 23.78
C PHE T 128 60.51 -64.75 23.58
N ALA T 129 60.27 -63.62 22.92
CA ALA T 129 58.92 -63.23 22.54
C ALA T 129 58.87 -62.94 21.06
N GLY T 130 57.67 -62.73 20.53
CA GLY T 130 57.55 -62.30 19.15
C GLY T 130 56.15 -61.82 18.86
N VAL T 131 55.99 -61.18 17.72
CA VAL T 131 54.68 -60.78 17.27
C VAL T 131 54.51 -61.36 15.89
N ILE T 132 53.33 -61.91 15.64
CA ILE T 132 52.97 -62.37 14.32
C ILE T 132 51.88 -61.41 13.83
N LEU T 133 52.16 -60.72 12.72
CA LEU T 133 51.27 -59.72 12.16
C LEU T 133 50.71 -60.14 10.81
N ILE T 134 49.42 -59.90 10.61
CA ILE T 134 48.79 -60.18 9.32
C ILE T 134 47.88 -59.02 8.95
N LYS T 135 48.02 -58.53 7.73
CA LYS T 135 47.22 -57.42 7.24
C LYS T 135 46.53 -57.81 5.94
N LYS T 136 45.20 -57.71 5.91
CA LYS T 136 44.47 -58.07 4.70
C LYS T 136 43.38 -57.04 4.39
N ALA T 137 43.45 -56.45 3.21
CA ALA T 137 42.45 -55.48 2.76
C ALA T 137 41.36 -56.16 1.93
N GLY T 138 40.12 -55.70 2.06
CA GLY T 138 39.01 -56.24 1.29
C GLY T 138 39.12 -55.74 -0.14
N ASP T 139 38.54 -56.45 -1.09
CA ASP T 139 38.63 -56.05 -2.50
C ASP T 139 37.66 -54.93 -2.85
N GLY T 140 36.87 -54.50 -1.87
CA GLY T 140 35.98 -53.37 -2.03
C GLY T 140 34.64 -53.69 -2.66
N SER T 141 34.34 -54.98 -2.84
CA SER T 141 33.10 -55.40 -3.53
C SER T 141 31.85 -54.79 -2.89
N LYS T 142 30.80 -54.64 -3.70
CA LYS T 142 29.51 -54.19 -3.20
C LYS T 142 29.64 -52.89 -2.41
N LYS T 143 30.64 -52.08 -2.76
CA LYS T 143 30.83 -50.75 -2.19
C LYS T 143 31.14 -50.78 -0.69
N ILE T 144 31.66 -51.90 -0.20
CA ILE T 144 32.06 -52.02 1.20
C ILE T 144 33.58 -52.06 1.26
N LYS T 145 34.19 -51.12 1.97
CA LYS T 145 35.64 -51.20 2.26
C LYS T 145 35.89 -51.97 3.56
N GLY T 146 36.78 -52.94 3.51
CA GLY T 146 37.05 -53.76 4.67
C GLY T 146 38.54 -53.93 4.92
N CYS T 147 38.90 -54.12 6.18
CA CYS T 147 40.28 -54.39 6.50
C CYS T 147 40.38 -55.26 7.74
N TRP T 148 41.32 -56.20 7.73
CA TRP T 148 41.54 -57.14 8.84
C TRP T 148 42.98 -57.06 9.29
N ASP T 149 43.21 -56.74 10.58
CA ASP T 149 44.55 -56.78 11.19
C ASP T 149 44.65 -57.87 12.25
N SER T 150 45.67 -58.71 12.15
CA SER T 150 46.03 -59.63 13.22
C SER T 150 47.32 -59.20 13.90
N ILE T 151 47.27 -59.08 15.22
CA ILE T 151 48.43 -58.82 16.05
C ILE T 151 48.49 -59.92 17.09
N HIS T 152 49.34 -60.92 16.86
CA HIS T 152 49.54 -62.02 17.80
C HIS T 152 50.89 -61.87 18.52
N VAL T 153 50.85 -61.63 19.83
CA VAL T 153 52.09 -61.42 20.56
C VAL T 153 52.27 -62.62 21.45
N VAL T 154 53.41 -63.29 21.30
CA VAL T 154 53.66 -64.51 22.05
C VAL T 154 54.89 -64.40 22.93
N GLU T 155 54.77 -64.90 24.16
CA GLU T 155 55.89 -64.98 25.09
C GLU T 155 56.23 -66.44 25.34
N VAL T 156 57.49 -66.79 25.16
CA VAL T 156 57.94 -68.17 25.30
C VAL T 156 58.97 -68.30 26.41
N GLN T 157 58.65 -69.09 27.43
CA GLN T 157 59.59 -69.33 28.52
C GLN T 157 60.18 -70.74 28.36
N GLU T 158 61.47 -70.80 28.01
CA GLU T 158 62.12 -72.06 27.68
C GLU T 158 62.59 -72.82 28.92
N ARG T 163 63.22 -78.97 26.30
CA ARG T 163 62.39 -80.11 26.69
C ARG T 163 60.89 -79.81 26.55
N THR T 164 60.41 -78.84 27.32
CA THR T 164 59.06 -78.31 27.16
C THR T 164 59.16 -76.81 27.31
N ALA T 165 58.11 -76.08 26.92
CA ALA T 165 58.11 -74.65 27.14
C ALA T 165 56.72 -74.18 27.52
N HIS T 166 56.65 -73.01 28.15
CA HIS T 166 55.37 -72.40 28.43
C HIS T 166 55.16 -71.29 27.43
N TYR T 167 53.98 -71.27 26.80
CA TYR T 167 53.63 -70.24 25.83
C TYR T 167 52.49 -69.39 26.34
N LYS T 168 52.66 -68.08 26.22
CA LYS T 168 51.57 -67.16 26.54
C LYS T 168 51.28 -66.35 25.30
N LEU T 169 50.03 -66.37 24.82
CA LEU T 169 49.64 -65.69 23.59
C LEU T 169 48.53 -64.66 23.84
N THR T 170 48.81 -63.40 23.48
CA THR T 170 47.82 -62.33 23.59
C THR T 170 47.56 -61.84 22.18
N SER T 171 46.34 -62.04 21.70
CA SER T 171 46.00 -61.76 20.31
C SER T 171 44.93 -60.70 20.20
N THR T 172 45.18 -59.74 19.33
CA THR T 172 44.20 -58.72 19.02
C THR T 172 43.90 -58.88 17.55
N VAL T 173 42.62 -58.88 17.21
CA VAL T 173 42.25 -58.77 15.81
C VAL T 173 41.44 -57.49 15.63
N MET T 174 41.81 -56.71 14.63
CA MET T 174 41.05 -55.51 14.32
C MET T 174 40.28 -55.75 13.05
N LEU T 175 39.04 -55.28 13.02
CA LEU T 175 38.18 -55.51 11.87
C LEU T 175 37.44 -54.21 11.57
N TRP T 176 37.63 -53.72 10.34
CA TRP T 176 37.09 -52.43 9.94
C TRP T 176 36.18 -52.62 8.73
N LEU T 177 34.93 -52.17 8.84
CA LEU T 177 33.99 -52.24 7.74
C LEU T 177 33.35 -50.87 7.53
N GLN T 178 33.35 -50.40 6.28
CA GLN T 178 32.79 -49.07 6.00
C GLN T 178 32.14 -49.02 4.64
N THR T 179 31.02 -48.30 4.56
CA THR T 179 30.38 -48.07 3.28
C THR T 179 29.68 -46.73 3.27
N ASN T 180 29.57 -46.15 2.08
CA ASN T 180 28.93 -44.85 1.90
C ASN T 180 27.78 -44.89 0.91
N LYS T 181 26.94 -45.93 0.99
CA LYS T 181 25.76 -46.02 0.15
C LYS T 181 24.73 -45.00 0.58
N THR T 182 23.91 -44.54 -0.36
CA THR T 182 22.88 -43.55 -0.08
C THR T 182 21.83 -44.10 0.89
N GLY T 183 22.05 -45.35 1.30
CA GLY T 183 21.13 -46.13 2.11
C GLY T 183 20.40 -45.44 3.25
N SER T 184 20.96 -45.33 4.45
CA SER T 184 22.28 -45.82 4.88
C SER T 184 23.25 -44.68 5.23
N GLY T 185 23.40 -43.73 4.31
CA GLY T 185 24.37 -42.67 4.47
C GLY T 185 25.71 -43.30 4.85
N THR T 186 26.51 -42.58 5.64
CA THR T 186 27.78 -43.10 6.09
C THR T 186 27.56 -44.21 7.14
N MET T 187 28.18 -45.37 6.92
CA MET T 187 28.16 -46.44 7.92
C MET T 187 29.54 -47.02 8.21
N ASN T 188 29.96 -46.92 9.46
CA ASN T 188 31.25 -47.46 9.85
C ASN T 188 31.11 -48.42 11.05
N LEU T 189 31.56 -49.65 10.84
CA LEU T 189 31.51 -50.69 11.84
C LEU T 189 32.95 -51.19 12.00
N GLY T 190 33.56 -50.87 13.12
CA GLY T 190 34.97 -51.18 13.28
C GLY T 190 35.45 -51.23 14.72
N GLY T 191 36.68 -51.68 14.90
CA GLY T 191 37.25 -51.81 16.21
C GLY T 191 38.08 -53.09 16.29
N SER T 192 38.17 -53.66 17.49
CA SER T 192 39.01 -54.83 17.71
C SER T 192 38.53 -55.61 18.90
N LEU T 193 38.97 -56.87 18.96
CA LEU T 193 38.77 -57.77 20.10
C LEU T 193 40.13 -58.32 20.51
N THR T 194 40.32 -58.54 21.79
CA THR T 194 41.59 -59.11 22.27
C THR T 194 41.32 -60.33 23.11
N ARG T 195 42.13 -61.38 22.92
CA ARG T 195 41.97 -62.57 23.71
C ARG T 195 43.33 -63.09 24.11
N GLN T 196 43.34 -63.92 25.14
CA GLN T 196 44.60 -64.47 25.65
C GLN T 196 44.45 -65.95 26.02
N MET T 197 45.50 -66.73 25.74
CA MET T 197 45.58 -68.17 25.99
C MET T 197 46.96 -68.46 26.57
N GLU T 198 47.07 -69.47 27.42
CA GLU T 198 48.37 -69.94 27.91
C GLU T 198 48.40 -71.45 27.82
N LYS T 199 49.60 -72.03 27.70
CA LYS T 199 49.73 -73.46 27.52
C LYS T 199 51.17 -73.92 27.64
N ASP T 200 51.36 -75.09 28.24
CA ASP T 200 52.65 -75.77 28.20
C ASP T 200 52.60 -76.76 27.05
N GLU T 201 53.68 -76.87 26.30
CA GLU T 201 53.74 -77.89 25.27
C GLU T 201 55.14 -78.44 25.12
N THR T 202 55.25 -79.67 24.64
CA THR T 202 56.54 -80.29 24.47
C THR T 202 57.25 -79.65 23.29
N VAL T 203 58.57 -79.55 23.40
CA VAL T 203 59.41 -79.05 22.31
C VAL T 203 60.28 -80.19 21.84
N SER T 204 60.29 -80.43 20.53
CA SER T 204 60.99 -81.60 20.02
C SER T 204 61.20 -81.49 18.52
N ASP T 205 61.86 -82.49 17.96
CA ASP T 205 62.09 -82.56 16.53
C ASP T 205 60.78 -82.42 15.77
N SER T 206 59.80 -83.20 16.17
CA SER T 206 58.49 -83.20 15.53
C SER T 206 57.63 -82.01 15.97
N SER T 207 57.96 -81.41 17.11
CA SER T 207 57.17 -80.30 17.63
C SER T 207 58.07 -79.14 18.10
N PRO T 208 58.72 -78.47 17.15
CA PRO T 208 59.57 -77.31 17.43
C PRO T 208 58.77 -76.06 17.79
N HIS T 209 59.47 -75.07 18.33
CA HIS T 209 58.81 -73.84 18.76
C HIS T 209 57.84 -73.30 17.72
N ILE T 210 58.25 -73.26 16.46
CA ILE T 210 57.45 -72.64 15.42
C ILE T 210 56.13 -73.38 15.23
N ALA T 211 56.17 -74.70 15.31
CA ALA T 211 54.98 -75.53 15.23
C ALA T 211 54.08 -75.26 16.43
N ASN T 212 54.66 -75.19 17.63
CA ASN T 212 53.88 -74.88 18.82
C ASN T 212 53.17 -73.53 18.74
N ILE T 213 53.93 -72.48 18.39
CA ILE T 213 53.35 -71.17 18.24
C ILE T 213 52.31 -71.18 17.12
N GLY T 214 52.62 -71.86 16.04
CA GLY T 214 51.73 -71.94 14.89
C GLY T 214 50.36 -72.43 15.27
N ARG T 215 50.29 -73.61 15.88
CA ARG T 215 49.01 -74.16 16.31
C ARG T 215 48.26 -73.24 17.26
N LEU T 216 48.98 -72.62 18.19
CA LEU T 216 48.40 -71.61 19.07
C LEU T 216 47.76 -70.45 18.33
N VAL T 217 48.50 -69.86 17.41
CA VAL T 217 48.00 -68.73 16.64
C VAL T 217 46.77 -69.12 15.80
N GLU T 218 46.89 -70.26 15.13
CA GLU T 218 45.80 -70.82 14.35
C GLU T 218 44.53 -71.03 15.18
N ASP T 219 44.65 -71.75 16.29
CA ASP T 219 43.52 -72.01 17.18
C ASP T 219 42.91 -70.71 17.64
N MET T 220 43.77 -69.80 18.12
CA MET T 220 43.31 -68.49 18.56
C MET T 220 42.56 -67.74 17.44
N GLU T 221 43.10 -67.75 16.23
CA GLU T 221 42.59 -66.86 15.21
C GLU T 221 41.29 -67.43 14.70
N ASN T 222 41.22 -68.75 14.59
CA ASN T 222 39.95 -69.38 14.19
C ASN T 222 38.83 -69.04 15.18
N LYS T 223 39.15 -69.12 16.47
CA LYS T 223 38.21 -68.74 17.51
C LYS T 223 37.75 -67.26 17.37
N ILE T 224 38.70 -66.35 17.27
CA ILE T 224 38.38 -64.94 17.17
C ILE T 224 37.56 -64.62 15.91
N ARG T 225 37.87 -65.29 14.80
CA ARG T 225 37.11 -65.08 13.58
C ARG T 225 35.63 -65.36 13.85
N SER T 226 35.36 -66.49 14.49
CA SER T 226 34.00 -66.86 14.85
C SER T 226 33.37 -65.83 15.80
N THR T 227 34.14 -65.36 16.78
CA THR T 227 33.64 -64.38 17.73
C THR T 227 33.34 -63.01 17.08
N LEU T 228 34.21 -62.58 16.17
CA LEU T 228 33.98 -61.35 15.41
C LEU T 228 32.66 -61.45 14.66
N ASN T 229 32.42 -62.59 14.03
CA ASN T 229 31.16 -62.81 13.31
C ASN T 229 29.96 -62.65 14.24
N GLU T 230 30.06 -63.24 15.42
CA GLU T 230 28.99 -63.16 16.42
C GLU T 230 28.80 -61.74 16.95
N ILE T 231 29.89 -61.03 17.23
CA ILE T 231 29.80 -59.71 17.82
C ILE T 231 29.40 -58.63 16.81
N TYR T 232 30.06 -58.63 15.66
CA TYR T 232 29.82 -57.59 14.68
C TYR T 232 28.46 -57.76 14.07
N PHE T 233 28.15 -58.97 13.66
CA PHE T 233 26.95 -59.20 12.86
C PHE T 233 25.78 -59.79 13.66
N GLY T 234 26.06 -60.28 14.86
CA GLY T 234 25.00 -60.72 15.74
C GLY T 234 24.67 -59.70 16.82
N LYS T 235 25.62 -59.48 17.72
CA LYS T 235 25.41 -58.60 18.87
C LYS T 235 25.13 -57.11 18.55
N THR T 236 25.99 -56.44 17.77
CA THR T 236 25.78 -55.02 17.50
C THR T 236 24.49 -54.80 16.71
N LYS T 237 24.19 -55.73 15.79
CA LYS T 237 22.93 -55.68 15.04
C LYS T 237 21.69 -55.84 15.94
N ASP T 238 21.75 -56.79 16.87
CA ASP T 238 20.67 -56.96 17.85
C ASP T 238 20.46 -55.67 18.65
N ILE T 239 21.56 -55.00 18.98
CA ILE T 239 21.46 -53.76 19.74
C ILE T 239 20.72 -52.70 18.90
N VAL T 240 21.15 -52.52 17.65
CA VAL T 240 20.47 -51.61 16.72
C VAL T 240 18.98 -51.91 16.60
N ASN T 241 18.65 -53.18 16.39
CA ASN T 241 17.27 -53.58 16.25
C ASN T 241 16.40 -53.26 17.46
N GLY T 242 17.01 -53.13 18.62
CA GLY T 242 16.26 -52.83 19.83
C GLY T 242 16.29 -51.36 20.23
N LEU T 243 16.91 -50.54 19.41
CA LEU T 243 17.04 -49.14 19.72
C LEU T 243 15.74 -48.40 19.64
N ARG T 244 14.94 -48.57 18.59
CA ARG T 244 15.14 -49.51 17.52
C ARG T 244 15.67 -48.87 16.25
N VAL U 1 30.69 -26.38 41.99
CA VAL U 1 30.53 -27.69 41.37
C VAL U 1 31.60 -28.67 41.86
N ASN U 2 31.19 -29.91 42.11
CA ASN U 2 32.10 -30.92 42.64
C ASN U 2 32.37 -32.03 41.63
N PHE U 3 33.62 -32.46 41.53
CA PHE U 3 33.99 -33.50 40.56
C PHE U 3 33.95 -34.90 41.17
N ASP U 4 34.27 -35.02 42.46
CA ASP U 4 34.21 -36.30 43.16
C ASP U 4 32.77 -36.78 43.15
N ASP U 5 31.90 -35.84 42.79
CA ASP U 5 30.48 -36.08 42.58
C ASP U 5 30.27 -37.13 41.49
N ILE U 6 30.97 -36.93 40.37
CA ILE U 6 30.84 -37.80 39.21
C ILE U 6 31.55 -39.13 39.39
N ALA U 7 30.78 -40.19 39.57
CA ALA U 7 31.34 -41.52 39.71
C ALA U 7 30.71 -42.40 38.64
N SER U 8 31.44 -43.38 38.12
CA SER U 8 32.84 -43.63 38.42
C SER U 8 33.30 -44.78 37.56
N SER U 9 34.36 -44.55 36.80
CA SER U 9 34.96 -45.59 35.99
C SER U 9 35.73 -46.57 36.89
N GLU U 10 35.13 -47.70 37.24
CA GLU U 10 35.92 -48.81 37.73
C GLU U 10 36.46 -49.46 36.47
N ASN U 11 37.77 -49.31 36.26
CA ASN U 11 38.35 -49.61 34.95
C ASN U 11 38.12 -51.04 34.46
N LEU U 12 38.01 -51.18 33.15
CA LEU U 12 37.94 -52.48 32.51
C LEU U 12 39.28 -53.14 32.66
N LEU U 13 39.33 -54.45 32.43
CA LEU U 13 40.58 -55.19 32.45
C LEU U 13 41.31 -55.05 31.10
N HIS U 14 42.62 -54.86 31.15
CA HIS U 14 43.41 -54.56 29.96
C HIS U 14 44.38 -55.66 29.57
N LEU U 15 44.01 -56.47 28.58
CA LEU U 15 44.82 -57.64 28.22
C LEU U 15 46.17 -57.26 27.62
N THR U 16 46.23 -56.11 26.96
CA THR U 16 47.47 -55.73 26.27
C THR U 16 48.50 -55.20 27.27
N ALA U 17 48.07 -54.92 28.50
CA ALA U 17 48.99 -54.34 29.47
C ALA U 17 50.15 -55.28 29.85
N ASN U 18 49.93 -56.59 29.77
CA ASN U 18 50.88 -57.58 30.28
C ASN U 18 51.69 -58.35 29.23
N ARG U 19 51.60 -57.95 27.97
CA ARG U 19 52.37 -58.63 26.92
C ARG U 19 53.86 -58.36 27.08
N PRO U 20 54.69 -59.29 26.57
CA PRO U 20 56.15 -59.14 26.67
C PRO U 20 56.58 -57.79 26.13
N LYS U 21 57.43 -57.09 26.88
CA LYS U 21 57.91 -55.79 26.46
C LYS U 21 59.32 -55.94 25.88
N MET U 22 59.63 -55.08 24.93
CA MET U 22 60.96 -55.01 24.37
C MET U 22 61.54 -53.69 24.82
N PRO U 23 62.21 -53.70 25.98
CA PRO U 23 62.73 -52.48 26.60
C PRO U 23 63.90 -51.89 25.82
N GLY U 24 64.20 -50.62 26.10
CA GLY U 24 65.41 -50.00 25.60
C GLY U 24 65.39 -49.77 24.10
N ARG U 25 64.40 -49.03 23.65
CA ARG U 25 64.35 -48.59 22.26
C ARG U 25 64.14 -47.09 22.25
N ARG U 26 64.74 -46.43 21.28
CA ARG U 26 64.61 -44.99 21.17
C ARG U 26 63.16 -44.66 20.81
N LEU U 27 62.62 -43.61 21.43
CA LEU U 27 61.30 -43.11 21.10
C LEU U 27 61.35 -42.42 19.74
N PRO U 28 60.19 -42.21 19.12
CA PRO U 28 60.20 -41.32 17.95
C PRO U 28 60.46 -39.88 18.41
N GLY U 29 60.91 -39.00 17.52
CA GLY U 29 61.06 -37.59 17.89
C GLY U 29 59.70 -36.91 18.11
N VAL V 8 10.12 -3.39 -13.82
CA VAL V 8 8.69 -3.13 -13.95
C VAL V 8 8.23 -2.20 -12.84
N SER V 9 7.50 -1.15 -13.21
CA SER V 9 7.08 -0.13 -12.26
C SER V 9 5.83 -0.57 -11.49
N ASP V 10 5.60 0.07 -10.35
CA ASP V 10 4.40 -0.17 -9.58
C ASP V 10 3.15 0.13 -10.40
N GLU V 11 3.21 1.17 -11.22
CA GLU V 11 2.07 1.53 -12.05
C GLU V 11 1.76 0.43 -13.05
N GLU V 12 2.80 -0.14 -13.65
CA GLU V 12 2.62 -1.22 -14.60
C GLU V 12 2.16 -2.48 -13.89
N LYS V 13 2.69 -2.73 -12.70
CA LYS V 13 2.26 -3.88 -11.92
C LYS V 13 0.77 -3.80 -11.60
N VAL V 14 0.31 -2.65 -11.12
CA VAL V 14 -1.11 -2.54 -10.81
C VAL V 14 -2.03 -2.52 -12.06
N ARG V 15 -1.53 -2.05 -13.20
CA ARG V 15 -2.31 -2.17 -14.44
C ARG V 15 -2.53 -3.65 -14.78
N ILE V 16 -1.48 -4.44 -14.63
CA ILE V 16 -1.54 -5.89 -14.87
C ILE V 16 -2.47 -6.54 -13.84
N ALA V 17 -2.41 -6.07 -12.60
CA ALA V 17 -3.27 -6.62 -11.56
C ALA V 17 -4.73 -6.36 -11.90
N ALA V 18 -5.04 -5.14 -12.33
CA ALA V 18 -6.41 -4.76 -12.71
C ALA V 18 -6.89 -5.59 -13.90
N LYS V 19 -6.04 -5.73 -14.91
CA LYS V 19 -6.32 -6.58 -16.05
C LYS V 19 -6.72 -8.01 -15.67
N PHE V 20 -5.87 -8.66 -14.88
CA PHE V 20 -6.14 -10.00 -14.40
C PHE V 20 -7.49 -10.06 -13.68
N ILE V 21 -7.70 -9.15 -12.73
CA ILE V 21 -8.94 -9.15 -11.96
C ILE V 21 -10.15 -9.04 -12.92
N THR V 22 -10.01 -8.26 -13.98
CA THR V 22 -11.13 -8.07 -14.88
C THR V 22 -11.28 -9.27 -15.80
N HIS V 23 -10.28 -10.15 -15.81
CA HIS V 23 -10.36 -11.34 -16.67
C HIS V 23 -10.65 -12.63 -15.91
N ALA V 24 -11.13 -12.49 -14.68
CA ALA V 24 -11.60 -13.62 -13.92
C ALA V 24 -12.72 -14.32 -14.69
N PRO V 25 -12.67 -15.67 -14.79
CA PRO V 25 -13.80 -16.42 -15.35
C PRO V 25 -15.04 -16.31 -14.45
N PRO V 26 -16.22 -16.67 -14.95
CA PRO V 26 -17.47 -16.51 -14.20
C PRO V 26 -17.47 -17.35 -12.93
N GLY V 27 -17.93 -16.77 -11.82
CA GLY V 27 -18.00 -17.49 -10.57
C GLY V 27 -16.67 -17.59 -9.85
N GLU V 28 -15.59 -17.08 -10.44
CA GLU V 28 -14.28 -17.22 -9.81
C GLU V 28 -13.60 -15.89 -9.49
N PHE V 29 -14.38 -14.82 -9.43
CA PHE V 29 -13.84 -13.49 -9.13
C PHE V 29 -12.99 -13.46 -7.84
N ASN V 30 -13.49 -14.06 -6.76
CA ASN V 30 -12.79 -14.00 -5.46
C ASN V 30 -11.43 -14.71 -5.46
N GLU V 31 -11.39 -15.85 -6.11
CA GLU V 31 -10.16 -16.61 -6.22
C GLU V 31 -9.12 -15.82 -6.99
N VAL V 32 -9.52 -15.25 -8.11
CA VAL V 32 -8.61 -14.47 -8.93
C VAL V 32 -8.18 -13.20 -8.18
N PHE V 33 -9.15 -12.54 -7.55
CA PHE V 33 -8.83 -11.36 -6.77
C PHE V 33 -7.75 -11.66 -5.73
N ASN V 34 -7.94 -12.74 -4.98
CA ASN V 34 -7.03 -13.06 -3.87
C ASN V 34 -5.63 -13.39 -4.36
N ASP V 35 -5.54 -14.17 -5.44
CA ASP V 35 -4.25 -14.42 -6.10
C ASP V 35 -3.54 -13.12 -6.43
N VAL V 36 -4.21 -12.25 -7.17
CA VAL V 36 -3.65 -10.95 -7.55
C VAL V 36 -3.25 -10.12 -6.32
N ARG V 37 -4.11 -10.08 -5.34
CA ARG V 37 -3.81 -9.29 -4.15
C ARG V 37 -2.52 -9.78 -3.48
N LEU V 38 -2.35 -11.09 -3.39
CA LEU V 38 -1.13 -11.61 -2.76
C LEU V 38 0.11 -11.40 -3.62
N LEU V 39 -0.04 -11.50 -4.94
CA LEU V 39 1.08 -11.30 -5.84
C LEU V 39 1.56 -9.84 -5.83
N LEU V 40 0.62 -8.89 -5.85
CA LEU V 40 0.96 -7.47 -5.84
C LEU V 40 1.56 -7.09 -4.49
N ASN V 41 1.02 -7.70 -3.43
CA ASN V 41 1.51 -7.47 -2.07
C ASN V 41 1.62 -5.99 -1.72
N ASN V 42 0.58 -5.24 -2.01
CA ASN V 42 0.57 -3.80 -1.75
C ASN V 42 -0.87 -3.31 -1.81
N ASP V 43 -1.57 -3.42 -0.70
CA ASP V 43 -2.99 -3.12 -0.68
C ASP V 43 -3.28 -1.69 -1.09
N ASN V 44 -2.42 -0.74 -0.68
CA ASN V 44 -2.61 0.66 -1.05
C ASN V 44 -2.56 0.86 -2.57
N LEU V 45 -1.51 0.35 -3.19
CA LEU V 45 -1.39 0.36 -4.64
C LEU V 45 -2.63 -0.27 -5.29
N LEU V 46 -3.08 -1.40 -4.76
CA LEU V 46 -4.21 -2.11 -5.36
C LEU V 46 -5.47 -1.28 -5.27
N ARG V 47 -5.69 -0.68 -4.11
CA ARG V 47 -6.88 0.13 -3.86
C ARG V 47 -6.94 1.30 -4.82
N GLU V 48 -5.82 1.99 -5.00
CA GLU V 48 -5.80 3.22 -5.78
C GLU V 48 -5.69 3.00 -7.28
N GLY V 49 -5.18 1.85 -7.70
CA GLY V 49 -4.91 1.60 -9.10
C GLY V 49 -5.78 0.54 -9.73
N ALA V 50 -6.55 -0.17 -8.91
CA ALA V 50 -7.43 -1.20 -9.43
C ALA V 50 -8.86 -1.05 -8.92
N ALA V 51 -9.15 0.11 -8.35
CA ALA V 51 -10.47 0.36 -7.78
C ALA V 51 -11.56 0.15 -8.81
N HIS V 52 -11.32 0.65 -10.02
CA HIS V 52 -12.29 0.56 -11.12
C HIS V 52 -12.61 -0.89 -11.50
N ALA V 53 -11.65 -1.79 -11.22
CA ALA V 53 -11.72 -3.16 -11.73
C ALA V 53 -12.91 -3.93 -11.19
N PHE V 54 -13.34 -3.62 -9.97
CA PHE V 54 -14.43 -4.38 -9.40
C PHE V 54 -15.75 -4.07 -10.14
N ALA V 55 -16.00 -2.78 -10.32
CA ALA V 55 -17.21 -2.31 -10.99
C ALA V 55 -17.20 -2.78 -12.42
N GLN V 56 -16.07 -2.59 -13.09
CA GLN V 56 -15.94 -2.98 -14.47
C GLN V 56 -16.32 -4.45 -14.67
N TYR V 57 -15.78 -5.32 -13.82
CA TYR V 57 -16.06 -6.74 -13.90
C TYR V 57 -17.55 -7.04 -13.77
N ASN V 58 -18.18 -6.50 -12.72
CA ASN V 58 -19.56 -6.76 -12.41
C ASN V 58 -20.49 -6.32 -13.53
N MET V 59 -20.23 -5.14 -14.08
CA MET V 59 -21.09 -4.65 -15.16
C MET V 59 -20.82 -5.44 -16.42
N ASP V 60 -19.57 -5.86 -16.58
CA ASP V 60 -19.21 -6.61 -17.77
C ASP V 60 -19.91 -7.99 -17.77
N GLN V 61 -20.11 -8.53 -16.59
CA GLN V 61 -20.58 -9.90 -16.44
C GLN V 61 -22.09 -9.94 -16.26
N PHE V 62 -22.74 -8.78 -16.24
CA PHE V 62 -24.17 -8.69 -15.97
C PHE V 62 -24.49 -9.43 -14.66
N THR V 63 -23.70 -9.17 -13.63
CA THR V 63 -23.94 -9.76 -12.33
C THR V 63 -25.40 -9.58 -11.88
N PRO V 64 -26.13 -10.69 -11.68
CA PRO V 64 -27.47 -10.51 -11.10
C PRO V 64 -27.39 -10.33 -9.60
N VAL V 65 -28.20 -9.44 -9.04
CA VAL V 65 -28.19 -9.22 -7.61
C VAL V 65 -29.61 -9.25 -7.03
N LYS V 66 -29.73 -9.79 -5.81
CA LYS V 66 -31.02 -9.87 -5.16
C LYS V 66 -31.25 -8.66 -4.27
N ILE V 67 -32.40 -8.01 -4.43
CA ILE V 67 -32.76 -6.90 -3.55
C ILE V 67 -33.82 -7.33 -2.56
N GLU V 68 -33.58 -7.07 -1.28
CA GLU V 68 -34.53 -7.44 -0.23
C GLU V 68 -35.88 -6.77 -0.46
N GLY V 69 -36.93 -7.59 -0.52
CA GLY V 69 -38.27 -7.07 -0.64
C GLY V 69 -38.79 -7.06 -2.05
N TYR V 70 -37.93 -7.41 -3.02
CA TYR V 70 -38.37 -7.49 -4.40
C TYR V 70 -38.05 -8.85 -4.98
N ASP V 71 -39.06 -9.53 -5.50
CA ASP V 71 -38.85 -10.83 -6.12
C ASP V 71 -38.11 -10.69 -7.44
N ASP V 72 -37.51 -11.78 -7.89
CA ASP V 72 -36.68 -11.74 -9.08
C ASP V 72 -35.54 -10.75 -8.85
N GLN V 73 -34.50 -10.85 -9.66
CA GLN V 73 -33.32 -10.05 -9.43
C GLN V 73 -33.11 -9.04 -10.57
N VAL V 74 -32.03 -8.27 -10.46
CA VAL V 74 -31.74 -7.24 -11.45
C VAL V 74 -30.29 -7.36 -11.90
N LEU V 75 -30.00 -7.01 -13.15
CA LEU V 75 -28.64 -7.10 -13.63
C LEU V 75 -27.85 -5.82 -13.39
N ILE V 76 -26.63 -5.97 -12.89
CA ILE V 76 -25.68 -4.87 -12.80
C ILE V 76 -25.06 -4.67 -14.18
N THR V 77 -25.40 -3.55 -14.81
CA THR V 77 -24.87 -3.24 -16.13
C THR V 77 -24.53 -1.77 -16.27
N GLU V 78 -23.76 -1.45 -17.30
CA GLU V 78 -23.36 -0.06 -17.51
C GLU V 78 -24.62 0.80 -17.68
N HIS V 79 -25.68 0.18 -18.20
CA HIS V 79 -26.90 0.91 -18.50
C HIS V 79 -27.68 1.29 -17.25
N GLY V 80 -27.34 0.67 -16.14
CA GLY V 80 -28.06 0.97 -14.91
C GLY V 80 -27.21 1.77 -13.96
N ASP V 81 -25.99 2.11 -14.39
CA ASP V 81 -25.04 2.78 -13.51
C ASP V 81 -25.49 4.20 -13.26
N LEU V 82 -25.84 4.49 -12.02
CA LEU V 82 -26.34 5.82 -11.65
C LEU V 82 -25.26 6.64 -11.00
N GLY V 83 -24.04 6.11 -10.96
CA GLY V 83 -22.95 6.80 -10.29
C GLY V 83 -23.16 6.78 -8.80
N ASN V 84 -22.16 7.24 -8.06
CA ASN V 84 -22.23 7.30 -6.60
C ASN V 84 -22.46 5.91 -5.99
N GLY V 85 -22.18 4.88 -6.77
CA GLY V 85 -22.30 3.51 -6.30
C GLY V 85 -23.72 2.96 -6.28
N ARG V 86 -24.62 3.68 -6.94
CA ARG V 86 -26.01 3.25 -7.02
C ARG V 86 -26.37 2.79 -8.43
N PHE V 87 -27.27 1.80 -8.52
CA PHE V 87 -27.70 1.26 -9.78
C PHE V 87 -29.22 1.32 -9.91
N LEU V 88 -29.69 1.37 -11.16
CA LEU V 88 -31.11 1.50 -11.47
C LEU V 88 -31.76 0.16 -11.72
N ASP V 89 -32.89 -0.08 -11.08
CA ASP V 89 -33.74 -1.22 -11.41
C ASP V 89 -34.97 -0.68 -12.12
N PRO V 90 -34.95 -0.74 -13.46
CA PRO V 90 -36.04 -0.14 -14.26
C PRO V 90 -37.37 -0.88 -14.11
N ARG V 91 -37.34 -2.15 -13.71
CA ARG V 91 -38.56 -2.93 -13.56
C ARG V 91 -39.31 -2.57 -12.27
N ASN V 92 -38.57 -2.43 -11.18
CA ASN V 92 -39.17 -2.16 -9.89
C ASN V 92 -39.17 -0.67 -9.60
N LYS V 93 -38.66 0.10 -10.55
CA LYS V 93 -38.66 1.56 -10.45
C LYS V 93 -37.99 2.00 -9.19
N ILE V 94 -36.75 1.55 -9.01
CA ILE V 94 -36.02 1.75 -7.78
C ILE V 94 -34.56 1.99 -8.12
N SER V 95 -33.84 2.69 -7.24
CA SER V 95 -32.38 2.70 -7.29
C SER V 95 -31.90 1.97 -6.05
N PHE V 96 -30.67 1.47 -6.08
CA PHE V 96 -30.13 0.79 -4.92
C PHE V 96 -28.64 1.00 -4.84
N LYS V 97 -28.09 0.88 -3.63
CA LYS V 97 -26.66 0.93 -3.42
C LYS V 97 -26.10 -0.45 -3.76
N PHE V 98 -24.94 -0.50 -4.41
CA PHE V 98 -24.30 -1.77 -4.73
C PHE V 98 -22.83 -1.77 -4.36
N ASP V 99 -22.46 -2.76 -3.56
CA ASP V 99 -21.08 -2.94 -3.15
C ASP V 99 -20.45 -3.96 -4.10
N HIS V 100 -19.52 -3.50 -4.93
CA HIS V 100 -18.93 -4.36 -5.95
C HIS V 100 -18.10 -5.53 -5.41
N LEU V 101 -17.51 -5.33 -4.24
CA LEU V 101 -16.65 -6.37 -3.64
C LEU V 101 -17.50 -7.45 -3.03
N ARG V 102 -18.42 -7.04 -2.16
CA ARG V 102 -19.28 -7.97 -1.45
C ARG V 102 -20.45 -8.42 -2.32
N LYS V 103 -20.62 -7.80 -3.48
CA LYS V 103 -21.74 -8.11 -4.39
C LYS V 103 -23.08 -8.12 -3.66
N GLU V 104 -23.39 -7.04 -2.96
CA GLU V 104 -24.65 -6.93 -2.22
C GLU V 104 -25.36 -5.62 -2.50
N ALA V 105 -26.68 -5.71 -2.71
CA ALA V 105 -27.50 -4.52 -2.87
C ALA V 105 -28.01 -4.05 -1.50
N SER V 106 -28.23 -2.75 -1.36
CA SER V 106 -28.79 -2.22 -0.13
C SER V 106 -29.44 -0.88 -0.39
N ASP V 107 -30.29 -0.45 0.54
CA ASP V 107 -30.88 0.88 0.52
C ASP V 107 -31.74 1.15 -0.74
N PRO V 108 -32.71 0.27 -1.00
CA PRO V 108 -33.61 0.51 -2.13
C PRO V 108 -34.37 1.81 -1.92
N GLN V 109 -34.48 2.63 -2.97
CA GLN V 109 -35.29 3.84 -2.88
C GLN V 109 -36.08 4.03 -4.15
N PRO V 110 -37.36 4.42 -4.02
CA PRO V 110 -38.16 4.78 -5.19
C PRO V 110 -37.38 5.76 -6.06
N GLU V 111 -37.34 5.49 -7.36
CA GLU V 111 -36.63 6.34 -8.32
C GLU V 111 -37.55 6.75 -9.45
N ASP V 112 -37.60 8.04 -9.73
CA ASP V 112 -38.44 8.53 -10.82
C ASP V 112 -37.94 8.01 -12.17
N THR V 113 -38.74 7.15 -12.77
CA THR V 113 -38.34 6.45 -13.99
C THR V 113 -39.12 6.97 -15.20
N GLU V 114 -40.06 7.88 -14.94
CA GLU V 114 -40.90 8.41 -16.00
C GLU V 114 -40.13 8.76 -17.26
N SER V 115 -40.80 8.61 -18.39
CA SER V 115 -40.15 8.72 -19.69
C SER V 115 -41.23 8.54 -20.76
N ALA V 116 -40.93 8.95 -21.99
CA ALA V 116 -41.83 8.70 -23.10
C ALA V 116 -41.58 7.30 -23.64
N LEU V 117 -40.58 6.63 -23.07
CA LEU V 117 -40.24 5.27 -23.45
C LEU V 117 -40.90 4.31 -22.48
N LYS V 118 -41.34 4.87 -21.35
CA LYS V 118 -41.87 4.10 -20.22
C LYS V 118 -42.69 2.87 -20.61
N GLN V 119 -43.74 3.07 -21.40
CA GLN V 119 -44.67 1.99 -21.72
C GLN V 119 -44.09 0.92 -22.65
N TRP V 120 -43.13 1.33 -23.49
CA TRP V 120 -42.46 0.37 -24.35
C TRP V 120 -41.51 -0.52 -23.56
N ARG V 121 -40.69 0.11 -22.72
CA ARG V 121 -39.78 -0.61 -21.85
C ARG V 121 -40.57 -1.67 -21.09
N ASP V 122 -41.75 -1.28 -20.61
CA ASP V 122 -42.58 -2.16 -19.80
C ASP V 122 -43.15 -3.32 -20.60
N ALA V 123 -43.60 -3.05 -21.82
CA ALA V 123 -44.14 -4.10 -22.66
C ALA V 123 -43.02 -5.07 -23.06
N CYS V 124 -41.87 -4.53 -23.45
CA CYS V 124 -40.73 -5.36 -23.80
C CYS V 124 -40.26 -6.19 -22.60
N ASP V 125 -40.22 -5.56 -21.44
CA ASP V 125 -39.78 -6.20 -20.22
C ASP V 125 -40.66 -7.39 -19.86
N SER V 126 -41.97 -7.21 -19.90
CA SER V 126 -42.87 -8.28 -19.50
C SER V 126 -42.77 -9.44 -20.48
N ALA V 127 -42.73 -9.12 -21.79
CA ALA V 127 -42.47 -10.16 -22.80
C ALA V 127 -41.12 -10.86 -22.64
N LEU V 128 -40.06 -10.11 -22.42
CA LEU V 128 -38.73 -10.71 -22.25
C LEU V 128 -38.65 -11.60 -21.02
N ARG V 129 -39.26 -11.14 -19.93
CA ARG V 129 -39.22 -11.88 -18.69
C ARG V 129 -39.83 -13.26 -18.92
N ALA V 130 -40.92 -13.34 -19.65
CA ALA V 130 -41.52 -14.64 -19.96
C ALA V 130 -40.62 -15.45 -20.89
N TYR V 131 -40.03 -14.80 -21.88
CA TYR V 131 -39.08 -15.50 -22.74
C TYR V 131 -37.95 -16.10 -21.91
N VAL V 132 -37.43 -15.34 -20.96
CA VAL V 132 -36.29 -15.80 -20.18
C VAL V 132 -36.67 -16.94 -19.22
N LYS V 133 -37.87 -16.86 -18.61
CA LYS V 133 -38.30 -17.98 -17.78
C LYS V 133 -38.43 -19.27 -18.60
N ASP V 134 -38.84 -19.16 -19.85
CA ASP V 134 -39.04 -20.34 -20.70
C ASP V 134 -37.75 -20.92 -21.24
N HIS V 135 -36.82 -20.04 -21.63
CA HIS V 135 -35.63 -20.43 -22.38
C HIS V 135 -34.39 -20.67 -21.56
N TYR V 136 -34.38 -20.19 -20.31
CA TYR V 136 -33.22 -20.33 -19.43
C TYR V 136 -33.61 -20.94 -18.09
N PRO V 137 -32.80 -21.89 -17.60
CA PRO V 137 -33.03 -22.49 -16.29
C PRO V 137 -32.88 -21.46 -15.17
N ASN V 138 -31.87 -20.62 -15.25
CA ASN V 138 -31.56 -19.67 -14.18
C ASN V 138 -31.42 -18.26 -14.73
N GLY V 139 -32.26 -17.90 -15.70
CA GLY V 139 -32.09 -16.63 -16.38
C GLY V 139 -32.57 -15.45 -15.59
N PHE V 140 -32.01 -14.27 -15.88
CA PHE V 140 -32.50 -13.01 -15.34
C PHE V 140 -32.38 -12.00 -16.46
N CYS V 141 -33.28 -11.02 -16.48
CA CYS V 141 -33.19 -10.01 -17.51
C CYS V 141 -33.53 -8.64 -16.96
N THR V 142 -32.94 -7.62 -17.56
CA THR V 142 -33.19 -6.24 -17.23
C THR V 142 -33.29 -5.46 -18.53
N VAL V 143 -34.37 -4.70 -18.68
CA VAL V 143 -34.60 -3.93 -19.89
C VAL V 143 -34.61 -2.43 -19.58
N TYR V 144 -33.79 -1.69 -20.30
CA TYR V 144 -33.64 -0.25 -20.08
C TYR V 144 -34.28 0.50 -21.22
N GLY V 145 -34.87 1.64 -20.90
CA GLY V 145 -35.44 2.51 -21.91
C GLY V 145 -34.84 3.89 -21.78
N LYS V 146 -34.04 4.27 -22.77
CA LYS V 146 -33.38 5.56 -22.70
C LYS V 146 -33.17 6.18 -24.08
N SER V 147 -32.88 7.48 -24.10
CA SER V 147 -32.62 8.19 -25.34
C SER V 147 -31.12 8.40 -25.52
N ILE V 148 -30.54 7.78 -26.53
CA ILE V 148 -29.14 8.00 -26.84
C ILE V 148 -29.02 8.67 -28.21
N ASP V 149 -28.33 9.81 -28.24
CA ASP V 149 -28.21 10.61 -29.45
C ASP V 149 -29.59 11.02 -29.94
N GLY V 150 -30.51 11.23 -29.00
CA GLY V 150 -31.88 11.59 -29.35
C GLY V 150 -32.72 10.41 -29.79
N GLN V 151 -32.06 9.35 -30.23
CA GLN V 151 -32.74 8.13 -30.69
C GLN V 151 -33.31 7.35 -29.51
N GLN V 152 -34.57 6.95 -29.63
CA GLN V 152 -35.21 6.12 -28.61
C GLN V 152 -34.74 4.67 -28.72
N THR V 153 -34.15 4.16 -27.65
CA THR V 153 -33.57 2.82 -27.66
C THR V 153 -34.07 1.96 -26.50
N ILE V 154 -34.42 0.72 -26.81
CA ILE V 154 -34.67 -0.28 -25.80
C ILE V 154 -33.41 -1.16 -25.71
N ILE V 155 -32.90 -1.36 -24.50
CA ILE V 155 -31.73 -2.21 -24.31
C ILE V 155 -32.11 -3.37 -23.42
N ALA V 156 -32.14 -4.55 -24.02
CA ALA V 156 -32.51 -5.77 -23.32
C ALA V 156 -31.24 -6.55 -22.96
N CYS V 157 -31.07 -6.83 -21.67
CA CYS V 157 -29.94 -7.59 -21.16
C CYS V 157 -30.38 -8.90 -20.52
N ILE V 158 -29.73 -10.00 -20.90
CA ILE V 158 -30.03 -11.32 -20.37
C ILE V 158 -28.76 -11.97 -19.77
N GLU V 159 -28.90 -12.53 -18.57
CA GLU V 159 -27.80 -13.29 -17.98
C GLU V 159 -28.32 -14.63 -17.51
N SER V 160 -27.49 -15.65 -17.66
CA SER V 160 -27.75 -16.92 -17.02
C SER V 160 -26.44 -17.60 -16.68
N HIS V 161 -26.35 -18.18 -15.47
CA HIS V 161 -25.11 -18.86 -15.11
C HIS V 161 -25.39 -20.10 -14.26
N GLN V 162 -24.37 -20.95 -14.19
CA GLN V 162 -24.36 -22.13 -13.36
C GLN V 162 -22.96 -22.20 -12.77
N PHE V 163 -22.86 -22.03 -11.45
CA PHE V 163 -21.56 -22.13 -10.77
C PHE V 163 -21.51 -23.43 -10.01
N GLN V 164 -20.51 -24.27 -10.27
CA GLN V 164 -20.30 -25.48 -9.46
C GLN V 164 -18.81 -25.67 -9.14
N PRO V 165 -18.25 -24.77 -8.34
CA PRO V 165 -16.82 -24.77 -8.01
C PRO V 165 -16.38 -26.12 -7.41
N LYS V 166 -17.28 -26.78 -6.70
CA LYS V 166 -16.99 -28.09 -6.13
C LYS V 166 -16.78 -29.16 -7.20
N ASN V 167 -17.38 -28.98 -8.37
CA ASN V 167 -17.09 -29.89 -9.47
C ASN V 167 -16.12 -29.27 -10.48
N PHE V 168 -15.47 -28.19 -10.05
CA PHE V 168 -14.47 -27.51 -10.87
C PHE V 168 -15.01 -27.03 -12.21
N TRP V 169 -16.21 -26.47 -12.21
CA TRP V 169 -16.63 -25.78 -13.41
C TRP V 169 -17.65 -24.67 -13.16
N ASN V 170 -17.66 -23.71 -14.08
CA ASN V 170 -18.61 -22.60 -14.07
C ASN V 170 -18.92 -22.22 -15.50
N GLY V 171 -20.11 -21.70 -15.72
CA GLY V 171 -20.48 -21.24 -17.04
C GLY V 171 -21.43 -20.05 -16.90
N ARG V 172 -21.41 -19.20 -17.92
CA ARG V 172 -22.29 -18.05 -18.00
C ARG V 172 -22.64 -17.70 -19.43
N TRP V 173 -23.92 -17.39 -19.64
CA TRP V 173 -24.43 -16.78 -20.87
C TRP V 173 -24.75 -15.33 -20.56
N ARG V 174 -24.46 -14.47 -21.53
CA ARG V 174 -24.88 -13.07 -21.52
C ARG V 174 -25.33 -12.70 -22.92
N SER V 175 -26.44 -11.99 -23.02
CA SER V 175 -26.83 -11.42 -24.28
C SER V 175 -27.31 -10.01 -24.05
N GLU V 176 -27.01 -9.15 -25.02
CA GLU V 176 -27.38 -7.74 -24.98
C GLU V 176 -27.95 -7.33 -26.33
N TRP V 177 -29.22 -6.92 -26.32
CA TRP V 177 -29.96 -6.60 -27.53
C TRP V 177 -30.32 -5.10 -27.49
N LYS V 178 -30.05 -4.40 -28.58
CA LYS V 178 -30.35 -2.97 -28.68
C LYS V 178 -31.31 -2.71 -29.84
N PHE V 179 -32.49 -2.18 -29.50
CA PHE V 179 -33.48 -1.83 -30.51
C PHE V 179 -33.55 -0.31 -30.59
N THR V 180 -33.12 0.22 -31.72
CA THR V 180 -33.14 1.66 -31.94
C THR V 180 -34.37 2.00 -32.76
N ILE V 181 -35.36 2.62 -32.11
CA ILE V 181 -36.68 2.80 -32.69
C ILE V 181 -36.77 3.96 -33.68
N THR V 182 -37.14 3.64 -34.91
CA THR V 182 -37.33 4.63 -35.96
C THR V 182 -38.47 4.20 -36.88
N PRO V 183 -39.73 4.38 -36.45
CA PRO V 183 -40.90 3.94 -37.22
C PRO V 183 -40.78 4.27 -38.70
N PRO V 184 -41.19 3.33 -39.57
CA PRO V 184 -41.86 2.08 -39.22
C PRO V 184 -40.89 0.94 -38.93
N THR V 185 -39.60 1.25 -38.75
CA THR V 185 -38.56 0.23 -38.61
C THR V 185 -37.65 0.43 -37.39
N ALA V 186 -37.37 -0.64 -36.67
CA ALA V 186 -36.40 -0.59 -35.58
C ALA V 186 -35.08 -1.23 -35.99
N GLN V 187 -33.97 -0.58 -35.68
CA GLN V 187 -32.65 -1.14 -35.92
C GLN V 187 -32.26 -2.07 -34.78
N VAL V 188 -31.82 -3.26 -35.12
CA VAL V 188 -31.48 -4.25 -34.10
C VAL V 188 -30.00 -4.57 -34.13
N ALA V 189 -29.33 -4.35 -32.99
CA ALA V 189 -27.95 -4.77 -32.78
C ALA V 189 -27.84 -5.63 -31.51
N ALA V 190 -27.04 -6.69 -31.56
CA ALA V 190 -26.91 -7.55 -30.40
C ALA V 190 -25.56 -8.20 -30.34
N VAL V 191 -25.14 -8.53 -29.12
CA VAL V 191 -23.95 -9.37 -28.88
C VAL V 191 -24.32 -10.52 -27.98
N LEU V 192 -24.12 -11.75 -28.45
CA LEU V 192 -24.37 -12.92 -27.63
C LEU V 192 -23.01 -13.47 -27.15
N LYS V 193 -22.94 -13.89 -25.88
CA LYS V 193 -21.68 -14.36 -25.33
C LYS V 193 -21.83 -15.59 -24.47
N ILE V 194 -20.89 -16.52 -24.61
CA ILE V 194 -20.84 -17.69 -23.72
C ILE V 194 -19.40 -17.88 -23.23
N GLN V 195 -19.28 -18.32 -21.98
CA GLN V 195 -17.98 -18.68 -21.42
C GLN V 195 -18.16 -19.83 -20.49
N VAL V 196 -17.38 -20.89 -20.70
CA VAL V 196 -17.43 -22.03 -19.81
C VAL V 196 -16.01 -22.32 -19.41
N HIS V 197 -15.84 -22.66 -18.14
CA HIS V 197 -14.54 -22.99 -17.59
C HIS V 197 -14.56 -24.31 -16.85
N TYR V 198 -13.69 -25.24 -17.24
CA TYR V 198 -13.54 -26.52 -16.54
C TYR V 198 -12.10 -26.66 -16.06
N TYR V 199 -11.92 -27.01 -14.78
CA TYR V 199 -10.58 -26.90 -14.21
C TYR V 199 -10.21 -27.96 -13.20
N GLU V 200 -10.76 -29.17 -13.34
CA GLU V 200 -10.25 -30.30 -12.57
C GLU V 200 -8.92 -30.75 -13.17
N ASP V 201 -7.83 -30.47 -12.48
CA ASP V 201 -6.51 -30.86 -12.97
C ASP V 201 -6.28 -30.34 -14.37
N GLY V 202 -6.64 -29.09 -14.58
CA GLY V 202 -6.37 -28.43 -15.84
C GLY V 202 -7.10 -27.09 -15.94
N ASN V 203 -7.13 -26.55 -17.15
CA ASN V 203 -7.82 -25.28 -17.40
C ASN V 203 -8.29 -25.28 -18.84
N VAL V 204 -9.58 -25.51 -19.02
CA VAL V 204 -10.17 -25.63 -20.36
C VAL V 204 -11.30 -24.64 -20.43
N GLN V 205 -11.34 -23.82 -21.46
CA GLN V 205 -12.38 -22.82 -21.56
C GLN V 205 -12.97 -22.74 -22.95
N LEU V 206 -14.29 -22.66 -22.99
CA LEU V 206 -15.01 -22.24 -24.18
C LEU V 206 -15.21 -20.73 -24.07
N VAL V 207 -14.78 -20.00 -25.08
CA VAL V 207 -15.08 -18.57 -25.18
C VAL V 207 -15.73 -18.34 -26.53
N SER V 208 -16.92 -17.75 -26.53
CA SER V 208 -17.60 -17.54 -27.80
C SER V 208 -18.44 -16.29 -27.79
N HIS V 209 -18.59 -15.69 -28.95
CA HIS V 209 -19.55 -14.61 -29.05
C HIS V 209 -19.92 -14.39 -30.48
N LYS V 210 -21.11 -13.84 -30.66
CA LYS V 210 -21.62 -13.59 -31.99
C LYS V 210 -22.31 -12.23 -32.03
N ASP V 211 -22.02 -11.45 -33.05
CA ASP V 211 -22.68 -10.16 -33.21
C ASP V 211 -23.89 -10.33 -34.10
N ILE V 212 -25.01 -9.70 -33.72
CA ILE V 212 -26.23 -9.76 -34.53
C ILE V 212 -26.58 -8.36 -35.04
N GLN V 213 -26.97 -8.27 -36.30
CA GLN V 213 -27.40 -7.00 -36.89
C GLN V 213 -28.68 -7.27 -37.66
N ASP V 214 -29.73 -6.51 -37.35
CA ASP V 214 -31.03 -6.79 -37.94
C ASP V 214 -31.97 -5.60 -37.86
N SER V 215 -33.21 -5.81 -38.28
CA SER V 215 -34.23 -4.77 -38.23
C SER V 215 -35.62 -5.38 -38.13
N VAL V 216 -36.53 -4.70 -37.45
CA VAL V 216 -37.89 -5.18 -37.31
C VAL V 216 -38.92 -4.10 -37.58
N GLN V 217 -40.11 -4.52 -38.01
CA GLN V 217 -41.24 -3.61 -38.10
C GLN V 217 -41.63 -3.18 -36.69
N VAL V 218 -41.89 -1.90 -36.52
CA VAL V 218 -42.39 -1.39 -35.25
C VAL V 218 -43.86 -1.00 -35.43
N SER V 219 -44.69 -1.29 -34.42
CA SER V 219 -46.12 -0.99 -34.49
C SER V 219 -46.62 -0.50 -33.13
N SER V 220 -47.54 -1.28 -32.56
CA SER V 220 -48.03 -1.04 -31.22
C SER V 220 -46.97 -1.41 -30.18
N ASP V 221 -47.06 -0.82 -28.99
CA ASP V 221 -46.15 -1.18 -27.91
C ASP V 221 -46.14 -2.69 -27.71
N VAL V 222 -47.32 -3.27 -27.54
CA VAL V 222 -47.46 -4.69 -27.27
C VAL V 222 -46.99 -5.57 -28.44
N GLN V 223 -47.41 -5.22 -29.66
CA GLN V 223 -47.07 -6.03 -30.83
C GLN V 223 -45.57 -6.03 -31.14
N THR V 224 -44.93 -4.89 -30.86
CA THR V 224 -43.52 -4.75 -31.15
C THR V 224 -42.75 -5.64 -30.20
N ALA V 225 -43.09 -5.56 -28.92
CA ALA V 225 -42.51 -6.45 -27.93
C ALA V 225 -42.51 -7.90 -28.44
N LYS V 226 -43.67 -8.36 -28.94
CA LYS V 226 -43.75 -9.70 -29.48
C LYS V 226 -42.76 -9.89 -30.63
N GLU V 227 -42.68 -8.90 -31.51
CA GLU V 227 -41.73 -8.91 -32.63
C GLU V 227 -40.28 -9.01 -32.14
N PHE V 228 -39.92 -8.18 -31.18
CA PHE V 228 -38.57 -8.14 -30.62
C PHE V 228 -38.17 -9.50 -30.04
N ILE V 229 -39.05 -10.05 -29.21
CA ILE V 229 -38.82 -11.31 -28.55
C ILE V 229 -38.70 -12.43 -29.57
N LYS V 230 -39.46 -12.35 -30.64
CA LYS V 230 -39.36 -13.35 -31.72
C LYS V 230 -37.98 -13.33 -32.40
N ILE V 231 -37.47 -12.12 -32.67
CA ILE V 231 -36.13 -11.94 -33.22
C ILE V 231 -35.09 -12.50 -32.23
N ILE V 232 -35.22 -12.13 -30.96
CA ILE V 232 -34.29 -12.64 -29.95
C ILE V 232 -34.31 -14.17 -29.93
N GLU V 233 -35.50 -14.75 -29.91
CA GLU V 233 -35.62 -16.19 -29.81
C GLU V 233 -34.98 -16.91 -30.99
N ASN V 234 -35.29 -16.45 -32.21
CA ASN V 234 -34.71 -17.07 -33.40
C ASN V 234 -33.19 -17.00 -33.44
N ALA V 235 -32.66 -15.82 -33.10
CA ALA V 235 -31.21 -15.60 -33.12
C ALA V 235 -30.49 -16.46 -32.09
N GLU V 236 -30.99 -16.43 -30.85
CA GLU V 236 -30.37 -17.18 -29.76
C GLU V 236 -30.43 -18.69 -30.00
N ASN V 237 -31.58 -19.20 -30.43
CA ASN V 237 -31.63 -20.61 -30.84
C ASN V 237 -30.68 -20.97 -31.98
N GLU V 238 -30.56 -20.08 -32.97
CA GLU V 238 -29.68 -20.33 -34.11
C GLU V 238 -28.24 -20.43 -33.62
N TYR V 239 -27.89 -19.58 -32.67
CA TYR V 239 -26.53 -19.49 -32.17
C TYR V 239 -26.22 -20.77 -31.40
N GLN V 240 -27.12 -21.13 -30.50
CA GLN V 240 -26.96 -22.35 -29.71
C GLN V 240 -26.88 -23.56 -30.63
N THR V 241 -27.69 -23.57 -31.68
CA THR V 241 -27.62 -24.65 -32.67
C THR V 241 -26.28 -24.70 -33.42
N ALA V 242 -25.77 -23.55 -33.83
CA ALA V 242 -24.46 -23.47 -34.48
C ALA V 242 -23.35 -23.92 -33.52
N ILE V 243 -23.48 -23.56 -32.26
CA ILE V 243 -22.50 -24.02 -31.28
C ILE V 243 -22.50 -25.54 -31.21
N SER V 244 -23.68 -26.13 -31.14
CA SER V 244 -23.82 -27.57 -31.08
C SER V 244 -23.24 -28.21 -32.32
N GLU V 245 -23.46 -27.59 -33.48
CA GLU V 245 -22.87 -28.09 -34.73
C GLU V 245 -21.33 -28.03 -34.74
N ASN V 246 -20.75 -26.99 -34.12
CA ASN V 246 -19.30 -26.85 -34.06
C ASN V 246 -18.69 -27.93 -33.17
N TYR V 247 -19.34 -28.19 -32.03
CA TYR V 247 -18.92 -29.26 -31.14
C TYR V 247 -18.86 -30.61 -31.86
N GLN V 248 -19.89 -30.89 -32.62
CA GLN V 248 -19.96 -32.17 -33.31
C GLN V 248 -18.86 -32.31 -34.35
N THR V 249 -18.64 -31.23 -35.10
CA THR V 249 -17.57 -31.18 -36.10
C THR V 249 -16.17 -31.25 -35.49
N MET V 250 -15.96 -30.50 -34.39
CA MET V 250 -14.70 -30.58 -33.67
C MET V 250 -14.43 -32.02 -33.17
N SER V 251 -15.50 -32.70 -32.75
CA SER V 251 -15.39 -34.06 -32.21
C SER V 251 -15.16 -35.10 -33.30
N ASP V 252 -15.92 -35.01 -34.38
CA ASP V 252 -15.93 -36.05 -35.41
C ASP V 252 -14.88 -35.86 -36.48
N THR V 253 -14.30 -34.66 -36.55
CA THR V 253 -13.37 -34.34 -37.62
C THR V 253 -12.03 -33.88 -37.07
N THR V 254 -12.01 -32.70 -36.47
CA THR V 254 -10.76 -32.09 -36.07
C THR V 254 -10.02 -32.92 -35.02
N PHE V 255 -10.70 -33.28 -33.94
CA PHE V 255 -10.04 -33.98 -32.83
C PHE V 255 -9.52 -35.34 -33.31
N LYS V 256 -10.36 -36.07 -34.02
CA LYS V 256 -9.96 -37.37 -34.56
C LYS V 256 -8.72 -37.28 -35.41
N ALA V 257 -8.64 -36.25 -36.26
CA ALA V 257 -7.53 -36.11 -37.20
C ALA V 257 -6.22 -35.72 -36.51
N LEU V 258 -6.30 -35.12 -35.32
CA LEU V 258 -5.11 -34.69 -34.62
C LEU V 258 -4.25 -35.87 -34.15
N ARG V 259 -4.89 -36.91 -33.61
CA ARG V 259 -4.19 -38.08 -33.12
C ARG V 259 -5.09 -39.33 -33.22
N ARG V 260 -4.49 -40.42 -33.69
CA ARG V 260 -5.19 -41.70 -33.76
C ARG V 260 -5.41 -42.24 -32.35
N GLN V 261 -6.41 -43.09 -32.20
CA GLN V 261 -6.64 -43.79 -30.93
C GLN V 261 -5.56 -44.84 -30.75
N LEU V 262 -5.26 -45.57 -31.83
CA LEU V 262 -4.25 -46.62 -31.85
C LEU V 262 -3.58 -46.59 -33.20
N PRO V 263 -2.32 -47.04 -33.27
CA PRO V 263 -1.64 -47.14 -34.57
C PRO V 263 -2.43 -48.09 -35.45
N VAL V 264 -2.09 -48.12 -36.74
CA VAL V 264 -2.82 -48.96 -37.70
C VAL V 264 -2.85 -50.45 -37.33
N THR V 265 -1.86 -50.91 -36.58
CA THR V 265 -1.82 -52.30 -36.12
C THR V 265 -2.96 -52.61 -35.14
N ARG V 266 -3.63 -51.56 -34.64
CA ARG V 266 -4.70 -51.74 -33.66
C ARG V 266 -4.20 -52.45 -32.41
N THR V 267 -2.92 -52.31 -32.15
CA THR V 267 -2.38 -52.69 -30.86
C THR V 267 -1.45 -51.58 -30.41
N LYS V 268 -1.20 -51.50 -29.12
CA LYS V 268 -0.20 -50.55 -28.62
C LYS V 268 1.17 -50.89 -29.20
N ILE V 269 2.10 -49.94 -29.11
CA ILE V 269 3.41 -50.10 -29.71
C ILE V 269 4.19 -51.21 -29.02
N ASP V 270 4.91 -52.00 -29.81
CA ASP V 270 5.88 -52.96 -29.29
C ASP V 270 7.22 -52.26 -29.22
N TRP V 271 7.57 -51.81 -28.03
CA TRP V 271 8.70 -50.88 -27.88
C TRP V 271 10.07 -51.50 -28.20
N ASN V 272 10.23 -52.80 -27.96
CA ASN V 272 11.48 -53.46 -28.32
C ASN V 272 11.71 -53.41 -29.83
N LYS V 273 10.62 -53.59 -30.58
CA LYS V 273 10.63 -53.50 -32.03
C LYS V 273 11.06 -52.10 -32.48
N ILE V 274 10.46 -51.08 -31.86
CA ILE V 274 10.68 -49.70 -32.26
C ILE V 274 12.16 -49.34 -32.11
N LEU V 275 12.84 -50.05 -31.21
CA LEU V 275 14.22 -49.76 -30.87
C LEU V 275 15.21 -50.47 -31.81
N SER V 276 14.71 -51.41 -32.60
CA SER V 276 15.53 -52.11 -33.59
C SER V 276 16.14 -51.15 -34.61
N SER W 2 7.03 -16.60 -1.70
CA SER W 2 7.67 -17.02 -2.93
C SER W 2 7.13 -18.38 -3.32
N ASP W 3 7.05 -19.27 -2.34
CA ASP W 3 6.25 -20.45 -2.54
C ASP W 3 4.76 -20.08 -2.51
N GLN W 4 4.35 -19.09 -1.67
CA GLN W 4 2.94 -18.64 -1.63
C GLN W 4 2.59 -17.80 -2.85
N GLN W 5 3.52 -16.95 -3.27
CA GLN W 5 3.33 -16.16 -4.48
C GLN W 5 3.35 -17.10 -5.70
N LEU W 6 4.25 -18.08 -5.66
CA LEU W 6 4.23 -19.11 -6.70
C LEU W 6 2.91 -19.90 -6.77
N ASP W 7 2.35 -20.23 -5.60
CA ASP W 7 1.10 -20.97 -5.52
C ASP W 7 -0.03 -20.18 -6.18
N CYS W 8 -0.05 -18.88 -5.93
CA CYS W 8 -1.09 -17.97 -6.47
C CYS W 8 -0.91 -17.75 -7.95
N ALA W 9 0.34 -17.72 -8.38
CA ALA W 9 0.66 -17.55 -9.79
C ALA W 9 0.09 -18.72 -10.62
N LEU W 10 0.36 -19.93 -10.15
CA LEU W 10 -0.16 -21.13 -10.78
C LEU W 10 -1.69 -21.16 -10.70
N ASP W 11 -2.25 -20.81 -9.54
CA ASP W 11 -3.69 -20.77 -9.40
C ASP W 11 -4.30 -19.84 -10.45
N LEU W 12 -3.66 -18.68 -10.65
CA LEU W 12 -4.11 -17.70 -11.62
C LEU W 12 -4.03 -18.25 -13.05
N MET W 13 -2.98 -18.98 -13.36
CA MET W 13 -2.89 -19.58 -14.70
C MET W 13 -3.94 -20.68 -14.93
N ARG W 14 -4.56 -21.15 -13.85
CA ARG W 14 -5.59 -22.18 -13.97
C ARG W 14 -6.93 -21.54 -14.33
N ARG W 15 -7.00 -20.22 -14.26
CA ARG W 15 -8.29 -19.52 -14.24
C ARG W 15 -8.42 -18.47 -15.36
N LEU W 16 -7.32 -17.76 -15.64
CA LEU W 16 -7.27 -16.84 -16.76
C LEU W 16 -7.46 -17.63 -18.06
N PRO W 17 -8.14 -17.04 -19.03
CA PRO W 17 -8.42 -17.77 -20.27
C PRO W 17 -7.16 -18.34 -20.93
N PRO W 18 -7.17 -19.64 -21.25
CA PRO W 18 -6.02 -20.26 -21.91
C PRO W 18 -5.83 -19.69 -23.33
N GLN W 19 -6.87 -19.08 -23.90
CA GLN W 19 -6.68 -18.40 -25.18
C GLN W 19 -5.56 -17.36 -25.15
N GLN W 20 -5.30 -16.78 -23.98
CA GLN W 20 -4.22 -15.79 -23.86
C GLN W 20 -3.06 -16.37 -23.02
N ILE W 21 -2.90 -17.67 -23.11
CA ILE W 21 -1.89 -18.36 -22.30
C ILE W 21 -0.49 -17.71 -22.36
N GLU W 22 -0.03 -17.32 -23.54
CA GLU W 22 1.28 -16.69 -23.67
C GLU W 22 1.38 -15.29 -23.04
N LYS W 23 0.39 -14.44 -23.31
CA LYS W 23 0.35 -13.11 -22.72
C LYS W 23 0.12 -13.17 -21.19
N ASN W 24 -0.69 -14.11 -20.74
CA ASN W 24 -0.86 -14.33 -19.30
C ASN W 24 0.50 -14.52 -18.60
N LEU W 25 1.29 -15.44 -19.12
CA LEU W 25 2.59 -15.76 -18.52
C LEU W 25 3.49 -14.52 -18.45
N SER W 26 3.66 -13.80 -19.57
CA SER W 26 4.58 -12.65 -19.55
C SER W 26 4.07 -11.52 -18.66
N ASP W 27 2.73 -11.33 -18.62
CA ASP W 27 2.11 -10.41 -17.66
C ASP W 27 2.46 -10.81 -16.24
N LEU W 28 2.30 -12.09 -15.95
CA LEU W 28 2.63 -12.66 -14.63
C LEU W 28 4.10 -12.45 -14.28
N ILE W 29 4.97 -12.69 -15.24
CA ILE W 29 6.39 -12.41 -15.01
C ILE W 29 6.62 -10.93 -14.68
N ASP W 30 5.92 -10.04 -15.38
CA ASP W 30 6.07 -8.62 -15.15
C ASP W 30 5.53 -8.24 -13.79
N LEU W 31 4.43 -8.89 -13.40
CA LEU W 31 3.81 -8.63 -12.11
C LEU W 31 4.73 -9.04 -10.96
N VAL W 32 5.40 -10.17 -11.12
CA VAL W 32 6.30 -10.67 -10.06
C VAL W 32 7.66 -11.12 -10.62
N PRO W 33 8.50 -10.16 -10.99
CA PRO W 33 9.79 -10.37 -11.64
C PRO W 33 10.67 -11.44 -10.97
N SER W 34 10.55 -11.57 -9.66
CA SER W 34 11.38 -12.49 -8.90
C SER W 34 11.04 -13.97 -9.11
N LEU W 35 9.85 -14.27 -9.62
CA LEU W 35 9.45 -15.66 -9.82
C LEU W 35 9.77 -16.10 -11.24
N CYS W 36 10.52 -15.30 -11.98
CA CYS W 36 10.74 -15.59 -13.40
C CYS W 36 11.16 -17.02 -13.69
N GLU W 37 12.21 -17.49 -13.02
CA GLU W 37 12.71 -18.83 -13.31
C GLU W 37 11.69 -19.92 -12.97
N ASP W 38 11.08 -19.80 -11.80
CA ASP W 38 10.06 -20.73 -11.34
C ASP W 38 8.86 -20.75 -12.32
N LEU W 39 8.36 -19.58 -12.68
CA LEU W 39 7.21 -19.51 -13.58
C LEU W 39 7.57 -20.10 -14.96
N LEU W 40 8.70 -19.70 -15.51
CA LEU W 40 9.15 -20.26 -16.79
C LEU W 40 9.23 -21.80 -16.82
N SER W 41 9.52 -22.41 -15.67
CA SER W 41 9.69 -23.86 -15.67
C SER W 41 8.42 -24.63 -15.28
N SER W 42 7.51 -23.98 -14.57
CA SER W 42 6.29 -24.67 -14.13
C SER W 42 5.03 -24.28 -14.90
N VAL W 43 5.07 -23.16 -15.64
CA VAL W 43 3.90 -22.77 -16.44
C VAL W 43 4.07 -23.29 -17.88
N ASP W 44 3.28 -24.31 -18.23
CA ASP W 44 3.33 -24.84 -19.58
C ASP W 44 2.88 -23.78 -20.59
N GLN W 45 3.44 -23.83 -21.79
CA GLN W 45 3.14 -22.91 -22.88
C GLN W 45 3.07 -23.73 -24.17
N PRO W 46 2.29 -23.26 -25.14
CA PRO W 46 2.21 -23.95 -26.42
C PRO W 46 3.60 -24.12 -27.00
N LEU W 47 3.84 -25.22 -27.69
CA LEU W 47 5.16 -25.53 -28.22
C LEU W 47 5.40 -24.73 -29.49
N LYS W 48 6.62 -24.23 -29.67
CA LYS W 48 6.96 -23.53 -30.91
C LYS W 48 7.84 -24.40 -31.78
N ILE W 49 7.68 -24.30 -33.09
CA ILE W 49 8.52 -25.05 -34.03
C ILE W 49 9.68 -24.21 -34.51
N ALA W 50 10.89 -24.73 -34.41
CA ALA W 50 12.04 -24.07 -35.02
C ALA W 50 12.64 -25.02 -36.03
N ARG W 51 13.49 -24.51 -36.92
CA ARG W 51 14.08 -25.37 -37.94
C ARG W 51 15.58 -25.57 -37.72
N ASP W 52 16.02 -26.83 -37.64
CA ASP W 52 17.44 -27.09 -37.55
C ASP W 52 18.05 -27.08 -38.95
N LYS W 53 18.64 -25.95 -39.33
CA LYS W 53 19.17 -25.74 -40.67
C LYS W 53 20.25 -26.74 -41.07
N VAL W 54 21.04 -27.17 -40.09
CA VAL W 54 22.14 -28.08 -40.34
C VAL W 54 21.62 -29.46 -40.75
N VAL W 55 20.69 -30.01 -39.99
CA VAL W 55 20.23 -31.36 -40.24
C VAL W 55 19.01 -31.37 -41.18
N GLY W 56 18.42 -30.21 -41.40
CA GLY W 56 17.19 -30.12 -42.18
C GLY W 56 16.04 -30.85 -41.49
N LYS W 57 15.81 -30.55 -40.22
CA LYS W 57 14.71 -31.13 -39.45
C LYS W 57 14.11 -30.09 -38.51
N ASP W 58 12.80 -30.19 -38.29
CA ASP W 58 12.13 -29.31 -37.32
C ASP W 58 12.35 -29.83 -35.91
N TYR W 59 12.27 -28.95 -34.92
CA TYR W 59 12.38 -29.36 -33.53
C TYR W 59 11.57 -28.37 -32.67
N LEU W 60 11.30 -28.74 -31.42
CA LEU W 60 10.32 -28.03 -30.65
C LEU W 60 10.99 -27.21 -29.57
N LEU W 61 10.51 -25.99 -29.38
CA LEU W 61 11.06 -25.09 -28.37
C LEU W 61 10.18 -25.08 -27.12
N CYS W 62 10.79 -25.19 -25.96
CA CYS W 62 10.08 -24.94 -24.72
C CYS W 62 11.10 -24.53 -23.70
N ASP W 63 10.70 -24.33 -22.46
CA ASP W 63 11.69 -23.91 -21.47
C ASP W 63 12.79 -24.96 -21.26
N TYR W 64 12.47 -26.23 -21.42
CA TYR W 64 13.46 -27.25 -21.06
C TYR W 64 14.67 -27.33 -21.99
N ASN W 65 14.56 -26.83 -23.23
CA ASN W 65 15.76 -26.81 -24.10
C ASN W 65 16.32 -25.41 -24.28
N ARG W 66 15.99 -24.53 -23.35
CA ARG W 66 16.39 -23.14 -23.47
C ARG W 66 17.59 -22.87 -22.59
N ASP W 67 18.46 -22.00 -23.07
CA ASP W 67 19.52 -21.46 -22.24
C ASP W 67 19.72 -20.01 -22.67
N GLY W 68 19.45 -19.08 -21.77
CA GLY W 68 19.43 -17.67 -22.11
C GLY W 68 18.36 -17.43 -23.15
N ASP W 69 18.75 -16.93 -24.31
CA ASP W 69 17.77 -16.69 -25.36
C ASP W 69 17.95 -17.65 -26.53
N SER W 70 18.76 -18.68 -26.34
CA SER W 70 18.97 -19.68 -27.38
C SER W 70 18.30 -21.01 -27.04
N TYR W 71 18.09 -21.85 -28.06
CA TYR W 71 17.51 -23.17 -27.87
C TYR W 71 18.34 -24.26 -28.51
N ARG W 72 18.39 -25.41 -27.86
CA ARG W 72 19.21 -26.53 -28.31
C ARG W 72 18.42 -27.46 -29.22
N SER W 73 18.95 -27.77 -30.39
CA SER W 73 18.36 -28.76 -31.29
C SER W 73 18.67 -30.17 -30.80
N PRO W 74 17.67 -31.07 -30.80
CA PRO W 74 17.95 -32.44 -30.40
C PRO W 74 18.67 -33.20 -31.51
N TRP W 75 18.70 -32.64 -32.71
CA TRP W 75 19.29 -33.32 -33.85
C TRP W 75 20.78 -33.00 -33.97
N SER W 76 21.13 -31.71 -33.89
CA SER W 76 22.52 -31.29 -34.08
C SER W 76 23.23 -31.08 -32.74
N ASN W 77 22.44 -31.07 -31.67
CA ASN W 77 22.97 -30.87 -30.33
C ASN W 77 23.68 -29.53 -30.23
N LYS W 78 23.22 -28.57 -31.03
CA LYS W 78 23.78 -27.21 -31.00
C LYS W 78 22.72 -26.16 -30.63
N TYR W 79 23.16 -25.07 -30.00
CA TYR W 79 22.24 -23.97 -29.69
C TYR W 79 22.07 -23.00 -30.85
N ASP W 80 20.86 -22.46 -30.98
CA ASP W 80 20.58 -21.40 -31.93
C ASP W 80 19.72 -20.33 -31.23
N PRO W 81 20.23 -19.10 -31.12
CA PRO W 81 21.56 -18.60 -31.54
C PRO W 81 22.70 -19.32 -30.83
N PRO W 82 23.83 -19.48 -31.52
CA PRO W 82 24.97 -20.22 -30.98
C PRO W 82 25.34 -19.72 -29.59
N LEU W 83 26.02 -20.55 -28.81
CA LEU W 83 26.34 -20.22 -27.42
C LEU W 83 27.73 -20.74 -27.10
N GLU W 84 28.47 -19.99 -26.27
CA GLU W 84 29.84 -20.36 -25.94
C GLU W 84 29.89 -21.50 -24.93
N ASP W 85 28.94 -21.50 -23.99
CA ASP W 85 28.91 -22.49 -22.93
C ASP W 85 27.49 -22.91 -22.60
N GLY W 86 26.69 -23.14 -23.64
CA GLY W 86 25.33 -23.59 -23.47
C GLY W 86 25.30 -24.88 -22.67
N ALA W 87 24.26 -25.08 -21.87
CA ALA W 87 24.15 -26.32 -21.10
C ALA W 87 23.95 -27.53 -22.03
N MET W 88 24.85 -28.50 -21.92
CA MET W 88 24.79 -29.69 -22.76
C MET W 88 24.61 -30.93 -21.89
N PRO W 89 24.00 -31.98 -22.44
CA PRO W 89 23.96 -33.26 -21.71
C PRO W 89 25.33 -33.94 -21.75
N SER W 90 25.62 -34.79 -20.76
CA SER W 90 26.85 -35.57 -20.77
C SER W 90 26.85 -36.47 -22.00
N ALA W 91 27.98 -37.09 -22.29
CA ALA W 91 28.09 -37.95 -23.46
C ALA W 91 27.11 -39.12 -23.34
N ARG W 92 26.99 -39.67 -22.14
CA ARG W 92 26.14 -40.83 -21.91
C ARG W 92 24.69 -40.46 -22.17
N LEU W 93 24.25 -39.38 -21.54
CA LEU W 93 22.89 -38.91 -21.64
C LEU W 93 22.57 -38.43 -23.06
N ARG W 94 23.53 -37.82 -23.74
CA ARG W 94 23.31 -37.45 -25.14
C ARG W 94 23.04 -38.68 -26.01
N LYS W 95 23.79 -39.75 -25.78
CA LYS W 95 23.56 -40.97 -26.56
C LYS W 95 22.15 -41.48 -26.32
N LEU W 96 21.71 -41.45 -25.07
CA LEU W 96 20.36 -41.86 -24.74
C LEU W 96 19.34 -40.93 -25.36
N GLU W 97 19.66 -39.64 -25.41
CA GLU W 97 18.77 -38.64 -25.97
C GLU W 97 18.56 -38.85 -27.46
N VAL W 98 19.64 -39.14 -28.18
CA VAL W 98 19.52 -39.45 -29.61
C VAL W 98 18.63 -40.68 -29.83
N GLU W 99 18.84 -41.69 -29.00
CA GLU W 99 18.04 -42.92 -29.01
C GLU W 99 16.56 -42.60 -28.78
N ALA W 100 16.29 -41.82 -27.73
CA ALA W 100 14.93 -41.46 -27.39
C ALA W 100 14.27 -40.65 -28.53
N ASN W 101 15.00 -39.73 -29.11
CA ASN W 101 14.46 -38.96 -30.22
C ASN W 101 14.08 -39.80 -31.42
N ASN W 102 14.88 -40.82 -31.72
CA ASN W 102 14.60 -41.74 -32.82
C ASN W 102 13.36 -42.55 -32.50
N ALA W 103 13.29 -43.03 -31.28
CA ALA W 103 12.14 -43.83 -30.84
C ALA W 103 10.86 -43.02 -30.84
N PHE W 104 10.89 -41.79 -30.33
CA PHE W 104 9.66 -40.99 -30.24
C PHE W 104 9.25 -40.36 -31.56
N ASP W 105 10.22 -40.24 -32.46
CA ASP W 105 9.93 -39.84 -33.83
C ASP W 105 9.05 -40.91 -34.49
N GLN W 106 9.33 -42.18 -34.21
CA GLN W 106 8.50 -43.27 -34.75
C GLN W 106 7.15 -43.32 -34.05
N TYR W 107 7.17 -43.09 -32.75
CA TYR W 107 5.95 -43.02 -31.96
C TYR W 107 5.05 -41.95 -32.57
N ARG W 108 5.64 -40.79 -32.83
CA ARG W 108 4.92 -39.66 -33.38
C ARG W 108 4.28 -40.07 -34.69
N ASP W 109 5.06 -40.62 -35.61
CA ASP W 109 4.53 -41.01 -36.92
C ASP W 109 3.39 -42.04 -36.75
N LEU W 110 3.56 -43.00 -35.85
CA LEU W 110 2.55 -44.03 -35.62
C LEU W 110 1.23 -43.49 -35.09
N TYR W 111 1.29 -42.56 -34.13
CA TYR W 111 0.05 -42.05 -33.52
C TYR W 111 -0.48 -40.77 -34.17
N PHE W 112 0.43 -39.93 -34.64
CA PHE W 112 -0.01 -38.61 -35.14
C PHE W 112 0.07 -38.45 -36.66
N GLU W 113 0.80 -39.35 -37.32
CA GLU W 113 0.86 -39.37 -38.78
C GLU W 113 1.25 -38.01 -39.33
N GLY W 114 2.21 -37.36 -38.70
CA GLY W 114 2.56 -35.99 -39.02
C GLY W 114 3.09 -35.28 -37.79
N GLY W 115 3.05 -33.95 -37.81
CA GLY W 115 3.50 -33.16 -36.66
C GLY W 115 5.00 -33.25 -36.46
N VAL W 116 5.48 -32.79 -35.31
CA VAL W 116 6.91 -32.75 -35.00
C VAL W 116 7.10 -33.27 -33.57
N SER W 117 8.22 -33.94 -33.33
CA SER W 117 8.57 -34.39 -31.99
C SER W 117 9.97 -33.92 -31.59
N SER W 118 10.23 -33.88 -30.28
CA SER W 118 11.57 -33.63 -29.75
C SER W 118 11.63 -34.20 -28.35
N VAL W 119 12.82 -34.67 -27.96
CA VAL W 119 13.09 -35.20 -26.63
C VAL W 119 14.37 -34.53 -26.15
N TYR W 120 14.30 -33.94 -24.96
CA TYR W 120 15.48 -33.38 -24.30
C TYR W 120 15.64 -34.02 -22.94
N LEU W 121 16.87 -34.46 -22.64
CA LEU W 121 17.16 -35.13 -21.37
C LEU W 121 18.14 -34.30 -20.57
N TRP W 122 18.15 -34.49 -19.26
CA TRP W 122 19.14 -33.83 -18.42
C TRP W 122 19.41 -34.62 -17.15
N ASP W 123 20.61 -34.44 -16.62
CA ASP W 123 21.09 -35.19 -15.46
C ASP W 123 20.39 -34.81 -14.16
N LEU W 124 20.17 -35.81 -13.32
CA LEU W 124 19.71 -35.58 -11.96
C LEU W 124 20.69 -36.26 -11.04
N ASP W 125 20.52 -36.02 -9.75
CA ASP W 125 21.39 -36.61 -8.74
C ASP W 125 21.45 -38.12 -8.88
N HIS W 126 20.29 -38.78 -8.79
CA HIS W 126 20.28 -40.24 -8.73
C HIS W 126 19.66 -40.88 -9.96
N GLY W 127 19.80 -40.21 -11.10
CA GLY W 127 19.23 -40.69 -12.34
C GLY W 127 19.21 -39.58 -13.37
N PHE W 128 18.05 -39.36 -13.99
CA PHE W 128 17.95 -38.35 -15.02
C PHE W 128 16.50 -37.99 -15.25
N ALA W 129 16.27 -36.91 -15.96
CA ALA W 129 14.92 -36.49 -16.33
C ALA W 129 14.88 -36.21 -17.82
N GLY W 130 13.70 -35.97 -18.33
CA GLY W 130 13.58 -35.61 -19.74
C GLY W 130 12.18 -35.12 -20.00
N VAL W 131 12.02 -34.46 -21.13
CA VAL W 131 10.70 -34.07 -21.58
C VAL W 131 10.54 -34.66 -22.98
N ILE W 132 9.38 -35.23 -23.23
CA ILE W 132 9.02 -35.70 -24.56
C ILE W 132 7.93 -34.74 -25.09
N LEU W 133 8.19 -34.06 -26.21
CA LEU W 133 7.28 -33.05 -26.77
C LEU W 133 6.74 -33.50 -28.10
N ILE W 134 5.45 -33.31 -28.31
CA ILE W 134 4.87 -33.58 -29.63
C ILE W 134 3.95 -32.42 -30.00
N LYS W 135 4.07 -31.97 -31.24
CA LYS W 135 3.27 -30.84 -31.72
C LYS W 135 2.62 -31.25 -33.01
N LYS W 136 1.29 -31.15 -33.08
CA LYS W 136 0.56 -31.52 -34.29
C LYS W 136 -0.51 -30.49 -34.59
N ALA W 137 -0.47 -29.92 -35.79
CA ALA W 137 -1.47 -28.97 -36.24
C ALA W 137 -2.55 -29.65 -37.07
N GLY W 138 -3.79 -29.21 -36.94
CA GLY W 138 -4.90 -29.75 -37.73
C GLY W 138 -4.80 -29.25 -39.15
N ASP W 139 -5.40 -29.96 -40.10
CA ASP W 139 -5.29 -29.57 -41.51
C ASP W 139 -6.25 -28.46 -41.87
N GLY W 140 -7.05 -28.02 -40.89
CA GLY W 140 -7.95 -26.89 -41.07
C GLY W 140 -9.27 -27.22 -41.73
N SER W 141 -9.58 -28.50 -41.89
CA SER W 141 -10.80 -28.94 -42.57
C SER W 141 -12.05 -28.35 -41.94
N LYS W 142 -13.11 -28.21 -42.75
CA LYS W 142 -14.39 -27.75 -42.25
C LYS W 142 -14.28 -26.45 -41.47
N LYS W 143 -13.28 -25.64 -41.83
CA LYS W 143 -13.10 -24.30 -41.27
C LYS W 143 -12.80 -24.32 -39.77
N ILE W 144 -12.27 -25.44 -39.27
CA ILE W 144 -11.86 -25.53 -37.86
C ILE W 144 -10.33 -25.59 -37.79
N LYS W 145 -9.73 -24.63 -37.07
CA LYS W 145 -8.31 -24.68 -36.79
C LYS W 145 -8.06 -25.43 -35.49
N GLY W 146 -7.15 -26.39 -35.53
CA GLY W 146 -6.88 -27.22 -34.37
C GLY W 146 -5.40 -27.40 -34.13
N CYS W 147 -5.03 -27.59 -32.88
CA CYS W 147 -3.64 -27.87 -32.55
C CYS W 147 -3.56 -28.70 -31.28
N TRP W 148 -2.61 -29.63 -31.26
CA TRP W 148 -2.39 -30.55 -30.14
C TRP W 148 -0.95 -30.44 -29.70
N ASP W 149 -0.71 -30.14 -28.41
CA ASP W 149 0.61 -30.18 -27.80
C ASP W 149 0.70 -31.24 -26.70
N SER W 150 1.73 -32.08 -26.76
CA SER W 150 2.08 -33.01 -25.69
C SER W 150 3.36 -32.54 -25.04
N ILE W 151 3.31 -32.43 -23.72
CA ILE W 151 4.47 -32.16 -22.89
C ILE W 151 4.53 -33.24 -21.80
N HIS W 152 5.41 -34.23 -22.00
CA HIS W 152 5.57 -35.34 -21.06
C HIS W 152 6.92 -35.17 -20.36
N VAL W 153 6.87 -34.93 -19.05
CA VAL W 153 8.08 -34.71 -18.29
C VAL W 153 8.29 -35.88 -17.39
N VAL W 154 9.42 -36.57 -17.56
CA VAL W 154 9.67 -37.79 -16.80
C VAL W 154 10.90 -37.66 -15.90
N GLU W 155 10.76 -38.15 -14.67
CA GLU W 155 11.86 -38.22 -13.74
C GLU W 155 12.20 -39.68 -13.48
N VAL W 156 13.47 -40.04 -13.65
CA VAL W 156 13.92 -41.40 -13.50
C VAL W 156 14.95 -41.50 -12.37
N GLN W 157 14.65 -42.31 -11.36
CA GLN W 157 15.59 -42.54 -10.26
C GLN W 157 16.19 -43.93 -10.38
N GLU W 158 17.47 -44.00 -10.71
CA GLU W 158 18.13 -45.27 -11.06
C GLU W 158 18.58 -46.02 -9.82
N ARG W 163 19.25 -52.16 -12.33
CA ARG W 163 18.40 -53.31 -11.98
C ARG W 163 16.91 -53.00 -12.12
N THR W 164 16.43 -52.03 -11.36
CA THR W 164 15.09 -51.52 -11.53
C THR W 164 15.17 -50.01 -11.40
N ALA W 165 14.13 -49.29 -11.81
CA ALA W 165 14.12 -47.87 -11.58
C ALA W 165 12.73 -47.40 -11.20
N HIS W 166 12.67 -46.24 -10.55
CA HIS W 166 11.39 -45.59 -10.30
C HIS W 166 11.15 -44.49 -11.34
N TYR W 167 9.98 -44.51 -11.97
CA TYR W 167 9.63 -43.49 -12.95
C TYR W 167 8.49 -42.63 -12.46
N LYS W 168 8.67 -41.32 -12.61
CA LYS W 168 7.57 -40.41 -12.32
C LYS W 168 7.30 -39.59 -13.57
N LEU W 169 6.04 -39.63 -14.02
CA LEU W 169 5.64 -38.97 -15.26
C LEU W 169 4.53 -37.93 -15.03
N THR W 170 4.80 -36.69 -15.40
CA THR W 170 3.82 -35.62 -15.33
C THR W 170 3.55 -35.14 -16.75
N SER W 171 2.33 -35.38 -17.22
CA SER W 171 2.00 -35.08 -18.60
C SER W 171 0.91 -34.03 -18.72
N THR W 172 1.18 -33.06 -19.58
CA THR W 172 0.20 -32.04 -19.94
C THR W 172 -0.09 -32.21 -21.41
N VAL W 173 -1.37 -32.23 -21.77
CA VAL W 173 -1.73 -32.12 -23.17
C VAL W 173 -2.55 -30.86 -23.35
N MET W 174 -2.17 -30.07 -24.34
CA MET W 174 -2.95 -28.87 -24.69
C MET W 174 -3.70 -29.14 -25.98
N LEU W 175 -4.96 -28.72 -26.00
CA LEU W 175 -5.80 -28.94 -27.15
C LEU W 175 -6.53 -27.64 -27.48
N TRP W 176 -6.35 -27.15 -28.70
CA TRP W 176 -6.89 -25.84 -29.10
C TRP W 176 -7.77 -26.04 -30.32
N LEU W 177 -9.01 -25.57 -30.21
CA LEU W 177 -9.96 -25.65 -31.31
C LEU W 177 -10.62 -24.28 -31.55
N GLN W 178 -10.69 -23.86 -32.81
CA GLN W 178 -11.19 -22.52 -33.11
C GLN W 178 -11.83 -22.48 -34.47
N THR W 179 -12.94 -21.76 -34.57
CA THR W 179 -13.58 -21.56 -35.85
C THR W 179 -14.29 -20.22 -35.85
N ASN W 180 -14.39 -19.65 -37.04
CA ASN W 180 -15.03 -18.35 -37.25
C ASN W 180 -16.17 -18.41 -38.24
N LYS W 181 -16.98 -19.45 -38.16
CA LYS W 181 -18.16 -19.57 -39.00
C LYS W 181 -19.21 -18.53 -38.59
N THR W 182 -20.04 -18.10 -39.54
CA THR W 182 -21.06 -17.09 -39.28
C THR W 182 -22.10 -17.63 -38.31
N GLY W 183 -21.90 -18.88 -37.88
CA GLY W 183 -22.82 -19.64 -37.07
C GLY W 183 -23.55 -18.95 -35.93
N SER W 184 -22.98 -18.85 -34.72
CA SER W 184 -21.65 -19.32 -34.27
C SER W 184 -20.72 -18.16 -33.92
N GLY W 185 -20.60 -17.21 -34.84
CA GLY W 185 -19.61 -16.16 -34.69
C GLY W 185 -18.26 -16.79 -34.32
N THR W 186 -17.47 -16.08 -33.52
CA THR W 186 -16.20 -16.60 -33.05
C THR W 186 -16.38 -17.68 -31.99
N MET W 187 -15.78 -18.84 -32.21
CA MET W 187 -15.84 -19.88 -31.19
C MET W 187 -14.46 -20.46 -30.93
N ASN W 188 -14.02 -20.37 -29.69
CA ASN W 188 -12.74 -20.90 -29.28
C ASN W 188 -12.83 -21.84 -28.06
N LEU W 189 -12.38 -23.07 -28.26
CA LEU W 189 -12.46 -24.10 -27.23
C LEU W 189 -11.05 -24.57 -27.08
N GLY W 190 -10.42 -24.21 -25.96
CA GLY W 190 -9.01 -24.55 -25.80
C GLY W 190 -8.54 -24.63 -24.37
N GLY W 191 -7.32 -25.12 -24.19
CA GLY W 191 -6.74 -25.19 -22.86
C GLY W 191 -5.91 -26.42 -22.73
N SER W 192 -5.81 -26.95 -21.52
CA SER W 192 -4.98 -28.14 -21.30
C SER W 192 -5.43 -28.95 -20.08
N LEU W 193 -4.99 -30.21 -20.05
CA LEU W 193 -5.21 -31.10 -18.92
C LEU W 193 -3.86 -31.62 -18.51
N THR W 194 -3.68 -31.83 -17.22
CA THR W 194 -2.42 -32.41 -16.70
C THR W 194 -2.70 -33.61 -15.81
N ARG W 195 -1.88 -34.64 -15.95
CA ARG W 195 -2.05 -35.86 -15.17
C ARG W 195 -0.68 -36.37 -14.79
N GLN W 196 -0.63 -37.20 -13.77
CA GLN W 196 0.62 -37.74 -13.25
C GLN W 196 0.48 -39.20 -12.85
N MET W 197 1.52 -39.99 -13.14
CA MET W 197 1.57 -41.43 -12.87
C MET W 197 2.95 -41.72 -12.28
N GLU W 198 3.05 -42.70 -11.40
CA GLU W 198 4.36 -43.18 -10.91
C GLU W 198 4.40 -44.69 -10.99
N LYS W 199 5.58 -45.27 -11.08
CA LYS W 199 5.70 -46.71 -11.25
C LYS W 199 7.16 -47.17 -11.10
N ASP W 200 7.35 -48.33 -10.50
CA ASP W 200 8.65 -49.01 -10.55
C ASP W 200 8.61 -50.01 -11.69
N GLU W 201 9.71 -50.13 -12.42
CA GLU W 201 9.78 -51.14 -13.46
C GLU W 201 11.18 -51.70 -13.57
N THR W 202 11.28 -52.92 -14.06
CA THR W 202 12.58 -53.54 -14.23
C THR W 202 13.31 -52.90 -15.41
N VAL W 203 14.62 -52.77 -15.28
CA VAL W 203 15.46 -52.30 -16.38
C VAL W 203 16.31 -53.46 -16.85
N SER W 204 16.31 -53.73 -18.14
CA SER W 204 17.01 -54.90 -18.63
C SER W 204 17.21 -54.79 -20.12
N ASP W 205 17.90 -55.79 -20.68
CA ASP W 205 18.15 -55.87 -22.12
C ASP W 205 16.83 -55.73 -22.88
N SER W 206 15.85 -56.51 -22.46
CA SER W 206 14.56 -56.52 -23.13
C SER W 206 13.68 -55.34 -22.70
N SER W 207 14.00 -54.73 -21.56
CA SER W 207 13.21 -53.60 -21.08
C SER W 207 14.05 -52.40 -20.62
N PRO W 208 14.70 -51.74 -21.57
CA PRO W 208 15.58 -50.61 -21.26
C PRO W 208 14.80 -49.36 -20.92
N HIS W 209 15.50 -48.35 -20.41
CA HIS W 209 14.84 -47.12 -19.99
C HIS W 209 13.88 -46.55 -21.04
N ILE W 210 14.31 -46.54 -22.31
CA ILE W 210 13.52 -45.94 -23.36
C ILE W 210 12.21 -46.72 -23.55
N ALA W 211 12.27 -48.04 -23.45
CA ALA W 211 11.03 -48.84 -23.50
C ALA W 211 10.13 -48.56 -22.29
N ASN W 212 10.71 -48.47 -21.10
CA ASN W 212 9.92 -48.19 -19.91
C ASN W 212 9.23 -46.86 -20.03
N ILE W 213 9.97 -45.82 -20.40
CA ILE W 213 9.39 -44.50 -20.56
C ILE W 213 8.35 -44.50 -21.67
N GLY W 214 8.67 -45.15 -22.78
CA GLY W 214 7.79 -45.26 -23.92
C GLY W 214 6.43 -45.78 -23.54
N ARG W 215 6.38 -46.93 -22.89
CA ARG W 215 5.09 -47.49 -22.49
C ARG W 215 4.33 -46.55 -21.55
N LEU W 216 5.05 -45.93 -20.62
CA LEU W 216 4.45 -44.95 -19.71
C LEU W 216 3.82 -43.76 -20.45
N VAL W 217 4.56 -43.21 -21.41
CA VAL W 217 4.07 -42.08 -22.16
C VAL W 217 2.86 -42.48 -23.01
N GLU W 218 2.96 -43.64 -23.65
CA GLU W 218 1.88 -44.18 -24.45
C GLU W 218 0.60 -44.40 -23.64
N ASP W 219 0.72 -45.11 -22.51
CA ASP W 219 -0.43 -45.33 -21.63
C ASP W 219 -1.04 -44.01 -21.19
N MET W 220 -0.18 -43.12 -20.75
CA MET W 220 -0.64 -41.82 -20.30
C MET W 220 -1.37 -41.05 -21.42
N GLU W 221 -0.79 -41.05 -22.61
CA GLU W 221 -1.34 -40.21 -23.67
C GLU W 221 -2.62 -40.81 -24.21
N ASN W 222 -2.69 -42.13 -24.30
CA ASN W 222 -3.94 -42.77 -24.68
C ASN W 222 -5.09 -42.43 -23.72
N LYS W 223 -4.79 -42.48 -22.41
CA LYS W 223 -5.74 -42.09 -21.38
C LYS W 223 -6.20 -40.63 -21.53
N ILE W 224 -5.24 -39.72 -21.68
CA ILE W 224 -5.57 -38.30 -21.76
C ILE W 224 -6.41 -38.02 -23.03
N ARG W 225 -6.10 -38.70 -24.12
CA ARG W 225 -6.85 -38.51 -25.35
C ARG W 225 -8.32 -38.76 -25.09
N SER W 226 -8.58 -39.88 -24.40
CA SER W 226 -9.95 -40.25 -24.05
C SER W 226 -10.58 -39.22 -23.12
N THR W 227 -9.79 -38.73 -22.17
CA THR W 227 -10.29 -37.78 -21.20
C THR W 227 -10.59 -36.42 -21.86
N LEU W 228 -9.74 -36.02 -22.80
CA LEU W 228 -9.96 -34.77 -23.55
C LEU W 228 -11.29 -34.86 -24.28
N ASN W 229 -11.51 -35.99 -24.92
CA ASN W 229 -12.76 -36.22 -25.64
C ASN W 229 -13.97 -36.06 -24.74
N GLU W 230 -13.88 -36.62 -23.53
CA GLU W 230 -14.97 -36.54 -22.54
C GLU W 230 -15.17 -35.11 -22.02
N ILE W 231 -14.08 -34.44 -21.68
CA ILE W 231 -14.16 -33.08 -21.15
C ILE W 231 -14.55 -32.03 -22.19
N TYR W 232 -13.88 -32.01 -23.33
CA TYR W 232 -14.12 -30.99 -24.34
C TYR W 232 -15.51 -31.16 -24.94
N PHE W 233 -15.84 -32.39 -25.36
CA PHE W 233 -17.02 -32.60 -26.16
C PHE W 233 -18.19 -33.19 -25.38
N GLY W 234 -17.92 -33.69 -24.19
CA GLY W 234 -18.97 -34.14 -23.28
C GLY W 234 -19.30 -33.09 -22.23
N LYS W 235 -18.37 -32.86 -21.32
CA LYS W 235 -18.59 -31.98 -20.17
C LYS W 235 -18.87 -30.51 -20.52
N THR W 236 -17.98 -29.84 -21.27
CA THR W 236 -18.22 -28.41 -21.55
C THR W 236 -19.50 -28.21 -22.37
N LYS W 237 -19.80 -29.16 -23.27
CA LYS W 237 -21.06 -29.11 -24.03
C LYS W 237 -22.29 -29.27 -23.15
N ASP W 238 -22.22 -30.21 -22.20
CA ASP W 238 -23.32 -30.37 -21.23
C ASP W 238 -23.53 -29.07 -20.44
N ILE W 239 -22.43 -28.38 -20.12
CA ILE W 239 -22.54 -27.14 -19.37
C ILE W 239 -23.25 -26.07 -20.21
N VAL W 240 -22.83 -25.91 -21.46
CA VAL W 240 -23.49 -25.01 -22.41
C VAL W 240 -25.00 -25.31 -22.54
N ASN W 241 -25.33 -26.59 -22.73
CA ASN W 241 -26.73 -26.99 -22.87
C ASN W 241 -27.60 -26.67 -21.67
N GLY W 242 -26.99 -26.53 -20.50
CA GLY W 242 -27.72 -26.21 -19.29
C GLY W 242 -27.68 -24.75 -18.89
N LEU W 243 -27.02 -23.92 -19.66
CA LEU W 243 -26.97 -22.54 -19.32
C LEU W 243 -28.32 -21.84 -19.29
N ARG W 244 -29.17 -21.96 -20.30
CA ARG W 244 -29.09 -22.90 -21.42
C ARG W 244 -28.61 -22.24 -22.70
N VAL X 1 -13.43 0.40 2.81
CA VAL X 1 -13.57 -0.92 2.20
C VAL X 1 -12.49 -1.88 2.71
N ASN X 2 -12.89 -3.13 2.97
CA ASN X 2 -11.97 -4.12 3.51
C ASN X 2 -11.69 -5.24 2.50
N PHE X 3 -10.43 -5.67 2.41
CA PHE X 3 -10.07 -6.72 1.45
C PHE X 3 -10.11 -8.12 2.07
N ASP X 4 -9.80 -8.22 3.37
CA ASP X 4 -9.85 -9.50 4.08
C ASP X 4 -11.28 -9.98 4.06
N ASP X 5 -12.16 -9.06 3.70
CA ASP X 5 -13.58 -9.30 3.48
C ASP X 5 -13.78 -10.35 2.40
N ILE X 6 -13.08 -10.16 1.28
CA ILE X 6 -13.21 -11.05 0.13
C ILE X 6 -12.49 -12.37 0.32
N ALA X 7 -13.26 -13.43 0.51
CA ALA X 7 -12.69 -14.76 0.67
C ALA X 7 -13.31 -15.66 -0.39
N SER X 8 -12.57 -16.64 -0.89
CA SER X 8 -11.17 -16.88 -0.58
C SER X 8 -10.72 -18.04 -1.43
N SER X 9 -9.65 -17.82 -2.19
CA SER X 9 -9.04 -18.87 -2.98
C SER X 9 -8.25 -19.83 -2.09
N GLU X 10 -8.87 -20.95 -1.71
CA GLU X 10 -8.07 -22.04 -1.22
C GLU X 10 -7.52 -22.72 -2.47
N ASN X 11 -6.22 -22.56 -2.69
CA ASN X 11 -5.63 -22.87 -3.99
C ASN X 11 -5.85 -24.30 -4.48
N LEU X 12 -6.00 -24.45 -5.80
CA LEU X 12 -6.03 -25.75 -6.45
C LEU X 12 -4.68 -26.41 -6.26
N LEU X 13 -4.63 -27.73 -6.49
CA LEU X 13 -3.36 -28.45 -6.45
C LEU X 13 -2.65 -28.31 -7.79
N HIS X 14 -1.32 -28.15 -7.75
CA HIS X 14 -0.56 -27.84 -8.95
C HIS X 14 0.44 -28.93 -9.30
N LEU X 15 0.06 -29.77 -10.25
CA LEU X 15 0.88 -30.92 -10.63
C LEU X 15 2.22 -30.52 -11.23
N THR X 16 2.28 -29.37 -11.89
CA THR X 16 3.52 -28.99 -12.59
C THR X 16 4.56 -28.47 -11.60
N ALA X 17 4.13 -28.17 -10.38
CA ALA X 17 5.04 -27.58 -9.41
C ALA X 17 6.18 -28.52 -8.98
N ASN X 18 5.97 -29.83 -9.05
CA ASN X 18 6.95 -30.80 -8.55
C ASN X 18 7.75 -31.58 -9.61
N ARG X 19 7.67 -31.19 -10.88
CA ARG X 19 8.43 -31.86 -11.92
C ARG X 19 9.92 -31.61 -11.75
N PRO X 20 10.76 -32.53 -12.25
CA PRO X 20 12.21 -32.36 -12.15
C PRO X 20 12.65 -31.01 -12.70
N LYS X 21 13.49 -30.32 -11.95
CA LYS X 21 13.98 -29.03 -12.38
C LYS X 21 15.38 -29.18 -12.98
N MET X 22 15.69 -28.32 -13.93
CA MET X 22 17.01 -28.24 -14.48
C MET X 22 17.58 -26.91 -14.03
N PRO X 23 18.24 -26.91 -12.89
CA PRO X 23 18.77 -25.68 -12.27
C PRO X 23 19.94 -25.09 -13.06
N GLY X 24 20.25 -23.83 -12.78
CA GLY X 24 21.45 -23.22 -13.31
C GLY X 24 21.43 -23.00 -14.80
N ARG X 25 20.42 -22.27 -15.27
CA ARG X 25 20.39 -21.83 -16.65
C ARG X 25 20.17 -20.33 -16.70
N ARG X 26 20.77 -19.68 -17.68
CA ARG X 26 20.63 -18.24 -17.80
C ARG X 26 19.18 -17.94 -18.17
N LEU X 27 18.64 -16.89 -17.56
CA LEU X 27 17.31 -16.39 -17.89
C LEU X 27 17.39 -15.73 -19.25
N PRO X 28 16.23 -15.51 -19.89
CA PRO X 28 16.24 -14.63 -21.06
C PRO X 28 16.47 -13.18 -20.61
N GLY X 29 16.90 -12.30 -21.51
CA GLY X 29 17.02 -10.89 -21.16
C GLY X 29 15.68 -10.22 -20.95
N VAL Y 8 98.64 -57.33 62.72
CA VAL Y 8 97.21 -57.07 62.61
C VAL Y 8 96.75 -56.13 63.72
N SER Y 9 96.02 -55.09 63.34
CA SER Y 9 95.61 -54.06 64.28
C SER Y 9 94.36 -54.48 65.06
N ASP Y 10 94.14 -53.85 66.19
CA ASP Y 10 92.92 -54.08 66.95
C ASP Y 10 91.67 -53.76 66.10
N GLU Y 11 91.75 -52.73 65.29
CA GLU Y 11 90.61 -52.37 64.44
C GLU Y 11 90.28 -53.48 63.44
N GLU Y 12 91.32 -54.03 62.83
CA GLU Y 12 91.17 -55.14 61.91
C GLU Y 12 90.71 -56.42 62.63
N LYS Y 13 91.23 -56.65 63.84
CA LYS Y 13 90.80 -57.80 64.62
C LYS Y 13 89.31 -57.71 64.94
N VAL Y 14 88.85 -56.55 65.39
CA VAL Y 14 87.43 -56.44 65.72
C VAL Y 14 86.52 -56.46 64.48
N ARG Y 15 87.01 -55.97 63.34
CA ARG Y 15 86.25 -56.09 62.09
C ARG Y 15 86.04 -57.58 61.76
N ILE Y 16 87.11 -58.35 61.89
CA ILE Y 16 87.04 -59.79 61.69
C ILE Y 16 86.09 -60.44 62.70
N ALA Y 17 86.17 -60.03 63.96
CA ALA Y 17 85.28 -60.55 64.98
C ALA Y 17 83.81 -60.28 64.63
N ALA Y 18 83.50 -59.04 64.24
CA ALA Y 18 82.14 -58.67 63.85
C ALA Y 18 81.66 -59.50 62.67
N LYS Y 19 82.52 -59.69 61.68
CA LYS Y 19 82.18 -60.48 60.52
C LYS Y 19 81.82 -61.92 60.88
N PHE Y 20 82.66 -62.55 61.70
CA PHE Y 20 82.40 -63.92 62.16
C PHE Y 20 81.06 -63.99 62.87
N ILE Y 21 80.83 -63.06 63.81
CA ILE Y 21 79.58 -63.02 64.55
C ILE Y 21 78.40 -62.92 63.60
N THR Y 22 78.52 -62.10 62.57
CA THR Y 22 77.39 -61.95 61.66
C THR Y 22 77.26 -63.17 60.74
N HIS Y 23 78.25 -64.06 60.76
CA HIS Y 23 78.18 -65.25 59.91
C HIS Y 23 77.84 -66.54 60.64
N ALA Y 24 77.39 -66.41 61.89
CA ALA Y 24 76.91 -67.53 62.65
C ALA Y 24 75.78 -68.24 61.92
N PRO Y 25 75.82 -69.58 61.84
CA PRO Y 25 74.71 -70.33 61.26
C PRO Y 25 73.47 -70.23 62.14
N PRO Y 26 72.29 -70.61 61.62
CA PRO Y 26 71.04 -70.43 62.37
C PRO Y 26 71.03 -71.26 63.64
N GLY Y 27 70.58 -70.66 64.74
CA GLY Y 27 70.52 -71.35 66.02
C GLY Y 27 71.85 -71.46 66.76
N GLU Y 28 72.92 -70.94 66.18
CA GLU Y 28 74.24 -71.06 66.82
C GLU Y 28 74.89 -69.72 67.13
N PHE Y 29 74.09 -68.66 67.21
CA PHE Y 29 74.66 -67.34 67.47
C PHE Y 29 75.48 -67.30 68.77
N ASN Y 30 74.95 -67.86 69.84
CA ASN Y 30 75.67 -67.86 71.12
C ASN Y 30 77.02 -68.57 71.11
N GLU Y 31 77.08 -69.72 70.47
CA GLU Y 31 78.34 -70.46 70.41
C GLU Y 31 79.38 -69.62 69.66
N VAL Y 32 78.97 -69.07 68.52
CA VAL Y 32 79.90 -68.30 67.70
C VAL Y 32 80.32 -67.04 68.42
N PHE Y 33 79.35 -66.37 69.02
CA PHE Y 33 79.68 -65.19 69.79
C PHE Y 33 80.71 -65.47 70.89
N ASN Y 34 80.50 -66.53 71.66
CA ASN Y 34 81.43 -66.89 72.71
C ASN Y 34 82.83 -67.21 72.22
N ASP Y 35 82.92 -68.01 71.16
CA ASP Y 35 84.23 -68.27 70.53
C ASP Y 35 84.94 -66.96 70.21
N VAL Y 36 84.28 -66.11 69.43
CA VAL Y 36 84.88 -64.85 69.01
C VAL Y 36 85.27 -64.00 70.23
N ARG Y 37 84.42 -63.98 71.25
CA ARG Y 37 84.71 -63.17 72.43
C ARG Y 37 85.99 -63.63 73.11
N LEU Y 38 86.18 -64.94 73.20
CA LEU Y 38 87.38 -65.47 73.85
C LEU Y 38 88.62 -65.29 72.98
N LEU Y 39 88.46 -65.37 71.66
CA LEU Y 39 89.58 -65.17 70.75
C LEU Y 39 90.06 -63.72 70.76
N LEU Y 40 89.12 -62.77 70.73
CA LEU Y 40 89.47 -61.35 70.73
C LEU Y 40 90.07 -60.95 72.08
N ASN Y 41 89.51 -61.53 73.15
CA ASN Y 41 90.00 -61.32 74.51
C ASN Y 41 90.13 -59.85 74.86
N ASN Y 42 89.08 -59.09 74.54
CA ASN Y 42 89.09 -57.66 74.78
C ASN Y 42 87.66 -57.15 74.74
N ASP Y 43 86.96 -57.32 75.84
CA ASP Y 43 85.54 -56.97 75.86
C ASP Y 43 85.23 -55.52 75.46
N ASN Y 44 86.11 -54.59 75.83
CA ASN Y 44 85.92 -53.19 75.45
C ASN Y 44 85.97 -53.01 73.96
N LEU Y 45 86.99 -53.59 73.34
CA LEU Y 45 87.14 -53.53 71.91
C LEU Y 45 85.91 -54.16 71.24
N LEU Y 46 85.47 -55.31 71.73
CA LEU Y 46 84.32 -55.98 71.16
C LEU Y 46 83.06 -55.14 71.24
N ARG Y 47 82.83 -54.57 72.41
CA ARG Y 47 81.65 -53.75 72.66
C ARG Y 47 81.60 -52.58 71.69
N GLU Y 48 82.73 -51.91 71.51
CA GLU Y 48 82.75 -50.66 70.74
C GLU Y 48 82.87 -50.88 69.23
N GLY Y 49 83.41 -52.03 68.83
CA GLY Y 49 83.66 -52.29 67.43
C GLY Y 49 82.77 -53.35 66.80
N ALA Y 50 81.99 -54.05 67.61
CA ALA Y 50 81.12 -55.10 67.09
C ALA Y 50 79.70 -54.95 67.62
N ALA Y 51 79.39 -53.77 68.16
CA ALA Y 51 78.09 -53.52 68.73
C ALA Y 51 76.98 -53.73 67.69
N HIS Y 52 77.22 -53.24 66.49
CA HIS Y 52 76.25 -53.33 65.40
C HIS Y 52 75.94 -54.78 65.02
N ALA Y 53 76.89 -55.67 65.30
CA ALA Y 53 76.82 -57.05 64.79
C ALA Y 53 75.63 -57.83 65.32
N PHE Y 54 75.18 -57.52 66.53
CA PHE Y 54 74.09 -58.27 67.14
C PHE Y 54 72.77 -57.93 66.43
N ALA Y 55 72.52 -56.63 66.26
CA ALA Y 55 71.33 -56.18 65.55
C ALA Y 55 71.37 -56.67 64.12
N GLN Y 56 72.51 -56.50 63.46
CA GLN Y 56 72.63 -56.89 62.06
C GLN Y 56 72.23 -58.34 61.87
N TYR Y 57 72.75 -59.21 62.71
CA TYR Y 57 72.47 -60.63 62.62
C TYR Y 57 70.97 -60.90 62.76
N ASN Y 58 70.37 -60.39 63.83
CA ASN Y 58 68.97 -60.65 64.12
C ASN Y 58 68.04 -60.22 63.00
N MET Y 59 68.31 -59.04 62.44
CA MET Y 59 67.46 -58.53 61.38
C MET Y 59 67.71 -59.31 60.10
N ASP Y 60 68.95 -59.77 59.95
CA ASP Y 60 69.33 -60.53 58.77
C ASP Y 60 68.67 -61.91 58.79
N GLN Y 61 68.45 -62.42 59.99
CA GLN Y 61 67.95 -63.78 60.14
C GLN Y 61 66.43 -63.83 60.30
N PHE Y 62 65.80 -62.65 60.30
CA PHE Y 62 64.36 -62.57 60.60
C PHE Y 62 64.04 -63.31 61.91
N THR Y 63 64.80 -63.01 62.95
CA THR Y 63 64.59 -63.63 64.25
C THR Y 63 63.16 -63.45 64.74
N PRO Y 64 62.42 -64.55 64.92
CA PRO Y 64 61.07 -64.38 65.46
C PRO Y 64 61.12 -64.20 66.97
N VAL Y 65 60.30 -63.31 67.52
CA VAL Y 65 60.31 -63.08 68.96
C VAL Y 65 58.89 -63.09 69.54
N LYS Y 66 58.77 -63.63 70.75
CA LYS Y 66 57.48 -63.72 71.41
C LYS Y 66 57.26 -62.51 72.29
N ILE Y 67 56.12 -61.85 72.13
CA ILE Y 67 55.78 -60.73 73.00
C ILE Y 67 54.72 -61.18 74.01
N GLU Y 68 54.95 -60.87 75.27
CA GLU Y 68 54.00 -61.25 76.32
C GLU Y 68 52.66 -60.58 76.09
N GLY Y 69 51.61 -61.40 76.03
CA GLY Y 69 50.26 -60.87 75.90
C GLY Y 69 49.75 -60.86 74.49
N TYR Y 70 50.59 -61.21 73.53
CA TYR Y 70 50.16 -61.29 72.14
C TYR Y 70 50.49 -62.67 71.57
N ASP Y 71 49.47 -63.35 71.05
CA ASP Y 71 49.67 -64.66 70.43
C ASP Y 71 50.42 -64.52 69.12
N ASP Y 72 51.00 -65.62 68.66
CA ASP Y 72 51.84 -65.58 67.48
C ASP Y 72 52.97 -64.58 67.69
N GLN Y 73 54.03 -64.71 66.90
CA GLN Y 73 55.22 -63.90 67.12
C GLN Y 73 55.42 -62.91 66.00
N VAL Y 74 56.50 -62.12 66.09
CA VAL Y 74 56.79 -61.08 65.10
C VAL Y 74 58.25 -61.21 64.67
N LEU Y 75 58.54 -60.87 63.42
CA LEU Y 75 59.92 -60.99 62.94
C LEU Y 75 60.70 -59.71 63.17
N ILE Y 76 61.91 -59.86 63.68
CA ILE Y 76 62.85 -58.75 63.75
C ILE Y 76 63.47 -58.56 62.36
N THR Y 77 63.15 -57.45 61.71
CA THR Y 77 63.70 -57.17 60.39
C THR Y 77 64.03 -55.68 60.27
N GLU Y 78 64.75 -55.34 59.20
CA GLU Y 78 65.16 -53.96 59.00
C GLU Y 78 63.93 -53.09 58.83
N HIS Y 79 62.86 -53.70 58.34
CA HIS Y 79 61.65 -52.98 58.02
C HIS Y 79 60.88 -52.58 59.27
N GLY Y 80 61.23 -53.19 60.40
CA GLY Y 80 60.54 -52.92 61.64
C GLY Y 80 61.40 -52.11 62.60
N ASP Y 81 62.60 -51.79 62.17
CA ASP Y 81 63.54 -51.10 63.03
C ASP Y 81 63.06 -49.68 63.28
N LEU Y 82 62.70 -49.39 64.52
CA LEU Y 82 62.20 -48.07 64.87
C LEU Y 82 63.29 -47.23 65.51
N GLY Y 83 64.50 -47.78 65.54
CA GLY Y 83 65.62 -47.10 66.20
C GLY Y 83 65.41 -47.09 67.70
N ASN Y 84 66.41 -46.62 68.43
CA ASN Y 84 66.33 -46.55 69.89
C ASN Y 84 66.10 -47.94 70.52
N GLY Y 85 66.38 -48.99 69.75
CA GLY Y 85 66.27 -50.35 70.23
C GLY Y 85 64.84 -50.88 70.25
N ARG Y 86 63.94 -50.18 69.59
CA ARG Y 86 62.55 -50.61 69.49
C ARG Y 86 62.19 -51.07 68.09
N PHE Y 87 61.28 -52.03 68.00
CA PHE Y 87 60.86 -52.57 66.72
C PHE Y 87 59.34 -52.52 66.61
N LEU Y 88 58.86 -52.50 65.37
CA LEU Y 88 57.43 -52.37 65.07
C LEU Y 88 56.80 -53.72 64.82
N ASP Y 89 55.65 -53.96 65.45
CA ASP Y 89 54.83 -55.10 65.11
C ASP Y 89 53.60 -54.57 64.41
N PRO Y 90 53.59 -54.63 63.06
CA PRO Y 90 52.52 -54.01 62.29
C PRO Y 90 51.19 -54.74 62.43
N ARG Y 91 51.24 -56.01 62.83
CA ARG Y 91 50.01 -56.79 62.98
C ARG Y 91 49.25 -56.42 64.25
N ASN Y 92 49.99 -56.31 65.35
CA ASN Y 92 49.38 -56.00 66.65
C ASN Y 92 49.38 -54.50 66.93
N LYS Y 93 49.92 -53.74 65.98
CA LYS Y 93 49.88 -52.28 66.07
C LYS Y 93 50.56 -51.81 67.33
N ILE Y 94 51.79 -52.27 67.51
CA ILE Y 94 52.54 -52.07 68.74
C ILE Y 94 54.01 -51.85 68.40
N SER Y 95 54.73 -51.15 69.28
CA SER Y 95 56.19 -51.17 69.23
C SER Y 95 56.66 -51.88 70.48
N PHE Y 96 57.89 -52.39 70.44
CA PHE Y 96 58.42 -53.05 71.60
C PHE Y 96 59.92 -52.85 71.68
N LYS Y 97 60.45 -52.96 72.89
CA LYS Y 97 61.90 -52.92 73.10
C LYS Y 97 62.45 -54.31 72.78
N PHE Y 98 63.59 -54.34 72.11
CA PHE Y 98 64.23 -55.61 71.80
C PHE Y 98 65.70 -55.62 72.18
N ASP Y 99 66.07 -56.60 72.98
CA ASP Y 99 67.45 -56.82 73.38
C ASP Y 99 68.09 -57.83 72.42
N HIS Y 100 69.04 -57.38 71.62
CA HIS Y 100 69.61 -58.23 70.58
C HIS Y 100 70.43 -59.39 71.13
N LEU Y 101 71.03 -59.18 72.28
CA LEU Y 101 71.88 -60.19 72.89
C LEU Y 101 71.03 -61.29 73.52
N ARG Y 102 70.10 -60.88 74.38
CA ARG Y 102 69.26 -61.81 75.09
C ARG Y 102 68.08 -62.27 74.24
N LYS Y 103 67.91 -61.65 73.06
CA LYS Y 103 66.79 -61.95 72.16
C LYS Y 103 65.44 -61.96 72.88
N GLU Y 104 65.15 -60.87 73.59
CA GLU Y 104 63.88 -60.77 74.31
C GLU Y 104 63.18 -59.45 74.03
N ALA Y 105 61.87 -59.54 73.83
CA ALA Y 105 61.06 -58.34 73.67
C ALA Y 105 60.56 -57.89 75.04
N SER Y 106 60.31 -56.60 75.16
CA SER Y 106 59.76 -56.04 76.40
C SER Y 106 59.11 -54.70 76.14
N ASP Y 107 58.23 -54.28 77.05
CA ASP Y 107 57.66 -52.94 77.03
C ASP Y 107 56.81 -52.67 75.79
N PRO Y 108 55.84 -53.55 75.51
CA PRO Y 108 54.94 -53.30 74.38
C PRO Y 108 54.18 -52.02 74.58
N GLN Y 109 54.06 -51.20 73.54
CA GLN Y 109 53.26 -49.99 73.63
C GLN Y 109 52.46 -49.78 72.35
N PRO Y 110 51.19 -49.40 72.48
CA PRO Y 110 50.40 -49.05 71.31
C PRO Y 110 51.18 -48.09 70.43
N GLU Y 111 51.22 -48.34 69.12
CA GLU Y 111 51.93 -47.48 68.19
C GLU Y 111 51.02 -47.10 67.06
N ASP Y 112 50.99 -45.81 66.75
CA ASP Y 112 50.13 -45.32 65.68
C ASP Y 112 50.64 -45.86 64.34
N THR Y 113 49.83 -46.72 63.73
CA THR Y 113 50.23 -47.43 62.51
C THR Y 113 49.44 -46.89 61.29
N GLU Y 114 48.49 -46.00 61.55
CA GLU Y 114 47.66 -45.46 60.48
C GLU Y 114 48.43 -45.10 59.22
N SER Y 115 47.76 -45.25 58.08
CA SER Y 115 48.40 -45.15 56.79
C SER Y 115 47.34 -45.34 55.72
N ALA Y 116 47.65 -44.94 54.49
CA ALA Y 116 46.73 -45.19 53.37
C ALA Y 116 46.97 -46.60 52.83
N LEU Y 117 47.96 -47.26 53.41
CA LEU Y 117 48.31 -48.62 53.04
C LEU Y 117 47.67 -49.57 54.02
N LYS Y 118 47.23 -49.02 55.14
CA LYS Y 118 46.69 -49.78 56.27
C LYS Y 118 45.87 -51.02 55.89
N GLN Y 119 44.84 -50.82 55.08
CA GLN Y 119 43.89 -51.89 54.77
C GLN Y 119 44.48 -52.96 53.87
N TRP Y 120 45.45 -52.58 53.06
CA TRP Y 120 46.12 -53.53 52.16
C TRP Y 120 47.06 -54.41 52.96
N ARG Y 121 47.86 -53.78 53.80
CA ARG Y 121 48.79 -54.50 54.67
C ARG Y 121 48.01 -55.56 55.45
N ASP Y 122 46.81 -55.18 55.89
CA ASP Y 122 45.97 -56.03 56.72
C ASP Y 122 45.40 -57.19 55.94
N ALA Y 123 44.94 -56.93 54.71
CA ALA Y 123 44.42 -57.99 53.86
C ALA Y 123 45.53 -58.96 53.45
N CYS Y 124 46.70 -58.42 53.11
CA CYS Y 124 47.83 -59.27 52.75
C CYS Y 124 48.29 -60.08 53.94
N ASP Y 125 48.34 -59.45 55.11
CA ASP Y 125 48.79 -60.10 56.33
C ASP Y 125 47.90 -61.27 56.71
N SER Y 126 46.58 -61.07 56.66
CA SER Y 126 45.68 -62.15 57.06
C SER Y 126 45.78 -63.32 56.09
N ALA Y 127 45.88 -63.01 54.79
CA ALA Y 127 46.06 -64.05 53.77
C ALA Y 127 47.41 -64.76 53.94
N LEU Y 128 48.47 -64.01 54.17
CA LEU Y 128 49.78 -64.61 54.28
C LEU Y 128 49.87 -65.49 55.51
N ARG Y 129 49.25 -65.03 56.60
CA ARG Y 129 49.29 -65.75 57.85
C ARG Y 129 48.68 -67.14 57.63
N ALA Y 130 47.56 -67.21 56.91
CA ALA Y 130 46.96 -68.49 56.59
C ALA Y 130 47.87 -69.32 55.68
N TYR Y 131 48.45 -68.68 54.67
CA TYR Y 131 49.42 -69.38 53.82
C TYR Y 131 50.57 -69.98 54.67
N VAL Y 132 51.08 -69.22 55.63
CA VAL Y 132 52.24 -69.67 56.39
C VAL Y 132 51.84 -70.81 57.34
N LYS Y 133 50.64 -70.74 57.94
CA LYS Y 133 50.21 -71.85 58.80
C LYS Y 133 50.10 -73.15 58.03
N ASP Y 134 49.68 -73.06 56.77
CA ASP Y 134 49.46 -74.23 55.92
C ASP Y 134 50.74 -74.78 55.36
N HIS Y 135 51.68 -73.91 54.99
CA HIS Y 135 52.85 -74.31 54.23
C HIS Y 135 54.12 -74.54 55.04
N TYR Y 136 54.13 -74.06 56.29
CA TYR Y 136 55.30 -74.20 57.16
C TYR Y 136 54.90 -74.81 58.50
N PRO Y 137 55.71 -75.76 59.00
CA PRO Y 137 55.45 -76.37 60.31
C PRO Y 137 55.60 -75.34 61.44
N ASN Y 138 56.62 -74.50 61.34
CA ASN Y 138 56.93 -73.55 62.40
C ASN Y 138 57.06 -72.14 61.85
N GLY Y 139 56.22 -71.78 60.89
CA GLY Y 139 56.42 -70.52 60.19
C GLY Y 139 55.98 -69.32 61.00
N PHE Y 140 56.54 -68.16 60.69
CA PHE Y 140 56.04 -66.89 61.23
C PHE Y 140 56.17 -65.87 60.11
N CYS Y 141 55.27 -64.91 60.07
CA CYS Y 141 55.35 -63.90 59.04
C CYS Y 141 55.01 -62.53 59.58
N THR Y 142 55.59 -61.50 58.97
CA THR Y 142 55.34 -60.12 59.33
C THR Y 142 55.23 -59.35 58.04
N VAL Y 143 54.16 -58.58 57.88
CA VAL Y 143 53.92 -57.81 56.66
C VAL Y 143 53.92 -56.32 56.95
N TYR Y 144 54.74 -55.58 56.21
CA TYR Y 144 54.91 -54.16 56.45
C TYR Y 144 54.28 -53.40 55.32
N GLY Y 145 53.72 -52.24 55.63
CA GLY Y 145 53.12 -51.40 54.62
C GLY Y 145 53.73 -50.04 54.73
N LYS Y 146 54.54 -49.66 53.75
CA LYS Y 146 55.20 -48.36 53.79
C LYS Y 146 55.40 -47.74 52.40
N SER Y 147 55.67 -46.44 52.38
CA SER Y 147 55.94 -45.73 51.14
C SER Y 147 57.43 -45.52 50.97
N ILE Y 148 58.00 -46.15 49.95
CA ILE Y 148 59.42 -45.93 49.64
C ILE Y 148 59.54 -45.27 48.26
N ASP Y 149 60.24 -44.13 48.23
CA ASP Y 149 60.35 -43.32 47.03
C ASP Y 149 58.98 -42.92 46.53
N GLY Y 150 58.05 -42.71 47.46
CA GLY Y 150 56.69 -42.33 47.11
C GLY Y 150 55.84 -43.51 46.67
N GLN Y 151 56.51 -44.59 46.26
CA GLN Y 151 55.83 -45.80 45.79
C GLN Y 151 55.24 -46.57 46.97
N GLN Y 152 53.98 -46.97 46.84
CA GLN Y 152 53.35 -47.79 47.88
C GLN Y 152 53.81 -49.25 47.76
N THR Y 153 54.42 -49.76 48.83
CA THR Y 153 55.01 -51.10 48.83
C THR Y 153 54.54 -51.96 50.00
N ILE Y 154 54.19 -53.21 49.69
CA ILE Y 154 53.90 -54.20 50.73
C ILE Y 154 55.13 -55.08 50.83
N ILE Y 155 55.64 -55.25 52.04
CA ILE Y 155 56.81 -56.10 52.25
C ILE Y 155 56.43 -57.28 53.12
N ALA Y 156 56.43 -58.47 52.51
CA ALA Y 156 56.06 -59.69 53.22
C ALA Y 156 57.29 -60.50 53.59
N CYS Y 157 57.45 -60.77 54.87
CA CYS Y 157 58.60 -61.52 55.37
C CYS Y 157 58.14 -62.81 56.03
N ILE Y 158 58.81 -63.90 55.66
CA ILE Y 158 58.48 -65.21 56.21
C ILE Y 158 59.74 -65.87 56.77
N GLU Y 159 59.63 -66.42 57.98
CA GLU Y 159 60.72 -67.18 58.60
C GLU Y 159 60.20 -68.52 59.06
N SER Y 160 61.05 -69.55 58.96
CA SER Y 160 60.78 -70.83 59.58
C SER Y 160 62.10 -71.50 59.91
N HIS Y 161 62.19 -72.06 61.12
CA HIS Y 161 63.41 -72.77 61.49
C HIS Y 161 63.13 -74.00 62.33
N GLN Y 162 64.17 -74.83 62.42
CA GLN Y 162 64.16 -76.02 63.24
C GLN Y 162 65.55 -76.11 63.84
N PHE Y 163 65.66 -75.89 65.15
CA PHE Y 163 66.94 -76.00 65.83
C PHE Y 163 66.98 -77.31 66.61
N GLN Y 164 67.99 -78.13 66.36
CA GLN Y 164 68.22 -79.34 67.15
C GLN Y 164 69.70 -79.52 67.45
N PRO Y 165 70.25 -78.63 68.29
CA PRO Y 165 71.68 -78.65 68.63
C PRO Y 165 72.11 -79.99 69.22
N LYS Y 166 71.20 -80.65 69.94
CA LYS Y 166 71.51 -81.96 70.50
C LYS Y 166 71.73 -83.04 69.45
N ASN Y 167 71.15 -82.88 68.27
CA ASN Y 167 71.42 -83.80 67.17
C ASN Y 167 72.38 -83.17 66.17
N PHE Y 168 73.03 -82.09 66.60
CA PHE Y 168 74.04 -81.39 65.80
C PHE Y 168 73.52 -80.90 64.45
N TRP Y 169 72.33 -80.31 64.43
CA TRP Y 169 71.89 -79.62 63.22
C TRP Y 169 70.88 -78.52 63.46
N ASN Y 170 70.89 -77.54 62.56
CA ASN Y 170 69.92 -76.46 62.59
C ASN Y 170 69.61 -76.09 61.15
N GLY Y 171 68.41 -75.56 60.92
CA GLY Y 171 68.03 -75.14 59.59
C GLY Y 171 67.09 -73.95 59.68
N ARG Y 172 67.10 -73.13 58.64
CA ARG Y 172 66.23 -71.96 58.58
C ARG Y 172 65.87 -71.60 57.15
N TRP Y 173 64.60 -71.26 56.97
CA TRP Y 173 64.10 -70.69 55.72
C TRP Y 173 63.76 -69.25 55.98
N ARG Y 174 64.07 -68.40 55.01
CA ARG Y 174 63.67 -67.01 55.04
C ARG Y 174 63.20 -66.64 53.65
N SER Y 175 62.09 -65.92 53.55
CA SER Y 175 61.66 -65.35 52.28
C SER Y 175 61.20 -63.93 52.48
N GLU Y 176 61.53 -63.07 51.51
CA GLU Y 176 61.13 -61.68 51.58
C GLU Y 176 60.55 -61.27 50.23
N TRP Y 177 59.28 -60.86 50.23
CA TRP Y 177 58.57 -60.52 49.01
C TRP Y 177 58.19 -59.05 49.04
N LYS Y 178 58.49 -58.35 47.95
CA LYS Y 178 58.19 -56.93 47.83
C LYS Y 178 57.23 -56.66 46.67
N PHE Y 179 56.06 -56.13 47.01
CA PHE Y 179 55.07 -55.76 46.02
C PHE Y 179 55.01 -54.24 45.93
N THR Y 180 55.40 -53.72 44.77
CA THR Y 180 55.39 -52.29 44.53
C THR Y 180 54.16 -51.95 43.72
N ILE Y 181 53.18 -51.35 44.37
CA ILE Y 181 51.86 -51.17 43.79
C ILE Y 181 51.78 -50.01 42.81
N THR Y 182 51.40 -50.32 41.57
CA THR Y 182 51.21 -49.33 40.52
C THR Y 182 50.08 -49.74 39.60
N PRO Y 183 48.83 -49.55 40.05
CA PRO Y 183 47.65 -50.02 39.28
C PRO Y 183 47.79 -49.72 37.80
N PRO Y 184 47.38 -50.66 36.92
CA PRO Y 184 46.70 -51.90 37.28
C PRO Y 184 47.66 -53.06 37.56
N THR Y 185 48.94 -52.74 37.76
CA THR Y 185 49.99 -53.76 37.90
C THR Y 185 50.90 -53.54 39.10
N ALA Y 186 51.18 -54.61 39.83
CA ALA Y 186 52.16 -54.55 40.92
C ALA Y 186 53.47 -55.20 40.53
N GLN Y 187 54.59 -54.55 40.85
CA GLN Y 187 55.91 -55.12 40.62
C GLN Y 187 56.30 -56.04 41.75
N VAL Y 188 56.75 -57.23 41.40
CA VAL Y 188 57.08 -58.22 42.40
C VAL Y 188 58.57 -58.54 42.41
N ALA Y 189 59.22 -58.33 43.54
CA ALA Y 189 60.60 -58.75 43.76
C ALA Y 189 60.67 -59.62 45.01
N ALA Y 190 61.52 -60.64 45.00
CA ALA Y 190 61.63 -61.50 46.15
C ALA Y 190 62.99 -62.18 46.22
N VAL Y 191 63.39 -62.53 47.42
CA VAL Y 191 64.58 -63.33 47.66
C VAL Y 191 64.17 -64.49 48.56
N LEU Y 192 64.44 -65.72 48.12
CA LEU Y 192 64.17 -66.89 48.95
C LEU Y 192 65.50 -67.45 49.42
N LYS Y 193 65.59 -67.83 50.69
CA LYS Y 193 66.85 -68.28 51.27
C LYS Y 193 66.70 -69.52 52.14
N ILE Y 194 67.63 -70.46 51.99
CA ILE Y 194 67.68 -71.62 52.86
C ILE Y 194 69.10 -71.82 53.38
N GLN Y 195 69.22 -72.20 54.64
CA GLN Y 195 70.51 -72.58 55.18
C GLN Y 195 70.32 -73.76 56.11
N VAL Y 196 71.13 -74.80 55.92
CA VAL Y 196 71.10 -75.93 56.81
C VAL Y 196 72.52 -76.25 57.22
N HIS Y 197 72.70 -76.58 58.50
CA HIS Y 197 74.00 -76.88 59.06
C HIS Y 197 73.96 -78.22 59.79
N TYR Y 198 74.84 -79.12 59.41
CA TYR Y 198 74.97 -80.40 60.10
C TYR Y 198 76.40 -80.52 60.60
N TYR Y 199 76.57 -80.82 61.89
CA TYR Y 199 77.92 -80.80 62.47
C TYR Y 199 78.30 -81.87 63.46
N GLU Y 200 77.71 -83.06 63.31
CA GLU Y 200 78.22 -84.20 64.07
C GLU Y 200 79.56 -84.66 63.48
N ASP Y 201 80.64 -84.42 64.22
CA ASP Y 201 81.96 -84.79 63.73
C ASP Y 201 82.18 -84.28 62.31
N GLY Y 202 81.79 -83.03 62.08
CA GLY Y 202 82.11 -82.36 60.84
C GLY Y 202 81.39 -81.03 60.74
N ASN Y 203 81.40 -80.45 59.55
CA ASN Y 203 80.72 -79.20 59.31
C ASN Y 203 80.26 -79.21 57.88
N VAL Y 204 78.97 -79.46 57.67
CA VAL Y 204 78.41 -79.54 56.34
C VAL Y 204 77.26 -78.55 56.26
N GLN Y 205 77.24 -77.73 55.22
CA GLN Y 205 76.17 -76.74 55.11
C GLN Y 205 75.56 -76.66 53.72
N LEU Y 206 74.23 -76.54 53.70
CA LEU Y 206 73.49 -76.17 52.49
C LEU Y 206 73.28 -74.67 52.56
N VAL Y 207 73.70 -73.95 51.53
CA VAL Y 207 73.44 -72.53 51.43
C VAL Y 207 72.82 -72.29 50.07
N SER Y 208 71.60 -71.74 50.06
CA SER Y 208 70.94 -71.50 48.79
C SER Y 208 70.09 -70.24 48.80
N HIS Y 209 69.93 -69.65 47.65
CA HIS Y 209 68.97 -68.56 47.53
C HIS Y 209 68.58 -68.36 46.10
N LYS Y 210 67.39 -67.80 45.91
CA LYS Y 210 66.90 -67.54 44.58
C LYS Y 210 66.19 -66.20 44.55
N ASP Y 211 66.46 -65.42 43.51
CA ASP Y 211 65.82 -64.13 43.33
C ASP Y 211 64.61 -64.30 42.43
N ILE Y 212 63.49 -63.68 42.82
CA ILE Y 212 62.29 -63.73 42.01
C ILE Y 212 61.97 -62.33 41.50
N GLN Y 213 61.57 -62.25 40.24
CA GLN Y 213 61.14 -60.98 39.65
C GLN Y 213 59.87 -61.23 38.87
N ASP Y 214 58.82 -60.48 39.17
CA ASP Y 214 57.52 -60.76 38.60
C ASP Y 214 56.59 -59.57 38.70
N SER Y 215 55.34 -59.77 38.30
CA SER Y 215 54.32 -58.72 38.33
C SER Y 215 52.92 -59.34 38.42
N VAL Y 216 52.01 -58.63 39.07
CA VAL Y 216 50.66 -59.12 39.23
C VAL Y 216 49.62 -58.05 38.95
N GLN Y 217 48.44 -58.48 38.53
CA GLN Y 217 47.31 -57.57 38.41
C GLN Y 217 46.89 -57.15 39.81
N VAL Y 218 46.62 -55.85 39.97
CA VAL Y 218 46.14 -55.35 41.24
C VAL Y 218 44.68 -54.96 41.07
N SER Y 219 43.86 -55.22 42.08
CA SER Y 219 42.44 -54.93 42.03
C SER Y 219 41.94 -54.45 43.37
N SER Y 220 41.02 -55.22 43.95
CA SER Y 220 40.52 -54.96 45.30
C SER Y 220 41.57 -55.34 46.34
N ASP Y 221 41.48 -54.74 47.52
CA ASP Y 221 42.39 -55.07 48.60
C ASP Y 221 42.41 -56.59 48.81
N VAL Y 222 41.22 -57.17 48.99
CA VAL Y 222 41.08 -58.59 49.26
C VAL Y 222 41.54 -59.47 48.09
N GLN Y 223 41.16 -59.12 46.87
CA GLN Y 223 41.48 -59.94 45.71
C GLN Y 223 42.99 -59.94 45.42
N THR Y 224 43.61 -58.79 45.65
CA THR Y 224 45.03 -58.67 45.38
C THR Y 224 45.80 -59.57 46.33
N ALA Y 225 45.45 -59.50 47.61
CA ALA Y 225 46.04 -60.37 48.60
C ALA Y 225 46.02 -61.81 48.11
N LYS Y 226 44.87 -62.25 47.57
CA LYS Y 226 44.78 -63.60 47.04
C LYS Y 226 45.78 -63.80 45.91
N GLU Y 227 45.87 -62.82 45.03
CA GLU Y 227 46.81 -62.83 43.91
C GLU Y 227 48.25 -62.93 44.39
N PHE Y 228 48.62 -62.09 45.36
CA PHE Y 228 49.99 -62.06 45.91
C PHE Y 228 50.37 -63.42 46.51
N ILE Y 229 49.49 -63.95 47.35
CA ILE Y 229 49.73 -65.22 48.02
C ILE Y 229 49.85 -66.35 47.00
N LYS Y 230 49.09 -66.27 45.91
CA LYS Y 230 49.19 -67.28 44.86
C LYS Y 230 50.55 -67.24 44.20
N ILE Y 231 51.06 -66.04 43.97
CA ILE Y 231 52.38 -65.86 43.39
C ILE Y 231 53.41 -66.45 44.32
N ILE Y 232 53.29 -66.12 45.61
CA ILE Y 232 54.25 -66.58 46.61
C ILE Y 232 54.26 -68.10 46.67
N GLU Y 233 53.07 -68.69 46.64
CA GLU Y 233 52.93 -70.14 46.74
C GLU Y 233 53.56 -70.87 45.56
N ASN Y 234 53.28 -70.40 44.35
CA ASN Y 234 53.83 -71.02 43.16
C ASN Y 234 55.35 -70.93 43.10
N ALA Y 235 55.88 -69.77 43.47
CA ALA Y 235 57.33 -69.56 43.45
C ALA Y 235 58.02 -70.40 44.50
N GLU Y 236 57.49 -70.38 45.73
CA GLU Y 236 58.14 -71.13 46.82
C GLU Y 236 58.06 -72.64 46.60
N ASN Y 237 56.94 -73.14 46.08
CA ASN Y 237 56.88 -74.55 45.72
C ASN Y 237 57.84 -74.92 44.59
N GLU Y 238 57.94 -74.05 43.59
CA GLU Y 238 58.85 -74.27 42.47
C GLU Y 238 60.29 -74.37 42.95
N TYR Y 239 60.66 -73.48 43.87
CA TYR Y 239 62.00 -73.43 44.41
C TYR Y 239 62.30 -74.70 45.21
N GLN Y 240 61.40 -75.05 46.11
CA GLN Y 240 61.55 -76.27 46.89
C GLN Y 240 61.66 -77.47 45.95
N THR Y 241 60.82 -77.51 44.92
CA THR Y 241 60.89 -78.58 43.93
C THR Y 241 62.25 -78.63 43.21
N ALA Y 242 62.75 -77.46 42.80
CA ALA Y 242 64.04 -77.39 42.13
C ALA Y 242 65.16 -77.87 43.06
N ILE Y 243 65.03 -77.56 44.34
CA ILE Y 243 66.02 -77.98 45.32
C ILE Y 243 66.03 -79.50 45.43
N SER Y 244 64.84 -80.08 45.52
CA SER Y 244 64.69 -81.54 45.55
C SER Y 244 65.30 -82.15 44.30
N GLU Y 245 65.08 -81.53 43.16
CA GLU Y 245 65.65 -82.03 41.92
C GLU Y 245 67.18 -81.96 41.91
N ASN Y 246 67.75 -80.95 42.54
CA ASN Y 246 69.21 -80.80 42.57
C ASN Y 246 69.82 -81.88 43.46
N TYR Y 247 69.16 -82.15 44.58
CA TYR Y 247 69.60 -83.19 45.49
C TYR Y 247 69.66 -84.54 44.78
N GLN Y 248 68.62 -84.83 44.00
CA GLN Y 248 68.55 -86.12 43.33
C GLN Y 248 69.65 -86.25 42.29
N THR Y 249 69.87 -85.18 41.55
CA THR Y 249 70.92 -85.14 40.54
C THR Y 249 72.34 -85.18 41.15
N MET Y 250 72.54 -84.48 42.25
CA MET Y 250 73.81 -84.56 42.98
C MET Y 250 74.07 -85.97 43.51
N SER Y 251 73.01 -86.65 43.93
CA SER Y 251 73.11 -88.02 44.44
C SER Y 251 73.35 -89.07 43.35
N ASP Y 252 72.58 -88.97 42.27
CA ASP Y 252 72.56 -90.02 41.24
C ASP Y 252 73.64 -89.84 40.19
N THR Y 253 74.22 -88.66 40.12
CA THR Y 253 75.14 -88.32 39.04
C THR Y 253 76.49 -87.84 39.55
N THR Y 254 76.50 -86.66 40.17
CA THR Y 254 77.76 -86.06 40.59
C THR Y 254 78.51 -86.86 41.67
N PHE Y 255 77.81 -87.22 42.74
CA PHE Y 255 78.46 -87.92 43.85
C PHE Y 255 78.98 -89.27 43.38
N LYS Y 256 78.14 -90.00 42.65
CA LYS Y 256 78.53 -91.30 42.13
C LYS Y 256 79.78 -91.22 41.27
N ALA Y 257 79.86 -90.20 40.44
CA ALA Y 257 80.96 -90.06 39.49
C ALA Y 257 82.29 -89.70 40.17
N LEU Y 258 82.21 -89.09 41.35
CA LEU Y 258 83.41 -88.68 42.06
C LEU Y 258 84.26 -89.85 42.56
N ARG Y 259 83.60 -90.85 43.13
CA ARG Y 259 84.28 -92.05 43.60
C ARG Y 259 83.39 -93.28 43.49
N ARG Y 260 83.97 -94.37 43.02
CA ARG Y 260 83.29 -95.66 42.96
C ARG Y 260 83.03 -96.20 44.35
N GLN Y 261 82.00 -97.02 44.50
CA GLN Y 261 81.80 -97.73 45.76
C GLN Y 261 82.89 -98.80 45.95
N LEU Y 262 83.16 -99.56 44.89
CA LEU Y 262 84.20 -100.59 44.87
C LEU Y 262 84.88 -100.54 43.52
N PRO Y 263 86.14 -101.00 43.46
CA PRO Y 263 86.83 -101.12 42.17
C PRO Y 263 86.02 -102.06 41.27
N VAL Y 264 86.37 -102.15 40.00
CA VAL Y 264 85.66 -102.97 39.04
C VAL Y 264 85.63 -104.44 39.43
N THR Y 265 86.60 -104.89 40.21
CA THR Y 265 86.62 -106.28 40.64
C THR Y 265 85.49 -106.61 41.60
N ARG Y 266 84.81 -105.57 42.08
CA ARG Y 266 83.74 -105.72 43.08
C ARG Y 266 84.22 -106.40 44.36
N THR Y 267 85.52 -106.26 44.62
CA THR Y 267 86.07 -106.65 45.90
C THR Y 267 87.00 -105.54 46.34
N LYS Y 268 87.24 -105.45 47.64
CA LYS Y 268 88.26 -104.54 48.13
C LYS Y 268 89.62 -104.89 47.53
N ILE Y 269 90.54 -103.95 47.61
CA ILE Y 269 91.84 -104.11 47.00
C ILE Y 269 92.63 -105.21 47.70
N ASP Y 270 93.33 -106.01 46.91
CA ASP Y 270 94.32 -106.96 47.43
C ASP Y 270 95.67 -106.25 47.50
N TRP Y 271 96.03 -105.77 48.68
CA TRP Y 271 97.15 -104.88 48.82
C TRP Y 271 98.52 -105.50 48.53
N ASN Y 272 98.68 -106.79 48.78
CA ASN Y 272 99.94 -107.45 48.43
C ASN Y 272 100.16 -107.38 46.92
N LYS Y 273 99.07 -107.54 46.18
CA LYS Y 273 99.08 -107.48 44.73
C LYS Y 273 99.51 -106.10 44.25
N ILE Y 274 98.91 -105.07 44.86
CA ILE Y 274 99.16 -103.69 44.48
C ILE Y 274 100.64 -103.34 44.64
N LEU Y 275 101.29 -104.05 45.55
CA LEU Y 275 102.69 -103.76 45.88
C LEU Y 275 103.67 -104.46 44.93
N SER Y 276 103.16 -105.40 44.14
CA SER Y 276 103.98 -106.12 43.17
C SER Y 276 104.60 -105.18 42.14
N SER Z 2 94.25 -69.50 75.30
CA SER Z 2 95.02 -69.96 76.45
C SER Z 2 94.15 -70.35 77.64
N ASP Z 3 94.06 -71.65 77.88
CA ASP Z 3 94.52 -72.62 76.90
C ASP Z 3 93.28 -73.34 76.41
N GLN Z 4 92.77 -72.92 75.26
CA GLN Z 4 91.35 -72.69 75.17
C GLN Z 4 91.01 -71.81 73.98
N GLN Z 5 91.93 -70.95 73.58
CA GLN Z 5 91.75 -70.19 72.37
C GLN Z 5 91.78 -71.14 71.17
N LEU Z 6 92.63 -72.16 71.23
CA LEU Z 6 92.68 -73.15 70.18
C LEU Z 6 91.33 -73.88 70.09
N ASP Z 7 90.75 -74.13 71.25
CA ASP Z 7 89.54 -74.96 71.32
C ASP Z 7 88.39 -74.20 70.68
N CYS Z 8 88.37 -72.90 70.95
CA CYS Z 8 87.34 -72.01 70.40
C CYS Z 8 87.51 -71.78 68.91
N ALA Z 9 88.76 -71.69 68.48
CA ALA Z 9 89.10 -71.56 67.07
C ALA Z 9 88.55 -72.74 66.28
N LEU Z 10 88.85 -73.95 66.74
CA LEU Z 10 88.33 -75.14 66.08
C LEU Z 10 86.79 -75.17 66.11
N ASP Z 11 86.21 -74.76 67.24
CA ASP Z 11 84.76 -74.79 67.37
C ASP Z 11 84.15 -73.85 66.34
N LEU Z 12 84.76 -72.68 66.19
CA LEU Z 12 84.36 -71.70 65.19
C LEU Z 12 84.47 -72.24 63.77
N MET Z 13 85.55 -72.96 63.43
CA MET Z 13 85.61 -73.55 62.10
C MET Z 13 84.54 -74.66 61.91
N ARG Z 14 83.94 -75.13 62.99
CA ARG Z 14 82.90 -76.15 62.87
C ARG Z 14 81.56 -75.51 62.52
N ARG Z 15 81.50 -74.19 62.63
CA ARG Z 15 80.22 -73.47 62.56
C ARG Z 15 80.15 -72.43 61.42
N LEU Z 16 81.26 -71.73 61.17
CA LEU Z 16 81.33 -70.82 60.02
C LEU Z 16 81.11 -71.60 58.74
N PRO Z 17 80.40 -71.01 57.75
CA PRO Z 17 80.13 -71.72 56.50
C PRO Z 17 81.38 -72.30 55.83
N PRO Z 18 81.35 -73.59 55.49
CA PRO Z 18 82.50 -74.22 54.85
C PRO Z 18 82.72 -73.64 53.46
N GLN Z 19 81.71 -73.02 52.88
CA GLN Z 19 81.91 -72.39 51.58
C GLN Z 19 83.05 -71.36 51.59
N GLN Z 20 83.33 -70.79 52.77
CA GLN Z 20 84.37 -69.76 52.90
C GLN Z 20 85.52 -70.31 53.75
N ILE Z 21 85.70 -71.61 53.67
CA ILE Z 21 86.68 -72.30 54.49
C ILE Z 21 88.08 -71.68 54.43
N GLU Z 22 88.55 -71.32 53.24
CA GLU Z 22 89.87 -70.71 53.12
C GLU Z 22 89.97 -69.30 53.73
N LYS Z 23 88.98 -68.46 53.47
CA LYS Z 23 88.95 -67.12 54.06
C LYS Z 23 88.75 -67.19 55.58
N ASN Z 24 87.89 -68.10 56.04
CA ASN Z 24 87.68 -68.30 57.47
C ASN Z 24 89.04 -68.49 58.17
N LEU Z 25 89.84 -69.42 57.65
CA LEU Z 25 91.12 -69.75 58.28
C LEU Z 25 92.06 -68.54 58.38
N SER Z 26 92.30 -67.85 57.27
CA SER Z 26 93.18 -66.67 57.32
C SER Z 26 92.63 -65.53 58.19
N ASP Z 27 91.31 -65.33 58.19
CA ASP Z 27 90.68 -64.40 59.14
C ASP Z 27 91.01 -64.82 60.58
N LEU Z 28 90.82 -66.11 60.86
CA LEU Z 28 91.13 -66.66 62.17
C LEU Z 28 92.59 -66.45 62.55
N ILE Z 29 93.50 -66.70 61.61
CA ILE Z 29 94.92 -66.46 61.87
C ILE Z 29 95.15 -64.99 62.19
N ASP Z 30 94.42 -64.11 61.51
CA ASP Z 30 94.61 -62.68 61.73
C ASP Z 30 94.07 -62.30 63.09
N LEU Z 31 92.95 -62.90 63.45
CA LEU Z 31 92.33 -62.66 64.74
C LEU Z 31 93.26 -63.11 65.89
N VAL Z 32 93.89 -64.27 65.74
CA VAL Z 32 94.79 -64.77 66.79
C VAL Z 32 96.15 -65.23 66.24
N PRO Z 33 97.00 -64.26 65.86
CA PRO Z 33 98.31 -64.49 65.24
C PRO Z 33 99.14 -65.59 65.90
N SER Z 34 99.02 -65.71 67.22
CA SER Z 34 99.87 -66.63 67.99
C SER Z 34 99.52 -68.10 67.79
N LEU Z 35 98.33 -68.37 67.24
CA LEU Z 35 97.91 -69.76 67.01
C LEU Z 35 98.22 -70.22 65.60
N CYS Z 36 98.98 -69.42 64.86
CA CYS Z 36 99.21 -69.70 63.45
C CYS Z 36 99.63 -71.15 63.17
N GLU Z 37 100.66 -71.63 63.83
CA GLU Z 37 101.16 -72.96 63.53
C GLU Z 37 100.13 -74.04 63.88
N ASP Z 38 99.53 -73.92 65.05
CA ASP Z 38 98.49 -74.85 65.50
C ASP Z 38 97.30 -74.86 64.54
N LEU Z 39 96.84 -73.68 64.15
CA LEU Z 39 95.69 -73.60 63.23
C LEU Z 39 96.01 -74.17 61.85
N LEU Z 40 97.17 -73.82 61.31
CA LEU Z 40 97.60 -74.34 60.02
C LEU Z 40 97.66 -75.88 60.02
N SER Z 41 97.91 -76.50 61.17
CA SER Z 41 98.09 -77.95 61.17
C SER Z 41 96.83 -78.72 61.54
N SER Z 42 95.92 -78.07 62.23
CA SER Z 42 94.69 -78.74 62.66
C SER Z 42 93.43 -78.29 61.92
N VAL Z 43 93.51 -77.20 61.16
CA VAL Z 43 92.36 -76.81 60.34
C VAL Z 43 92.54 -77.30 58.91
N ASP Z 44 91.75 -78.30 58.53
CA ASP Z 44 91.81 -78.85 57.19
C ASP Z 44 91.35 -77.82 56.17
N GLN Z 45 91.91 -77.89 54.97
CA GLN Z 45 91.67 -76.95 53.89
C GLN Z 45 91.58 -77.77 52.62
N PRO Z 46 90.79 -77.29 51.65
CA PRO Z 46 90.70 -77.95 50.35
C PRO Z 46 92.08 -78.11 49.79
N LEU Z 47 92.30 -79.21 49.07
CA LEU Z 47 93.63 -79.51 48.57
C LEU Z 47 93.90 -78.73 47.29
N LYS Z 48 95.13 -78.26 47.11
CA LYS Z 48 95.49 -77.55 45.90
C LYS Z 48 96.38 -78.43 45.02
N ILE Z 49 96.22 -78.30 43.71
CA ILE Z 49 97.07 -79.05 42.79
C ILE Z 49 98.21 -78.20 42.32
N ALA Z 50 99.43 -78.73 42.39
CA ALA Z 50 100.58 -78.09 41.79
C ALA Z 50 101.19 -79.04 40.77
N ARG Z 51 102.04 -78.52 39.89
CA ARG Z 51 102.64 -79.37 38.88
C ARG Z 51 104.14 -79.58 39.09
N ASP Z 52 104.58 -80.83 39.17
CA ASP Z 52 106.00 -81.12 39.26
C ASP Z 52 106.61 -81.10 37.85
N LYS Z 53 107.21 -79.98 37.49
CA LYS Z 53 107.74 -79.78 36.16
C LYS Z 53 108.82 -80.77 35.78
N VAL Z 54 109.61 -81.18 36.76
CA VAL Z 54 110.68 -82.12 36.52
C VAL Z 54 110.14 -83.47 36.07
N VAL Z 55 109.21 -84.02 36.84
CA VAL Z 55 108.76 -85.37 36.59
C VAL Z 55 107.55 -85.38 35.65
N GLY Z 56 106.94 -84.21 35.46
CA GLY Z 56 105.74 -84.12 34.65
C GLY Z 56 104.58 -84.86 35.30
N LYS Z 57 104.34 -84.56 36.56
CA LYS Z 57 103.22 -85.14 37.31
C LYS Z 57 102.63 -84.10 38.26
N ASP Z 58 101.33 -84.21 38.51
CA ASP Z 58 100.66 -83.32 39.48
C ASP Z 58 100.88 -83.84 40.89
N TYR Z 59 100.82 -82.94 41.87
CA TYR Z 59 100.90 -83.35 43.27
C TYR Z 59 100.09 -82.41 44.11
N LEU Z 60 99.78 -82.81 45.34
CA LEU Z 60 98.84 -82.06 46.16
C LEU Z 60 99.54 -81.23 47.23
N LEU Z 61 99.05 -80.03 47.46
CA LEU Z 61 99.59 -79.13 48.47
C LEU Z 61 98.71 -79.10 49.71
N CYS Z 62 99.32 -79.24 50.88
CA CYS Z 62 98.60 -78.97 52.11
C CYS Z 62 99.66 -78.63 53.13
N ASP Z 63 99.25 -78.39 54.38
CA ASP Z 63 100.23 -77.98 55.37
C ASP Z 63 101.30 -79.05 55.58
N TYR Z 64 100.96 -80.32 55.40
CA TYR Z 64 101.93 -81.35 55.74
C TYR Z 64 103.15 -81.41 54.83
N ASN Z 65 103.02 -80.92 53.60
CA ASN Z 65 104.21 -80.89 52.72
C ASN Z 65 104.78 -79.49 52.54
N ARG Z 66 104.42 -78.60 53.46
CA ARG Z 66 104.87 -77.21 53.38
C ARG Z 66 106.09 -76.95 54.27
N ASP Z 67 106.99 -76.13 53.78
CA ASP Z 67 108.04 -75.58 54.63
C ASP Z 67 108.23 -74.15 54.20
N GLY Z 68 107.95 -73.21 55.10
CA GLY Z 68 107.98 -71.81 54.75
C GLY Z 68 106.90 -71.54 53.73
N ASP Z 69 107.29 -71.02 52.57
CA ASP Z 69 106.32 -70.76 51.52
C ASP Z 69 106.47 -71.74 50.34
N SER Z 70 107.30 -72.76 50.52
CA SER Z 70 107.49 -73.76 49.49
C SER Z 70 106.85 -75.11 49.83
N TYR Z 71 106.65 -75.95 48.81
CA TYR Z 71 106.02 -77.25 48.98
C TYR Z 71 106.84 -78.36 48.31
N ARG Z 72 106.90 -79.51 48.97
CA ARG Z 72 107.70 -80.63 48.53
C ARG Z 72 106.90 -81.55 47.60
N SER Z 73 107.45 -81.82 46.43
CA SER Z 73 106.85 -82.80 45.52
C SER Z 73 107.17 -84.22 45.99
N PRO Z 74 106.16 -85.11 45.99
CA PRO Z 74 106.43 -86.49 46.39
C PRO Z 74 107.16 -87.24 45.28
N TRP Z 75 107.21 -86.65 44.08
CA TRP Z 75 107.79 -87.36 42.96
C TRP Z 75 109.27 -87.06 42.81
N SER Z 76 109.62 -85.78 42.89
CA SER Z 76 111.02 -85.37 42.73
C SER Z 76 111.70 -85.15 44.06
N ASN Z 77 110.92 -85.19 45.14
CA ASN Z 77 111.43 -84.96 46.48
C ASN Z 77 112.15 -83.61 46.60
N LYS Z 78 111.71 -82.64 45.82
CA LYS Z 78 112.29 -81.29 45.86
C LYS Z 78 111.24 -80.25 46.22
N TYR Z 79 111.67 -79.17 46.87
CA TYR Z 79 110.75 -78.09 47.19
C TYR Z 79 110.62 -77.11 46.03
N ASP Z 80 109.43 -76.54 45.90
CA ASP Z 80 109.16 -75.48 44.96
C ASP Z 80 108.30 -74.43 45.66
N PRO Z 81 108.81 -73.18 45.78
CA PRO Z 81 110.13 -72.68 45.36
C PRO Z 81 111.26 -73.40 46.06
N PRO Z 82 112.39 -73.59 45.37
CA PRO Z 82 113.53 -74.33 45.92
C PRO Z 82 113.90 -73.85 47.32
N LEU Z 83 114.56 -74.70 48.10
CA LEU Z 83 114.89 -74.37 49.48
C LEU Z 83 116.26 -74.87 49.81
N GLU Z 84 116.99 -74.13 50.64
CA GLU Z 84 118.37 -74.51 50.97
C GLU Z 84 118.41 -75.66 51.97
N ASP Z 85 117.45 -75.68 52.88
CA ASP Z 85 117.43 -76.67 53.95
C ASP Z 85 115.99 -77.05 54.28
N GLY Z 86 115.17 -77.26 53.24
CA GLY Z 86 113.82 -77.71 53.43
C GLY Z 86 113.79 -79.02 54.20
N ALA Z 87 112.76 -79.23 55.01
CA ALA Z 87 112.63 -80.46 55.76
C ALA Z 87 112.42 -81.65 54.83
N MET Z 88 113.31 -82.63 54.91
CA MET Z 88 113.25 -83.83 54.08
C MET Z 88 113.07 -85.06 54.94
N PRO Z 89 112.49 -86.13 54.38
CA PRO Z 89 112.42 -87.41 55.08
C PRO Z 89 113.76 -88.15 55.02
N SER Z 90 114.02 -89.00 56.02
CA SER Z 90 115.28 -89.74 56.04
C SER Z 90 115.28 -90.62 54.79
N ALA Z 91 116.43 -91.22 54.48
CA ALA Z 91 116.53 -92.11 53.32
C ALA Z 91 115.55 -93.27 53.45
N ARG Z 92 115.48 -93.86 54.63
CA ARG Z 92 114.60 -95.00 54.86
C ARG Z 92 113.16 -94.61 54.59
N LEU Z 93 112.74 -93.53 55.23
CA LEU Z 93 111.36 -93.07 55.14
C LEU Z 93 111.04 -92.62 53.72
N ARG Z 94 112.01 -92.02 53.04
CA ARG Z 94 111.80 -91.59 51.66
C ARG Z 94 111.52 -92.80 50.75
N LYS Z 95 112.28 -93.86 50.93
CA LYS Z 95 112.02 -95.09 50.18
C LYS Z 95 110.60 -95.61 50.42
N LEU Z 96 110.14 -95.55 51.66
CA LEU Z 96 108.79 -95.99 52.00
C LEU Z 96 107.77 -95.04 51.37
N GLU Z 97 108.12 -93.76 51.33
CA GLU Z 97 107.22 -92.73 50.83
C GLU Z 97 107.01 -92.92 49.33
N VAL Z 98 108.08 -93.24 48.60
CA VAL Z 98 107.96 -93.54 47.18
C VAL Z 98 107.09 -94.76 46.96
N GLU Z 99 107.29 -95.76 47.81
CA GLU Z 99 106.49 -96.98 47.77
C GLU Z 99 105.01 -96.63 47.97
N ALA Z 100 104.74 -95.83 48.98
CA ALA Z 100 103.38 -95.50 49.33
C ALA Z 100 102.75 -94.69 48.22
N ASN Z 101 103.50 -93.77 47.62
CA ASN Z 101 102.94 -92.98 46.54
C ASN Z 101 102.53 -93.82 45.35
N ASN Z 102 103.35 -94.83 45.03
CA ASN Z 102 103.06 -95.77 43.95
C ASN Z 102 101.83 -96.58 44.25
N ALA Z 103 101.73 -97.07 45.48
CA ALA Z 103 100.57 -97.85 45.87
C ALA Z 103 99.28 -97.03 45.90
N PHE Z 104 99.33 -95.82 46.45
CA PHE Z 104 98.11 -95.02 46.54
C PHE Z 104 97.72 -94.37 45.23
N ASP Z 105 98.68 -94.28 44.30
CA ASP Z 105 98.39 -93.89 42.93
C ASP Z 105 97.47 -94.93 42.29
N GLN Z 106 97.76 -96.19 42.51
CA GLN Z 106 96.94 -97.27 41.98
C GLN Z 106 95.58 -97.33 42.68
N TYR Z 107 95.60 -97.13 43.98
CA TYR Z 107 94.38 -97.03 44.77
C TYR Z 107 93.49 -95.93 44.20
N ARG Z 108 94.10 -94.77 43.95
CA ARG Z 108 93.43 -93.63 43.36
C ARG Z 108 92.76 -94.03 42.07
N ASP Z 109 93.54 -94.62 41.16
CA ASP Z 109 92.99 -95.00 39.85
C ASP Z 109 91.85 -96.00 40.01
N LEU Z 110 92.01 -96.96 40.92
CA LEU Z 110 91.00 -97.99 41.11
C LEU Z 110 89.68 -97.46 41.64
N TYR Z 111 89.73 -96.51 42.57
CA TYR Z 111 88.50 -96.01 43.20
C TYR Z 111 87.97 -94.73 42.55
N PHE Z 112 88.88 -93.89 42.05
CA PHE Z 112 88.48 -92.57 41.58
C PHE Z 112 88.57 -92.43 40.06
N GLU Z 113 89.28 -93.35 39.41
CA GLU Z 113 89.36 -93.34 37.94
C GLU Z 113 89.74 -91.95 37.41
N GLY Z 114 90.70 -91.32 38.06
CA GLY Z 114 91.08 -89.95 37.73
C GLY Z 114 91.61 -89.23 38.96
N GLY Z 115 91.57 -87.89 38.93
CA GLY Z 115 92.04 -87.08 40.05
C GLY Z 115 93.52 -87.22 40.28
N VAL Z 116 93.99 -86.73 41.44
CA VAL Z 116 95.40 -86.72 41.77
C VAL Z 116 95.58 -87.25 43.19
N SER Z 117 96.71 -87.88 43.44
CA SER Z 117 97.03 -88.37 44.78
C SER Z 117 98.44 -87.95 45.19
N SER Z 118 98.69 -87.92 46.49
CA SER Z 118 100.02 -87.66 47.03
C SER Z 118 100.10 -88.24 48.43
N VAL Z 119 101.27 -88.72 48.80
CA VAL Z 119 101.52 -89.26 50.14
C VAL Z 119 102.80 -88.60 50.63
N TYR Z 120 102.75 -87.98 51.81
CA TYR Z 120 103.94 -87.45 52.48
C TYR Z 120 104.10 -88.11 53.84
N LEU Z 121 105.32 -88.58 54.12
CA LEU Z 121 105.63 -89.23 55.40
C LEU Z 121 106.61 -88.40 56.23
N TRP Z 122 106.60 -88.60 57.53
CA TRP Z 122 107.59 -87.96 58.38
C TRP Z 122 107.85 -88.77 59.65
N ASP Z 123 109.06 -88.62 60.19
CA ASP Z 123 109.52 -89.37 61.34
C ASP Z 123 108.81 -89.00 62.62
N LEU Z 124 108.58 -90.00 63.46
CA LEU Z 124 108.13 -89.76 64.82
C LEU Z 124 109.10 -90.41 65.76
N ASP Z 125 108.91 -90.19 67.05
CA ASP Z 125 109.78 -90.78 68.05
C ASP Z 125 109.83 -92.30 67.92
N HIS Z 126 108.67 -92.95 67.99
CA HIS Z 126 108.64 -94.41 68.05
C HIS Z 126 108.02 -95.03 66.81
N GLY Z 127 108.16 -94.34 65.69
CA GLY Z 127 107.59 -94.81 64.43
C GLY Z 127 107.58 -93.68 63.43
N PHE Z 128 106.43 -93.48 62.78
CA PHE Z 128 106.35 -92.47 61.75
C PHE Z 128 104.91 -92.12 61.52
N ALA Z 129 104.66 -90.99 60.88
CA ALA Z 129 103.32 -90.61 60.49
C ALA Z 129 103.31 -90.34 58.99
N GLY Z 130 102.13 -90.06 58.46
CA GLY Z 130 102.04 -89.65 57.08
C GLY Z 130 100.63 -89.21 56.79
N VAL Z 131 100.46 -88.57 55.65
CA VAL Z 131 99.14 -88.17 55.19
C VAL Z 131 99.01 -88.75 53.79
N ILE Z 132 97.83 -89.27 53.51
CA ILE Z 132 97.49 -89.73 52.18
C ILE Z 132 96.38 -88.79 51.69
N LEU Z 133 96.66 -88.08 50.59
CA LEU Z 133 95.77 -87.08 49.99
C LEU Z 133 95.23 -87.52 48.64
N ILE Z 134 93.94 -87.32 48.44
CA ILE Z 134 93.35 -87.61 47.14
C ILE Z 134 92.43 -86.43 46.77
N LYS Z 135 92.59 -85.94 45.54
CA LYS Z 135 91.80 -84.82 45.05
C LYS Z 135 91.13 -85.21 43.73
N LYS Z 136 89.79 -85.13 43.69
CA LYS Z 136 89.07 -85.48 42.48
C LYS Z 136 87.98 -84.45 42.17
N ALA Z 137 88.05 -83.86 40.98
CA ALA Z 137 87.05 -82.89 40.52
C ALA Z 137 85.99 -83.56 39.67
N GLY Z 138 84.74 -83.12 39.84
CA GLY Z 138 83.64 -83.62 39.03
C GLY Z 138 83.76 -83.14 37.60
N ASP Z 139 83.18 -83.86 36.64
CA ASP Z 139 83.28 -83.47 35.22
C ASP Z 139 82.30 -82.34 34.86
N GLY Z 140 81.51 -81.90 35.83
CA GLY Z 140 80.64 -80.76 35.64
C GLY Z 140 79.31 -81.08 34.98
N SER Z 141 79.01 -82.36 34.81
CA SER Z 141 77.78 -82.79 34.14
C SER Z 141 76.52 -82.18 34.74
N LYS Z 142 75.48 -82.05 33.93
CA LYS Z 142 74.19 -81.58 34.42
C LYS Z 142 74.31 -80.28 35.20
N LYS Z 143 75.33 -79.47 34.86
CA LYS Z 143 75.51 -78.15 35.45
C LYS Z 143 75.80 -78.18 36.95
N ILE Z 144 76.33 -79.31 37.43
CA ILE Z 144 76.72 -79.40 38.84
C ILE Z 144 78.23 -79.44 38.92
N LYS Z 145 78.84 -78.50 39.64
CA LYS Z 145 80.25 -78.57 39.95
C LYS Z 145 80.49 -79.33 41.25
N GLY Z 146 81.40 -80.31 41.21
CA GLY Z 146 81.65 -81.14 42.36
C GLY Z 146 83.14 -81.32 42.62
N CYS Z 147 83.52 -81.47 43.88
CA CYS Z 147 84.90 -81.77 44.23
C CYS Z 147 84.96 -82.64 45.47
N TRP Z 148 85.90 -83.57 45.48
CA TRP Z 148 86.10 -84.49 46.59
C TRP Z 148 87.55 -84.42 47.04
N ASP Z 149 87.77 -84.09 48.32
CA ASP Z 149 89.10 -84.15 48.95
C ASP Z 149 89.18 -85.22 50.03
N SER Z 150 90.19 -86.07 49.96
CA SER Z 150 90.54 -87.00 51.04
C SER Z 150 91.83 -86.56 51.71
N ILE Z 151 91.78 -86.45 53.03
CA ILE Z 151 92.93 -86.19 53.87
C ILE Z 151 92.97 -87.29 54.94
N HIS Z 152 93.80 -88.30 54.71
CA HIS Z 152 94.00 -89.38 55.67
C HIS Z 152 95.34 -89.23 56.38
N VAL Z 153 95.30 -88.97 57.67
CA VAL Z 153 96.52 -88.76 58.45
C VAL Z 153 96.69 -89.96 59.35
N VAL Z 154 97.82 -90.65 59.21
CA VAL Z 154 98.06 -91.88 59.96
C VAL Z 154 99.31 -91.77 60.85
N GLU Z 155 99.17 -92.26 62.07
CA GLU Z 155 100.28 -92.33 63.01
C GLU Z 155 100.60 -93.79 63.29
N VAL Z 156 101.86 -94.15 63.11
CA VAL Z 156 102.29 -95.52 63.26
C VAL Z 156 103.32 -95.65 64.38
N GLN Z 157 103.02 -96.44 65.39
CA GLN Z 157 103.94 -96.69 66.50
C GLN Z 157 104.53 -98.08 66.36
N GLU Z 158 105.82 -98.15 66.02
CA GLU Z 158 106.46 -99.43 65.70
C GLU Z 158 106.90 -100.18 66.94
N ARG Z 163 107.54 -106.33 64.35
CA ARG Z 163 106.70 -107.46 64.74
C ARG Z 163 105.20 -107.15 64.58
N THR Z 164 104.72 -106.17 65.34
CA THR Z 164 103.37 -105.65 65.16
C THR Z 164 103.47 -104.15 65.33
N ALA Z 165 102.44 -103.41 64.91
CA ALA Z 165 102.44 -102.00 65.13
C ALA Z 165 101.05 -101.52 65.50
N HIS Z 166 100.99 -100.35 66.12
CA HIS Z 166 99.72 -99.71 66.39
C HIS Z 166 99.50 -98.60 65.38
N TYR Z 167 98.33 -98.60 64.75
CA TYR Z 167 97.98 -97.58 63.76
C TYR Z 167 96.86 -96.73 64.27
N LYS Z 168 97.03 -95.41 64.16
CA LYS Z 168 95.95 -94.50 64.44
C LYS Z 168 95.67 -93.69 63.18
N LEU Z 169 94.44 -93.73 62.71
CA LEU Z 169 94.05 -93.04 61.48
C LEU Z 169 92.95 -92.01 61.73
N THR Z 170 93.22 -90.75 61.34
CA THR Z 170 92.23 -89.69 61.43
C THR Z 170 91.97 -89.17 60.01
N SER Z 171 90.75 -89.38 59.53
CA SER Z 171 90.43 -89.09 58.14
C SER Z 171 89.34 -88.05 58.01
N THR Z 172 89.62 -87.06 57.16
CA THR Z 172 88.64 -86.06 56.82
C THR Z 172 88.38 -86.24 55.35
N VAL Z 173 87.10 -86.22 54.98
CA VAL Z 173 86.75 -86.11 53.58
C VAL Z 173 85.94 -84.83 53.42
N MET Z 174 86.32 -84.04 52.43
CA MET Z 174 85.56 -82.85 52.09
C MET Z 174 84.80 -83.09 50.80
N LEU Z 175 83.56 -82.62 50.75
CA LEU Z 175 82.71 -82.85 49.60
C LEU Z 175 81.99 -81.55 49.28
N TRP Z 176 82.17 -81.07 48.06
CA TRP Z 176 81.63 -79.77 47.64
C TRP Z 176 80.76 -79.96 46.43
N LEU Z 177 79.52 -79.50 46.52
CA LEU Z 177 78.57 -79.58 45.41
C LEU Z 177 77.93 -78.22 45.20
N GLN Z 178 77.90 -77.75 43.96
CA GLN Z 178 77.39 -76.43 43.66
C GLN Z 178 76.76 -76.39 42.28
N THR Z 179 75.63 -75.68 42.17
CA THR Z 179 75.02 -75.44 40.89
C THR Z 179 74.31 -74.10 40.88
N ASN Z 180 74.20 -73.52 39.69
CA ASN Z 180 73.57 -72.21 39.50
C ASN Z 180 72.42 -72.24 38.50
N LYS Z 181 71.61 -73.29 38.56
CA LYS Z 181 70.42 -73.40 37.72
C LYS Z 181 69.38 -72.36 38.14
N THR Z 182 68.57 -71.91 37.18
CA THR Z 182 67.55 -70.91 37.45
C THR Z 182 66.50 -71.45 38.41
N GLY Z 183 66.71 -72.69 38.83
CA GLY Z 183 65.78 -73.47 39.65
C GLY Z 183 65.04 -72.77 40.78
N SER Z 184 65.61 -72.66 41.99
CA SER Z 184 66.93 -73.15 42.42
C SER Z 184 67.87 -72.01 42.77
N GLY Z 185 68.03 -71.07 41.85
CA GLY Z 185 69.02 -70.02 42.02
C GLY Z 185 70.35 -70.64 42.41
N THR Z 186 71.13 -69.94 43.23
CA THR Z 186 72.40 -70.47 43.69
C THR Z 186 72.17 -71.58 44.74
N MET Z 187 72.78 -72.73 44.51
CA MET Z 187 72.74 -73.79 45.52
C MET Z 187 74.13 -74.35 45.81
N ASN Z 188 74.52 -74.26 47.07
CA ASN Z 188 75.80 -74.80 47.49
C ASN Z 188 75.65 -75.76 48.67
N LEU Z 189 76.13 -76.99 48.48
CA LEU Z 189 76.09 -78.03 49.49
C LEU Z 189 77.51 -78.52 49.65
N GLY Z 190 78.13 -78.19 50.77
CA GLY Z 190 79.53 -78.49 50.94
C GLY Z 190 79.98 -78.53 52.38
N GLY Z 191 81.22 -78.98 52.58
CA GLY Z 191 81.75 -79.15 53.91
C GLY Z 191 82.58 -80.42 54.00
N SER Z 192 82.66 -80.99 55.19
CA SER Z 192 83.50 -82.17 55.44
C SER Z 192 83.01 -82.94 56.65
N LEU Z 193 83.44 -84.21 56.71
CA LEU Z 193 83.23 -85.09 57.84
C LEU Z 193 84.57 -85.63 58.26
N THR Z 194 84.76 -85.83 59.56
CA THR Z 194 86.01 -86.42 60.04
C THR Z 194 85.69 -87.65 60.87
N ARG Z 195 86.50 -88.69 60.70
CA ARG Z 195 86.35 -89.89 61.49
C ARG Z 195 87.72 -90.43 61.89
N GLN Z 196 87.74 -91.25 62.93
CA GLN Z 196 88.99 -91.77 63.47
C GLN Z 196 88.84 -93.24 63.85
N MET Z 197 89.88 -94.03 63.57
CA MET Z 197 89.93 -95.47 63.84
C MET Z 197 91.30 -95.76 64.43
N GLU Z 198 91.40 -96.78 65.27
CA GLU Z 198 92.68 -97.26 65.80
C GLU Z 198 92.73 -98.78 65.71
N LYS Z 199 93.93 -99.35 65.62
CA LYS Z 199 94.04 -100.79 65.43
C LYS Z 199 95.48 -101.25 65.57
N ASP Z 200 95.66 -102.43 66.16
CA ASP Z 200 96.96 -103.09 66.13
C ASP Z 200 96.92 -104.08 64.99
N GLU Z 201 98.01 -104.19 64.25
CA GLU Z 201 98.09 -105.22 63.23
C GLU Z 201 99.49 -105.79 63.11
N THR Z 202 99.59 -107.03 62.64
CA THR Z 202 100.88 -107.65 62.45
C THR Z 202 101.59 -107.01 61.27
N VAL Z 203 102.91 -106.90 61.39
CA VAL Z 203 103.76 -106.42 60.33
C VAL Z 203 104.64 -107.56 59.86
N SER Z 204 104.65 -107.82 58.56
CA SER Z 204 105.38 -108.99 58.07
C SER Z 204 105.61 -108.88 56.58
N ASP Z 205 106.26 -109.90 56.01
CA ASP Z 205 106.49 -109.99 54.58
C ASP Z 205 105.21 -109.85 53.81
N SER Z 206 104.21 -110.64 54.20
CA SER Z 206 102.90 -110.61 53.56
C SER Z 206 102.05 -109.41 53.99
N SER Z 207 102.36 -108.82 55.14
CA SER Z 207 101.58 -107.69 55.63
C SER Z 207 102.48 -106.55 56.11
N PRO Z 208 103.14 -105.85 55.17
CA PRO Z 208 103.98 -104.69 55.47
C PRO Z 208 103.16 -103.45 55.79
N HIS Z 209 103.85 -102.44 56.32
CA HIS Z 209 103.20 -101.22 56.76
C HIS Z 209 102.25 -100.67 55.70
N ILE Z 210 102.68 -100.67 54.43
CA ILE Z 210 101.90 -100.04 53.38
C ILE Z 210 100.58 -100.79 53.18
N ALA Z 211 100.64 -102.12 53.27
CA ALA Z 211 99.43 -102.93 53.20
C ALA Z 211 98.52 -102.62 54.39
N ASN Z 212 99.09 -102.57 55.59
CA ASN Z 212 98.29 -102.25 56.78
C ASN Z 212 97.59 -100.91 56.67
N ILE Z 213 98.34 -99.86 56.32
CA ILE Z 213 97.76 -98.54 56.17
C ILE Z 213 96.74 -98.54 55.03
N GLY Z 214 97.07 -99.24 53.95
CA GLY Z 214 96.21 -99.32 52.81
C GLY Z 214 94.83 -99.81 53.18
N ARG Z 215 94.74 -100.98 53.81
CA ARG Z 215 93.46 -101.53 54.20
C ARG Z 215 92.69 -100.60 55.14
N LEU Z 216 93.41 -99.97 56.06
CA LEU Z 216 92.82 -98.97 56.97
C LEU Z 216 92.19 -97.80 56.23
N VAL Z 217 92.95 -97.21 55.31
CA VAL Z 217 92.45 -96.10 54.51
C VAL Z 217 91.24 -96.50 53.66
N GLU Z 218 91.33 -97.66 53.03
CA GLU Z 218 90.25 -98.19 52.22
C GLU Z 218 88.98 -98.41 53.04
N ASP Z 219 89.08 -99.14 54.15
CA ASP Z 219 87.94 -99.36 55.03
C ASP Z 219 87.35 -98.05 55.48
N MET Z 220 88.21 -97.15 55.95
CA MET Z 220 87.73 -95.84 56.38
C MET Z 220 87.01 -95.07 55.28
N GLU Z 221 87.59 -95.07 54.09
CA GLU Z 221 87.07 -94.23 53.02
C GLU Z 221 85.76 -94.78 52.50
N ASN Z 222 85.67 -96.09 52.38
CA ASN Z 222 84.42 -96.73 51.99
C ASN Z 222 83.29 -96.37 52.97
N LYS Z 223 83.58 -96.49 54.26
CA LYS Z 223 82.64 -96.08 55.30
C LYS Z 223 82.20 -94.60 55.15
N ILE Z 224 83.15 -93.68 55.05
CA ILE Z 224 82.84 -92.26 54.94
C ILE Z 224 82.04 -91.94 53.67
N ARG Z 225 82.35 -92.64 52.58
CA ARG Z 225 81.62 -92.41 51.34
C ARG Z 225 80.12 -92.68 51.60
N SER Z 226 79.85 -93.79 52.27
CA SER Z 226 78.47 -94.16 52.60
C SER Z 226 77.84 -93.13 53.53
N THR Z 227 78.62 -92.65 54.49
CA THR Z 227 78.12 -91.68 55.46
C THR Z 227 77.84 -90.31 54.82
N LEU Z 228 78.71 -89.89 53.89
CA LEU Z 228 78.47 -88.66 53.12
C LEU Z 228 77.15 -88.76 52.37
N ASN Z 229 76.92 -89.90 51.73
CA ASN Z 229 75.68 -90.13 51.02
C ASN Z 229 74.48 -89.95 51.94
N GLU Z 230 74.56 -90.54 53.12
CA GLU Z 230 73.47 -90.46 54.11
C GLU Z 230 73.27 -89.03 54.62
N ILE Z 231 74.38 -88.34 54.92
CA ILE Z 231 74.28 -87.01 55.51
C ILE Z 231 73.90 -85.93 54.50
N TYR Z 232 74.56 -85.93 53.35
CA TYR Z 232 74.33 -84.90 52.36
C TYR Z 232 72.97 -85.08 51.73
N PHE Z 233 72.67 -86.29 51.31
CA PHE Z 233 71.47 -86.51 50.50
C PHE Z 233 70.29 -87.07 51.28
N GLY Z 234 70.57 -87.57 52.49
CA GLY Z 234 69.50 -87.99 53.37
C GLY Z 234 69.18 -86.97 54.44
N LYS Z 235 70.12 -86.74 55.35
CA LYS Z 235 69.90 -85.88 56.51
C LYS Z 235 69.62 -84.39 56.19
N THR Z 236 70.49 -83.73 55.42
CA THR Z 236 70.27 -82.31 55.14
C THR Z 236 68.98 -82.10 54.34
N LYS Z 237 68.68 -83.01 53.41
CA LYS Z 237 67.44 -82.96 52.63
C LYS Z 237 66.19 -83.12 53.52
N ASP Z 238 66.25 -84.06 54.44
CA ASP Z 238 65.15 -84.23 55.42
C ASP Z 238 64.93 -82.93 56.21
N ILE Z 239 66.03 -82.28 56.58
CA ILE Z 239 65.94 -81.03 57.32
C ILE Z 239 65.21 -79.98 56.48
N VAL Z 240 65.64 -79.81 55.23
CA VAL Z 240 64.99 -78.89 54.29
C VAL Z 240 63.49 -79.19 54.17
N ASN Z 241 63.16 -80.44 53.96
CA ASN Z 241 61.77 -80.85 53.80
C ASN Z 241 60.89 -80.52 55.00
N GLY Z 242 61.51 -80.39 56.16
CA GLY Z 242 60.74 -80.07 57.36
C GLY Z 242 60.78 -78.61 57.74
N LEU Z 243 61.42 -77.82 56.91
CA LEU Z 243 61.57 -76.42 57.21
C LEU Z 243 60.25 -75.69 57.24
N ARG Z 244 59.43 -75.81 56.21
CA ARG Z 244 59.59 -76.79 55.17
C ARG Z 244 60.10 -76.22 53.89
N VAL AA 1 75.08 -53.51 79.44
CA VAL AA 1 74.92 -54.82 78.84
C VAL AA 1 75.98 -55.81 79.34
N ASN AA 2 75.57 -57.05 79.60
CA ASN AA 2 76.47 -58.06 80.15
C ASN AA 2 76.74 -59.17 79.14
N PHE AA 3 77.99 -59.61 79.06
CA PHE AA 3 78.36 -60.66 78.12
C PHE AA 3 78.31 -62.06 78.72
N ASP AA 4 78.60 -62.15 80.03
CA ASP AA 4 78.53 -63.44 80.74
C ASP AA 4 77.08 -63.91 80.72
N ASP AA 5 76.23 -62.97 80.34
CA ASP AA 5 74.81 -63.21 80.13
C ASP AA 5 74.62 -64.26 79.04
N ILE AA 6 75.32 -64.08 77.93
CA ILE AA 6 75.21 -64.95 76.77
C ILE AA 6 75.91 -66.29 76.97
N ALA AA 7 75.12 -67.34 77.13
CA ALA AA 7 75.67 -68.67 77.28
C ALA AA 7 75.05 -69.55 76.22
N SER AA 8 75.79 -70.54 75.71
CA SER AA 8 77.18 -70.80 76.04
C SER AA 8 77.65 -71.96 75.19
N SER AA 9 78.71 -71.74 74.43
CA SER AA 9 79.30 -72.80 73.64
C SER AA 9 80.06 -73.77 74.54
N GLU AA 10 79.45 -74.88 74.90
CA GLU AA 10 80.24 -76.00 75.41
C GLU AA 10 80.79 -76.66 74.16
N ASN AA 11 82.10 -76.49 73.95
CA ASN AA 11 82.69 -76.82 72.65
C ASN AA 11 82.46 -78.25 72.18
N LEU AA 12 82.39 -78.41 70.87
CA LEU AA 12 82.31 -79.71 70.24
C LEU AA 12 83.64 -80.39 70.40
N LEU AA 13 83.67 -81.70 70.20
CA LEU AA 13 84.92 -82.45 70.22
C LEU AA 13 85.67 -82.32 68.88
N HIS AA 14 86.98 -82.14 68.94
CA HIS AA 14 87.77 -81.84 67.74
C HIS AA 14 88.74 -82.95 67.38
N LEU AA 15 88.37 -83.75 66.38
CA LEU AA 15 89.18 -84.95 66.05
C LEU AA 15 90.52 -84.58 65.43
N THR AA 16 90.59 -83.42 64.78
CA THR AA 16 91.82 -83.04 64.11
C THR AA 16 92.87 -82.53 65.10
N ALA AA 17 92.45 -82.23 66.32
CA ALA AA 17 93.38 -81.66 67.30
C ALA AA 17 94.52 -82.61 67.69
N ASN AA 18 94.27 -83.92 67.62
CA ASN AA 18 95.22 -84.90 68.14
C ASN AA 18 96.03 -85.68 67.10
N ARG AA 19 95.95 -85.28 65.83
CA ARG AA 19 96.73 -85.94 64.78
C ARG AA 19 98.21 -85.71 64.96
N PRO AA 20 99.06 -86.64 64.47
CA PRO AA 20 100.51 -86.48 64.59
C PRO AA 20 100.96 -85.14 64.04
N LYS AA 21 101.81 -84.45 64.80
CA LYS AA 21 102.30 -83.17 64.37
C LYS AA 21 103.70 -83.31 63.79
N MET AA 22 104.01 -82.45 62.84
CA MET AA 22 105.35 -82.39 62.29
C MET AA 22 105.93 -81.07 62.73
N PRO AA 23 106.61 -81.07 63.90
CA PRO AA 23 107.12 -79.86 64.52
C PRO AA 23 108.29 -79.26 63.74
N GLY AA 24 108.60 -77.99 64.02
CA GLY AA 24 109.81 -77.39 63.52
C GLY AA 24 109.81 -77.18 62.02
N ARG AA 25 108.83 -76.42 61.56
CA ARG AA 25 108.80 -76.00 60.16
C ARG AA 25 108.60 -74.51 60.13
N ARG AA 26 109.22 -73.84 59.16
CA ARG AA 26 109.08 -72.40 59.04
C ARG AA 26 107.65 -72.08 58.68
N LEU AA 27 107.13 -71.00 59.27
CA LEU AA 27 105.80 -70.52 58.93
C LEU AA 27 105.85 -69.85 57.57
N PRO AA 28 104.70 -69.65 56.93
CA PRO AA 28 104.71 -68.76 55.76
C PRO AA 28 104.96 -67.32 56.20
N GLY AA 29 105.40 -66.44 55.31
CA GLY AA 29 105.56 -65.03 55.66
C GLY AA 29 104.22 -64.35 55.87
N VAL BA 8 -32.45 -64.25 45.89
CA VAL BA 8 -31.41 -63.96 46.87
C VAL BA 8 -32.03 -63.36 48.13
N SER BA 9 -31.65 -63.91 49.28
CA SER BA 9 -32.24 -63.51 50.54
C SER BA 9 -31.58 -62.26 51.09
N ASP BA 10 -32.28 -61.58 51.98
CA ASP BA 10 -31.71 -60.42 52.66
C ASP BA 10 -30.43 -60.81 53.41
N GLU BA 11 -30.40 -61.99 54.01
CA GLU BA 11 -29.21 -62.41 54.73
C GLU BA 11 -28.01 -62.56 53.80
N GLU BA 12 -28.25 -63.13 52.62
CA GLU BA 12 -27.19 -63.28 51.62
C GLU BA 12 -26.81 -61.92 51.03
N LYS BA 13 -27.78 -61.04 50.82
CA LYS BA 13 -27.49 -59.69 50.34
C LYS BA 13 -26.58 -58.95 51.32
N VAL BA 14 -26.89 -59.00 52.61
CA VAL BA 14 -26.06 -58.28 53.57
C VAL BA 14 -24.68 -58.92 53.75
N ARG BA 15 -24.58 -60.24 53.60
CA ARG BA 15 -23.27 -60.89 53.64
C ARG BA 15 -22.39 -60.36 52.49
N ILE BA 16 -22.97 -60.28 51.30
CA ILE BA 16 -22.28 -59.70 50.17
C ILE BA 16 -21.92 -58.24 50.43
N ALA BA 17 -22.86 -57.48 50.98
CA ALA BA 17 -22.57 -56.08 51.33
C ALA BA 17 -21.37 -55.96 52.28
N ALA BA 18 -21.37 -56.75 53.35
CA ALA BA 18 -20.27 -56.76 54.32
C ALA BA 18 -18.94 -57.13 53.66
N LYS BA 19 -18.99 -58.14 52.80
CA LYS BA 19 -17.80 -58.56 52.08
C LYS BA 19 -17.19 -57.43 51.24
N PHE BA 20 -18.05 -56.79 50.42
CA PHE BA 20 -17.63 -55.67 49.59
C PHE BA 20 -16.99 -54.58 50.45
N ILE BA 21 -17.68 -54.20 51.53
CA ILE BA 21 -17.18 -53.17 52.43
C ILE BA 21 -15.80 -53.52 52.96
N THR BA 22 -15.59 -54.79 53.30
CA THR BA 22 -14.29 -55.19 53.83
C THR BA 22 -13.26 -55.27 52.71
N HIS BA 23 -13.70 -55.18 51.46
CA HIS BA 23 -12.74 -55.27 50.36
C HIS BA 23 -12.42 -53.93 49.69
N ALA BA 24 -12.83 -52.85 50.33
CA ALA BA 24 -12.48 -51.51 49.88
C ALA BA 24 -10.98 -51.36 49.79
N PRO BA 25 -10.48 -50.77 48.69
CA PRO BA 25 -9.05 -50.47 48.59
C PRO BA 25 -8.66 -49.37 49.56
N PRO BA 26 -7.36 -49.17 49.79
CA PRO BA 26 -6.90 -48.20 50.80
C PRO BA 26 -7.32 -46.79 50.45
N GLY BA 27 -7.81 -46.05 51.44
CA GLY BA 27 -8.25 -44.68 51.25
C GLY BA 27 -9.59 -44.52 50.56
N GLU BA 28 -10.28 -45.61 50.24
CA GLU BA 28 -11.56 -45.52 49.55
C GLU BA 28 -12.72 -46.16 50.32
N PHE BA 29 -12.52 -46.35 51.63
CA PHE BA 29 -13.57 -46.97 52.43
C PHE BA 29 -14.93 -46.27 52.30
N ASN BA 30 -14.93 -44.93 52.38
CA ASN BA 30 -16.20 -44.18 52.30
C ASN BA 30 -16.94 -44.33 50.98
N GLU BA 31 -16.20 -44.31 49.88
CA GLU BA 31 -16.84 -44.46 48.58
C GLU BA 31 -17.48 -45.83 48.48
N VAL BA 32 -16.74 -46.84 48.88
CA VAL BA 32 -17.25 -48.21 48.78
C VAL BA 32 -18.43 -48.40 49.70
N PHE BA 33 -18.31 -47.86 50.91
CA PHE BA 33 -19.39 -47.97 51.87
C PHE BA 33 -20.68 -47.36 51.33
N ASN BA 34 -20.57 -46.15 50.79
CA ASN BA 34 -21.72 -45.46 50.22
C ASN BA 34 -22.36 -46.19 49.07
N ASP BA 35 -21.55 -46.71 48.15
CA ASP BA 35 -22.09 -47.53 47.06
C ASP BA 35 -22.91 -48.68 47.61
N VAL BA 36 -22.32 -49.46 48.51
CA VAL BA 36 -22.98 -50.63 49.06
C VAL BA 36 -24.25 -50.25 49.81
N ARG BA 37 -24.19 -49.14 50.54
CA ARG BA 37 -25.34 -48.69 51.29
C ARG BA 37 -26.53 -48.38 50.38
N LEU BA 38 -26.25 -47.73 49.24
CA LEU BA 38 -27.31 -47.39 48.30
C LEU BA 38 -27.83 -48.63 47.55
N LEU BA 39 -26.95 -49.58 47.29
CA LEU BA 39 -27.34 -50.79 46.60
C LEU BA 39 -28.22 -51.66 47.48
N LEU BA 40 -27.83 -51.82 48.75
CA LEU BA 40 -28.61 -52.63 49.69
C LEU BA 40 -29.95 -51.97 49.98
N ASN BA 41 -29.93 -50.64 50.08
CA ASN BA 41 -31.14 -49.85 50.29
C ASN BA 41 -31.94 -50.32 51.48
N ASN BA 42 -31.25 -50.57 52.58
CA ASN BA 42 -31.90 -51.07 53.78
C ASN BA 42 -30.98 -50.84 54.97
N ASP BA 43 -31.03 -49.63 55.51
CA ASP BA 43 -30.12 -49.25 56.58
C ASP BA 43 -30.21 -50.17 57.80
N ASN BA 44 -31.40 -50.65 58.13
CA ASN BA 44 -31.56 -51.55 59.26
C ASN BA 44 -30.83 -52.85 59.03
N LEU BA 45 -31.03 -53.42 57.85
CA LEU BA 45 -30.36 -54.64 57.47
C LEU BA 45 -28.84 -54.43 57.51
N LEU BA 46 -28.37 -53.31 56.97
CA LEU BA 46 -26.94 -53.02 56.93
C LEU BA 46 -26.37 -52.92 58.33
N ARG BA 47 -27.05 -52.17 59.18
CA ARG BA 47 -26.60 -51.96 60.55
C ARG BA 47 -26.43 -53.28 61.28
N GLU BA 48 -27.42 -54.16 61.15
CA GLU BA 48 -27.46 -55.38 61.94
C GLU BA 48 -26.63 -56.53 61.36
N GLY BA 49 -26.38 -56.48 60.06
CA GLY BA 49 -25.69 -57.56 59.38
C GLY BA 49 -24.30 -57.24 58.88
N ALA BA 50 -23.91 -55.97 58.97
CA ALA BA 50 -22.60 -55.56 58.48
C ALA BA 50 -21.89 -54.68 59.51
N ALA BA 51 -22.37 -54.71 60.74
CA ALA BA 51 -21.82 -53.90 61.82
C ALA BA 51 -20.34 -54.23 62.03
N HIS BA 52 -20.03 -55.52 62.01
CA HIS BA 52 -18.66 -55.99 62.20
C HIS BA 52 -17.71 -55.47 61.14
N ALA BA 53 -18.25 -55.17 59.95
CA ALA BA 53 -17.42 -54.87 58.79
C ALA BA 53 -16.53 -53.64 58.95
N PHE BA 54 -16.99 -52.67 59.74
CA PHE BA 54 -16.24 -51.44 59.89
C PHE BA 54 -14.99 -51.70 60.73
N ALA BA 55 -15.17 -52.37 61.85
CA ALA BA 55 -14.05 -52.72 62.73
C ALA BA 55 -13.10 -53.63 61.97
N GLN BA 56 -13.65 -54.66 61.32
CA GLN BA 56 -12.82 -55.61 60.62
C GLN BA 56 -11.89 -54.91 59.63
N TYR BA 57 -12.44 -54.01 58.84
CA TYR BA 57 -11.65 -53.30 57.86
C TYR BA 57 -10.52 -52.49 58.51
N ASN BA 58 -10.87 -51.67 59.49
CA ASN BA 58 -9.87 -50.83 60.15
C ASN BA 58 -8.72 -51.61 60.76
N MET BA 59 -9.01 -52.72 61.41
CA MET BA 59 -7.95 -53.50 62.06
C MET BA 59 -7.16 -54.22 60.99
N ASP BA 60 -7.84 -54.58 59.90
CA ASP BA 60 -7.20 -55.28 58.80
C ASP BA 60 -6.21 -54.37 58.08
N GLN BA 61 -6.54 -53.09 58.04
CA GLN BA 61 -5.74 -52.12 57.30
C GLN BA 61 -4.70 -51.41 58.15
N PHE BA 62 -4.64 -51.75 59.44
CA PHE BA 62 -3.76 -51.06 60.38
C PHE BA 62 -3.98 -49.54 60.29
N THR BA 63 -5.25 -49.12 60.33
CA THR BA 63 -5.59 -47.71 60.24
C THR BA 63 -4.86 -46.89 61.30
N PRO BA 64 -4.03 -45.92 60.88
CA PRO BA 64 -3.39 -45.10 61.91
C PRO BA 64 -4.34 -44.00 62.38
N VAL BA 65 -4.36 -43.72 63.68
CA VAL BA 65 -5.25 -42.68 64.20
C VAL BA 65 -4.51 -41.70 65.11
N LYS BA 66 -4.89 -40.43 65.02
CA LYS BA 66 -4.25 -39.41 65.82
C LYS BA 66 -5.02 -39.22 67.13
N ILE BA 67 -4.30 -39.25 68.24
CA ILE BA 67 -4.94 -38.97 69.52
C ILE BA 67 -4.56 -37.57 69.99
N GLU BA 68 -5.55 -36.78 70.39
CA GLU BA 68 -5.28 -35.44 70.87
C GLU BA 68 -4.40 -35.46 72.10
N GLY BA 69 -3.30 -34.73 72.03
CA GLY BA 69 -2.41 -34.61 73.17
C GLY BA 69 -1.23 -35.55 73.14
N TYR BA 70 -1.20 -36.44 72.16
CA TYR BA 70 -0.07 -37.35 72.02
C TYR BA 70 0.50 -37.26 70.61
N ASP BA 71 1.79 -36.97 70.51
CA ASP BA 71 2.45 -36.90 69.21
C ASP BA 71 2.58 -38.28 68.60
N ASP BA 72 2.80 -38.32 67.29
CA ASP BA 72 2.82 -39.58 66.57
C ASP BA 72 1.49 -40.30 66.78
N GLN BA 73 1.21 -41.25 65.90
CA GLN BA 73 -0.10 -41.89 65.93
C GLN BA 73 0.02 -43.36 66.36
N VAL BA 74 -1.11 -44.06 66.38
CA VAL BA 74 -1.15 -45.45 66.81
C VAL BA 74 -1.96 -46.25 65.81
N LEU BA 75 -1.62 -47.52 65.64
CA LEU BA 75 -2.33 -48.35 64.65
C LEU BA 75 -3.51 -49.06 65.30
N ILE BA 76 -4.65 -49.02 64.63
CA ILE BA 76 -5.79 -49.84 65.01
C ILE BA 76 -5.55 -51.27 64.48
N THR BA 77 -5.34 -52.21 65.40
CA THR BA 77 -5.12 -53.59 65.01
C THR BA 77 -5.83 -54.52 65.96
N GLU BA 78 -5.90 -55.80 65.58
CA GLU BA 78 -6.59 -56.78 66.40
C GLU BA 78 -5.89 -56.89 67.75
N HIS BA 79 -4.60 -56.60 67.75
CA HIS BA 79 -3.76 -56.79 68.94
C HIS BA 79 -4.03 -55.69 69.97
N GLY BA 80 -4.71 -54.64 69.54
CA GLY BA 80 -4.99 -53.51 70.41
C GLY BA 80 -6.46 -53.45 70.80
N ASP BA 81 -7.22 -54.39 70.29
CA ASP BA 81 -8.65 -54.38 70.53
C ASP BA 81 -8.93 -54.72 71.98
N LEU BA 82 -9.46 -53.74 72.70
CA LEU BA 82 -9.77 -53.92 74.11
C LEU BA 82 -11.25 -54.20 74.33
N GLY BA 83 -11.98 -54.36 73.22
CA GLY BA 83 -13.42 -54.56 73.30
C GLY BA 83 -14.10 -53.29 73.77
N ASN BA 84 -15.43 -53.29 73.76
CA ASN BA 84 -16.21 -52.13 74.20
C ASN BA 84 -15.89 -50.87 73.36
N GLY BA 85 -15.28 -51.08 72.19
CA GLY BA 85 -14.97 -49.99 71.29
C GLY BA 85 -13.72 -49.20 71.65
N ARG BA 86 -12.94 -49.75 72.57
CA ARG BA 86 -11.69 -49.11 72.99
C ARG BA 86 -10.48 -49.88 72.49
N PHE BA 87 -9.40 -49.15 72.21
CA PHE BA 87 -8.18 -49.77 71.72
C PHE BA 87 -7.01 -49.33 72.57
N LEU BA 88 -5.96 -50.15 72.58
CA LEU BA 88 -4.78 -49.94 73.41
C LEU BA 88 -3.67 -49.27 72.63
N ASP BA 89 -3.07 -48.24 73.22
CA ASP BA 89 -1.86 -47.64 72.69
C ASP BA 89 -0.73 -48.01 73.63
N PRO BA 90 0.04 -49.04 73.27
CA PRO BA 90 1.05 -49.59 74.20
C PRO BA 90 2.23 -48.64 74.40
N ARG BA 91 2.43 -47.72 73.45
CA ARG BA 91 3.54 -46.78 73.55
C ARG BA 91 3.24 -45.68 74.58
N ASN BA 92 2.05 -45.12 74.50
CA ASN BA 92 1.66 -44.03 75.38
C ASN BA 92 0.98 -44.53 76.64
N LYS BA 93 0.82 -45.85 76.72
CA LYS BA 93 0.29 -46.48 77.93
C LYS BA 93 -1.11 -45.93 78.22
N ILE BA 94 -1.96 -46.01 77.21
CA ILE BA 94 -3.28 -45.40 77.24
C ILE BA 94 -4.27 -46.31 76.52
N SER BA 95 -5.54 -46.22 76.89
CA SER BA 95 -6.60 -46.77 76.04
C SER BA 95 -7.39 -45.59 75.50
N PHE BA 96 -8.11 -45.82 74.42
CA PHE BA 96 -8.93 -44.77 73.84
C PHE BA 96 -10.15 -45.36 73.19
N LYS BA 97 -11.19 -44.53 73.08
CA LYS BA 97 -12.39 -44.90 72.35
C LYS BA 97 -12.13 -44.68 70.88
N PHE BA 98 -12.60 -45.61 70.04
CA PHE BA 98 -12.44 -45.47 68.59
C PHE BA 98 -13.75 -45.69 67.85
N ASP BA 99 -14.11 -44.70 67.05
CA ASP BA 99 -15.30 -44.78 66.21
C ASP BA 99 -14.87 -45.27 64.82
N HIS BA 100 -15.29 -46.48 64.47
CA HIS BA 100 -14.83 -47.10 63.23
C HIS BA 100 -15.33 -46.39 61.97
N LEU BA 101 -16.50 -45.78 62.07
CA LEU BA 101 -17.11 -45.13 60.93
C LEU BA 101 -16.44 -43.79 60.68
N ARG BA 102 -16.37 -42.97 61.71
CA ARG BA 102 -15.80 -41.64 61.62
C ARG BA 102 -14.27 -41.67 61.71
N LYS BA 103 -13.71 -42.84 62.03
CA LYS BA 103 -12.26 -43.01 62.21
C LYS BA 103 -11.65 -41.95 63.12
N GLU BA 104 -12.21 -41.82 64.32
CA GLU BA 104 -11.71 -40.83 65.27
C GLU BA 104 -11.51 -41.44 66.64
N ALA BA 105 -10.40 -41.09 67.27
CA ALA BA 105 -10.12 -41.50 68.62
C ALA BA 105 -10.67 -40.45 69.58
N SER BA 106 -11.03 -40.88 70.79
CA SER BA 106 -11.51 -39.97 71.82
C SER BA 106 -11.37 -40.60 73.21
N ASP BA 107 -11.37 -39.76 74.23
CA ASP BA 107 -11.42 -40.21 75.61
C ASP BA 107 -10.20 -41.04 76.00
N PRO BA 108 -8.99 -40.48 75.80
CA PRO BA 108 -7.77 -41.17 76.24
C PRO BA 108 -7.79 -41.36 77.73
N GLN BA 109 -7.41 -42.55 78.20
CA GLN BA 109 -7.30 -42.78 79.63
C GLN BA 109 -6.07 -43.61 79.94
N PRO BA 110 -5.34 -43.23 80.99
CA PRO BA 110 -4.21 -44.06 81.44
C PRO BA 110 -4.66 -45.50 81.56
N GLU BA 111 -3.87 -46.43 81.03
CA GLU BA 111 -4.18 -47.84 81.09
C GLU BA 111 -3.00 -48.60 81.66
N ASP BA 112 -3.27 -49.47 82.62
CA ASP BA 112 -2.20 -50.24 83.25
C ASP BA 112 -1.64 -51.23 82.23
N THR BA 113 -0.38 -51.02 81.86
CA THR BA 113 0.26 -51.78 80.78
C THR BA 113 1.33 -52.72 81.34
N GLU BA 114 1.57 -52.62 82.65
CA GLU BA 114 2.60 -53.43 83.30
C GLU BA 114 2.59 -54.88 82.86
N SER BA 115 3.78 -55.48 82.86
CA SER BA 115 3.99 -56.79 82.28
C SER BA 115 5.46 -57.17 82.46
N ALA BA 116 5.78 -58.44 82.34
CA ALA BA 116 7.16 -58.89 82.39
C ALA BA 116 7.79 -58.73 81.00
N LEU BA 117 6.97 -58.29 80.05
CA LEU BA 117 7.39 -58.05 78.68
C LEU BA 117 7.69 -56.57 78.51
N LYS BA 118 7.18 -55.79 79.45
CA LYS BA 118 7.24 -54.33 79.42
C LYS BA 118 8.51 -53.73 78.81
N GLN BA 119 9.65 -54.09 79.37
CA GLN BA 119 10.92 -53.49 78.97
C GLN BA 119 11.38 -53.90 77.56
N TRP BA 120 10.95 -55.07 77.12
CA TRP BA 120 11.30 -55.54 75.79
C TRP BA 120 10.48 -54.84 74.73
N ARG BA 121 9.17 -54.78 74.98
CA ARG BA 121 8.26 -54.06 74.12
C ARG BA 121 8.79 -52.65 73.90
N ASP BA 122 9.28 -52.05 74.98
CA ASP BA 122 9.76 -50.67 74.96
C ASP BA 122 11.06 -50.52 74.16
N ALA BA 123 12.00 -51.44 74.37
CA ALA BA 123 13.23 -51.43 73.61
C ALA BA 123 12.98 -51.69 72.11
N CYS BA 124 12.12 -52.65 71.80
CA CYS BA 124 11.77 -52.92 70.41
C CYS BA 124 11.07 -51.73 69.79
N ASP BA 125 10.14 -51.14 70.54
CA ASP BA 125 9.35 -50.02 70.05
C ASP BA 125 10.22 -48.83 69.71
N SER BA 126 11.17 -48.49 70.58
CA SER BA 126 12.00 -47.32 70.32
C SER BA 126 12.90 -47.57 69.12
N ALA BA 127 13.44 -48.79 69.01
CA ALA BA 127 14.23 -49.16 67.84
C ALA BA 127 13.40 -49.16 66.55
N LEU BA 128 12.19 -49.72 66.61
CA LEU BA 128 11.38 -49.81 65.41
C LEU BA 128 10.96 -48.42 64.97
N ARG BA 129 10.65 -47.57 65.94
CA ARG BA 129 10.17 -46.23 65.63
C ARG BA 129 11.23 -45.52 64.80
N ALA BA 130 12.49 -45.64 65.20
CA ALA BA 130 13.59 -45.08 64.43
C ALA BA 130 13.74 -45.74 63.05
N TYR BA 131 13.61 -47.06 63.01
CA TYR BA 131 13.64 -47.75 61.72
C TYR BA 131 12.53 -47.21 60.80
N VAL BA 132 11.34 -46.98 61.34
CA VAL BA 132 10.22 -46.55 60.52
C VAL BA 132 10.38 -45.10 60.05
N LYS BA 133 10.90 -44.22 60.91
CA LYS BA 133 11.16 -42.85 60.49
C LYS BA 133 12.15 -42.78 59.33
N ASP BA 134 13.15 -43.67 59.37
CA ASP BA 134 14.20 -43.72 58.34
C ASP BA 134 13.73 -44.36 57.04
N HIS BA 135 12.94 -45.43 57.14
CA HIS BA 135 12.61 -46.25 55.97
C HIS BA 135 11.31 -45.95 55.27
N TYR BA 136 10.43 -45.20 55.94
CA TYR BA 136 9.12 -44.86 55.39
C TYR BA 136 8.88 -43.35 55.42
N PRO BA 137 8.35 -42.78 54.33
CA PRO BA 137 8.03 -41.34 54.29
C PRO BA 137 6.91 -41.00 55.28
N ASN BA 138 5.89 -41.84 55.35
CA ASN BA 138 4.72 -41.60 56.19
C ASN BA 138 4.43 -42.77 57.12
N GLY BA 139 5.47 -43.40 57.66
CA GLY BA 139 5.26 -44.63 58.40
C GLY BA 139 4.72 -44.40 59.80
N PHE BA 140 4.03 -45.41 60.33
CA PHE BA 140 3.65 -45.44 61.73
C PHE BA 140 3.82 -46.87 62.20
N CYS BA 141 4.17 -47.05 63.45
CA CYS BA 141 4.32 -48.40 63.98
C CYS BA 141 3.79 -48.50 65.40
N THR BA 142 3.32 -49.70 65.74
CA THR BA 142 2.79 -50.00 67.08
C THR BA 142 3.31 -51.36 67.45
N VAL BA 143 3.91 -51.48 68.64
CA VAL BA 143 4.49 -52.73 69.07
C VAL BA 143 3.81 -53.22 70.34
N TYR BA 144 3.32 -54.45 70.29
CA TYR BA 144 2.57 -55.02 71.39
C TYR BA 144 3.40 -56.06 72.08
N GLY BA 145 3.23 -56.18 73.38
CA GLY BA 145 3.94 -57.18 74.14
C GLY BA 145 2.93 -57.97 74.94
N LYS BA 146 2.73 -59.23 74.55
CA LYS BA 146 1.75 -60.07 75.22
C LYS BA 146 2.15 -61.54 75.27
N SER BA 147 1.49 -62.28 76.15
CA SER BA 147 1.73 -63.71 76.29
C SER BA 147 0.64 -64.49 75.57
N ILE BA 148 1.01 -65.20 74.52
CA ILE BA 148 0.05 -66.07 73.83
C ILE BA 148 0.48 -67.53 73.97
N ASP BA 149 -0.44 -68.35 74.48
CA ASP BA 149 -0.14 -69.75 74.77
C ASP BA 149 1.03 -69.85 75.75
N GLY BA 150 1.12 -68.88 76.65
CA GLY BA 150 2.20 -68.85 77.63
C GLY BA 150 3.51 -68.32 77.06
N GLN BA 151 3.63 -68.37 75.74
CA GLN BA 151 4.83 -67.89 75.04
C GLN BA 151 4.89 -66.38 75.03
N GLN BA 152 6.03 -65.82 75.41
CA GLN BA 152 6.23 -64.37 75.34
C GLN BA 152 6.48 -63.92 73.90
N THR BA 153 5.60 -63.06 73.38
CA THR BA 153 5.66 -62.62 71.99
C THR BA 153 5.67 -61.09 71.85
N ILE BA 154 6.54 -60.61 70.98
CA ILE BA 154 6.54 -59.20 70.60
C ILE BA 154 5.89 -59.12 69.22
N ILE BA 155 4.90 -58.26 69.07
CA ILE BA 155 4.22 -58.12 67.79
C ILE BA 155 4.42 -56.71 67.27
N ALA BA 156 5.19 -56.61 66.18
CA ALA BA 156 5.51 -55.33 65.57
C ALA BA 156 4.67 -55.08 64.32
N CYS BA 157 3.93 -53.98 64.33
CA CYS BA 157 3.05 -53.62 63.22
C CYS BA 157 3.50 -52.32 62.59
N ILE BA 158 3.61 -52.32 61.26
CA ILE BA 158 4.02 -51.13 60.52
C ILE BA 158 3.00 -50.81 59.45
N GLU BA 159 2.61 -49.53 59.34
CA GLU BA 159 1.73 -49.06 58.28
C GLU BA 159 2.35 -47.86 57.58
N SER BA 160 2.13 -47.76 56.28
CA SER BA 160 2.45 -46.55 55.56
C SER BA 160 1.54 -46.42 54.35
N HIS BA 161 0.98 -45.24 54.15
CA HIS BA 161 0.10 -45.03 52.99
C HIS BA 161 0.29 -43.67 52.38
N GLN BA 162 -0.22 -43.55 51.15
CA GLN BA 162 -0.24 -42.31 50.40
C GLN BA 162 -1.57 -42.29 49.69
N PHE BA 163 -2.46 -41.39 50.10
CA PHE BA 163 -3.77 -41.28 49.47
C PHE BA 163 -3.76 -40.05 48.57
N GLN BA 164 -4.09 -40.23 47.29
CA GLN BA 164 -4.26 -39.08 46.41
C GLN BA 164 -5.47 -39.28 45.50
N PRO BA 165 -6.67 -39.23 46.08
CA PRO BA 165 -7.92 -39.50 45.36
C PRO BA 165 -8.10 -38.53 44.19
N LYS BA 166 -7.60 -37.31 44.33
CA LYS BA 166 -7.67 -36.32 43.25
C LYS BA 166 -6.84 -36.72 42.02
N ASN BA 167 -5.81 -37.52 42.21
CA ASN BA 167 -5.06 -38.04 41.07
C ASN BA 167 -5.45 -39.48 40.79
N PHE BA 168 -6.56 -39.89 41.38
CA PHE BA 168 -7.12 -41.23 41.20
C PHE BA 168 -6.15 -42.35 41.57
N TRP BA 169 -5.47 -42.22 42.71
CA TRP BA 169 -4.71 -43.37 43.19
C TRP BA 169 -4.48 -43.33 44.71
N ASN BA 170 -4.31 -44.52 45.26
CA ASN BA 170 -4.02 -44.71 46.68
C ASN BA 170 -3.14 -45.91 46.81
N GLY BA 171 -2.29 -45.93 47.85
CA GLY BA 171 -1.42 -47.05 48.09
C GLY BA 171 -1.19 -47.23 49.57
N ARG BA 172 -0.91 -48.47 49.99
CA ARG BA 172 -0.66 -48.75 51.39
C ARG BA 172 0.28 -49.93 51.55
N TRP BA 173 1.22 -49.78 52.48
CA TRP BA 173 2.08 -50.88 52.92
C TRP BA 173 1.67 -51.24 54.32
N ARG BA 174 1.65 -52.53 54.60
CA ARG BA 174 1.45 -53.05 55.94
C ARG BA 174 2.46 -54.16 56.16
N SER BA 175 3.09 -54.19 57.34
CA SER BA 175 3.90 -55.32 57.74
C SER BA 175 3.62 -55.71 59.18
N GLU BA 176 3.60 -57.01 59.43
CA GLU BA 176 3.36 -57.50 60.79
C GLU BA 176 4.40 -58.55 61.11
N TRP BA 177 5.20 -58.29 62.14
CA TRP BA 177 6.28 -59.17 62.55
C TRP BA 177 6.01 -59.73 63.94
N LYS BA 178 6.12 -61.05 64.08
CA LYS BA 178 5.93 -61.72 65.35
C LYS BA 178 7.20 -62.43 65.81
N PHE BA 179 7.70 -61.99 66.97
CA PHE BA 179 8.86 -62.60 67.59
C PHE BA 179 8.41 -63.39 68.81
N THR BA 180 8.59 -64.70 68.75
CA THR BA 180 8.21 -65.59 69.84
C THR BA 180 9.46 -65.95 70.60
N ILE BA 181 9.61 -65.37 71.78
CA ILE BA 181 10.85 -65.45 72.53
C ILE BA 181 11.04 -66.76 73.26
N THR BA 182 12.11 -67.45 72.93
CA THR BA 182 12.48 -68.71 73.59
C THR BA 182 14.00 -68.83 73.67
N PRO BA 183 14.62 -68.12 74.63
CA PRO BA 183 16.09 -68.08 74.72
C PRO BA 183 16.69 -69.46 74.54
N PRO BA 184 17.82 -69.55 73.80
CA PRO BA 184 18.59 -68.41 73.29
C PRO BA 184 18.13 -67.99 71.90
N THR BA 185 16.95 -68.42 71.48
CA THR BA 185 16.47 -68.20 70.12
C THR BA 185 15.03 -67.69 70.07
N ALA BA 186 14.79 -66.69 69.24
CA ALA BA 186 13.44 -66.21 69.01
C ALA BA 186 12.92 -66.70 67.66
N GLN BA 187 11.67 -67.16 67.64
CA GLN BA 187 11.01 -67.54 66.38
C GLN BA 187 10.41 -66.32 65.71
N VAL BA 188 10.69 -66.17 64.41
CA VAL BA 188 10.26 -65.01 63.68
C VAL BA 188 9.27 -65.39 62.57
N ALA BA 189 8.07 -64.80 62.63
CA ALA BA 189 7.07 -64.94 61.58
C ALA BA 189 6.63 -63.55 61.16
N ALA BA 190 6.41 -63.36 59.85
CA ALA BA 190 5.98 -62.07 59.38
C ALA BA 190 5.16 -62.19 58.10
N VAL BA 191 4.32 -61.19 57.87
CA VAL BA 191 3.57 -61.05 56.64
C VAL BA 191 3.78 -59.63 56.16
N LEU BA 192 4.29 -59.47 54.95
CA LEU BA 192 4.45 -58.15 54.35
C LEU BA 192 3.39 -57.99 53.26
N LYS BA 193 2.76 -56.82 53.19
CA LYS BA 193 1.65 -56.59 52.26
C LYS BA 193 1.72 -55.24 51.57
N ILE BA 194 1.45 -55.23 50.27
CA ILE BA 194 1.34 -53.99 49.52
C ILE BA 194 0.07 -54.00 48.67
N GLN BA 195 -0.59 -52.86 48.60
CA GLN BA 195 -1.73 -52.71 47.70
C GLN BA 195 -1.70 -51.33 47.09
N VAL BA 196 -1.80 -51.27 45.76
CA VAL BA 196 -1.86 -50.00 45.08
C VAL BA 196 -3.04 -50.02 44.13
N HIS BA 197 -3.76 -48.91 44.09
CA HIS BA 197 -4.94 -48.79 43.25
C HIS BA 197 -4.86 -47.54 42.38
N TYR BA 198 -4.97 -47.71 41.07
CA TYR BA 198 -4.99 -46.60 40.12
C TYR BA 198 -6.29 -46.64 39.34
N TYR BA 199 -7.02 -45.52 39.31
CA TYR BA 199 -8.36 -45.58 38.72
C TYR BA 199 -8.82 -44.41 37.87
N GLU BA 200 -7.88 -43.73 37.22
CA GLU BA 200 -8.27 -42.75 36.23
C GLU BA 200 -8.76 -43.48 34.97
N ASP BA 201 -10.06 -43.39 34.70
CA ASP BA 201 -10.65 -44.11 33.58
C ASP BA 201 -10.21 -45.57 33.54
N GLY BA 202 -10.27 -46.22 34.69
CA GLY BA 202 -9.99 -47.65 34.76
C GLY BA 202 -9.91 -48.10 36.20
N ASN BA 203 -9.46 -49.33 36.38
CA ASN BA 203 -9.26 -49.88 37.72
C ASN BA 203 -8.13 -50.87 37.64
N VAL BA 204 -6.95 -50.43 38.09
CA VAL BA 204 -5.77 -51.25 38.02
C VAL BA 204 -5.22 -51.38 39.45
N GLN BA 205 -4.92 -52.61 39.87
CA GLN BA 205 -4.41 -52.79 41.21
C GLN BA 205 -3.19 -53.72 41.30
N LEU BA 206 -2.22 -53.31 42.11
CA LEU BA 206 -1.15 -54.18 42.57
C LEU BA 206 -1.58 -54.77 43.90
N VAL BA 207 -1.59 -56.10 43.97
CA VAL BA 207 -1.83 -56.78 45.25
C VAL BA 207 -0.67 -57.73 45.47
N SER BA 208 0.04 -57.57 46.58
CA SER BA 208 1.14 -58.46 46.84
C SER BA 208 1.33 -58.75 48.32
N HIS BA 209 1.87 -59.92 48.61
CA HIS BA 209 2.26 -60.20 49.97
C HIS BA 209 3.27 -61.31 50.02
N LYS BA 210 4.05 -61.29 51.09
CA LYS BA 210 5.08 -62.30 51.27
C LYS BA 210 5.13 -62.71 52.73
N ASP BA 211 5.23 -64.02 52.96
CA ASP BA 211 5.33 -64.55 54.31
C ASP BA 211 6.80 -64.74 54.62
N ILE BA 212 7.20 -64.33 55.81
CA ILE BA 212 8.58 -64.53 56.27
C ILE BA 212 8.59 -65.50 57.45
N GLN BA 213 9.54 -66.42 57.44
CA GLN BA 213 9.75 -67.33 58.56
C GLN BA 213 11.23 -67.36 58.89
N ASP BA 214 11.58 -67.13 60.15
CA ASP BA 214 12.99 -66.97 60.52
C ASP BA 214 13.19 -67.13 62.01
N SER BA 215 14.43 -66.93 62.44
CA SER BA 215 14.78 -67.02 63.86
C SER BA 215 15.99 -66.12 64.16
N VAL BA 216 16.07 -65.65 65.39
CA VAL BA 216 17.17 -64.78 65.80
C VAL BA 216 17.70 -65.15 67.17
N GLN BA 217 18.98 -64.87 67.40
CA GLN BA 217 19.55 -64.98 68.72
C GLN BA 217 18.92 -63.94 69.62
N VAL BA 218 18.60 -64.34 70.85
CA VAL BA 218 18.06 -63.40 71.81
C VAL BA 218 19.10 -63.19 72.90
N SER BA 219 19.24 -61.96 73.37
CA SER BA 219 20.24 -61.62 74.38
C SER BA 219 19.68 -60.60 75.36
N SER BA 220 20.30 -59.43 75.38
CA SER BA 220 19.83 -58.32 76.19
C SER BA 220 18.61 -57.68 75.55
N ASP BA 221 17.80 -57.00 76.36
CA ASP BA 221 16.63 -56.31 75.81
C ASP BA 221 17.05 -55.41 74.66
N VAL BA 222 18.05 -54.57 74.90
CA VAL BA 222 18.52 -53.60 73.91
C VAL BA 222 19.15 -54.27 72.68
N GLN BA 223 19.98 -55.28 72.90
CA GLN BA 223 20.69 -55.93 71.79
C GLN BA 223 19.72 -56.70 70.89
N THR BA 224 18.71 -57.29 71.50
CA THR BA 224 17.75 -58.08 70.74
C THR BA 224 16.97 -57.17 69.82
N ALA BA 225 16.49 -56.05 70.36
CA ALA BA 225 15.82 -55.05 69.56
C ALA BA 225 16.63 -54.74 68.32
N LYS BA 226 17.94 -54.55 68.48
CA LYS BA 226 18.79 -54.27 67.34
C LYS BA 226 18.75 -55.44 66.36
N GLU BA 227 18.80 -56.65 66.89
CA GLU BA 227 18.75 -57.86 66.09
C GLU BA 227 17.44 -57.96 65.31
N PHE BA 228 16.32 -57.70 65.99
CA PHE BA 228 14.98 -57.78 65.40
C PHE BA 228 14.84 -56.80 64.24
N ILE BA 229 15.21 -55.55 64.50
CA ILE BA 229 15.14 -54.48 63.51
C ILE BA 229 16.03 -54.78 62.31
N LYS BA 230 17.18 -55.43 62.54
CA LYS BA 230 18.06 -55.81 61.43
C LYS BA 230 17.39 -56.86 60.54
N ILE BA 231 16.71 -57.81 61.17
CA ILE BA 231 15.97 -58.83 60.43
C ILE BA 231 14.88 -58.17 59.61
N ILE BA 232 14.09 -57.30 60.25
CA ILE BA 232 13.02 -56.58 59.56
C ILE BA 232 13.56 -55.80 58.36
N GLU BA 233 14.69 -55.13 58.57
CA GLU BA 233 15.25 -54.28 57.52
C GLU BA 233 15.68 -55.09 56.31
N ASN BA 234 16.42 -56.17 56.54
CA ASN BA 234 16.88 -57.03 55.47
C ASN BA 234 15.73 -57.66 54.69
N ALA BA 235 14.71 -58.12 55.40
CA ALA BA 235 13.58 -58.75 54.75
C ALA BA 235 12.79 -57.75 53.94
N GLU BA 236 12.49 -56.60 54.52
CA GLU BA 236 11.68 -55.60 53.84
C GLU BA 236 12.40 -55.01 52.63
N ASN BA 237 13.71 -54.79 52.73
CA ASN BA 237 14.46 -54.36 51.55
C ASN BA 237 14.50 -55.43 50.46
N GLU BA 238 14.68 -56.67 50.87
CA GLU BA 238 14.71 -57.79 49.94
C GLU BA 238 13.40 -57.86 49.16
N TYR BA 239 12.29 -57.72 49.86
CA TYR BA 239 10.97 -57.80 49.27
C TYR BA 239 10.75 -56.65 48.28
N GLN BA 240 11.05 -55.44 48.72
CA GLN BA 240 10.93 -54.28 47.85
C GLN BA 240 11.82 -54.48 46.62
N THR BA 241 13.03 -55.00 46.83
CA THR BA 241 13.91 -55.28 45.70
C THR BA 241 13.33 -56.31 44.73
N ALA BA 242 12.75 -57.37 45.27
CA ALA BA 242 12.13 -58.41 44.45
C ALA BA 242 10.94 -57.85 43.66
N ILE BA 243 10.21 -56.93 44.29
CA ILE BA 243 9.07 -56.32 43.64
C ILE BA 243 9.56 -55.50 42.45
N SER BA 244 10.61 -54.72 42.66
CA SER BA 244 11.23 -53.94 41.60
C SER BA 244 11.68 -54.83 40.47
N GLU BA 245 12.27 -55.98 40.83
CA GLU BA 245 12.72 -56.92 39.81
C GLU BA 245 11.58 -57.52 39.01
N ASN BA 246 10.42 -57.73 39.65
CA ASN BA 246 9.25 -58.27 38.97
C ASN BA 246 8.69 -57.27 37.96
N TYR BA 247 8.67 -56.00 38.37
CA TYR BA 247 8.22 -54.91 37.50
C TYR BA 247 9.05 -54.87 36.24
N GLN BA 248 10.36 -54.98 36.41
CA GLN BA 248 11.27 -54.85 35.28
C GLN BA 248 11.06 -56.01 34.31
N THR BA 249 10.89 -57.20 34.86
CA THR BA 249 10.66 -58.41 34.07
C THR BA 249 9.29 -58.41 33.40
N MET BA 250 8.26 -57.96 34.10
CA MET BA 250 6.94 -57.80 33.49
C MET BA 250 6.97 -56.79 32.34
N SER BA 251 7.77 -55.73 32.49
CA SER BA 251 7.90 -54.69 31.47
C SER BA 251 8.72 -55.12 30.26
N ASP BA 252 9.86 -55.76 30.50
CA ASP BA 252 10.83 -56.07 29.45
C ASP BA 252 10.56 -57.39 28.74
N THR BA 253 9.73 -58.23 29.35
CA THR BA 253 9.52 -59.58 28.84
C THR BA 253 8.03 -59.90 28.59
N THR BA 254 7.26 -60.00 29.66
CA THR BA 254 5.87 -60.40 29.53
C THR BA 254 5.01 -59.41 28.73
N PHE BA 255 5.05 -58.14 29.08
CA PHE BA 255 4.21 -57.15 28.41
C PHE BA 255 4.58 -57.04 26.94
N LYS BA 256 5.87 -56.94 26.67
CA LYS BA 256 6.34 -56.88 25.29
C LYS BA 256 5.85 -58.06 24.45
N ALA BA 257 5.89 -59.25 25.03
CA ALA BA 257 5.54 -60.46 24.28
C ALA BA 257 4.04 -60.57 24.00
N LEU BA 258 3.23 -59.88 24.79
CA LEU BA 258 1.78 -59.98 24.63
C LEU BA 258 1.28 -59.32 23.34
N ARG BA 259 1.84 -58.15 23.04
CA ARG BA 259 1.50 -57.44 21.81
C ARG BA 259 2.66 -56.60 21.31
N ARG BA 260 2.87 -56.66 20.00
CA ARG BA 260 3.89 -55.84 19.33
C ARG BA 260 3.50 -54.37 19.38
N GLN BA 261 4.48 -53.47 19.34
CA GLN BA 261 4.18 -52.05 19.16
C GLN BA 261 3.64 -51.77 17.77
N LEU BA 262 4.32 -52.34 16.76
CA LEU BA 262 3.92 -52.24 15.37
C LEU BA 262 4.13 -53.59 14.71
N PRO BA 263 3.40 -53.86 13.61
CA PRO BA 263 3.66 -55.07 12.82
C PRO BA 263 5.09 -55.03 12.33
N VAL BA 264 5.58 -56.15 11.80
CA VAL BA 264 6.93 -56.25 11.30
C VAL BA 264 7.28 -55.21 10.23
N THR BA 265 6.27 -54.73 9.52
CA THR BA 265 6.50 -53.71 8.50
C THR BA 265 6.95 -52.39 9.11
N ARG BA 266 6.79 -52.25 10.43
CA ARG BA 266 7.10 -51.00 11.12
C ARG BA 266 6.27 -49.83 10.61
N THR BA 267 5.12 -50.15 10.03
CA THR BA 267 4.13 -49.15 9.74
C THR BA 267 2.78 -49.67 10.21
N LYS BA 268 1.86 -48.76 10.45
CA LYS BA 268 0.49 -49.19 10.71
C LYS BA 268 -0.08 -49.97 9.53
N ILE BA 269 -1.15 -50.70 9.79
CA ILE BA 269 -1.73 -51.59 8.80
C ILE BA 269 -2.31 -50.77 7.64
N ASP BA 270 -2.10 -51.27 6.42
CA ASP BA 270 -2.78 -50.75 5.25
C ASP BA 270 -4.08 -51.54 5.07
N TRP BA 271 -5.19 -50.95 5.52
CA TRP BA 271 -6.44 -51.69 5.65
C TRP BA 271 -7.07 -52.11 4.31
N ASN BA 272 -6.87 -51.34 3.25
CA ASN BA 272 -7.36 -51.76 1.94
C ASN BA 272 -6.69 -53.06 1.51
N LYS BA 273 -5.40 -53.17 1.82
CA LYS BA 273 -4.62 -54.37 1.53
C LYS BA 273 -5.19 -55.57 2.29
N ILE BA 274 -5.45 -55.37 3.57
CA ILE BA 274 -5.91 -56.43 4.45
C ILE BA 274 -7.23 -57.00 3.94
N LEU BA 275 -7.98 -56.17 3.22
CA LEU BA 275 -9.31 -56.56 2.74
C LEU BA 275 -9.26 -57.31 1.41
N SER BA 276 -8.10 -57.30 0.76
CA SER BA 276 -7.91 -58.04 -0.48
C SER BA 276 -8.14 -59.54 -0.32
N ASP CA 3 -32.60 -44.54 38.85
CA ASP CA 3 -31.94 -43.74 39.88
C ASP CA 3 -30.44 -43.47 39.67
N GLN CA 4 -29.58 -44.49 39.78
CA GLN CA 4 -28.45 -44.24 40.66
C GLN CA 4 -27.83 -45.50 41.27
N GLN CA 5 -28.59 -46.58 41.32
CA GLN CA 5 -28.05 -47.85 41.76
C GLN CA 5 -27.07 -48.35 40.72
N LEU CA 6 -27.37 -48.11 39.45
CA LEU CA 6 -26.45 -48.47 38.38
C LEU CA 6 -25.14 -47.71 38.53
N ASP CA 7 -25.24 -46.44 38.91
CA ASP CA 7 -24.08 -45.55 38.97
C ASP CA 7 -23.14 -46.01 40.07
N CYS CA 8 -23.74 -46.42 41.19
CA CYS CA 8 -23.00 -46.92 42.33
C CYS CA 8 -22.38 -48.29 42.07
N ALA CA 9 -23.11 -49.13 41.34
CA ALA CA 9 -22.61 -50.44 40.92
C ALA CA 9 -21.33 -50.32 40.10
N LEU CA 10 -21.36 -49.45 39.09
CA LEU CA 10 -20.18 -49.21 38.26
C LEU CA 10 -19.04 -48.61 39.10
N ASP CA 11 -19.38 -47.68 39.99
CA ASP CA 11 -18.37 -47.06 40.85
C ASP CA 11 -17.69 -48.12 41.69
N LEU CA 12 -18.50 -49.04 42.22
CA LEU CA 12 -17.99 -50.15 43.00
C LEU CA 12 -17.07 -51.07 42.19
N MET CA 13 -17.41 -51.38 40.94
CA MET CA 13 -16.49 -52.18 40.13
C MET CA 13 -15.19 -51.42 39.80
N ARG CA 14 -15.17 -50.10 40.00
CA ARG CA 14 -13.96 -49.32 39.74
C ARG CA 14 -12.99 -49.43 40.93
N ARG CA 15 -13.49 -49.97 42.05
CA ARG CA 15 -12.76 -49.90 43.32
C ARG CA 15 -12.44 -51.29 43.91
N LEU CA 16 -13.37 -52.22 43.78
CA LEU CA 16 -13.12 -53.60 44.21
C LEU CA 16 -11.96 -54.18 43.40
N PRO CA 17 -11.10 -54.99 44.05
CA PRO CA 17 -9.93 -55.54 43.34
C PRO CA 17 -10.31 -56.25 42.02
N PRO CA 18 -9.63 -55.87 40.94
CA PRO CA 18 -9.91 -56.49 39.64
C PRO CA 18 -9.49 -57.96 39.64
N GLN CA 19 -8.64 -58.38 40.55
CA GLN CA 19 -8.29 -59.78 40.64
C GLN CA 19 -9.53 -60.67 40.83
N GLN CA 20 -10.59 -60.11 41.42
CA GLN CA 20 -11.82 -60.89 41.68
C GLN CA 20 -12.95 -60.36 40.81
N ILE CA 21 -12.57 -59.85 39.65
CA ILE CA 21 -13.51 -59.21 38.75
C ILE CA 21 -14.75 -60.05 38.43
N GLU CA 22 -14.56 -61.34 38.18
CA GLU CA 22 -15.70 -62.22 37.92
C GLU CA 22 -16.62 -62.43 39.14
N LYS CA 23 -16.04 -62.73 40.28
CA LYS CA 23 -16.83 -62.90 41.49
C LYS CA 23 -17.50 -61.59 41.90
N ASN CA 24 -16.78 -60.47 41.78
CA ASN CA 24 -17.37 -59.16 42.08
C ASN CA 24 -18.70 -59.00 41.32
N LEU CA 25 -18.67 -59.23 40.01
CA LEU CA 25 -19.88 -59.04 39.18
C LEU CA 25 -21.07 -59.89 39.64
N SER CA 26 -20.87 -61.19 39.80
CA SER CA 26 -21.97 -62.05 40.25
C SER CA 26 -22.46 -61.71 41.67
N ASP CA 27 -21.55 -61.32 42.56
CA ASP CA 27 -21.93 -60.80 43.88
C ASP CA 27 -22.84 -59.57 43.70
N LEU CA 28 -22.40 -58.67 42.83
CA LEU CA 28 -23.16 -57.45 42.55
C LEU CA 28 -24.54 -57.79 41.98
N ILE CA 29 -24.60 -58.74 41.05
CA ILE CA 29 -25.88 -59.16 40.50
C ILE CA 29 -26.77 -59.71 41.62
N ASP CA 30 -26.17 -60.43 42.56
CA ASP CA 30 -26.94 -60.99 43.66
C ASP CA 30 -27.44 -59.90 44.57
N LEU CA 31 -26.58 -58.91 44.82
CA LEU CA 31 -26.95 -57.78 45.66
C LEU CA 31 -28.11 -56.98 45.05
N VAL CA 32 -28.08 -56.76 43.75
CA VAL CA 32 -29.16 -56.01 43.09
C VAL CA 32 -29.70 -56.72 41.83
N PRO CA 33 -30.46 -57.80 42.03
CA PRO CA 33 -31.01 -58.65 40.98
C PRO CA 33 -31.61 -57.89 39.81
N SER CA 34 -32.22 -56.74 40.08
CA SER CA 34 -32.94 -55.99 39.05
C SER CA 34 -32.04 -55.30 38.02
N LEU CA 35 -30.75 -55.18 38.33
CA LEU CA 35 -29.81 -54.53 37.41
C LEU CA 35 -29.08 -55.55 36.55
N CYS CA 36 -29.53 -56.80 36.59
CA CYS CA 36 -28.81 -57.87 35.91
C CYS CA 36 -28.45 -57.52 34.47
N GLU CA 37 -29.42 -57.12 33.66
CA GLU CA 37 -29.14 -56.91 32.26
C GLU CA 37 -28.18 -55.74 32.04
N ASP CA 38 -28.44 -54.64 32.75
CA ASP CA 38 -27.59 -53.47 32.69
C ASP CA 38 -26.15 -53.78 33.11
N LEU CA 39 -26.00 -54.50 34.21
CA LEU CA 39 -24.67 -54.86 34.71
C LEU CA 39 -23.93 -55.79 33.74
N LEU CA 40 -24.61 -56.83 33.26
CA LEU CA 40 -24.02 -57.75 32.30
C LEU CA 40 -23.52 -57.02 31.06
N SER CA 41 -24.14 -55.91 30.68
CA SER CA 41 -23.75 -55.27 29.42
C SER CA 41 -22.71 -54.15 29.61
N SER CA 42 -22.66 -53.57 30.81
CA SER CA 42 -21.75 -52.46 31.06
C SER CA 42 -20.56 -52.82 31.95
N VAL CA 43 -20.58 -53.98 32.59
CA VAL CA 43 -19.41 -54.42 33.36
C VAL CA 43 -18.57 -55.38 32.51
N ASP CA 44 -17.41 -54.90 32.07
CA ASP CA 44 -16.49 -55.72 31.31
C ASP CA 44 -15.94 -56.87 32.16
N GLN CA 45 -15.66 -57.99 31.50
CA GLN CA 45 -15.23 -59.23 32.13
C GLN CA 45 -14.16 -59.81 31.23
N PRO CA 46 -13.21 -60.53 31.82
CA PRO CA 46 -12.17 -61.20 31.04
C PRO CA 46 -12.83 -62.05 29.99
N LEU CA 47 -12.22 -62.18 28.82
CA LEU CA 47 -12.80 -62.92 27.72
C LEU CA 47 -12.55 -64.41 27.90
N LYS CA 48 -13.55 -65.23 27.56
CA LYS CA 48 -13.40 -66.67 27.64
C LYS CA 48 -13.25 -67.26 26.24
N ILE CA 49 -12.45 -68.30 26.12
CA ILE CA 49 -12.30 -68.98 24.84
C ILE CA 49 -13.22 -70.19 24.76
N ALA CA 50 -13.99 -70.29 23.69
CA ALA CA 50 -14.74 -71.50 23.39
C ALA CA 50 -14.25 -72.07 22.07
N ARG CA 51 -14.60 -73.32 21.79
CA ARG CA 51 -14.17 -73.96 20.55
C ARG CA 51 -15.34 -74.23 19.59
N ASP CA 52 -15.26 -73.70 18.36
CA ASP CA 52 -16.27 -74.01 17.36
C ASP CA 52 -15.95 -75.35 16.73
N LYS CA 53 -16.60 -76.40 17.20
CA LYS CA 53 -16.32 -77.75 16.74
C LYS CA 53 -16.55 -77.95 15.26
N VAL CA 54 -17.54 -77.26 14.72
CA VAL CA 54 -17.87 -77.38 13.32
C VAL CA 54 -16.74 -76.88 12.45
N VAL CA 55 -16.27 -75.68 12.71
CA VAL CA 55 -15.29 -75.05 11.83
C VAL CA 55 -13.87 -75.36 12.27
N GLY CA 56 -13.73 -75.87 13.49
CA GLY CA 56 -12.42 -76.12 14.05
C GLY CA 56 -11.65 -74.81 14.26
N LYS CA 57 -12.29 -73.87 14.93
CA LYS CA 57 -11.66 -72.59 15.25
C LYS CA 57 -12.11 -72.14 16.63
N ASP CA 58 -11.25 -71.42 17.33
CA ASP CA 58 -11.60 -70.84 18.63
C ASP CA 58 -12.38 -69.54 18.43
N TYR CA 59 -13.19 -69.17 19.42
CA TYR CA 59 -13.89 -67.89 19.37
C TYR CA 59 -14.09 -67.37 20.78
N LEU CA 60 -14.42 -66.10 20.92
CA LEU CA 60 -14.43 -65.47 22.24
C LEU CA 60 -15.85 -65.26 22.75
N LEU CA 61 -16.06 -65.52 24.03
CA LEU CA 61 -17.35 -65.34 24.68
C LEU CA 61 -17.38 -64.05 25.47
N CYS CA 62 -18.44 -63.28 25.32
CA CYS CA 62 -18.67 -62.16 26.22
C CYS CA 62 -20.15 -61.89 26.15
N ASP CA 63 -20.64 -60.87 26.83
CA ASP CA 63 -22.07 -60.64 26.86
C ASP CA 63 -22.62 -60.34 25.48
N TYR CA 64 -21.82 -59.73 24.61
CA TYR CA 64 -22.36 -59.31 23.32
C TYR CA 64 -22.73 -60.45 22.38
N ASN CA 65 -22.12 -61.63 22.55
CA ASN CA 65 -22.52 -62.76 21.70
C ASN CA 65 -23.35 -63.79 22.45
N ARG CA 66 -23.92 -63.38 23.58
CA ARG CA 66 -24.71 -64.26 24.41
C ARG CA 66 -26.21 -64.11 24.13
N ASP CA 67 -26.92 -65.22 24.18
CA ASP CA 67 -28.38 -65.20 24.22
C ASP CA 67 -28.78 -66.32 25.18
N GLY CA 68 -29.40 -65.93 26.30
CA GLY CA 68 -29.75 -66.91 27.31
C GLY CA 68 -28.47 -67.48 27.88
N ASP CA 69 -28.32 -68.80 27.82
CA ASP CA 69 -27.08 -69.40 28.30
C ASP CA 69 -26.20 -69.93 27.17
N SER CA 70 -26.54 -69.58 25.94
CA SER CA 70 -25.75 -69.99 24.78
C SER CA 70 -24.97 -68.82 24.16
N TYR CA 71 -23.96 -69.15 23.36
CA TYR CA 71 -23.11 -68.14 22.72
C TYR CA 71 -22.96 -68.43 21.22
N ARG CA 72 -22.95 -67.35 20.43
CA ARG CA 72 -22.90 -67.46 18.98
C ARG CA 72 -21.45 -67.48 18.48
N SER CA 73 -21.12 -68.47 17.65
CA SER CA 73 -19.80 -68.51 17.02
C SER CA 73 -19.78 -67.56 15.82
N PRO CA 74 -18.71 -66.76 15.68
CA PRO CA 74 -18.64 -65.87 14.52
C PRO CA 74 -18.29 -66.64 13.27
N TRP CA 75 -17.87 -67.90 13.42
CA TRP CA 75 -17.42 -68.67 12.26
C TRP CA 75 -18.56 -69.47 11.65
N SER CA 76 -19.34 -70.14 12.48
CA SER CA 76 -20.42 -70.98 11.99
C SER CA 76 -21.76 -70.26 12.10
N ASN CA 77 -21.76 -69.11 12.76
CA ASN CA 77 -22.97 -68.34 12.98
C ASN CA 77 -24.06 -69.16 13.67
N LYS CA 78 -23.65 -70.10 14.52
CA LYS CA 78 -24.60 -70.93 15.26
C LYS CA 78 -24.38 -70.78 16.75
N TYR CA 79 -25.45 -70.93 17.53
CA TYR CA 79 -25.33 -70.88 18.98
C TYR CA 79 -24.95 -72.23 19.57
N ASP CA 80 -24.19 -72.19 20.65
CA ASP CA 80 -23.85 -73.38 21.43
C ASP CA 80 -23.98 -73.00 22.90
N PRO CA 81 -24.86 -73.68 23.66
CA PRO CA 81 -25.78 -74.73 23.21
C PRO CA 81 -26.77 -74.24 22.16
N PRO CA 82 -27.17 -75.11 21.23
CA PRO CA 82 -28.06 -74.71 20.13
C PRO CA 82 -29.30 -73.98 20.64
N LEU CA 83 -29.92 -73.16 19.78
CA LEU CA 83 -31.05 -72.35 20.19
C LEU CA 83 -32.09 -72.34 19.08
N GLU CA 84 -33.36 -72.31 19.45
CA GLU CA 84 -34.44 -72.36 18.46
C GLU CA 84 -34.61 -71.02 17.77
N ASP CA 85 -34.40 -69.94 18.51
CA ASP CA 85 -34.61 -68.60 17.98
C ASP CA 85 -33.58 -67.62 18.54
N GLY CA 86 -32.33 -68.06 18.60
CA GLY CA 86 -31.25 -67.20 19.05
C GLY CA 86 -31.19 -65.95 18.20
N ALA CA 87 -30.76 -64.84 18.80
CA ALA CA 87 -30.66 -63.59 18.06
C ALA CA 87 -29.55 -63.67 17.01
N MET CA 88 -29.92 -63.44 15.75
CA MET CA 88 -28.98 -63.50 14.64
C MET CA 88 -28.87 -62.14 13.95
N PRO CA 89 -27.74 -61.87 13.31
CA PRO CA 89 -27.63 -60.67 12.46
C PRO CA 89 -28.33 -60.84 11.14
N SER CA 90 -28.79 -59.73 10.55
CA SER CA 90 -29.45 -59.80 9.26
C SER CA 90 -28.44 -60.37 8.28
N ALA CA 91 -28.92 -60.72 7.08
CA ALA CA 91 -28.02 -61.26 6.06
C ALA CA 91 -26.94 -60.25 5.70
N ARG CA 92 -27.34 -58.99 5.54
CA ARG CA 92 -26.42 -57.92 5.16
C ARG CA 92 -25.33 -57.81 6.20
N LEU CA 93 -25.75 -57.68 7.46
CA LEU CA 93 -24.83 -57.47 8.56
C LEU CA 93 -23.98 -58.72 8.80
N ARG CA 94 -24.53 -59.89 8.53
CA ARG CA 94 -23.75 -61.11 8.70
C ARG CA 94 -22.59 -61.14 7.68
N LYS CA 95 -22.87 -60.75 6.46
CA LYS CA 95 -21.82 -60.67 5.45
C LYS CA 95 -20.71 -59.71 5.87
N LEU CA 96 -21.09 -58.58 6.45
CA LEU CA 96 -20.10 -57.63 6.96
C LEU CA 96 -19.35 -58.21 8.14
N GLU CA 97 -20.05 -58.99 8.95
CA GLU CA 97 -19.45 -59.59 10.15
C GLU CA 97 -18.38 -60.61 9.77
N VAL CA 98 -18.66 -61.43 8.77
CA VAL CA 98 -17.68 -62.38 8.26
C VAL CA 98 -16.46 -61.64 7.72
N GLU CA 99 -16.72 -60.53 7.02
CA GLU CA 99 -15.67 -59.69 6.48
C GLU CA 99 -14.79 -59.17 7.61
N ALA CA 100 -15.44 -58.65 8.64
CA ALA CA 100 -14.75 -58.03 9.75
C ALA CA 100 -13.94 -59.07 10.51
N ASN CA 101 -14.49 -60.26 10.69
CA ASN CA 101 -13.76 -61.33 11.36
C ASN CA 101 -12.49 -61.74 10.62
N ASN CA 102 -12.57 -61.80 9.30
CA ASN CA 102 -11.42 -62.09 8.46
C ASN CA 102 -10.37 -61.01 8.59
N ALA CA 103 -10.82 -59.76 8.55
CA ALA CA 103 -9.89 -58.64 8.65
C ALA CA 103 -9.22 -58.55 10.00
N PHE CA 104 -9.99 -58.73 11.08
CA PHE CA 104 -9.41 -58.61 12.42
C PHE CA 104 -8.63 -59.83 12.85
N ASP CA 105 -8.87 -60.95 12.17
CA ASP CA 105 -8.02 -62.13 12.33
C ASP CA 105 -6.60 -61.81 11.84
N GLN CA 106 -6.50 -61.10 10.73
CA GLN CA 106 -5.19 -60.71 10.22
C GLN CA 106 -4.54 -59.63 11.08
N TYR CA 107 -5.35 -58.71 11.55
CA TYR CA 107 -4.92 -57.70 12.50
C TYR CA 107 -4.34 -58.37 13.73
N ARG CA 108 -5.08 -59.35 14.26
CA ARG CA 108 -4.66 -60.12 15.42
C ARG CA 108 -3.30 -60.73 15.16
N ASP CA 109 -3.16 -61.45 14.05
CA ASP CA 109 -1.88 -62.10 13.74
C ASP CA 109 -0.76 -61.06 13.62
N LEU CA 110 -1.05 -59.93 12.99
CA LEU CA 110 -0.01 -58.91 12.78
C LEU CA 110 0.49 -58.27 14.05
N TYR CA 111 -0.40 -58.02 15.02
CA TYR CA 111 -0.02 -57.32 16.23
C TYR CA 111 0.26 -58.26 17.41
N PHE CA 112 -0.43 -59.39 17.45
CA PHE CA 112 -0.34 -60.27 18.60
C PHE CA 112 0.39 -61.56 18.31
N GLU CA 113 0.52 -61.92 17.04
CA GLU CA 113 1.30 -63.10 16.67
C GLU CA 113 0.82 -64.34 17.43
N GLY CA 114 -0.49 -64.46 17.56
CA GLY CA 114 -1.11 -65.55 18.31
C GLY CA 114 -2.42 -65.10 18.91
N GLY CA 115 -2.85 -65.73 19.99
CA GLY CA 115 -4.12 -65.43 20.63
C GLY CA 115 -5.31 -65.73 19.74
N VAL CA 116 -6.48 -65.22 20.14
CA VAL CA 116 -7.73 -65.45 19.43
C VAL CA 116 -8.47 -64.13 19.24
N SER CA 117 -9.23 -64.04 18.15
CA SER CA 117 -10.04 -62.85 17.91
C SER CA 117 -11.46 -63.24 17.55
N SER CA 118 -12.39 -62.31 17.73
CA SER CA 118 -13.79 -62.49 17.34
C SER CA 118 -14.40 -61.12 17.16
N VAL CA 119 -15.31 -61.01 16.19
CA VAL CA 119 -16.05 -59.78 15.93
C VAL CA 119 -17.53 -60.16 15.85
N TYR CA 120 -18.36 -59.49 16.64
CA TYR CA 120 -19.82 -59.65 16.57
C TYR CA 120 -20.47 -58.31 16.29
N LEU CA 121 -21.36 -58.28 15.29
CA LEU CA 121 -22.07 -57.07 14.89
C LEU CA 121 -23.56 -57.17 15.20
N TRP CA 122 -24.21 -56.03 15.34
CA TRP CA 122 -25.66 -56.03 15.51
C TRP CA 122 -26.27 -54.72 15.02
N ASP CA 123 -27.53 -54.80 14.62
CA ASP CA 123 -28.24 -53.68 14.01
C ASP CA 123 -28.58 -52.58 14.99
N LEU CA 124 -28.53 -51.35 14.51
CA LEU CA 124 -29.02 -50.21 15.27
C LEU CA 124 -30.03 -49.50 14.43
N ASP CA 125 -30.70 -48.53 15.04
CA ASP CA 125 -31.69 -47.75 14.31
C ASP CA 125 -31.09 -47.14 13.04
N HIS CA 126 -30.03 -46.35 13.19
CA HIS CA 126 -29.53 -45.57 12.05
C HIS CA 126 -28.15 -46.03 11.61
N GLY CA 127 -27.89 -47.31 11.83
CA GLY CA 127 -26.58 -47.87 11.49
C GLY CA 127 -26.41 -49.23 12.11
N PHE CA 128 -25.28 -49.44 12.75
CA PHE CA 128 -25.01 -50.72 13.39
C PHE CA 128 -23.93 -50.54 14.43
N ALA CA 129 -23.79 -51.51 15.31
CA ALA CA 129 -22.70 -51.53 16.28
C ALA CA 129 -21.95 -52.84 16.15
N GLY CA 130 -20.86 -52.96 16.88
CA GLY CA 130 -20.16 -54.22 16.95
C GLY CA 130 -19.09 -54.18 18.02
N VAL CA 131 -18.57 -55.34 18.35
CA VAL CA 131 -17.50 -55.44 19.32
C VAL CA 131 -16.40 -56.20 18.61
N ILE CA 132 -15.17 -55.74 18.78
CA ILE CA 132 -14.03 -56.46 18.28
C ILE CA 132 -13.24 -56.92 19.52
N LEU CA 133 -13.10 -58.24 19.66
CA LEU CA 133 -12.46 -58.86 20.85
C LEU CA 133 -11.15 -59.54 20.48
N ILE CA 134 -10.14 -59.34 21.31
CA ILE CA 134 -8.88 -60.02 21.12
C ILE CA 134 -8.41 -60.56 22.48
N LYS CA 135 -7.99 -61.82 22.49
CA LYS CA 135 -7.54 -62.47 23.71
C LYS CA 135 -6.18 -63.08 23.48
N LYS CA 136 -5.19 -62.69 24.28
CA LYS CA 136 -3.84 -63.23 24.12
C LYS CA 136 -3.23 -63.59 25.47
N ALA CA 137 -2.83 -64.84 25.61
CA ALA CA 137 -2.16 -65.32 26.83
C ALA CA 137 -0.66 -65.28 26.69
N GLY CA 138 0.03 -64.92 27.77
CA GLY CA 138 1.49 -64.91 27.79
C GLY CA 138 2.02 -66.34 27.79
N ASP CA 139 3.25 -66.55 27.34
CA ASP CA 139 3.82 -67.90 27.26
C ASP CA 139 4.34 -68.37 28.60
N GLY CA 140 4.22 -67.53 29.62
CA GLY CA 140 4.59 -67.90 30.99
C GLY CA 140 6.06 -67.81 31.31
N SER CA 141 6.84 -67.20 30.42
CA SER CA 141 8.28 -67.09 30.60
C SER CA 141 8.66 -66.46 31.94
N LYS CA 142 9.85 -66.80 32.44
CA LYS CA 142 10.39 -66.18 33.64
C LYS CA 142 9.37 -66.23 34.80
N LYS CA 143 8.52 -67.26 34.79
CA LYS CA 143 7.58 -67.51 35.88
C LYS CA 143 6.54 -66.39 36.04
N ILE CA 144 6.27 -65.66 34.96
CA ILE CA 144 5.23 -64.63 35.00
C ILE CA 144 4.06 -65.10 34.12
N LYS CA 145 2.87 -65.19 34.71
CA LYS CA 145 1.67 -65.43 33.93
C LYS CA 145 1.05 -64.11 33.50
N GLY CA 146 0.73 -63.99 32.21
CA GLY CA 146 0.20 -62.75 31.67
C GLY CA 146 -0.98 -63.00 30.76
N CYS CA 147 -1.92 -62.06 30.75
CA CYS CA 147 -3.04 -62.14 29.82
C CYS CA 147 -3.46 -60.75 29.38
N TRP CA 148 -3.82 -60.63 28.10
CA TRP CA 148 -4.27 -59.36 27.51
C TRP CA 148 -5.64 -59.56 26.88
N ASP CA 149 -6.64 -58.78 27.29
CA ASP CA 149 -7.97 -58.74 26.67
C ASP CA 149 -8.24 -57.37 26.02
N SER CA 150 -8.63 -57.38 24.75
CA SER CA 150 -9.18 -56.20 24.09
C SER CA 150 -10.68 -56.34 23.87
N ILE CA 151 -11.42 -55.32 24.28
CA ILE CA 151 -12.84 -55.21 24.05
C ILE CA 151 -13.09 -53.84 23.41
N HIS CA 152 -13.23 -53.83 22.09
CA HIS CA 152 -13.49 -52.60 21.34
C HIS CA 152 -14.94 -52.59 20.87
N VAL CA 153 -15.74 -51.68 21.43
CA VAL CA 153 -17.14 -51.59 21.08
C VAL CA 153 -17.33 -50.35 20.23
N VAL CA 154 -17.87 -50.54 19.02
CA VAL CA 154 -18.02 -49.44 18.08
C VAL CA 154 -19.49 -49.23 17.69
N GLU CA 155 -19.89 -47.96 17.68
CA GLU CA 155 -21.21 -47.58 17.21
C GLU CA 155 -21.08 -46.78 15.92
N VAL CA 156 -21.80 -47.19 14.90
CA VAL CA 156 -21.71 -46.56 13.59
C VAL CA 156 -23.06 -45.97 13.20
N GLN CA 157 -23.10 -44.66 12.98
CA GLN CA 157 -24.32 -44.01 12.50
C GLN CA 157 -24.17 -43.65 11.03
N GLU CA 158 -24.92 -44.33 10.18
CA GLU CA 158 -24.76 -44.22 8.72
C GLU CA 158 -25.55 -43.04 8.17
N ARG CA 163 -22.35 -42.33 2.34
CA ARG CA 163 -21.51 -41.17 1.99
C ARG CA 163 -20.42 -40.91 3.04
N THR CA 164 -20.84 -40.60 4.25
CA THR CA 164 -19.92 -40.51 5.39
C THR CA 164 -20.65 -41.13 6.56
N ALA CA 165 -19.92 -41.43 7.61
CA ALA CA 165 -20.55 -41.97 8.80
C ALA CA 165 -19.88 -41.42 10.03
N HIS CA 166 -20.60 -41.47 11.15
CA HIS CA 166 -20.02 -41.09 12.43
C HIS CA 166 -19.68 -42.35 13.20
N TYR CA 167 -18.44 -42.43 13.70
CA TYR CA 167 -18.02 -43.58 14.49
C TYR CA 167 -17.75 -43.21 15.92
N LYS CA 168 -18.28 -44.00 16.83
CA LYS CA 168 -17.97 -43.83 18.24
C LYS CA 168 -17.37 -45.12 18.74
N LEU CA 169 -16.16 -45.05 19.31
CA LEU CA 169 -15.44 -46.23 19.75
C LEU CA 169 -15.13 -46.13 21.25
N THR CA 170 -15.58 -47.13 22.01
CA THR CA 170 -15.28 -47.24 23.44
C THR CA 170 -14.46 -48.51 23.65
N SER CA 171 -13.20 -48.35 24.05
CA SER CA 171 -12.30 -49.48 24.11
C SER CA 171 -11.78 -49.70 25.52
N THR CA 172 -11.89 -50.95 25.97
CA THR CA 172 -11.33 -51.36 27.24
C THR CA 172 -10.23 -52.35 26.91
N VAL CA 173 -9.08 -52.19 27.52
CA VAL CA 173 -8.07 -53.24 27.49
C VAL CA 173 -7.82 -53.70 28.93
N MET CA 174 -7.85 -55.00 29.13
CA MET CA 174 -7.52 -55.59 30.41
C MET CA 174 -6.16 -56.24 30.34
N LEU CA 175 -5.37 -56.08 31.41
CA LEU CA 175 -4.00 -56.56 31.41
C LEU CA 175 -3.77 -57.18 32.78
N TRP CA 176 -3.39 -58.45 32.77
CA TRP CA 176 -3.21 -59.21 34.00
C TRP CA 176 -1.81 -59.76 34.05
N LEU CA 177 -1.09 -59.49 35.14
CA LEU CA 177 0.25 -59.99 35.34
C LEU CA 177 0.37 -60.58 36.74
N GLN CA 178 0.92 -61.78 36.84
CA GLN CA 178 0.97 -62.49 38.12
C GLN CA 178 2.19 -63.39 38.18
N THR CA 179 2.82 -63.43 39.33
CA THR CA 179 3.94 -64.33 39.57
C THR CA 179 3.98 -64.71 41.03
N ASN CA 180 4.53 -65.91 41.28
CA ASN CA 180 4.62 -66.47 42.63
C ASN CA 180 6.05 -66.84 43.01
N LYS CA 181 7.00 -65.98 42.65
CA LYS CA 181 8.40 -66.18 43.04
C LYS CA 181 8.57 -65.97 44.54
N THR CA 182 9.56 -66.66 45.12
CA THR CA 182 9.80 -66.56 46.56
C THR CA 182 10.25 -65.15 46.93
N GLY CA 183 10.29 -64.28 45.92
CA GLY CA 183 10.81 -62.93 46.02
C GLY CA 183 10.49 -62.10 47.25
N SER CA 184 9.36 -61.40 47.30
CA SER CA 184 8.29 -61.29 46.29
C SER CA 184 6.98 -61.91 46.76
N GLY CA 185 7.03 -63.15 47.23
CA GLY CA 185 5.82 -63.90 47.53
C GLY CA 185 4.84 -63.75 46.38
N THR CA 186 3.54 -63.75 46.69
CA THR CA 186 2.53 -63.57 45.66
C THR CA 186 2.52 -62.13 45.15
N MET CA 187 2.61 -61.95 43.84
CA MET CA 187 2.46 -60.62 43.25
C MET CA 187 1.46 -60.61 42.10
N ASN CA 188 0.43 -59.78 42.24
CA ASN CA 188 -0.56 -59.68 41.20
C ASN CA 188 -0.78 -58.21 40.80
N LEU CA 189 -0.58 -57.93 39.52
CA LEU CA 189 -0.74 -56.59 38.95
C LEU CA 189 -1.70 -56.74 37.79
N GLY CA 190 -2.92 -56.23 37.97
CA GLY CA 190 -3.94 -56.42 36.95
C GLY CA 190 -5.08 -55.43 37.03
N GLY CA 191 -5.95 -55.50 36.02
CA GLY CA 191 -7.06 -54.58 35.91
C GLY CA 191 -7.25 -54.15 34.46
N SER CA 192 -7.79 -52.97 34.25
CA SER CA 192 -8.12 -52.52 32.91
C SER CA 192 -8.15 -51.00 32.83
N LEU CA 193 -8.04 -50.50 31.60
CA LEU CA 193 -8.20 -49.09 31.28
C LEU CA 193 -9.25 -48.97 30.19
N THR CA 194 -10.04 -47.91 30.23
CA THR CA 194 -11.04 -47.68 29.19
C THR CA 194 -10.82 -46.32 28.57
N ARG CA 195 -10.92 -46.23 27.25
CA ARG CA 195 -10.84 -44.96 26.55
C ARG CA 195 -11.88 -44.88 25.45
N GLN CA 196 -12.19 -43.66 25.04
CA GLN CA 196 -13.23 -43.44 24.04
C GLN CA 196 -12.80 -42.36 23.05
N MET CA 197 -13.15 -42.55 21.77
CA MET CA 197 -12.81 -41.66 20.66
C MET CA 197 -14.06 -41.53 19.81
N GLU CA 198 -14.25 -40.39 19.15
CA GLU CA 198 -15.32 -40.22 18.16
C GLU CA 198 -14.74 -39.57 16.91
N LYS CA 199 -15.40 -39.79 15.77
CA LYS CA 199 -14.85 -39.28 14.51
C LYS CA 199 -15.83 -39.48 13.38
N ASP CA 200 -15.89 -38.51 12.47
CA ASP CA 200 -16.59 -38.67 11.21
C ASP CA 200 -15.56 -39.09 10.19
N GLU CA 201 -15.92 -40.01 9.31
CA GLU CA 201 -15.04 -40.34 8.20
C GLU CA 201 -15.82 -40.68 6.95
N THR CA 202 -15.20 -40.47 5.81
CA THR CA 202 -15.84 -40.78 4.55
C THR CA 202 -15.94 -42.29 4.39
N VAL CA 203 -17.03 -42.73 3.75
CA VAL CA 203 -17.24 -44.13 3.43
C VAL CA 203 -17.23 -44.26 1.91
N SER CA 204 -16.42 -45.18 1.39
CA SER CA 204 -16.26 -45.25 -0.07
C SER CA 204 -15.63 -46.56 -0.46
N ASP CA 205 -15.45 -46.75 -1.76
CA ASP CA 205 -14.79 -47.94 -2.29
C ASP CA 205 -13.45 -48.16 -1.63
N SER CA 206 -12.64 -47.12 -1.66
CA SER CA 206 -11.31 -47.16 -1.04
C SER CA 206 -11.34 -47.10 0.49
N SER CA 207 -12.44 -46.58 1.04
CA SER CA 207 -12.54 -46.44 2.50
C SER CA 207 -13.89 -46.95 3.04
N PRO CA 208 -14.07 -48.28 3.02
CA PRO CA 208 -15.29 -48.91 3.55
C PRO CA 208 -15.34 -48.97 5.07
N HIS CA 209 -16.52 -49.27 5.59
CA HIS CA 209 -16.70 -49.30 7.03
C HIS CA 209 -15.61 -50.06 7.75
N ILE CA 210 -15.23 -51.22 7.21
CA ILE CA 210 -14.27 -52.08 7.92
C ILE CA 210 -12.90 -51.41 8.00
N ALA CA 211 -12.52 -50.70 6.93
CA ALA CA 211 -11.28 -49.93 6.95
C ALA CA 211 -11.38 -48.80 7.98
N ASN CA 212 -12.49 -48.07 7.97
CA ASN CA 212 -12.66 -46.99 8.95
C ASN CA 212 -12.57 -47.48 10.40
N ILE CA 213 -13.32 -48.53 10.73
CA ILE CA 213 -13.27 -49.10 12.06
C ILE CA 213 -11.87 -49.64 12.36
N GLY CA 214 -11.26 -50.27 11.38
CA GLY CA 214 -9.94 -50.84 11.50
C GLY CA 214 -8.95 -49.81 11.99
N ARG CA 215 -8.81 -48.71 11.25
CA ARG CA 215 -7.88 -47.66 11.63
C ARG CA 215 -8.18 -47.11 13.02
N LEU CA 216 -9.46 -46.91 13.33
CA LEU CA 216 -9.87 -46.47 14.67
C LEU CA 216 -9.41 -47.41 15.78
N VAL CA 217 -9.67 -48.70 15.60
CA VAL CA 217 -9.27 -49.70 16.58
C VAL CA 217 -7.75 -49.74 16.75
N GLU CA 218 -7.03 -49.71 15.63
CA GLU CA 218 -5.58 -49.72 15.63
C GLU CA 218 -5.00 -48.50 16.36
N ASP CA 219 -5.41 -47.30 15.95
CA ASP CA 219 -5.00 -46.07 16.63
C ASP CA 219 -5.29 -46.14 18.11
N MET CA 220 -6.50 -46.54 18.45
CA MET CA 220 -6.88 -46.65 19.86
C MET CA 220 -5.99 -47.62 20.61
N GLU CA 221 -5.76 -48.78 20.01
CA GLU CA 221 -5.09 -49.85 20.74
C GLU CA 221 -3.62 -49.53 20.91
N ASN CA 222 -3.00 -48.96 19.88
CA ASN CA 222 -1.62 -48.51 19.99
C ASN CA 222 -1.44 -47.49 21.11
N LYS CA 223 -2.34 -46.51 21.17
CA LYS CA 223 -2.38 -45.56 22.27
C LYS CA 223 -2.50 -46.22 23.67
N ILE CA 224 -3.49 -47.09 23.83
CA ILE CA 224 -3.71 -47.76 25.11
C ILE CA 224 -2.50 -48.62 25.50
N ARG CA 225 -1.89 -49.28 24.52
CA ARG CA 225 -0.73 -50.11 24.83
C ARG CA 225 0.34 -49.23 25.51
N SER CA 226 0.56 -48.05 24.95
CA SER CA 226 1.54 -47.12 25.49
C SER CA 226 1.14 -46.65 26.88
N THR CA 227 -0.16 -46.41 27.07
CA THR CA 227 -0.67 -45.93 28.35
C THR CA 227 -0.59 -47.01 29.44
N LEU CA 228 -0.89 -48.25 29.06
CA LEU CA 228 -0.73 -49.37 29.99
C LEU CA 228 0.71 -49.46 30.48
N ASN CA 229 1.65 -49.31 29.55
CA ASN CA 229 3.07 -49.34 29.89
C ASN CA 229 3.40 -48.25 30.91
N GLU CA 230 2.90 -47.05 30.66
CA GLU CA 230 3.11 -45.93 31.58
C GLU CA 230 2.47 -46.15 32.95
N ILE CA 231 1.22 -46.63 32.96
CA ILE CA 231 0.48 -46.78 34.20
C ILE CA 231 0.95 -47.97 35.04
N TYR CA 232 1.10 -49.12 34.39
CA TYR CA 232 1.46 -50.34 35.12
C TYR CA 232 2.87 -50.28 35.60
N PHE CA 233 3.78 -49.89 34.70
CA PHE CA 233 5.20 -50.01 35.01
C PHE CA 233 5.85 -48.69 35.40
N GLY CA 234 5.15 -47.59 35.16
CA GLY CA 234 5.61 -46.28 35.60
C GLY CA 234 4.87 -45.81 36.84
N LYS CA 235 3.58 -45.52 36.70
CA LYS CA 235 2.79 -44.95 37.79
C LYS CA 235 2.63 -45.84 39.06
N THR CA 236 2.19 -47.10 38.90
CA THR CA 236 2.00 -47.93 40.09
C THR CA 236 3.33 -48.21 40.79
N LYS CA 237 4.41 -48.40 40.02
CA LYS CA 237 5.75 -48.59 40.58
C LYS CA 237 6.22 -47.35 41.35
N ASP CA 238 6.01 -46.16 40.80
CA ASP CA 238 6.36 -44.92 41.50
C ASP CA 238 5.61 -44.84 42.85
N ILE CA 239 4.35 -45.27 42.84
CA ILE CA 239 3.55 -45.25 44.05
C ILE CA 239 4.18 -46.18 45.09
N VAL CA 240 4.50 -47.41 44.69
CA VAL CA 240 5.18 -48.36 45.57
C VAL CA 240 6.47 -47.77 46.15
N ASN CA 241 7.30 -47.21 45.27
CA ASN CA 241 8.58 -46.63 45.70
C ASN CA 241 8.44 -45.51 46.72
N GLY CA 242 7.28 -44.86 46.75
CA GLY CA 242 7.05 -43.79 47.70
C GLY CA 242 6.29 -44.21 48.94
N LEU CA 243 5.95 -45.49 49.04
CA LEU CA 243 5.21 -45.98 50.16
C LEU CA 243 5.93 -45.87 51.48
N ARG CA 244 7.18 -46.30 51.56
CA ARG CA 244 7.99 -46.78 50.45
C ARG CA 244 8.06 -48.28 50.34
N VAL DA 1 -25.60 -44.42 66.04
CA VAL DA 1 -24.66 -44.20 64.95
C VAL DA 1 -25.39 -43.69 63.70
N ASN DA 2 -24.78 -42.73 63.01
CA ASN DA 2 -25.40 -42.13 61.83
C ASN DA 2 -24.63 -42.47 60.55
N PHE DA 3 -25.36 -42.77 59.48
CA PHE DA 3 -24.72 -43.15 58.22
C PHE DA 3 -24.54 -41.96 57.28
N ASP DA 4 -25.45 -40.99 57.35
CA ASP DA 4 -25.33 -39.77 56.53
C ASP DA 4 -24.07 -39.04 56.96
N ASP DA 5 -23.56 -39.48 58.11
CA ASP DA 5 -22.29 -39.03 58.65
C ASP DA 5 -21.15 -39.31 57.67
N ILE DA 6 -21.13 -40.53 57.15
CA ILE DA 6 -20.08 -40.98 56.25
C ILE DA 6 -20.24 -40.42 54.85
N ALA DA 7 -19.37 -39.49 54.49
CA ALA DA 7 -19.37 -38.91 53.17
C ALA DA 7 -17.99 -39.08 52.56
N SER DA 8 -17.90 -39.27 51.24
CA SER DA 8 -19.03 -39.40 50.33
C SER DA 8 -18.48 -39.68 48.95
N SER DA 9 -18.93 -40.77 48.35
CA SER DA 9 -18.57 -41.10 46.99
C SER DA 9 -19.29 -40.19 46.01
N GLU DA 10 -18.63 -39.13 45.56
CA GLU DA 10 -19.11 -38.46 44.34
C GLU DA 10 -18.58 -39.34 43.22
N ASN DA 11 -19.48 -40.06 42.57
CA ASN DA 11 -19.09 -41.14 41.67
C ASN DA 11 -18.13 -40.73 40.55
N LEU DA 12 -17.30 -41.68 40.16
CA LEU DA 12 -16.42 -41.52 39.01
C LEU DA 12 -17.26 -41.54 37.75
N LEU DA 13 -16.69 -41.07 36.65
CA LEU DA 13 -17.37 -41.12 35.37
C LEU DA 13 -17.23 -42.52 34.76
N HIS DA 14 -18.30 -43.03 34.16
CA HIS DA 14 -18.33 -44.41 33.67
C HIS DA 14 -18.45 -44.50 32.16
N LEU DA 15 -17.32 -44.75 31.49
CA LEU DA 15 -17.30 -44.74 30.02
C LEU DA 15 -18.09 -45.90 29.41
N THR DA 16 -18.20 -47.01 30.14
CA THR DA 16 -18.88 -48.17 29.59
C THR DA 16 -20.40 -48.01 29.63
N ALA DA 17 -20.88 -47.06 30.41
CA ALA DA 17 -22.33 -46.89 30.59
C ALA DA 17 -23.06 -46.51 29.28
N ASN DA 18 -22.37 -45.84 28.37
CA ASN DA 18 -23.01 -45.29 27.17
C ASN DA 18 -22.74 -46.01 25.85
N ARG DA 19 -22.11 -47.18 25.90
CA ARG DA 19 -21.87 -47.97 24.70
C ARG DA 19 -23.18 -48.48 24.10
N PRO DA 20 -23.21 -48.72 22.78
CA PRO DA 20 -24.40 -49.23 22.11
C PRO DA 20 -24.92 -50.49 22.80
N LYS DA 21 -26.21 -50.53 23.04
CA LYS DA 21 -26.80 -51.68 23.71
C LYS DA 21 -27.47 -52.57 22.68
N MET DA 22 -27.47 -53.87 22.96
CA MET DA 22 -28.19 -54.81 22.12
C MET DA 22 -29.36 -55.31 22.95
N PRO DA 23 -30.50 -54.63 22.84
CA PRO DA 23 -31.66 -54.92 23.66
C PRO DA 23 -32.32 -56.25 23.30
N GLY DA 24 -33.14 -56.76 24.20
CA GLY DA 24 -34.00 -57.90 23.88
C GLY DA 24 -33.23 -59.19 23.71
N ARG DA 25 -32.50 -59.56 24.74
CA ARG DA 25 -31.86 -60.86 24.77
C ARG DA 25 -32.23 -61.54 26.06
N ARG DA 26 -32.41 -62.86 26.01
CA ARG DA 26 -32.74 -63.62 27.20
C ARG DA 26 -31.57 -63.55 28.17
N LEU DA 27 -31.89 -63.41 29.45
CA LEU DA 27 -30.89 -63.43 30.50
C LEU DA 27 -30.42 -64.86 30.69
N PRO DA 28 -29.27 -65.07 31.35
CA PRO DA 28 -28.95 -66.44 31.77
C PRO DA 28 -29.90 -66.87 32.89
N GLY DA 29 -30.06 -68.17 33.13
CA GLY DA 29 -30.87 -68.63 34.24
C GLY DA 29 -30.23 -68.33 35.58
N VAL EA 8 11.97 -91.43 83.66
CA VAL EA 8 13.00 -91.14 84.64
C VAL EA 8 12.38 -90.55 85.90
N SER EA 9 12.77 -91.05 87.05
CA SER EA 9 12.18 -90.64 88.31
C SER EA 9 12.83 -89.40 88.86
N ASP EA 10 12.14 -88.73 89.77
CA ASP EA 10 12.69 -87.56 90.41
C ASP EA 10 13.96 -87.92 91.17
N GLU EA 11 14.00 -89.11 91.75
CA GLU EA 11 15.19 -89.53 92.50
C GLU EA 11 16.39 -89.70 91.58
N GLU EA 12 16.15 -90.29 90.41
CA GLU EA 12 17.20 -90.44 89.41
C GLU EA 12 17.60 -89.07 88.83
N LYS EA 13 16.62 -88.18 88.65
CA LYS EA 13 16.92 -86.86 88.11
C LYS EA 13 17.83 -86.09 89.06
N VAL EA 14 17.52 -86.14 90.36
CA VAL EA 14 18.33 -85.39 91.31
C VAL EA 14 19.71 -86.03 91.56
N ARG EA 15 19.81 -87.35 91.42
CA ARG EA 15 21.12 -88.00 91.46
C ARG EA 15 22.01 -87.48 90.33
N ILE EA 16 21.45 -87.41 89.13
CA ILE EA 16 22.13 -86.83 87.97
C ILE EA 16 22.49 -85.38 88.21
N ALA EA 17 21.56 -84.60 88.75
CA ALA EA 17 21.84 -83.19 89.05
C ALA EA 17 23.03 -83.07 90.03
N ALA EA 18 23.01 -83.87 91.09
CA ALA EA 18 24.11 -83.88 92.05
C ALA EA 18 25.45 -84.26 91.41
N LYS EA 19 25.44 -85.30 90.59
CA LYS EA 19 26.62 -85.70 89.83
C LYS EA 19 27.20 -84.57 88.98
N PHE EA 20 26.34 -83.91 88.20
CA PHE EA 20 26.77 -82.79 87.38
C PHE EA 20 27.42 -81.72 88.25
N ILE EA 21 26.73 -81.35 89.31
CA ILE EA 21 27.23 -80.30 90.20
C ILE EA 21 28.61 -80.66 90.73
N THR EA 22 28.80 -81.93 91.05
CA THR EA 22 30.08 -82.32 91.60
C THR EA 22 31.14 -82.42 90.51
N HIS EA 23 30.72 -82.33 89.26
CA HIS EA 23 31.69 -82.42 88.16
C HIS EA 23 31.98 -81.09 87.49
N ALA EA 24 31.56 -80.01 88.11
CA ALA EA 24 31.90 -78.68 87.66
C ALA EA 24 33.41 -78.52 87.57
N PRO EA 25 33.92 -77.93 86.48
CA PRO EA 25 35.37 -77.63 86.37
C PRO EA 25 35.75 -76.53 87.33
N PRO EA 26 37.05 -76.32 87.56
CA PRO EA 26 37.50 -75.35 88.56
C PRO EA 26 37.08 -73.94 88.20
N GLY EA 27 36.60 -73.19 89.18
CA GLY EA 27 36.16 -71.83 88.95
C GLY EA 27 34.81 -71.66 88.27
N GLU EA 28 34.13 -72.76 87.94
CA GLU EA 28 32.85 -72.65 87.25
C GLU EA 28 31.70 -73.29 88.03
N PHE EA 29 31.86 -73.41 89.35
CA PHE EA 29 30.82 -74.05 90.15
C PHE EA 29 29.47 -73.38 89.98
N ASN EA 30 29.44 -72.05 90.03
CA ASN EA 30 28.19 -71.31 89.96
C ASN EA 30 27.44 -71.49 88.64
N GLU EA 31 28.18 -71.48 87.54
CA GLU EA 31 27.57 -71.63 86.23
C GLU EA 31 26.93 -73.01 86.12
N VAL EA 32 27.67 -74.02 86.55
CA VAL EA 32 27.16 -75.38 86.47
C VAL EA 32 25.97 -75.57 87.42
N PHE EA 33 26.11 -75.07 88.63
CA PHE EA 33 25.00 -75.12 89.56
C PHE EA 33 23.72 -74.49 88.98
N ASN EA 34 23.84 -73.30 88.41
CA ASN EA 34 22.67 -72.62 87.86
C ASN EA 34 22.04 -73.38 86.72
N ASP EA 35 22.87 -73.93 85.82
CA ASP EA 35 22.35 -74.74 84.73
C ASP EA 35 21.51 -75.88 85.28
N VAL EA 36 22.11 -76.66 86.18
CA VAL EA 36 21.43 -77.80 86.76
C VAL EA 36 20.17 -77.40 87.50
N ARG EA 37 20.23 -76.29 88.24
CA ARG EA 37 19.06 -75.82 88.96
C ARG EA 37 17.89 -75.52 88.01
N LEU EA 38 18.17 -74.88 86.88
CA LEU EA 38 17.11 -74.56 85.92
C LEU EA 38 16.61 -75.80 85.18
N LEU EA 39 17.50 -76.76 84.93
CA LEU EA 39 17.11 -77.98 84.26
C LEU EA 39 16.23 -78.86 85.14
N LEU EA 40 16.57 -78.97 86.42
CA LEU EA 40 15.80 -79.77 87.37
C LEU EA 40 14.45 -79.11 87.63
N ASN EA 41 14.46 -77.78 87.67
CA ASN EA 41 13.26 -76.98 87.88
C ASN EA 41 12.45 -77.45 89.09
N ASN EA 42 13.13 -77.69 90.20
CA ASN EA 42 12.49 -78.16 91.41
C ASN EA 42 13.39 -77.93 92.60
N ASP EA 43 13.34 -76.72 93.13
CA ASP EA 43 14.24 -76.33 94.21
C ASP EA 43 14.15 -77.24 95.43
N ASN EA 44 12.94 -77.68 95.78
CA ASN EA 44 12.78 -78.58 96.91
C ASN EA 44 13.52 -79.89 96.69
N LEU EA 45 13.34 -80.48 95.51
CA LEU EA 45 14.02 -81.72 95.17
C LEU EA 45 15.53 -81.53 95.19
N LEU EA 46 15.99 -80.42 94.61
CA LEU EA 46 17.42 -80.12 94.62
C LEU EA 46 17.99 -79.98 96.02
N ARG EA 47 17.29 -79.23 96.86
CA ARG EA 47 17.73 -79.00 98.23
C ARG EA 47 17.90 -80.31 98.98
N GLU EA 48 16.90 -81.19 98.86
CA GLU EA 48 16.86 -82.41 99.66
C GLU EA 48 17.70 -83.55 99.09
N GLY EA 49 17.96 -83.51 97.78
CA GLY EA 49 18.66 -84.62 97.13
C GLY EA 49 20.06 -84.29 96.65
N ALA EA 50 20.44 -83.03 96.73
CA ALA EA 50 21.74 -82.62 96.23
C ALA EA 50 22.45 -81.73 97.24
N ALA EA 51 21.95 -81.75 98.46
CA ALA EA 51 22.50 -80.93 99.53
C ALA EA 51 23.97 -81.26 99.74
N HIS EA 52 24.29 -82.55 99.73
CA HIS EA 52 25.65 -83.03 99.97
C HIS EA 52 26.62 -82.51 98.92
N ALA EA 53 26.11 -82.22 97.72
CA ALA EA 53 26.93 -81.94 96.55
C ALA EA 53 27.81 -80.71 96.71
N PHE EA 54 27.35 -79.73 97.48
CA PHE EA 54 28.09 -78.49 97.62
C PHE EA 54 29.34 -78.72 98.46
N ALA EA 55 29.15 -79.36 99.61
CA ALA EA 55 30.26 -79.72 100.47
C ALA EA 55 31.24 -80.64 99.74
N GLN EA 56 30.69 -81.67 99.10
CA GLN EA 56 31.53 -82.64 98.42
C GLN EA 56 32.46 -81.97 97.45
N TYR EA 57 31.92 -81.06 96.65
CA TYR EA 57 32.69 -80.36 95.65
C TYR EA 57 33.83 -79.56 96.29
N ASN EA 58 33.48 -78.74 97.27
CA ASN EA 58 34.48 -77.89 97.94
C ASN EA 58 35.63 -78.66 98.57
N MET EA 59 35.31 -79.75 99.24
CA MET EA 59 36.36 -80.55 99.87
C MET EA 59 37.16 -81.29 98.80
N ASP EA 60 36.48 -81.64 97.71
CA ASP EA 60 37.14 -82.35 96.63
C ASP EA 60 38.13 -81.43 95.91
N GLN EA 61 37.81 -80.15 95.91
CA GLN EA 61 38.59 -79.18 95.14
C GLN EA 61 39.63 -78.46 95.99
N PHE EA 62 39.66 -78.79 97.28
CA PHE EA 62 40.57 -78.09 98.21
C PHE EA 62 40.35 -76.57 98.10
N THR EA 63 39.10 -76.16 98.15
CA THR EA 63 38.74 -74.75 98.04
C THR EA 63 39.46 -73.92 99.09
N PRO EA 64 40.32 -72.97 98.66
CA PRO EA 64 40.96 -72.14 99.68
C PRO EA 64 40.00 -71.05 100.14
N VAL EA 65 39.98 -70.75 101.43
CA VAL EA 65 39.09 -69.72 101.92
C VAL EA 65 39.83 -68.73 102.83
N LYS EA 66 39.47 -67.46 102.72
CA LYS EA 66 40.07 -66.43 103.54
C LYS EA 66 39.27 -66.23 104.83
N ILE EA 67 39.96 -66.24 105.96
CA ILE EA 67 39.32 -65.95 107.22
C ILE EA 67 39.71 -64.56 107.70
N GLU EA 68 38.72 -63.76 108.08
CA GLU EA 68 38.98 -62.40 108.54
C GLU EA 68 39.86 -62.42 109.77
N GLY EA 69 40.97 -61.69 109.71
CA GLY EA 69 41.85 -61.56 110.85
C GLY EA 69 43.03 -62.51 110.84
N TYR EA 70 43.07 -63.42 109.88
CA TYR EA 70 44.21 -64.32 109.74
C TYR EA 70 44.78 -64.23 108.33
N ASP EA 71 46.08 -63.95 108.24
CA ASP EA 71 46.74 -63.89 106.95
C ASP EA 71 46.88 -65.29 106.35
N ASP EA 72 47.10 -65.33 105.05
CA ASP EA 72 47.13 -66.60 104.34
C ASP EA 72 45.80 -67.32 104.55
N GLN EA 73 45.50 -68.29 103.69
CA GLN EA 73 44.20 -68.92 103.71
C GLN EA 73 44.31 -70.37 104.13
N VAL EA 74 43.19 -71.07 104.17
CA VAL EA 74 43.14 -72.46 104.61
C VAL EA 74 42.33 -73.26 103.60
N LEU EA 75 42.67 -74.52 103.43
CA LEU EA 75 41.97 -75.38 102.46
C LEU EA 75 40.79 -76.07 103.10
N ILE EA 76 39.64 -76.03 102.41
CA ILE EA 76 38.51 -76.86 102.79
C ILE EA 76 38.75 -78.28 102.28
N THR EA 77 38.96 -79.22 103.20
CA THR EA 77 39.18 -80.61 102.82
C THR EA 77 38.45 -81.53 103.80
N GLU EA 78 38.37 -82.80 103.43
CA GLU EA 78 37.69 -83.78 104.26
C GLU EA 78 38.37 -83.88 105.62
N HIS EA 79 39.67 -83.61 105.63
CA HIS EA 79 40.49 -83.77 106.80
C HIS EA 79 40.22 -82.67 107.82
N GLY EA 80 39.58 -81.59 107.37
CA GLY EA 80 39.30 -80.47 108.24
C GLY EA 80 37.84 -80.41 108.64
N ASP EA 81 37.05 -81.34 108.12
CA ASP EA 81 35.60 -81.34 108.35
C ASP EA 81 35.31 -81.67 109.80
N LEU EA 82 34.79 -80.69 110.52
CA LEU EA 82 34.47 -80.87 111.93
C LEU EA 82 32.98 -81.15 112.13
N GLY EA 83 32.25 -81.30 111.03
CA GLY EA 83 30.82 -81.49 111.09
C GLY EA 83 30.13 -80.21 111.53
N ASN EA 84 28.80 -80.23 111.51
CA ASN EA 84 28.03 -79.07 111.93
C ASN EA 84 28.35 -77.82 111.10
N GLY EA 85 28.96 -78.03 109.94
CA GLY EA 85 29.27 -76.95 109.02
C GLY EA 85 30.51 -76.16 109.38
N ARG EA 86 31.31 -76.71 110.30
CA ARG EA 86 32.55 -76.06 110.72
C ARG EA 86 33.77 -76.84 110.24
N PHE EA 87 34.84 -76.12 109.94
CA PHE EA 87 36.08 -76.72 109.49
C PHE EA 87 37.25 -76.28 110.36
N LEU EA 88 38.29 -77.10 110.37
CA LEU EA 88 39.46 -76.89 111.21
C LEU EA 88 40.58 -76.21 110.42
N ASP EA 89 41.16 -75.17 111.00
CA ASP EA 89 42.38 -74.58 110.49
C ASP EA 89 43.51 -74.95 111.44
N PRO EA 90 44.28 -75.99 111.10
CA PRO EA 90 45.28 -76.53 112.03
C PRO EA 90 46.44 -75.57 112.23
N ARG EA 91 46.66 -74.66 111.30
CA ARG EA 91 47.80 -73.75 111.40
C ARG EA 91 47.49 -72.64 112.40
N ASN EA 92 46.30 -72.06 112.28
CA ASN EA 92 45.90 -70.96 113.15
C ASN EA 92 45.22 -71.45 114.43
N LYS EA 93 45.08 -72.76 114.55
CA LYS EA 93 44.49 -73.38 115.74
C LYS EA 93 43.11 -72.83 116.01
N ILE EA 94 42.26 -72.93 114.99
CA ILE EA 94 40.95 -72.32 115.02
C ILE EA 94 39.96 -73.24 114.29
N SER EA 95 38.68 -73.11 114.63
CA SER EA 95 37.63 -73.69 113.80
C SER EA 95 36.84 -72.52 113.25
N PHE EA 96 36.13 -72.75 112.15
CA PHE EA 96 35.33 -71.70 111.56
C PHE EA 96 34.10 -72.28 110.90
N LYS EA 97 33.06 -71.47 110.78
CA LYS EA 97 31.87 -71.85 110.05
C LYS EA 97 32.14 -71.64 108.57
N PHE EA 98 31.67 -72.58 107.74
CA PHE EA 98 31.85 -72.44 106.30
C PHE EA 98 30.54 -72.69 105.56
N ASP EA 99 30.16 -71.70 104.75
CA ASP EA 99 28.99 -71.80 103.90
C ASP EA 99 29.43 -72.29 102.54
N HIS EA 100 29.03 -73.50 102.18
CA HIS EA 100 29.48 -74.11 100.93
C HIS EA 100 28.98 -73.42 99.66
N LEU EA 101 27.81 -72.82 99.74
CA LEU EA 101 27.22 -72.15 98.58
C LEU EA 101 27.92 -70.83 98.33
N ARG EA 102 27.96 -70.01 99.37
CA ARG EA 102 28.53 -68.67 99.27
C ARG EA 102 30.07 -68.71 99.38
N LYS EA 103 30.62 -69.88 99.71
CA LYS EA 103 32.07 -70.05 99.90
C LYS EA 103 32.67 -68.98 100.82
N GLU EA 104 32.12 -68.84 102.01
CA GLU EA 104 32.59 -67.84 102.95
C GLU EA 104 32.79 -68.43 104.34
N ALA EA 105 33.91 -68.08 104.96
CA ALA EA 105 34.18 -68.48 106.32
C ALA EA 105 33.62 -67.42 107.26
N SER EA 106 33.25 -67.84 108.47
CA SER EA 106 32.76 -66.92 109.49
C SER EA 106 32.90 -67.54 110.87
N ASP EA 107 32.87 -66.69 111.88
CA ASP EA 107 32.82 -67.14 113.27
C ASP EA 107 34.04 -67.95 113.67
N PRO EA 108 35.24 -67.40 113.47
CA PRO EA 108 36.46 -68.10 113.91
C PRO EA 108 36.44 -68.27 115.42
N GLN EA 109 36.82 -69.44 115.90
CA GLN EA 109 36.92 -69.67 117.34
C GLN EA 109 38.15 -70.49 117.67
N PRO EA 110 38.88 -70.11 118.73
CA PRO EA 110 40.00 -70.93 119.18
C PRO EA 110 39.55 -72.38 119.31
N GLU EA 111 40.33 -73.30 118.77
CA GLU EA 111 40.04 -74.71 118.86
C GLU EA 111 41.21 -75.48 119.44
N ASP EA 112 40.93 -76.32 120.43
CA ASP EA 112 41.98 -77.11 121.05
C ASP EA 112 42.54 -78.11 120.05
N THR EA 113 43.80 -77.90 119.67
CA THR EA 113 44.45 -78.68 118.62
C THR EA 113 45.52 -79.61 119.20
N GLU EA 114 45.77 -79.49 120.50
CA GLU EA 114 46.79 -80.29 121.16
C GLU EA 114 46.77 -81.75 120.74
N SER EA 115 47.97 -82.34 120.73
CA SER EA 115 48.17 -83.66 120.17
C SER EA 115 49.63 -84.03 120.38
N ALA EA 116 49.94 -85.32 120.26
CA ALA EA 116 51.33 -85.77 120.33
C ALA EA 116 51.95 -85.63 118.94
N LEU EA 117 51.15 -85.20 117.98
CA LEU EA 117 51.61 -84.96 116.63
C LEU EA 117 51.92 -83.48 116.46
N LYS EA 118 51.38 -82.69 117.37
CA LYS EA 118 51.44 -81.22 117.33
C LYS EA 118 52.71 -80.62 116.73
N GLN EA 119 53.85 -80.98 117.31
CA GLN EA 119 55.14 -80.39 116.90
C GLN EA 119 55.61 -80.82 115.51
N TRP EA 120 55.22 -82.01 115.08
CA TRP EA 120 55.56 -82.49 113.75
C TRP EA 120 54.72 -81.79 112.69
N ARG EA 121 53.42 -81.72 112.95
CA ARG EA 121 52.51 -81.00 112.07
C ARG EA 121 53.04 -79.61 111.82
N ASP EA 122 53.49 -78.98 112.90
CA ASP EA 122 53.99 -77.61 112.86
C ASP EA 122 55.29 -77.47 112.08
N ALA EA 123 56.22 -78.40 112.28
CA ALA EA 123 57.46 -78.37 111.54
C ALA EA 123 57.22 -78.63 110.05
N CYS EA 124 56.36 -79.60 109.75
CA CYS EA 124 56.02 -79.90 108.36
C CYS EA 124 55.33 -78.72 107.70
N ASP EA 125 54.41 -78.11 108.45
CA ASP EA 125 53.62 -77.01 107.95
C ASP EA 125 54.47 -75.82 107.58
N SER EA 126 55.41 -75.45 108.45
CA SER EA 126 56.25 -74.29 108.18
C SER EA 126 57.17 -74.55 106.98
N ALA EA 127 57.69 -75.78 106.89
CA ALA EA 127 58.51 -76.17 105.74
C ALA EA 127 57.68 -76.17 104.46
N LEU EA 128 56.49 -76.75 104.52
CA LEU EA 128 55.66 -76.83 103.31
C LEU EA 128 55.24 -75.44 102.86
N ARG EA 129 54.92 -74.59 103.81
CA ARG EA 129 54.46 -73.25 103.48
C ARG EA 129 55.55 -72.56 102.65
N ALA EA 130 56.80 -72.70 103.06
CA ALA EA 130 57.90 -72.11 102.30
C ALA EA 130 58.04 -72.80 100.93
N TYR EA 131 57.91 -74.13 100.90
CA TYR EA 131 57.93 -74.83 99.64
C TYR EA 131 56.83 -74.29 98.70
N VAL EA 132 55.64 -74.09 99.24
CA VAL EA 132 54.53 -73.63 98.40
C VAL EA 132 54.72 -72.20 97.92
N LYS EA 133 55.27 -71.33 98.77
CA LYS EA 133 55.51 -69.94 98.33
C LYS EA 133 56.51 -69.90 97.17
N ASP EA 134 57.49 -70.81 97.22
CA ASP EA 134 58.55 -70.83 96.20
C ASP EA 134 58.11 -71.51 94.91
N HIS EA 135 57.29 -72.55 95.02
CA HIS EA 135 56.97 -73.39 93.85
C HIS EA 135 55.66 -73.10 93.13
N TYR EA 136 54.78 -72.34 93.79
CA TYR EA 136 53.49 -71.98 93.20
C TYR EA 136 53.27 -70.48 93.23
N PRO EA 137 52.72 -69.93 92.14
CA PRO EA 137 52.41 -68.49 92.10
C PRO EA 137 51.28 -68.14 93.07
N ASN EA 138 50.27 -69.00 93.16
CA ASN EA 138 49.09 -68.72 93.98
C ASN EA 138 48.79 -69.88 94.91
N GLY EA 139 49.82 -70.51 95.46
CA GLY EA 139 49.62 -71.73 96.22
C GLY EA 139 49.06 -71.48 97.62
N PHE EA 140 48.35 -72.47 98.15
CA PHE EA 140 47.97 -72.50 99.56
C PHE EA 140 48.14 -73.93 100.05
N CYS EA 141 48.50 -74.09 101.32
CA CYS EA 141 48.64 -75.43 101.87
C CYS EA 141 48.10 -75.53 103.27
N THR EA 142 47.64 -76.72 103.61
CA THR EA 142 47.10 -77.01 104.93
C THR EA 142 47.61 -78.38 105.32
N VAL EA 143 48.21 -78.47 106.50
CA VAL EA 143 48.77 -79.72 106.97
C VAL EA 143 48.07 -80.18 108.24
N TYR EA 144 47.59 -81.42 108.21
CA TYR EA 144 46.81 -81.97 109.29
C TYR EA 144 47.66 -83.00 110.00
N GLY EA 145 47.45 -83.14 111.31
CA GLY EA 145 48.17 -84.13 112.10
C GLY EA 145 47.15 -84.92 112.87
N LYS EA 146 46.97 -86.19 112.52
CA LYS EA 146 45.95 -87.00 113.18
C LYS EA 146 46.35 -88.46 113.24
N SER EA 147 45.68 -89.21 114.09
CA SER EA 147 45.92 -90.64 114.25
C SER EA 147 44.83 -91.42 113.54
N ILE EA 148 45.21 -92.15 112.48
CA ILE EA 148 44.26 -93.01 111.81
C ILE EA 148 44.69 -94.48 111.96
N ASP EA 149 43.78 -95.30 112.47
CA ASP EA 149 44.07 -96.70 112.78
C ASP EA 149 45.23 -96.79 113.76
N GLY EA 150 45.33 -95.83 114.67
CA GLY EA 150 46.41 -95.77 115.63
C GLY EA 150 47.71 -95.23 115.07
N GLN EA 151 47.84 -95.31 113.75
CA GLN EA 151 49.05 -94.85 113.06
C GLN EA 151 49.10 -93.32 113.04
N GLN EA 152 50.24 -92.75 113.39
CA GLN EA 152 50.43 -91.30 113.32
C GLN EA 152 50.67 -90.87 111.87
N THR EA 153 49.83 -89.97 111.37
CA THR EA 153 49.86 -89.56 109.96
C THR EA 153 49.87 -88.04 109.81
N ILE EA 154 50.77 -87.55 108.97
CA ILE EA 154 50.77 -86.16 108.56
C ILE EA 154 50.13 -86.12 107.18
N ILE EA 155 49.16 -85.23 107.00
CA ILE EA 155 48.48 -85.10 105.72
C ILE EA 155 48.70 -83.71 105.19
N ALA EA 156 49.46 -83.62 104.10
CA ALA EA 156 49.79 -82.34 103.50
C ALA EA 156 48.96 -82.09 102.24
N CYS EA 157 48.22 -80.99 102.23
CA CYS EA 157 47.37 -80.66 101.11
C CYS EA 157 47.83 -79.35 100.47
N ILE EA 158 47.94 -79.36 99.14
CA ILE EA 158 48.35 -78.18 98.41
C ILE EA 158 47.34 -77.87 97.31
N GLU EA 159 46.94 -76.62 97.20
CA GLU EA 159 46.07 -76.15 96.11
C GLU EA 159 46.67 -74.96 95.42
N SER EA 160 46.46 -74.86 94.11
CA SER EA 160 46.81 -73.66 93.38
C SER EA 160 45.92 -73.53 92.16
N HIS EA 161 45.37 -72.34 91.94
CA HIS EA 161 44.50 -72.17 90.79
C HIS EA 161 44.69 -70.80 90.15
N GLN EA 162 44.18 -70.71 88.93
CA GLN EA 162 44.16 -69.47 88.18
C GLN EA 162 42.84 -69.47 87.45
N PHE EA 163 41.94 -68.56 87.85
CA PHE EA 163 40.65 -68.43 87.19
C PHE EA 163 40.64 -67.22 86.29
N GLN EA 164 40.33 -67.41 85.01
CA GLN EA 164 40.17 -66.28 84.11
C GLN EA 164 38.97 -66.47 83.19
N PRO EA 165 37.76 -66.45 83.78
CA PRO EA 165 36.51 -66.70 83.05
C PRO EA 165 36.36 -65.74 81.86
N LYS EA 166 36.87 -64.52 81.99
CA LYS EA 166 36.80 -63.55 80.92
C LYS EA 166 37.62 -63.95 79.69
N ASN EA 167 38.65 -64.76 79.89
CA ASN EA 167 39.40 -65.28 78.75
C ASN EA 167 39.00 -66.73 78.48
N PHE EA 168 37.90 -67.15 79.09
CA PHE EA 168 37.34 -68.48 78.91
C PHE EA 168 38.31 -69.61 79.27
N TRP EA 169 38.99 -69.47 80.40
CA TRP EA 169 39.75 -70.60 80.91
C TRP EA 169 39.97 -70.53 82.42
N ASN EA 170 40.15 -71.71 83.01
CA ASN EA 170 40.41 -71.89 84.43
C ASN EA 170 41.29 -73.09 84.57
N GLY EA 171 42.11 -73.12 85.63
CA GLY EA 171 42.97 -74.24 85.89
C GLY EA 171 43.23 -74.37 87.38
N ARG EA 172 43.50 -75.59 87.82
CA ARG EA 172 43.73 -75.85 89.22
C ARG EA 172 44.67 -77.04 89.39
N TRP EA 173 45.63 -76.89 90.30
CA TRP EA 173 46.46 -78.00 90.77
C TRP EA 173 46.01 -78.36 92.16
N ARG EA 174 46.01 -79.65 92.46
CA ARG EA 174 45.81 -80.16 93.81
C ARG EA 174 46.82 -81.26 94.06
N SER EA 175 47.42 -81.28 95.24
CA SER EA 175 48.24 -82.42 95.62
C SER EA 175 47.94 -82.76 97.07
N GLU EA 176 47.91 -84.06 97.36
CA GLU EA 176 47.66 -84.53 98.71
C GLU EA 176 48.68 -85.60 99.05
N TRP EA 177 49.46 -85.35 100.11
CA TRP EA 177 50.55 -86.24 100.51
C TRP EA 177 50.27 -86.79 101.90
N LYS EA 178 50.39 -88.10 102.05
CA LYS EA 178 50.17 -88.75 103.34
C LYS EA 178 51.44 -89.45 103.82
N PHE EA 179 51.93 -89.00 104.95
CA PHE EA 179 53.09 -89.62 105.59
C PHE EA 179 52.62 -90.40 106.82
N THR EA 180 52.77 -91.73 106.76
CA THR EA 180 52.40 -92.59 107.85
C THR EA 180 53.66 -92.96 108.64
N ILE EA 181 53.80 -92.35 109.82
CA ILE EA 181 55.05 -92.42 110.57
C ILE EA 181 55.24 -93.72 111.33
N THR EA 182 56.34 -94.41 111.02
CA THR EA 182 56.68 -95.67 111.68
C THR EA 182 58.20 -95.78 111.79
N PRO EA 183 58.82 -95.06 112.73
CA PRO EA 183 60.29 -95.02 112.85
C PRO EA 183 60.91 -96.39 112.69
N PRO EA 184 62.05 -96.50 111.96
CA PRO EA 184 62.81 -95.36 111.43
C PRO EA 184 62.35 -94.95 110.03
N THR EA 185 61.18 -95.42 109.62
CA THR EA 185 60.71 -95.21 108.25
C THR EA 185 59.27 -94.67 108.18
N ALA EA 186 59.05 -93.68 107.33
CA ALA EA 186 57.69 -93.20 107.08
C ALA EA 186 57.16 -93.69 105.72
N GLN EA 187 55.91 -94.15 105.71
CA GLN EA 187 55.27 -94.56 104.46
C GLN EA 187 54.67 -93.36 103.75
N VAL EA 188 54.95 -93.24 102.46
CA VAL EA 188 54.52 -92.08 101.71
C VAL EA 188 53.52 -92.46 100.62
N ALA EA 189 52.34 -91.87 100.69
CA ALA EA 189 51.35 -92.01 99.62
C ALA EA 189 50.90 -90.62 99.16
N ALA EA 190 50.71 -90.45 97.85
CA ALA EA 190 50.29 -89.15 97.33
C ALA EA 190 49.47 -89.27 96.07
N VAL EA 191 48.63 -88.27 95.85
CA VAL EA 191 47.89 -88.15 94.61
C VAL EA 191 48.12 -86.72 94.11
N LEU EA 192 48.62 -86.57 92.89
CA LEU EA 192 48.80 -85.26 92.29
C LEU EA 192 47.74 -85.10 91.21
N LYS EA 193 47.12 -83.93 91.13
CA LYS EA 193 46.02 -83.72 90.16
C LYS EA 193 46.10 -82.38 89.46
N ILE EA 194 45.82 -82.36 88.16
CA ILE EA 194 45.73 -81.13 87.40
C ILE EA 194 44.48 -81.15 86.53
N GLN EA 195 43.81 -80.02 86.44
CA GLN EA 195 42.69 -79.89 85.53
C GLN EA 195 42.73 -78.51 84.91
N VAL EA 196 42.64 -78.48 83.59
CA VAL EA 196 42.57 -77.21 82.88
C VAL EA 196 41.39 -77.24 81.92
N HIS EA 197 40.69 -76.12 81.85
CA HIS EA 197 39.52 -76.00 81.01
C HIS EA 197 39.62 -74.76 80.13
N TYR EA 198 39.55 -74.94 78.82
CA TYR EA 198 39.50 -73.83 77.89
C TYR EA 198 38.20 -73.89 77.08
N TYR EA 199 37.45 -72.79 77.03
CA TYR EA 199 36.12 -72.85 76.44
C TYR EA 199 35.68 -71.69 75.58
N GLU EA 200 36.64 -71.03 74.93
CA GLU EA 200 36.25 -70.05 73.93
C GLU EA 200 35.76 -70.78 72.68
N ASP EA 201 34.47 -70.69 72.41
CA ASP EA 201 33.88 -71.40 71.28
C ASP EA 201 34.28 -72.88 71.25
N GLY EA 202 34.23 -73.51 72.41
CA GLY EA 202 34.44 -74.94 72.51
C GLY EA 202 34.56 -75.38 73.95
N ASN EA 203 35.03 -76.59 74.15
CA ASN EA 203 35.22 -77.15 75.48
C ASN EA 203 36.38 -78.14 75.41
N VAL EA 204 37.55 -77.70 75.86
CA VAL EA 204 38.73 -78.52 75.80
C VAL EA 204 39.24 -78.64 77.22
N GLN EA 205 39.52 -79.86 77.67
CA GLN EA 205 40.03 -80.02 79.02
C GLN EA 205 41.25 -80.95 79.10
N LEU EA 206 42.24 -80.52 79.90
CA LEU EA 206 43.30 -81.40 80.38
C LEU EA 206 42.84 -81.98 81.71
N VAL EA 207 42.85 -83.31 81.82
CA VAL EA 207 42.59 -83.95 83.10
C VAL EA 207 43.74 -84.92 83.34
N SER EA 208 44.45 -84.76 84.46
CA SER EA 208 45.56 -85.66 84.76
C SER EA 208 45.71 -85.93 86.24
N HIS EA 209 46.24 -87.10 86.55
CA HIS EA 209 46.62 -87.35 87.91
C HIS EA 209 47.67 -88.44 87.98
N LYS EA 210 48.43 -88.41 89.06
CA LYS EA 210 49.46 -89.43 89.26
C LYS EA 210 49.48 -89.84 90.71
N ASP EA 211 49.59 -91.14 90.94
CA ASP EA 211 49.69 -91.68 92.29
C ASP EA 211 51.15 -91.88 92.64
N ILE EA 212 51.54 -91.47 93.83
CA ILE EA 212 52.90 -91.64 94.30
C ILE EA 212 52.91 -92.60 95.49
N GLN EA 213 53.85 -93.53 95.50
CA GLN EA 213 54.06 -94.43 96.63
C GLN EA 213 55.54 -94.46 96.96
N ASP EA 214 55.87 -94.19 98.22
CA ASP EA 214 57.28 -94.04 98.60
C ASP EA 214 57.48 -94.21 100.10
N SER EA 215 58.71 -93.98 100.55
CA SER EA 215 59.07 -94.07 101.95
C SER EA 215 60.27 -93.19 102.25
N VAL EA 216 60.33 -92.67 103.47
CA VAL EA 216 61.44 -91.81 103.89
C VAL EA 216 61.96 -92.17 105.27
N GLN EA 217 63.24 -91.89 105.49
CA GLN EA 217 63.81 -92.00 106.81
C GLN EA 217 63.16 -90.95 107.69
N VAL EA 218 62.80 -91.33 108.91
CA VAL EA 218 62.27 -90.38 109.87
C VAL EA 218 63.32 -90.16 110.97
N SER EA 219 63.45 -88.92 111.44
CA SER EA 219 64.44 -88.58 112.44
C SER EA 219 63.89 -87.55 113.41
N SER EA 220 64.50 -86.37 113.41
CA SER EA 220 64.03 -85.25 114.21
C SER EA 220 62.81 -84.61 113.57
N ASP EA 221 62.00 -83.93 114.36
CA ASP EA 221 60.84 -83.25 113.82
C ASP EA 221 61.26 -82.36 112.65
N VAL EA 222 62.26 -81.51 112.89
CA VAL EA 222 62.74 -80.56 111.90
C VAL EA 222 63.38 -81.23 110.68
N GLN EA 223 64.21 -82.25 110.91
CA GLN EA 223 64.93 -82.90 109.82
C GLN EA 223 63.96 -83.69 108.92
N THR EA 224 62.92 -84.24 109.53
CA THR EA 224 61.99 -85.05 108.78
C THR EA 224 61.19 -84.15 107.84
N ALA EA 225 60.74 -83.02 108.37
CA ALA EA 225 60.06 -82.03 107.55
C ALA EA 225 60.89 -81.74 106.31
N LYS EA 226 62.20 -81.55 106.48
CA LYS EA 226 63.07 -81.30 105.34
C LYS EA 226 63.03 -82.49 104.37
N GLU EA 227 63.09 -83.70 104.93
CA GLU EA 227 63.02 -84.93 104.13
C GLU EA 227 61.71 -85.02 103.34
N PHE EA 228 60.60 -84.78 104.02
CA PHE EA 228 59.26 -84.81 103.41
C PHE EA 228 59.10 -83.83 102.25
N ILE EA 229 59.48 -82.59 102.51
CA ILE EA 229 59.44 -81.55 101.50
C ILE EA 229 60.34 -81.89 100.31
N LYS EA 230 61.49 -82.52 100.56
CA LYS EA 230 62.37 -82.92 99.46
C LYS EA 230 61.70 -83.95 98.56
N ILE EA 231 61.02 -84.91 99.19
CA ILE EA 231 60.28 -85.92 98.46
C ILE EA 231 59.18 -85.28 97.62
N ILE EA 232 58.41 -84.39 98.24
CA ILE EA 232 57.32 -83.71 97.54
C ILE EA 232 57.86 -82.93 96.34
N GLU EA 233 58.99 -82.24 96.54
CA GLU EA 233 59.57 -81.40 95.50
C GLU EA 233 60.03 -82.23 94.31
N ASN EA 234 60.74 -83.31 94.58
CA ASN EA 234 61.22 -84.17 93.50
C ASN EA 234 60.09 -84.81 92.69
N ALA EA 235 59.06 -85.25 93.39
CA ALA EA 235 57.92 -85.90 92.76
C ALA EA 235 57.13 -84.90 91.93
N GLU EA 236 56.84 -83.74 92.51
CA GLU EA 236 56.03 -82.74 91.80
C GLU EA 236 56.76 -82.19 90.58
N ASN EA 237 58.07 -81.96 90.71
CA ASN EA 237 58.83 -81.52 89.54
C ASN EA 237 58.86 -82.59 88.45
N GLU EA 238 59.02 -83.84 88.86
CA GLU EA 238 59.07 -84.96 87.94
C GLU EA 238 57.78 -85.06 87.14
N TYR EA 239 56.67 -84.91 87.84
CA TYR EA 239 55.34 -84.97 87.24
C TYR EA 239 55.14 -83.83 86.25
N GLN EA 240 55.44 -82.62 86.68
CA GLN EA 240 55.35 -81.47 85.80
C GLN EA 240 56.23 -81.68 84.57
N THR EA 241 57.45 -82.15 84.77
CA THR EA 241 58.33 -82.48 83.66
C THR EA 241 57.75 -83.53 82.71
N ALA EA 242 57.13 -84.57 83.26
CA ALA EA 242 56.54 -85.61 82.43
C ALA EA 242 55.38 -85.04 81.62
N ILE EA 243 54.64 -84.14 82.25
CA ILE EA 243 53.51 -83.54 81.59
C ILE EA 243 54.00 -82.74 80.39
N SER EA 244 55.05 -81.94 80.60
CA SER EA 244 55.67 -81.17 79.54
C SER EA 244 56.14 -82.08 78.41
N GLU EA 245 56.71 -83.22 78.78
CA GLU EA 245 57.18 -84.16 77.79
C GLU EA 245 56.03 -84.76 76.98
N ASN EA 246 54.87 -84.97 77.62
CA ASN EA 246 53.71 -85.51 76.92
C ASN EA 246 53.16 -84.52 75.92
N TYR EA 247 53.13 -83.26 76.32
CA TYR EA 247 52.69 -82.18 75.44
C TYR EA 247 53.53 -82.13 74.18
N GLN EA 248 54.84 -82.25 74.35
CA GLN EA 248 55.74 -82.14 73.22
C GLN EA 248 55.53 -83.30 72.25
N THR EA 249 55.36 -84.49 72.82
CA THR EA 249 55.16 -85.70 72.03
C THR EA 249 53.79 -85.71 71.35
N MET EA 250 52.75 -85.25 72.05
CA MET EA 250 51.44 -85.10 71.43
C MET EA 250 51.48 -84.11 70.26
N SER EA 251 52.30 -83.07 70.40
CA SER EA 251 52.40 -82.03 69.37
C SER EA 251 53.21 -82.46 68.17
N ASP EA 252 54.36 -83.09 68.43
CA ASP EA 252 55.34 -83.41 67.40
C ASP EA 252 55.08 -84.73 66.71
N THR EA 253 54.26 -85.57 67.32
CA THR EA 253 54.05 -86.92 66.83
C THR EA 253 52.56 -87.21 66.57
N THR EA 254 51.79 -87.32 67.63
CA THR EA 254 50.39 -87.72 67.48
C THR EA 254 49.56 -86.75 66.65
N PHE EA 255 49.59 -85.48 67.02
CA PHE EA 255 48.75 -84.50 66.34
C PHE EA 255 49.12 -84.39 64.88
N LYS EA 256 50.41 -84.28 64.59
CA LYS EA 256 50.89 -84.25 63.21
C LYS EA 256 50.40 -85.44 62.40
N ALA EA 257 50.47 -86.63 62.98
CA ALA EA 257 50.11 -87.85 62.24
C ALA EA 257 48.61 -87.94 61.93
N LEU EA 258 47.79 -87.27 62.74
CA LEU EA 258 46.35 -87.36 62.56
C LEU EA 258 45.89 -86.70 61.26
N ARG EA 259 46.45 -85.53 60.95
CA ARG EA 259 46.08 -84.83 59.71
C ARG EA 259 47.22 -83.99 59.21
N ARG EA 260 47.47 -84.08 57.91
CA ARG EA 260 48.47 -83.26 57.24
C ARG EA 260 48.07 -81.78 57.27
N GLN EA 261 49.05 -80.89 57.19
CA GLN EA 261 48.75 -79.47 57.03
C GLN EA 261 48.22 -79.20 55.63
N LEU EA 262 48.87 -79.81 54.64
CA LEU EA 262 48.52 -79.70 53.23
C LEU EA 262 48.74 -81.06 52.58
N PRO EA 263 48.05 -81.31 51.48
CA PRO EA 263 48.29 -82.53 50.71
C PRO EA 263 49.72 -82.52 50.22
N VAL EA 264 50.20 -83.64 49.72
CA VAL EA 264 51.57 -83.76 49.26
C VAL EA 264 51.92 -82.74 48.18
N THR EA 265 50.92 -82.28 47.43
CA THR EA 265 51.17 -81.28 46.39
C THR EA 265 51.61 -79.94 46.97
N ARG EA 266 51.45 -79.79 48.29
CA ARG EA 266 51.76 -78.53 48.98
C ARG EA 266 50.94 -77.37 48.45
N THR EA 267 49.76 -77.68 47.92
CA THR EA 267 48.79 -76.67 47.57
C THR EA 267 47.44 -77.18 48.03
N LYS EA 268 46.50 -76.27 48.21
CA LYS EA 268 45.15 -76.70 48.52
C LYS EA 268 44.58 -77.50 47.35
N ILE EA 269 43.52 -78.25 47.61
CA ILE EA 269 42.92 -79.12 46.62
C ILE EA 269 42.34 -78.33 45.46
N ASP EA 270 42.56 -78.83 44.24
CA ASP EA 270 41.90 -78.31 43.06
C ASP EA 270 40.61 -79.09 42.89
N TRP EA 271 39.49 -78.49 43.30
CA TRP EA 271 38.26 -79.22 43.44
C TRP EA 271 37.64 -79.68 42.11
N ASN EA 272 37.84 -78.91 41.05
CA ASN EA 272 37.34 -79.35 39.74
C ASN EA 272 38.00 -80.66 39.32
N LYS EA 273 39.29 -80.77 39.63
CA LYS EA 273 40.07 -81.97 39.36
C LYS EA 273 39.51 -83.17 40.13
N ILE EA 274 39.24 -82.95 41.40
CA ILE EA 274 38.76 -83.99 42.29
C ILE EA 274 37.45 -84.58 41.78
N LEU EA 275 36.71 -83.75 41.03
CA LEU EA 275 35.38 -84.13 40.57
C LEU EA 275 35.43 -84.89 39.23
N SER EA 276 36.60 -84.89 38.59
CA SER EA 276 36.80 -85.64 37.36
C SER EA 276 36.57 -87.15 37.54
N GLN FA 4 15.04 -71.92 77.21
CA GLN FA 4 15.99 -71.60 78.28
C GLN FA 4 16.63 -72.86 78.88
N GLN FA 5 15.87 -73.94 78.94
CA GLN FA 5 16.42 -75.21 79.39
C GLN FA 5 17.41 -75.74 78.36
N LEU FA 6 17.10 -75.53 77.08
CA LEU FA 6 18.03 -75.88 76.02
C LEU FA 6 19.35 -75.09 76.12
N ASP FA 7 19.24 -73.81 76.48
CA ASP FA 7 20.40 -72.92 76.57
C ASP FA 7 21.32 -73.41 77.70
N CYS FA 8 20.71 -73.82 78.80
CA CYS FA 8 21.45 -74.27 79.97
C CYS FA 8 22.08 -75.64 79.71
N ALA FA 9 21.37 -76.48 78.98
CA ALA FA 9 21.87 -77.79 78.58
C ALA FA 9 23.14 -77.68 77.76
N LEU FA 10 23.12 -76.82 76.75
CA LEU FA 10 24.31 -76.57 75.95
C LEU FA 10 25.43 -75.96 76.77
N ASP FA 11 25.08 -75.03 77.67
CA ASP FA 11 26.08 -74.39 78.52
C ASP FA 11 26.77 -75.45 79.36
N LEU FA 12 25.99 -76.37 79.93
CA LEU FA 12 26.51 -77.48 80.69
C LEU FA 12 27.45 -78.38 79.89
N MET FA 13 27.09 -78.69 78.65
CA MET FA 13 27.99 -79.51 77.83
C MET FA 13 29.30 -78.75 77.48
N ARG FA 14 29.31 -77.42 77.66
CA ARG FA 14 30.53 -76.65 77.44
C ARG FA 14 31.49 -76.74 78.64
N ARG FA 15 31.00 -77.27 79.75
CA ARG FA 15 31.72 -77.17 81.01
C ARG FA 15 32.03 -78.54 81.63
N LEU FA 16 31.11 -79.49 81.49
CA LEU FA 16 31.37 -80.85 81.95
C LEU FA 16 32.54 -81.43 81.15
N PRO FA 17 33.40 -82.23 81.81
CA PRO FA 17 34.57 -82.78 81.12
C PRO FA 17 34.20 -83.50 79.81
N PRO FA 18 34.87 -83.14 78.72
CA PRO FA 18 34.60 -83.78 77.42
C PRO FA 18 35.01 -85.24 77.42
N GLN FA 19 35.82 -85.65 78.38
CA GLN FA 19 36.23 -87.05 78.47
C GLN FA 19 34.99 -87.93 78.65
N GLN FA 20 33.93 -87.38 79.24
CA GLN FA 20 32.69 -88.13 79.49
C GLN FA 20 31.57 -87.61 78.61
N ILE FA 21 31.95 -87.11 77.44
CA ILE FA 21 31.01 -86.49 76.52
C ILE FA 21 29.78 -87.36 76.22
N GLU FA 22 29.95 -88.65 75.98
CA GLU FA 22 28.82 -89.55 75.71
C GLU FA 22 27.89 -89.77 76.91
N LYS FA 23 28.45 -90.01 78.08
CA LYS FA 23 27.66 -90.19 79.31
C LYS FA 23 26.99 -88.88 79.71
N ASN FA 24 27.72 -87.77 79.60
CA ASN FA 24 27.14 -86.45 79.86
C ASN FA 24 25.80 -86.31 79.10
N LEU FA 25 25.82 -86.58 77.79
CA LEU FA 25 24.64 -86.38 76.96
C LEU FA 25 23.46 -87.23 77.43
N SER FA 26 23.67 -88.53 77.62
CA SER FA 26 22.56 -89.38 78.06
C SER FA 26 22.07 -89.01 79.46
N ASP FA 27 22.98 -88.62 80.34
CA ASP FA 27 22.59 -88.08 81.65
C ASP FA 27 21.68 -86.86 81.47
N LEU FA 28 22.09 -85.97 80.58
CA LEU FA 28 21.33 -84.77 80.27
C LEU FA 28 19.96 -85.12 79.71
N ILE FA 29 19.90 -86.08 78.79
CA ILE FA 29 18.63 -86.53 78.26
C ILE FA 29 17.75 -87.06 79.38
N ASP FA 30 18.35 -87.79 80.33
CA ASP FA 30 17.56 -88.35 81.41
C ASP FA 30 17.05 -87.24 82.32
N LEU FA 31 17.88 -86.23 82.52
CA LEU FA 31 17.54 -85.10 83.38
C LEU FA 31 16.36 -84.31 82.79
N VAL FA 32 16.38 -84.12 81.47
CA VAL FA 32 15.32 -83.36 80.80
C VAL FA 32 14.79 -84.09 79.55
N PRO FA 33 14.02 -85.16 79.76
CA PRO FA 33 13.50 -86.05 78.71
C PRO FA 33 12.88 -85.31 77.54
N SER FA 34 12.27 -84.16 77.80
CA SER FA 34 11.55 -83.42 76.75
C SER FA 34 12.45 -82.73 75.73
N LEU FA 35 13.74 -82.59 76.04
CA LEU FA 35 14.68 -81.94 75.13
C LEU FA 35 15.42 -82.96 74.27
N CYS FA 36 14.95 -84.21 74.31
CA CYS FA 36 15.69 -85.28 73.64
C CYS FA 36 16.05 -84.98 72.18
N GLU FA 37 15.08 -84.59 71.38
CA GLU FA 37 15.38 -84.37 69.97
C GLU FA 37 16.34 -83.20 69.75
N ASP FA 38 16.07 -82.09 70.45
CA ASP FA 38 16.92 -80.91 70.37
C ASP FA 38 18.36 -81.23 70.81
N LEU FA 39 18.51 -81.91 71.95
CA LEU FA 39 19.84 -82.27 72.45
C LEU FA 39 20.57 -83.21 71.49
N LEU FA 40 19.87 -84.22 71.00
CA LEU FA 40 20.48 -85.15 70.05
C LEU FA 40 20.99 -84.45 68.80
N SER FA 41 20.37 -83.34 68.41
CA SER FA 41 20.78 -82.71 67.15
C SER FA 41 21.80 -81.59 67.33
N SER FA 42 21.83 -81.00 68.51
CA SER FA 42 22.77 -79.89 68.76
C SER FA 42 23.97 -80.24 69.64
N VAL FA 43 23.93 -81.39 70.33
CA VAL FA 43 25.11 -81.82 71.09
C VAL FA 43 25.93 -82.77 70.23
N ASP FA 44 27.10 -82.29 69.80
CA ASP FA 44 28.03 -83.11 69.05
C ASP FA 44 28.58 -84.26 69.90
N GLN FA 45 28.86 -85.39 69.25
CA GLN FA 45 29.30 -86.61 69.89
C GLN FA 45 30.36 -87.21 69.01
N PRO FA 46 31.34 -87.89 69.62
CA PRO FA 46 32.37 -88.56 68.84
C PRO FA 46 31.72 -89.45 67.80
N LEU FA 47 32.34 -89.57 66.63
CA LEU FA 47 31.74 -90.33 65.55
C LEU FA 47 32.00 -91.81 65.76
N LYS FA 48 31.03 -92.64 65.41
CA LYS FA 48 31.19 -94.09 65.50
C LYS FA 48 31.34 -94.68 64.11
N ILE FA 49 32.17 -95.71 63.98
CA ILE FA 49 32.32 -96.40 62.71
C ILE FA 49 31.41 -97.63 62.64
N ALA FA 50 30.62 -97.73 61.58
CA ALA FA 50 29.87 -98.95 61.29
C ALA FA 50 30.36 -99.53 59.98
N ARG FA 51 30.02 -100.78 59.69
CA ARG FA 51 30.48 -101.41 58.46
C ARG FA 51 29.31 -101.69 57.51
N ASP FA 52 29.40 -101.20 56.28
CA ASP FA 52 28.37 -101.50 55.29
C ASP FA 52 28.71 -102.85 54.65
N LYS FA 53 28.05 -103.90 55.13
CA LYS FA 53 28.35 -105.26 54.71
C LYS FA 53 28.12 -105.48 53.22
N VAL FA 54 27.13 -104.80 52.67
CA VAL FA 54 26.81 -104.94 51.26
C VAL FA 54 27.93 -104.45 50.38
N VAL FA 55 28.38 -103.22 50.61
CA VAL FA 55 29.37 -102.61 49.74
C VAL FA 55 30.80 -102.91 50.19
N GLY FA 56 30.93 -103.40 51.42
CA GLY FA 56 32.26 -103.63 51.98
C GLY FA 56 33.01 -102.32 52.18
N LYS FA 57 32.35 -101.36 52.83
CA LYS FA 57 32.97 -100.09 53.17
C LYS FA 57 32.52 -99.63 54.55
N ASP FA 58 33.40 -98.92 55.24
CA ASP FA 58 33.04 -98.32 56.53
C ASP FA 58 32.25 -97.02 56.32
N TYR FA 59 31.43 -96.65 57.29
CA TYR FA 59 30.72 -95.37 57.23
C TYR FA 59 30.51 -94.85 58.64
N LEU FA 60 30.16 -93.58 58.77
CA LEU FA 60 30.17 -92.94 60.07
C LEU FA 60 28.75 -92.73 60.60
N LEU FA 61 28.57 -92.93 61.90
CA LEU FA 61 27.27 -92.77 62.52
C LEU FA 61 27.21 -91.47 63.30
N CYS FA 62 26.13 -90.72 63.11
CA CYS FA 62 25.89 -89.59 63.99
C CYS FA 62 24.40 -89.33 63.94
N ASP FA 63 23.93 -88.29 64.59
CA ASP FA 63 22.49 -88.07 64.62
C ASP FA 63 21.94 -87.79 63.24
N TYR FA 64 22.76 -87.22 62.35
CA TYR FA 64 22.20 -86.80 61.06
C TYR FA 64 21.84 -87.95 60.14
N ASN FA 65 22.46 -89.12 60.31
CA ASN FA 65 22.03 -90.26 59.47
C ASN FA 65 21.21 -91.29 60.24
N ARG FA 66 20.63 -90.85 61.36
CA ARG FA 66 19.87 -91.76 62.22
C ARG FA 66 18.38 -91.61 61.96
N ASP FA 67 17.68 -92.73 61.99
CA ASP FA 67 16.22 -92.72 62.04
C ASP FA 67 15.80 -93.83 63.00
N GLY FA 68 15.14 -93.46 64.09
CA GLY FA 68 14.79 -94.42 65.11
C GLY FA 68 16.08 -94.96 65.72
N ASP FA 69 16.24 -96.28 65.69
CA ASP FA 69 17.49 -96.88 66.16
C ASP FA 69 18.39 -97.39 65.03
N SER FA 70 18.07 -97.04 63.78
CA SER FA 70 18.87 -97.48 62.65
C SER FA 70 19.65 -96.33 62.03
N TYR FA 71 20.68 -96.67 61.24
CA TYR FA 71 21.48 -95.66 60.56
C TYR FA 71 21.65 -95.96 59.08
N ARG FA 72 21.65 -94.90 58.28
CA ARG FA 72 21.72 -95.01 56.83
C ARG FA 72 23.16 -95.01 56.33
N SER FA 73 23.51 -96.03 55.54
CA SER FA 73 24.82 -96.05 54.87
C SER FA 73 24.81 -95.09 53.70
N PRO FA 74 25.91 -94.31 53.52
CA PRO FA 74 25.97 -93.42 52.36
C PRO FA 74 26.34 -94.20 51.10
N TRP FA 75 26.72 -95.46 51.26
CA TRP FA 75 27.21 -96.23 50.11
C TRP FA 75 26.06 -97.04 49.52
N SER FA 76 25.31 -97.72 50.37
CA SER FA 76 24.22 -98.57 49.90
C SER FA 76 22.87 -97.86 49.99
N ASN FA 77 22.87 -96.70 50.64
CA ASN FA 77 21.64 -95.94 50.82
C ASN FA 77 20.56 -96.75 51.52
N LYS FA 78 20.99 -97.67 52.38
CA LYS FA 78 20.04 -98.50 53.13
C LYS FA 78 20.26 -98.35 54.64
N TYR FA 79 19.18 -98.48 55.41
CA TYR FA 79 19.27 -98.44 56.86
C TYR FA 79 19.69 -99.78 57.47
N ASP FA 80 20.45 -99.70 58.55
CA ASP FA 80 20.80 -100.87 59.35
C ASP FA 80 20.65 -100.50 60.81
N PRO FA 81 19.76 -101.19 61.55
CA PRO FA 81 18.85 -102.24 61.10
C PRO FA 81 17.88 -101.75 60.04
N PRO FA 82 17.49 -102.64 59.12
CA PRO FA 82 16.59 -102.26 58.01
C PRO FA 82 15.35 -101.54 58.52
N LEU FA 83 14.72 -100.74 57.66
CA LEU FA 83 13.58 -99.93 58.06
C LEU FA 83 12.55 -99.92 56.94
N GLU FA 84 11.27 -99.89 57.31
CA GLU FA 84 10.21 -99.95 56.31
C GLU FA 84 10.03 -98.61 55.61
N ASP FA 85 10.23 -97.53 56.36
CA ASP FA 85 10.01 -96.20 55.82
C ASP FA 85 11.03 -95.22 56.36
N GLY FA 86 12.29 -95.64 56.39
CA GLY FA 86 13.37 -94.78 56.84
C GLY FA 86 13.40 -93.52 56.01
N ALA FA 87 13.82 -92.41 56.59
CA ALA FA 87 13.92 -91.16 55.85
C ALA FA 87 15.03 -91.24 54.80
N MET FA 88 14.67 -91.02 53.54
CA MET FA 88 15.61 -91.10 52.42
C MET FA 88 15.71 -89.74 51.74
N PRO FA 89 16.86 -89.46 51.10
CA PRO FA 89 16.97 -88.26 50.27
C PRO FA 89 16.24 -88.47 48.95
N SER FA 90 15.77 -87.39 48.33
CA SER FA 90 15.14 -87.47 47.00
C SER FA 90 16.15 -88.02 46.01
N ALA FA 91 15.68 -88.39 44.82
CA ALA FA 91 16.58 -88.93 43.81
C ALA FA 91 17.66 -87.91 43.45
N ARG FA 92 17.27 -86.65 43.32
CA ARG FA 92 18.20 -85.59 42.93
C ARG FA 92 19.27 -85.48 43.99
N LEU FA 93 18.84 -85.33 45.24
CA LEU FA 93 19.76 -85.11 46.35
C LEU FA 93 20.62 -86.35 46.60
N ARG FA 94 20.07 -87.53 46.34
CA ARG FA 94 20.86 -88.76 46.50
C ARG FA 94 22.00 -88.80 45.46
N LYS FA 95 21.70 -88.40 44.23
CA LYS FA 95 22.77 -88.31 43.25
C LYS FA 95 23.88 -87.35 43.69
N LEU FA 96 23.49 -86.20 44.23
CA LEU FA 96 24.47 -85.24 44.72
C LEU FA 96 25.25 -85.82 45.90
N GLU FA 97 24.56 -86.60 46.73
CA GLU FA 97 25.15 -87.18 47.93
C GLU FA 97 26.22 -88.18 47.54
N VAL FA 98 25.95 -88.98 46.51
CA VAL FA 98 26.94 -89.95 46.04
C VAL FA 98 28.16 -89.22 45.50
N GLU FA 99 27.90 -88.14 44.76
CA GLU FA 99 28.96 -87.29 44.24
C GLU FA 99 29.81 -86.75 45.38
N ALA FA 100 29.16 -86.23 46.42
CA ALA FA 100 29.85 -85.60 47.52
C ALA FA 100 30.66 -86.63 48.28
N ASN FA 101 30.10 -87.83 48.48
CA ASN FA 101 30.86 -88.87 49.17
C ASN FA 101 32.14 -89.28 48.45
N ASN FA 102 32.07 -89.35 47.12
CA ASN FA 102 33.22 -89.65 46.28
C ASN FA 102 34.25 -88.54 46.42
N ALA FA 103 33.79 -87.30 46.39
CA ALA FA 103 34.72 -86.18 46.47
C ALA FA 103 35.38 -86.08 47.83
N PHE FA 104 34.61 -86.24 48.89
CA PHE FA 104 35.18 -86.14 50.23
C PHE FA 104 35.95 -87.37 50.66
N ASP FA 105 35.76 -88.47 49.96
CA ASP FA 105 36.58 -89.65 50.15
C ASP FA 105 38.01 -89.34 49.68
N GLN FA 106 38.12 -88.65 48.56
CA GLN FA 106 39.43 -88.25 48.05
C GLN FA 106 40.06 -87.15 48.92
N TYR FA 107 39.23 -86.22 49.38
CA TYR FA 107 39.67 -85.19 50.30
C TYR FA 107 40.25 -85.84 51.53
N ARG FA 108 39.53 -86.83 52.05
CA ARG FA 108 39.95 -87.58 53.23
C ARG FA 108 41.32 -88.16 52.98
N ASP FA 109 41.47 -88.91 51.89
CA ASP FA 109 42.74 -89.56 51.60
C ASP FA 109 43.86 -88.54 51.49
N LEU FA 110 43.58 -87.41 50.83
CA LEU FA 110 44.60 -86.39 50.61
C LEU FA 110 45.09 -85.73 51.89
N TYR FA 111 44.18 -85.46 52.83
CA TYR FA 111 44.56 -84.76 54.05
C TYR FA 111 44.86 -85.68 55.22
N PHE FA 112 44.17 -86.82 55.27
CA PHE FA 112 44.24 -87.68 56.44
C PHE FA 112 45.00 -88.98 56.19
N GLU FA 113 45.12 -89.37 54.92
CA GLU FA 113 45.91 -90.54 54.56
C GLU FA 113 45.44 -91.75 55.32
N GLY FA 114 44.13 -91.87 55.47
CA GLY FA 114 43.54 -92.96 56.23
C GLY FA 114 42.21 -92.51 56.78
N GLY FA 115 41.76 -93.12 57.87
CA GLY FA 115 40.47 -92.79 58.48
C GLY FA 115 39.28 -93.14 57.59
N VAL FA 116 38.11 -92.64 57.97
CA VAL FA 116 36.86 -92.90 57.27
C VAL FA 116 36.14 -91.59 57.08
N SER FA 117 35.39 -91.48 55.99
CA SER FA 117 34.57 -90.31 55.73
C SER FA 117 33.13 -90.72 55.40
N SER FA 118 32.19 -89.82 55.59
CA SER FA 118 30.80 -89.99 55.16
C SER FA 118 30.16 -88.62 54.99
N VAL FA 119 29.29 -88.51 54.00
CA VAL FA 119 28.51 -87.31 53.72
C VAL FA 119 27.05 -87.71 53.65
N TYR FA 120 26.21 -87.03 54.43
CA TYR FA 120 24.76 -87.20 54.34
C TYR FA 120 24.12 -85.87 54.03
N LEU FA 121 23.19 -85.86 53.05
CA LEU FA 121 22.51 -84.64 52.65
C LEU FA 121 21.02 -84.74 52.95
N TRP FA 122 20.36 -83.61 53.11
CA TRP FA 122 18.92 -83.60 53.25
C TRP FA 122 18.29 -82.30 52.73
N ASP FA 123 17.02 -82.41 52.32
CA ASP FA 123 16.31 -81.29 51.70
C ASP FA 123 15.98 -80.18 52.68
N LEU FA 124 16.08 -78.94 52.21
CA LEU FA 124 15.56 -77.81 52.95
C LEU FA 124 14.54 -77.12 52.08
N ASP FA 125 13.84 -76.15 52.67
CA ASP FA 125 12.85 -75.36 51.94
C ASP FA 125 13.43 -74.75 50.66
N HIS FA 126 14.47 -73.95 50.81
CA HIS FA 126 15.00 -73.20 49.67
C HIS FA 126 16.38 -73.65 49.24
N GLY FA 127 16.65 -74.93 49.42
CA GLY FA 127 17.95 -75.50 49.09
C GLY FA 127 18.12 -76.84 49.76
N PHE FA 128 19.26 -77.03 50.43
CA PHE FA 128 19.53 -78.31 51.07
C PHE FA 128 20.62 -78.11 52.10
N ALA FA 129 20.78 -79.10 52.98
CA ALA FA 129 21.86 -79.09 53.97
C ALA FA 129 22.61 -80.40 53.88
N GLY FA 130 23.73 -80.49 54.58
CA GLY FA 130 24.41 -81.75 54.67
C GLY FA 130 25.44 -81.71 55.77
N VAL FA 131 25.94 -82.88 56.14
CA VAL FA 131 27.04 -82.94 57.07
C VAL FA 131 28.15 -83.70 56.37
N ILE FA 132 29.37 -83.21 56.55
CA ILE FA 132 30.55 -83.93 56.08
C ILE FA 132 31.31 -84.39 57.33
N LEU FA 133 31.47 -85.70 57.46
CA LEU FA 133 32.09 -86.32 58.63
C LEU FA 133 33.42 -86.97 58.29
N ILE FA 134 34.43 -86.76 59.13
CA ILE FA 134 35.69 -87.44 58.95
C ILE FA 134 36.16 -87.98 60.30
N LYS FA 135 36.59 -89.23 60.32
CA LYS FA 135 37.03 -89.87 61.55
C LYS FA 135 38.41 -90.48 61.32
N LYS FA 136 39.40 -90.08 62.13
CA LYS FA 136 40.74 -90.60 61.99
C LYS FA 136 41.35 -90.95 63.34
N ALA FA 137 41.75 -92.22 63.49
CA ALA FA 137 42.41 -92.68 64.71
C ALA FA 137 43.92 -92.63 64.57
N GLY FA 138 44.61 -92.26 65.65
CA GLY FA 138 46.07 -92.25 65.68
C GLY FA 138 46.60 -93.67 65.70
N ASP FA 139 47.83 -93.86 65.23
CA ASP FA 139 48.40 -95.22 65.16
C ASP FA 139 48.92 -95.67 66.52
N GLY FA 140 48.81 -94.82 67.52
CA GLY FA 140 49.16 -95.17 68.89
C GLY FA 140 50.63 -95.05 69.24
N SER FA 141 51.40 -94.44 68.34
CA SER FA 141 52.85 -94.33 68.52
C SER FA 141 53.23 -93.68 69.85
N LYS FA 142 54.41 -94.02 70.38
CA LYS FA 142 54.92 -93.38 71.56
C LYS FA 142 53.93 -93.44 72.71
N LYS FA 143 53.07 -94.47 72.71
CA LYS FA 143 52.15 -94.72 73.81
C LYS FA 143 51.08 -93.62 73.97
N ILE FA 144 50.83 -92.89 72.90
CA ILE FA 144 49.78 -91.87 72.91
C ILE FA 144 48.63 -92.35 72.04
N LYS FA 145 47.43 -92.45 72.62
CA LYS FA 145 46.23 -92.71 71.82
C LYS FA 145 45.59 -91.41 71.38
N GLY FA 146 45.29 -91.30 70.09
CA GLY FA 146 44.74 -90.06 69.55
C GLY FA 146 43.56 -90.32 68.63
N CYS FA 147 42.65 -89.35 68.59
CA CYS FA 147 41.53 -89.44 67.67
C CYS FA 147 41.09 -88.05 67.23
N TRP FA 148 40.73 -87.95 65.95
CA TRP FA 148 40.29 -86.70 65.33
C TRP FA 148 38.92 -86.92 64.70
N ASP FA 149 37.92 -86.13 65.12
CA ASP FA 149 36.59 -86.10 64.49
C ASP FA 149 36.33 -84.74 63.80
N SER FA 150 35.93 -84.78 62.54
CA SER FA 150 35.38 -83.61 61.85
C SER FA 150 33.89 -83.77 61.65
N ILE FA 151 33.13 -82.77 62.08
CA ILE FA 151 31.71 -82.65 61.82
C ILE FA 151 31.46 -81.29 61.14
N HIS FA 152 31.29 -81.30 59.82
CA HIS FA 152 31.04 -80.07 59.07
C HIS FA 152 29.59 -80.06 58.59
N VAL FA 153 28.80 -79.14 59.13
CA VAL FA 153 27.38 -79.08 58.78
C VAL FA 153 27.19 -77.86 57.91
N VAL FA 154 26.66 -78.06 56.72
CA VAL FA 154 26.51 -76.96 55.78
C VAL FA 154 25.05 -76.76 55.38
N GLU FA 155 24.64 -75.50 55.34
CA GLU FA 155 23.31 -75.12 54.88
C GLU FA 155 23.45 -74.33 53.58
N VAL FA 156 22.72 -74.77 52.56
CA VAL FA 156 22.81 -74.15 51.25
C VAL FA 156 21.47 -73.57 50.81
N GLN FA 157 21.41 -72.26 50.59
CA GLN FA 157 20.20 -71.61 50.13
C GLN FA 157 20.35 -71.26 48.65
N GLU FA 158 19.60 -71.97 47.80
CA GLU FA 158 19.76 -71.86 46.35
C GLU FA 158 18.99 -70.67 45.77
N ARG FA 163 22.20 -70.03 39.88
CA ARG FA 163 23.01 -68.84 39.56
C ARG FA 163 24.10 -68.55 40.61
N THR FA 164 23.68 -68.22 41.82
CA THR FA 164 24.59 -68.14 42.96
C THR FA 164 23.89 -68.78 44.13
N ALA FA 165 24.62 -69.06 45.21
CA ALA FA 165 23.98 -69.58 46.39
C ALA FA 165 24.64 -69.00 47.63
N HIS FA 166 23.91 -69.06 48.75
CA HIS FA 166 24.50 -68.67 50.03
C HIS FA 166 24.83 -69.94 50.81
N TYR FA 167 26.06 -70.01 51.32
CA TYR FA 167 26.49 -71.17 52.11
C TYR FA 167 26.75 -70.76 53.54
N LYS FA 168 26.23 -71.55 54.47
CA LYS FA 168 26.53 -71.35 55.87
C LYS FA 168 27.12 -72.64 56.41
N LEU FA 169 28.34 -72.54 56.95
CA LEU FA 169 29.07 -73.71 57.42
C LEU FA 169 29.37 -73.61 58.92
N THR FA 170 28.92 -74.61 59.67
CA THR FA 170 29.22 -74.70 61.11
C THR FA 170 30.04 -75.96 61.31
N SER FA 171 31.29 -75.80 61.72
CA SER FA 171 32.21 -76.93 61.81
C SER FA 171 32.72 -77.14 63.23
N THR FA 172 32.63 -78.39 63.67
CA THR FA 172 33.16 -78.78 64.94
C THR FA 172 34.28 -79.76 64.64
N VAL FA 173 35.43 -79.56 65.28
CA VAL FA 173 36.46 -80.60 65.28
C VAL FA 173 36.71 -81.07 66.70
N MET FA 174 36.68 -82.38 66.90
CA MET FA 174 36.99 -82.96 68.19
C MET FA 174 38.36 -83.59 68.14
N LEU FA 175 39.13 -83.41 69.21
CA LEU FA 175 40.50 -83.89 69.22
C LEU FA 175 40.77 -84.49 70.59
N TRP FA 176 41.15 -85.77 70.58
CA TRP FA 176 41.32 -86.51 71.81
C TRP FA 176 42.74 -87.04 71.88
N LEU FA 177 43.43 -86.74 72.98
CA LEU FA 177 44.78 -87.24 73.17
C LEU FA 177 44.89 -87.83 74.57
N GLN FA 178 45.44 -89.03 74.67
CA GLN FA 178 45.50 -89.73 75.96
C GLN FA 178 46.72 -90.61 76.05
N THR FA 179 47.35 -90.62 77.22
CA THR FA 179 48.47 -91.51 77.48
C THR FA 179 48.51 -91.91 78.93
N ASN FA 180 49.04 -93.10 79.18
CA ASN FA 180 49.16 -93.64 80.53
C ASN FA 180 50.59 -94.00 80.91
N LYS FA 181 51.54 -93.14 80.56
CA LYS FA 181 52.93 -93.34 80.95
C LYS FA 181 53.08 -93.12 82.44
N THR FA 182 54.07 -93.80 83.04
CA THR FA 182 54.32 -93.70 84.48
C THR FA 182 54.75 -92.27 84.84
N GLY FA 183 54.80 -91.41 83.82
CA GLY FA 183 55.33 -90.06 83.91
C GLY FA 183 55.00 -89.23 85.14
N SER FA 184 53.85 -88.53 85.18
CA SER FA 184 52.80 -88.43 84.16
C SER FA 184 51.49 -89.05 84.60
N GLY FA 185 51.55 -90.29 85.09
CA GLY FA 185 50.34 -91.03 85.41
C GLY FA 185 49.35 -90.91 84.26
N THR FA 186 48.06 -90.91 84.57
CA THR FA 186 47.04 -90.75 83.55
C THR FA 186 47.00 -89.31 83.03
N MET FA 187 47.09 -89.15 81.71
CA MET FA 187 46.94 -87.83 81.10
C MET FA 187 45.95 -87.82 79.94
N ASN FA 188 44.92 -87.01 80.08
CA ASN FA 188 43.93 -86.89 79.03
C ASN FA 188 43.70 -85.44 78.63
N LEU FA 189 43.91 -85.16 77.34
CA LEU FA 189 43.78 -83.84 76.78
C LEU FA 189 42.81 -84.00 75.60
N GLY FA 190 41.60 -83.51 75.77
CA GLY FA 190 40.59 -83.70 74.73
C GLY FA 190 39.45 -82.71 74.80
N GLY FA 191 38.56 -82.78 73.81
CA GLY FA 191 37.47 -81.86 73.68
C GLY FA 191 37.26 -81.48 72.22
N SER FA 192 36.70 -80.30 72.00
CA SER FA 192 36.38 -79.86 70.65
C SER FA 192 36.37 -78.34 70.56
N LEU FA 193 36.46 -77.85 69.33
CA LEU FA 193 36.30 -76.45 69.00
C LEU FA 193 35.25 -76.34 67.89
N THR FA 194 34.45 -75.29 67.92
CA THR FA 194 33.46 -75.09 66.86
C THR FA 194 33.65 -73.72 66.22
N ARG FA 195 33.51 -73.65 64.91
CA ARG FA 195 33.63 -72.38 64.23
C ARG FA 195 32.57 -72.32 63.15
N GLN FA 196 32.28 -71.10 62.70
CA GLN FA 196 31.24 -70.87 61.70
C GLN FA 196 31.68 -69.80 60.70
N MET FA 197 31.32 -70.02 59.42
CA MET FA 197 31.66 -69.14 58.29
C MET FA 197 30.41 -69.03 57.43
N GLU FA 198 30.21 -67.90 56.76
CA GLU FA 198 29.14 -67.75 55.77
C GLU FA 198 29.71 -67.10 54.51
N LYS FA 199 29.07 -67.34 53.37
CA LYS FA 199 29.61 -66.84 52.11
C LYS FA 199 28.64 -67.04 50.97
N ASP FA 200 28.59 -66.07 50.06
CA ASP FA 200 27.89 -66.23 48.79
C ASP FA 200 28.92 -66.63 47.76
N GLU FA 201 28.57 -67.61 46.92
CA GLU FA 201 29.46 -67.94 45.82
C GLU FA 201 28.69 -68.29 44.57
N THR FA 202 29.32 -68.08 43.42
CA THR FA 202 28.69 -68.41 42.16
C THR FA 202 28.58 -69.93 42.00
N VAL FA 203 27.50 -70.36 41.37
CA VAL FA 203 27.30 -71.77 41.06
C VAL FA 203 27.31 -71.91 39.55
N SER FA 204 28.11 -72.83 39.03
CA SER FA 204 28.30 -72.92 37.59
C SER FA 204 28.94 -74.22 37.21
N ASP FA 205 29.14 -74.42 35.91
CA ASP FA 205 29.79 -75.62 35.40
C ASP FA 205 31.14 -75.81 36.07
N SER FA 206 31.93 -74.76 36.08
CA SER FA 206 33.27 -74.80 36.66
C SER FA 206 33.24 -74.72 38.19
N SER FA 207 32.14 -74.23 38.76
CA SER FA 207 32.04 -74.08 40.21
C SER FA 207 30.69 -74.60 40.74
N PRO FA 208 30.49 -75.92 40.70
CA PRO FA 208 29.27 -76.54 41.21
C PRO FA 208 29.21 -76.58 42.74
N HIS FA 209 28.03 -76.88 43.27
CA HIS FA 209 27.85 -76.92 44.71
C HIS FA 209 28.96 -77.66 45.44
N ILE FA 210 29.33 -78.84 44.94
CA ILE FA 210 30.31 -79.67 45.65
C ILE FA 210 31.67 -78.97 45.73
N ALA FA 211 32.05 -78.28 44.67
CA ALA FA 211 33.30 -77.50 44.67
C ALA FA 211 33.20 -76.35 45.67
N ASN FA 212 32.07 -75.64 45.68
CA ASN FA 212 31.88 -74.56 46.63
C ASN FA 212 32.00 -75.03 48.09
N ILE FA 213 31.24 -76.08 48.42
CA ILE FA 213 31.29 -76.65 49.75
C ILE FA 213 32.69 -77.17 50.07
N GLY FA 214 33.31 -77.80 49.08
CA GLY FA 214 34.64 -78.36 49.25
C GLY FA 214 35.62 -77.31 49.72
N ARG FA 215 35.73 -76.21 48.98
CA ARG FA 215 36.67 -75.17 49.35
C ARG FA 215 36.38 -74.58 50.72
N LEU FA 216 35.10 -74.41 51.02
CA LEU FA 216 34.68 -73.98 52.36
C LEU FA 216 35.14 -74.91 53.49
N VAL FA 217 34.87 -76.20 53.34
CA VAL FA 217 35.26 -77.18 54.32
C VAL FA 217 36.79 -77.23 54.48
N GLU FA 218 37.50 -77.20 53.36
CA GLU FA 218 38.95 -77.18 53.35
C GLU FA 218 39.51 -75.97 54.08
N ASP FA 219 39.08 -74.78 53.69
CA ASP FA 219 39.50 -73.54 54.34
C ASP FA 219 39.21 -73.60 55.83
N MET FA 220 37.99 -73.97 56.17
CA MET FA 220 37.62 -74.09 57.57
C MET FA 220 38.53 -75.07 58.33
N GLU FA 221 38.78 -76.22 57.74
CA GLU FA 221 39.45 -77.29 58.47
C GLU FA 221 40.91 -76.95 58.63
N ASN FA 222 41.51 -76.39 57.60
CA ASN FA 222 42.90 -75.92 57.71
C ASN FA 222 43.06 -74.90 58.85
N LYS FA 223 42.13 -73.96 58.92
CA LYS FA 223 42.11 -72.97 59.98
C LYS FA 223 42.00 -73.62 61.37
N ILE FA 224 41.03 -74.51 61.53
CA ILE FA 224 40.80 -75.14 62.82
C ILE FA 224 42.02 -75.99 63.23
N ARG FA 225 42.65 -76.65 62.26
CA ARG FA 225 43.81 -77.46 62.56
C ARG FA 225 44.87 -76.59 63.24
N SER FA 226 45.09 -75.42 62.66
CA SER FA 226 46.04 -74.47 63.19
C SER FA 226 45.64 -73.98 64.58
N THR FA 227 44.34 -73.72 64.75
CA THR FA 227 43.83 -73.25 66.04
C THR FA 227 43.92 -74.33 67.15
N LEU FA 228 43.62 -75.57 66.80
CA LEU FA 228 43.78 -76.69 67.72
C LEU FA 228 45.21 -76.76 68.20
N ASN FA 229 46.15 -76.63 67.29
CA ASN FA 229 47.56 -76.63 67.64
C ASN FA 229 47.89 -75.55 68.65
N GLU FA 230 47.39 -74.34 68.40
CA GLU FA 230 47.60 -73.21 69.30
C GLU FA 230 46.95 -73.43 70.68
N ILE FA 231 45.71 -73.91 70.68
CA ILE FA 231 44.95 -74.07 71.92
C ILE FA 231 45.44 -75.24 72.76
N TYR FA 232 45.61 -76.40 72.13
CA TYR FA 232 45.94 -77.60 72.87
C TYR FA 232 47.36 -77.53 73.37
N PHE FA 233 48.26 -77.14 72.48
CA PHE FA 233 49.69 -77.25 72.78
C PHE FA 233 50.33 -75.92 73.15
N GLY FA 234 49.61 -74.83 72.89
CA GLY FA 234 50.08 -73.52 73.31
C GLY FA 234 49.36 -73.03 74.56
N LYS FA 235 48.06 -72.76 74.42
CA LYS FA 235 47.26 -72.20 75.51
C LYS FA 235 47.10 -73.08 76.79
N THR FA 236 46.66 -74.34 76.63
CA THR FA 236 46.47 -75.16 77.83
C THR FA 236 47.80 -75.43 78.54
N LYS FA 237 48.87 -75.60 77.76
CA LYS FA 237 50.21 -75.78 78.32
C LYS FA 237 50.68 -74.53 79.09
N ASP FA 238 50.43 -73.36 78.51
CA ASP FA 238 50.80 -72.10 79.21
C ASP FA 238 50.04 -72.02 80.55
N ILE FA 239 48.79 -72.48 80.55
CA ILE FA 239 47.99 -72.44 81.77
C ILE FA 239 48.61 -73.35 82.83
N VAL FA 240 48.93 -74.58 82.44
CA VAL FA 240 49.64 -75.53 83.32
C VAL FA 240 50.93 -74.93 83.90
N ASN FA 241 51.76 -74.38 83.01
CA ASN FA 241 53.02 -73.80 83.43
C ASN FA 241 52.87 -72.67 84.46
N GLY FA 242 51.70 -72.03 84.47
CA GLY FA 242 51.46 -70.94 85.40
C GLY FA 242 50.70 -71.35 86.66
N LEU FA 243 50.36 -72.62 86.77
CA LEU FA 243 49.58 -73.09 87.90
C LEU FA 243 50.30 -72.99 89.21
N ARG FA 244 51.56 -73.39 89.28
CA ARG FA 244 52.37 -73.91 88.19
C ARG FA 244 52.52 -75.41 88.26
N VAL GA 1 18.79 -71.45 103.64
CA VAL GA 1 19.72 -71.25 102.53
C VAL GA 1 19.00 -70.76 101.28
N ASN GA 2 19.61 -69.80 100.57
CA ASN GA 2 19.00 -69.21 99.39
C ASN GA 2 19.76 -69.57 98.12
N PHE GA 3 19.03 -69.86 97.04
CA PHE GA 3 19.66 -70.27 95.78
C PHE GA 3 19.86 -69.09 94.83
N ASP GA 4 18.94 -68.13 94.88
CA ASP GA 4 19.06 -66.93 94.05
C ASP GA 4 20.31 -66.19 94.47
N ASP GA 5 20.83 -66.62 95.62
CA ASP GA 5 22.08 -66.15 96.17
C ASP GA 5 23.22 -66.45 95.19
N ILE GA 6 23.25 -67.68 94.70
CA ILE GA 6 24.31 -68.13 93.81
C ILE GA 6 24.15 -67.58 92.40
N ALA GA 7 25.01 -66.64 92.03
CA ALA GA 7 25.00 -66.08 90.69
C ALA GA 7 26.39 -66.27 90.09
N SER GA 8 26.49 -66.47 88.78
CA SER GA 8 25.37 -66.62 87.87
C SER GA 8 25.92 -66.91 86.48
N SER GA 9 25.47 -68.00 85.91
CA SER GA 9 25.85 -68.35 84.55
C SER GA 9 25.12 -67.45 83.56
N GLU GA 10 25.78 -66.39 83.08
CA GLU GA 10 25.30 -65.76 81.87
C GLU GA 10 25.84 -66.64 80.76
N ASN GA 11 24.93 -67.36 80.10
CA ASN GA 11 25.34 -68.45 79.22
C ASN GA 11 26.31 -68.06 78.10
N LEU GA 12 27.18 -69.00 77.75
CA LEU GA 12 28.05 -68.85 76.59
C LEU GA 12 27.19 -68.90 75.36
N LEU GA 13 27.74 -68.45 74.23
CA LEU GA 13 27.04 -68.52 72.95
C LEU GA 13 27.21 -69.91 72.34
N HIS GA 14 26.14 -70.44 71.76
CA HIS GA 14 26.13 -71.82 71.30
C HIS GA 14 26.02 -71.94 69.79
N LEU GA 15 27.14 -72.19 69.12
CA LEU GA 15 27.15 -72.20 67.64
C LEU GA 15 26.36 -73.35 67.04
N THR GA 16 26.27 -74.47 67.77
CA THR GA 16 25.58 -75.64 67.24
C THR GA 16 24.07 -75.47 67.28
N ALA GA 17 23.59 -74.47 68.02
CA ALA GA 17 22.15 -74.35 68.22
C ALA GA 17 21.40 -74.00 66.92
N ASN GA 18 22.08 -73.33 65.98
CA ASN GA 18 21.44 -72.80 64.79
C ASN GA 18 21.73 -73.54 63.47
N ARG GA 19 22.35 -74.71 63.53
CA ARG GA 19 22.61 -75.50 62.32
C ARG GA 19 21.31 -76.03 61.73
N PRO GA 20 21.30 -76.29 60.42
CA PRO GA 20 20.09 -76.81 59.75
C PRO GA 20 19.59 -78.05 60.46
N LYS GA 21 18.29 -78.09 60.71
CA LYS GA 21 17.70 -79.24 61.38
C LYS GA 21 17.02 -80.13 60.35
N MET GA 22 17.02 -81.42 60.63
CA MET GA 22 16.31 -82.38 59.81
C MET GA 22 15.16 -82.88 60.65
N PRO GA 23 14.01 -82.20 60.53
CA PRO GA 23 12.84 -82.49 61.36
C PRO GA 23 12.19 -83.82 61.00
N GLY GA 24 11.36 -84.33 61.91
CA GLY GA 24 10.52 -85.47 61.60
C GLY GA 24 11.27 -86.76 61.45
N ARG GA 25 12.03 -87.11 62.48
CA ARG GA 25 12.66 -88.41 62.53
C ARG GA 25 12.29 -89.08 63.83
N ARG GA 26 12.13 -90.40 63.80
CA ARG GA 26 11.79 -91.14 64.99
C ARG GA 26 12.95 -91.06 65.97
N LEU GA 27 12.63 -90.90 67.24
CA LEU GA 27 13.64 -90.93 68.31
C LEU GA 27 14.09 -92.35 68.52
N PRO GA 28 15.25 -92.53 69.17
CA PRO GA 28 15.59 -93.90 69.61
C PRO GA 28 14.62 -94.32 70.73
N GLY GA 29 14.47 -95.62 70.98
CA GLY GA 29 13.65 -96.08 72.10
C GLY GA 29 14.30 -95.75 73.44
N VAL HA 8 -76.23 -37.69 7.24
CA VAL HA 8 -75.19 -37.40 8.22
C VAL HA 8 -75.81 -36.82 9.49
N SER HA 9 -75.43 -37.35 10.64
CA SER HA 9 -76.02 -36.95 11.91
C SER HA 9 -75.36 -35.66 12.44
N ASP HA 10 -76.05 -34.99 13.34
CA ASP HA 10 -75.49 -33.82 14.00
C ASP HA 10 -74.20 -34.17 14.74
N GLU HA 11 -74.17 -35.36 15.35
CA GLU HA 11 -72.98 -35.78 16.07
C GLU HA 11 -71.79 -35.93 15.14
N GLU HA 12 -72.04 -36.49 13.96
CA GLU HA 12 -70.97 -36.69 12.98
C GLU HA 12 -70.57 -35.34 12.39
N LYS HA 13 -71.56 -34.46 12.19
CA LYS HA 13 -71.26 -33.12 11.68
C LYS HA 13 -70.35 -32.36 12.64
N VAL HA 14 -70.66 -32.37 13.92
CA VAL HA 14 -69.81 -31.66 14.90
C VAL HA 14 -68.45 -32.33 15.15
N ARG HA 15 -68.35 -33.64 14.98
CA ARG HA 15 -67.03 -34.31 15.02
C ARG HA 15 -66.15 -33.78 13.87
N ILE HA 16 -66.75 -33.64 12.70
CA ILE HA 16 -66.03 -33.12 11.51
C ILE HA 16 -65.67 -31.66 11.75
N ALA HA 17 -66.59 -30.91 12.35
CA ALA HA 17 -66.32 -29.51 12.67
C ALA HA 17 -65.14 -29.38 13.62
N ALA HA 18 -65.12 -30.19 14.69
CA ALA HA 18 -64.00 -30.20 15.63
C ALA HA 18 -62.67 -30.55 14.97
N LYS HA 19 -62.68 -31.60 14.15
CA LYS HA 19 -61.52 -32.00 13.37
C LYS HA 19 -60.94 -30.86 12.54
N PHE HA 20 -61.80 -30.22 11.75
CA PHE HA 20 -61.40 -29.08 10.94
C PHE HA 20 -60.77 -27.98 11.80
N ILE HA 21 -61.45 -27.61 12.88
CA ILE HA 21 -60.97 -26.56 13.75
C ILE HA 21 -59.56 -26.93 14.28
N THR HA 22 -59.36 -28.20 14.62
CA THR HA 22 -58.07 -28.59 15.15
C THR HA 22 -57.04 -28.67 14.05
N HIS HA 23 -57.46 -28.59 12.79
CA HIS HA 23 -56.47 -28.71 11.70
C HIS HA 23 -56.21 -27.38 11.02
N ALA HA 24 -56.61 -26.30 11.67
CA ALA HA 24 -56.28 -24.97 11.20
C ALA HA 24 -54.76 -24.82 11.12
N PRO HA 25 -54.23 -24.28 9.99
CA PRO HA 25 -52.81 -23.97 9.89
C PRO HA 25 -52.42 -22.85 10.87
N PRO HA 26 -51.11 -22.65 11.11
CA PRO HA 26 -50.67 -21.66 12.11
C PRO HA 26 -51.07 -20.25 11.73
N GLY HA 27 -51.56 -19.48 12.69
CA GLY HA 27 -51.95 -18.11 12.46
C GLY HA 27 -53.31 -17.98 11.81
N GLU HA 28 -53.99 -19.09 11.51
CA GLU HA 28 -55.28 -18.99 10.80
C GLU HA 28 -56.43 -19.63 11.55
N PHE HA 29 -56.26 -19.84 12.84
CA PHE HA 29 -57.32 -20.42 13.68
C PHE HA 29 -58.69 -19.72 13.52
N ASN HA 30 -58.70 -18.39 13.57
CA ASN HA 30 -59.96 -17.62 13.54
C ASN HA 30 -60.72 -17.80 12.23
N GLU HA 31 -59.98 -17.76 11.13
CA GLU HA 31 -60.57 -17.92 9.81
C GLU HA 31 -61.20 -19.29 9.69
N VAL HA 32 -60.48 -20.31 10.13
CA VAL HA 32 -60.98 -21.66 10.04
C VAL HA 32 -62.18 -21.84 10.97
N PHE HA 33 -62.07 -21.29 12.17
CA PHE HA 33 -63.16 -21.38 13.12
C PHE HA 33 -64.44 -20.77 12.53
N ASN HA 34 -64.32 -19.59 11.96
CA ASN HA 34 -65.51 -18.90 11.43
C ASN HA 34 -66.14 -19.64 10.28
N ASP HA 35 -65.31 -20.17 9.38
CA ASP HA 35 -65.82 -21.03 8.30
C ASP HA 35 -66.64 -22.19 8.84
N VAL HA 36 -66.05 -22.93 9.76
CA VAL HA 36 -66.72 -24.08 10.37
C VAL HA 36 -68.00 -23.65 11.09
N ARG HA 37 -67.92 -22.55 11.83
CA ARG HA 37 -69.09 -22.12 12.58
C ARG HA 37 -70.25 -21.82 11.63
N LEU HA 38 -69.96 -21.19 10.50
CA LEU HA 38 -71.04 -20.85 9.56
C LEU HA 38 -71.55 -22.09 8.83
N LEU HA 39 -70.66 -23.03 8.51
CA LEU HA 39 -71.07 -24.26 7.85
C LEU HA 39 -71.97 -25.12 8.74
N LEU HA 40 -71.58 -25.28 10.01
CA LEU HA 40 -72.36 -26.07 10.97
C LEU HA 40 -73.70 -25.39 11.23
N ASN HA 41 -73.67 -24.06 11.31
CA ASN HA 41 -74.87 -23.27 11.54
C ASN HA 41 -75.70 -23.74 12.73
N ASN HA 42 -75.02 -23.98 13.84
CA ASN HA 42 -75.67 -24.45 15.06
C ASN HA 42 -74.74 -24.23 16.22
N ASP HA 43 -74.79 -23.05 16.81
CA ASP HA 43 -73.87 -22.66 17.86
C ASP HA 43 -73.95 -23.56 19.08
N ASN HA 44 -75.16 -23.99 19.44
CA ASN HA 44 -75.32 -24.92 20.57
C ASN HA 44 -74.58 -26.25 20.35
N LEU HA 45 -74.81 -26.86 19.20
CA LEU HA 45 -74.11 -28.07 18.81
C LEU HA 45 -72.59 -27.84 18.82
N LEU HA 46 -72.14 -26.71 18.27
CA LEU HA 46 -70.70 -26.42 18.22
C LEU HA 46 -70.12 -26.30 19.62
N ARG HA 47 -70.81 -25.58 20.49
CA ARG HA 47 -70.37 -25.36 21.86
C ARG HA 47 -70.20 -26.67 22.60
N GLU HA 48 -71.20 -27.54 22.50
CA GLU HA 48 -71.23 -28.77 23.28
C GLU HA 48 -70.39 -29.91 22.69
N GLY HA 49 -70.14 -29.87 21.39
CA GLY HA 49 -69.45 -30.95 20.72
C GLY HA 49 -68.06 -30.62 20.21
N ALA HA 50 -67.71 -29.34 20.25
CA ALA HA 50 -66.38 -28.93 19.81
C ALA HA 50 -65.65 -28.06 20.84
N ALA HA 51 -66.16 -28.09 22.06
CA ALA HA 51 -65.58 -27.28 23.14
C ALA HA 51 -64.11 -27.61 23.35
N HIS HA 52 -63.79 -28.90 23.31
CA HIS HA 52 -62.43 -29.38 23.53
C HIS HA 52 -61.47 -28.88 22.47
N ALA HA 53 -61.99 -28.56 21.29
CA ALA HA 53 -61.17 -28.27 20.12
C ALA HA 53 -60.30 -27.04 20.30
N PHE HA 54 -60.77 -26.06 21.07
CA PHE HA 54 -60.01 -24.84 21.20
C PHE HA 54 -58.74 -25.09 22.01
N ALA HA 55 -58.91 -25.77 23.14
CA ALA HA 55 -57.81 -26.10 24.03
C ALA HA 55 -56.84 -27.01 23.31
N GLN HA 56 -57.38 -28.04 22.66
CA GLN HA 56 -56.56 -29.01 21.98
C GLN HA 56 -55.63 -28.31 20.98
N TYR HA 57 -56.21 -27.43 20.17
CA TYR HA 57 -55.43 -26.69 19.17
C TYR HA 57 -54.28 -25.90 19.81
N ASN HA 58 -54.61 -25.09 20.82
CA ASN HA 58 -53.63 -24.24 21.49
C ASN HA 58 -52.47 -25.03 22.08
N MET HA 59 -52.77 -26.10 22.78
CA MET HA 59 -51.72 -26.90 23.39
C MET HA 59 -50.94 -27.63 22.31
N ASP HA 60 -51.61 -27.99 21.23
CA ASP HA 60 -50.95 -28.70 20.14
C ASP HA 60 -49.93 -27.78 19.44
N GLN HA 61 -50.25 -26.50 19.41
CA GLN HA 61 -49.48 -25.55 18.62
C GLN HA 61 -48.43 -24.84 19.47
N PHE HA 62 -48.37 -25.18 20.76
CA PHE HA 62 -47.49 -24.48 21.70
C PHE HA 62 -47.72 -22.96 21.59
N THR HA 63 -48.97 -22.55 21.58
CA THR HA 63 -49.31 -21.13 21.55
C THR HA 63 -48.58 -20.33 22.61
N PRO HA 64 -47.73 -19.38 22.19
CA PRO HA 64 -47.11 -18.50 23.19
C PRO HA 64 -48.08 -17.43 23.64
N VAL HA 65 -48.10 -17.13 24.94
CA VAL HA 65 -48.98 -16.10 25.46
C VAL HA 65 -48.23 -15.12 26.35
N LYS HA 66 -48.60 -13.85 26.26
CA LYS HA 66 -47.98 -12.82 27.09
C LYS HA 66 -48.77 -12.62 28.39
N ILE HA 67 -48.06 -12.63 29.51
CA ILE HA 67 -48.68 -12.35 30.79
C ILE HA 67 -48.29 -10.96 31.28
N GLU HA 68 -49.28 -10.18 31.67
CA GLU HA 68 -49.01 -8.82 32.13
C GLU HA 68 -48.13 -8.83 33.35
N GLY HA 69 -47.01 -8.11 33.29
CA GLY HA 69 -46.13 -7.98 34.42
C GLY HA 69 -44.94 -8.91 34.38
N TYR HA 70 -44.93 -9.81 33.40
CA TYR HA 70 -43.80 -10.73 33.27
C TYR HA 70 -43.22 -10.65 31.86
N ASP HA 71 -41.93 -10.36 31.76
CA ASP HA 71 -41.27 -10.29 30.47
C ASP HA 71 -41.15 -11.68 29.86
N ASP HA 72 -40.94 -11.72 28.55
CA ASP HA 72 -40.91 -12.99 27.84
C ASP HA 72 -42.25 -13.70 28.05
N GLN HA 73 -42.54 -14.66 27.19
CA GLN HA 73 -43.83 -15.30 27.22
C GLN HA 73 -43.73 -16.78 27.64
N VAL HA 74 -44.86 -17.46 27.69
CA VAL HA 74 -44.90 -18.86 28.12
C VAL HA 74 -45.70 -19.67 27.11
N LEU HA 75 -45.34 -20.93 26.93
CA LEU HA 75 -46.05 -21.77 25.97
C LEU HA 75 -47.23 -22.49 26.60
N ILE HA 76 -48.38 -22.46 25.90
CA ILE HA 76 -49.53 -23.26 26.28
C ILE HA 76 -49.31 -24.68 25.78
N THR HA 77 -49.09 -25.60 26.72
CA THR HA 77 -48.86 -27.00 26.36
C THR HA 77 -49.59 -27.93 27.32
N GLU HA 78 -49.70 -29.19 26.92
CA GLU HA 78 -50.37 -30.18 27.77
C GLU HA 78 -49.63 -30.28 29.10
N HIS HA 79 -48.34 -30.01 29.08
CA HIS HA 79 -47.51 -30.17 30.26
C HIS HA 79 -47.78 -29.07 31.28
N GLY HA 80 -48.45 -28.01 30.88
CA GLY HA 80 -48.70 -26.92 31.81
C GLY HA 80 -50.16 -26.85 32.18
N ASP HA 81 -50.94 -27.78 31.66
CA ASP HA 81 -52.38 -27.76 31.87
C ASP HA 81 -52.67 -28.08 33.32
N LEU HA 82 -53.20 -27.09 34.03
CA LEU HA 82 -53.52 -27.28 35.44
C LEU HA 82 -55.00 -27.57 35.65
N GLY HA 83 -55.73 -27.73 34.56
CA GLY HA 83 -57.17 -27.91 34.63
C GLY HA 83 -57.86 -26.65 35.11
N ASN HA 84 -59.18 -26.65 35.08
CA ASN HA 84 -59.96 -25.48 35.51
C ASN HA 84 -59.64 -24.24 34.68
N GLY HA 85 -59.02 -24.44 33.52
CA GLY HA 85 -58.72 -23.36 32.61
C GLY HA 85 -57.47 -22.57 32.96
N ARG HA 86 -56.67 -23.12 33.86
CA ARG HA 86 -55.43 -22.48 34.27
C ARG HA 86 -54.20 -23.26 33.82
N PHE HA 87 -53.13 -22.54 33.52
CA PHE HA 87 -51.91 -23.15 33.02
C PHE HA 87 -50.73 -22.71 33.88
N LEU HA 88 -49.70 -23.53 33.89
CA LEU HA 88 -48.52 -23.32 34.72
C LEU HA 88 -47.41 -22.66 33.94
N ASP HA 89 -46.81 -21.62 34.54
CA ASP HA 89 -45.59 -21.01 34.02
C ASP HA 89 -44.46 -21.39 34.97
N PRO HA 90 -43.70 -22.44 34.62
CA PRO HA 90 -42.68 -22.97 35.52
C PRO HA 90 -41.48 -22.03 35.69
N ARG HA 91 -41.28 -21.13 34.74
CA ARG HA 91 -40.18 -20.17 34.85
C ARG HA 91 -40.48 -19.06 35.87
N ASN HA 92 -41.68 -18.51 35.81
CA ASN HA 92 -42.06 -17.40 36.67
C ASN HA 92 -42.75 -17.87 37.94
N LYS HA 93 -42.88 -19.20 38.05
CA LYS HA 93 -43.46 -19.82 39.22
C LYS HA 93 -44.84 -19.27 39.51
N ILE HA 94 -45.69 -19.36 38.49
CA ILE HA 94 -47.00 -18.75 38.52
C ILE HA 94 -48.00 -19.66 37.80
N SER HA 95 -49.27 -19.57 38.18
CA SER HA 95 -50.35 -20.12 37.36
C SER HA 95 -51.12 -18.97 36.79
N PHE HA 96 -51.84 -19.19 35.70
CA PHE HA 96 -52.64 -18.14 35.12
C PHE HA 96 -53.88 -18.71 34.46
N LYS HA 97 -54.92 -17.88 34.34
CA LYS HA 97 -56.13 -18.26 33.63
C LYS HA 97 -55.86 -18.06 32.14
N PHE HA 98 -56.34 -18.99 31.31
CA PHE HA 98 -56.19 -18.85 29.86
C PHE HA 98 -57.48 -19.08 29.12
N ASP HA 99 -57.86 -18.09 28.32
CA ASP HA 99 -59.06 -18.17 27.50
C ASP HA 99 -58.62 -18.67 26.12
N HIS HA 100 -59.01 -19.88 25.77
CA HIS HA 100 -58.58 -20.49 24.53
C HIS HA 100 -59.08 -19.79 23.26
N LEU HA 101 -60.25 -19.17 23.35
CA LEU HA 101 -60.85 -18.50 22.20
C LEU HA 101 -60.18 -17.17 21.96
N ARG HA 102 -60.12 -16.36 23.00
CA ARG HA 102 -59.54 -15.03 22.90
C ARG HA 102 -58.00 -15.07 23.00
N LYS HA 103 -57.46 -16.24 23.31
CA LYS HA 103 -56.01 -16.42 23.48
C LYS HA 103 -55.41 -15.34 24.39
N GLU HA 104 -55.97 -15.19 25.58
CA GLU HA 104 -55.47 -14.21 26.53
C GLU HA 104 -55.24 -14.81 27.91
N ALA HA 105 -54.12 -14.46 28.53
CA ALA HA 105 -53.85 -14.87 29.90
C ALA HA 105 -54.40 -13.82 30.86
N SER HA 106 -54.78 -14.25 32.06
CA SER HA 106 -55.24 -13.32 33.09
C SER HA 106 -55.10 -13.96 34.46
N ASP HA 107 -55.12 -13.12 35.49
CA ASP HA 107 -55.15 -13.57 36.87
C ASP HA 107 -53.92 -14.38 37.28
N PRO HA 108 -52.72 -13.82 37.07
CA PRO HA 108 -51.51 -14.53 37.50
C PRO HA 108 -51.51 -14.72 39.01
N GLN HA 109 -51.16 -15.91 39.47
CA GLN HA 109 -51.02 -16.12 40.91
C GLN HA 109 -49.79 -16.94 41.21
N PRO HA 110 -49.05 -16.57 42.26
CA PRO HA 110 -47.93 -17.38 42.72
C PRO HA 110 -48.39 -18.83 42.86
N GLU HA 111 -47.60 -19.75 42.31
CA GLU HA 111 -47.91 -21.18 42.38
C GLU HA 111 -46.73 -21.95 42.95
N ASP HA 112 -47.00 -22.80 43.94
CA ASP HA 112 -45.94 -23.57 44.56
C ASP HA 112 -45.37 -24.58 43.56
N THR HA 113 -44.13 -24.36 43.18
CA THR HA 113 -43.50 -25.13 42.10
C THR HA 113 -42.43 -26.07 42.67
N GLU HA 114 -42.20 -25.96 43.98
CA GLU HA 114 -41.17 -26.76 44.63
C GLU HA 114 -41.17 -28.22 44.19
N SER HA 115 -39.97 -28.81 44.18
CA SER HA 115 -39.77 -30.12 43.61
C SER HA 115 -38.31 -30.50 43.81
N ALA HA 116 -38.00 -31.78 43.68
CA ALA HA 116 -36.61 -32.23 43.73
C ALA HA 116 -35.98 -32.07 42.35
N LEU HA 117 -36.81 -31.64 41.40
CA LEU HA 117 -36.38 -31.40 40.03
C LEU HA 117 -36.07 -29.92 39.87
N LYS HA 118 -36.58 -29.13 40.80
CA LYS HA 118 -36.52 -27.68 40.76
C LYS HA 118 -35.25 -27.09 40.15
N GLN HA 119 -34.11 -27.42 40.74
CA GLN HA 119 -32.83 -26.84 40.32
C GLN HA 119 -32.36 -27.27 38.93
N TRP HA 120 -32.76 -28.47 38.52
CA TRP HA 120 -32.44 -28.94 37.17
C TRP HA 120 -33.27 -28.22 36.11
N ARG HA 121 -34.58 -28.15 36.36
CA ARG HA 121 -35.49 -27.44 35.47
C ARG HA 121 -34.94 -26.04 35.22
N ASP HA 122 -34.47 -25.41 36.30
CA ASP HA 122 -33.97 -24.04 36.26
C ASP HA 122 -32.68 -23.91 35.48
N ALA HA 123 -31.77 -24.85 35.67
CA ALA HA 123 -30.51 -24.82 34.93
C ALA HA 123 -30.76 -25.06 33.44
N CYS HA 124 -31.61 -26.04 33.13
CA CYS HA 124 -31.95 -26.34 31.75
C CYS HA 124 -32.66 -25.14 31.10
N ASP HA 125 -33.60 -24.56 31.85
CA ASP HA 125 -34.37 -23.42 31.38
C ASP HA 125 -33.50 -22.24 31.02
N SER HA 126 -32.55 -21.89 31.90
CA SER HA 126 -31.71 -20.74 31.64
C SER HA 126 -30.81 -21.00 30.43
N ALA HA 127 -30.22 -22.19 30.37
CA ALA HA 127 -29.49 -22.60 29.16
C ALA HA 127 -30.34 -22.61 27.87
N LEU HA 128 -31.53 -23.18 27.94
CA LEU HA 128 -32.39 -23.24 26.74
C LEU HA 128 -32.82 -21.86 26.28
N ARG HA 129 -33.13 -21.00 27.24
CA ARG HA 129 -33.59 -19.65 26.92
C ARG HA 129 -32.51 -18.94 26.09
N ALA HA 130 -31.25 -19.06 26.50
CA ALA HA 130 -30.17 -18.49 25.72
C ALA HA 130 -30.03 -19.17 24.35
N TYR HA 131 -30.17 -20.49 24.31
CA TYR HA 131 -30.13 -21.18 23.02
C TYR HA 131 -31.22 -20.63 22.09
N VAL HA 132 -32.40 -20.38 22.63
CA VAL HA 132 -33.53 -19.98 21.80
C VAL HA 132 -33.39 -18.52 21.33
N LYS HA 133 -32.88 -17.63 22.20
CA LYS HA 133 -32.59 -16.27 21.75
C LYS HA 133 -31.58 -16.26 20.60
N ASP HA 134 -30.59 -17.15 20.63
CA ASP HA 134 -29.56 -17.19 19.60
C ASP HA 134 -30.02 -17.81 18.30
N HIS HA 135 -30.82 -18.87 18.40
CA HIS HA 135 -31.13 -19.73 17.25
C HIS HA 135 -32.43 -19.43 16.55
N TYR HA 136 -33.32 -18.68 17.22
CA TYR HA 136 -34.63 -18.32 16.67
C TYR HA 136 -34.85 -16.80 16.71
N PRO HA 137 -35.40 -16.24 15.61
CA PRO HA 137 -35.73 -14.81 15.57
C PRO HA 137 -36.84 -14.46 16.55
N ASN HA 138 -37.86 -15.31 16.64
CA ASN HA 138 -39.03 -15.04 17.48
C ASN HA 138 -39.33 -16.23 18.39
N GLY HA 139 -38.30 -16.88 18.90
CA GLY HA 139 -38.48 -18.09 19.68
C GLY HA 139 -39.02 -17.84 21.09
N PHE HA 140 -39.70 -18.83 21.63
CA PHE HA 140 -40.08 -18.86 23.04
C PHE HA 140 -39.91 -20.28 23.52
N CYS HA 141 -39.56 -20.45 24.79
CA CYS HA 141 -39.42 -21.78 25.33
C CYS HA 141 -39.96 -21.90 26.75
N THR HA 142 -40.45 -23.09 27.06
CA THR HA 142 -40.95 -23.40 28.38
C THR HA 142 -40.44 -24.78 28.76
N VAL HA 143 -39.83 -24.89 29.93
CA VAL HA 143 -39.26 -26.14 30.40
C VAL HA 143 -39.95 -26.62 31.67
N TYR HA 144 -40.45 -27.85 31.61
CA TYR HA 144 -41.18 -28.42 32.72
C TYR HA 144 -40.34 -29.46 33.42
N GLY HA 145 -40.53 -29.55 34.74
CA GLY HA 145 -39.82 -30.57 35.50
C GLY HA 145 -40.83 -31.36 36.30
N LYS HA 146 -41.02 -32.61 35.90
CA LYS HA 146 -42.01 -33.44 36.59
C LYS HA 146 -41.62 -34.91 36.65
N SER HA 147 -42.29 -35.65 37.52
CA SER HA 147 -42.05 -37.07 37.66
C SER HA 147 -43.15 -37.86 36.95
N ILE HA 148 -42.78 -38.58 35.89
CA ILE HA 148 -43.74 -39.44 35.21
C ILE HA 148 -43.32 -40.90 35.35
N ASP HA 149 -44.22 -41.73 35.87
CA ASP HA 149 -43.92 -43.12 36.17
C ASP HA 149 -42.75 -43.21 37.13
N GLY HA 150 -42.66 -42.23 38.04
CA GLY HA 150 -41.58 -42.20 39.01
C GLY HA 150 -40.28 -41.67 38.45
N GLN HA 151 -40.15 -41.73 37.12
CA GLN HA 151 -38.95 -41.27 36.43
C GLN HA 151 -38.89 -39.74 36.40
N GLN HA 152 -37.74 -39.18 36.77
CA GLN HA 152 -37.54 -37.74 36.71
C GLN HA 152 -37.29 -37.29 35.27
N THR HA 153 -38.15 -36.42 34.76
CA THR HA 153 -38.10 -35.99 33.37
C THR HA 153 -38.08 -34.46 33.22
N ILE HA 154 -37.19 -33.98 32.37
CA ILE HA 154 -37.20 -32.60 31.96
C ILE HA 154 -37.89 -32.55 30.58
N ILE HA 155 -38.87 -31.68 30.42
CA ILE HA 155 -39.55 -31.53 29.12
C ILE HA 155 -39.35 -30.11 28.62
N ALA HA 156 -38.56 -30.01 27.56
CA ALA HA 156 -38.22 -28.74 26.94
C ALA HA 156 -39.08 -28.50 25.70
N CYS HA 157 -39.82 -27.40 25.70
CA CYS HA 157 -40.69 -27.05 24.57
C CYS HA 157 -40.26 -25.74 23.93
N ILE HA 158 -40.15 -25.75 22.61
CA ILE HA 158 -39.73 -24.57 21.86
C ILE HA 158 -40.76 -24.23 20.75
N GLU HA 159 -41.13 -22.96 20.64
CA GLU HA 159 -42.02 -22.51 19.57
C GLU HA 159 -41.40 -21.30 18.91
N SER HA 160 -41.59 -21.19 17.60
CA SER HA 160 -41.28 -19.98 16.89
C SER HA 160 -42.21 -19.87 15.69
N HIS HA 161 -42.74 -18.67 15.44
CA HIS HA 161 -43.63 -18.51 14.29
C HIS HA 161 -43.45 -17.15 13.65
N GLN HA 162 -43.95 -17.04 12.41
CA GLN HA 162 -43.98 -15.80 11.67
C GLN HA 162 -45.33 -15.79 10.97
N PHE HA 163 -46.21 -14.89 11.38
CA PHE HA 163 -47.51 -14.76 10.72
C PHE HA 163 -47.51 -13.53 9.84
N GLN HA 164 -47.81 -13.70 8.56
CA GLN HA 164 -47.98 -12.55 7.67
C GLN HA 164 -49.19 -12.73 6.76
N PRO HA 165 -50.39 -12.73 7.35
CA PRO HA 165 -51.64 -12.97 6.62
C PRO HA 165 -51.80 -12.02 5.45
N LYS HA 166 -51.32 -10.79 5.59
CA LYS HA 166 -51.38 -9.82 4.50
C LYS HA 166 -50.55 -10.22 3.28
N ASN HA 167 -49.53 -11.03 3.49
CA ASN HA 167 -48.77 -11.56 2.35
C ASN HA 167 -49.16 -13.00 2.08
N PHE HA 168 -50.27 -13.42 2.66
CA PHE HA 168 -50.82 -14.77 2.47
C PHE HA 168 -49.85 -15.88 2.84
N TRP HA 169 -49.16 -15.73 3.96
CA TRP HA 169 -48.42 -16.86 4.46
C TRP HA 169 -48.20 -16.81 5.97
N ASN HA 170 -47.97 -18.01 6.52
CA ASN HA 170 -47.71 -18.21 7.95
C ASN HA 170 -46.83 -19.40 8.09
N GLY HA 171 -45.99 -19.39 9.13
CA GLY HA 171 -45.15 -20.52 9.38
C GLY HA 171 -44.95 -20.69 10.87
N ARG HA 172 -44.71 -21.91 11.27
CA ARG HA 172 -44.41 -22.22 12.68
C ARG HA 172 -43.45 -23.39 12.83
N TRP HA 173 -42.51 -23.24 13.76
CA TRP HA 173 -41.67 -24.32 14.25
C TRP HA 173 -42.11 -24.69 15.66
N ARG HA 174 -42.10 -25.99 15.94
CA ARG HA 174 -42.31 -26.52 17.30
C ARG HA 174 -41.33 -27.63 17.52
N SER HA 175 -40.69 -27.64 18.68
CA SER HA 175 -39.89 -28.78 19.07
C SER HA 175 -40.17 -29.13 20.50
N GLU HA 176 -40.20 -30.44 20.78
CA GLU HA 176 -40.43 -30.93 22.13
C GLU HA 176 -39.39 -31.98 22.46
N TRP HA 177 -38.57 -31.72 23.47
CA TRP HA 177 -37.48 -32.61 23.87
C TRP HA 177 -37.77 -33.15 25.28
N LYS HA 178 -37.65 -34.47 25.44
CA LYS HA 178 -37.87 -35.14 26.73
C LYS HA 178 -36.61 -35.84 27.20
N PHE HA 179 -36.09 -35.39 28.34
CA PHE HA 179 -34.91 -36.00 28.95
C PHE HA 179 -35.35 -36.80 30.19
N THR HA 180 -35.22 -38.11 30.11
CA THR HA 180 -35.61 -38.97 31.20
C THR HA 180 -34.34 -39.34 31.98
N ILE HA 181 -34.19 -38.76 33.16
CA ILE HA 181 -32.95 -38.84 33.92
C ILE HA 181 -32.75 -40.16 34.68
N THR HA 182 -31.68 -40.85 34.34
CA THR HA 182 -31.32 -42.10 34.99
C THR HA 182 -29.79 -42.22 35.07
N PRO HA 183 -29.16 -41.51 36.02
CA PRO HA 183 -27.70 -41.48 36.14
C PRO HA 183 -27.08 -42.87 35.98
N PRO HA 184 -25.95 -42.96 35.27
CA PRO HA 184 -25.19 -41.83 34.73
C PRO HA 184 -25.67 -41.41 33.35
N THR HA 185 -26.83 -41.88 32.91
CA THR HA 185 -27.33 -41.64 31.55
C THR HA 185 -28.76 -41.10 31.48
N ALA HA 186 -28.99 -40.10 30.63
CA ALA HA 186 -30.34 -39.61 30.39
C ALA HA 186 -30.86 -40.11 29.04
N GLN HA 187 -32.11 -40.56 29.02
CA GLN HA 187 -32.75 -40.96 27.78
C GLN HA 187 -33.34 -39.75 27.08
N VAL HA 188 -33.04 -39.61 25.80
CA VAL HA 188 -33.50 -38.43 25.06
C VAL HA 188 -34.50 -38.83 23.98
N ALA HA 189 -35.71 -38.27 24.05
CA ALA HA 189 -36.71 -38.39 22.99
C ALA HA 189 -37.16 -37.01 22.55
N ALA HA 190 -37.33 -36.81 21.25
CA ALA HA 190 -37.79 -35.51 20.76
C ALA HA 190 -38.61 -35.63 19.51
N VAL HA 191 -39.48 -34.64 19.29
CA VAL HA 191 -40.21 -34.50 18.03
C VAL HA 191 -40.03 -33.07 17.53
N LEU HA 192 -39.50 -32.92 16.31
CA LEU HA 192 -39.33 -31.60 15.70
C LEU HA 192 -40.39 -31.45 14.62
N LYS HA 193 -41.01 -30.29 14.54
CA LYS HA 193 -42.10 -30.08 13.59
C LYS HA 193 -42.02 -28.74 12.91
N ILE HA 194 -42.27 -28.72 11.59
CA ILE HA 194 -42.41 -27.47 10.85
C ILE HA 194 -43.68 -27.51 10.01
N GLN HA 195 -44.35 -26.36 9.92
CA GLN HA 195 -45.48 -26.20 9.02
C GLN HA 195 -45.45 -24.82 8.41
N VAL HA 196 -45.52 -24.76 7.08
CA VAL HA 196 -45.59 -23.48 6.40
C VAL HA 196 -46.79 -23.52 5.46
N HIS HA 197 -47.51 -22.41 5.40
CA HIS HA 197 -48.68 -22.30 4.54
C HIS HA 197 -48.60 -21.05 3.67
N TYR HA 198 -48.65 -21.23 2.35
CA TYR HA 198 -48.70 -20.10 1.42
C TYR HA 198 -50.00 -20.16 0.62
N TYR HA 199 -50.72 -19.05 0.54
CA TYR HA 199 -52.08 -19.11 -0.01
C TYR HA 199 -52.54 -17.93 -0.83
N GLU HA 200 -51.61 -17.24 -1.49
CA GLU HA 200 -52.01 -16.28 -2.50
C GLU HA 200 -52.51 -17.03 -3.73
N ASP HA 201 -53.81 -16.98 -3.97
CA ASP HA 201 -54.37 -17.66 -5.12
C ASP HA 201 -53.96 -19.12 -5.17
N GLY HA 202 -54.02 -19.77 -4.02
CA GLY HA 202 -53.76 -21.20 -3.94
C GLY HA 202 -53.66 -21.66 -2.50
N ASN HA 203 -53.14 -22.88 -2.33
CA ASN HA 203 -52.95 -23.45 -0.99
C ASN HA 203 -51.80 -24.42 -1.06
N VAL HA 204 -50.63 -23.97 -0.59
CA VAL HA 204 -49.43 -24.78 -0.66
C VAL HA 204 -48.89 -24.91 0.74
N GLN HA 205 -48.58 -26.13 1.15
CA GLN HA 205 -48.11 -26.32 2.53
C GLN HA 205 -46.93 -27.24 2.62
N LEU HA 206 -45.97 -26.84 3.43
CA LEU HA 206 -44.87 -27.71 3.85
C LEU HA 206 -45.32 -28.29 5.20
N VAL HA 207 -45.32 -29.61 5.31
CA VAL HA 207 -45.57 -30.25 6.60
C VAL HA 207 -44.44 -31.23 6.81
N SER HA 208 -43.74 -31.10 7.93
CA SER HA 208 -42.63 -31.97 8.19
C SER HA 208 -42.46 -32.25 9.68
N HIS HA 209 -41.90 -33.40 9.97
CA HIS HA 209 -41.51 -33.67 11.34
C HIS HA 209 -40.51 -34.78 11.39
N LYS HA 210 -39.72 -34.76 12.46
CA LYS HA 210 -38.69 -35.75 12.64
C LYS HA 210 -38.67 -36.20 14.09
N ASP HA 211 -38.58 -37.50 14.31
CA ASP HA 211 -38.45 -38.02 15.66
C ASP HA 211 -36.98 -38.20 15.98
N ILE HA 212 -36.59 -37.81 17.19
CA ILE HA 212 -35.21 -37.98 17.65
C ILE HA 212 -35.17 -38.95 18.83
N GLN HA 213 -34.20 -39.86 18.81
CA GLN HA 213 -34.01 -40.77 19.94
C GLN HA 213 -32.54 -40.80 20.29
N ASP HA 214 -32.20 -40.53 21.55
CA ASP HA 214 -30.81 -40.40 21.91
C ASP HA 214 -30.58 -40.58 23.40
N SER HA 215 -29.34 -40.37 23.84
CA SER HA 215 -28.97 -40.46 25.25
C SER HA 215 -27.77 -39.57 25.54
N VAL HA 216 -27.71 -39.04 26.75
CA VAL HA 216 -26.59 -38.21 27.16
C VAL HA 216 -26.07 -38.58 28.53
N GLN HA 217 -24.80 -38.29 28.77
CA GLN HA 217 -24.24 -38.39 30.10
C GLN HA 217 -24.87 -37.34 30.99
N VAL HA 218 -25.23 -37.74 32.21
CA VAL HA 218 -25.76 -36.78 33.17
C VAL HA 218 -24.71 -36.58 34.27
N SER HA 219 -24.55 -35.34 34.74
CA SER HA 219 -23.55 -35.02 35.76
C SER HA 219 -24.10 -34.00 36.75
N SER HA 220 -23.46 -32.84 36.78
CA SER HA 220 -23.93 -31.71 37.57
C SER HA 220 -25.16 -31.08 36.92
N ASP HA 221 -25.98 -30.40 37.71
CA ASP HA 221 -27.13 -29.69 37.17
C ASP HA 221 -26.70 -28.80 36.00
N VAL HA 222 -25.71 -27.96 36.24
CA VAL HA 222 -25.24 -27.01 35.25
C VAL HA 222 -24.62 -27.68 34.03
N GLN HA 223 -23.76 -28.68 34.24
CA GLN HA 223 -23.07 -29.33 33.13
C GLN HA 223 -24.02 -30.12 32.23
N THR HA 224 -25.05 -30.68 32.84
CA THR HA 224 -25.99 -31.49 32.09
C THR HA 224 -26.78 -30.58 31.15
N ALA HA 225 -27.27 -29.47 31.69
CA ALA HA 225 -27.94 -28.47 30.90
C ALA HA 225 -27.13 -28.16 29.65
N LYS HA 226 -25.83 -27.93 29.82
CA LYS HA 226 -24.97 -27.67 28.67
C LYS HA 226 -25.01 -28.84 27.70
N GLU HA 227 -24.96 -30.06 28.24
CA GLU HA 227 -25.02 -31.28 27.43
C GLU HA 227 -26.33 -31.37 26.65
N PHE HA 228 -27.45 -31.13 27.33
CA PHE HA 228 -28.79 -31.21 26.73
C PHE HA 228 -28.91 -30.22 25.59
N ILE HA 229 -28.51 -28.97 25.84
CA ILE HA 229 -28.61 -27.93 24.85
C ILE HA 229 -27.72 -28.24 23.66
N LYS HA 230 -26.57 -28.83 23.90
CA LYS HA 230 -25.69 -29.24 22.79
C LYS HA 230 -26.36 -30.29 21.89
N ILE HA 231 -27.03 -31.26 22.51
CA ILE HA 231 -27.78 -32.29 21.77
C ILE HA 231 -28.89 -31.62 20.97
N ILE HA 232 -29.62 -30.71 21.61
CA ILE HA 232 -30.72 -30.02 20.93
C ILE HA 232 -30.16 -29.27 19.71
N GLU HA 233 -29.08 -28.55 19.93
CA GLU HA 233 -28.53 -27.71 18.88
C GLU HA 233 -28.06 -28.54 17.68
N ASN HA 234 -27.33 -29.62 17.95
CA ASN HA 234 -26.87 -30.49 16.85
C ASN HA 234 -28.02 -31.09 16.04
N ALA HA 235 -29.04 -31.56 16.76
CA ALA HA 235 -30.17 -32.23 16.11
C ALA HA 235 -30.97 -31.25 15.28
N GLU HA 236 -31.30 -30.10 15.87
CA GLU HA 236 -32.09 -29.09 15.18
C GLU HA 236 -31.37 -28.53 13.95
N ASN HA 237 -30.07 -28.25 14.09
CA ASN HA 237 -29.32 -27.83 12.90
C ASN HA 237 -29.27 -28.90 11.81
N GLU HA 238 -29.10 -30.15 12.22
CA GLU HA 238 -29.04 -31.27 11.27
C GLU HA 238 -30.36 -31.36 10.50
N TYR HA 239 -31.46 -31.13 11.20
CA TYR HA 239 -32.80 -31.28 10.62
C TYR HA 239 -33.00 -30.15 9.62
N GLN HA 240 -32.70 -28.93 10.05
CA GLN HA 240 -32.82 -27.78 9.17
C GLN HA 240 -31.93 -27.96 7.95
N THR HA 241 -30.72 -28.48 8.16
CA THR HA 241 -29.84 -28.76 7.01
C THR HA 241 -30.40 -29.81 6.05
N ALA HA 242 -30.98 -30.88 6.58
CA ALA HA 242 -31.61 -31.91 5.75
C ALA HA 242 -32.82 -31.33 5.00
N ILE HA 243 -33.57 -30.45 5.65
CA ILE HA 243 -34.69 -29.81 4.97
C ILE HA 243 -34.16 -29.00 3.79
N SER HA 244 -33.10 -28.23 4.01
CA SER HA 244 -32.52 -27.45 2.94
C SER HA 244 -32.05 -28.35 1.81
N GLU HA 245 -31.46 -29.49 2.16
CA GLU HA 245 -31.01 -30.43 1.14
C GLU HA 245 -32.17 -31.03 0.34
N ASN HA 246 -33.33 -31.25 0.99
CA ASN HA 246 -34.50 -31.79 0.30
C ASN HA 246 -35.06 -30.79 -0.71
N TYR HA 247 -35.14 -29.54 -0.27
CA TYR HA 247 -35.55 -28.45 -1.15
C TYR HA 247 -34.70 -28.40 -2.43
N GLN HA 248 -33.39 -28.51 -2.26
CA GLN HA 248 -32.49 -28.39 -3.39
C GLN HA 248 -32.69 -29.55 -4.36
N THR HA 249 -32.83 -30.75 -3.81
CA THR HA 249 -33.07 -31.96 -4.60
C THR HA 249 -34.45 -31.96 -5.29
N MET HA 250 -35.47 -31.52 -4.57
CA MET HA 250 -36.80 -31.36 -5.18
C MET HA 250 -36.76 -30.37 -6.35
N SER HA 251 -35.96 -29.31 -6.20
CA SER HA 251 -35.85 -28.25 -7.21
C SER HA 251 -35.03 -28.68 -8.42
N ASP HA 252 -33.88 -29.31 -8.18
CA ASP HA 252 -32.92 -29.63 -9.24
C ASP HA 252 -33.19 -30.97 -9.91
N THR HA 253 -34.01 -31.80 -9.28
CA THR HA 253 -34.22 -33.15 -9.79
C THR HA 253 -35.69 -33.43 -10.06
N THR HA 254 -36.48 -33.53 -8.99
CA THR HA 254 -37.87 -33.94 -9.14
C THR HA 254 -38.71 -32.96 -9.96
N PHE HA 255 -38.67 -31.69 -9.59
CA PHE HA 255 -39.52 -30.70 -10.25
C PHE HA 255 -39.17 -30.60 -11.73
N LYS HA 256 -37.88 -30.51 -12.02
CA LYS HA 256 -37.40 -30.44 -13.39
C LYS HA 256 -37.89 -31.63 -14.22
N ALA HA 257 -37.81 -32.83 -13.64
CA ALA HA 257 -38.18 -34.05 -14.36
C ALA HA 257 -39.68 -34.15 -14.63
N LEU HA 258 -40.51 -33.46 -13.84
CA LEU HA 258 -41.95 -33.56 -14.00
C LEU HA 258 -42.44 -32.91 -15.31
N ARG HA 259 -41.89 -31.74 -15.63
CA ARG HA 259 -42.24 -31.03 -16.86
C ARG HA 259 -41.11 -30.18 -17.38
N ARG HA 260 -40.86 -30.27 -18.67
CA ARG HA 260 -39.86 -29.44 -19.34
C ARG HA 260 -40.27 -27.98 -19.31
N GLN HA 261 -39.30 -27.06 -19.36
CA GLN HA 261 -39.59 -25.64 -19.53
C GLN HA 261 -40.11 -25.38 -20.95
N LEU HA 262 -39.46 -25.99 -21.94
CA LEU HA 262 -39.84 -25.89 -23.34
C LEU HA 262 -39.62 -27.23 -23.99
N PRO HA 263 -40.34 -27.50 -25.08
CA PRO HA 263 -40.09 -28.71 -25.85
C PRO HA 263 -38.67 -28.66 -26.38
N VAL HA 264 -38.18 -29.80 -26.90
CA VAL HA 264 -36.80 -29.90 -27.36
C VAL HA 264 -36.44 -28.88 -28.45
N THR HA 265 -37.43 -28.42 -29.22
CA THR HA 265 -37.21 -27.40 -30.21
C THR HA 265 -36.79 -26.06 -29.61
N ARG HA 266 -36.95 -25.92 -28.29
CA ARG HA 266 -36.63 -24.67 -27.60
C ARG HA 266 -37.47 -23.51 -28.11
N THR HA 267 -38.62 -23.82 -28.65
CA THR HA 267 -39.60 -22.82 -28.98
C THR HA 267 -40.95 -23.33 -28.53
N LYS HA 268 -41.87 -22.42 -28.26
CA LYS HA 268 -43.24 -22.85 -27.98
C LYS HA 268 -43.81 -23.64 -29.15
N ILE HA 269 -44.88 -24.38 -28.89
CA ILE HA 269 -45.47 -25.24 -29.90
C ILE HA 269 -46.07 -24.45 -31.05
N ASP HA 270 -45.86 -24.96 -32.27
CA ASP HA 270 -46.53 -24.41 -33.45
C ASP HA 270 -47.82 -25.19 -33.61
N TRP HA 271 -48.91 -24.59 -33.19
CA TRP HA 271 -50.18 -25.31 -33.05
C TRP HA 271 -50.82 -25.76 -34.39
N ASN HA 272 -50.60 -24.99 -35.45
CA ASN HA 272 -51.08 -25.42 -36.76
C ASN HA 272 -50.43 -26.72 -37.19
N LYS HA 273 -49.14 -26.84 -36.90
CA LYS HA 273 -48.36 -28.04 -37.18
C LYS HA 273 -48.93 -29.24 -36.41
N ILE HA 274 -49.19 -29.03 -35.12
CA ILE HA 274 -49.63 -30.10 -34.24
C ILE HA 274 -50.95 -30.67 -34.76
N LEU HA 275 -51.70 -29.85 -35.48
CA LEU HA 275 -53.04 -30.22 -35.94
C LEU HA 275 -53.00 -30.98 -37.26
N SER HA 276 -51.84 -30.99 -37.91
CA SER HA 276 -51.65 -31.73 -39.15
C SER HA 276 -51.88 -33.23 -38.98
N SER IA 2 -76.05 -20.82 1.34
CA SER IA 2 -75.58 -21.73 0.29
C SER IA 2 -74.43 -21.08 -0.41
N ASP IA 3 -74.69 -19.86 -0.87
CA ASP IA 3 -73.65 -19.03 -1.45
C ASP IA 3 -72.63 -18.66 -0.37
N GLN IA 4 -73.09 -18.31 0.85
CA GLN IA 4 -72.19 -17.99 1.98
C GLN IA 4 -71.55 -19.24 2.55
N GLN IA 5 -72.33 -20.32 2.61
CA GLN IA 5 -71.78 -21.60 3.05
C GLN IA 5 -70.78 -22.12 2.01
N LEU IA 6 -71.10 -21.92 0.75
CA LEU IA 6 -70.16 -22.25 -0.32
C LEU IA 6 -68.83 -21.46 -0.23
N ASP IA 7 -68.93 -20.17 0.10
CA ASP IA 7 -67.78 -19.29 0.23
C ASP IA 7 -66.85 -19.78 1.35
N CYS IA 8 -67.46 -20.17 2.45
CA CYS IA 8 -66.72 -20.68 3.61
C CYS IA 8 -66.11 -22.04 3.33
N ALA IA 9 -66.84 -22.86 2.56
CA ALA IA 9 -66.33 -24.19 2.20
C ALA IA 9 -65.01 -24.10 1.40
N LEU IA 10 -65.02 -23.23 0.40
CA LEU IA 10 -63.84 -22.95 -0.41
C LEU IA 10 -62.72 -22.33 0.43
N ASP IA 11 -63.08 -21.39 1.30
CA ASP IA 11 -62.09 -20.77 2.17
C ASP IA 11 -61.40 -21.86 2.99
N LEU IA 12 -62.20 -22.80 3.51
CA LEU IA 12 -61.67 -23.88 4.31
C LEU IA 12 -60.74 -24.78 3.50
N MET IA 13 -61.07 -25.04 2.24
CA MET IA 13 -60.17 -25.84 1.42
C MET IA 13 -58.87 -25.09 1.08
N ARG IA 14 -58.85 -23.78 1.30
CA ARG IA 14 -57.64 -23.00 1.05
C ARG IA 14 -56.66 -23.11 2.23
N ARG IA 15 -57.13 -23.68 3.33
CA ARG IA 15 -56.42 -23.55 4.60
C ARG IA 15 -56.07 -24.92 5.21
N LEU IA 16 -56.98 -25.88 5.08
CA LEU IA 16 -56.74 -27.24 5.56
C LEU IA 16 -55.59 -27.80 4.75
N PRO IA 17 -54.74 -28.62 5.38
CA PRO IA 17 -53.58 -29.16 4.65
C PRO IA 17 -53.98 -29.86 3.34
N PRO IA 18 -53.32 -29.50 2.23
CA PRO IA 18 -53.58 -30.14 0.95
C PRO IA 18 -53.14 -31.61 0.96
N GLN IA 19 -52.30 -32.00 1.90
CA GLN IA 19 -51.93 -33.40 2.02
C GLN IA 19 -53.16 -34.28 2.23
N GLN IA 20 -54.22 -33.73 2.82
CA GLN IA 20 -55.44 -34.52 3.03
C GLN IA 20 -56.57 -33.98 2.14
N ILE IA 21 -56.17 -33.47 0.98
CA ILE IA 21 -57.13 -32.84 0.07
C ILE IA 21 -58.37 -33.72 -0.23
N GLU IA 22 -58.18 -35.01 -0.44
CA GLU IA 22 -59.32 -35.89 -0.71
C GLU IA 22 -60.25 -36.09 0.50
N LYS IA 23 -59.66 -36.37 1.67
CA LYS IA 23 -60.45 -36.54 2.89
C LYS IA 23 -61.11 -35.21 3.30
N ASN IA 24 -60.42 -34.10 3.10
CA ASN IA 24 -61.01 -32.79 3.40
C ASN IA 24 -62.34 -32.61 2.64
N LEU IA 25 -62.32 -32.87 1.33
CA LEU IA 25 -63.52 -32.72 0.52
C LEU IA 25 -64.67 -33.60 1.03
N SER IA 26 -64.45 -34.90 1.22
CA SER IA 26 -65.57 -35.75 1.63
C SER IA 26 -66.08 -35.40 3.03
N ASP IA 27 -65.17 -34.98 3.92
CA ASP IA 27 -65.57 -34.47 5.23
C ASP IA 27 -66.49 -33.27 5.06
N LEU IA 28 -66.07 -32.35 4.20
CA LEU IA 28 -66.84 -31.14 3.88
C LEU IA 28 -68.21 -31.50 3.33
N ILE IA 29 -68.26 -32.44 2.40
CA ILE IA 29 -69.55 -32.91 1.87
C ILE IA 29 -70.41 -33.46 3.00
N ASP IA 30 -69.82 -34.20 3.93
CA ASP IA 30 -70.58 -34.75 5.04
C ASP IA 30 -71.06 -33.65 5.97
N LEU IA 31 -70.22 -32.64 6.16
CA LEU IA 31 -70.58 -31.51 7.01
C LEU IA 31 -71.76 -30.73 6.44
N VAL IA 32 -71.76 -30.53 5.12
CA VAL IA 32 -72.85 -29.77 4.46
C VAL IA 32 -73.41 -30.49 3.22
N PRO IA 33 -74.17 -31.56 3.44
CA PRO IA 33 -74.67 -32.45 2.39
C PRO IA 33 -75.30 -31.71 1.21
N SER IA 34 -75.93 -30.57 1.48
CA SER IA 34 -76.64 -29.81 0.44
C SER IA 34 -75.74 -29.13 -0.59
N LEU IA 35 -74.45 -28.98 -0.30
CA LEU IA 35 -73.54 -28.32 -1.21
C LEU IA 35 -72.82 -29.33 -2.06
N CYS IA 36 -73.25 -30.58 -2.02
CA CYS IA 36 -72.52 -31.65 -2.69
C CYS IA 36 -72.16 -31.34 -4.15
N GLU IA 37 -73.15 -30.95 -4.96
CA GLU IA 37 -72.88 -30.74 -6.38
C GLU IA 37 -71.90 -29.57 -6.60
N ASP IA 38 -72.14 -28.48 -5.86
CA ASP IA 38 -71.32 -27.30 -5.94
C ASP IA 38 -69.88 -27.61 -5.52
N LEU IA 39 -69.72 -28.28 -4.39
CA LEU IA 39 -68.38 -28.64 -3.91
C LEU IA 39 -67.68 -29.58 -4.88
N LEU IA 40 -68.36 -30.62 -5.34
CA LEU IA 40 -67.77 -31.52 -6.33
C LEU IA 40 -67.25 -30.80 -7.60
N SER IA 41 -67.87 -29.68 -7.97
CA SER IA 41 -67.49 -29.05 -9.22
C SER IA 41 -66.49 -27.91 -9.05
N SER IA 42 -66.45 -27.34 -7.85
CA SER IA 42 -65.53 -26.22 -7.63
C SER IA 42 -64.28 -26.58 -6.78
N VAL IA 43 -64.30 -27.73 -6.11
CA VAL IA 43 -63.14 -28.14 -5.33
C VAL IA 43 -62.27 -29.07 -6.17
N ASP IA 44 -61.11 -28.58 -6.61
CA ASP IA 44 -60.20 -29.42 -7.38
C ASP IA 44 -59.67 -30.58 -6.51
N GLN IA 45 -59.40 -31.72 -7.16
CA GLN IA 45 -58.91 -32.93 -6.51
C GLN IA 45 -57.85 -33.52 -7.42
N PRO IA 46 -56.88 -34.21 -6.84
CA PRO IA 46 -55.84 -34.88 -7.64
C PRO IA 46 -56.50 -35.76 -8.68
N LEU IA 47 -55.91 -35.84 -9.86
CA LEU IA 47 -56.49 -36.61 -10.96
C LEU IA 47 -56.25 -38.09 -10.76
N LYS IA 48 -57.25 -38.94 -11.08
CA LYS IA 48 -57.06 -40.38 -10.99
C LYS IA 48 -56.93 -40.96 -12.39
N ILE IA 49 -56.14 -42.01 -12.53
CA ILE IA 49 -55.95 -42.68 -13.79
C ILE IA 49 -56.84 -43.90 -13.89
N ALA IA 50 -57.61 -44.00 -14.96
CA ALA IA 50 -58.38 -45.21 -15.24
C ALA IA 50 -57.91 -45.78 -16.56
N ARG IA 51 -58.23 -47.04 -16.84
CA ARG IA 51 -57.79 -47.64 -18.08
C ARG IA 51 -58.98 -47.91 -19.02
N ASP IA 52 -58.91 -47.38 -20.24
CA ASP IA 52 -59.92 -47.71 -21.23
C ASP IA 52 -59.58 -49.05 -21.88
N LYS IA 53 -60.23 -50.12 -21.41
CA LYS IA 53 -59.93 -51.48 -21.84
C LYS IA 53 -60.15 -51.69 -23.34
N VAL IA 54 -61.15 -50.99 -23.88
CA VAL IA 54 -61.49 -51.14 -25.28
C VAL IA 54 -60.38 -50.63 -26.19
N VAL IA 55 -59.92 -49.42 -25.95
CA VAL IA 55 -58.93 -48.79 -26.82
C VAL IA 55 -57.50 -49.09 -26.38
N GLY IA 56 -57.35 -49.61 -25.17
CA GLY IA 56 -56.04 -49.83 -24.59
C GLY IA 56 -55.29 -48.52 -24.36
N LYS IA 57 -55.95 -47.56 -23.70
CA LYS IA 57 -55.34 -46.28 -23.38
C LYS IA 57 -55.79 -45.82 -22.00
N ASP IA 58 -54.91 -45.11 -21.29
CA ASP IA 58 -55.25 -44.53 -20.00
C ASP IA 58 -56.03 -43.22 -20.20
N TYR IA 59 -56.85 -42.87 -19.23
CA TYR IA 59 -57.55 -41.59 -19.27
C TYR IA 59 -57.76 -41.11 -17.84
N LEU IA 60 -58.09 -39.83 -17.69
CA LEU IA 60 -58.09 -39.19 -16.38
C LEU IA 60 -59.49 -38.97 -15.85
N LEU IA 61 -59.68 -39.23 -14.57
CA LEU IA 61 -60.99 -39.07 -13.95
C LEU IA 61 -61.03 -37.77 -13.13
N CYS IA 62 -62.10 -37.03 -13.28
CA CYS IA 62 -62.35 -35.89 -12.40
C CYS IA 62 -63.84 -35.64 -12.42
N ASP IA 63 -64.31 -34.59 -11.76
CA ASP IA 63 -65.75 -34.37 -11.75
C ASP IA 63 -66.33 -34.08 -13.15
N TYR IA 64 -65.54 -33.48 -14.02
CA TYR IA 64 -66.10 -33.08 -15.32
C TYR IA 64 -66.45 -34.23 -16.26
N ASN IA 65 -65.85 -35.41 -16.08
CA ASN IA 65 -66.26 -36.53 -16.95
C ASN IA 65 -67.07 -37.57 -16.18
N ARG IA 66 -67.65 -37.13 -15.07
CA ARG IA 66 -68.41 -38.03 -14.22
C ARG IA 66 -69.91 -37.89 -14.47
N ASP IA 67 -70.60 -39.02 -14.39
CA ASP IA 67 -72.05 -39.00 -14.34
C ASP IA 67 -72.44 -40.13 -13.40
N GLY IA 68 -73.12 -39.76 -12.31
CA GLY IA 68 -73.42 -40.72 -11.27
C GLY IA 68 -72.12 -41.28 -10.71
N ASP IA 69 -71.95 -42.59 -10.78
CA ASP IA 69 -70.71 -43.20 -10.30
C ASP IA 69 -69.83 -43.72 -11.44
N SER IA 70 -70.16 -43.33 -12.66
CA SER IA 70 -69.39 -43.76 -13.82
C SER IA 70 -68.61 -42.59 -14.41
N TYR IA 71 -67.59 -42.91 -15.21
CA TYR IA 71 -66.77 -41.91 -15.89
C TYR IA 71 -66.63 -42.21 -17.39
N ARG IA 72 -66.63 -41.15 -18.19
CA ARG IA 72 -66.60 -41.26 -19.63
C ARG IA 72 -65.15 -41.25 -20.13
N SER IA 73 -64.78 -42.25 -20.92
CA SER IA 73 -63.48 -42.27 -21.60
C SER IA 73 -63.49 -41.29 -22.78
N PRO IA 74 -62.42 -40.51 -22.95
CA PRO IA 74 -62.35 -39.62 -24.10
C PRO IA 74 -61.97 -40.37 -25.38
N TRP IA 75 -61.53 -41.62 -25.23
CA TRP IA 75 -61.10 -42.41 -26.38
C TRP IA 75 -62.26 -43.19 -26.98
N SER IA 76 -63.02 -43.89 -26.14
CA SER IA 76 -64.11 -44.74 -26.62
C SER IA 76 -65.46 -44.02 -26.53
N ASN IA 77 -65.47 -42.87 -25.85
CA ASN IA 77 -66.68 -42.12 -25.64
C ASN IA 77 -67.75 -42.96 -24.95
N LYS IA 78 -67.32 -43.90 -24.12
CA LYS IA 78 -68.26 -44.72 -23.34
C LYS IA 78 -68.03 -44.56 -21.83
N TYR IA 79 -69.10 -44.73 -21.06
CA TYR IA 79 -69.00 -44.69 -19.59
C TYR IA 79 -68.57 -46.03 -18.99
N ASP IA 80 -67.80 -45.95 -17.91
CA ASP IA 80 -67.45 -47.11 -17.12
C ASP IA 80 -67.58 -46.77 -15.64
N PRO IA 81 -68.47 -47.47 -14.93
CA PRO IA 81 -69.40 -48.53 -15.37
C PRO IA 81 -70.39 -48.03 -16.41
N PRO IA 82 -70.79 -48.90 -17.33
CA PRO IA 82 -71.68 -48.52 -18.44
C PRO IA 82 -72.93 -47.81 -17.93
N LEU IA 83 -73.55 -47.01 -18.78
CA LEU IA 83 -74.69 -46.20 -18.38
C LEU IA 83 -75.73 -46.18 -19.49
N GLU IA 84 -77.00 -46.16 -19.12
CA GLU IA 84 -78.08 -46.21 -20.10
C GLU IA 84 -78.28 -44.86 -20.80
N ASP IA 85 -78.07 -43.78 -20.06
CA ASP IA 85 -78.30 -42.45 -20.59
C ASP IA 85 -77.26 -41.47 -20.04
N GLY IA 86 -75.99 -41.89 -20.03
CA GLY IA 86 -74.92 -41.04 -19.57
C GLY IA 86 -74.88 -39.78 -20.40
N ALA IA 87 -74.48 -38.67 -19.80
CA ALA IA 87 -74.38 -37.41 -20.54
C ALA IA 87 -73.27 -37.49 -21.60
N MET IA 88 -73.65 -37.24 -22.85
CA MET IA 88 -72.72 -37.32 -23.97
C MET IA 88 -72.61 -35.95 -24.64
N PRO IA 89 -71.46 -35.67 -25.27
CA PRO IA 89 -71.38 -34.46 -26.10
C PRO IA 89 -72.13 -34.64 -27.41
N SER IA 90 -72.58 -33.55 -28.01
CA SER IA 90 -73.22 -33.62 -29.33
C SER IA 90 -72.22 -34.17 -30.33
N ALA IA 91 -72.69 -34.52 -31.52
CA ALA IA 91 -71.80 -35.06 -32.55
C ALA IA 91 -70.74 -34.03 -32.90
N ARG IA 92 -71.13 -32.76 -33.01
CA ARG IA 92 -70.19 -31.71 -33.40
C ARG IA 92 -69.09 -31.58 -32.35
N LEU IA 93 -69.52 -31.44 -31.11
CA LEU IA 93 -68.59 -31.27 -29.99
C LEU IA 93 -67.73 -32.51 -29.76
N ARG IA 94 -68.28 -33.70 -29.97
CA ARG IA 94 -67.47 -34.92 -29.87
C ARG IA 94 -66.35 -34.94 -30.92
N LYS IA 95 -66.65 -34.49 -32.13
CA LYS IA 95 -65.60 -34.43 -33.16
C LYS IA 95 -64.49 -33.49 -32.69
N LEU IA 96 -64.89 -32.35 -32.14
CA LEU IA 96 -63.92 -31.39 -31.64
C LEU IA 96 -63.13 -31.97 -30.47
N GLU IA 97 -63.81 -32.74 -29.63
CA GLU IA 97 -63.17 -33.35 -28.46
C GLU IA 97 -62.10 -34.36 -28.88
N VAL IA 98 -62.39 -35.17 -29.89
CA VAL IA 98 -61.41 -36.12 -30.39
C VAL IA 98 -60.19 -35.38 -30.93
N GLU IA 99 -60.45 -34.32 -31.69
CA GLU IA 99 -59.40 -33.44 -32.20
C GLU IA 99 -58.54 -32.88 -31.05
N ALA IA 100 -59.20 -32.34 -30.03
CA ALA IA 100 -58.50 -31.74 -28.90
C ALA IA 100 -57.67 -32.80 -28.15
N ASN IA 101 -58.20 -34.00 -28.01
CA ASN IA 101 -57.47 -35.04 -27.30
C ASN IA 101 -56.23 -35.47 -28.04
N ASN IA 102 -56.29 -35.49 -29.38
CA ASN IA 102 -55.14 -35.79 -30.20
C ASN IA 102 -54.10 -34.70 -30.08
N ALA IA 103 -54.56 -33.46 -30.12
CA ALA IA 103 -53.65 -32.32 -30.02
C ALA IA 103 -52.98 -32.26 -28.66
N PHE IA 104 -53.74 -32.45 -27.59
CA PHE IA 104 -53.16 -32.33 -26.24
C PHE IA 104 -52.37 -33.53 -25.82
N ASP IA 105 -52.61 -34.66 -26.47
CA ASP IA 105 -51.77 -35.84 -26.33
C ASP IA 105 -50.34 -35.55 -26.83
N GLN IA 106 -50.23 -34.83 -27.94
CA GLN IA 106 -48.93 -34.42 -28.45
C GLN IA 106 -48.31 -33.33 -27.58
N TYR IA 107 -49.14 -32.41 -27.10
CA TYR IA 107 -48.69 -31.38 -26.18
C TYR IA 107 -48.08 -32.06 -24.98
N ARG IA 108 -48.80 -33.04 -24.44
CA ARG IA 108 -48.36 -33.78 -23.27
C ARG IA 108 -46.99 -34.39 -23.54
N ASP IA 109 -46.86 -35.13 -24.63
CA ASP IA 109 -45.58 -35.79 -24.96
C ASP IA 109 -44.46 -34.75 -25.13
N LEU IA 110 -44.75 -33.63 -25.79
CA LEU IA 110 -43.75 -32.57 -25.97
C LEU IA 110 -43.26 -31.93 -24.67
N TYR IA 111 -44.17 -31.68 -23.72
CA TYR IA 111 -43.77 -30.98 -22.48
C TYR IA 111 -43.44 -31.92 -21.33
N PHE IA 112 -44.17 -33.03 -21.23
CA PHE IA 112 -44.05 -33.91 -20.07
C PHE IA 112 -43.32 -35.23 -20.37
N GLU IA 113 -43.18 -35.57 -21.65
CA GLU IA 113 -42.40 -36.75 -22.05
C GLU IA 113 -42.87 -38.00 -21.31
N GLY IA 114 -44.18 -38.17 -21.20
CA GLY IA 114 -44.76 -39.20 -20.36
C GLY IA 114 -46.09 -38.73 -19.77
N GLY IA 115 -46.55 -39.40 -18.72
CA GLY IA 115 -47.80 -39.05 -18.06
C GLY IA 115 -49.00 -39.39 -18.91
N VAL IA 116 -50.16 -38.83 -18.54
CA VAL IA 116 -51.41 -39.13 -19.25
C VAL IA 116 -52.16 -37.83 -19.45
N SER IA 117 -52.90 -37.71 -20.56
CA SER IA 117 -53.74 -36.55 -20.80
C SER IA 117 -55.17 -36.95 -21.11
N SER IA 118 -56.10 -36.01 -20.94
CA SER IA 118 -57.51 -36.20 -21.33
C SER IA 118 -58.13 -34.83 -21.48
N VAL IA 119 -59.05 -34.73 -22.46
CA VAL IA 119 -59.82 -33.52 -22.71
C VAL IA 119 -61.28 -33.92 -22.78
N TYR IA 120 -62.13 -33.22 -22.02
CA TYR IA 120 -63.56 -33.41 -22.06
C TYR IA 120 -64.20 -32.08 -22.38
N LEU IA 121 -65.12 -32.07 -23.35
CA LEU IA 121 -65.83 -30.83 -23.74
C LEU IA 121 -67.31 -30.96 -23.41
N TRP IA 122 -67.97 -29.81 -23.26
CA TRP IA 122 -69.42 -29.83 -23.10
C TRP IA 122 -70.05 -28.53 -23.60
N ASP IA 123 -71.32 -28.63 -24.00
CA ASP IA 123 -72.05 -27.52 -24.59
C ASP IA 123 -72.37 -26.41 -23.60
N LEU IA 124 -72.32 -25.17 -24.07
CA LEU IA 124 -72.81 -24.03 -23.31
C LEU IA 124 -73.82 -23.33 -24.17
N ASP IA 125 -74.51 -22.35 -23.58
CA ASP IA 125 -75.50 -21.58 -24.31
C ASP IA 125 -74.91 -20.97 -25.58
N HIS IA 126 -73.87 -20.16 -25.44
CA HIS IA 126 -73.36 -19.41 -26.57
C HIS IA 126 -71.98 -19.86 -27.02
N GLY IA 127 -71.68 -21.13 -26.82
CA GLY IA 127 -70.39 -21.68 -27.18
C GLY IA 127 -70.20 -23.03 -26.57
N PHE IA 128 -69.08 -23.21 -25.87
CA PHE IA 128 -68.81 -24.49 -25.25
C PHE IA 128 -67.70 -24.32 -24.22
N ALA IA 129 -67.54 -25.31 -23.36
CA ALA IA 129 -66.47 -25.32 -22.36
C ALA IA 129 -65.73 -26.64 -22.47
N GLY IA 130 -64.61 -26.73 -21.78
CA GLY IA 130 -63.88 -27.97 -21.73
C GLY IA 130 -62.86 -27.92 -20.61
N VAL IA 131 -62.34 -29.09 -20.28
CA VAL IA 131 -61.27 -29.16 -19.32
C VAL IA 131 -60.16 -29.94 -20.01
N ILE IA 132 -58.95 -29.43 -19.88
CA ILE IA 132 -57.79 -30.15 -20.35
C ILE IA 132 -57.01 -30.64 -19.11
N LEU IA 133 -56.81 -31.96 -19.02
CA LEU IA 133 -56.17 -32.58 -17.85
C LEU IA 133 -54.85 -33.22 -18.20
N ILE IA 134 -53.85 -33.01 -17.36
CA ILE IA 134 -52.59 -33.71 -17.54
C ILE IA 134 -52.12 -34.25 -16.19
N LYS IA 135 -51.67 -35.50 -16.16
CA LYS IA 135 -51.23 -36.14 -14.95
C LYS IA 135 -49.86 -36.72 -15.20
N LYS IA 136 -48.88 -36.35 -14.38
CA LYS IA 136 -47.53 -36.87 -14.55
C LYS IA 136 -46.91 -37.24 -13.21
N ALA IA 137 -46.48 -38.49 -13.08
CA ALA IA 137 -45.84 -38.94 -11.85
C ALA IA 137 -44.32 -38.85 -11.98
N GLY IA 138 -43.63 -38.52 -10.90
CA GLY IA 138 -42.17 -38.51 -10.89
C GLY IA 138 -41.62 -39.92 -10.89
N ASP IA 139 -40.39 -40.10 -11.34
CA ASP IA 139 -39.82 -41.44 -11.43
C ASP IA 139 -39.29 -41.93 -10.09
N GLY IA 140 -39.39 -41.07 -9.07
CA GLY IA 140 -39.04 -41.46 -7.72
C GLY IA 140 -37.57 -41.36 -7.38
N SER IA 141 -36.80 -40.73 -8.27
CA SER IA 141 -35.35 -40.62 -8.11
C SER IA 141 -34.96 -39.95 -6.78
N LYS IA 142 -33.78 -40.29 -6.28
CA LYS IA 142 -33.25 -39.67 -5.07
C LYS IA 142 -34.26 -39.72 -3.92
N LYS IA 143 -35.10 -40.76 -3.92
CA LYS IA 143 -36.03 -41.01 -2.82
C LYS IA 143 -37.07 -39.92 -2.65
N ILE IA 144 -37.36 -39.19 -3.72
CA ILE IA 144 -38.41 -38.17 -3.70
C ILE IA 144 -39.56 -38.62 -4.58
N LYS IA 145 -40.75 -38.72 -4.00
CA LYS IA 145 -41.96 -38.99 -4.76
C LYS IA 145 -42.60 -37.68 -5.18
N GLY IA 146 -42.89 -37.56 -6.48
CA GLY IA 146 -43.46 -36.35 -7.01
C GLY IA 146 -44.63 -36.62 -7.92
N CYS IA 147 -45.55 -35.67 -7.98
CA CYS IA 147 -46.68 -35.75 -8.91
C CYS IA 147 -47.14 -34.36 -9.32
N TRP IA 148 -47.50 -34.24 -10.60
CA TRP IA 148 -47.95 -32.98 -11.18
C TRP IA 148 -49.32 -33.20 -11.79
N ASP IA 149 -50.33 -32.41 -11.38
CA ASP IA 149 -51.65 -32.38 -12.01
C ASP IA 149 -51.93 -31.03 -12.68
N SER IA 150 -52.36 -31.06 -13.94
CA SER IA 150 -52.90 -29.87 -14.61
C SER IA 150 -54.40 -30.04 -14.78
N ILE IA 151 -55.15 -29.02 -14.36
CA ILE IA 151 -56.58 -28.92 -14.60
C ILE IA 151 -56.86 -27.56 -15.25
N HIS IA 152 -56.99 -27.56 -16.58
CA HIS IA 152 -57.26 -26.33 -17.32
C HIS IA 152 -58.72 -26.32 -17.78
N VAL IA 153 -59.50 -25.41 -17.22
CA VAL IA 153 -60.92 -25.32 -17.57
C VAL IA 153 -61.14 -24.10 -18.42
N VAL IA 154 -61.66 -24.31 -19.63
CA VAL IA 154 -61.82 -23.20 -20.57
C VAL IA 154 -63.28 -22.98 -20.94
N GLU IA 155 -63.69 -21.72 -20.99
CA GLU IA 155 -65.02 -21.35 -21.43
C GLU IA 155 -64.87 -20.55 -22.72
N VAL IA 156 -65.60 -20.96 -23.75
CA VAL IA 156 -65.53 -20.34 -25.06
C VAL IA 156 -66.89 -19.76 -25.45
N GLN IA 157 -66.94 -18.46 -25.69
CA GLN IA 157 -68.17 -17.80 -26.13
C GLN IA 157 -68.05 -17.44 -27.61
N GLU IA 158 -68.80 -18.14 -28.47
CA GLU IA 158 -68.63 -18.03 -29.91
C GLU IA 158 -69.40 -16.85 -30.49
N ARG IA 163 -66.33 -16.06 -36.27
CA ARG IA 163 -65.45 -14.95 -36.68
C ARG IA 163 -64.35 -14.69 -35.64
N THR IA 164 -64.77 -14.38 -34.42
CA THR IA 164 -63.85 -14.28 -33.30
C THR IA 164 -64.53 -14.94 -32.12
N ALA IA 165 -63.78 -15.24 -31.06
CA ALA IA 165 -64.42 -15.74 -29.88
C ALA IA 165 -63.75 -15.18 -28.64
N HIS IA 166 -64.48 -15.20 -27.53
CA HIS IA 166 -63.91 -14.84 -26.24
C HIS IA 166 -63.56 -16.11 -25.46
N TYR IA 167 -62.31 -16.18 -24.98
CA TYR IA 167 -61.88 -17.34 -24.21
C TYR IA 167 -61.63 -16.96 -22.77
N LYS IA 168 -62.13 -17.77 -21.86
CA LYS IA 168 -61.82 -17.58 -20.45
C LYS IA 168 -61.19 -18.86 -19.93
N LEU IA 169 -59.99 -18.75 -19.38
CA LEU IA 169 -59.24 -19.91 -18.90
C LEU IA 169 -58.92 -19.84 -17.40
N THR IA 170 -59.35 -20.86 -16.66
CA THR IA 170 -59.06 -20.99 -15.23
C THR IA 170 -58.23 -22.25 -15.04
N SER IA 171 -56.98 -22.06 -14.65
CA SER IA 171 -56.05 -23.18 -14.58
C SER IA 171 -55.55 -23.41 -13.16
N THR IA 172 -55.64 -24.66 -12.74
CA THR IA 172 -55.07 -25.08 -11.45
C THR IA 172 -53.97 -26.06 -11.76
N VAL IA 173 -52.81 -25.87 -11.13
CA VAL IA 173 -51.79 -26.91 -11.19
C VAL IA 173 -51.53 -27.37 -9.76
N MET IA 174 -51.53 -28.68 -9.58
CA MET IA 174 -51.20 -29.27 -8.28
C MET IA 174 -49.85 -29.88 -8.35
N LEU IA 175 -49.05 -29.64 -7.33
CA LEU IA 175 -47.71 -30.16 -7.29
C LEU IA 175 -47.45 -30.79 -5.92
N TRP IA 176 -47.05 -32.06 -5.93
CA TRP IA 176 -46.87 -32.83 -4.69
C TRP IA 176 -45.47 -33.38 -4.64
N LEU IA 177 -44.78 -33.08 -3.55
CA LEU IA 177 -43.43 -33.56 -3.34
C LEU IA 177 -43.29 -34.17 -1.93
N GLN IA 178 -42.71 -35.37 -1.85
CA GLN IA 178 -42.64 -36.09 -0.57
C GLN IA 178 -41.43 -36.96 -0.51
N THR IA 179 -40.78 -36.98 0.64
CA THR IA 179 -39.67 -37.86 0.87
C THR IA 179 -39.63 -38.27 2.34
N ASN IA 180 -39.09 -39.46 2.58
CA ASN IA 180 -38.98 -40.01 3.93
C ASN IA 180 -37.55 -40.36 4.30
N LYS IA 181 -36.60 -39.49 3.93
CA LYS IA 181 -35.21 -39.68 4.30
C LYS IA 181 -35.04 -39.48 5.81
N THR IA 182 -34.06 -40.16 6.40
CA THR IA 182 -33.80 -40.07 7.83
C THR IA 182 -33.36 -38.65 8.21
N GLY IA 183 -33.31 -37.78 7.19
CA GLY IA 183 -32.79 -36.43 7.29
C GLY IA 183 -33.12 -35.60 8.51
N SER IA 184 -34.27 -34.91 8.57
CA SER IA 184 -35.33 -34.80 7.56
C SER IA 184 -36.64 -35.43 8.03
N GLY IA 185 -36.57 -36.66 8.51
CA GLY IA 185 -37.77 -37.41 8.82
C GLY IA 185 -38.77 -37.28 7.67
N THR IA 186 -40.06 -37.23 7.99
CA THR IA 186 -41.08 -37.09 6.96
C THR IA 186 -41.15 -35.66 6.42
N MET IA 187 -41.05 -35.52 5.11
CA MET IA 187 -41.19 -34.18 4.56
C MET IA 187 -42.16 -34.18 3.40
N ASN IA 188 -43.21 -33.38 3.54
CA ASN IA 188 -44.23 -33.25 2.48
C ASN IA 188 -44.49 -31.80 2.07
N LEU IA 189 -44.26 -31.52 0.78
CA LEU IA 189 -44.40 -30.17 0.25
C LEU IA 189 -45.36 -30.34 -0.87
N GLY IA 190 -46.58 -29.85 -0.69
CA GLY IA 190 -47.60 -30.05 -1.71
C GLY IA 190 -48.73 -29.05 -1.69
N GLY IA 191 -49.58 -29.11 -2.73
CA GLY IA 191 -50.72 -28.23 -2.79
C GLY IA 191 -50.96 -27.81 -4.23
N SER IA 192 -51.50 -26.61 -4.41
CA SER IA 192 -51.84 -26.15 -5.75
C SER IA 192 -51.89 -24.64 -5.87
N LEU IA 193 -51.81 -24.17 -7.12
CA LEU IA 193 -51.93 -22.76 -7.45
C LEU IA 193 -53.00 -22.67 -8.51
N THR IA 194 -53.79 -21.62 -8.45
CA THR IA 194 -54.80 -21.37 -9.51
C THR IA 194 -54.63 -19.99 -10.13
N ARG IA 195 -54.78 -19.91 -11.44
CA ARG IA 195 -54.67 -18.62 -12.12
C ARG IA 195 -55.72 -18.56 -13.21
N GLN IA 196 -56.00 -17.35 -13.69
CA GLN IA 196 -57.05 -17.13 -14.66
C GLN IA 196 -56.63 -16.04 -15.65
N MET IA 197 -56.99 -16.24 -16.92
CA MET IA 197 -56.66 -15.34 -18.02
C MET IA 197 -57.91 -15.25 -18.88
N GLU IA 198 -58.11 -14.13 -19.56
CA GLU IA 198 -59.20 -13.97 -20.53
C GLU IA 198 -58.63 -13.30 -21.78
N LYS IA 199 -59.26 -13.53 -22.93
CA LYS IA 199 -58.74 -13.01 -24.19
C LYS IA 199 -59.75 -13.22 -25.32
N ASP IA 200 -59.82 -12.24 -26.21
CA ASP IA 200 -60.51 -12.41 -27.48
C ASP IA 200 -59.49 -12.80 -28.52
N GLU IA 201 -59.83 -13.74 -29.40
CA GLU IA 201 -58.94 -14.08 -30.49
C GLU IA 201 -59.73 -14.41 -31.75
N THR IA 202 -59.11 -14.22 -32.90
CA THR IA 202 -59.76 -14.54 -34.15
C THR IA 202 -59.85 -16.05 -34.31
N VAL IA 203 -60.95 -16.50 -34.91
CA VAL IA 203 -61.13 -17.91 -35.25
C VAL IA 203 -61.10 -18.02 -36.76
N SER IA 204 -60.29 -18.92 -37.28
CA SER IA 204 -60.11 -19.00 -38.72
C SER IA 204 -59.46 -20.31 -39.08
N ASP IA 205 -59.33 -20.53 -40.39
CA ASP IA 205 -58.66 -21.72 -40.94
C ASP IA 205 -57.30 -21.91 -40.27
N SER IA 206 -56.52 -20.83 -40.24
CA SER IA 206 -55.18 -20.89 -39.69
C SER IA 206 -55.20 -20.80 -38.16
N SER IA 207 -56.29 -20.30 -37.59
CA SER IA 207 -56.39 -20.18 -36.12
C SER IA 207 -57.70 -20.71 -35.53
N PRO IA 208 -57.90 -22.03 -35.60
CA PRO IA 208 -59.14 -22.66 -35.13
C PRO IA 208 -59.19 -22.72 -33.61
N HIS IA 209 -60.37 -23.03 -33.08
CA HIS IA 209 -60.53 -23.07 -31.63
C HIS IA 209 -59.43 -23.82 -30.89
N ILE IA 210 -59.06 -24.99 -31.41
CA ILE IA 210 -58.08 -25.83 -30.73
C ILE IA 210 -56.71 -25.15 -30.69
N ALA IA 211 -56.35 -24.45 -31.75
CA ALA IA 211 -55.11 -23.66 -31.72
C ALA IA 211 -55.19 -22.50 -30.71
N ASN IA 212 -56.32 -21.80 -30.66
CA ASN IA 212 -56.50 -20.71 -29.71
C ASN IA 212 -56.40 -21.18 -28.29
N ILE IA 213 -57.13 -22.26 -27.97
CA ILE IA 213 -57.09 -22.82 -26.63
C ILE IA 213 -55.69 -23.32 -26.31
N GLY IA 214 -55.07 -24.01 -27.28
CA GLY IA 214 -53.74 -24.57 -27.12
C GLY IA 214 -52.75 -23.52 -26.69
N ARG IA 215 -52.69 -22.40 -27.40
CA ARG IA 215 -51.73 -21.35 -27.05
C ARG IA 215 -52.01 -20.77 -25.68
N LEU IA 216 -53.28 -20.58 -25.37
CA LEU IA 216 -53.70 -20.14 -24.04
C LEU IA 216 -53.23 -21.09 -22.93
N VAL IA 217 -53.46 -22.38 -23.12
CA VAL IA 217 -53.08 -23.36 -22.11
C VAL IA 217 -51.56 -23.41 -21.95
N GLU IA 218 -50.87 -23.38 -23.09
CA GLU IA 218 -49.42 -23.38 -23.08
C GLU IA 218 -48.84 -22.18 -22.36
N ASP IA 219 -49.31 -20.98 -22.72
CA ASP IA 219 -48.87 -19.75 -22.06
C ASP IA 219 -49.12 -19.81 -20.59
N MET IA 220 -50.32 -20.24 -20.23
CA MET IA 220 -50.70 -20.31 -18.84
C MET IA 220 -49.81 -21.30 -18.09
N GLU IA 221 -49.55 -22.46 -18.69
CA GLU IA 221 -48.88 -23.52 -17.96
C GLU IA 221 -47.41 -23.21 -17.83
N ASN IA 222 -46.82 -22.61 -18.87
CA ASN IA 222 -45.45 -22.14 -18.77
C ASN IA 222 -45.27 -21.10 -17.62
N LYS IA 223 -46.18 -20.16 -17.56
CA LYS IA 223 -46.22 -19.19 -16.46
C LYS IA 223 -46.30 -19.88 -15.09
N ILE IA 224 -47.27 -20.77 -14.91
CA ILE IA 224 -47.47 -21.40 -13.62
C ILE IA 224 -46.25 -22.23 -13.22
N ARG IA 225 -45.62 -22.90 -14.19
CA ARG IA 225 -44.44 -23.71 -13.91
C ARG IA 225 -43.39 -22.84 -13.24
N SER IA 226 -43.16 -21.68 -13.84
CA SER IA 226 -42.21 -20.72 -13.28
C SER IA 226 -42.64 -20.23 -11.89
N THR IA 227 -43.94 -20.01 -11.71
CA THR IA 227 -44.45 -19.52 -10.42
C THR IA 227 -44.35 -20.60 -9.33
N LEU IA 228 -44.59 -21.86 -9.72
CA LEU IA 228 -44.49 -22.96 -8.76
C LEU IA 228 -43.04 -23.04 -8.28
N ASN IA 229 -42.11 -22.91 -9.21
CA ASN IA 229 -40.69 -22.90 -8.86
C ASN IA 229 -40.33 -21.81 -7.85
N GLU IA 230 -40.85 -20.61 -8.08
CA GLU IA 230 -40.66 -19.48 -7.16
C GLU IA 230 -41.31 -19.69 -5.79
N ILE IA 231 -42.55 -20.13 -5.79
CA ILE IA 231 -43.29 -20.34 -4.54
C ILE IA 231 -42.81 -21.54 -3.71
N TYR IA 232 -42.65 -22.69 -4.35
CA TYR IA 232 -42.29 -23.91 -3.64
C TYR IA 232 -40.86 -23.81 -3.15
N PHE IA 233 -39.94 -23.42 -4.02
CA PHE IA 233 -38.53 -23.55 -3.73
C PHE IA 233 -37.87 -22.23 -3.37
N GLY IA 234 -38.57 -21.13 -3.61
CA GLY IA 234 -38.13 -19.81 -3.18
C GLY IA 234 -38.84 -19.35 -1.92
N LYS IA 235 -40.14 -19.11 -2.03
CA LYS IA 235 -40.93 -18.52 -0.95
C LYS IA 235 -41.07 -19.40 0.31
N THR IA 236 -41.56 -20.64 0.18
CA THR IA 236 -41.73 -21.48 1.38
C THR IA 236 -40.37 -21.76 2.05
N LYS IA 237 -39.32 -21.90 1.25
CA LYS IA 237 -37.97 -22.09 1.81
C LYS IA 237 -37.49 -20.87 2.59
N ASP IA 238 -37.71 -19.68 2.03
CA ASP IA 238 -37.38 -18.44 2.74
C ASP IA 238 -38.15 -18.37 4.06
N ILE IA 239 -39.39 -18.84 4.06
CA ILE IA 239 -40.17 -18.82 5.28
C ILE IA 239 -39.55 -19.74 6.34
N VAL IA 240 -39.20 -20.95 5.91
CA VAL IA 240 -38.51 -21.90 6.79
C VAL IA 240 -37.21 -21.31 7.36
N ASN IA 241 -36.39 -20.74 6.50
CA ASN IA 241 -35.13 -20.15 6.93
C ASN IA 241 -35.27 -19.04 7.95
N GLY IA 242 -36.43 -18.39 7.99
CA GLY IA 242 -36.65 -17.32 8.96
C GLY IA 242 -37.45 -17.73 10.18
N LEU IA 243 -37.78 -18.99 10.27
CA LEU IA 243 -38.54 -19.46 11.39
C LEU IA 243 -37.87 -19.29 12.75
N ARG IA 244 -36.60 -19.69 12.93
CA ARG IA 244 -35.69 -20.14 11.89
C ARG IA 244 -35.54 -21.66 11.79
N VAL JA 1 -69.35 -17.85 27.30
CA VAL JA 1 -68.42 -17.64 26.19
C VAL JA 1 -69.16 -17.16 24.93
N ASN JA 2 -68.57 -16.20 24.24
CA ASN JA 2 -69.19 -15.62 23.05
C ASN JA 2 -68.44 -15.96 21.78
N PHE JA 3 -69.17 -16.30 20.71
CA PHE JA 3 -68.52 -16.67 19.45
C PHE JA 3 -68.33 -15.48 18.51
N ASP JA 4 -69.26 -14.52 18.56
CA ASP JA 4 -69.15 -13.32 17.73
C ASP JA 4 -67.90 -12.58 18.14
N ASP JA 5 -67.37 -13.01 19.28
CA ASP JA 5 -66.12 -12.53 19.82
C ASP JA 5 -64.98 -12.81 18.85
N ILE JA 6 -64.95 -14.04 18.34
CA ILE JA 6 -63.88 -14.48 17.44
C ILE JA 6 -64.06 -13.94 16.03
N ALA JA 7 -63.21 -12.98 15.67
CA ALA JA 7 -63.24 -12.41 14.34
C ALA JA 7 -61.86 -12.60 13.72
N SER JA 8 -61.76 -12.78 12.40
CA SER JA 8 -62.90 -12.94 11.51
C SER JA 8 -62.35 -13.22 10.13
N SER JA 9 -62.80 -14.31 9.53
CA SER JA 9 -62.43 -14.65 8.17
C SER JA 9 -63.17 -13.76 7.18
N GLU JA 10 -62.53 -12.69 6.71
CA GLU JA 10 -63.00 -12.06 5.50
C GLU JA 10 -62.47 -12.92 4.37
N ASN JA 11 -63.38 -13.65 3.72
CA ASN JA 11 -62.97 -14.74 2.85
C ASN JA 11 -62.02 -14.35 1.72
N LEU JA 12 -61.12 -15.26 1.38
CA LEU JA 12 -60.27 -15.13 0.20
C LEU JA 12 -61.13 -15.15 -1.04
N LEU JA 13 -60.58 -14.72 -2.16
CA LEU JA 13 -61.28 -14.80 -3.44
C LEU JA 13 -61.11 -16.19 -4.05
N HIS JA 14 -62.17 -16.73 -4.66
CA HIS JA 14 -62.18 -18.11 -5.11
C HIS JA 14 -62.32 -18.21 -6.62
N LEU JA 15 -61.21 -18.43 -7.30
CA LEU JA 15 -61.20 -18.45 -8.77
C LEU JA 15 -61.98 -19.62 -9.36
N THR JA 16 -62.09 -20.71 -8.61
CA THR JA 16 -62.76 -21.90 -9.16
C THR JA 16 -64.27 -21.76 -9.07
N ALA JA 17 -64.75 -20.78 -8.32
CA ALA JA 17 -66.18 -20.63 -8.12
C ALA JA 17 -66.94 -20.26 -9.42
N ASN JA 18 -66.25 -19.62 -10.36
CA ASN JA 18 -66.92 -19.08 -11.57
C ASN JA 18 -66.65 -19.82 -12.89
N ARG JA 19 -66.00 -20.99 -12.83
CA ARG JA 19 -65.77 -21.77 -14.04
C ARG JA 19 -67.07 -22.30 -14.63
N PRO JA 20 -67.08 -22.55 -15.95
CA PRO JA 20 -68.28 -23.07 -16.60
C PRO JA 20 -68.78 -24.33 -15.89
N LYS JA 21 -70.08 -24.38 -15.63
CA LYS JA 21 -70.66 -25.53 -14.97
C LYS JA 21 -71.32 -26.43 -16.02
N MET JA 22 -71.33 -27.72 -15.73
CA MET JA 22 -72.03 -28.68 -16.54
C MET JA 22 -73.19 -29.19 -15.69
N PRO JA 23 -74.33 -28.51 -15.79
CA PRO JA 23 -75.50 -28.81 -14.97
C PRO JA 23 -76.15 -30.15 -15.33
N GLY JA 24 -76.97 -30.66 -14.43
CA GLY JA 24 -77.79 -31.81 -14.74
C GLY JA 24 -77.02 -33.08 -14.90
N ARG JA 25 -76.27 -33.44 -13.87
CA ARG JA 25 -75.62 -34.75 -13.83
C ARG JA 25 -75.98 -35.43 -12.52
N ARG JA 26 -76.13 -36.75 -12.58
CA ARG JA 26 -76.46 -37.50 -11.37
C ARG JA 26 -75.29 -37.41 -10.39
N LEU JA 27 -75.61 -37.22 -9.12
CA LEU JA 27 -74.61 -37.26 -8.05
C LEU JA 27 -74.13 -38.69 -7.89
N PRO JA 28 -72.99 -38.88 -7.21
CA PRO JA 28 -72.65 -40.25 -6.79
C PRO JA 28 -73.61 -40.68 -5.67
N GLY JA 29 -73.73 -41.99 -5.42
CA GLY JA 29 -74.53 -42.44 -4.29
C GLY JA 29 -73.88 -42.11 -2.95
#